data_6UQE
#
_entry.id   6UQE
#
loop_
_entity.id
_entity.type
_entity.pdbx_description
1 polymer 'ATP-dependent Clp protease ATP-binding subunit ClpA'
2 polymer 'ATP-dependent Clp protease proteolytic subunit'
3 polymer RepA-GFP
4 polymer RepA-GFP
5 non-polymer "ADENOSINE-5'-DIPHOSPHATE"
6 non-polymer 'PHOSPHOTHIOPHOSPHORIC ACID-ADENYLATE ESTER'
#
loop_
_entity_poly.entity_id
_entity_poly.type
_entity_poly.pdbx_seq_one_letter_code
_entity_poly.pdbx_strand_id
1 'polypeptide(L)'
;MENFTTNLNQLARVGGIDPLIGREKELERAIQVLCRRRKNNPLLVGESGVGKTAIAEGLAWRIVQGDVPEVMADCTIYSL
DIGSLLAGTKYRGDFEKRFKALLKQLEQDTNSILFIDEIHTIIGAGAASGGQVDAANLIKPLLSSGKIRVIGSTTYQEFS
NIFEKDRALARRFQKIDITEPSIEETVQIINGLKPKYEAHHDVRYTAKAVRAAVELAVKYINDRHLPDKAIDVIDEAGAR
ARLMPVSKRKKTVNVADIESVVARIARIPEKSVSQSDRDTLKNLGDRLKMLVFGQDKAIEALTEAIKMARAGLGHEHKPV
GSFLFAGPTGVGKTEVTVQLSKALGIELLRFDMSEYMERHTVSRLIGAPPGYVGFDQGGLLTDAVIKHPHAVLLLDEIEK
AHPDVFNILLQVMDNGTLTDNNGRKADFRNVVLVMTTNAGVRETERKSIGLIHQDNSTDAMEEIKKIFTPEFRNRLDNII
WFDHLSTDVIHQVVDKFIVELQVQLDQKGVSLEVSQEARNWLAEKGYDRAMGARPMARVIQDNLKKPLANELLFGSLVDG
GQVTVALDKEKNELTYGF
;
A,B,C,D,E,F
2 'polypeptide(L)'
;ALVPMVIEQTSRGERSFDIYSRLLKERVIFLTGQVEDHMANLIVAQMLFLEAENPEKDIYLYINSPGGVITAGMSIYDTM
QFIKPDVSTICMGQAASMGAFLLTAGAKGKRFCLPNSRVMIHQPLGGYQGQATDIEIHAREILKVKGRMNELMALHTGQS
LEQIERDTERDRFLSAPEAVEYGLVDSILTHR
;
G,H,I,J,K,L,M,N,O,P,Q,R,S,T
3 'polypeptide(L)' (UNK)(UNK)(UNK)(UNK)(UNK)(UNK)(UNK)(UNK)(UNK)(UNK) X
4 'polypeptide(L)' (UNK)(UNK)(UNK)(UNK)(UNK)(UNK)(UNK)(UNK)(UNK)(UNK)(UNK) Y
#
# COMPACT_ATOMS: atom_id res chain seq x y z
N MET A 1 -59.90 28.21 -42.29
CA MET A 1 -58.70 27.72 -42.92
C MET A 1 -58.17 28.78 -43.86
N GLU A 2 -59.05 29.66 -44.30
CA GLU A 2 -58.63 30.70 -45.23
C GLU A 2 -57.52 31.55 -44.66
N ASN A 3 -57.54 31.77 -43.35
CA ASN A 3 -56.51 32.55 -42.69
C ASN A 3 -55.51 31.70 -41.90
N PHE A 4 -55.52 30.39 -42.11
CA PHE A 4 -54.60 29.48 -41.44
C PHE A 4 -53.76 28.68 -42.41
N THR A 5 -54.24 28.49 -43.62
CA THR A 5 -53.53 27.66 -44.57
C THR A 5 -53.26 28.35 -45.89
N THR A 6 -52.33 27.78 -46.63
CA THR A 6 -52.00 28.22 -47.98
C THR A 6 -52.22 27.10 -48.97
N ASN A 7 -52.92 27.39 -50.04
CA ASN A 7 -53.19 26.38 -51.04
C ASN A 7 -51.98 26.26 -51.97
N LEU A 8 -51.27 25.14 -51.90
CA LEU A 8 -50.05 25.01 -52.66
C LEU A 8 -50.33 24.74 -54.11
N ASN A 9 -51.54 24.34 -54.44
CA ASN A 9 -51.83 24.11 -55.84
C ASN A 9 -52.05 25.46 -56.45
N GLN A 10 -52.59 26.36 -55.65
CA GLN A 10 -52.83 27.68 -56.16
C GLN A 10 -51.50 28.34 -56.42
N LEU A 11 -50.50 28.06 -55.60
CA LEU A 11 -49.23 28.66 -55.90
C LEU A 11 -48.63 27.97 -57.11
N ALA A 12 -48.72 26.64 -57.15
CA ALA A 12 -48.09 25.90 -58.24
C ALA A 12 -48.66 26.31 -59.61
N ARG A 13 -49.94 26.64 -59.65
CA ARG A 13 -50.60 27.09 -60.87
C ARG A 13 -50.14 28.45 -61.37
N VAL A 14 -49.49 29.22 -60.51
CA VAL A 14 -49.06 30.57 -60.84
C VAL A 14 -47.55 30.71 -60.96
N GLY A 15 -46.84 30.23 -59.96
CA GLY A 15 -45.39 30.32 -59.81
C GLY A 15 -45.12 29.77 -58.43
N GLY A 16 -44.37 30.50 -57.61
CA GLY A 16 -44.16 30.10 -56.21
C GLY A 16 -43.18 28.95 -55.96
N ILE A 17 -43.51 27.81 -56.52
CA ILE A 17 -42.84 26.55 -56.34
C ILE A 17 -41.97 26.12 -57.50
N ASP A 18 -40.70 25.90 -57.22
CA ASP A 18 -39.80 25.39 -58.22
C ASP A 18 -40.04 23.90 -58.38
N PRO A 19 -39.98 23.34 -59.59
CA PRO A 19 -40.01 21.92 -59.82
C PRO A 19 -38.79 21.39 -59.11
N LEU A 20 -38.84 20.16 -58.64
CA LEU A 20 -37.65 19.65 -57.98
C LEU A 20 -36.81 18.88 -58.91
N ILE A 21 -35.55 18.87 -58.62
CA ILE A 21 -34.62 18.16 -59.44
C ILE A 21 -34.06 16.92 -58.76
N GLY A 22 -34.29 15.76 -59.38
CA GLY A 22 -33.71 14.51 -58.89
C GLY A 22 -34.25 13.86 -57.60
N ARG A 23 -35.50 14.08 -57.21
CA ARG A 23 -35.95 13.47 -55.94
C ARG A 23 -37.16 12.59 -56.21
N GLU A 24 -37.08 11.86 -57.30
CA GLU A 24 -38.16 11.00 -57.72
C GLU A 24 -38.42 9.90 -56.73
N LYS A 25 -37.38 9.35 -56.11
CA LYS A 25 -37.62 8.24 -55.22
C LYS A 25 -38.42 8.66 -53.99
N GLU A 26 -38.08 9.83 -53.45
CA GLU A 26 -38.77 10.39 -52.26
C GLU A 26 -40.24 10.63 -52.60
N LEU A 27 -40.52 11.11 -53.81
CA LEU A 27 -41.88 11.38 -54.21
C LEU A 27 -42.66 10.10 -54.45
N GLU A 28 -42.02 9.08 -55.03
CA GLU A 28 -42.72 7.83 -55.27
C GLU A 28 -43.14 7.20 -53.96
N ARG A 29 -42.27 7.27 -52.96
CA ARG A 29 -42.62 6.69 -51.68
C ARG A 29 -43.75 7.45 -51.03
N ALA A 30 -43.74 8.77 -51.12
CA ALA A 30 -44.81 9.53 -50.51
C ALA A 30 -46.13 9.13 -51.11
N ILE A 31 -46.15 8.84 -52.41
CA ILE A 31 -47.41 8.45 -53.01
C ILE A 31 -47.86 7.09 -52.50
N GLN A 32 -46.95 6.12 -52.40
CA GLN A 32 -47.40 4.82 -51.91
C GLN A 32 -48.04 4.96 -50.56
N VAL A 33 -47.52 5.86 -49.72
CA VAL A 33 -48.10 6.04 -48.41
C VAL A 33 -49.48 6.67 -48.50
N LEU A 34 -49.62 7.70 -49.29
CA LEU A 34 -50.89 8.40 -49.40
C LEU A 34 -52.00 7.50 -49.95
N CYS A 35 -51.61 6.51 -50.76
CA CYS A 35 -52.55 5.57 -51.35
C CYS A 35 -53.07 4.45 -50.44
N ARG A 36 -52.55 4.31 -49.23
CA ARG A 36 -52.99 3.25 -48.30
C ARG A 36 -54.41 3.51 -47.79
N ARG A 37 -55.21 2.47 -47.43
CA ARG A 37 -56.55 2.86 -46.96
C ARG A 37 -56.50 3.44 -45.56
N ARG A 38 -55.49 3.08 -44.76
CA ARG A 38 -55.39 3.67 -43.42
C ARG A 38 -53.97 4.07 -43.10
N LYS A 39 -53.82 5.07 -42.26
CA LYS A 39 -52.50 5.56 -41.85
C LYS A 39 -51.70 6.01 -43.02
N ASN A 40 -52.36 6.62 -43.95
CA ASN A 40 -51.79 7.13 -45.14
C ASN A 40 -51.32 8.54 -44.92
N ASN A 41 -50.35 8.65 -44.04
CA ASN A 41 -49.81 9.92 -43.60
C ASN A 41 -48.29 9.86 -43.60
N PRO A 42 -47.58 10.30 -44.61
CA PRO A 42 -46.15 10.24 -44.62
C PRO A 42 -45.63 11.27 -43.66
N LEU A 43 -44.49 10.99 -43.07
CA LEU A 43 -43.76 11.93 -42.24
C LEU A 43 -42.38 12.08 -42.82
N LEU A 44 -42.03 13.28 -43.21
CA LEU A 44 -40.74 13.50 -43.82
C LEU A 44 -39.73 13.82 -42.74
N VAL A 45 -38.70 12.99 -42.62
CA VAL A 45 -37.73 13.21 -41.54
C VAL A 45 -36.35 13.47 -42.11
N GLY A 46 -35.77 14.60 -41.73
CA GLY A 46 -34.45 14.93 -42.26
C GLY A 46 -33.58 15.83 -41.40
N GLU A 47 -32.84 16.66 -42.10
CA GLU A 47 -31.90 17.62 -41.56
C GLU A 47 -32.35 18.93 -42.11
N SER A 48 -31.96 20.05 -41.58
CA SER A 48 -32.38 21.27 -42.27
C SER A 48 -31.60 21.39 -43.56
N GLY A 49 -32.15 22.09 -44.54
CA GLY A 49 -31.42 22.33 -45.77
C GLY A 49 -31.22 21.11 -46.67
N VAL A 50 -32.07 20.09 -46.63
CA VAL A 50 -31.85 18.92 -47.50
C VAL A 50 -32.99 18.61 -48.47
N GLY A 51 -33.92 19.55 -48.67
CA GLY A 51 -35.07 19.32 -49.54
C GLY A 51 -36.27 18.82 -48.72
N LYS A 52 -36.10 18.87 -47.42
CA LYS A 52 -37.07 18.44 -46.44
C LYS A 52 -38.48 18.99 -46.64
N THR A 53 -38.63 20.26 -47.02
CA THR A 53 -39.95 20.81 -47.21
C THR A 53 -40.18 21.00 -48.69
N ALA A 54 -39.08 21.06 -49.44
CA ALA A 54 -39.13 21.26 -50.87
C ALA A 54 -39.94 20.15 -51.52
N ILE A 55 -39.85 18.95 -50.95
CA ILE A 55 -40.58 17.79 -51.43
C ILE A 55 -42.08 17.99 -51.37
N ALA A 56 -42.60 18.58 -50.30
CA ALA A 56 -44.05 18.75 -50.22
C ALA A 56 -44.51 19.71 -51.30
N GLU A 57 -43.72 20.74 -51.54
CA GLU A 57 -44.09 21.69 -52.56
C GLU A 57 -43.96 21.04 -53.93
N GLY A 58 -42.94 20.20 -54.09
CA GLY A 58 -42.69 19.51 -55.33
C GLY A 58 -43.87 18.66 -55.71
N LEU A 59 -44.48 18.01 -54.71
CA LEU A 59 -45.65 17.23 -55.02
C LEU A 59 -46.81 18.11 -55.44
N ALA A 60 -47.04 19.24 -54.77
CA ALA A 60 -48.16 20.06 -55.20
C ALA A 60 -47.97 20.47 -56.65
N TRP A 61 -46.73 20.74 -57.04
CA TRP A 61 -46.48 21.11 -58.41
C TRP A 61 -46.80 19.96 -59.34
N ARG A 62 -46.36 18.76 -59.03
CA ARG A 62 -46.68 17.63 -59.88
C ARG A 62 -48.17 17.44 -60.03
N ILE A 63 -48.92 17.67 -58.96
CA ILE A 63 -50.35 17.49 -59.01
C ILE A 63 -50.99 18.46 -59.99
N VAL A 64 -50.61 19.74 -59.96
CA VAL A 64 -51.25 20.67 -60.90
C VAL A 64 -50.80 20.39 -62.33
N GLN A 65 -49.58 19.87 -62.49
CA GLN A 65 -49.09 19.49 -63.81
C GLN A 65 -49.81 18.24 -64.29
N GLY A 66 -50.24 17.41 -63.36
CA GLY A 66 -50.92 16.19 -63.68
C GLY A 66 -49.97 15.02 -63.79
N ASP A 67 -48.73 15.19 -63.31
CA ASP A 67 -47.76 14.11 -63.39
C ASP A 67 -47.87 13.24 -62.14
N VAL A 68 -49.06 12.73 -61.94
CA VAL A 68 -49.40 11.91 -60.79
C VAL A 68 -50.29 10.75 -61.22
N PRO A 69 -50.41 9.66 -60.43
CA PRO A 69 -51.38 8.61 -60.62
C PRO A 69 -52.71 9.28 -60.47
N GLU A 70 -53.75 8.76 -61.10
CA GLU A 70 -55.10 9.32 -61.09
C GLU A 70 -55.69 9.39 -59.69
N VAL A 71 -55.09 8.66 -58.80
CA VAL A 71 -55.48 8.58 -57.43
C VAL A 71 -55.37 9.95 -56.82
N MET A 72 -54.35 10.69 -57.23
CA MET A 72 -54.04 12.01 -56.75
C MET A 72 -54.79 13.10 -57.49
N ALA A 73 -55.59 12.73 -58.46
CA ALA A 73 -56.24 13.76 -59.22
C ALA A 73 -57.10 14.55 -58.29
N ASP A 74 -57.14 15.84 -58.54
CA ASP A 74 -57.96 16.79 -57.82
C ASP A 74 -57.60 16.97 -56.36
N CYS A 75 -56.45 16.46 -55.93
CA CYS A 75 -56.04 16.64 -54.57
C CYS A 75 -55.38 17.97 -54.37
N THR A 76 -55.58 18.51 -53.19
CA THR A 76 -54.96 19.78 -52.85
C THR A 76 -54.18 19.67 -51.60
N ILE A 77 -52.92 20.11 -51.65
CA ILE A 77 -52.01 20.07 -50.46
C ILE A 77 -52.01 21.45 -49.81
N TYR A 78 -52.59 21.56 -48.61
CA TYR A 78 -52.67 22.86 -47.88
C TYR A 78 -51.56 22.92 -46.83
N SER A 79 -50.76 23.98 -46.86
CA SER A 79 -49.66 24.18 -45.88
C SER A 79 -50.19 24.93 -44.66
N LEU A 80 -49.94 24.41 -43.45
CA LEU A 80 -50.44 25.03 -42.23
C LEU A 80 -49.54 26.08 -41.63
N ASP A 81 -50.11 27.25 -41.35
CA ASP A 81 -49.43 28.32 -40.66
C ASP A 81 -49.67 28.16 -39.15
N ILE A 82 -48.69 27.59 -38.46
CA ILE A 82 -48.83 27.30 -37.06
C ILE A 82 -48.96 28.56 -36.24
N GLY A 83 -48.18 29.58 -36.57
CA GLY A 83 -48.27 30.82 -35.83
C GLY A 83 -49.66 31.41 -35.93
N SER A 84 -50.26 31.38 -37.13
CA SER A 84 -51.61 31.94 -37.26
C SER A 84 -52.59 31.17 -36.39
N LEU A 85 -52.46 29.85 -36.38
CA LEU A 85 -53.33 29.00 -35.60
C LEU A 85 -53.19 29.17 -34.09
N LEU A 86 -51.96 29.31 -33.58
CA LEU A 86 -51.73 29.38 -32.14
C LEU A 86 -51.79 30.76 -31.51
N ALA A 87 -51.47 31.80 -32.24
CA ALA A 87 -51.45 33.14 -31.69
C ALA A 87 -52.85 33.65 -31.43
N GLY A 88 -53.01 34.52 -30.43
CA GLY A 88 -54.33 35.13 -30.24
C GLY A 88 -55.37 34.26 -29.53
N THR A 89 -54.94 33.39 -28.63
CA THR A 89 -55.84 32.50 -27.90
C THR A 89 -56.01 32.95 -26.44
N LYS A 90 -55.10 32.55 -25.58
CA LYS A 90 -55.09 32.88 -24.14
C LYS A 90 -56.13 32.18 -23.28
N TYR A 91 -57.40 32.33 -23.60
CA TYR A 91 -58.44 31.74 -22.77
C TYR A 91 -58.59 30.26 -23.02
N ARG A 92 -59.06 29.54 -22.00
CA ARG A 92 -59.10 28.09 -22.13
C ARG A 92 -59.93 27.53 -23.28
N GLY A 93 -60.96 28.21 -23.72
CA GLY A 93 -61.77 27.59 -24.77
C GLY A 93 -61.36 27.93 -26.21
N ASP A 94 -60.28 28.71 -26.40
CA ASP A 94 -59.99 29.13 -27.76
C ASP A 94 -59.19 28.22 -28.68
N PHE A 95 -58.23 27.47 -28.18
CA PHE A 95 -57.48 26.70 -29.16
C PHE A 95 -58.35 25.71 -29.90
N GLU A 96 -59.16 24.96 -29.15
CA GLU A 96 -60.05 23.93 -29.74
C GLU A 96 -61.04 24.55 -30.73
N LYS A 97 -61.75 25.60 -30.32
CA LYS A 97 -62.78 26.27 -31.17
C LYS A 97 -62.18 26.71 -32.51
N ARG A 98 -60.87 26.95 -32.56
CA ARG A 98 -60.22 27.39 -33.77
C ARG A 98 -59.75 26.21 -34.58
N PHE A 99 -59.13 25.25 -33.89
CA PHE A 99 -58.61 24.02 -34.54
C PHE A 99 -59.77 23.18 -35.06
N LYS A 100 -60.88 23.14 -34.29
CA LYS A 100 -62.09 22.38 -34.69
C LYS A 100 -62.62 22.93 -36.02
N ALA A 101 -62.62 24.26 -36.17
CA ALA A 101 -63.09 24.90 -37.39
C ALA A 101 -62.16 24.61 -38.54
N LEU A 102 -60.87 24.65 -38.29
CA LEU A 102 -59.91 24.36 -39.33
C LEU A 102 -60.14 22.98 -39.87
N LEU A 103 -60.29 22.03 -38.98
CA LEU A 103 -60.47 20.70 -39.47
C LEU A 103 -61.78 20.53 -40.19
N LYS A 104 -62.90 21.08 -39.75
CA LYS A 104 -64.11 20.72 -40.50
C LYS A 104 -64.02 21.19 -41.95
N GLN A 105 -63.35 22.31 -42.17
CA GLN A 105 -63.21 22.85 -43.49
C GLN A 105 -62.33 21.99 -44.36
N LEU A 106 -61.33 21.35 -43.76
CA LEU A 106 -60.47 20.46 -44.50
C LEU A 106 -61.13 19.10 -44.72
N GLU A 107 -61.82 18.61 -43.69
CA GLU A 107 -62.44 17.28 -43.65
C GLU A 107 -63.52 17.10 -44.70
N GLN A 108 -64.25 18.16 -44.99
CA GLN A 108 -65.32 18.04 -45.99
C GLN A 108 -64.78 17.65 -47.38
N ASP A 109 -63.49 17.90 -47.62
CA ASP A 109 -62.87 17.59 -48.90
C ASP A 109 -62.10 16.29 -48.82
N THR A 110 -62.59 15.24 -49.44
CA THR A 110 -61.97 13.94 -49.31
C THR A 110 -60.64 13.86 -50.05
N ASN A 111 -60.34 14.86 -50.87
CA ASN A 111 -59.09 14.90 -51.59
C ASN A 111 -58.12 15.91 -50.95
N SER A 112 -58.41 16.39 -49.74
CA SER A 112 -57.54 17.33 -49.07
C SER A 112 -56.45 16.71 -48.22
N ILE A 113 -55.25 17.25 -48.41
CA ILE A 113 -54.07 16.88 -47.71
C ILE A 113 -53.52 18.10 -46.98
N LEU A 114 -53.24 17.97 -45.70
CA LEU A 114 -52.68 19.09 -44.98
C LEU A 114 -51.18 18.83 -44.78
N PHE A 115 -50.36 19.85 -44.99
CA PHE A 115 -48.92 19.75 -44.77
C PHE A 115 -48.45 20.54 -43.57
N ILE A 116 -47.87 19.81 -42.61
CA ILE A 116 -47.34 20.43 -41.36
C ILE A 116 -45.83 20.60 -41.50
N ASP A 117 -45.35 21.85 -41.51
CA ASP A 117 -43.89 22.14 -41.65
C ASP A 117 -43.21 21.97 -40.29
N GLU A 118 -42.11 21.23 -40.25
CA GLU A 118 -41.35 20.99 -38.99
C GLU A 118 -42.31 20.53 -37.89
N ILE A 119 -42.95 19.37 -38.08
CA ILE A 119 -43.90 18.81 -37.08
C ILE A 119 -43.11 18.31 -35.87
N HIS A 120 -42.77 19.21 -34.95
CA HIS A 120 -41.99 18.84 -33.73
C HIS A 120 -42.17 19.91 -32.65
N THR A 121 -43.18 20.79 -32.82
CA THR A 121 -43.45 21.87 -31.84
C THR A 121 -44.97 22.09 -31.74
N ILE A 122 -45.70 21.79 -32.81
CA ILE A 122 -47.19 21.96 -32.83
C ILE A 122 -47.85 20.60 -32.61
N ILE A 123 -47.10 19.65 -32.02
CA ILE A 123 -47.63 18.28 -31.75
C ILE A 123 -47.42 17.96 -30.26
N GLY A 124 -46.76 18.86 -29.53
CA GLY A 124 -46.50 18.68 -28.09
C GLY A 124 -45.20 17.92 -27.85
N ALA A 125 -44.27 18.53 -27.11
CA ALA A 125 -44.48 19.88 -26.53
C ALA A 125 -43.49 20.87 -27.16
N GLY A 126 -43.88 22.15 -27.24
CA GLY A 126 -45.21 22.59 -26.78
C GLY A 126 -45.12 23.31 -25.44
N ALA A 127 -46.11 24.15 -25.14
CA ALA A 127 -46.14 24.91 -23.86
C ALA A 127 -47.59 25.24 -23.50
N ALA A 128 -48.17 24.47 -22.56
CA ALA A 128 -49.57 24.67 -22.12
C ALA A 128 -49.64 25.86 -21.17
N SER A 129 -49.85 27.06 -21.71
CA SER A 129 -49.94 28.30 -20.89
C SER A 129 -51.40 28.56 -20.50
N GLY A 130 -52.06 29.50 -21.18
CA GLY A 130 -53.47 29.83 -20.91
C GLY A 130 -54.41 28.98 -21.74
N GLY A 131 -55.02 29.57 -22.77
CA GLY A 131 -55.95 28.84 -23.65
C GLY A 131 -55.36 27.52 -24.11
N GLN A 132 -56.07 26.41 -23.85
CA GLN A 132 -55.58 25.05 -24.25
C GLN A 132 -55.90 24.52 -25.69
N VAL A 133 -54.95 24.21 -26.72
CA VAL A 133 -53.81 23.52 -26.12
C VAL A 133 -52.78 23.14 -27.18
N ASP A 134 -51.55 22.90 -26.75
CA ASP A 134 -50.49 22.48 -27.66
C ASP A 134 -50.71 20.98 -27.70
N ALA A 135 -51.75 20.57 -28.41
CA ALA A 135 -52.12 19.21 -28.48
C ALA A 135 -52.31 18.50 -29.77
N ALA A 136 -51.89 17.23 -29.69
CA ALA A 136 -51.97 16.25 -30.80
C ALA A 136 -53.03 15.21 -30.46
N ASN A 137 -53.35 15.08 -29.16
CA ASN A 137 -54.40 14.14 -28.70
C ASN A 137 -55.66 14.45 -29.53
N LEU A 138 -55.93 15.75 -29.71
CA LEU A 138 -57.04 16.21 -30.57
C LEU A 138 -56.89 15.61 -31.98
N ILE A 139 -55.67 15.41 -32.54
CA ILE A 139 -55.77 14.86 -33.88
C ILE A 139 -55.74 13.41 -33.81
N LYS A 140 -54.93 12.96 -32.99
CA LYS A 140 -54.86 11.56 -32.84
C LYS A 140 -56.01 10.70 -33.01
N PRO A 141 -57.27 11.06 -33.11
CA PRO A 141 -58.13 9.94 -33.34
C PRO A 141 -58.65 10.23 -34.68
N LEU A 142 -58.09 11.23 -35.30
CA LEU A 142 -58.62 11.57 -36.53
C LEU A 142 -57.77 10.88 -37.43
N LEU A 143 -56.50 11.22 -37.60
CA LEU A 143 -55.74 10.53 -38.69
C LEU A 143 -55.33 9.11 -38.29
N SER A 144 -56.13 8.45 -37.44
CA SER A 144 -55.81 7.07 -36.97
C SER A 144 -57.01 6.14 -37.14
N SER A 145 -58.21 6.70 -37.40
CA SER A 145 -59.43 5.86 -37.56
C SER A 145 -59.74 5.66 -39.04
N GLY A 146 -60.41 6.62 -39.68
CA GLY A 146 -59.90 7.99 -39.87
C GLY A 146 -60.33 8.58 -41.21
N LYS A 147 -60.11 9.88 -41.39
CA LYS A 147 -60.48 10.53 -42.63
C LYS A 147 -59.43 11.50 -43.18
N ILE A 148 -58.73 12.17 -42.26
CA ILE A 148 -57.70 13.18 -42.64
C ILE A 148 -56.32 12.52 -42.71
N ARG A 149 -55.56 12.84 -43.77
CA ARG A 149 -54.18 12.33 -43.97
C ARG A 149 -53.25 13.54 -44.08
N VAL A 150 -52.43 13.78 -43.05
CA VAL A 150 -51.54 14.98 -43.03
C VAL A 150 -50.08 14.57 -43.26
N ILE A 151 -49.40 15.27 -44.18
CA ILE A 151 -48.01 15.08 -44.49
C ILE A 151 -47.25 15.79 -43.41
N GLY A 152 -46.44 15.08 -42.67
CA GLY A 152 -45.71 15.73 -41.61
C GLY A 152 -44.31 16.06 -42.07
N SER A 153 -43.58 16.79 -41.26
CA SER A 153 -42.21 17.12 -41.53
C SER A 153 -41.45 17.47 -40.27
N THR A 154 -40.34 16.80 -40.06
CA THR A 154 -39.50 17.04 -38.90
C THR A 154 -38.06 16.64 -39.15
N THR A 155 -37.26 16.70 -38.09
CA THR A 155 -35.85 16.38 -38.19
C THR A 155 -35.55 15.12 -37.43
N TYR A 156 -34.38 14.56 -37.63
CA TYR A 156 -34.07 13.32 -36.93
C TYR A 156 -34.08 13.47 -35.42
N GLN A 157 -33.54 14.55 -34.90
CA GLN A 157 -33.54 14.67 -33.44
C GLN A 157 -34.93 14.89 -32.90
N GLU A 158 -35.72 15.70 -33.56
CA GLU A 158 -37.02 15.93 -32.99
C GLU A 158 -37.84 14.68 -33.12
N PHE A 159 -37.61 13.93 -34.17
CA PHE A 159 -38.32 12.71 -34.33
C PHE A 159 -38.12 11.85 -33.12
N SER A 160 -36.88 11.63 -32.70
CA SER A 160 -36.67 10.78 -31.53
C SER A 160 -37.06 11.44 -30.20
N ASN A 161 -37.21 12.78 -30.16
CA ASN A 161 -37.65 13.37 -28.91
C ASN A 161 -39.13 13.11 -28.66
N ILE A 162 -39.93 13.08 -29.73
CA ILE A 162 -41.37 12.87 -29.59
C ILE A 162 -41.88 11.53 -30.01
N PHE A 163 -41.52 11.08 -31.18
CA PHE A 163 -42.05 9.88 -31.72
C PHE A 163 -41.18 8.85 -31.06
N GLU A 164 -41.46 7.59 -31.23
CA GLU A 164 -40.74 6.49 -30.57
C GLU A 164 -41.11 6.44 -29.09
N LYS A 165 -40.85 7.52 -28.37
CA LYS A 165 -41.27 7.63 -26.99
C LYS A 165 -42.78 7.76 -26.89
N ASP A 166 -43.42 8.54 -27.76
CA ASP A 166 -44.88 8.61 -27.69
C ASP A 166 -45.46 7.82 -28.85
N ARG A 167 -45.90 6.61 -28.56
CA ARG A 167 -46.34 5.69 -29.59
C ARG A 167 -47.57 6.20 -30.30
N ALA A 168 -48.24 7.13 -29.64
CA ALA A 168 -49.48 7.74 -30.05
C ALA A 168 -49.36 8.41 -31.39
N LEU A 169 -48.18 8.86 -31.67
CA LEU A 169 -47.95 9.51 -32.91
C LEU A 169 -47.06 8.64 -33.75
N ALA A 170 -46.22 7.87 -33.11
CA ALA A 170 -45.23 7.08 -33.83
C ALA A 170 -45.84 6.11 -34.79
N ARG A 171 -47.00 5.59 -34.47
CA ARG A 171 -47.60 4.60 -35.33
C ARG A 171 -48.68 5.14 -36.25
N ARG A 172 -48.86 6.46 -36.31
CA ARG A 172 -49.88 7.01 -37.20
C ARG A 172 -49.28 7.45 -38.52
N PHE A 173 -47.96 7.52 -38.58
CA PHE A 173 -47.24 8.03 -39.74
C PHE A 173 -46.27 7.06 -40.32
N GLN A 174 -46.03 7.20 -41.60
CA GLN A 174 -45.01 6.39 -42.22
C GLN A 174 -43.75 7.22 -42.34
N LYS A 175 -42.63 6.70 -41.88
CA LYS A 175 -41.42 7.49 -41.93
C LYS A 175 -40.66 7.41 -43.26
N ILE A 176 -40.37 8.56 -43.83
CA ILE A 176 -39.61 8.66 -45.07
C ILE A 176 -38.29 9.37 -44.80
N ASP A 177 -37.19 8.70 -45.16
CA ASP A 177 -35.86 9.24 -44.91
C ASP A 177 -35.35 10.20 -45.97
N ILE A 178 -35.13 11.44 -45.59
CA ILE A 178 -34.63 12.42 -46.53
C ILE A 178 -33.18 12.69 -46.21
N THR A 179 -32.28 12.26 -47.09
CA THR A 179 -30.82 12.42 -46.84
C THR A 179 -30.24 13.54 -47.71
N GLU A 180 -29.14 14.16 -47.23
CA GLU A 180 -28.46 15.25 -47.98
C GLU A 180 -27.92 14.66 -49.30
N PRO A 181 -28.00 15.39 -50.43
CA PRO A 181 -27.51 14.87 -51.71
C PRO A 181 -26.00 15.01 -51.92
N SER A 182 -25.47 14.29 -52.91
CA SER A 182 -24.05 14.31 -53.30
C SER A 182 -23.62 15.59 -54.02
N ILE A 183 -22.32 15.68 -54.32
CA ILE A 183 -21.76 16.82 -55.03
C ILE A 183 -22.35 16.90 -56.41
N GLU A 184 -22.45 15.77 -57.09
CA GLU A 184 -22.95 15.75 -58.44
C GLU A 184 -24.40 16.11 -58.47
N GLU A 185 -25.14 15.62 -57.48
CA GLU A 185 -26.55 15.91 -57.42
C GLU A 185 -26.76 17.38 -57.15
N THR A 186 -25.91 17.96 -56.31
CA THR A 186 -26.03 19.37 -55.98
C THR A 186 -25.78 20.21 -57.20
N VAL A 187 -24.77 19.85 -58.00
CA VAL A 187 -24.49 20.59 -59.19
C VAL A 187 -25.67 20.53 -60.14
N GLN A 188 -26.28 19.36 -60.29
CA GLN A 188 -27.44 19.23 -61.16
C GLN A 188 -28.60 20.08 -60.66
N ILE A 189 -28.79 20.15 -59.34
CA ILE A 189 -29.85 20.96 -58.79
C ILE A 189 -29.57 22.39 -59.14
N ILE A 190 -28.33 22.83 -58.96
CA ILE A 190 -28.04 24.20 -59.30
C ILE A 190 -28.26 24.42 -60.76
N ASN A 191 -27.80 23.54 -61.62
CA ASN A 191 -27.98 23.82 -63.03
C ASN A 191 -29.43 24.03 -63.41
N GLY A 192 -30.34 23.27 -62.80
CA GLY A 192 -31.74 23.46 -63.14
C GLY A 192 -32.38 24.70 -62.50
N LEU A 193 -31.83 25.17 -61.37
CA LEU A 193 -32.40 26.35 -60.73
C LEU A 193 -31.78 27.61 -61.28
N LYS A 194 -30.54 27.46 -61.72
CA LYS A 194 -29.71 28.51 -62.23
C LYS A 194 -30.41 29.49 -63.15
N PRO A 195 -31.21 29.11 -64.16
CA PRO A 195 -31.84 30.05 -65.05
C PRO A 195 -32.61 31.14 -64.32
N LYS A 196 -33.16 30.85 -63.13
CA LYS A 196 -33.91 31.88 -62.44
C LYS A 196 -32.97 32.78 -61.69
N TYR A 197 -31.84 32.24 -61.27
CA TYR A 197 -30.87 33.06 -60.56
C TYR A 197 -30.18 33.97 -61.55
N GLU A 198 -29.90 33.44 -62.75
CA GLU A 198 -29.24 34.25 -63.75
C GLU A 198 -30.14 35.37 -64.18
N ALA A 199 -31.43 35.07 -64.34
CA ALA A 199 -32.33 36.13 -64.71
C ALA A 199 -32.48 37.16 -63.61
N HIS A 200 -32.58 36.72 -62.35
CA HIS A 200 -32.82 37.64 -61.25
C HIS A 200 -31.73 38.66 -61.12
N HIS A 201 -30.48 38.21 -61.22
CA HIS A 201 -29.36 39.09 -61.01
C HIS A 201 -28.75 39.63 -62.28
N ASP A 202 -29.34 39.35 -63.44
CA ASP A 202 -28.71 39.77 -64.70
C ASP A 202 -27.24 39.29 -64.80
N VAL A 203 -27.02 38.02 -64.51
CA VAL A 203 -25.66 37.45 -64.53
C VAL A 203 -25.60 36.18 -65.32
N ARG A 204 -24.39 35.73 -65.58
CA ARG A 204 -24.20 34.41 -66.19
C ARG A 204 -23.16 33.67 -65.38
N TYR A 205 -23.38 32.41 -65.06
CA TYR A 205 -22.34 31.73 -64.28
C TYR A 205 -21.55 30.82 -65.18
N THR A 206 -20.26 30.70 -64.93
CA THR A 206 -19.50 29.75 -65.72
C THR A 206 -19.75 28.36 -65.18
N ALA A 207 -19.40 27.34 -65.96
CA ALA A 207 -19.55 25.97 -65.51
C ALA A 207 -18.64 25.70 -64.32
N LYS A 208 -17.48 26.32 -64.35
CA LYS A 208 -16.52 26.14 -63.29
C LYS A 208 -17.01 26.81 -62.03
N ALA A 209 -17.66 27.97 -62.16
CA ALA A 209 -18.16 28.68 -61.00
C ALA A 209 -19.17 27.84 -60.26
N VAL A 210 -20.00 27.12 -61.01
CA VAL A 210 -20.98 26.28 -60.34
C VAL A 210 -20.32 25.13 -59.63
N ARG A 211 -19.38 24.47 -60.27
CA ARG A 211 -18.76 23.37 -59.56
C ARG A 211 -18.00 23.86 -58.35
N ALA A 212 -17.30 24.99 -58.49
CA ALA A 212 -16.54 25.52 -57.40
C ALA A 212 -17.44 25.87 -56.25
N ALA A 213 -18.61 26.42 -56.53
CA ALA A 213 -19.48 26.79 -55.42
C ALA A 213 -19.85 25.59 -54.59
N VAL A 214 -20.07 24.48 -55.24
CA VAL A 214 -20.47 23.29 -54.53
C VAL A 214 -19.30 22.71 -53.74
N GLU A 215 -18.14 22.56 -54.38
CA GLU A 215 -17.01 21.95 -53.69
C GLU A 215 -16.38 22.84 -52.62
N LEU A 216 -16.28 24.13 -52.88
CA LEU A 216 -15.71 25.02 -51.90
C LEU A 216 -16.60 25.10 -50.70
N ALA A 217 -17.92 25.14 -50.89
CA ALA A 217 -18.79 25.19 -49.74
C ALA A 217 -18.62 23.95 -48.90
N VAL A 218 -18.47 22.79 -49.53
CA VAL A 218 -18.31 21.60 -48.73
C VAL A 218 -17.05 21.63 -47.90
N LYS A 219 -15.95 22.06 -48.48
CA LYS A 219 -14.70 22.13 -47.77
C LYS A 219 -14.61 23.20 -46.68
N TYR A 220 -15.17 24.39 -46.92
CA TYR A 220 -15.00 25.46 -45.95
C TYR A 220 -16.21 25.86 -45.11
N ILE A 221 -17.44 25.58 -45.54
CA ILE A 221 -18.59 26.01 -44.76
C ILE A 221 -19.19 24.79 -44.07
N ASN A 222 -19.06 24.71 -42.74
CA ASN A 222 -19.49 23.51 -42.01
C ASN A 222 -20.72 23.72 -41.14
N ASP A 223 -21.45 24.75 -41.44
CA ASP A 223 -22.64 25.14 -40.69
C ASP A 223 -23.93 24.51 -41.19
N ARG A 224 -23.99 24.23 -42.48
CA ARG A 224 -25.22 23.80 -43.14
C ARG A 224 -25.07 22.61 -44.08
N HIS A 225 -26.20 22.06 -44.49
CA HIS A 225 -26.19 20.95 -45.44
C HIS A 225 -26.11 21.43 -46.90
N LEU A 226 -25.51 20.59 -47.72
CA LEU A 226 -25.14 20.88 -49.08
C LEU A 226 -26.11 21.50 -50.07
N PRO A 227 -27.31 21.00 -50.34
CA PRO A 227 -28.16 21.52 -51.37
C PRO A 227 -28.67 22.88 -51.03
N ASP A 228 -28.45 23.34 -49.80
CA ASP A 228 -28.88 24.65 -49.45
C ASP A 228 -27.68 25.61 -49.40
N LYS A 229 -26.59 25.19 -48.76
CA LYS A 229 -25.46 26.12 -48.64
C LYS A 229 -24.79 26.42 -49.98
N ALA A 230 -24.88 25.49 -50.92
CA ALA A 230 -24.29 25.71 -52.21
C ALA A 230 -25.10 26.75 -52.99
N ILE A 231 -26.36 26.94 -52.59
CA ILE A 231 -27.22 27.85 -53.29
C ILE A 231 -26.86 29.22 -52.79
N ASP A 232 -26.64 29.34 -51.49
CA ASP A 232 -26.24 30.66 -51.00
C ASP A 232 -24.98 31.12 -51.67
N VAL A 233 -24.06 30.22 -51.95
CA VAL A 233 -22.85 30.69 -52.60
C VAL A 233 -23.19 31.23 -53.98
N ILE A 234 -24.01 30.51 -54.73
CA ILE A 234 -24.41 30.98 -56.05
C ILE A 234 -25.17 32.29 -56.00
N ASP A 235 -26.13 32.40 -55.08
CA ASP A 235 -26.91 33.61 -55.04
C ASP A 235 -26.12 34.78 -54.50
N GLU A 236 -25.23 34.55 -53.55
CA GLU A 236 -24.46 35.65 -53.00
C GLU A 236 -23.51 36.18 -54.05
N ALA A 237 -22.88 35.27 -54.82
CA ALA A 237 -21.99 35.74 -55.86
C ALA A 237 -22.77 36.49 -56.90
N GLY A 238 -23.98 36.03 -57.19
CA GLY A 238 -24.84 36.69 -58.15
C GLY A 238 -25.18 38.07 -57.65
N ALA A 239 -25.55 38.17 -56.37
CA ALA A 239 -25.93 39.44 -55.79
C ALA A 239 -24.79 40.43 -55.87
N ARG A 240 -23.57 40.00 -55.60
CA ARG A 240 -22.52 40.99 -55.71
C ARG A 240 -22.36 41.36 -57.15
N ALA A 241 -22.37 40.38 -58.04
CA ALA A 241 -22.25 40.63 -59.46
C ALA A 241 -23.35 41.56 -59.94
N ARG A 242 -24.54 41.52 -59.36
CA ARG A 242 -25.61 42.43 -59.76
C ARG A 242 -25.24 43.88 -59.41
N LEU A 243 -24.48 44.09 -58.33
CA LEU A 243 -24.12 45.44 -57.92
C LEU A 243 -22.85 45.90 -58.64
N MET A 244 -21.96 44.96 -58.98
CA MET A 244 -20.70 45.25 -59.66
C MET A 244 -20.81 46.20 -60.92
N PRO A 245 -21.84 46.12 -61.80
CA PRO A 245 -22.08 47.00 -62.94
C PRO A 245 -22.05 48.48 -62.60
N VAL A 246 -22.18 48.87 -61.32
CA VAL A 246 -22.11 50.29 -60.96
C VAL A 246 -20.71 50.83 -61.35
N SER A 247 -19.72 49.92 -61.42
CA SER A 247 -18.32 50.14 -61.78
C SER A 247 -18.06 49.52 -63.17
N LYS A 248 -19.15 49.27 -63.89
CA LYS A 248 -19.25 48.69 -65.22
C LYS A 248 -18.64 47.30 -65.36
N ARG A 249 -18.82 46.47 -64.35
CA ARG A 249 -18.31 45.13 -64.41
C ARG A 249 -19.34 44.22 -65.08
N LYS A 250 -18.92 42.96 -65.15
CA LYS A 250 -19.44 42.14 -66.22
C LYS A 250 -20.49 41.19 -65.70
N LYS A 251 -21.34 40.69 -66.59
CA LYS A 251 -22.39 39.75 -66.24
C LYS A 251 -21.87 38.41 -65.73
N THR A 252 -20.76 37.96 -66.29
CA THR A 252 -20.22 36.67 -65.92
C THR A 252 -19.67 36.60 -64.50
N VAL A 253 -20.06 35.55 -63.79
CA VAL A 253 -19.60 35.23 -62.45
C VAL A 253 -18.62 34.10 -62.59
N ASN A 254 -17.38 34.34 -62.20
CA ASN A 254 -16.36 33.34 -62.41
C ASN A 254 -16.00 32.67 -61.11
N VAL A 255 -15.07 31.73 -61.17
CA VAL A 255 -14.63 31.02 -59.99
C VAL A 255 -14.07 31.96 -58.97
N ALA A 256 -13.34 32.97 -59.39
CA ALA A 256 -12.77 33.91 -58.45
C ALA A 256 -13.82 34.60 -57.59
N ASP A 257 -15.01 34.83 -58.14
CA ASP A 257 -16.04 35.53 -57.40
C ASP A 257 -16.63 34.56 -56.41
N ILE A 258 -16.73 33.31 -56.81
CA ILE A 258 -17.19 32.28 -55.91
C ILE A 258 -16.21 32.13 -54.76
N GLU A 259 -14.92 32.13 -55.03
CA GLU A 259 -13.92 31.99 -54.00
C GLU A 259 -13.96 33.13 -53.02
N SER A 260 -14.18 34.35 -53.49
CA SER A 260 -14.29 35.48 -52.60
C SER A 260 -15.46 35.27 -51.66
N VAL A 261 -16.58 34.80 -52.21
CA VAL A 261 -17.77 34.55 -51.42
C VAL A 261 -17.60 33.43 -50.41
N VAL A 262 -17.01 32.31 -50.78
CA VAL A 262 -16.87 31.25 -49.81
C VAL A 262 -15.96 31.70 -48.68
N ALA A 263 -14.84 32.35 -49.01
CA ALA A 263 -13.95 32.80 -47.96
C ALA A 263 -14.69 33.79 -47.06
N ARG A 264 -15.55 34.64 -47.63
CA ARG A 264 -16.28 35.56 -46.80
C ARG A 264 -17.23 34.87 -45.83
N ILE A 265 -17.97 33.88 -46.30
CA ILE A 265 -18.94 33.17 -45.47
C ILE A 265 -18.27 32.40 -44.35
N ALA A 266 -17.19 31.73 -44.68
CA ALA A 266 -16.47 30.90 -43.75
C ALA A 266 -15.52 31.68 -42.85
N ARG A 267 -15.43 33.00 -43.02
CA ARG A 267 -14.51 33.82 -42.24
C ARG A 267 -13.05 33.39 -42.38
N ILE A 268 -12.64 33.17 -43.62
CA ILE A 268 -11.29 32.77 -43.98
C ILE A 268 -10.64 33.91 -44.74
N PRO A 269 -9.34 34.22 -44.56
CA PRO A 269 -8.66 35.27 -45.31
C PRO A 269 -8.90 35.08 -46.78
N GLU A 270 -9.14 36.18 -47.47
CA GLU A 270 -9.49 36.13 -48.86
C GLU A 270 -8.52 35.38 -49.72
N LYS A 271 -9.09 34.54 -50.56
CA LYS A 271 -8.41 33.72 -51.53
C LYS A 271 -7.43 32.72 -50.95
N SER A 272 -7.43 32.54 -49.61
CA SER A 272 -6.55 31.57 -48.98
C SER A 272 -7.17 30.21 -49.13
N VAL A 273 -8.41 30.24 -49.58
CA VAL A 273 -9.20 29.08 -49.93
C VAL A 273 -8.81 28.45 -51.25
N SER A 274 -8.13 29.21 -52.12
CA SER A 274 -7.84 28.73 -53.45
C SER A 274 -6.44 28.98 -53.98
N GLN A 275 -6.29 30.06 -54.73
CA GLN A 275 -5.04 30.33 -55.44
C GLN A 275 -4.03 31.27 -54.81
N SER A 276 -4.32 31.94 -53.67
CA SER A 276 -3.29 32.82 -53.10
C SER A 276 -2.19 31.92 -52.54
N ASP A 277 -2.58 30.67 -52.34
CA ASP A 277 -1.77 29.58 -51.90
C ASP A 277 -0.69 29.26 -52.95
N ARG A 278 -0.89 29.52 -54.24
CA ARG A 278 0.18 29.09 -55.11
C ARG A 278 1.38 29.98 -54.96
N ASP A 279 1.15 31.25 -54.67
CA ASP A 279 2.24 32.18 -54.55
C ASP A 279 2.82 32.04 -53.19
N THR A 280 1.98 31.70 -52.21
CA THR A 280 2.45 31.51 -50.87
C THR A 280 3.39 30.34 -50.89
N LEU A 281 3.04 29.27 -51.59
CA LEU A 281 3.91 28.13 -51.60
C LEU A 281 5.21 28.46 -52.30
N LYS A 282 5.18 29.24 -53.37
CA LYS A 282 6.44 29.55 -54.02
C LYS A 282 7.38 30.24 -53.06
N ASN A 283 6.82 31.12 -52.25
CA ASN A 283 7.58 31.89 -51.30
C ASN A 283 7.51 31.37 -49.86
N LEU A 284 7.00 30.16 -49.63
CA LEU A 284 6.83 29.76 -48.25
C LEU A 284 8.13 29.54 -47.51
N GLY A 285 9.05 28.81 -48.12
CA GLY A 285 10.30 28.55 -47.42
C GLY A 285 11.05 29.84 -47.20
N ASP A 286 10.94 30.75 -48.16
CA ASP A 286 11.70 31.97 -48.08
C ASP A 286 11.17 32.88 -47.01
N ARG A 287 9.86 32.94 -46.85
CA ARG A 287 9.32 33.79 -45.82
C ARG A 287 9.65 33.24 -44.44
N LEU A 288 9.61 31.93 -44.27
CA LEU A 288 9.88 31.36 -42.96
C LEU A 288 11.32 31.63 -42.53
N LYS A 289 12.24 31.57 -43.48
CA LYS A 289 13.65 31.81 -43.21
C LYS A 289 13.94 33.25 -42.79
N MET A 290 13.01 34.18 -42.99
CA MET A 290 13.27 35.54 -42.60
C MET A 290 12.94 35.79 -41.15
N LEU A 291 12.21 34.86 -40.54
CA LEU A 291 11.79 35.03 -39.17
C LEU A 291 12.56 34.10 -38.26
N VAL A 292 12.94 32.95 -38.79
CA VAL A 292 13.70 31.96 -38.05
C VAL A 292 15.06 31.85 -38.69
N PHE A 293 16.09 32.04 -37.90
CA PHE A 293 17.44 32.07 -38.39
C PHE A 293 18.10 30.79 -38.03
N GLY A 294 18.67 30.13 -39.00
CA GLY A 294 19.23 28.81 -38.76
C GLY A 294 18.07 27.89 -39.02
N GLN A 295 18.22 26.61 -38.73
CA GLN A 295 17.14 25.67 -39.04
C GLN A 295 16.74 25.75 -40.49
N ASP A 296 17.71 25.91 -41.40
CA ASP A 296 17.36 26.00 -42.80
C ASP A 296 16.95 24.67 -43.32
N LYS A 297 17.59 23.62 -42.84
CA LYS A 297 17.23 22.30 -43.32
C LYS A 297 15.84 21.94 -42.84
N ALA A 298 15.52 22.34 -41.62
CA ALA A 298 14.21 22.04 -41.06
C ALA A 298 13.13 22.72 -41.85
N ILE A 299 13.31 24.00 -42.13
CA ILE A 299 12.33 24.72 -42.88
C ILE A 299 12.17 24.15 -44.26
N GLU A 300 13.26 23.81 -44.92
CA GLU A 300 13.09 23.24 -46.25
C GLU A 300 12.40 21.89 -46.23
N ALA A 301 12.71 21.03 -45.27
CA ALA A 301 12.09 19.72 -45.23
C ALA A 301 10.59 19.83 -45.03
N LEU A 302 10.20 20.77 -44.17
CA LEU A 302 8.82 21.00 -43.85
C LEU A 302 8.10 21.57 -45.05
N THR A 303 8.73 22.52 -45.72
CA THR A 303 8.12 23.17 -46.86
C THR A 303 7.84 22.16 -47.95
N GLU A 304 8.79 21.25 -48.22
CA GLU A 304 8.55 20.28 -49.28
C GLU A 304 7.39 19.35 -48.95
N ALA A 305 7.29 18.92 -47.69
CA ALA A 305 6.20 18.05 -47.32
C ALA A 305 4.85 18.76 -47.47
N ILE A 306 4.81 20.03 -47.14
CA ILE A 306 3.56 20.75 -47.26
C ILE A 306 3.17 20.84 -48.70
N LYS A 307 4.11 21.18 -49.57
CA LYS A 307 3.75 21.29 -50.96
C LYS A 307 3.16 20.02 -51.54
N MET A 308 3.68 18.83 -51.21
CA MET A 308 3.05 17.69 -51.85
C MET A 308 1.66 17.46 -51.33
N ALA A 309 1.39 17.86 -50.08
CA ALA A 309 0.05 17.74 -49.58
C ALA A 309 -0.87 18.69 -50.33
N ARG A 310 -0.38 19.90 -50.60
CA ARG A 310 -1.18 20.91 -51.29
C ARG A 310 -1.38 20.53 -52.75
N ALA A 311 -0.40 19.81 -53.29
CA ALA A 311 -0.42 19.31 -54.66
C ALA A 311 -1.51 18.28 -54.84
N GLY A 312 -2.04 17.73 -53.74
CA GLY A 312 -3.06 16.73 -53.84
C GLY A 312 -2.59 15.30 -54.01
N LEU A 313 -1.36 14.98 -53.60
CA LEU A 313 -0.89 13.60 -53.77
C LEU A 313 -0.98 12.77 -52.49
N GLY A 314 -1.65 13.29 -51.48
CA GLY A 314 -1.79 12.59 -50.21
C GLY A 314 -3.05 11.72 -50.21
N HIS A 315 -3.55 11.40 -49.01
CA HIS A 315 -4.70 10.51 -48.87
C HIS A 315 -5.82 11.26 -48.23
N GLU A 316 -7.04 10.86 -48.52
CA GLU A 316 -8.16 11.50 -47.89
C GLU A 316 -8.23 11.13 -46.42
N HIS A 317 -8.03 9.89 -46.08
CA HIS A 317 -8.18 9.47 -44.71
C HIS A 317 -6.92 9.64 -43.91
N LYS A 318 -6.42 10.86 -43.84
CA LYS A 318 -5.22 11.21 -43.12
C LYS A 318 -5.22 12.69 -42.78
N PRO A 319 -4.45 13.13 -41.78
CA PRO A 319 -4.15 14.52 -41.52
C PRO A 319 -3.37 14.97 -42.73
N VAL A 320 -3.24 16.28 -42.96
CA VAL A 320 -2.53 16.73 -44.16
C VAL A 320 -1.04 16.42 -44.06
N GLY A 321 -0.60 16.12 -42.86
CA GLY A 321 0.75 15.71 -42.59
C GLY A 321 0.95 15.53 -41.10
N SER A 322 1.98 14.78 -40.76
CA SER A 322 2.36 14.50 -39.38
C SER A 322 3.86 14.55 -39.17
N PHE A 323 4.29 15.51 -38.37
CA PHE A 323 5.71 15.69 -38.24
C PHE A 323 6.16 15.67 -36.82
N LEU A 324 7.31 15.08 -36.60
CA LEU A 324 7.90 15.15 -35.28
C LEU A 324 9.06 16.14 -35.33
N PHE A 325 9.04 17.16 -34.49
CA PHE A 325 10.12 18.14 -34.48
C PHE A 325 11.03 17.86 -33.32
N ALA A 326 12.23 17.39 -33.60
CA ALA A 326 13.12 17.01 -32.50
C ALA A 326 14.35 17.88 -32.43
N GLY A 327 14.68 18.27 -31.21
CA GLY A 327 15.89 19.07 -30.99
C GLY A 327 15.88 19.77 -29.64
N PRO A 328 16.94 20.51 -29.30
CA PRO A 328 17.19 21.23 -28.05
C PRO A 328 16.19 22.30 -27.77
N THR A 329 16.07 22.67 -26.52
CA THR A 329 15.17 23.72 -26.09
C THR A 329 15.55 25.07 -26.66
N GLY A 330 14.57 25.81 -27.15
CA GLY A 330 14.84 27.17 -27.64
C GLY A 330 15.52 27.22 -29.00
N VAL A 331 15.19 26.31 -29.91
CA VAL A 331 15.81 26.26 -31.22
C VAL A 331 14.81 26.57 -32.31
N GLY A 332 13.63 27.04 -31.94
CA GLY A 332 12.63 27.40 -32.93
C GLY A 332 11.61 26.32 -33.28
N LYS A 333 11.49 25.23 -32.54
CA LYS A 333 10.47 24.26 -32.94
C LYS A 333 9.10 24.97 -32.92
N THR A 334 8.82 25.67 -31.81
CA THR A 334 7.58 26.40 -31.66
C THR A 334 7.55 27.58 -32.61
N GLU A 335 8.63 28.33 -32.69
CA GLU A 335 8.60 29.51 -33.53
C GLU A 335 8.32 29.18 -34.99
N VAL A 336 8.90 28.10 -35.52
CA VAL A 336 8.60 27.78 -36.91
C VAL A 336 7.14 27.45 -37.05
N THR A 337 6.60 26.66 -36.13
CA THR A 337 5.21 26.26 -36.18
C THR A 337 4.28 27.46 -36.18
N VAL A 338 4.56 28.43 -35.33
CA VAL A 338 3.71 29.61 -35.25
C VAL A 338 3.77 30.41 -36.53
N GLN A 339 4.96 30.62 -37.08
CA GLN A 339 5.02 31.39 -38.28
C GLN A 339 4.39 30.66 -39.43
N LEU A 340 4.45 29.33 -39.43
CA LEU A 340 3.85 28.56 -40.49
C LEU A 340 2.35 28.71 -40.50
N SER A 341 1.71 28.68 -39.34
CA SER A 341 0.27 28.81 -39.38
C SER A 341 -0.09 30.17 -39.92
N LYS A 342 0.72 31.19 -39.63
CA LYS A 342 0.39 32.48 -40.17
C LYS A 342 0.62 32.52 -41.66
N ALA A 343 1.70 31.92 -42.12
CA ALA A 343 2.02 31.93 -43.54
C ALA A 343 0.93 31.28 -44.37
N LEU A 344 0.33 30.24 -43.83
CA LEU A 344 -0.70 29.52 -44.53
C LEU A 344 -2.09 30.09 -44.32
N GLY A 345 -2.22 31.13 -43.50
CA GLY A 345 -3.51 31.75 -43.23
C GLY A 345 -4.44 30.98 -42.30
N ILE A 346 -3.92 30.14 -41.41
CA ILE A 346 -4.79 29.35 -40.54
C ILE A 346 -4.44 29.49 -39.06
N GLU A 347 -5.40 29.20 -38.22
CA GLU A 347 -5.23 29.26 -36.78
C GLU A 347 -4.46 28.10 -36.19
N LEU A 348 -3.91 28.30 -35.01
CA LEU A 348 -3.10 27.32 -34.31
C LEU A 348 -3.74 26.87 -33.00
N LEU A 349 -3.83 25.56 -32.81
CA LEU A 349 -4.34 24.98 -31.60
C LEU A 349 -3.17 24.44 -30.81
N ARG A 350 -3.12 24.70 -29.52
CA ARG A 350 -1.96 24.19 -28.79
C ARG A 350 -2.30 23.47 -27.53
N PHE A 351 -1.64 22.34 -27.34
CA PHE A 351 -1.80 21.56 -26.14
C PHE A 351 -0.47 21.23 -25.54
N ASP A 352 -0.40 21.30 -24.23
CA ASP A 352 0.80 20.93 -23.49
C ASP A 352 0.66 19.51 -23.01
N MET A 353 1.41 18.58 -23.58
CA MET A 353 1.15 17.19 -23.24
C MET A 353 1.63 16.80 -21.88
N SER A 354 2.32 17.71 -21.19
CA SER A 354 2.79 17.43 -19.86
C SER A 354 1.62 17.52 -18.89
N GLU A 355 0.48 18.02 -19.36
CA GLU A 355 -0.69 18.13 -18.52
C GLU A 355 -1.50 16.83 -18.60
N TYR A 356 -1.06 15.90 -19.44
CA TYR A 356 -1.77 14.66 -19.68
C TYR A 356 -0.92 13.48 -19.33
N MET A 357 -0.18 13.62 -18.24
CA MET A 357 0.69 12.58 -17.74
C MET A 357 -0.02 11.46 -16.99
N GLU A 358 -1.16 11.77 -16.37
CA GLU A 358 -1.89 10.80 -15.55
C GLU A 358 -3.02 10.11 -16.30
N ARG A 359 -3.35 8.90 -15.86
CA ARG A 359 -4.38 8.10 -16.53
C ARG A 359 -5.75 8.75 -16.68
N HIS A 360 -6.22 9.48 -15.70
CA HIS A 360 -7.56 10.03 -15.84
C HIS A 360 -7.64 11.23 -16.79
N THR A 361 -6.51 11.71 -17.23
CA THR A 361 -6.55 12.88 -18.05
C THR A 361 -6.81 12.52 -19.48
N VAL A 362 -6.81 11.25 -19.78
CA VAL A 362 -7.05 10.85 -21.13
C VAL A 362 -8.49 11.19 -21.49
N SER A 363 -9.42 10.92 -20.57
CA SER A 363 -10.81 11.25 -20.84
C SER A 363 -10.97 12.74 -20.81
N ARG A 364 -10.09 13.45 -20.11
CA ARG A 364 -10.19 14.90 -20.17
C ARG A 364 -10.06 15.38 -21.62
N LEU A 365 -9.18 14.78 -22.41
CA LEU A 365 -9.07 15.20 -23.80
C LEU A 365 -10.28 14.89 -24.67
N ILE A 366 -10.88 13.71 -24.48
CA ILE A 366 -12.02 13.30 -25.32
C ILE A 366 -13.41 13.63 -24.77
N GLY A 367 -13.61 13.43 -23.48
CA GLY A 367 -14.85 13.61 -22.77
C GLY A 367 -15.20 12.31 -22.03
N ALA A 368 -15.72 12.43 -20.81
CA ALA A 368 -16.10 11.30 -19.96
C ALA A 368 -17.26 10.54 -20.59
N PRO A 369 -17.44 9.26 -20.33
CA PRO A 369 -18.55 8.50 -20.80
C PRO A 369 -19.78 9.02 -20.10
N PRO A 370 -20.96 8.86 -20.66
CA PRO A 370 -22.17 9.35 -20.10
C PRO A 370 -22.44 8.72 -18.78
N GLY A 371 -22.86 9.55 -17.82
CA GLY A 371 -23.15 9.08 -16.45
C GLY A 371 -21.97 9.36 -15.54
N TYR A 372 -20.82 9.71 -16.13
CA TYR A 372 -19.59 10.02 -15.36
C TYR A 372 -19.46 11.54 -15.23
N VAL A 373 -19.00 12.00 -14.06
CA VAL A 373 -18.84 13.40 -13.77
C VAL A 373 -18.09 14.14 -14.86
N GLY A 374 -18.67 15.24 -15.28
CA GLY A 374 -18.12 16.10 -16.30
C GLY A 374 -18.36 15.64 -17.73
N PHE A 375 -19.18 14.63 -17.97
CA PHE A 375 -19.24 14.23 -19.38
C PHE A 375 -19.87 15.29 -20.24
N ASP A 376 -20.74 16.12 -19.68
CA ASP A 376 -21.45 17.10 -20.47
C ASP A 376 -20.67 18.36 -20.72
N GLN A 377 -19.41 18.34 -20.34
CA GLN A 377 -18.54 19.45 -20.58
C GLN A 377 -17.83 19.29 -21.90
N GLY A 378 -17.87 18.08 -22.46
CA GLY A 378 -17.19 17.81 -23.71
C GLY A 378 -15.72 17.57 -23.49
N GLY A 379 -14.97 17.39 -24.57
CA GLY A 379 -13.54 17.17 -24.48
C GLY A 379 -12.82 18.47 -24.74
N LEU A 380 -11.52 18.39 -24.94
CA LEU A 380 -10.72 19.57 -25.24
C LEU A 380 -10.20 19.48 -26.64
N LEU A 381 -9.97 18.26 -27.08
CA LEU A 381 -9.38 18.07 -28.38
C LEU A 381 -10.39 17.96 -29.48
N THR A 382 -11.49 17.25 -29.22
CA THR A 382 -12.44 17.01 -30.26
C THR A 382 -13.34 18.17 -30.52
N ASP A 383 -13.54 19.07 -29.59
CA ASP A 383 -14.38 20.18 -29.94
C ASP A 383 -13.55 21.17 -30.73
N ALA A 384 -12.30 21.31 -30.35
CA ALA A 384 -11.39 22.23 -31.00
C ALA A 384 -11.24 21.92 -32.48
N VAL A 385 -11.24 20.65 -32.82
CA VAL A 385 -11.07 20.24 -34.20
C VAL A 385 -12.37 20.24 -34.98
N ILE A 386 -13.47 20.52 -34.31
CA ILE A 386 -14.75 20.65 -34.96
C ILE A 386 -14.95 22.11 -35.26
N LYS A 387 -14.63 22.95 -34.28
CA LYS A 387 -14.75 24.38 -34.41
C LYS A 387 -13.76 24.96 -35.43
N HIS A 388 -12.54 24.41 -35.47
CA HIS A 388 -11.50 24.89 -36.35
C HIS A 388 -10.87 23.78 -37.18
N PRO A 389 -11.57 23.23 -38.15
CA PRO A 389 -11.18 22.06 -38.91
C PRO A 389 -9.94 22.23 -39.79
N HIS A 390 -9.52 23.46 -40.10
CA HIS A 390 -8.37 23.69 -40.96
C HIS A 390 -7.10 24.16 -40.24
N ALA A 391 -7.09 24.08 -38.93
CA ALA A 391 -6.01 24.53 -38.06
C ALA A 391 -4.72 23.71 -38.04
N VAL A 392 -3.67 24.34 -37.53
CA VAL A 392 -2.41 23.67 -37.24
C VAL A 392 -2.52 23.15 -35.82
N LEU A 393 -2.25 21.88 -35.60
CA LEU A 393 -2.32 21.33 -34.25
C LEU A 393 -0.97 21.01 -33.67
N LEU A 394 -0.61 21.70 -32.60
CA LEU A 394 0.69 21.53 -31.97
C LEU A 394 0.65 20.89 -30.60
N LEU A 395 1.36 19.78 -30.46
CA LEU A 395 1.40 19.08 -29.18
C LEU A 395 2.80 19.17 -28.59
N ASP A 396 2.93 19.89 -27.49
CA ASP A 396 4.24 20.09 -26.90
C ASP A 396 4.70 18.96 -26.03
N GLU A 397 5.97 18.63 -26.13
CA GLU A 397 6.58 17.63 -25.25
C GLU A 397 5.82 16.31 -25.26
N ILE A 398 5.51 15.83 -26.47
CA ILE A 398 4.75 14.56 -26.67
C ILE A 398 5.56 13.39 -26.13
N GLU A 399 6.72 13.67 -25.53
CA GLU A 399 7.60 12.61 -24.96
C GLU A 399 7.39 12.56 -23.44
N LYS A 400 6.17 12.84 -22.98
CA LYS A 400 5.86 12.83 -21.52
C LYS A 400 4.40 12.44 -21.30
N ALA A 401 3.59 12.38 -22.36
CA ALA A 401 2.19 12.03 -22.19
C ALA A 401 1.96 10.61 -21.75
N HIS A 402 0.87 10.39 -21.01
CA HIS A 402 0.51 9.06 -20.58
C HIS A 402 0.34 8.20 -21.83
N PRO A 403 0.82 6.95 -21.86
CA PRO A 403 0.72 6.02 -22.98
C PRO A 403 -0.66 5.88 -23.58
N ASP A 404 -1.71 6.07 -22.82
CA ASP A 404 -3.01 5.92 -23.44
C ASP A 404 -3.32 7.02 -24.47
N VAL A 405 -2.68 8.19 -24.40
CA VAL A 405 -3.05 9.23 -25.35
C VAL A 405 -2.48 8.90 -26.69
N PHE A 406 -1.57 7.94 -26.73
CA PHE A 406 -0.95 7.61 -27.95
C PHE A 406 -1.92 6.80 -28.75
N ASN A 407 -2.90 6.16 -28.10
CA ASN A 407 -3.87 5.40 -28.85
C ASN A 407 -4.80 6.42 -29.47
N ILE A 408 -4.97 7.55 -28.82
CA ILE A 408 -5.79 8.58 -29.42
C ILE A 408 -5.06 9.04 -30.69
N LEU A 409 -3.76 9.31 -30.57
CA LEU A 409 -3.00 9.76 -31.72
C LEU A 409 -2.93 8.74 -32.81
N LEU A 410 -2.77 7.47 -32.49
CA LEU A 410 -2.67 6.51 -33.55
C LEU A 410 -3.95 6.48 -34.32
N GLN A 411 -5.09 6.57 -33.66
CA GLN A 411 -6.33 6.55 -34.40
C GLN A 411 -6.41 7.72 -35.35
N VAL A 412 -6.00 8.90 -34.89
CA VAL A 412 -6.08 10.05 -35.77
C VAL A 412 -5.16 9.92 -36.94
N MET A 413 -3.93 9.54 -36.68
CA MET A 413 -2.99 9.45 -37.77
C MET A 413 -3.39 8.40 -38.76
N ASP A 414 -4.03 7.33 -38.29
CA ASP A 414 -4.43 6.24 -39.15
C ASP A 414 -5.61 6.56 -40.06
N ASN A 415 -6.65 7.22 -39.52
CA ASN A 415 -7.81 7.46 -40.37
C ASN A 415 -8.41 8.86 -40.38
N GLY A 416 -7.81 9.82 -39.72
CA GLY A 416 -8.32 11.16 -39.76
C GLY A 416 -9.47 11.49 -38.81
N THR A 417 -9.88 10.60 -37.91
CA THR A 417 -10.99 11.04 -37.07
C THR A 417 -11.14 10.43 -35.69
N LEU A 418 -11.74 11.22 -34.79
CA LEU A 418 -12.10 10.80 -33.44
C LEU A 418 -13.58 10.96 -33.19
N THR A 419 -14.16 10.12 -32.36
CA THR A 419 -15.57 10.30 -32.03
C THR A 419 -15.69 10.90 -30.64
N ASP A 420 -16.44 11.96 -30.56
CA ASP A 420 -16.75 12.75 -29.38
C ASP A 420 -17.65 11.98 -28.43
N ASN A 421 -17.71 12.34 -27.15
CA ASN A 421 -18.58 11.55 -26.30
C ASN A 421 -20.07 11.80 -26.56
N ASN A 422 -20.41 12.75 -27.44
CA ASN A 422 -21.77 12.98 -27.85
C ASN A 422 -22.04 12.33 -29.20
N GLY A 423 -21.09 11.55 -29.73
CA GLY A 423 -21.27 10.78 -30.96
C GLY A 423 -20.87 11.52 -32.23
N ARG A 424 -20.45 12.75 -32.10
CA ARG A 424 -20.05 13.61 -33.21
C ARG A 424 -18.65 13.28 -33.69
N LYS A 425 -18.35 13.56 -34.95
CA LYS A 425 -17.02 13.28 -35.46
C LYS A 425 -16.10 14.49 -35.55
N ALA A 426 -14.89 14.33 -35.03
CA ALA A 426 -13.85 15.34 -35.13
C ALA A 426 -13.05 14.94 -36.32
N ASP A 427 -13.12 15.75 -37.36
CA ASP A 427 -12.51 15.47 -38.64
C ASP A 427 -11.16 16.16 -38.78
N PHE A 428 -10.08 15.39 -38.80
CA PHE A 428 -8.73 15.91 -38.80
C PHE A 428 -8.14 15.91 -40.19
N ARG A 429 -8.94 15.67 -41.21
CA ARG A 429 -8.36 15.58 -42.54
C ARG A 429 -7.81 16.88 -43.08
N ASN A 430 -8.17 18.00 -42.48
CA ASN A 430 -7.65 19.25 -42.93
C ASN A 430 -6.72 19.91 -41.94
N VAL A 431 -6.21 19.17 -40.96
CA VAL A 431 -5.32 19.83 -40.02
C VAL A 431 -3.97 19.20 -40.17
N VAL A 432 -2.96 19.88 -39.70
CA VAL A 432 -1.60 19.33 -39.76
C VAL A 432 -1.13 19.08 -38.36
N LEU A 433 -0.57 17.91 -38.12
CA LEU A 433 -0.13 17.57 -36.79
C LEU A 433 1.35 17.73 -36.58
N VAL A 434 1.69 18.59 -35.65
CA VAL A 434 3.06 18.83 -35.28
C VAL A 434 3.29 18.46 -33.84
N MET A 435 4.22 17.57 -33.61
CA MET A 435 4.53 17.15 -32.27
C MET A 435 5.94 17.54 -31.99
N THR A 436 6.25 18.02 -30.80
CA THR A 436 7.64 18.36 -30.54
C THR A 436 8.22 17.46 -29.49
N THR A 437 9.54 17.32 -29.52
CA THR A 437 10.21 16.48 -28.54
C THR A 437 11.66 16.85 -28.23
N ASN A 438 12.09 16.48 -27.01
CA ASN A 438 13.48 16.64 -26.58
C ASN A 438 14.17 15.28 -26.55
N ALA A 439 13.59 14.30 -27.21
CA ALA A 439 14.11 12.94 -27.18
C ALA A 439 15.56 12.82 -27.64
N GLY A 440 15.99 13.61 -28.61
CA GLY A 440 17.37 13.50 -29.10
C GLY A 440 18.30 14.50 -28.49
N SER A 457 20.02 9.81 -33.54
CA SER A 457 18.67 9.54 -34.03
C SER A 457 18.17 8.28 -33.39
N THR A 458 19.07 7.33 -33.11
CA THR A 458 18.71 6.08 -32.47
C THR A 458 18.23 6.35 -31.07
N ASP A 459 18.91 7.21 -30.34
CA ASP A 459 18.48 7.51 -29.00
C ASP A 459 17.20 8.32 -29.03
N ALA A 460 17.09 9.27 -29.96
CA ALA A 460 15.89 10.08 -30.06
C ALA A 460 14.74 9.17 -30.34
N MET A 461 15.02 8.18 -31.17
CA MET A 461 14.09 7.19 -31.52
C MET A 461 13.75 6.41 -30.30
N GLU A 462 14.70 5.85 -29.57
CA GLU A 462 14.31 5.03 -28.43
C GLU A 462 13.50 5.79 -27.39
N GLU A 463 13.85 7.04 -27.13
CA GLU A 463 13.09 7.77 -26.15
C GLU A 463 11.69 8.08 -26.64
N ILE A 464 11.47 8.42 -27.90
CA ILE A 464 10.08 8.63 -28.27
C ILE A 464 9.42 7.29 -28.59
N LYS A 465 10.19 6.40 -29.27
CA LYS A 465 9.83 5.06 -29.75
C LYS A 465 9.28 4.24 -28.67
N LYS A 466 9.80 4.42 -27.47
CA LYS A 466 9.35 3.64 -26.35
C LYS A 466 7.82 3.58 -26.36
N ILE A 467 7.13 4.70 -26.65
CA ILE A 467 5.71 4.65 -26.86
C ILE A 467 5.47 4.64 -28.37
N PHE A 468 6.23 5.44 -29.12
CA PHE A 468 6.04 5.43 -30.56
C PHE A 468 6.75 4.21 -31.14
N THR A 469 6.23 3.05 -30.88
CA THR A 469 6.84 1.82 -31.28
C THR A 469 6.72 1.84 -32.80
N PRO A 470 7.32 0.95 -33.59
CA PRO A 470 7.26 0.98 -35.04
C PRO A 470 5.82 1.17 -35.55
N GLU A 471 4.84 0.65 -34.81
CA GLU A 471 3.44 0.76 -35.13
C GLU A 471 2.99 2.21 -35.19
N PHE A 472 3.70 3.07 -34.49
CA PHE A 472 3.47 4.50 -34.42
C PHE A 472 4.40 5.21 -35.38
N ARG A 473 5.68 4.87 -35.37
CA ARG A 473 6.60 5.64 -36.18
C ARG A 473 6.30 5.56 -37.65
N ASN A 474 5.69 4.48 -38.08
CA ASN A 474 5.37 4.34 -39.49
C ASN A 474 4.25 5.27 -39.91
N ARG A 475 3.64 5.94 -38.95
CA ARG A 475 2.55 6.82 -39.22
C ARG A 475 3.01 8.26 -39.33
N LEU A 476 4.29 8.53 -39.10
CA LEU A 476 4.82 9.88 -39.23
C LEU A 476 5.20 10.10 -40.68
N ASP A 477 5.03 11.33 -41.19
CA ASP A 477 5.46 11.57 -42.55
C ASP A 477 6.91 11.92 -42.51
N ASN A 478 7.31 12.62 -41.47
CA ASN A 478 8.72 12.92 -41.40
C ASN A 478 9.14 13.26 -40.01
N ILE A 479 10.43 13.46 -39.89
CA ILE A 479 11.03 13.94 -38.69
C ILE A 479 11.82 15.15 -39.12
N ILE A 480 11.59 16.24 -38.47
CA ILE A 480 12.24 17.46 -38.81
C ILE A 480 13.22 17.72 -37.69
N TRP A 481 14.47 17.94 -38.04
CA TRP A 481 15.47 18.16 -36.99
C TRP A 481 15.85 19.59 -36.83
N PHE A 482 15.89 20.03 -35.58
CA PHE A 482 16.21 21.41 -35.26
C PHE A 482 17.55 21.60 -34.59
N ASP A 483 18.40 22.29 -35.30
CA ASP A 483 19.78 22.56 -34.91
C ASP A 483 20.05 23.55 -33.82
N HIS A 484 21.19 23.33 -33.16
CA HIS A 484 21.73 24.23 -32.15
C HIS A 484 22.04 25.56 -32.73
N LEU A 485 21.95 26.59 -31.92
CA LEU A 485 22.26 27.91 -32.40
C LEU A 485 23.75 28.17 -32.38
N SER A 486 24.20 28.85 -33.43
CA SER A 486 25.55 29.33 -33.62
C SER A 486 25.69 30.69 -32.99
N THR A 487 26.91 31.20 -32.90
CA THR A 487 27.09 32.52 -32.34
C THR A 487 26.49 33.59 -33.25
N ASP A 488 26.50 33.34 -34.55
CA ASP A 488 25.97 34.32 -35.45
C ASP A 488 24.48 34.43 -35.26
N VAL A 489 23.82 33.29 -35.02
CA VAL A 489 22.40 33.33 -34.83
C VAL A 489 22.06 34.04 -33.55
N ILE A 490 22.78 33.80 -32.46
CA ILE A 490 22.34 34.51 -31.26
C ILE A 490 22.46 36.02 -31.44
N HIS A 491 23.39 36.47 -32.29
CA HIS A 491 23.47 37.88 -32.53
C HIS A 491 22.28 38.32 -33.38
N GLN A 492 21.87 37.49 -34.37
CA GLN A 492 20.71 37.82 -35.21
C GLN A 492 19.42 37.87 -34.42
N VAL A 493 19.30 36.98 -33.45
CA VAL A 493 18.12 36.95 -32.61
C VAL A 493 18.07 38.24 -31.80
N VAL A 494 19.20 38.66 -31.25
CA VAL A 494 19.21 39.92 -30.52
C VAL A 494 18.87 41.07 -31.45
N ASP A 495 19.43 41.10 -32.65
CA ASP A 495 19.06 42.21 -33.52
C ASP A 495 17.57 42.26 -33.71
N LYS A 496 16.91 41.10 -33.87
CA LYS A 496 15.47 41.11 -34.04
C LYS A 496 14.77 41.71 -32.83
N PHE A 497 15.18 41.32 -31.63
CA PHE A 497 14.55 41.86 -30.42
C PHE A 497 14.74 43.36 -30.29
N ILE A 498 15.94 43.84 -30.62
CA ILE A 498 16.21 45.26 -30.52
C ILE A 498 15.38 46.00 -31.53
N VAL A 499 15.26 45.49 -32.75
CA VAL A 499 14.48 46.16 -33.76
C VAL A 499 13.04 46.27 -33.34
N GLU A 500 12.47 45.23 -32.75
CA GLU A 500 11.08 45.37 -32.33
C GLU A 500 10.94 46.52 -31.34
N LEU A 501 11.91 46.67 -30.42
CA LEU A 501 11.86 47.81 -29.53
C LEU A 501 12.04 49.11 -30.29
N GLN A 502 12.95 49.13 -31.28
CA GLN A 502 13.15 50.36 -32.03
C GLN A 502 11.86 50.79 -32.71
N VAL A 503 11.09 49.84 -33.20
CA VAL A 503 9.84 50.21 -33.83
C VAL A 503 8.91 50.84 -32.83
N GLN A 504 8.78 50.26 -31.64
CA GLN A 504 7.89 50.84 -30.66
C GLN A 504 8.32 52.24 -30.27
N LEU A 505 9.61 52.43 -30.17
CA LEU A 505 10.07 53.73 -29.79
C LEU A 505 9.84 54.74 -30.88
N ASP A 506 10.01 54.37 -32.15
CA ASP A 506 9.77 55.34 -33.21
C ASP A 506 8.33 55.80 -33.16
N GLN A 507 7.42 54.89 -32.84
CA GLN A 507 6.00 55.20 -32.77
C GLN A 507 5.73 56.21 -31.65
N LYS A 508 6.54 56.14 -30.59
CA LYS A 508 6.49 57.02 -29.44
C LYS A 508 7.38 58.27 -29.58
N GLY A 509 8.04 58.43 -30.73
CA GLY A 509 8.89 59.58 -30.98
C GLY A 509 10.33 59.48 -30.47
N VAL A 510 10.80 58.31 -30.13
CA VAL A 510 12.16 58.22 -29.62
C VAL A 510 13.04 57.33 -30.44
N SER A 511 14.20 57.84 -30.78
CA SER A 511 15.17 57.10 -31.55
C SER A 511 16.10 56.33 -30.62
N LEU A 512 16.31 55.05 -30.90
CA LEU A 512 17.20 54.21 -30.11
C LEU A 512 18.26 53.50 -30.91
N GLU A 513 19.52 53.67 -30.53
CA GLU A 513 20.57 52.86 -31.12
C GLU A 513 21.41 52.12 -30.10
N VAL A 514 21.54 50.82 -30.26
CA VAL A 514 22.32 50.02 -29.35
C VAL A 514 23.68 49.74 -29.97
N SER A 515 24.74 49.97 -29.22
CA SER A 515 26.11 49.81 -29.69
C SER A 515 26.46 48.36 -29.92
N GLN A 516 27.55 48.12 -30.64
CA GLN A 516 27.93 46.76 -30.89
C GLN A 516 28.33 46.00 -29.64
N GLU A 517 29.01 46.68 -28.71
CA GLU A 517 29.45 46.06 -27.44
C GLU A 517 28.21 45.77 -26.59
N ALA A 518 27.11 46.48 -26.84
CA ALA A 518 25.85 46.27 -26.10
C ALA A 518 25.12 45.05 -26.67
N ARG A 519 25.22 44.86 -27.99
CA ARG A 519 24.59 43.74 -28.65
C ARG A 519 25.34 42.46 -28.37
N ASN A 520 26.66 42.54 -28.29
CA ASN A 520 27.40 41.33 -28.06
C ASN A 520 27.09 40.82 -26.68
N TRP A 521 27.04 41.72 -25.72
CA TRP A 521 26.76 41.35 -24.36
C TRP A 521 25.38 40.74 -24.20
N LEU A 522 24.36 41.36 -24.79
CA LEU A 522 23.03 40.81 -24.64
C LEU A 522 22.94 39.44 -25.29
N ALA A 523 23.57 39.25 -26.46
CA ALA A 523 23.49 37.95 -27.11
C ALA A 523 24.16 36.86 -26.31
N GLU A 524 25.27 37.21 -25.69
CA GLU A 524 26.01 36.27 -24.88
C GLU A 524 25.28 35.93 -23.58
N LYS A 525 24.62 36.93 -22.99
CA LYS A 525 23.90 36.80 -21.73
C LYS A 525 22.53 36.11 -21.85
N GLY A 526 21.79 36.36 -22.91
CA GLY A 526 20.45 35.83 -23.09
C GLY A 526 20.40 34.49 -23.79
N TYR A 527 21.55 33.91 -24.06
CA TYR A 527 21.59 32.63 -24.72
C TYR A 527 22.18 31.59 -23.81
N ASP A 528 21.51 30.46 -23.73
CA ASP A 528 21.99 29.36 -22.91
C ASP A 528 21.89 28.07 -23.68
N ARG A 529 22.99 27.35 -23.78
CA ARG A 529 22.96 26.12 -24.56
C ARG A 529 21.81 25.20 -24.08
N ALA A 530 21.51 25.25 -22.79
CA ALA A 530 20.47 24.44 -22.18
C ALA A 530 19.04 25.02 -22.28
N MET A 531 18.85 26.23 -22.81
CA MET A 531 17.53 26.85 -22.85
C MET A 531 17.36 27.56 -24.16
N GLY A 532 18.45 27.56 -24.88
CA GLY A 532 18.54 28.18 -26.18
C GLY A 532 18.25 29.66 -26.13
N ALA A 533 17.38 30.11 -27.02
CA ALA A 533 17.03 31.51 -27.11
C ALA A 533 15.89 31.88 -26.16
N ARG A 534 15.34 30.93 -25.41
CA ARG A 534 14.21 31.30 -24.56
C ARG A 534 14.48 32.44 -23.57
N PRO A 535 15.60 32.45 -22.80
CA PRO A 535 15.93 33.45 -21.79
C PRO A 535 16.13 34.82 -22.38
N MET A 536 16.25 34.89 -23.69
CA MET A 536 16.51 36.14 -24.35
C MET A 536 15.39 37.10 -24.12
N ALA A 537 14.16 36.61 -23.96
CA ALA A 537 13.08 37.57 -23.83
C ALA A 537 13.24 38.45 -22.60
N ARG A 538 13.72 37.87 -21.50
CA ARG A 538 13.86 38.65 -20.29
C ARG A 538 15.17 39.38 -20.31
N VAL A 539 16.19 38.83 -20.92
CA VAL A 539 17.42 39.59 -20.91
C VAL A 539 17.22 40.90 -21.66
N ILE A 540 16.56 40.87 -22.81
CA ILE A 540 16.36 42.11 -23.50
C ILE A 540 15.40 43.01 -22.74
N GLN A 541 14.28 42.46 -22.27
CA GLN A 541 13.35 43.31 -21.57
C GLN A 541 13.90 43.94 -20.30
N ASP A 542 14.61 43.17 -19.50
CA ASP A 542 15.09 43.67 -18.24
C ASP A 542 16.28 44.60 -18.37
N ASN A 543 17.13 44.40 -19.37
CA ASN A 543 18.26 45.30 -19.47
C ASN A 543 17.98 46.54 -20.29
N LEU A 544 17.17 46.42 -21.34
CA LEU A 544 16.98 47.54 -22.22
C LEU A 544 15.58 48.17 -22.10
N LYS A 545 14.53 47.36 -22.21
CA LYS A 545 13.19 47.94 -22.24
C LYS A 545 12.79 48.58 -20.94
N LYS A 546 13.13 47.94 -19.84
CA LYS A 546 12.70 48.45 -18.55
C LYS A 546 13.28 49.82 -18.18
N PRO A 547 14.61 50.02 -18.12
CA PRO A 547 15.19 51.31 -17.81
C PRO A 547 14.66 52.41 -18.72
N LEU A 548 14.43 52.08 -19.98
CA LEU A 548 13.93 53.05 -20.92
C LEU A 548 12.50 53.41 -20.62
N ALA A 549 11.69 52.41 -20.28
CA ALA A 549 10.28 52.67 -20.00
C ALA A 549 10.16 53.68 -18.87
N ASN A 550 11.01 53.52 -17.84
CA ASN A 550 10.98 54.43 -16.66
C ASN A 550 11.20 55.89 -17.10
N GLU A 551 12.28 56.14 -17.84
CA GLU A 551 12.63 57.52 -18.30
C GLU A 551 11.49 58.08 -19.17
N LEU A 552 11.05 57.33 -20.17
CA LEU A 552 10.00 57.79 -21.07
C LEU A 552 8.73 58.20 -20.36
N LEU A 553 8.34 57.42 -19.37
CA LEU A 553 7.13 57.73 -18.63
C LEU A 553 7.36 58.90 -17.71
N PHE A 554 8.55 59.00 -17.15
CA PHE A 554 8.80 60.10 -16.23
C PHE A 554 8.77 61.40 -17.00
N GLY A 555 9.27 61.36 -18.25
CA GLY A 555 9.27 62.54 -19.09
C GLY A 555 10.62 63.18 -19.25
N SER A 556 11.70 62.47 -18.88
CA SER A 556 13.01 63.05 -19.08
C SER A 556 13.32 62.88 -20.55
N LEU A 557 12.84 61.78 -21.10
CA LEU A 557 12.99 61.45 -22.50
C LEU A 557 11.62 61.56 -23.09
N VAL A 558 11.51 62.40 -24.08
CA VAL A 558 10.22 62.72 -24.66
C VAL A 558 10.25 62.58 -26.17
N ASP A 559 9.08 62.67 -26.76
CA ASP A 559 8.93 62.61 -28.21
C ASP A 559 9.87 63.65 -28.82
N GLY A 560 10.76 63.18 -29.70
CA GLY A 560 11.79 63.98 -30.33
C GLY A 560 13.18 63.63 -29.77
N GLY A 561 13.19 62.83 -28.71
CA GLY A 561 14.40 62.39 -28.04
C GLY A 561 15.16 61.28 -28.76
N GLN A 562 16.42 61.12 -28.36
CA GLN A 562 17.36 60.12 -28.87
C GLN A 562 18.24 59.54 -27.79
N VAL A 563 18.32 58.22 -27.73
CA VAL A 563 19.24 57.58 -26.82
C VAL A 563 20.12 56.57 -27.56
N THR A 564 21.38 56.53 -27.17
CA THR A 564 22.34 55.58 -27.70
C THR A 564 22.80 54.78 -26.52
N VAL A 565 22.80 53.48 -26.65
CA VAL A 565 23.13 52.61 -25.56
C VAL A 565 24.49 52.00 -25.69
N ALA A 566 25.36 52.36 -24.77
CA ALA A 566 26.73 51.86 -24.72
C ALA A 566 26.91 50.99 -23.52
N LEU A 567 27.92 50.13 -23.51
CA LEU A 567 28.17 49.47 -22.26
C LEU A 567 29.17 50.20 -21.44
N ASP A 568 28.99 50.13 -20.14
CA ASP A 568 30.02 50.62 -19.24
C ASP A 568 30.97 49.45 -19.05
N LYS A 569 32.19 49.59 -19.50
CA LYS A 569 33.12 48.48 -19.48
C LYS A 569 33.30 47.83 -18.11
N GLU A 570 33.16 48.60 -17.01
CA GLU A 570 33.39 47.99 -15.70
C GLU A 570 32.13 47.40 -15.05
N LYS A 571 30.98 47.56 -15.70
CA LYS A 571 29.71 47.07 -15.16
C LYS A 571 28.92 46.17 -16.10
N ASN A 572 29.09 46.41 -17.40
CA ASN A 572 28.36 45.83 -18.53
C ASN A 572 26.88 46.20 -18.51
N GLU A 573 26.57 47.31 -17.90
CA GLU A 573 25.23 47.83 -17.89
C GLU A 573 25.00 48.51 -19.21
N LEU A 574 23.74 48.66 -19.59
CA LEU A 574 23.38 49.43 -20.77
C LEU A 574 23.13 50.86 -20.33
N THR A 575 24.04 51.75 -20.74
CA THR A 575 24.01 53.13 -20.30
C THR A 575 23.78 54.11 -21.42
N TYR A 576 22.82 54.98 -21.16
CA TYR A 576 22.36 55.97 -22.11
C TYR A 576 21.65 57.10 -21.40
N GLY A 577 21.35 58.16 -22.13
CA GLY A 577 20.56 59.26 -21.62
C GLY A 577 20.32 60.26 -22.72
N PHE A 578 19.63 61.33 -22.37
CA PHE A 578 19.27 62.39 -23.31
C PHE A 578 19.11 63.70 -22.57
N MET B 1 -75.50 16.02 -25.87
CA MET B 1 -74.65 15.05 -26.53
C MET B 1 -74.86 15.21 -28.00
N GLU B 2 -75.87 16.02 -28.35
CA GLU B 2 -76.24 16.17 -29.73
C GLU B 2 -75.12 16.71 -30.62
N ASN B 3 -74.20 17.47 -30.06
CA ASN B 3 -73.08 17.97 -30.81
C ASN B 3 -71.75 17.62 -30.18
N PHE B 4 -71.76 16.61 -29.30
CA PHE B 4 -70.52 16.21 -28.64
C PHE B 4 -70.16 14.77 -28.89
N THR B 5 -71.16 13.92 -29.12
CA THR B 5 -70.88 12.52 -29.25
C THR B 5 -71.35 11.94 -30.56
N THR B 6 -70.83 10.78 -30.89
CA THR B 6 -71.23 10.04 -32.07
C THR B 6 -71.99 8.80 -31.72
N ASN B 7 -73.11 8.59 -32.36
CA ASN B 7 -73.86 7.39 -32.11
C ASN B 7 -73.19 6.27 -32.87
N LEU B 8 -72.61 5.32 -32.15
CA LEU B 8 -71.84 4.30 -32.84
C LEU B 8 -72.72 3.27 -33.46
N ASN B 9 -74.00 3.24 -33.10
CA ASN B 9 -74.84 2.25 -33.72
C ASN B 9 -75.14 2.77 -35.08
N GLN B 10 -75.22 4.09 -35.18
CA GLN B 10 -75.49 4.67 -36.47
C GLN B 10 -74.33 4.42 -37.39
N LEU B 11 -73.11 4.46 -36.87
CA LEU B 11 -72.02 4.13 -37.76
C LEU B 11 -72.05 2.68 -38.14
N ALA B 12 -72.36 1.79 -37.20
CA ALA B 12 -72.36 0.39 -37.56
C ALA B 12 -73.34 0.12 -38.69
N ARG B 13 -74.47 0.80 -38.64
CA ARG B 13 -75.53 0.65 -39.63
C ARG B 13 -75.18 1.09 -41.03
N VAL B 14 -74.15 1.90 -41.19
CA VAL B 14 -73.81 2.38 -42.51
C VAL B 14 -72.48 1.84 -42.94
N GLY B 15 -71.92 0.91 -42.18
CA GLY B 15 -70.63 0.36 -42.52
C GLY B 15 -69.49 1.31 -42.16
N GLY B 16 -69.69 2.15 -41.15
CA GLY B 16 -68.69 3.12 -40.78
C GLY B 16 -67.52 2.51 -40.00
N ILE B 17 -67.69 1.29 -39.51
CA ILE B 17 -66.65 0.63 -38.75
C ILE B 17 -66.34 -0.77 -39.27
N ASP B 18 -65.09 -1.19 -39.12
CA ASP B 18 -64.64 -2.52 -39.51
C ASP B 18 -65.22 -3.55 -38.53
N PRO B 19 -65.46 -4.81 -38.96
CA PRO B 19 -65.97 -5.90 -38.15
C PRO B 19 -64.94 -6.42 -37.17
N LEU B 20 -65.40 -6.97 -36.05
CA LEU B 20 -64.52 -7.61 -35.07
C LEU B 20 -64.51 -9.12 -35.20
N ILE B 21 -63.34 -9.71 -35.33
CA ILE B 21 -63.22 -11.14 -35.46
C ILE B 21 -62.64 -11.79 -34.21
N GLY B 22 -63.34 -12.73 -33.62
CA GLY B 22 -62.82 -13.36 -32.41
C GLY B 22 -62.95 -12.46 -31.19
N ARG B 23 -62.03 -12.59 -30.23
CA ARG B 23 -62.08 -11.85 -28.97
C ARG B 23 -63.34 -12.07 -28.18
N GLU B 24 -63.76 -13.31 -28.11
CA GLU B 24 -64.97 -13.67 -27.40
C GLU B 24 -64.90 -13.43 -25.91
N LYS B 25 -63.75 -13.79 -25.31
CA LYS B 25 -63.51 -13.65 -23.85
C LYS B 25 -63.40 -12.16 -23.49
N GLU B 26 -62.97 -11.33 -24.46
CA GLU B 26 -62.85 -9.88 -24.24
C GLU B 26 -64.24 -9.26 -24.31
N LEU B 27 -65.16 -9.90 -25.03
CA LEU B 27 -66.55 -9.38 -25.18
C LEU B 27 -67.45 -9.94 -24.07
N GLU B 28 -67.05 -11.06 -23.47
CA GLU B 28 -67.85 -11.70 -22.38
C GLU B 28 -67.47 -11.07 -21.04
N ARG B 29 -66.20 -10.71 -20.86
CA ARG B 29 -65.71 -10.10 -19.59
C ARG B 29 -66.28 -8.69 -19.45
N ALA B 30 -66.34 -7.92 -20.55
CA ALA B 30 -66.84 -6.57 -20.53
C ALA B 30 -68.33 -6.55 -20.26
N ILE B 31 -69.05 -7.52 -20.83
CA ILE B 31 -70.48 -7.54 -20.64
C ILE B 31 -70.79 -7.80 -19.19
N GLN B 32 -70.07 -8.71 -18.56
CA GLN B 32 -70.35 -8.95 -17.16
C GLN B 32 -70.08 -7.70 -16.33
N VAL B 33 -69.02 -6.97 -16.63
CA VAL B 33 -68.75 -5.78 -15.85
C VAL B 33 -69.88 -4.78 -15.94
N LEU B 34 -70.44 -4.60 -17.13
CA LEU B 34 -71.52 -3.66 -17.37
C LEU B 34 -72.82 -4.05 -16.65
N CYS B 35 -72.90 -5.26 -16.15
CA CYS B 35 -74.10 -5.77 -15.50
C CYS B 35 -74.09 -5.63 -13.99
N ARG B 36 -72.98 -5.18 -13.45
CA ARG B 36 -72.82 -5.02 -12.02
C ARG B 36 -73.72 -3.96 -11.41
N ARG B 37 -73.90 -4.02 -10.09
CA ARG B 37 -74.80 -3.11 -9.39
C ARG B 37 -74.22 -1.71 -9.29
N ARG B 38 -72.93 -1.64 -9.06
CA ARG B 38 -72.19 -0.40 -8.89
C ARG B 38 -70.87 -0.46 -9.61
N LYS B 39 -70.37 0.69 -10.06
CA LYS B 39 -69.06 0.76 -10.69
C LYS B 39 -68.96 -0.18 -11.88
N ASN B 40 -70.03 -0.27 -12.65
CA ASN B 40 -70.08 -1.13 -13.81
C ASN B 40 -69.54 -0.44 -15.04
N ASN B 41 -68.25 -0.16 -14.98
CA ASN B 41 -67.53 0.62 -15.96
C ASN B 41 -66.22 -0.05 -16.41
N PRO B 42 -66.18 -0.88 -17.46
CA PRO B 42 -64.99 -1.56 -17.86
C PRO B 42 -64.01 -0.58 -18.46
N LEU B 43 -62.74 -0.85 -18.28
CA LEU B 43 -61.62 -0.12 -18.84
C LEU B 43 -60.72 -1.05 -19.61
N LEU B 44 -60.45 -0.77 -20.88
CA LEU B 44 -59.61 -1.66 -21.64
C LEU B 44 -58.17 -1.16 -21.63
N VAL B 45 -57.24 -1.98 -21.17
CA VAL B 45 -55.86 -1.57 -21.07
C VAL B 45 -54.94 -2.50 -21.84
N GLY B 46 -54.02 -1.96 -22.59
CA GLY B 46 -53.11 -2.86 -23.31
C GLY B 46 -51.95 -2.18 -24.03
N GLU B 47 -51.18 -2.97 -24.78
CA GLU B 47 -50.04 -2.44 -25.52
C GLU B 47 -50.54 -1.82 -26.78
N SER B 48 -49.80 -0.90 -27.33
CA SER B 48 -50.24 -0.33 -28.57
C SER B 48 -50.35 -1.34 -29.69
N GLY B 49 -51.43 -1.24 -30.47
CA GLY B 49 -51.66 -2.15 -31.60
C GLY B 49 -52.12 -3.52 -31.14
N VAL B 50 -52.79 -3.58 -29.98
CA VAL B 50 -53.30 -4.87 -29.42
C VAL B 50 -54.70 -5.13 -29.97
N GLY B 51 -55.47 -4.06 -30.22
CA GLY B 51 -56.84 -4.19 -30.75
C GLY B 51 -57.88 -3.81 -29.71
N LYS B 52 -57.65 -2.71 -28.98
CA LYS B 52 -58.57 -2.25 -27.96
C LYS B 52 -59.82 -1.58 -28.50
N THR B 53 -59.76 -1.03 -29.68
CA THR B 53 -60.91 -0.34 -30.17
C THR B 53 -61.66 -1.27 -31.01
N ALA B 54 -60.97 -2.26 -31.54
CA ALA B 54 -61.68 -3.24 -32.28
C ALA B 54 -62.71 -3.81 -31.30
N ILE B 55 -62.34 -3.95 -30.01
CA ILE B 55 -63.30 -4.41 -29.03
C ILE B 55 -64.38 -3.36 -28.75
N ALA B 56 -64.00 -2.12 -28.50
CA ALA B 56 -65.03 -1.13 -28.16
C ALA B 56 -66.04 -0.88 -29.27
N GLU B 57 -65.58 -0.82 -30.50
CA GLU B 57 -66.49 -0.57 -31.59
C GLU B 57 -67.13 -1.85 -32.03
N GLY B 58 -66.42 -2.95 -31.88
CA GLY B 58 -66.93 -4.24 -32.24
C GLY B 58 -68.17 -4.50 -31.44
N LEU B 59 -68.23 -4.00 -30.20
CA LEU B 59 -69.44 -4.19 -29.44
C LEU B 59 -70.58 -3.40 -30.06
N ALA B 60 -70.35 -2.13 -30.44
CA ALA B 60 -71.47 -1.40 -31.06
C ALA B 60 -71.92 -2.11 -32.33
N TRP B 61 -70.97 -2.67 -33.07
CA TRP B 61 -71.26 -3.38 -34.29
C TRP B 61 -72.12 -4.59 -33.98
N ARG B 62 -71.75 -5.39 -32.99
CA ARG B 62 -72.52 -6.56 -32.68
C ARG B 62 -73.92 -6.22 -32.24
N ILE B 63 -74.10 -5.09 -31.55
CA ILE B 63 -75.47 -4.74 -31.13
C ILE B 63 -76.30 -4.51 -32.37
N VAL B 64 -75.76 -3.76 -33.32
CA VAL B 64 -76.46 -3.49 -34.56
C VAL B 64 -76.71 -4.73 -35.38
N GLN B 65 -75.76 -5.65 -35.37
CA GLN B 65 -75.92 -6.87 -36.13
C GLN B 65 -76.76 -7.89 -35.36
N GLY B 66 -77.16 -7.56 -34.13
CA GLY B 66 -77.96 -8.44 -33.29
C GLY B 66 -77.19 -9.54 -32.57
N ASP B 67 -75.87 -9.54 -32.66
CA ASP B 67 -75.09 -10.60 -32.04
C ASP B 67 -74.70 -10.28 -30.63
N VAL B 68 -75.72 -10.09 -29.77
CA VAL B 68 -75.51 -9.77 -28.33
C VAL B 68 -76.50 -10.60 -27.50
N PRO B 69 -76.59 -10.38 -26.17
CA PRO B 69 -77.53 -11.12 -25.32
C PRO B 69 -78.89 -10.42 -25.21
N GLU B 70 -79.63 -10.70 -24.14
CA GLU B 70 -80.96 -10.08 -23.91
C GLU B 70 -80.81 -8.91 -22.94
N VAL B 71 -79.58 -8.44 -22.73
CA VAL B 71 -79.31 -7.30 -21.81
C VAL B 71 -78.62 -6.18 -22.60
N MET B 72 -78.00 -6.51 -23.74
CA MET B 72 -77.32 -5.52 -24.54
C MET B 72 -78.13 -5.09 -25.73
N ALA B 73 -79.00 -5.97 -26.16
CA ALA B 73 -79.80 -5.71 -27.32
C ALA B 73 -80.55 -4.41 -27.15
N ASP B 74 -80.69 -3.67 -28.25
CA ASP B 74 -81.38 -2.39 -28.26
C ASP B 74 -80.83 -1.37 -27.26
N CYS B 75 -79.52 -1.24 -27.23
CA CYS B 75 -78.79 -0.28 -26.40
C CYS B 75 -77.88 0.58 -27.26
N THR B 76 -77.67 1.84 -26.88
CA THR B 76 -76.80 2.73 -27.67
C THR B 76 -75.49 3.07 -27.04
N ILE B 77 -74.42 2.95 -27.82
CA ILE B 77 -73.12 3.32 -27.33
C ILE B 77 -72.72 4.61 -28.03
N TYR B 78 -72.40 5.63 -27.25
CA TYR B 78 -72.02 6.89 -27.85
C TYR B 78 -70.54 7.16 -27.66
N SER B 79 -69.86 7.64 -28.66
CA SER B 79 -68.44 7.98 -28.57
C SER B 79 -68.23 9.45 -28.32
N LEU B 80 -67.53 9.79 -27.27
CA LEU B 80 -67.39 11.20 -26.89
C LEU B 80 -66.14 11.93 -27.29
N ASP B 81 -66.30 13.12 -27.88
CA ASP B 81 -65.15 13.97 -28.10
C ASP B 81 -64.90 14.86 -26.92
N ILE B 82 -63.65 15.10 -26.64
CA ILE B 82 -63.25 16.00 -25.59
C ILE B 82 -63.02 17.36 -26.20
N GLY B 83 -62.49 17.39 -27.41
CA GLY B 83 -62.17 18.63 -28.05
C GLY B 83 -63.41 19.49 -28.23
N SER B 84 -64.43 18.97 -28.93
CA SER B 84 -65.62 19.80 -29.11
C SER B 84 -66.34 20.06 -27.79
N LEU B 85 -66.16 19.20 -26.82
CA LEU B 85 -66.78 19.40 -25.52
C LEU B 85 -66.21 20.61 -24.85
N LEU B 86 -64.91 20.82 -24.96
CA LEU B 86 -64.31 21.97 -24.33
C LEU B 86 -64.22 23.18 -25.24
N ALA B 87 -64.23 22.96 -26.52
CA ALA B 87 -64.07 24.07 -27.42
C ALA B 87 -65.11 25.14 -27.17
N GLY B 88 -64.65 26.36 -27.08
CA GLY B 88 -65.55 27.48 -26.89
C GLY B 88 -65.97 27.76 -25.46
N THR B 89 -65.50 26.97 -24.49
CA THR B 89 -65.93 27.19 -23.10
C THR B 89 -65.20 28.34 -22.46
N LYS B 90 -65.48 29.51 -22.96
CA LYS B 90 -64.92 30.73 -22.44
C LYS B 90 -65.94 31.15 -21.40
N TYR B 91 -65.52 31.88 -20.39
CA TYR B 91 -66.37 32.39 -19.31
C TYR B 91 -66.59 31.32 -18.30
N ARG B 92 -66.10 31.53 -17.10
CA ARG B 92 -66.26 30.50 -16.10
C ARG B 92 -67.73 30.18 -15.96
N GLY B 93 -68.03 28.92 -15.76
CA GLY B 93 -69.36 28.38 -15.64
C GLY B 93 -69.79 27.72 -16.95
N ASP B 94 -69.15 28.03 -18.08
CA ASP B 94 -69.62 27.36 -19.29
C ASP B 94 -69.26 25.89 -19.37
N PHE B 95 -68.04 25.55 -18.94
CA PHE B 95 -67.55 24.15 -18.97
C PHE B 95 -68.43 23.25 -18.09
N GLU B 96 -68.65 23.66 -16.84
CA GLU B 96 -69.46 22.88 -15.87
C GLU B 96 -70.90 22.73 -16.40
N LYS B 97 -71.48 23.83 -16.89
CA LYS B 97 -72.88 23.82 -17.40
C LYS B 97 -73.01 22.83 -18.58
N ARG B 98 -72.06 22.89 -19.52
CA ARG B 98 -72.09 22.02 -20.68
C ARG B 98 -71.90 20.58 -20.31
N PHE B 99 -70.96 20.33 -19.40
CA PHE B 99 -70.65 18.99 -18.99
C PHE B 99 -71.79 18.41 -18.20
N LYS B 100 -72.37 19.19 -17.28
CA LYS B 100 -73.46 18.65 -16.51
C LYS B 100 -74.64 18.34 -17.42
N ALA B 101 -74.88 19.17 -18.44
CA ALA B 101 -75.97 18.88 -19.35
C ALA B 101 -75.74 17.54 -20.03
N LEU B 102 -74.53 17.30 -20.50
CA LEU B 102 -74.23 16.00 -21.08
C LEU B 102 -74.52 14.88 -20.12
N LEU B 103 -74.05 15.02 -18.88
CA LEU B 103 -74.25 13.93 -17.96
C LEU B 103 -75.72 13.71 -17.67
N LYS B 104 -76.50 14.78 -17.59
CA LYS B 104 -77.90 14.59 -17.28
C LYS B 104 -78.59 13.90 -18.42
N GLN B 105 -78.24 14.24 -19.65
CA GLN B 105 -78.92 13.58 -20.74
C GLN B 105 -78.63 12.09 -20.73
N LEU B 106 -77.41 11.71 -20.38
CA LEU B 106 -77.10 10.30 -20.32
C LEU B 106 -77.84 9.63 -19.15
N GLU B 107 -77.90 10.30 -18.00
CA GLU B 107 -78.54 9.75 -16.82
C GLU B 107 -80.00 9.43 -17.07
N GLN B 108 -80.65 10.32 -17.81
CA GLN B 108 -82.06 10.17 -18.09
C GLN B 108 -82.37 9.26 -19.27
N ASP B 109 -81.33 8.77 -19.94
CA ASP B 109 -81.56 7.89 -21.06
C ASP B 109 -81.77 6.52 -20.48
N THR B 110 -80.85 6.16 -19.59
CA THR B 110 -80.81 4.88 -18.86
C THR B 110 -80.47 3.67 -19.73
N ASN B 111 -80.38 3.84 -21.05
CA ASN B 111 -80.15 2.73 -21.93
C ASN B 111 -79.00 3.00 -22.87
N SER B 112 -77.98 3.66 -22.33
CA SER B 112 -76.85 3.97 -23.14
C SER B 112 -75.56 3.91 -22.37
N ILE B 113 -74.50 3.72 -23.12
CA ILE B 113 -73.15 3.63 -22.63
C ILE B 113 -72.29 4.67 -23.29
N LEU B 114 -71.50 5.37 -22.50
CA LEU B 114 -70.64 6.37 -23.11
C LEU B 114 -69.25 5.78 -23.30
N PHE B 115 -68.63 6.03 -24.43
CA PHE B 115 -67.28 5.56 -24.68
C PHE B 115 -66.28 6.66 -24.80
N ILE B 116 -65.28 6.61 -23.96
CA ILE B 116 -64.26 7.62 -23.98
C ILE B 116 -63.02 6.94 -24.49
N ASP B 117 -62.48 7.37 -25.61
CA ASP B 117 -61.38 6.67 -26.18
C ASP B 117 -60.06 7.00 -25.50
N GLU B 118 -59.70 8.25 -25.41
CA GLU B 118 -58.44 8.55 -24.75
C GLU B 118 -58.75 8.84 -23.29
N ILE B 119 -59.07 7.75 -22.57
CA ILE B 119 -59.49 7.79 -21.14
C ILE B 119 -58.39 8.36 -20.25
N HIS B 120 -57.19 8.60 -20.80
CA HIS B 120 -56.08 9.16 -19.99
C HIS B 120 -55.98 10.67 -20.20
N THR B 121 -57.12 11.36 -20.31
CA THR B 121 -57.13 12.83 -20.52
C THR B 121 -58.28 13.50 -19.76
N ILE B 122 -59.25 12.73 -19.25
CA ILE B 122 -60.37 13.37 -18.55
C ILE B 122 -60.00 13.62 -17.11
N ILE B 123 -58.83 14.17 -16.91
CA ILE B 123 -58.28 14.45 -15.61
C ILE B 123 -57.95 15.93 -15.49
N GLY B 124 -58.67 16.73 -16.24
CA GLY B 124 -58.52 18.16 -16.24
C GLY B 124 -59.36 18.76 -17.37
N ALA B 125 -60.04 19.85 -17.05
CA ALA B 125 -60.90 20.58 -17.94
C ALA B 125 -61.43 21.75 -17.16
N GLY B 126 -60.84 21.94 -15.99
CA GLY B 126 -61.33 22.90 -15.04
C GLY B 126 -60.69 24.25 -15.25
N ALA B 127 -60.91 25.15 -14.31
CA ALA B 127 -60.38 26.50 -14.43
C ALA B 127 -58.89 26.45 -14.42
N ALA B 128 -58.28 27.34 -15.18
CA ALA B 128 -56.81 27.41 -15.20
C ALA B 128 -56.29 27.71 -13.81
N SER B 129 -57.05 28.47 -13.04
CA SER B 129 -56.68 28.86 -11.70
C SER B 129 -56.88 27.72 -10.70
N GLY B 130 -57.63 26.70 -11.09
CA GLY B 130 -57.96 25.61 -10.22
C GLY B 130 -59.06 26.05 -9.25
N GLY B 131 -59.35 25.21 -8.24
CA GLY B 131 -58.80 23.88 -8.13
C GLY B 131 -59.75 22.87 -8.73
N GLN B 132 -59.22 21.81 -9.25
CA GLN B 132 -60.06 20.72 -9.70
C GLN B 132 -61.25 21.14 -10.58
N VAL B 133 -62.46 20.91 -10.09
CA VAL B 133 -63.72 21.14 -10.78
C VAL B 133 -63.64 20.84 -12.27
N ASP B 134 -63.07 19.70 -12.60
CA ASP B 134 -62.88 19.22 -13.95
C ASP B 134 -63.76 18.04 -14.26
N ALA B 135 -63.55 17.45 -15.42
CA ALA B 135 -64.33 16.33 -15.89
C ALA B 135 -64.28 15.11 -14.98
N ALA B 136 -63.21 14.95 -14.18
CA ALA B 136 -63.17 13.77 -13.34
C ALA B 136 -63.95 14.07 -12.08
N ASN B 137 -63.75 15.24 -11.56
CA ASN B 137 -64.41 15.58 -10.33
C ASN B 137 -65.89 15.73 -10.50
N LEU B 138 -66.33 16.07 -11.69
CA LEU B 138 -67.74 16.20 -11.94
C LEU B 138 -68.39 14.90 -12.36
N ILE B 139 -67.65 13.81 -12.50
CA ILE B 139 -68.24 12.56 -12.95
C ILE B 139 -68.24 11.52 -11.86
N LYS B 140 -67.21 11.52 -11.01
CA LYS B 140 -67.05 10.50 -9.98
C LYS B 140 -68.35 10.05 -9.29
N PRO B 141 -69.23 10.92 -8.76
CA PRO B 141 -70.43 10.50 -8.07
C PRO B 141 -71.43 9.69 -8.91
N LEU B 142 -71.42 9.82 -10.24
CA LEU B 142 -72.39 9.07 -11.01
C LEU B 142 -71.85 7.73 -11.36
N LEU B 143 -70.53 7.64 -11.41
CA LEU B 143 -69.95 6.35 -11.69
C LEU B 143 -70.15 5.52 -10.44
N SER B 144 -69.94 6.16 -9.30
CA SER B 144 -70.05 5.53 -8.00
C SER B 144 -71.41 5.02 -7.72
N SER B 145 -72.42 5.80 -8.09
CA SER B 145 -73.81 5.52 -7.81
C SER B 145 -74.43 4.53 -8.76
N GLY B 146 -73.73 4.17 -9.82
CA GLY B 146 -74.30 3.27 -10.81
C GLY B 146 -75.34 3.97 -11.68
N LYS B 147 -75.23 5.29 -11.85
CA LYS B 147 -76.22 6.00 -12.62
C LYS B 147 -75.89 6.08 -14.08
N ILE B 148 -74.62 6.07 -14.41
CA ILE B 148 -74.21 6.12 -15.80
C ILE B 148 -73.27 4.96 -16.05
N ARG B 149 -73.06 4.60 -17.30
CA ARG B 149 -72.10 3.55 -17.58
C ARG B 149 -71.13 4.03 -18.60
N VAL B 150 -69.85 3.84 -18.36
CA VAL B 150 -68.91 4.29 -19.34
C VAL B 150 -67.95 3.18 -19.67
N ILE B 151 -67.33 3.26 -20.83
CA ILE B 151 -66.27 2.35 -21.22
C ILE B 151 -65.04 3.17 -21.46
N GLY B 152 -63.92 2.81 -20.83
CA GLY B 152 -62.70 3.57 -21.07
C GLY B 152 -61.69 2.76 -21.86
N SER B 153 -60.61 3.40 -22.26
CA SER B 153 -59.53 2.75 -22.97
C SER B 153 -58.21 3.48 -22.80
N THR B 154 -57.13 2.74 -22.57
CA THR B 154 -55.84 3.39 -22.37
C THR B 154 -54.65 2.44 -22.58
N THR B 155 -53.46 3.00 -22.81
CA THR B 155 -52.25 2.15 -23.02
C THR B 155 -51.64 1.81 -21.65
N TYR B 156 -50.64 0.92 -21.65
CA TYR B 156 -49.96 0.49 -20.40
C TYR B 156 -49.01 1.60 -19.93
N GLN B 157 -48.59 2.47 -20.86
CA GLN B 157 -47.66 3.59 -20.53
C GLN B 157 -48.48 4.85 -20.23
N GLU B 158 -49.80 4.73 -20.23
CA GLU B 158 -50.68 5.90 -19.96
C GLU B 158 -51.56 5.62 -18.73
N PHE B 159 -51.77 4.33 -18.42
CA PHE B 159 -52.60 3.94 -17.25
C PHE B 159 -51.70 3.66 -16.05
N SER B 160 -50.39 3.57 -16.28
CA SER B 160 -49.41 3.31 -15.19
C SER B 160 -48.79 4.63 -14.72
N ASN B 161 -48.86 5.67 -15.55
CA ASN B 161 -48.30 6.96 -15.20
C ASN B 161 -49.30 8.07 -15.00
N ILE B 162 -50.48 7.97 -15.61
CA ILE B 162 -51.48 9.07 -15.49
C ILE B 162 -52.85 8.54 -15.04
N PHE B 163 -53.01 7.21 -14.92
CA PHE B 163 -54.33 6.66 -14.51
C PHE B 163 -54.21 5.90 -13.19
N GLU B 164 -53.03 5.38 -12.86
CA GLU B 164 -52.85 4.62 -11.60
C GLU B 164 -52.49 5.57 -10.46
N LYS B 165 -52.81 6.86 -10.57
CA LYS B 165 -52.46 7.75 -9.49
C LYS B 165 -53.66 8.42 -8.82
N ASP B 166 -54.78 8.56 -9.51
CA ASP B 166 -55.95 9.14 -8.88
C ASP B 166 -56.70 7.97 -8.31
N ARG B 167 -56.54 7.74 -7.04
CA ARG B 167 -57.03 6.51 -6.48
C ARG B 167 -58.54 6.43 -6.49
N ALA B 168 -59.22 7.52 -6.23
CA ALA B 168 -60.67 7.45 -6.20
C ALA B 168 -61.20 7.25 -7.59
N LEU B 169 -60.52 7.80 -8.59
CA LEU B 169 -61.08 7.62 -9.91
C LEU B 169 -60.83 6.22 -10.38
N ALA B 170 -59.63 5.72 -10.15
CA ALA B 170 -59.24 4.41 -10.62
C ALA B 170 -60.09 3.33 -10.00
N ARG B 171 -60.51 3.54 -8.76
CA ARG B 171 -61.31 2.59 -8.03
C ARG B 171 -62.65 2.33 -8.68
N ARG B 172 -63.12 3.23 -9.53
CA ARG B 172 -64.43 3.11 -10.14
C ARG B 172 -64.44 2.42 -11.48
N PHE B 173 -63.28 1.97 -11.95
CA PHE B 173 -63.22 1.27 -13.22
C PHE B 173 -62.73 -0.14 -13.07
N GLN B 174 -63.22 -1.02 -13.92
CA GLN B 174 -62.76 -2.39 -13.86
C GLN B 174 -61.78 -2.64 -14.97
N LYS B 175 -60.55 -3.00 -14.63
CA LYS B 175 -59.53 -3.18 -15.63
C LYS B 175 -59.54 -4.53 -16.33
N ILE B 176 -59.58 -4.50 -17.66
CA ILE B 176 -59.56 -5.67 -18.50
C ILE B 176 -58.32 -5.65 -19.39
N ASP B 177 -57.50 -6.68 -19.35
CA ASP B 177 -56.32 -6.69 -20.22
C ASP B 177 -56.65 -7.13 -21.60
N ILE B 178 -56.18 -6.41 -22.57
CA ILE B 178 -56.32 -6.84 -23.94
C ILE B 178 -54.95 -7.25 -24.37
N THR B 179 -54.76 -8.50 -24.72
CA THR B 179 -53.43 -8.97 -25.10
C THR B 179 -53.28 -9.16 -26.58
N GLU B 180 -52.04 -9.33 -27.02
CA GLU B 180 -51.70 -9.54 -28.41
C GLU B 180 -52.17 -10.92 -28.88
N PRO B 181 -52.81 -11.05 -30.07
CA PRO B 181 -53.26 -12.29 -30.67
C PRO B 181 -52.08 -13.04 -31.20
N SER B 182 -52.24 -14.33 -31.43
CA SER B 182 -51.16 -15.11 -32.03
C SER B 182 -51.26 -15.17 -33.53
N ILE B 183 -50.45 -16.02 -34.15
CA ILE B 183 -50.41 -16.08 -35.59
C ILE B 183 -51.67 -16.60 -36.22
N GLU B 184 -52.22 -17.68 -35.71
CA GLU B 184 -53.42 -18.22 -36.31
C GLU B 184 -54.55 -17.24 -36.16
N GLU B 185 -54.62 -16.62 -35.00
CA GLU B 185 -55.66 -15.68 -34.73
C GLU B 185 -55.53 -14.50 -35.65
N THR B 186 -54.30 -14.05 -35.89
CA THR B 186 -54.08 -12.95 -36.77
C THR B 186 -54.51 -13.30 -38.17
N VAL B 187 -54.16 -14.48 -38.65
CA VAL B 187 -54.54 -14.84 -40.00
C VAL B 187 -56.04 -14.78 -40.12
N GLN B 188 -56.75 -15.27 -39.12
CA GLN B 188 -58.18 -15.21 -39.20
C GLN B 188 -58.72 -13.80 -39.22
N ILE B 189 -58.14 -12.85 -38.47
CA ILE B 189 -58.78 -11.55 -38.57
C ILE B 189 -58.44 -10.96 -39.92
N ILE B 190 -57.26 -11.30 -40.48
CA ILE B 190 -56.96 -10.73 -41.78
C ILE B 190 -58.00 -11.24 -42.73
N ASN B 191 -58.34 -12.51 -42.69
CA ASN B 191 -59.33 -12.98 -43.63
C ASN B 191 -60.65 -12.23 -43.46
N GLY B 192 -60.99 -11.90 -42.23
CA GLY B 192 -62.21 -11.15 -41.93
C GLY B 192 -62.17 -9.69 -42.39
N LEU B 193 -60.99 -9.07 -42.35
CA LEU B 193 -60.85 -7.67 -42.73
C LEU B 193 -60.56 -7.50 -44.20
N LYS B 194 -59.91 -8.50 -44.76
CA LYS B 194 -59.46 -8.54 -46.13
C LYS B 194 -60.41 -7.98 -47.16
N PRO B 195 -61.71 -8.30 -47.21
CA PRO B 195 -62.60 -7.82 -48.22
C PRO B 195 -62.58 -6.30 -48.37
N LYS B 196 -62.28 -5.55 -47.30
CA LYS B 196 -62.28 -4.11 -47.44
C LYS B 196 -61.00 -3.60 -48.05
N TYR B 197 -59.90 -4.34 -47.89
CA TYR B 197 -58.64 -3.93 -48.47
C TYR B 197 -58.72 -4.30 -49.91
N GLU B 198 -59.36 -5.43 -50.18
CA GLU B 198 -59.47 -5.85 -51.55
C GLU B 198 -60.29 -4.86 -52.32
N ALA B 199 -61.39 -4.40 -51.71
CA ALA B 199 -62.20 -3.43 -52.40
C ALA B 199 -61.47 -2.11 -52.56
N HIS B 200 -60.80 -1.63 -51.52
CA HIS B 200 -60.18 -0.33 -51.60
C HIS B 200 -59.15 -0.24 -52.70
N HIS B 201 -58.31 -1.27 -52.78
CA HIS B 201 -57.21 -1.28 -53.71
C HIS B 201 -57.50 -1.99 -55.01
N ASP B 202 -58.72 -2.43 -55.23
CA ASP B 202 -59.03 -3.19 -56.43
C ASP B 202 -58.11 -4.41 -56.64
N VAL B 203 -57.84 -5.16 -55.58
CA VAL B 203 -57.00 -6.35 -55.67
C VAL B 203 -57.64 -7.49 -54.94
N ARG B 204 -57.14 -8.68 -55.16
CA ARG B 204 -57.55 -9.78 -54.31
C ARG B 204 -56.27 -10.36 -53.76
N TYR B 205 -56.33 -10.96 -52.59
CA TYR B 205 -55.11 -11.54 -52.02
C TYR B 205 -55.10 -13.07 -52.08
N THR B 206 -53.93 -13.61 -52.37
CA THR B 206 -53.70 -15.04 -52.38
C THR B 206 -53.74 -15.53 -50.94
N ALA B 207 -54.38 -16.65 -50.66
CA ALA B 207 -54.42 -17.12 -49.27
C ALA B 207 -53.03 -17.31 -48.69
N LYS B 208 -52.09 -17.76 -49.51
CA LYS B 208 -50.73 -17.93 -49.08
C LYS B 208 -50.12 -16.58 -48.75
N ALA B 209 -50.49 -15.54 -49.49
CA ALA B 209 -49.96 -14.21 -49.26
C ALA B 209 -50.36 -13.74 -47.89
N VAL B 210 -51.56 -14.11 -47.46
CA VAL B 210 -51.99 -13.68 -46.15
C VAL B 210 -51.18 -14.37 -45.09
N ARG B 211 -50.99 -15.68 -45.22
CA ARG B 211 -50.19 -16.32 -44.21
C ARG B 211 -48.76 -15.80 -44.22
N ALA B 212 -48.20 -15.57 -45.40
CA ALA B 212 -46.85 -15.08 -45.45
C ALA B 212 -46.76 -13.74 -44.78
N ALA B 213 -47.75 -12.87 -44.97
CA ALA B 213 -47.64 -11.57 -44.35
C ALA B 213 -47.57 -11.69 -42.86
N VAL B 214 -48.37 -12.57 -42.29
CA VAL B 214 -48.36 -12.66 -40.85
C VAL B 214 -47.07 -13.25 -40.34
N GLU B 215 -46.61 -14.34 -40.93
CA GLU B 215 -45.41 -14.98 -40.43
C GLU B 215 -44.14 -14.18 -40.69
N LEU B 216 -44.03 -13.53 -41.84
CA LEU B 216 -42.85 -12.74 -42.12
C LEU B 216 -42.82 -11.53 -41.21
N ALA B 217 -43.96 -10.91 -40.95
CA ALA B 217 -43.92 -9.77 -40.07
C ALA B 217 -43.45 -10.19 -38.69
N VAL B 218 -43.86 -11.36 -38.23
CA VAL B 218 -43.39 -11.78 -36.92
C VAL B 218 -41.89 -11.96 -36.91
N LYS B 219 -41.36 -12.59 -37.94
CA LYS B 219 -39.93 -12.80 -38.03
C LYS B 219 -39.08 -11.55 -38.20
N TYR B 220 -39.54 -10.60 -39.02
CA TYR B 220 -38.72 -9.44 -39.33
C TYR B 220 -39.04 -8.06 -38.78
N ILE B 221 -40.24 -7.78 -38.33
CA ILE B 221 -40.53 -6.43 -37.87
C ILE B 221 -40.57 -6.42 -36.35
N ASN B 222 -39.66 -5.66 -35.72
CA ASN B 222 -39.50 -5.71 -34.26
C ASN B 222 -40.16 -4.70 -33.32
N ASP B 223 -40.86 -3.68 -33.79
CA ASP B 223 -41.37 -2.67 -32.87
C ASP B 223 -42.88 -2.53 -32.78
N ARG B 224 -43.59 -3.52 -33.22
CA ARG B 224 -45.03 -3.46 -33.26
C ARG B 224 -45.66 -4.74 -32.80
N HIS B 225 -46.93 -4.69 -32.51
CA HIS B 225 -47.63 -5.87 -32.06
C HIS B 225 -48.57 -6.39 -33.12
N LEU B 226 -48.83 -7.69 -33.08
CA LEU B 226 -49.74 -8.35 -34.06
C LEU B 226 -51.18 -8.20 -33.59
N PRO B 227 -52.20 -8.23 -34.49
CA PRO B 227 -51.95 -8.37 -35.93
C PRO B 227 -51.86 -7.00 -36.64
N ASP B 228 -51.49 -5.95 -35.91
CA ASP B 228 -51.36 -4.59 -36.48
C ASP B 228 -50.14 -4.53 -37.40
N LYS B 229 -49.11 -5.34 -37.10
CA LYS B 229 -47.87 -5.38 -37.92
C LYS B 229 -48.14 -6.14 -39.21
N ALA B 230 -49.13 -7.06 -39.19
CA ALA B 230 -49.49 -7.86 -40.38
C ALA B 230 -50.41 -7.04 -41.30
N ILE B 231 -51.36 -6.31 -40.71
CA ILE B 231 -52.29 -5.51 -41.48
C ILE B 231 -51.56 -4.50 -42.30
N ASP B 232 -50.55 -3.85 -41.76
CA ASP B 232 -49.83 -2.90 -42.57
C ASP B 232 -49.22 -3.60 -43.76
N VAL B 233 -48.70 -4.81 -43.59
CA VAL B 233 -48.12 -5.45 -44.77
C VAL B 233 -49.18 -5.67 -45.84
N ILE B 234 -50.37 -6.10 -45.44
CA ILE B 234 -51.44 -6.31 -46.41
C ILE B 234 -51.86 -5.01 -47.10
N ASP B 235 -52.04 -3.94 -46.30
CA ASP B 235 -52.45 -2.61 -46.84
C ASP B 235 -51.29 -2.03 -47.67
N GLU B 236 -50.06 -2.21 -47.18
CA GLU B 236 -48.86 -1.70 -47.90
C GLU B 236 -48.74 -2.39 -49.26
N ALA B 237 -48.84 -3.72 -49.27
CA ALA B 237 -48.76 -4.51 -50.52
C ALA B 237 -49.87 -4.07 -51.48
N GLY B 238 -51.06 -3.79 -50.93
CA GLY B 238 -52.19 -3.37 -51.72
C GLY B 238 -51.85 -2.05 -52.37
N ALA B 239 -51.41 -1.06 -51.57
CA ALA B 239 -51.13 0.26 -52.10
C ALA B 239 -50.05 0.22 -53.16
N ARG B 240 -49.04 -0.61 -52.99
CA ARG B 240 -48.03 -0.66 -54.02
C ARG B 240 -48.59 -1.29 -55.28
N ALA B 241 -49.34 -2.39 -55.14
CA ALA B 241 -49.92 -3.07 -56.30
C ALA B 241 -50.88 -2.15 -57.03
N ARG B 242 -51.57 -1.31 -56.30
CA ARG B 242 -52.53 -0.36 -56.83
C ARG B 242 -51.89 0.64 -57.79
N LEU B 243 -50.58 0.84 -57.69
CA LEU B 243 -49.89 1.77 -58.54
C LEU B 243 -49.19 1.08 -59.70
N MET B 244 -49.37 -0.23 -59.81
CA MET B 244 -48.89 -0.94 -60.98
C MET B 244 -49.78 -0.79 -62.23
N PRO B 245 -51.13 -0.87 -62.18
CA PRO B 245 -51.99 -0.72 -63.32
C PRO B 245 -52.18 0.75 -63.68
N VAL B 246 -51.04 1.38 -63.96
CA VAL B 246 -50.93 2.75 -64.39
C VAL B 246 -50.27 2.61 -65.75
N SER B 247 -49.63 1.43 -65.88
CA SER B 247 -48.95 0.96 -67.08
C SER B 247 -49.64 -0.35 -67.46
N LYS B 248 -50.80 -0.50 -66.85
CA LYS B 248 -51.75 -1.60 -66.90
C LYS B 248 -51.19 -2.95 -66.47
N ARG B 249 -50.35 -2.94 -65.45
CA ARG B 249 -49.86 -4.15 -64.88
C ARG B 249 -50.86 -4.60 -63.83
N LYS B 250 -52.01 -5.07 -64.28
CA LYS B 250 -53.02 -5.50 -63.32
C LYS B 250 -52.50 -6.72 -62.61
N LYS B 251 -52.54 -6.70 -61.28
CA LYS B 251 -52.05 -7.80 -60.49
C LYS B 251 -52.94 -8.11 -59.30
N THR B 252 -52.85 -9.34 -58.83
CA THR B 252 -53.44 -9.78 -57.58
C THR B 252 -52.25 -9.80 -56.64
N VAL B 253 -52.45 -9.98 -55.36
CA VAL B 253 -51.28 -10.00 -54.49
C VAL B 253 -50.83 -11.42 -54.17
N ASN B 254 -49.58 -11.72 -54.49
CA ASN B 254 -49.03 -13.05 -54.22
C ASN B 254 -48.00 -13.03 -53.09
N VAL B 255 -47.41 -14.18 -52.80
CA VAL B 255 -46.43 -14.26 -51.74
C VAL B 255 -45.21 -13.40 -52.02
N ALA B 256 -44.76 -13.40 -53.27
CA ALA B 256 -43.61 -12.60 -53.66
C ALA B 256 -43.84 -11.10 -53.42
N ASP B 257 -45.09 -10.64 -53.53
CA ASP B 257 -45.33 -9.22 -53.31
C ASP B 257 -45.30 -8.92 -51.85
N ILE B 258 -45.90 -9.80 -51.05
CA ILE B 258 -45.94 -9.63 -49.57
C ILE B 258 -44.51 -9.68 -49.02
N GLU B 259 -43.66 -10.54 -49.59
CA GLU B 259 -42.25 -10.67 -49.14
C GLU B 259 -41.49 -9.37 -49.44
N SER B 260 -41.62 -8.87 -50.67
CA SER B 260 -40.93 -7.61 -51.08
C SER B 260 -41.25 -6.50 -50.07
N VAL B 261 -42.52 -6.36 -49.69
CA VAL B 261 -42.94 -5.35 -48.75
C VAL B 261 -42.33 -5.55 -47.38
N VAL B 262 -42.27 -6.77 -46.88
CA VAL B 262 -41.64 -6.95 -45.58
C VAL B 262 -40.16 -6.71 -45.73
N ALA B 263 -39.58 -7.20 -46.80
CA ALA B 263 -38.17 -7.11 -47.06
C ALA B 263 -37.67 -5.69 -47.09
N ARG B 264 -38.46 -4.74 -47.54
CA ARG B 264 -37.94 -3.38 -47.59
C ARG B 264 -37.64 -2.84 -46.19
N ILE B 265 -38.18 -3.49 -45.15
CA ILE B 265 -37.96 -3.12 -43.76
C ILE B 265 -36.80 -3.97 -43.22
N ALA B 266 -36.80 -5.27 -43.54
CA ALA B 266 -35.75 -6.25 -43.14
C ALA B 266 -34.38 -5.92 -43.77
N ARG B 267 -34.44 -5.34 -44.96
CA ARG B 267 -33.37 -4.90 -45.85
C ARG B 267 -32.64 -6.01 -46.62
N ILE B 268 -33.05 -7.25 -46.46
CA ILE B 268 -32.48 -8.33 -47.24
C ILE B 268 -33.58 -9.24 -47.76
N PRO B 269 -34.14 -9.04 -48.95
CA PRO B 269 -35.23 -9.85 -49.45
C PRO B 269 -34.80 -11.28 -49.62
N GLU B 270 -35.72 -12.20 -49.36
CA GLU B 270 -35.48 -13.62 -49.56
C GLU B 270 -35.71 -13.90 -51.02
N LYS B 271 -36.62 -13.14 -51.61
CA LYS B 271 -36.97 -13.25 -53.02
C LYS B 271 -35.76 -13.02 -53.88
N SER B 272 -34.92 -12.08 -53.45
CA SER B 272 -33.77 -11.61 -54.19
C SER B 272 -32.77 -12.68 -54.46
N VAL B 273 -32.82 -13.78 -53.74
CA VAL B 273 -31.86 -14.82 -54.00
C VAL B 273 -32.02 -15.32 -55.43
N SER B 274 -33.23 -15.17 -56.03
CA SER B 274 -33.51 -15.61 -57.37
C SER B 274 -33.31 -14.54 -58.44
N GLN B 275 -32.93 -13.36 -58.01
CA GLN B 275 -32.73 -12.24 -58.91
C GLN B 275 -31.27 -12.24 -59.27
N SER B 276 -30.84 -11.30 -60.10
CA SER B 276 -29.45 -11.22 -60.49
C SER B 276 -28.62 -10.61 -59.37
N ASP B 277 -28.59 -11.35 -58.26
CA ASP B 277 -27.90 -11.09 -57.05
C ASP B 277 -27.06 -12.33 -56.93
N ARG B 278 -27.51 -13.38 -57.63
CA ARG B 278 -26.79 -14.66 -57.57
C ARG B 278 -25.38 -14.45 -58.10
N ASP B 279 -25.22 -13.55 -59.05
CA ASP B 279 -23.93 -13.30 -59.65
C ASP B 279 -23.13 -12.40 -58.75
N THR B 280 -23.82 -11.55 -58.00
CA THR B 280 -23.14 -10.66 -57.10
C THR B 280 -22.43 -11.52 -56.09
N LEU B 281 -23.13 -12.52 -55.57
CA LEU B 281 -22.52 -13.42 -54.61
C LEU B 281 -21.50 -14.33 -55.24
N LYS B 282 -21.80 -14.86 -56.42
CA LYS B 282 -20.90 -15.80 -57.05
C LYS B 282 -19.51 -15.24 -57.24
N ASN B 283 -19.43 -13.98 -57.61
CA ASN B 283 -18.16 -13.34 -57.89
C ASN B 283 -17.56 -12.58 -56.70
N LEU B 284 -18.17 -12.67 -55.53
CA LEU B 284 -17.69 -11.91 -54.39
C LEU B 284 -16.31 -12.31 -54.00
N GLY B 285 -16.02 -13.60 -54.01
CA GLY B 285 -14.71 -14.05 -53.59
C GLY B 285 -13.61 -13.48 -54.47
N ASP B 286 -13.89 -13.27 -55.75
CA ASP B 286 -12.85 -12.78 -56.61
C ASP B 286 -12.74 -11.29 -56.54
N ARG B 287 -13.84 -10.60 -56.33
CA ARG B 287 -13.69 -9.17 -56.25
C ARG B 287 -12.76 -8.86 -55.09
N LEU B 288 -12.86 -9.63 -54.02
CA LEU B 288 -11.99 -9.42 -52.89
C LEU B 288 -10.57 -9.94 -53.12
N LYS B 289 -10.39 -11.07 -53.80
CA LYS B 289 -9.02 -11.55 -54.02
C LYS B 289 -8.21 -10.59 -54.86
N MET B 290 -8.86 -9.85 -55.73
CA MET B 290 -8.17 -8.87 -56.53
C MET B 290 -7.64 -7.68 -55.71
N LEU B 291 -8.19 -7.45 -54.52
CA LEU B 291 -7.79 -6.33 -53.69
C LEU B 291 -6.88 -6.74 -52.55
N VAL B 292 -7.08 -7.94 -52.01
CA VAL B 292 -6.25 -8.40 -50.91
C VAL B 292 -5.48 -9.60 -51.34
N PHE B 293 -4.18 -9.50 -51.30
CA PHE B 293 -3.39 -10.57 -51.85
C PHE B 293 -3.01 -11.57 -50.82
N GLY B 294 -3.16 -12.82 -51.15
CA GLY B 294 -2.86 -13.88 -50.22
C GLY B 294 -4.04 -13.94 -49.28
N GLN B 295 -3.91 -14.63 -48.18
CA GLN B 295 -5.00 -14.76 -47.23
C GLN B 295 -6.32 -15.22 -47.81
N ASP B 296 -6.28 -16.23 -48.66
CA ASP B 296 -7.49 -16.74 -49.26
C ASP B 296 -8.45 -17.22 -48.22
N LYS B 297 -7.95 -17.78 -47.14
CA LYS B 297 -8.83 -18.30 -46.12
C LYS B 297 -9.72 -17.25 -45.51
N ALA B 298 -9.22 -16.02 -45.32
CA ALA B 298 -10.08 -15.03 -44.71
C ALA B 298 -11.19 -14.72 -45.65
N ILE B 299 -10.85 -14.66 -46.91
CA ILE B 299 -11.84 -14.31 -47.88
C ILE B 299 -12.87 -15.39 -47.96
N GLU B 300 -12.44 -16.63 -47.99
CA GLU B 300 -13.39 -17.71 -48.06
C GLU B 300 -14.26 -17.78 -46.83
N ALA B 301 -13.70 -17.56 -45.64
CA ALA B 301 -14.56 -17.67 -44.48
C ALA B 301 -15.69 -16.67 -44.53
N LEU B 302 -15.38 -15.45 -44.93
CA LEU B 302 -16.41 -14.44 -44.97
C LEU B 302 -17.42 -14.71 -46.04
N THR B 303 -16.97 -15.14 -47.22
CA THR B 303 -17.95 -15.30 -48.26
C THR B 303 -18.80 -16.52 -48.08
N GLU B 304 -18.29 -17.57 -47.48
CA GLU B 304 -19.14 -18.72 -47.32
C GLU B 304 -20.21 -18.43 -46.29
N ALA B 305 -19.87 -17.68 -45.22
CA ALA B 305 -20.89 -17.35 -44.24
C ALA B 305 -22.00 -16.52 -44.83
N ILE B 306 -21.66 -15.60 -45.70
CA ILE B 306 -22.68 -14.78 -46.29
C ILE B 306 -23.59 -15.61 -47.14
N LYS B 307 -23.02 -16.48 -47.96
CA LYS B 307 -23.84 -17.30 -48.80
C LYS B 307 -24.77 -18.21 -48.02
N MET B 308 -24.31 -18.81 -46.93
CA MET B 308 -25.24 -19.66 -46.19
C MET B 308 -26.41 -18.86 -45.70
N ALA B 309 -26.15 -17.66 -45.21
CA ALA B 309 -27.27 -16.86 -44.79
C ALA B 309 -28.20 -16.51 -45.95
N ARG B 310 -27.66 -16.18 -47.09
CA ARG B 310 -28.48 -15.81 -48.24
C ARG B 310 -29.27 -16.98 -48.75
N ALA B 311 -28.72 -18.16 -48.63
CA ALA B 311 -29.34 -19.39 -49.08
C ALA B 311 -30.43 -19.85 -48.13
N GLY B 312 -30.59 -19.18 -46.98
CA GLY B 312 -31.61 -19.56 -46.03
C GLY B 312 -31.20 -20.64 -45.07
N LEU B 313 -29.91 -20.88 -44.89
CA LEU B 313 -29.44 -21.90 -43.98
C LEU B 313 -28.70 -21.29 -42.80
N GLY B 314 -28.96 -20.04 -42.50
CA GLY B 314 -28.23 -19.38 -41.43
C GLY B 314 -28.81 -19.65 -40.05
N HIS B 315 -28.41 -18.83 -39.10
CA HIS B 315 -28.84 -18.97 -37.72
C HIS B 315 -29.98 -18.02 -37.48
N GLU B 316 -31.10 -18.53 -37.02
CA GLU B 316 -32.32 -17.74 -36.88
C GLU B 316 -32.25 -16.65 -35.82
N HIS B 317 -31.29 -16.72 -34.90
CA HIS B 317 -31.14 -15.68 -33.92
C HIS B 317 -29.69 -15.31 -33.67
N LYS B 318 -28.83 -15.35 -34.66
CA LYS B 318 -27.45 -14.99 -34.37
C LYS B 318 -27.00 -14.05 -35.45
N PRO B 319 -25.87 -13.36 -35.32
CA PRO B 319 -25.30 -12.50 -36.32
C PRO B 319 -25.02 -13.35 -37.53
N VAL B 320 -24.77 -12.72 -38.67
CA VAL B 320 -24.53 -13.47 -39.89
C VAL B 320 -23.38 -14.39 -39.67
N GLY B 321 -22.38 -13.90 -38.97
CA GLY B 321 -21.23 -14.68 -38.59
C GLY B 321 -20.44 -13.84 -37.64
N SER B 322 -19.57 -14.50 -36.86
CA SER B 322 -18.71 -13.80 -35.88
C SER B 322 -17.38 -14.56 -35.71
N PHE B 323 -16.33 -14.09 -36.40
CA PHE B 323 -15.00 -14.75 -36.32
C PHE B 323 -13.94 -13.71 -35.92
N LEU B 324 -12.86 -14.16 -35.28
CA LEU B 324 -11.76 -13.27 -34.84
C LEU B 324 -10.56 -13.43 -35.77
N PHE B 325 -10.13 -12.35 -36.43
CA PHE B 325 -9.01 -12.38 -37.34
C PHE B 325 -7.80 -12.12 -36.55
N ALA B 326 -6.83 -12.98 -36.62
CA ALA B 326 -5.68 -12.79 -35.79
C ALA B 326 -4.41 -13.05 -36.54
N GLY B 327 -3.38 -12.29 -36.20
CA GLY B 327 -2.11 -12.52 -36.87
C GLY B 327 -1.19 -11.33 -36.75
N PRO B 328 -0.06 -11.32 -37.47
CA PRO B 328 1.01 -10.37 -37.44
C PRO B 328 0.52 -9.10 -38.00
N THR B 329 1.26 -8.02 -37.81
CA THR B 329 0.81 -6.76 -38.32
C THR B 329 1.17 -6.46 -39.75
N GLY B 330 0.44 -5.52 -40.33
CA GLY B 330 0.61 -5.00 -41.66
C GLY B 330 0.16 -6.01 -42.70
N VAL B 331 -0.80 -6.87 -42.38
CA VAL B 331 -1.17 -7.91 -43.34
C VAL B 331 -2.61 -7.91 -43.86
N GLY B 332 -3.37 -6.84 -43.70
CA GLY B 332 -4.71 -6.79 -44.27
C GLY B 332 -5.86 -7.25 -43.40
N LYS B 333 -5.71 -7.35 -42.09
CA LYS B 333 -6.83 -7.82 -41.30
C LYS B 333 -8.02 -6.88 -41.40
N THR B 334 -7.78 -5.59 -41.17
CA THR B 334 -8.83 -4.55 -41.25
C THR B 334 -9.05 -4.19 -42.72
N GLU B 335 -8.16 -4.65 -43.60
CA GLU B 335 -8.26 -4.37 -45.06
C GLU B 335 -9.34 -5.28 -45.67
N VAL B 336 -9.37 -6.55 -45.27
CA VAL B 336 -10.35 -7.47 -45.79
C VAL B 336 -11.71 -7.01 -45.35
N THR B 337 -11.85 -6.62 -44.09
CA THR B 337 -13.15 -6.19 -43.62
C THR B 337 -13.67 -4.97 -44.33
N VAL B 338 -12.83 -3.97 -44.53
CA VAL B 338 -13.29 -2.78 -45.19
C VAL B 338 -13.72 -3.08 -46.60
N GLN B 339 -12.93 -3.88 -47.30
CA GLN B 339 -13.31 -4.18 -48.65
C GLN B 339 -14.56 -5.00 -48.72
N LEU B 340 -14.85 -5.82 -47.71
CA LEU B 340 -16.06 -6.58 -47.76
C LEU B 340 -17.26 -5.66 -47.76
N SER B 341 -17.27 -4.66 -46.91
CA SER B 341 -18.45 -3.82 -46.90
C SER B 341 -18.59 -3.10 -48.21
N LYS B 342 -17.47 -2.76 -48.85
CA LYS B 342 -17.55 -2.07 -50.12
C LYS B 342 -18.07 -2.97 -51.20
N ALA B 343 -17.61 -4.21 -51.22
CA ALA B 343 -18.03 -5.16 -52.22
C ALA B 343 -19.53 -5.45 -52.09
N LEU B 344 -20.02 -5.49 -50.86
CA LEU B 344 -21.42 -5.75 -50.61
C LEU B 344 -22.28 -4.52 -50.78
N GLY B 345 -21.72 -3.33 -50.61
CA GLY B 345 -22.49 -2.11 -50.73
C GLY B 345 -23.27 -1.75 -49.48
N ILE B 346 -22.75 -2.11 -48.31
CA ILE B 346 -23.46 -1.81 -47.05
C ILE B 346 -22.58 -1.03 -46.09
N GLU B 347 -23.18 -0.34 -45.15
CA GLU B 347 -22.42 0.49 -44.22
C GLU B 347 -21.47 -0.25 -43.32
N LEU B 348 -20.34 0.36 -43.08
CA LEU B 348 -19.39 -0.17 -42.15
C LEU B 348 -19.55 0.61 -40.86
N LEU B 349 -19.80 -0.08 -39.77
CA LEU B 349 -19.93 0.54 -38.48
C LEU B 349 -18.61 0.24 -37.82
N ARG B 350 -17.85 1.23 -37.48
CA ARG B 350 -16.54 0.93 -36.97
C ARG B 350 -16.28 1.54 -35.63
N PHE B 351 -15.83 0.71 -34.71
CA PHE B 351 -15.51 1.13 -33.38
C PHE B 351 -14.07 0.80 -33.07
N ASP B 352 -13.40 1.66 -32.34
CA ASP B 352 -12.01 1.44 -31.96
C ASP B 352 -11.88 1.04 -30.52
N MET B 353 -11.51 -0.19 -30.25
CA MET B 353 -11.52 -0.71 -28.92
C MET B 353 -10.50 -0.09 -28.00
N SER B 354 -9.57 0.66 -28.54
CA SER B 354 -8.57 1.32 -27.73
C SER B 354 -9.19 2.47 -26.97
N GLU B 355 -10.41 2.85 -27.31
CA GLU B 355 -11.04 3.93 -26.57
C GLU B 355 -11.79 3.40 -25.36
N TYR B 356 -11.80 2.09 -25.17
CA TYR B 356 -12.53 1.51 -24.08
C TYR B 356 -11.60 0.70 -23.21
N MET B 357 -10.56 1.35 -22.69
CA MET B 357 -9.55 0.68 -21.88
C MET B 357 -9.82 0.67 -20.39
N GLU B 358 -10.94 1.20 -19.94
CA GLU B 358 -11.26 1.20 -18.53
C GLU B 358 -12.72 0.81 -18.36
N ARG B 359 -12.99 0.11 -17.24
CA ARG B 359 -14.38 -0.28 -16.87
C ARG B 359 -15.13 1.01 -16.52
N HIS B 360 -15.46 1.79 -17.56
CA HIS B 360 -16.11 3.12 -17.45
C HIS B 360 -16.59 3.54 -18.84
N THR B 361 -16.07 2.89 -19.88
CA THR B 361 -16.44 3.21 -21.28
C THR B 361 -17.58 2.30 -21.73
N VAL B 362 -18.17 1.49 -20.84
CA VAL B 362 -19.23 0.67 -21.34
C VAL B 362 -20.48 1.50 -21.48
N SER B 363 -20.74 2.43 -20.57
CA SER B 363 -21.98 3.16 -20.70
C SER B 363 -22.00 3.95 -21.98
N ARG B 364 -20.86 4.19 -22.58
CA ARG B 364 -20.82 4.91 -23.81
C ARG B 364 -21.49 4.14 -24.92
N LEU B 365 -21.45 2.81 -24.82
CA LEU B 365 -21.97 1.94 -25.83
C LEU B 365 -23.46 1.71 -25.66
N ILE B 366 -23.92 1.61 -24.41
CA ILE B 366 -25.33 1.32 -24.18
C ILE B 366 -26.21 2.36 -23.44
N GLY B 367 -25.63 3.40 -22.86
CA GLY B 367 -26.39 4.47 -22.19
C GLY B 367 -26.28 4.44 -20.67
N ALA B 368 -26.38 5.61 -20.05
CA ALA B 368 -26.31 5.76 -18.60
C ALA B 368 -27.65 5.34 -17.96
N PRO B 369 -27.70 4.82 -16.73
CA PRO B 369 -28.92 4.47 -16.05
C PRO B 369 -29.79 5.67 -15.79
N PRO B 370 -31.09 5.51 -15.63
CA PRO B 370 -32.01 6.54 -15.29
C PRO B 370 -31.57 7.25 -14.06
N GLY B 371 -31.56 8.59 -14.12
CA GLY B 371 -31.15 9.43 -12.99
C GLY B 371 -29.69 9.81 -13.09
N TYR B 372 -29.02 9.37 -14.16
CA TYR B 372 -27.58 9.68 -14.38
C TYR B 372 -27.44 10.80 -15.42
N VAL B 373 -26.51 11.73 -15.17
CA VAL B 373 -26.27 12.86 -16.05
C VAL B 373 -26.31 12.60 -17.55
N GLY B 374 -25.95 11.43 -18.02
CA GLY B 374 -25.98 11.19 -19.47
C GLY B 374 -27.18 10.39 -19.94
N PHE B 375 -28.17 10.21 -19.08
CA PHE B 375 -29.30 9.35 -19.39
C PHE B 375 -30.03 9.54 -20.68
N ASP B 376 -30.31 10.75 -21.06
CA ASP B 376 -31.13 10.94 -22.22
C ASP B 376 -30.39 11.01 -23.55
N GLN B 377 -29.12 10.65 -23.55
CA GLN B 377 -28.33 10.65 -24.76
C GLN B 377 -28.53 9.45 -25.69
N GLY B 378 -28.82 8.28 -25.15
CA GLY B 378 -28.85 7.09 -26.01
C GLY B 378 -27.51 6.37 -25.84
N GLY B 379 -27.01 5.72 -26.87
CA GLY B 379 -25.83 4.86 -26.69
C GLY B 379 -25.28 4.48 -28.04
N LEU B 380 -23.99 4.53 -28.19
CA LEU B 380 -23.49 4.45 -29.54
C LEU B 380 -23.73 3.14 -30.25
N LEU B 381 -23.63 2.03 -29.56
CA LEU B 381 -23.70 0.78 -30.27
C LEU B 381 -25.09 0.42 -30.63
N THR B 382 -26.03 0.65 -29.74
CA THR B 382 -27.38 0.27 -30.06
C THR B 382 -27.98 1.25 -31.01
N ASP B 383 -27.53 2.50 -31.03
CA ASP B 383 -28.14 3.41 -31.97
C ASP B 383 -27.64 3.12 -33.35
N ALA B 384 -26.36 2.77 -33.49
CA ALA B 384 -25.84 2.48 -34.81
C ALA B 384 -26.52 1.28 -35.40
N VAL B 385 -26.76 0.27 -34.61
CA VAL B 385 -27.38 -0.94 -35.10
C VAL B 385 -28.83 -0.75 -35.40
N ILE B 386 -29.55 0.03 -34.61
CA ILE B 386 -30.93 0.27 -34.92
C ILE B 386 -31.07 1.04 -36.23
N LYS B 387 -30.27 2.06 -36.43
CA LYS B 387 -30.36 2.84 -37.65
C LYS B 387 -29.95 2.08 -38.90
N HIS B 388 -28.95 1.21 -38.81
CA HIS B 388 -28.42 0.48 -39.94
C HIS B 388 -28.44 -1.02 -39.72
N PRO B 389 -29.59 -1.69 -39.77
CA PRO B 389 -29.74 -3.10 -39.46
C PRO B 389 -28.96 -4.04 -40.35
N HIS B 390 -28.60 -3.63 -41.56
CA HIS B 390 -27.83 -4.49 -42.45
C HIS B 390 -26.48 -3.83 -42.57
N ALA B 391 -25.47 -4.41 -41.97
CA ALA B 391 -24.19 -3.72 -41.90
C ALA B 391 -23.06 -4.62 -41.55
N VAL B 392 -21.85 -4.12 -41.70
CA VAL B 392 -20.67 -4.84 -41.25
C VAL B 392 -20.17 -4.13 -40.02
N LEU B 393 -20.02 -4.84 -38.92
CA LEU B 393 -19.55 -4.23 -37.68
C LEU B 393 -18.13 -4.64 -37.37
N LEU B 394 -17.25 -3.67 -37.30
CA LEU B 394 -15.85 -3.93 -37.06
C LEU B 394 -15.35 -3.39 -35.76
N LEU B 395 -14.72 -4.25 -34.97
CA LEU B 395 -14.15 -3.81 -33.72
C LEU B 395 -12.63 -3.92 -33.79
N ASP B 396 -11.95 -2.80 -33.96
CA ASP B 396 -10.50 -2.84 -34.13
C ASP B 396 -9.77 -3.09 -32.85
N GLU B 397 -8.66 -3.85 -32.93
CA GLU B 397 -7.75 -4.15 -31.79
C GLU B 397 -8.56 -4.50 -30.53
N ILE B 398 -9.40 -5.54 -30.66
CA ILE B 398 -10.30 -6.03 -29.58
C ILE B 398 -9.47 -6.61 -28.44
N GLU B 399 -8.14 -6.51 -28.55
CA GLU B 399 -7.21 -7.00 -27.50
C GLU B 399 -6.82 -5.81 -26.61
N LYS B 400 -7.47 -4.66 -26.80
CA LYS B 400 -7.20 -3.42 -26.03
C LYS B 400 -8.45 -3.02 -25.25
N ALA B 401 -9.59 -3.69 -25.47
CA ALA B 401 -10.76 -3.30 -24.71
C ALA B 401 -10.56 -3.78 -23.31
N HIS B 402 -11.04 -3.07 -22.33
CA HIS B 402 -10.97 -3.61 -21.01
C HIS B 402 -11.66 -4.94 -21.10
N PRO B 403 -11.15 -6.02 -20.51
CA PRO B 403 -11.73 -7.33 -20.56
C PRO B 403 -13.19 -7.42 -20.23
N ASP B 404 -13.73 -6.54 -19.44
CA ASP B 404 -15.13 -6.74 -19.15
C ASP B 404 -16.03 -6.24 -20.25
N VAL B 405 -15.50 -5.63 -21.28
CA VAL B 405 -16.33 -5.17 -22.38
C VAL B 405 -16.73 -6.37 -23.21
N PHE B 406 -16.01 -7.46 -23.05
CA PHE B 406 -16.26 -8.66 -23.79
C PHE B 406 -17.57 -9.24 -23.33
N ASN B 407 -18.01 -8.87 -22.14
CA ASN B 407 -19.20 -9.45 -21.60
C ASN B 407 -20.42 -8.87 -22.25
N ILE B 408 -20.28 -7.82 -23.02
CA ILE B 408 -21.41 -7.29 -23.73
C ILE B 408 -21.50 -8.08 -25.01
N LEU B 409 -20.36 -8.30 -25.63
CA LEU B 409 -20.38 -9.01 -26.91
C LEU B 409 -20.87 -10.41 -26.69
N LEU B 410 -20.47 -10.99 -25.57
CA LEU B 410 -20.87 -12.38 -25.20
C LEU B 410 -22.40 -12.46 -25.09
N GLN B 411 -23.08 -11.33 -25.27
CA GLN B 411 -24.56 -11.28 -25.18
C GLN B 411 -25.14 -10.89 -26.56
N VAL B 412 -24.27 -10.52 -27.49
CA VAL B 412 -24.70 -10.13 -28.86
C VAL B 412 -24.37 -11.27 -29.84
N MET B 413 -23.38 -12.10 -29.49
CA MET B 413 -22.98 -13.20 -30.33
C MET B 413 -23.91 -14.38 -30.16
N ASP B 414 -24.41 -14.61 -28.97
CA ASP B 414 -25.32 -15.73 -28.78
C ASP B 414 -26.77 -15.48 -29.11
N ASN B 415 -27.32 -14.33 -28.71
CA ASN B 415 -28.74 -14.14 -28.91
C ASN B 415 -29.16 -13.15 -29.97
N GLY B 416 -28.23 -12.39 -30.54
CA GLY B 416 -28.63 -11.45 -31.55
C GLY B 416 -29.14 -10.13 -31.01
N THR B 417 -29.15 -9.90 -29.69
CA THR B 417 -29.67 -8.62 -29.21
C THR B 417 -28.88 -7.98 -28.10
N LEU B 418 -29.07 -6.67 -27.99
CA LEU B 418 -28.49 -5.81 -26.97
C LEU B 418 -29.54 -4.79 -26.51
N THR B 419 -29.73 -4.58 -25.20
CA THR B 419 -30.79 -3.67 -24.76
C THR B 419 -30.25 -2.34 -24.25
N ASP B 420 -30.79 -1.23 -24.72
CA ASP B 420 -30.29 0.08 -24.31
C ASP B 420 -30.94 0.55 -23.01
N ASN B 421 -30.69 1.77 -22.60
CA ASN B 421 -31.17 2.20 -21.30
C ASN B 421 -32.63 2.64 -21.30
N ASN B 422 -33.33 2.45 -22.40
CA ASN B 422 -34.75 2.65 -22.42
C ASN B 422 -35.49 1.36 -22.65
N GLY B 423 -34.78 0.25 -22.64
CA GLY B 423 -35.41 -1.02 -22.86
C GLY B 423 -35.64 -1.34 -24.34
N ARG B 424 -35.00 -0.62 -25.26
CA ARG B 424 -35.21 -0.91 -26.67
C ARG B 424 -34.18 -1.90 -27.08
N LYS B 425 -34.47 -2.73 -28.07
CA LYS B 425 -33.45 -3.69 -28.44
C LYS B 425 -32.84 -3.52 -29.80
N ALA B 426 -31.52 -3.57 -29.82
CA ALA B 426 -30.79 -3.65 -31.07
C ALA B 426 -30.89 -5.06 -31.56
N ASP B 427 -31.02 -5.23 -32.86
CA ASP B 427 -31.12 -6.52 -33.51
C ASP B 427 -29.99 -6.75 -34.47
N PHE B 428 -29.10 -7.67 -34.14
CA PHE B 428 -27.88 -7.91 -34.89
C PHE B 428 -27.96 -9.06 -35.86
N ARG B 429 -29.11 -9.60 -36.10
CA ARG B 429 -29.17 -10.76 -36.98
C ARG B 429 -28.66 -10.52 -38.39
N ASN B 430 -28.67 -9.29 -38.89
CA ASN B 430 -28.17 -9.03 -40.24
C ASN B 430 -26.83 -8.31 -40.21
N VAL B 431 -26.15 -8.35 -39.09
CA VAL B 431 -24.86 -7.73 -38.96
C VAL B 431 -23.73 -8.73 -39.04
N VAL B 432 -22.70 -8.41 -39.78
CA VAL B 432 -21.53 -9.29 -39.85
C VAL B 432 -20.55 -8.81 -38.80
N LEU B 433 -20.14 -9.64 -37.85
CA LEU B 433 -19.24 -9.15 -36.81
C LEU B 433 -17.81 -9.59 -36.97
N VAL B 434 -16.90 -8.64 -37.09
CA VAL B 434 -15.50 -8.97 -37.23
C VAL B 434 -14.68 -8.28 -36.17
N MET B 435 -13.87 -9.04 -35.49
CA MET B 435 -12.98 -8.52 -34.48
C MET B 435 -11.57 -8.78 -34.93
N THR B 436 -10.65 -7.84 -34.74
CA THR B 436 -9.28 -8.16 -35.14
C THR B 436 -8.30 -8.05 -33.99
N THR B 437 -7.23 -8.85 -34.06
CA THR B 437 -6.19 -8.86 -33.02
C THR B 437 -4.81 -9.38 -33.44
N ASN B 438 -3.76 -8.99 -32.74
CA ASN B 438 -2.46 -9.58 -32.97
C ASN B 438 -1.98 -10.31 -31.71
N ALA B 439 -2.93 -10.71 -30.89
CA ALA B 439 -2.64 -11.31 -29.60
C ALA B 439 -1.73 -12.54 -29.59
N GLY B 440 -1.83 -13.42 -30.56
CA GLY B 440 -1.01 -14.65 -30.50
C GLY B 440 0.30 -14.57 -31.29
N VAL B 441 0.63 -13.39 -31.80
CA VAL B 441 1.77 -13.26 -32.69
C VAL B 441 3.15 -13.42 -32.11
N ARG B 442 3.38 -12.67 -31.02
CA ARG B 442 4.69 -12.62 -30.32
C ARG B 442 5.00 -13.93 -29.60
N GLU B 443 4.36 -15.01 -30.04
CA GLU B 443 4.61 -16.35 -29.42
C GLU B 443 5.18 -17.28 -30.49
N THR B 444 5.37 -16.76 -31.70
CA THR B 444 5.88 -17.58 -32.80
C THR B 444 7.15 -16.94 -33.36
N GLU B 445 7.60 -15.86 -32.74
CA GLU B 445 8.77 -15.13 -33.21
C GLU B 445 10.06 -15.50 -32.49
N ARG B 446 10.01 -16.51 -31.64
CA ARG B 446 11.17 -16.88 -30.86
C ARG B 446 11.53 -18.35 -30.91
N LYS B 447 12.79 -18.62 -30.60
CA LYS B 447 13.29 -19.98 -30.50
C LYS B 447 13.43 -20.34 -29.04
N SER B 448 13.47 -21.63 -28.76
CA SER B 448 13.70 -22.10 -27.42
C SER B 448 15.13 -21.88 -27.04
N ILE B 449 15.43 -21.96 -25.75
CA ILE B 449 16.78 -21.77 -25.28
C ILE B 449 17.35 -23.11 -24.87
N GLY B 450 18.42 -23.54 -25.48
CA GLY B 450 18.98 -24.83 -25.09
C GLY B 450 19.81 -25.40 -26.20
N LEU B 451 20.39 -26.57 -25.96
CA LEU B 451 21.21 -27.21 -26.97
C LEU B 451 20.33 -27.96 -27.95
N ILE B 452 19.21 -28.45 -27.48
CA ILE B 452 18.30 -29.20 -28.32
C ILE B 452 17.03 -28.42 -28.50
N HIS B 453 16.63 -28.20 -29.74
CA HIS B 453 15.41 -27.45 -30.03
C HIS B 453 14.18 -28.25 -29.86
N GLN B 454 13.07 -27.55 -29.58
CA GLN B 454 11.75 -28.20 -29.38
C GLN B 454 10.91 -28.06 -30.65
N ASP B 455 9.65 -27.68 -30.49
CA ASP B 455 8.76 -27.44 -31.64
C ASP B 455 8.20 -26.04 -31.43
N ASN B 456 7.48 -25.81 -30.33
CA ASN B 456 6.99 -24.44 -30.03
C ASN B 456 6.09 -23.95 -31.17
N SER B 457 5.21 -24.81 -31.67
CA SER B 457 4.28 -24.44 -32.76
C SER B 457 2.87 -24.81 -32.31
N THR B 458 2.74 -25.79 -31.41
CA THR B 458 1.40 -26.11 -30.86
C THR B 458 0.88 -24.83 -30.28
N ASP B 459 1.63 -24.16 -29.42
CA ASP B 459 1.17 -22.79 -29.14
C ASP B 459 1.40 -22.12 -30.48
N ALA B 460 0.49 -22.54 -31.37
CA ALA B 460 0.33 -21.94 -32.72
C ALA B 460 -0.72 -20.85 -32.49
N MET B 461 -0.55 -20.25 -31.31
CA MET B 461 -1.32 -19.30 -30.52
C MET B 461 -2.76 -19.64 -30.13
N GLU B 462 -2.80 -20.64 -29.26
CA GLU B 462 -3.98 -21.01 -28.43
C GLU B 462 -3.90 -20.08 -27.21
N GLU B 463 -2.69 -19.52 -27.08
CA GLU B 463 -2.41 -18.55 -26.01
C GLU B 463 -3.10 -17.23 -26.34
N ILE B 464 -4.21 -17.42 -27.07
CA ILE B 464 -5.36 -16.62 -27.53
C ILE B 464 -6.50 -16.92 -26.56
N LYS B 465 -6.36 -18.02 -25.80
CA LYS B 465 -6.98 -18.42 -24.52
C LYS B 465 -6.17 -17.64 -23.50
N LYS B 466 -6.58 -17.68 -22.26
CA LYS B 466 -5.99 -16.72 -21.34
C LYS B 466 -6.28 -15.34 -21.92
N ILE B 467 -7.13 -15.24 -22.94
CA ILE B 467 -7.49 -13.93 -23.56
C ILE B 467 -9.01 -13.74 -23.46
N PHE B 468 -9.76 -14.58 -24.18
CA PHE B 468 -11.24 -14.54 -24.17
C PHE B 468 -11.78 -15.76 -23.42
N THR B 469 -10.89 -16.65 -22.98
CA THR B 469 -11.20 -17.91 -22.24
C THR B 469 -12.03 -18.86 -23.10
N PRO B 470 -12.84 -19.75 -22.49
CA PRO B 470 -13.67 -20.71 -23.24
C PRO B 470 -15.03 -20.15 -23.66
N GLU B 471 -15.74 -19.51 -22.73
CA GLU B 471 -17.10 -18.93 -22.98
C GLU B 471 -17.11 -18.14 -24.29
N PHE B 472 -16.30 -17.08 -24.38
CA PHE B 472 -16.26 -16.23 -25.60
C PHE B 472 -15.82 -17.04 -26.82
N ARG B 473 -14.87 -17.97 -26.63
CA ARG B 473 -14.36 -18.81 -27.74
C ARG B 473 -15.41 -19.85 -28.14
N ASN B 474 -16.29 -20.23 -27.21
CA ASN B 474 -17.34 -21.25 -27.48
C ASN B 474 -18.49 -20.61 -28.25
N ARG B 475 -18.44 -19.29 -28.48
CA ARG B 475 -19.52 -18.59 -29.21
C ARG B 475 -18.90 -17.74 -30.32
N LEU B 476 -17.88 -18.27 -31.00
CA LEU B 476 -17.21 -17.56 -32.07
C LEU B 476 -17.17 -18.54 -33.24
N ASP B 477 -17.35 -18.13 -34.49
CA ASP B 477 -17.34 -19.17 -35.53
C ASP B 477 -15.99 -19.78 -35.81
N ASN B 478 -14.97 -18.96 -35.92
CA ASN B 478 -13.62 -19.46 -35.97
C ASN B 478 -12.61 -18.36 -35.79
N ILE B 479 -11.36 -18.78 -35.75
CA ILE B 479 -10.26 -17.87 -35.71
C ILE B 479 -9.51 -18.05 -36.98
N ILE B 480 -9.32 -16.98 -37.70
CA ILE B 480 -8.63 -17.04 -38.94
C ILE B 480 -7.24 -16.55 -38.73
N TRP B 481 -6.26 -17.38 -39.00
CA TRP B 481 -4.92 -16.88 -38.81
C TRP B 481 -4.41 -16.19 -40.07
N PHE B 482 -3.76 -15.07 -39.86
CA PHE B 482 -3.13 -14.35 -40.94
C PHE B 482 -1.67 -14.63 -40.92
N ASP B 483 -1.10 -14.74 -42.10
CA ASP B 483 0.30 -15.03 -42.23
C ASP B 483 1.09 -13.78 -42.58
N HIS B 484 2.39 -13.93 -42.72
CA HIS B 484 3.27 -12.84 -43.12
C HIS B 484 3.18 -12.76 -44.62
N LEU B 485 3.48 -11.62 -45.20
CA LEU B 485 3.36 -11.59 -46.64
C LEU B 485 4.62 -12.14 -47.28
N SER B 486 4.44 -12.85 -48.38
CA SER B 486 5.51 -13.39 -49.20
C SER B 486 6.06 -12.33 -50.12
N THR B 487 7.17 -12.63 -50.79
CA THR B 487 7.73 -11.68 -51.72
C THR B 487 6.83 -11.46 -52.91
N ASP B 488 6.07 -12.47 -53.29
CA ASP B 488 5.19 -12.33 -54.43
C ASP B 488 4.09 -11.36 -54.07
N VAL B 489 3.60 -11.49 -52.85
CA VAL B 489 2.62 -10.54 -52.40
C VAL B 489 3.18 -9.15 -52.36
N ILE B 490 4.38 -8.97 -51.88
CA ILE B 490 4.88 -7.61 -51.86
C ILE B 490 4.93 -7.03 -53.24
N HIS B 491 5.31 -7.80 -54.25
CA HIS B 491 5.30 -7.23 -55.57
C HIS B 491 3.87 -6.85 -55.95
N GLN B 492 2.88 -7.67 -55.61
CA GLN B 492 1.51 -7.34 -55.94
C GLN B 492 1.05 -6.08 -55.22
N VAL B 493 1.49 -5.88 -53.99
CA VAL B 493 1.14 -4.69 -53.22
C VAL B 493 1.71 -3.47 -53.89
N VAL B 494 2.95 -3.54 -54.34
CA VAL B 494 3.52 -2.39 -55.02
C VAL B 494 2.76 -2.08 -56.27
N ASP B 495 2.42 -3.08 -57.06
CA ASP B 495 1.70 -2.78 -58.26
C ASP B 495 0.39 -2.08 -57.92
N LYS B 496 -0.27 -2.53 -56.85
CA LYS B 496 -1.52 -1.90 -56.45
C LYS B 496 -1.30 -0.44 -56.10
N PHE B 497 -0.24 -0.15 -55.33
CA PHE B 497 0.01 1.22 -54.93
C PHE B 497 0.33 2.12 -56.10
N ILE B 498 1.07 1.62 -57.07
CA ILE B 498 1.39 2.42 -58.23
C ILE B 498 0.12 2.73 -58.98
N VAL B 499 -0.76 1.74 -59.14
CA VAL B 499 -2.00 2.02 -59.83
C VAL B 499 -2.81 3.06 -59.10
N GLU B 500 -2.86 3.02 -57.76
CA GLU B 500 -3.62 4.05 -57.08
C GLU B 500 -3.06 5.43 -57.42
N LEU B 501 -1.73 5.54 -57.50
CA LEU B 501 -1.13 6.81 -57.89
C LEU B 501 -1.49 7.15 -59.32
N GLN B 502 -1.47 6.19 -60.22
CA GLN B 502 -1.80 6.53 -61.60
C GLN B 502 -3.19 7.12 -61.67
N VAL B 503 -4.13 6.59 -60.91
CA VAL B 503 -5.47 7.14 -60.94
C VAL B 503 -5.49 8.55 -60.38
N GLN B 504 -4.78 8.74 -59.28
CA GLN B 504 -4.69 10.03 -58.63
C GLN B 504 -4.06 11.07 -59.55
N LEU B 505 -3.13 10.66 -60.41
CA LEU B 505 -2.54 11.57 -61.38
C LEU B 505 -3.40 11.76 -62.63
N ASP B 506 -4.17 10.73 -63.02
CA ASP B 506 -4.98 10.90 -64.22
C ASP B 506 -5.93 12.07 -64.09
N GLN B 507 -6.47 12.29 -62.91
CA GLN B 507 -7.41 13.41 -62.74
C GLN B 507 -6.72 14.77 -62.90
N LYS B 508 -5.40 14.80 -62.84
CA LYS B 508 -4.60 16.01 -62.96
C LYS B 508 -4.08 16.15 -64.36
N GLY B 509 -4.44 15.21 -65.23
CA GLY B 509 -4.00 15.22 -66.61
C GLY B 509 -2.59 14.71 -66.82
N VAL B 510 -2.07 13.89 -65.91
CA VAL B 510 -0.72 13.38 -66.08
C VAL B 510 -0.66 11.88 -66.12
N SER B 511 -0.05 11.36 -67.17
CA SER B 511 0.12 9.91 -67.30
C SER B 511 1.44 9.42 -66.72
N LEU B 512 1.40 8.55 -65.72
CA LEU B 512 2.63 8.04 -65.10
C LEU B 512 2.94 6.60 -65.42
N GLU B 513 4.15 6.36 -65.93
CA GLU B 513 4.63 5.01 -66.14
C GLU B 513 5.88 4.73 -65.34
N VAL B 514 5.95 3.52 -64.82
CA VAL B 514 7.08 3.08 -64.04
C VAL B 514 7.59 1.77 -64.62
N SER B 515 8.88 1.70 -64.93
CA SER B 515 9.48 0.52 -65.52
C SER B 515 9.54 -0.62 -64.54
N GLN B 516 9.78 -1.83 -65.04
CA GLN B 516 9.86 -2.98 -64.17
C GLN B 516 11.02 -2.91 -63.23
N GLU B 517 12.11 -2.35 -63.67
CA GLU B 517 13.27 -2.28 -62.81
C GLU B 517 12.97 -1.34 -61.67
N ALA B 518 12.29 -0.24 -61.96
CA ALA B 518 11.94 0.69 -60.93
C ALA B 518 10.98 0.01 -59.95
N ARG B 519 10.07 -0.80 -60.46
CA ARG B 519 9.11 -1.50 -59.61
C ARG B 519 9.81 -2.49 -58.71
N ASN B 520 10.80 -3.20 -59.23
CA ASN B 520 11.48 -4.18 -58.41
C ASN B 520 12.27 -3.50 -57.33
N TRP B 521 12.86 -2.37 -57.67
CA TRP B 521 13.64 -1.57 -56.74
C TRP B 521 12.75 -1.09 -55.59
N LEU B 522 11.55 -0.59 -55.92
CA LEU B 522 10.63 -0.13 -54.89
C LEU B 522 10.20 -1.29 -54.02
N ALA B 523 9.91 -2.44 -54.64
CA ALA B 523 9.46 -3.60 -53.88
C ALA B 523 10.51 -4.09 -52.92
N GLU B 524 11.76 -4.06 -53.34
CA GLU B 524 12.79 -4.52 -52.43
C GLU B 524 12.97 -3.55 -51.29
N LYS B 525 12.92 -2.25 -51.56
CA LYS B 525 13.10 -1.30 -50.47
C LYS B 525 12.01 -1.35 -49.44
N GLY B 526 10.79 -1.58 -49.87
CA GLY B 526 9.67 -1.65 -48.96
C GLY B 526 9.40 -3.06 -48.47
N TYR B 527 10.26 -4.01 -48.81
CA TYR B 527 9.99 -5.36 -48.38
C TYR B 527 10.27 -5.52 -46.92
N ASP B 528 9.35 -6.14 -46.23
CA ASP B 528 9.52 -6.47 -44.85
C ASP B 528 8.69 -7.66 -44.45
N ARG B 529 9.13 -8.28 -43.39
CA ARG B 529 8.40 -9.35 -42.77
C ARG B 529 7.86 -8.86 -41.44
N ALA B 530 8.63 -8.02 -40.74
CA ALA B 530 8.20 -7.61 -39.41
C ALA B 530 7.00 -6.67 -39.42
N MET B 531 6.98 -5.70 -40.34
CA MET B 531 5.87 -4.76 -40.41
C MET B 531 4.98 -4.99 -41.62
N GLY B 532 5.14 -6.12 -42.25
CA GLY B 532 4.32 -6.48 -43.38
C GLY B 532 4.38 -5.44 -44.48
N ALA B 533 3.22 -5.04 -44.96
CA ALA B 533 3.13 -4.05 -46.02
C ALA B 533 3.04 -2.66 -45.46
N ARG B 534 3.07 -2.51 -44.16
CA ARG B 534 2.91 -1.19 -43.60
C ARG B 534 3.88 -0.12 -44.15
N PRO B 535 5.22 -0.30 -44.15
CA PRO B 535 6.20 0.70 -44.51
C PRO B 535 6.22 0.95 -46.01
N MET B 536 5.48 0.16 -46.78
CA MET B 536 5.48 0.30 -48.22
C MET B 536 4.89 1.63 -48.57
N ALA B 537 4.06 2.16 -47.69
CA ALA B 537 3.45 3.42 -47.95
C ALA B 537 4.47 4.52 -48.12
N ARG B 538 5.60 4.45 -47.40
CA ARG B 538 6.58 5.51 -47.45
C ARG B 538 7.50 5.28 -48.60
N VAL B 539 7.77 4.03 -48.90
CA VAL B 539 8.65 3.82 -50.01
C VAL B 539 8.01 4.34 -51.27
N ILE B 540 6.73 4.06 -51.47
CA ILE B 540 6.13 4.59 -52.67
C ILE B 540 5.99 6.09 -52.55
N GLN B 541 5.55 6.62 -51.42
CA GLN B 541 5.39 8.05 -51.33
C GLN B 541 6.63 8.85 -51.62
N ASP B 542 7.75 8.52 -51.01
CA ASP B 542 8.91 9.35 -51.28
C ASP B 542 9.56 9.14 -52.61
N ASN B 543 9.55 7.93 -53.12
CA ASN B 543 10.21 7.74 -54.37
C ASN B 543 9.40 8.24 -55.54
N LEU B 544 8.07 8.17 -55.49
CA LEU B 544 7.34 8.68 -56.64
C LEU B 544 6.63 10.02 -56.41
N LYS B 545 6.08 10.26 -55.22
CA LYS B 545 5.24 11.45 -55.11
C LYS B 545 5.96 12.75 -54.86
N LYS B 546 7.11 12.77 -54.22
CA LYS B 546 7.69 14.09 -54.03
C LYS B 546 8.14 14.71 -55.36
N PRO B 547 8.89 14.00 -56.24
CA PRO B 547 9.30 14.52 -57.51
C PRO B 547 8.11 15.04 -58.31
N LEU B 548 6.98 14.32 -58.26
CA LEU B 548 5.85 14.78 -59.01
C LEU B 548 5.25 16.05 -58.44
N ALA B 549 5.20 16.17 -57.13
CA ALA B 549 4.57 17.34 -56.56
C ALA B 549 5.24 18.60 -57.01
N ASN B 550 6.58 18.59 -57.04
CA ASN B 550 7.37 19.77 -57.46
C ASN B 550 7.19 20.00 -58.96
N GLU B 551 6.72 18.97 -59.68
CA GLU B 551 6.50 19.06 -61.15
C GLU B 551 5.00 19.28 -61.42
N LEU B 552 4.18 19.22 -60.37
CA LEU B 552 2.71 19.41 -60.51
C LEU B 552 2.34 20.82 -60.05
N LEU B 553 3.25 21.48 -59.32
CA LEU B 553 3.01 22.83 -58.84
C LEU B 553 3.81 23.87 -59.61
N PHE B 554 5.00 23.50 -60.04
CA PHE B 554 5.87 24.47 -60.70
C PHE B 554 5.34 24.81 -62.06
N GLY B 555 4.76 23.82 -62.73
CA GLY B 555 4.21 24.03 -64.06
C GLY B 555 5.06 23.39 -65.14
N SER B 556 6.18 22.77 -64.75
CA SER B 556 6.99 22.10 -65.75
C SER B 556 6.20 20.89 -66.25
N LEU B 557 5.32 20.38 -65.38
CA LEU B 557 4.43 19.31 -65.71
C LEU B 557 3.01 19.80 -65.48
N VAL B 558 2.21 19.80 -66.50
CA VAL B 558 0.83 20.28 -66.44
C VAL B 558 -0.12 19.30 -67.06
N ASP B 559 -1.42 19.57 -66.92
CA ASP B 559 -2.46 18.75 -67.53
C ASP B 559 -2.13 18.62 -69.00
N GLY B 560 -2.00 17.37 -69.47
CA GLY B 560 -1.57 17.07 -70.81
C GLY B 560 -0.12 16.59 -70.74
N GLY B 561 0.29 16.38 -69.48
CA GLY B 561 1.65 15.99 -69.10
C GLY B 561 1.93 14.51 -69.31
N GLN B 562 3.15 14.10 -68.96
CA GLN B 562 3.54 12.68 -69.09
C GLN B 562 4.86 12.51 -68.36
N VAL B 563 4.88 11.67 -67.32
CA VAL B 563 6.13 11.39 -66.55
C VAL B 563 6.58 9.97 -66.85
N THR B 564 7.83 9.61 -66.62
CA THR B 564 8.22 8.23 -66.92
C THR B 564 9.43 7.84 -66.08
N VAL B 565 9.20 7.14 -65.00
CA VAL B 565 10.36 6.79 -64.14
C VAL B 565 11.00 5.53 -64.71
N ALA B 566 12.24 5.32 -64.30
CA ALA B 566 13.04 4.14 -64.58
C ALA B 566 14.25 4.05 -63.68
N LEU B 567 14.77 2.84 -63.53
CA LEU B 567 15.93 2.66 -62.70
C LEU B 567 17.21 2.79 -63.46
N ASP B 568 18.09 3.63 -62.97
CA ASP B 568 19.42 3.79 -63.51
C ASP B 568 20.32 2.85 -62.74
N LYS B 569 20.64 1.74 -63.36
CA LYS B 569 21.36 0.62 -62.76
C LYS B 569 22.75 0.96 -62.30
N GLU B 570 23.30 2.07 -62.77
CA GLU B 570 24.67 2.40 -62.39
C GLU B 570 24.71 3.14 -61.06
N LYS B 571 23.55 3.56 -60.57
CA LYS B 571 23.43 4.28 -59.33
C LYS B 571 22.55 3.47 -58.46
N ASN B 572 21.73 2.66 -59.13
CA ASN B 572 20.66 1.90 -58.53
C ASN B 572 19.72 2.89 -57.84
N GLU B 573 19.40 3.92 -58.61
CA GLU B 573 18.53 5.05 -58.26
C GLU B 573 17.58 5.33 -59.41
N LEU B 574 16.47 5.99 -59.11
CA LEU B 574 15.51 6.26 -60.16
C LEU B 574 15.73 7.57 -60.86
N THR B 575 15.32 7.62 -62.10
CA THR B 575 15.35 8.82 -62.90
C THR B 575 13.94 9.13 -63.29
N TYR B 576 13.69 10.38 -63.65
CA TYR B 576 12.35 10.79 -64.03
C TYR B 576 12.39 11.61 -65.30
N GLY B 577 11.57 11.27 -66.28
CA GLY B 577 11.49 12.07 -67.50
C GLY B 577 10.11 12.67 -67.59
N PHE B 578 9.84 13.45 -68.64
CA PHE B 578 8.56 14.15 -68.91
C PHE B 578 8.78 15.30 -69.88
N MET C 1 -80.85 26.43 -2.27
CA MET C 1 -80.59 25.01 -2.16
C MET C 1 -81.49 24.19 -3.07
N GLU C 2 -82.45 24.83 -3.70
CA GLU C 2 -83.47 24.12 -4.45
C GLU C 2 -82.95 23.19 -5.53
N ASN C 3 -81.90 23.59 -6.25
CA ASN C 3 -81.30 22.75 -7.28
C ASN C 3 -79.82 22.57 -7.06
N PHE C 4 -79.41 22.72 -5.81
CA PHE C 4 -78.01 22.60 -5.50
C PHE C 4 -77.73 21.46 -4.57
N THR C 5 -78.71 21.10 -3.74
CA THR C 5 -78.46 20.07 -2.79
C THR C 5 -79.49 18.96 -2.85
N THR C 6 -79.13 17.84 -2.27
CA THR C 6 -80.02 16.71 -2.12
C THR C 6 -80.32 16.44 -0.67
N ASN C 7 -81.58 16.24 -0.35
CA ASN C 7 -81.97 15.93 1.01
C ASN C 7 -81.73 14.46 1.25
N LEU C 8 -80.75 14.14 2.08
CA LEU C 8 -80.40 12.76 2.26
C LEU C 8 -81.37 12.02 3.13
N ASN C 9 -82.21 12.74 3.88
CA ASN C 9 -83.17 12.03 4.71
C ASN C 9 -84.22 11.53 3.78
N GLN C 10 -84.48 12.32 2.74
CA GLN C 10 -85.46 11.92 1.79
C GLN C 10 -84.98 10.69 1.07
N LEU C 11 -83.69 10.64 0.76
CA LEU C 11 -83.21 9.45 0.11
C LEU C 11 -83.27 8.28 1.03
N ALA C 12 -82.95 8.47 2.31
CA ALA C 12 -82.99 7.32 3.18
C ALA C 12 -84.41 6.77 3.24
N ARG C 13 -85.40 7.66 3.28
CA ARG C 13 -86.78 7.22 3.35
C ARG C 13 -87.22 6.40 2.17
N VAL C 14 -86.69 6.69 0.99
CA VAL C 14 -87.12 5.96 -0.19
C VAL C 14 -86.15 4.85 -0.57
N GLY C 15 -85.18 4.54 0.29
CA GLY C 15 -84.24 3.45 0.01
C GLY C 15 -83.05 3.79 -0.89
N GLY C 16 -82.68 5.06 -1.01
CA GLY C 16 -81.57 5.42 -1.88
C GLY C 16 -80.20 5.25 -1.20
N ILE C 17 -80.20 4.97 0.09
CA ILE C 17 -78.98 4.84 0.86
C ILE C 17 -78.83 3.46 1.48
N ASP C 18 -77.72 2.79 1.16
CA ASP C 18 -77.43 1.47 1.73
C ASP C 18 -77.20 1.65 3.23
N PRO C 19 -77.56 0.71 4.10
CA PRO C 19 -77.43 0.81 5.54
C PRO C 19 -76.01 0.69 6.02
N LEU C 20 -75.70 1.29 7.16
CA LEU C 20 -74.42 1.03 7.78
C LEU C 20 -74.44 -0.12 8.68
N ILE C 21 -73.38 -0.85 8.65
CA ILE C 21 -73.17 -1.94 9.54
C ILE C 21 -71.96 -1.59 10.39
N GLY C 22 -72.08 -1.60 11.70
CA GLY C 22 -70.92 -1.26 12.52
C GLY C 22 -70.57 0.23 12.46
N ARG C 23 -69.28 0.52 12.64
CA ARG C 23 -68.72 1.88 12.71
C ARG C 23 -69.29 2.75 13.81
N GLU C 24 -69.53 2.16 14.96
CA GLU C 24 -70.09 2.93 16.05
C GLU C 24 -69.15 3.98 16.57
N LYS C 25 -67.87 3.66 16.66
CA LYS C 25 -66.95 4.63 17.24
C LYS C 25 -66.72 5.81 16.34
N GLU C 26 -66.61 5.53 15.04
CA GLU C 26 -66.36 6.57 14.01
C GLU C 26 -67.58 7.50 13.94
N LEU C 27 -68.79 6.97 14.19
CA LEU C 27 -69.95 7.78 14.13
C LEU C 27 -70.10 8.56 15.43
N GLU C 28 -69.79 7.93 16.56
CA GLU C 28 -69.88 8.62 17.83
C GLU C 28 -68.98 9.83 17.86
N ARG C 29 -67.77 9.72 17.32
CA ARG C 29 -66.95 10.90 17.37
C ARG C 29 -67.55 12.00 16.52
N ALA C 30 -68.11 11.67 15.36
CA ALA C 30 -68.70 12.71 14.55
C ALA C 30 -69.80 13.44 15.29
N ILE C 31 -70.59 12.70 16.05
CA ILE C 31 -71.68 13.34 16.76
C ILE C 31 -71.12 14.28 17.79
N GLN C 32 -70.07 13.88 18.49
CA GLN C 32 -69.51 14.80 19.47
C GLN C 32 -68.97 16.06 18.81
N VAL C 33 -68.34 15.93 17.64
CA VAL C 33 -67.79 17.12 16.98
C VAL C 33 -68.87 18.10 16.63
N LEU C 34 -70.00 17.61 16.16
CA LEU C 34 -71.11 18.44 15.75
C LEU C 34 -71.79 19.16 16.91
N CYS C 35 -71.46 18.77 18.13
CA CYS C 35 -72.08 19.35 19.29
C CYS C 35 -71.15 20.29 20.03
N ARG C 36 -70.05 20.67 19.40
CA ARG C 36 -69.10 21.61 19.97
C ARG C 36 -69.63 23.03 19.88
N ARG C 37 -68.99 23.97 20.60
CA ARG C 37 -69.44 25.37 20.59
C ARG C 37 -69.04 26.10 19.32
N ARG C 38 -67.83 25.83 18.85
CA ARG C 38 -67.28 26.46 17.65
C ARG C 38 -66.53 25.46 16.79
N LYS C 39 -66.53 25.69 15.48
CA LYS C 39 -65.80 24.87 14.53
C LYS C 39 -66.28 23.44 14.64
N ASN C 40 -67.56 23.26 14.82
CA ASN C 40 -68.17 21.95 14.96
C ASN C 40 -68.46 21.30 13.63
N ASN C 41 -67.36 21.02 12.93
CA ASN C 41 -67.36 20.53 11.55
C ASN C 41 -66.44 19.34 11.34
N PRO C 42 -66.87 18.09 11.42
CA PRO C 42 -66.01 16.95 11.28
C PRO C 42 -65.57 16.84 9.84
N LEU C 43 -64.40 16.30 9.62
CA LEU C 43 -63.86 15.99 8.31
C LEU C 43 -63.48 14.54 8.27
N LEU C 44 -64.01 13.78 7.34
CA LEU C 44 -63.69 12.37 7.32
C LEU C 44 -62.53 12.09 6.37
N VAL C 45 -61.41 11.58 6.90
CA VAL C 45 -60.21 11.43 6.10
C VAL C 45 -59.75 9.98 6.13
N GLY C 46 -59.39 9.44 4.98
CA GLY C 46 -58.93 8.05 4.93
C GLY C 46 -58.44 7.57 3.57
N GLU C 47 -58.30 6.27 3.42
CA GLU C 47 -57.90 5.72 2.13
C GLU C 47 -59.18 5.64 1.37
N SER C 48 -59.16 5.57 0.06
CA SER C 48 -60.43 5.45 -0.64
C SER C 48 -61.01 4.06 -0.46
N GLY C 49 -62.32 3.93 -0.62
CA GLY C 49 -62.98 2.63 -0.56
C GLY C 49 -63.16 2.07 0.85
N VAL C 50 -63.20 2.92 1.87
CA VAL C 50 -63.33 2.41 3.22
C VAL C 50 -64.62 2.85 3.89
N GLY C 51 -65.56 3.41 3.15
CA GLY C 51 -66.78 3.84 3.79
C GLY C 51 -66.81 5.29 4.22
N LYS C 52 -65.98 6.16 3.68
CA LYS C 52 -66.06 7.53 4.15
C LYS C 52 -67.40 8.12 3.76
N THR C 53 -67.80 7.83 2.52
CA THR C 53 -69.05 8.30 2.00
C THR C 53 -70.15 7.53 2.65
N ALA C 54 -70.00 6.21 2.78
CA ALA C 54 -71.05 5.43 3.39
C ALA C 54 -71.39 5.94 4.78
N ILE C 55 -70.41 6.37 5.57
CA ILE C 55 -70.74 6.91 6.89
C ILE C 55 -71.52 8.19 6.81
N ALA C 56 -71.12 9.15 5.99
CA ALA C 56 -71.91 10.38 5.98
C ALA C 56 -73.35 10.14 5.55
N GLU C 57 -73.56 9.27 4.57
CA GLU C 57 -74.92 9.01 4.13
C GLU C 57 -75.61 8.13 5.14
N GLY C 58 -74.83 7.29 5.78
CA GLY C 58 -75.27 6.38 6.80
C GLY C 58 -75.86 7.12 7.98
N LEU C 59 -75.33 8.28 8.30
CA LEU C 59 -75.92 9.05 9.38
C LEU C 59 -77.28 9.52 8.95
N ALA C 60 -77.43 10.02 7.72
CA ALA C 60 -78.78 10.43 7.35
C ALA C 60 -79.74 9.26 7.48
N TRP C 61 -79.25 8.08 7.14
CA TRP C 61 -80.07 6.89 7.27
C TRP C 61 -80.42 6.62 8.73
N ARG C 62 -79.46 6.67 9.66
CA ARG C 62 -79.82 6.42 11.04
C ARG C 62 -80.77 7.46 11.60
N ILE C 63 -80.68 8.71 11.15
CA ILE C 63 -81.60 9.72 11.65
C ILE C 63 -82.99 9.33 11.21
N VAL C 64 -83.15 8.94 9.97
CA VAL C 64 -84.44 8.51 9.47
C VAL C 64 -84.98 7.31 10.21
N GLN C 65 -84.11 6.40 10.59
CA GLN C 65 -84.53 5.23 11.33
C GLN C 65 -84.76 5.54 12.82
N GLY C 66 -84.42 6.75 13.25
CA GLY C 66 -84.56 7.17 14.63
C GLY C 66 -83.45 6.64 15.53
N ASP C 67 -82.43 6.04 14.93
CA ASP C 67 -81.38 5.43 15.70
C ASP C 67 -80.25 6.39 16.02
N VAL C 68 -80.59 7.45 16.71
CA VAL C 68 -79.61 8.46 17.07
C VAL C 68 -79.80 8.92 18.50
N PRO C 69 -78.79 9.51 19.16
CA PRO C 69 -78.98 10.18 20.42
C PRO C 69 -79.87 11.32 20.05
N GLU C 70 -80.83 11.66 20.89
CA GLU C 70 -81.77 12.69 20.47
C GLU C 70 -81.35 14.11 20.67
N VAL C 71 -80.30 14.43 19.94
CA VAL C 71 -79.75 15.74 19.81
C VAL C 71 -79.72 15.88 18.31
N MET C 72 -79.67 14.71 17.65
CA MET C 72 -79.60 14.59 16.20
C MET C 72 -80.94 14.41 15.59
N ALA C 73 -81.91 14.23 16.45
CA ALA C 73 -83.23 13.98 15.99
C ALA C 73 -83.65 15.19 15.22
N ASP C 74 -84.38 14.97 14.16
CA ASP C 74 -84.92 16.02 13.33
C ASP C 74 -83.89 16.84 12.57
N CYS C 75 -82.62 16.44 12.58
CA CYS C 75 -81.65 17.10 11.74
C CYS C 75 -81.79 16.62 10.34
N THR C 76 -81.46 17.48 9.39
CA THR C 76 -81.51 17.11 8.00
C THR C 76 -80.15 17.31 7.38
N ILE C 77 -79.66 16.30 6.70
CA ILE C 77 -78.37 16.44 6.11
C ILE C 77 -78.52 16.63 4.62
N TYR C 78 -77.94 17.69 4.10
CA TYR C 78 -78.05 17.97 2.69
C TYR C 78 -76.74 17.76 1.99
N SER C 79 -76.76 17.15 0.83
CA SER C 79 -75.55 16.93 0.04
C SER C 79 -75.38 17.96 -1.04
N LEU C 80 -74.25 18.67 -1.04
CA LEU C 80 -74.04 19.75 -2.02
C LEU C 80 -73.35 19.37 -3.31
N ASP C 81 -73.96 19.73 -4.43
CA ASP C 81 -73.37 19.48 -5.72
C ASP C 81 -72.68 20.72 -6.28
N ILE C 82 -71.37 20.73 -6.24
CA ILE C 82 -70.60 21.88 -6.69
C ILE C 82 -70.87 22.10 -8.18
N GLY C 83 -71.05 21.02 -8.90
CA GLY C 83 -71.26 21.14 -10.32
C GLY C 83 -72.48 21.96 -10.67
N SER C 84 -73.57 21.93 -9.88
CA SER C 84 -74.68 22.75 -10.32
C SER C 84 -74.47 24.13 -9.76
N LEU C 85 -73.74 24.23 -8.65
CA LEU C 85 -73.55 25.51 -8.00
C LEU C 85 -72.84 26.51 -8.88
N LEU C 86 -71.84 26.06 -9.62
CA LEU C 86 -71.09 26.96 -10.51
C LEU C 86 -71.60 27.00 -11.94
N ALA C 87 -72.59 26.20 -12.30
CA ALA C 87 -72.92 26.07 -13.70
C ALA C 87 -73.36 27.35 -14.39
N GLY C 88 -74.08 28.21 -13.72
CA GLY C 88 -74.55 29.39 -14.41
C GLY C 88 -73.81 30.66 -14.03
N THR C 89 -72.73 30.57 -13.29
CA THR C 89 -72.16 31.82 -12.78
C THR C 89 -71.25 32.54 -13.74
N LYS C 90 -71.84 33.05 -14.80
CA LYS C 90 -71.14 33.75 -15.86
C LYS C 90 -70.79 35.19 -15.54
N TYR C 91 -71.64 35.89 -14.80
CA TYR C 91 -71.42 37.31 -14.59
C TYR C 91 -70.83 37.60 -13.28
N ARG C 92 -70.18 38.74 -13.17
CA ARG C 92 -69.61 39.05 -11.90
C ARG C 92 -70.72 39.14 -10.88
N GLY C 93 -70.52 38.54 -9.73
CA GLY C 93 -71.51 38.59 -8.66
C GLY C 93 -72.47 37.40 -8.66
N ASP C 94 -72.51 36.60 -9.73
CA ASP C 94 -73.45 35.48 -9.72
C ASP C 94 -73.07 34.40 -8.74
N PHE C 95 -71.76 34.15 -8.61
CA PHE C 95 -71.21 33.09 -7.71
C PHE C 95 -71.43 33.51 -6.25
N GLU C 96 -71.33 34.82 -5.98
CA GLU C 96 -71.53 35.35 -4.60
C GLU C 96 -73.03 35.50 -4.34
N LYS C 97 -73.83 35.53 -5.41
CA LYS C 97 -75.30 35.67 -5.31
C LYS C 97 -75.92 34.30 -4.98
N ARG C 98 -75.27 33.22 -5.40
CA ARG C 98 -75.79 31.90 -5.13
C ARG C 98 -75.22 31.35 -3.86
N PHE C 99 -73.95 31.58 -3.64
CA PHE C 99 -73.30 31.01 -2.50
C PHE C 99 -73.90 31.62 -1.24
N LYS C 100 -74.08 32.94 -1.22
CA LYS C 100 -74.68 33.55 -0.05
C LYS C 100 -76.12 33.13 0.14
N ALA C 101 -76.89 32.94 -0.92
CA ALA C 101 -78.25 32.51 -0.74
C ALA C 101 -78.33 31.16 -0.05
N LEU C 102 -77.44 30.26 -0.41
CA LEU C 102 -77.49 28.94 0.22
C LEU C 102 -77.10 29.02 1.65
N LEU C 103 -76.12 29.84 1.96
CA LEU C 103 -75.68 29.92 3.31
C LEU C 103 -76.75 30.50 4.21
N LYS C 104 -77.49 31.48 3.72
CA LYS C 104 -78.53 32.03 4.56
C LYS C 104 -79.60 30.99 4.83
N GLN C 105 -79.96 30.16 3.86
CA GLN C 105 -81.00 29.19 4.15
C GLN C 105 -80.52 28.21 5.22
N LEU C 106 -79.25 27.81 5.17
CA LEU C 106 -78.76 26.87 6.17
C LEU C 106 -78.69 27.49 7.57
N GLU C 107 -78.23 28.73 7.63
CA GLU C 107 -78.09 29.40 8.91
C GLU C 107 -79.44 29.60 9.56
N GLN C 108 -80.43 29.96 8.76
CA GLN C 108 -81.77 30.16 9.26
C GLN C 108 -82.44 28.88 9.72
N ASP C 109 -82.18 27.77 9.03
CA ASP C 109 -82.82 26.53 9.45
C ASP C 109 -82.35 26.08 10.82
N THR C 110 -81.04 26.07 11.03
CA THR C 110 -80.34 25.66 12.25
C THR C 110 -80.37 24.16 12.61
N ASN C 111 -81.20 23.34 11.94
CA ASN C 111 -81.18 21.92 12.27
C ASN C 111 -80.39 21.19 11.21
N SER C 112 -80.34 21.80 10.04
CA SER C 112 -79.66 21.22 8.92
C SER C 112 -78.17 21.19 9.09
N ILE C 113 -77.55 20.23 8.41
CA ILE C 113 -76.12 20.05 8.30
C ILE C 113 -75.78 19.94 6.83
N LEU C 114 -74.72 20.59 6.37
CA LEU C 114 -74.40 20.41 4.96
C LEU C 114 -73.24 19.43 4.80
N PHE C 115 -73.35 18.52 3.87
CA PHE C 115 -72.31 17.56 3.55
C PHE C 115 -71.64 17.86 2.23
N ILE C 116 -70.35 18.11 2.29
CA ILE C 116 -69.63 18.42 1.08
C ILE C 116 -68.71 17.30 0.78
N ASP C 117 -69.02 16.53 -0.22
CA ASP C 117 -68.16 15.42 -0.51
C ASP C 117 -66.97 15.98 -1.25
N GLU C 118 -65.82 15.28 -1.24
CA GLU C 118 -64.58 15.63 -1.98
C GLU C 118 -64.23 17.11 -1.76
N ILE C 119 -64.26 17.51 -0.49
CA ILE C 119 -64.08 18.87 -0.02
C ILE C 119 -62.85 19.57 -0.52
N HIS C 120 -61.84 18.89 -1.02
CA HIS C 120 -60.70 19.62 -1.49
C HIS C 120 -61.00 20.41 -2.74
N THR C 121 -62.18 20.20 -3.35
CA THR C 121 -62.51 20.89 -4.57
C THR C 121 -63.19 22.20 -4.30
N ILE C 122 -63.37 22.61 -3.06
CA ILE C 122 -64.02 23.92 -2.84
C ILE C 122 -62.90 24.90 -2.58
N ILE C 123 -61.95 25.00 -3.46
CA ILE C 123 -60.85 25.98 -3.24
C ILE C 123 -60.71 26.72 -4.56
N GLY C 124 -61.85 27.14 -5.11
CA GLY C 124 -61.98 27.84 -6.39
C GLY C 124 -63.44 27.93 -6.79
N ALA C 125 -63.84 29.13 -7.20
CA ALA C 125 -65.18 29.52 -7.72
C ALA C 125 -65.06 30.77 -8.57
N GLY C 126 -64.25 31.75 -8.15
CA GLY C 126 -64.02 32.93 -8.92
C GLY C 126 -62.74 32.58 -9.64
N ALA C 127 -62.47 33.25 -10.75
CA ALA C 127 -61.26 33.02 -11.52
C ALA C 127 -61.30 34.02 -12.63
N ALA C 128 -62.15 35.02 -12.42
CA ALA C 128 -62.42 35.98 -13.48
C ALA C 128 -61.36 37.05 -13.58
N SER C 129 -60.14 36.66 -13.93
CA SER C 129 -59.04 37.61 -14.06
C SER C 129 -58.92 38.46 -12.81
N GLY C 130 -59.02 37.81 -11.67
CA GLY C 130 -58.94 38.43 -10.37
C GLY C 130 -58.14 37.50 -9.48
N GLY C 131 -58.68 37.22 -8.31
CA GLY C 131 -58.03 36.33 -7.37
C GLY C 131 -58.83 36.27 -6.11
N GLN C 132 -58.46 35.35 -5.25
CA GLN C 132 -59.09 35.12 -3.98
C GLN C 132 -60.64 35.07 -4.09
N VAL C 133 -61.33 35.68 -3.12
CA VAL C 133 -62.80 35.74 -2.99
C VAL C 133 -63.57 34.56 -3.57
N ASP C 134 -63.11 33.35 -3.30
CA ASP C 134 -63.72 32.12 -3.77
C ASP C 134 -64.60 31.49 -2.70
N ALA C 135 -65.04 30.27 -2.96
CA ALA C 135 -65.90 29.56 -2.03
C ALA C 135 -65.27 29.40 -0.66
N ALA C 136 -63.97 29.17 -0.59
CA ALA C 136 -63.36 28.97 0.71
C ALA C 136 -63.34 30.29 1.48
N ASN C 137 -63.05 31.38 0.80
CA ASN C 137 -62.98 32.65 1.50
C ASN C 137 -64.33 33.09 2.00
N LEU C 138 -65.36 32.72 1.28
CA LEU C 138 -66.68 33.08 1.67
C LEU C 138 -67.27 32.16 2.74
N ILE C 139 -66.60 31.06 3.09
CA ILE C 139 -67.19 30.13 4.04
C ILE C 139 -66.56 30.33 5.41
N LYS C 140 -65.26 30.61 5.43
CA LYS C 140 -64.49 30.73 6.65
C LYS C 140 -65.20 31.46 7.80
N PRO C 141 -65.79 32.67 7.63
CA PRO C 141 -66.42 33.44 8.69
C PRO C 141 -67.63 32.77 9.34
N LEU C 142 -68.23 31.78 8.69
CA LEU C 142 -69.38 31.15 9.30
C LEU C 142 -68.95 29.94 10.08
N LEU C 143 -67.86 29.34 9.65
CA LEU C 143 -67.43 28.13 10.31
C LEU C 143 -66.83 28.44 11.67
N SER C 144 -65.99 29.47 11.74
CA SER C 144 -65.31 29.76 13.02
C SER C 144 -66.20 30.46 14.00
N SER C 145 -67.34 30.90 13.52
CA SER C 145 -68.30 31.62 14.30
C SER C 145 -69.39 30.73 14.85
N GLY C 146 -69.40 29.45 14.42
CA GLY C 146 -70.41 28.52 14.91
C GLY C 146 -71.80 28.74 14.33
N LYS C 147 -71.92 29.31 13.14
CA LYS C 147 -73.25 29.56 12.63
C LYS C 147 -73.81 28.42 11.80
N ILE C 148 -72.93 27.68 11.16
CA ILE C 148 -73.33 26.59 10.30
C ILE C 148 -72.56 25.36 10.67
N ARG C 149 -73.03 24.19 10.25
CA ARG C 149 -72.26 22.99 10.49
C ARG C 149 -72.10 22.28 9.19
N VAL C 150 -70.88 21.85 8.90
CA VAL C 150 -70.69 21.12 7.67
C VAL C 150 -69.92 19.84 7.96
N ILE C 151 -70.04 18.88 7.09
CA ILE C 151 -69.29 17.63 7.17
C ILE C 151 -68.40 17.50 5.95
N GLY C 152 -67.11 17.28 6.14
CA GLY C 152 -66.24 17.13 4.98
C GLY C 152 -65.89 15.67 4.69
N SER C 153 -65.21 15.45 3.58
CA SER C 153 -64.75 14.15 3.10
C SER C 153 -63.56 14.27 2.15
N THR C 154 -62.46 13.57 2.44
CA THR C 154 -61.29 13.64 1.55
C THR C 154 -60.34 12.45 1.73
N THR C 155 -59.52 12.13 0.74
CA THR C 155 -58.60 11.03 0.95
C THR C 155 -57.37 11.57 1.59
N TYR C 156 -56.51 10.72 2.13
CA TYR C 156 -55.31 11.24 2.74
C TYR C 156 -54.45 12.03 1.79
N GLN C 157 -54.33 11.60 0.57
CA GLN C 157 -53.46 12.31 -0.35
C GLN C 157 -54.00 13.65 -0.72
N GLU C 158 -55.28 13.74 -0.96
CA GLU C 158 -55.86 15.01 -1.35
C GLU C 158 -55.76 15.95 -0.18
N PHE C 159 -55.93 15.40 1.02
CA PHE C 159 -55.93 16.22 2.27
C PHE C 159 -54.51 16.69 2.64
N SER C 160 -53.47 15.98 2.19
CA SER C 160 -52.07 16.36 2.54
C SER C 160 -51.47 17.29 1.48
N ASN C 161 -51.94 17.18 0.23
CA ASN C 161 -51.45 17.98 -0.87
C ASN C 161 -52.25 19.22 -1.19
N ILE C 162 -53.55 19.21 -0.93
CA ILE C 162 -54.38 20.33 -1.28
C ILE C 162 -55.06 21.00 -0.09
N PHE C 163 -55.87 20.26 0.62
CA PHE C 163 -56.75 20.86 1.60
C PHE C 163 -55.97 21.56 2.68
N GLU C 164 -54.96 20.91 3.20
CA GLU C 164 -54.17 21.48 4.29
C GLU C 164 -53.30 22.64 3.94
N LYS C 165 -53.20 23.00 2.67
CA LYS C 165 -52.35 24.11 2.36
C LYS C 165 -52.98 25.41 2.86
N ASP C 166 -54.31 25.46 3.00
CA ASP C 166 -54.93 26.66 3.52
C ASP C 166 -55.12 26.44 5.01
N ARG C 167 -54.22 26.96 5.81
CA ARG C 167 -54.26 26.64 7.22
C ARG C 167 -55.47 27.23 7.92
N ALA C 168 -55.92 28.39 7.50
CA ALA C 168 -57.07 28.96 8.17
C ALA C 168 -58.28 28.07 7.91
N LEU C 169 -58.40 27.55 6.71
CA LEU C 169 -59.54 26.70 6.48
C LEU C 169 -59.36 25.40 7.21
N ALA C 170 -58.15 24.87 7.21
CA ALA C 170 -57.93 23.59 7.83
C ALA C 170 -58.21 23.61 9.31
N ARG C 171 -57.90 24.70 10.00
CA ARG C 171 -58.15 24.75 11.44
C ARG C 171 -59.62 24.81 11.79
N ARG C 172 -60.49 24.96 10.80
CA ARG C 172 -61.90 25.02 11.06
C ARG C 172 -62.58 23.67 10.92
N PHE C 173 -61.80 22.63 10.61
CA PHE C 173 -62.35 21.30 10.51
C PHE C 173 -61.73 20.33 11.50
N GLN C 174 -62.51 19.38 11.94
CA GLN C 174 -62.02 18.40 12.89
C GLN C 174 -61.80 17.07 12.23
N LYS C 175 -60.57 16.73 11.98
CA LYS C 175 -60.24 15.50 11.28
C LYS C 175 -60.54 14.23 12.06
N ILE C 176 -61.28 13.31 11.43
CA ILE C 176 -61.52 11.96 11.92
C ILE C 176 -60.94 10.91 10.97
N ASP C 177 -60.12 10.01 11.49
CA ASP C 177 -59.51 8.95 10.68
C ASP C 177 -60.34 7.70 10.58
N ILE C 178 -60.70 7.33 9.37
CA ILE C 178 -61.48 6.14 9.16
C ILE C 178 -60.60 5.05 8.60
N THR C 179 -60.43 3.99 9.36
CA THR C 179 -59.53 2.94 8.93
C THR C 179 -60.25 1.79 8.28
N GLU C 180 -59.50 1.04 7.46
CA GLU C 180 -60.04 -0.16 6.77
C GLU C 180 -60.46 -1.18 7.83
N PRO C 181 -61.61 -1.88 7.66
CA PRO C 181 -62.07 -2.84 8.66
C PRO C 181 -61.31 -4.18 8.65
N SER C 182 -61.58 -5.01 9.67
CA SER C 182 -60.99 -6.34 9.83
C SER C 182 -61.70 -7.38 9.00
N ILE C 183 -61.20 -8.62 9.08
CA ILE C 183 -61.78 -9.76 8.31
C ILE C 183 -63.22 -10.01 8.78
N GLU C 184 -63.40 -10.23 10.08
CA GLU C 184 -64.74 -10.49 10.67
C GLU C 184 -65.67 -9.31 10.36
N GLU C 185 -65.17 -8.08 10.52
CA GLU C 185 -65.97 -6.86 10.25
C GLU C 185 -66.44 -6.86 8.79
N THR C 186 -65.55 -7.22 7.86
CA THR C 186 -65.89 -7.26 6.46
C THR C 186 -66.94 -8.29 6.18
N VAL C 187 -66.82 -9.47 6.79
CA VAL C 187 -67.80 -10.49 6.56
C VAL C 187 -69.16 -10.01 7.03
N GLN C 188 -69.20 -9.37 8.18
CA GLN C 188 -70.47 -8.86 8.67
C GLN C 188 -71.03 -7.77 7.78
N ILE C 189 -70.18 -6.91 7.23
CA ILE C 189 -70.71 -5.89 6.34
C ILE C 189 -71.33 -6.55 5.15
N ILE C 190 -70.66 -7.54 4.58
CA ILE C 190 -71.26 -8.18 3.44
C ILE C 190 -72.54 -8.88 3.83
N ASN C 191 -72.58 -9.58 4.94
CA ASN C 191 -73.81 -10.26 5.27
C ASN C 191 -74.99 -9.30 5.40
N GLY C 192 -74.76 -8.12 5.94
CA GLY C 192 -75.87 -7.19 6.02
C GLY C 192 -76.21 -6.52 4.68
N LEU C 193 -75.26 -6.46 3.75
CA LEU C 193 -75.55 -5.85 2.46
C LEU C 193 -76.03 -6.81 1.42
N LYS C 194 -75.72 -8.10 1.55
CA LYS C 194 -76.07 -9.03 0.50
C LYS C 194 -77.52 -8.98 0.03
N PRO C 195 -78.58 -8.70 0.82
CA PRO C 195 -79.93 -8.69 0.31
C PRO C 195 -80.12 -7.69 -0.85
N LYS C 196 -79.25 -6.68 -0.94
CA LYS C 196 -79.36 -5.72 -2.02
C LYS C 196 -78.84 -6.30 -3.31
N TYR C 197 -77.84 -7.17 -3.19
CA TYR C 197 -77.20 -7.75 -4.33
C TYR C 197 -78.00 -8.92 -4.77
N GLU C 198 -78.57 -9.63 -3.81
CA GLU C 198 -79.35 -10.78 -4.19
C GLU C 198 -80.55 -10.29 -4.96
N ALA C 199 -81.16 -9.21 -4.48
CA ALA C 199 -82.31 -8.66 -5.15
C ALA C 199 -81.98 -8.13 -6.53
N HIS C 200 -80.84 -7.48 -6.68
CA HIS C 200 -80.48 -6.92 -7.97
C HIS C 200 -80.17 -7.99 -9.00
N HIS C 201 -79.44 -9.02 -8.57
CA HIS C 201 -79.01 -10.03 -9.49
C HIS C 201 -79.88 -11.28 -9.55
N ASP C 202 -80.89 -11.40 -8.69
CA ASP C 202 -81.73 -12.60 -8.67
C ASP C 202 -80.89 -13.84 -8.41
N VAL C 203 -80.03 -13.71 -7.42
CA VAL C 203 -79.13 -14.77 -7.01
C VAL C 203 -79.23 -14.94 -5.53
N ARG C 204 -78.70 -16.02 -5.01
CA ARG C 204 -78.59 -16.19 -3.58
C ARG C 204 -77.16 -16.58 -3.28
N TYR C 205 -76.55 -16.00 -2.25
CA TYR C 205 -75.16 -16.36 -1.94
C TYR C 205 -75.13 -17.32 -0.78
N THR C 206 -74.23 -18.28 -0.79
CA THR C 206 -74.13 -19.18 0.34
C THR C 206 -73.28 -18.54 1.41
N ALA C 207 -73.33 -19.08 2.63
CA ALA C 207 -72.51 -18.53 3.71
C ALA C 207 -71.03 -18.68 3.44
N LYS C 208 -70.67 -19.79 2.82
CA LYS C 208 -69.27 -20.02 2.55
C LYS C 208 -68.80 -19.12 1.45
N ALA C 209 -69.67 -18.83 0.47
CA ALA C 209 -69.27 -17.97 -0.62
C ALA C 209 -68.90 -16.61 -0.08
N VAL C 210 -69.63 -16.11 0.92
CA VAL C 210 -69.26 -14.81 1.45
C VAL C 210 -67.94 -14.86 2.14
N ARG C 211 -67.69 -15.85 2.96
CA ARG C 211 -66.39 -15.87 3.59
C ARG C 211 -65.28 -16.04 2.58
N ALA C 212 -65.48 -16.87 1.56
CA ALA C 212 -64.43 -17.05 0.60
C ALA C 212 -64.12 -15.75 -0.09
N ALA C 213 -65.13 -14.95 -0.41
CA ALA C 213 -64.84 -13.71 -1.09
C ALA C 213 -63.97 -12.82 -0.25
N VAL C 214 -64.24 -12.76 1.05
CA VAL C 214 -63.42 -11.88 1.84
C VAL C 214 -62.01 -12.39 1.98
N GLU C 215 -61.84 -13.65 2.28
CA GLU C 215 -60.50 -14.13 2.52
C GLU C 215 -59.67 -14.19 1.25
N LEU C 216 -60.25 -14.56 0.12
CA LEU C 216 -59.49 -14.59 -1.11
C LEU C 216 -59.15 -13.22 -1.58
N ALA C 217 -60.05 -12.26 -1.48
CA ALA C 217 -59.69 -10.95 -1.95
C ALA C 217 -58.52 -10.44 -1.14
N VAL C 218 -58.48 -10.72 0.15
CA VAL C 218 -57.36 -10.25 0.89
C VAL C 218 -56.06 -10.85 0.42
N LYS C 219 -56.06 -12.14 0.17
CA LYS C 219 -54.87 -12.81 -0.30
C LYS C 219 -54.40 -12.42 -1.71
N TYR C 220 -55.33 -12.15 -2.64
CA TYR C 220 -54.87 -11.96 -4.05
C TYR C 220 -55.04 -10.54 -4.61
N ILE C 221 -55.93 -9.71 -4.05
CA ILE C 221 -56.11 -8.42 -4.67
C ILE C 221 -55.46 -7.39 -3.77
N ASN C 222 -54.31 -6.88 -4.17
CA ASN C 222 -53.55 -6.00 -3.28
C ASN C 222 -53.61 -4.55 -3.67
N ASP C 223 -54.50 -4.23 -4.56
CA ASP C 223 -54.65 -2.90 -5.10
C ASP C 223 -55.63 -2.02 -4.33
N ARG C 224 -56.63 -2.63 -3.72
CA ARG C 224 -57.72 -1.95 -3.08
C ARG C 224 -57.77 -2.21 -1.58
N HIS C 225 -58.79 -1.68 -0.93
CA HIS C 225 -58.96 -1.85 0.50
C HIS C 225 -60.28 -2.52 0.83
N LEU C 226 -60.37 -3.15 1.99
CA LEU C 226 -61.62 -3.72 2.46
C LEU C 226 -62.54 -2.60 2.89
N PRO C 227 -63.84 -2.79 2.83
CA PRO C 227 -64.59 -3.91 2.37
C PRO C 227 -64.78 -3.90 0.88
N ASP C 228 -64.40 -2.81 0.24
CA ASP C 228 -64.71 -2.64 -1.16
C ASP C 228 -64.12 -3.73 -2.04
N LYS C 229 -62.95 -4.22 -1.73
CA LYS C 229 -62.43 -5.25 -2.62
C LYS C 229 -63.25 -6.54 -2.50
N ALA C 230 -63.82 -6.82 -1.32
CA ALA C 230 -64.55 -8.06 -1.14
C ALA C 230 -65.93 -7.91 -1.71
N ILE C 231 -66.45 -6.69 -1.64
CA ILE C 231 -67.77 -6.42 -2.17
C ILE C 231 -67.72 -6.61 -3.66
N ASP C 232 -66.67 -6.14 -4.33
CA ASP C 232 -66.60 -6.34 -5.76
C ASP C 232 -66.58 -7.80 -6.15
N VAL C 233 -65.91 -8.64 -5.37
CA VAL C 233 -65.92 -10.04 -5.77
C VAL C 233 -67.34 -10.57 -5.71
N ILE C 234 -68.08 -10.22 -4.66
CA ILE C 234 -69.46 -10.65 -4.52
C ILE C 234 -70.34 -10.09 -5.61
N ASP C 235 -70.21 -8.82 -5.93
CA ASP C 235 -71.06 -8.26 -6.95
C ASP C 235 -70.75 -8.79 -8.32
N GLU C 236 -69.49 -9.02 -8.63
CA GLU C 236 -69.21 -9.55 -9.94
C GLU C 236 -69.68 -10.97 -10.02
N ALA C 237 -69.52 -11.78 -8.96
CA ALA C 237 -69.99 -13.15 -9.01
C ALA C 237 -71.49 -13.15 -9.25
N GLY C 238 -72.20 -12.19 -8.67
CA GLY C 238 -73.62 -12.06 -8.86
C GLY C 238 -73.94 -11.76 -10.31
N ALA C 239 -73.29 -10.73 -10.87
CA ALA C 239 -73.52 -10.31 -12.24
C ALA C 239 -73.21 -11.43 -13.20
N ARG C 240 -72.18 -12.19 -12.90
CA ARG C 240 -71.81 -13.31 -13.73
C ARG C 240 -72.83 -14.39 -13.67
N ALA C 241 -73.26 -14.75 -12.47
CA ALA C 241 -74.23 -15.81 -12.31
C ALA C 241 -75.54 -15.47 -13.00
N ARG C 242 -75.93 -14.21 -13.00
CA ARG C 242 -77.17 -13.80 -13.66
C ARG C 242 -77.12 -13.98 -15.17
N LEU C 243 -75.96 -14.18 -15.76
CA LEU C 243 -75.90 -14.37 -17.19
C LEU C 243 -75.79 -15.85 -17.52
N MET C 244 -75.98 -16.72 -16.53
CA MET C 244 -76.03 -18.17 -16.73
C MET C 244 -77.45 -18.78 -17.01
N PRO C 245 -78.58 -18.29 -16.41
CA PRO C 245 -79.99 -18.68 -16.57
C PRO C 245 -80.45 -18.51 -18.01
N VAL C 246 -79.64 -17.82 -18.81
CA VAL C 246 -79.86 -17.55 -20.20
C VAL C 246 -79.78 -18.87 -20.98
N SER C 247 -79.00 -19.82 -20.42
CA SER C 247 -78.81 -21.17 -20.94
C SER C 247 -79.50 -22.11 -19.96
N LYS C 248 -80.35 -21.50 -19.14
CA LYS C 248 -81.14 -22.08 -18.06
C LYS C 248 -80.31 -22.64 -16.93
N ARG C 249 -79.11 -22.11 -16.73
CA ARG C 249 -78.29 -22.51 -15.61
C ARG C 249 -78.63 -21.67 -14.40
N LYS C 250 -79.82 -21.86 -13.87
CA LYS C 250 -80.24 -21.10 -12.69
C LYS C 250 -79.51 -21.70 -11.52
N LYS C 251 -78.94 -20.86 -10.68
CA LYS C 251 -78.18 -21.37 -9.56
C LYS C 251 -77.92 -20.32 -8.50
N THR C 252 -77.39 -20.79 -7.38
CA THR C 252 -76.92 -19.95 -6.29
C THR C 252 -75.43 -19.67 -6.54
N VAL C 253 -74.84 -18.76 -5.76
CA VAL C 253 -73.42 -18.48 -5.90
C VAL C 253 -72.65 -19.24 -4.84
N ASN C 254 -71.83 -20.18 -5.29
CA ASN C 254 -71.12 -21.04 -4.36
C ASN C 254 -69.68 -20.59 -4.24
N VAL C 255 -68.91 -21.27 -3.41
CA VAL C 255 -67.51 -20.95 -3.25
C VAL C 255 -66.79 -21.09 -4.56
N ALA C 256 -67.13 -22.10 -5.31
CA ALA C 256 -66.47 -22.33 -6.57
C ALA C 256 -66.61 -21.14 -7.52
N ASP C 257 -67.72 -20.40 -7.44
CA ASP C 257 -67.89 -19.31 -8.35
C ASP C 257 -67.07 -18.16 -7.87
N ILE C 258 -67.00 -18.00 -6.56
CA ILE C 258 -66.17 -16.96 -6.01
C ILE C 258 -64.72 -17.20 -6.39
N GLU C 259 -64.24 -18.43 -6.29
CA GLU C 259 -62.86 -18.72 -6.64
C GLU C 259 -62.58 -18.45 -8.09
N SER C 260 -63.50 -18.77 -8.98
CA SER C 260 -63.26 -18.48 -10.38
C SER C 260 -63.17 -16.98 -10.61
N VAL C 261 -64.06 -16.20 -10.00
CA VAL C 261 -64.04 -14.76 -10.17
C VAL C 261 -62.78 -14.13 -9.64
N VAL C 262 -62.31 -14.52 -8.47
CA VAL C 262 -61.09 -13.92 -7.97
C VAL C 262 -59.95 -14.25 -8.89
N ALA C 263 -59.87 -15.50 -9.35
CA ALA C 263 -58.79 -15.87 -10.23
C ALA C 263 -58.80 -15.01 -11.48
N ARG C 264 -59.98 -14.68 -12.01
CA ARG C 264 -59.98 -13.82 -13.18
C ARG C 264 -59.56 -12.39 -12.87
N ILE C 265 -60.02 -11.84 -11.76
CA ILE C 265 -59.69 -10.47 -11.41
C ILE C 265 -58.21 -10.29 -11.20
N ALA C 266 -57.61 -11.21 -10.49
CA ALA C 266 -56.21 -11.13 -10.16
C ALA C 266 -55.29 -11.66 -11.25
N ARG C 267 -55.84 -12.17 -12.34
CA ARG C 267 -55.09 -12.78 -13.43
C ARG C 267 -54.18 -13.93 -12.98
N ILE C 268 -54.71 -14.79 -12.10
CA ILE C 268 -53.95 -15.96 -11.57
C ILE C 268 -54.89 -17.17 -11.52
N PRO C 269 -54.46 -18.38 -11.92
CA PRO C 269 -55.32 -19.56 -11.89
C PRO C 269 -55.45 -20.14 -10.47
N GLU C 270 -56.42 -21.03 -10.26
CA GLU C 270 -56.66 -21.64 -8.93
C GLU C 270 -57.49 -22.92 -9.10
N LYS C 271 -58.75 -22.77 -9.53
CA LYS C 271 -59.66 -23.94 -9.72
C LYS C 271 -59.68 -24.33 -11.21
N SER C 272 -58.64 -23.97 -11.95
CA SER C 272 -58.55 -24.29 -13.40
C SER C 272 -57.70 -25.55 -13.61
N VAL C 273 -57.50 -26.34 -12.55
CA VAL C 273 -56.71 -27.59 -12.63
C VAL C 273 -57.65 -28.76 -12.99
N SER C 274 -58.91 -28.68 -12.54
CA SER C 274 -59.89 -29.73 -12.83
C SER C 274 -59.97 -30.06 -14.33
N GLN C 275 -59.40 -29.19 -15.13
CA GLN C 275 -59.34 -29.25 -16.58
C GLN C 275 -58.21 -30.16 -16.96
N SER C 276 -58.24 -30.68 -18.19
CA SER C 276 -57.15 -31.50 -18.65
C SER C 276 -55.92 -30.68 -19.05
N ASP C 277 -55.48 -29.87 -18.09
CA ASP C 277 -54.29 -29.06 -18.07
C ASP C 277 -53.44 -29.94 -17.22
N ARG C 278 -54.14 -30.86 -16.53
CA ARG C 278 -53.50 -31.86 -15.72
C ARG C 278 -52.64 -32.67 -16.65
N ASP C 279 -53.12 -32.89 -17.86
CA ASP C 279 -52.39 -33.68 -18.81
C ASP C 279 -51.11 -32.97 -19.20
N THR C 280 -51.17 -31.64 -19.29
CA THR C 280 -50.02 -30.86 -19.68
C THR C 280 -48.98 -31.00 -18.62
N LEU C 281 -49.39 -30.94 -17.35
CA LEU C 281 -48.43 -31.10 -16.30
C LEU C 281 -47.92 -32.52 -16.23
N LYS C 282 -48.80 -33.49 -16.43
CA LYS C 282 -48.43 -34.88 -16.25
C LYS C 282 -47.25 -35.29 -17.08
N ASN C 283 -47.20 -34.84 -18.33
CA ASN C 283 -46.11 -35.21 -19.20
C ASN C 283 -45.20 -34.04 -19.56
N LEU C 284 -45.12 -33.05 -18.68
CA LEU C 284 -44.26 -31.92 -18.93
C LEU C 284 -42.83 -32.35 -18.95
N GLY C 285 -42.48 -33.24 -18.03
CA GLY C 285 -41.12 -33.72 -17.97
C GLY C 285 -40.74 -34.45 -19.24
N ASP C 286 -41.67 -35.13 -19.88
CA ASP C 286 -41.30 -35.88 -21.05
C ASP C 286 -41.04 -34.97 -22.21
N ARG C 287 -41.84 -33.94 -22.35
CA ARG C 287 -41.60 -33.06 -23.47
C ARG C 287 -40.28 -32.39 -23.34
N LEU C 288 -39.89 -32.02 -22.14
CA LEU C 288 -38.62 -31.36 -22.00
C LEU C 288 -37.48 -32.35 -22.20
N LYS C 289 -37.65 -33.61 -21.78
CA LYS C 289 -36.59 -34.59 -21.99
C LYS C 289 -36.34 -34.89 -23.45
N MET C 290 -37.31 -34.63 -24.32
CA MET C 290 -37.08 -34.87 -25.73
C MET C 290 -36.32 -33.72 -26.39
N LEU C 291 -36.14 -32.61 -25.67
CA LEU C 291 -35.46 -31.44 -26.22
C LEU C 291 -34.08 -31.26 -25.63
N VAL C 292 -33.93 -31.59 -24.36
CA VAL C 292 -32.65 -31.48 -23.71
C VAL C 292 -32.23 -32.84 -23.28
N PHE C 293 -31.09 -33.28 -23.74
CA PHE C 293 -30.69 -34.62 -23.46
C PHE C 293 -29.79 -34.64 -22.26
N GLY C 294 -30.01 -35.59 -21.39
CA GLY C 294 -29.22 -35.66 -20.20
C GLY C 294 -29.74 -34.53 -19.34
N GLN C 295 -29.00 -34.18 -18.30
CA GLN C 295 -29.42 -33.11 -17.41
C GLN C 295 -30.85 -33.36 -16.94
N ASP C 296 -31.16 -34.58 -16.55
CA ASP C 296 -32.53 -34.90 -16.19
C ASP C 296 -32.91 -34.41 -14.83
N LYS C 297 -31.98 -34.34 -13.92
CA LYS C 297 -32.37 -33.86 -12.62
C LYS C 297 -32.78 -32.39 -12.71
N ALA C 298 -32.20 -31.62 -13.65
CA ALA C 298 -32.58 -30.24 -13.78
C ALA C 298 -34.00 -30.16 -14.22
N ILE C 299 -34.38 -31.04 -15.12
CA ILE C 299 -35.74 -31.01 -15.62
C ILE C 299 -36.69 -31.36 -14.52
N GLU C 300 -36.36 -32.35 -13.73
CA GLU C 300 -37.28 -32.70 -12.67
C GLU C 300 -37.45 -31.60 -11.66
N ALA C 301 -36.37 -30.90 -11.28
CA ALA C 301 -36.55 -29.87 -10.28
C ALA C 301 -37.53 -28.84 -10.75
N LEU C 302 -37.48 -28.47 -12.01
CA LEU C 302 -38.41 -27.49 -12.48
C LEU C 302 -39.82 -28.01 -12.51
N THR C 303 -40.03 -29.24 -12.94
CA THR C 303 -41.41 -29.66 -13.05
C THR C 303 -42.02 -29.95 -11.71
N GLU C 304 -41.17 -30.33 -10.74
CA GLU C 304 -41.65 -30.63 -9.36
C GLU C 304 -42.15 -29.34 -8.69
N ALA C 305 -41.47 -28.22 -8.93
CA ALA C 305 -41.85 -26.95 -8.33
C ALA C 305 -43.15 -26.44 -8.92
N ILE C 306 -43.33 -26.66 -10.20
CA ILE C 306 -44.54 -26.21 -10.83
C ILE C 306 -45.71 -27.02 -10.37
N LYS C 307 -45.58 -28.32 -10.33
CA LYS C 307 -46.71 -29.11 -9.89
C LYS C 307 -47.11 -28.77 -8.49
N MET C 308 -46.16 -28.60 -7.57
CA MET C 308 -46.59 -28.29 -6.22
C MET C 308 -47.38 -27.02 -6.14
N ALA C 309 -46.95 -26.00 -6.86
CA ALA C 309 -47.70 -24.77 -6.86
C ALA C 309 -49.09 -24.96 -7.42
N ARG C 310 -49.25 -25.83 -8.40
CA ARG C 310 -50.56 -26.06 -9.00
C ARG C 310 -51.41 -26.95 -8.13
N ALA C 311 -50.80 -27.91 -7.47
CA ALA C 311 -51.51 -28.83 -6.60
C ALA C 311 -52.16 -28.05 -5.49
N GLY C 312 -51.48 -27.00 -5.05
CA GLY C 312 -51.95 -26.13 -4.01
C GLY C 312 -51.01 -26.10 -2.83
N LEU C 313 -50.09 -27.04 -2.80
CA LEU C 313 -49.14 -27.07 -1.71
C LEU C 313 -47.95 -26.21 -2.04
N GLY C 314 -48.18 -24.92 -2.13
CA GLY C 314 -47.14 -23.97 -2.51
C GLY C 314 -46.61 -23.22 -1.31
N HIS C 315 -45.81 -22.19 -1.60
CA HIS C 315 -45.24 -21.30 -0.56
C HIS C 315 -46.24 -20.18 -0.30
N GLU C 316 -46.46 -19.84 0.98
CA GLU C 316 -47.43 -18.78 1.37
C GLU C 316 -47.19 -17.50 0.55
N HIS C 317 -45.93 -17.13 0.33
CA HIS C 317 -45.60 -15.90 -0.37
C HIS C 317 -44.18 -15.85 -0.91
N LYS C 318 -43.85 -16.71 -1.84
CA LYS C 318 -42.52 -16.78 -2.41
C LYS C 318 -42.73 -17.09 -3.86
N PRO C 319 -41.76 -16.94 -4.74
CA PRO C 319 -41.84 -17.31 -6.13
C PRO C 319 -42.11 -18.77 -6.20
N VAL C 320 -42.52 -19.25 -7.37
CA VAL C 320 -42.86 -20.66 -7.52
C VAL C 320 -41.68 -21.49 -7.12
N GLY C 321 -40.52 -21.02 -7.49
CA GLY C 321 -39.29 -21.64 -7.09
C GLY C 321 -38.17 -20.74 -7.55
N SER C 322 -37.02 -20.94 -6.96
CA SER C 322 -35.84 -20.16 -7.27
C SER C 322 -34.61 -21.02 -7.42
N PHE C 323 -34.09 -21.11 -8.63
CA PHE C 323 -33.04 -22.05 -8.85
C PHE C 323 -31.82 -21.44 -9.46
N LEU C 324 -30.68 -21.94 -9.04
CA LEU C 324 -29.44 -21.54 -9.66
C LEU C 324 -28.93 -22.70 -10.49
N PHE C 325 -28.70 -22.49 -11.76
CA PHE C 325 -28.19 -23.55 -12.61
C PHE C 325 -26.75 -23.26 -12.86
N ALA C 326 -25.89 -24.21 -12.60
CA ALA C 326 -24.48 -23.95 -12.77
C ALA C 326 -23.79 -25.08 -13.46
N GLY C 327 -22.76 -24.80 -14.22
CA GLY C 327 -22.04 -25.90 -14.85
C GLY C 327 -21.25 -25.43 -16.06
N PRO C 328 -20.57 -26.34 -16.78
CA PRO C 328 -19.69 -26.09 -17.91
C PRO C 328 -20.47 -25.57 -19.06
N THR C 329 -19.83 -24.87 -19.97
CA THR C 329 -20.49 -24.28 -21.12
C THR C 329 -21.05 -25.21 -22.17
N GLY C 330 -22.15 -24.79 -22.78
CA GLY C 330 -22.75 -25.52 -23.90
C GLY C 330 -23.44 -26.79 -23.51
N VAL C 331 -24.02 -26.83 -22.32
CA VAL C 331 -24.66 -28.04 -21.87
C VAL C 331 -26.15 -27.90 -21.64
N GLY C 332 -26.77 -26.80 -22.10
CA GLY C 332 -28.21 -26.66 -21.96
C GLY C 332 -28.73 -25.88 -20.77
N LYS C 333 -27.92 -25.09 -20.08
CA LYS C 333 -28.49 -24.36 -18.94
C LYS C 333 -29.58 -23.41 -19.43
N THR C 334 -29.25 -22.61 -20.42
CA THR C 334 -30.15 -21.65 -21.00
C THR C 334 -31.30 -22.37 -21.68
N GLU C 335 -30.95 -23.44 -22.39
CA GLU C 335 -31.90 -24.28 -23.17
C GLU C 335 -33.02 -24.85 -22.28
N VAL C 336 -32.71 -25.33 -21.08
CA VAL C 336 -33.77 -25.92 -20.30
C VAL C 336 -34.76 -24.83 -19.94
N THR C 337 -34.29 -23.66 -19.55
CA THR C 337 -35.22 -22.60 -19.20
C THR C 337 -36.05 -22.14 -20.37
N VAL C 338 -35.43 -21.96 -21.51
CA VAL C 338 -36.19 -21.47 -22.63
C VAL C 338 -37.26 -22.44 -23.05
N GLN C 339 -36.94 -23.71 -23.09
CA GLN C 339 -37.95 -24.65 -23.52
C GLN C 339 -39.07 -24.76 -22.52
N LEU C 340 -38.79 -24.56 -21.23
CA LEU C 340 -39.86 -24.60 -20.26
C LEU C 340 -40.89 -23.56 -20.52
N SER C 341 -40.49 -22.33 -20.78
CA SER C 341 -41.53 -21.34 -20.96
C SER C 341 -42.35 -21.67 -22.17
N LYS C 342 -41.73 -22.28 -23.19
CA LYS C 342 -42.56 -22.63 -24.34
C LYS C 342 -43.49 -23.77 -24.02
N ALA C 343 -43.00 -24.77 -23.30
CA ALA C 343 -43.80 -25.94 -22.98
C ALA C 343 -45.03 -25.58 -22.16
N LEU C 344 -44.91 -24.60 -21.30
CA LEU C 344 -46.00 -24.16 -20.46
C LEU C 344 -46.90 -23.13 -21.09
N GLY C 345 -46.53 -22.59 -22.24
CA GLY C 345 -47.32 -21.55 -22.84
C GLY C 345 -47.26 -20.18 -22.13
N ILE C 346 -46.15 -19.82 -21.46
CA ILE C 346 -46.12 -18.53 -20.75
C ILE C 346 -44.93 -17.68 -21.15
N GLU C 347 -44.99 -16.38 -20.89
CA GLU C 347 -43.92 -15.49 -21.28
C GLU C 347 -42.60 -15.71 -20.61
N LEU C 348 -41.54 -15.54 -21.38
CA LEU C 348 -40.21 -15.60 -20.85
C LEU C 348 -39.71 -14.19 -20.75
N LEU C 349 -39.29 -13.79 -19.56
CA LEU C 349 -38.77 -12.46 -19.39
C LEU C 349 -37.27 -12.63 -19.33
N ARG C 350 -36.56 -12.08 -20.28
CA ARG C 350 -35.12 -12.27 -20.28
C ARG C 350 -34.37 -11.06 -19.91
N PHE C 351 -33.45 -11.22 -18.99
CA PHE C 351 -32.55 -10.15 -18.63
C PHE C 351 -31.16 -10.70 -18.77
N ASP C 352 -30.24 -9.91 -19.28
CA ASP C 352 -28.87 -10.37 -19.46
C ASP C 352 -28.01 -9.66 -18.47
N MET C 353 -27.48 -10.38 -17.51
CA MET C 353 -26.83 -9.73 -16.41
C MET C 353 -25.55 -9.01 -16.74
N SER C 354 -24.90 -9.29 -17.84
CA SER C 354 -23.70 -8.56 -18.13
C SER C 354 -23.95 -7.10 -18.40
N GLU C 355 -25.23 -6.74 -18.50
CA GLU C 355 -25.65 -5.32 -18.71
C GLU C 355 -25.58 -4.60 -17.36
N TYR C 356 -25.89 -5.31 -16.27
CA TYR C 356 -25.85 -4.74 -14.89
C TYR C 356 -24.43 -4.92 -14.32
N MET C 357 -23.44 -4.52 -15.12
CA MET C 357 -22.05 -4.61 -14.80
C MET C 357 -21.56 -3.69 -13.71
N GLU C 358 -22.09 -2.47 -13.64
CA GLU C 358 -21.61 -1.53 -12.66
C GLU C 358 -22.62 -1.28 -11.55
N ARG C 359 -22.15 -0.90 -10.37
CA ARG C 359 -23.03 -0.74 -9.22
C ARG C 359 -24.26 0.12 -9.40
N HIS C 360 -24.14 1.28 -10.02
CA HIS C 360 -25.28 2.16 -10.08
C HIS C 360 -26.33 1.77 -11.07
N THR C 361 -26.08 0.73 -11.84
CA THR C 361 -27.00 0.32 -12.85
C THR C 361 -28.25 -0.27 -12.27
N VAL C 362 -28.25 -0.52 -10.98
CA VAL C 362 -29.42 -1.07 -10.34
C VAL C 362 -30.63 -0.19 -10.50
N SER C 363 -30.48 1.11 -10.68
CA SER C 363 -31.64 1.97 -10.83
C SER C 363 -32.34 1.68 -12.13
N ARG C 364 -31.67 1.00 -13.03
CA ARG C 364 -32.24 0.63 -14.28
C ARG C 364 -33.34 -0.39 -14.06
N LEU C 365 -33.20 -1.22 -13.02
CA LEU C 365 -34.17 -2.27 -12.74
C LEU C 365 -35.35 -1.76 -11.97
N ILE C 366 -35.12 -0.83 -11.05
CA ILE C 366 -36.21 -0.33 -10.21
C ILE C 366 -36.66 1.12 -10.38
N GLY C 367 -35.94 1.97 -11.10
CA GLY C 367 -36.35 3.35 -11.34
C GLY C 367 -35.56 4.38 -10.53
N ALA C 368 -35.49 5.59 -11.04
CA ALA C 368 -34.79 6.70 -10.41
C ALA C 368 -35.59 7.25 -9.21
N PRO C 369 -34.98 7.84 -8.19
CA PRO C 369 -35.65 8.49 -7.10
C PRO C 369 -36.40 9.69 -7.58
N PRO C 370 -37.37 10.20 -6.86
CA PRO C 370 -38.07 11.39 -7.20
C PRO C 370 -37.09 12.50 -7.21
N GLY C 371 -37.19 13.35 -8.20
CA GLY C 371 -36.31 14.47 -8.35
C GLY C 371 -35.25 14.22 -9.41
N TYR C 372 -35.21 13.02 -9.96
CA TYR C 372 -34.23 12.66 -10.95
C TYR C 372 -34.80 12.46 -12.36
N VAL C 373 -33.93 12.55 -13.37
CA VAL C 373 -34.29 12.60 -14.80
C VAL C 373 -35.03 11.44 -15.37
N GLY C 374 -34.78 10.27 -14.88
CA GLY C 374 -35.46 9.13 -15.43
C GLY C 374 -36.69 8.77 -14.62
N PHE C 375 -37.12 9.64 -13.73
CA PHE C 375 -38.20 9.32 -12.82
C PHE C 375 -39.43 8.77 -13.50
N ASP C 376 -39.81 9.33 -14.64
CA ASP C 376 -41.03 8.90 -15.29
C ASP C 376 -40.91 7.62 -16.09
N GLN C 377 -39.75 6.99 -16.08
CA GLN C 377 -39.58 5.79 -16.86
C GLN C 377 -40.07 4.55 -16.12
N GLY C 378 -39.91 4.52 -14.80
CA GLY C 378 -40.22 3.33 -14.02
C GLY C 378 -39.02 2.41 -14.09
N GLY C 379 -39.11 1.22 -13.52
CA GLY C 379 -37.98 0.29 -13.56
C GLY C 379 -38.23 -0.73 -14.64
N LEU C 380 -37.19 -1.32 -15.21
CA LEU C 380 -37.49 -2.32 -16.22
C LEU C 380 -37.98 -3.63 -15.62
N LEU C 381 -37.54 -3.99 -14.43
CA LEU C 381 -37.92 -5.27 -13.88
C LEU C 381 -39.26 -5.22 -13.26
N THR C 382 -39.53 -4.17 -12.51
CA THR C 382 -40.81 -4.13 -11.86
C THR C 382 -41.88 -3.93 -12.88
N ASP C 383 -41.60 -3.28 -14.00
CA ASP C 383 -42.65 -3.14 -14.97
C ASP C 383 -42.94 -4.47 -15.65
N ALA C 384 -41.90 -5.23 -15.99
CA ALA C 384 -42.13 -6.48 -16.67
C ALA C 384 -42.99 -7.43 -15.88
N VAL C 385 -42.81 -7.43 -14.57
CA VAL C 385 -43.54 -8.35 -13.71
C VAL C 385 -44.95 -7.90 -13.41
N ILE C 386 -45.30 -6.69 -13.77
CA ILE C 386 -46.65 -6.21 -13.55
C ILE C 386 -47.44 -6.51 -14.80
N LYS C 387 -46.80 -6.32 -15.95
CA LYS C 387 -47.45 -6.58 -17.27
C LYS C 387 -47.79 -8.08 -17.35
N HIS C 388 -46.83 -8.93 -17.00
CA HIS C 388 -47.03 -10.40 -17.03
C HIS C 388 -46.84 -10.97 -15.62
N PRO C 389 -47.91 -11.25 -14.86
CA PRO C 389 -47.79 -11.77 -13.49
C PRO C 389 -47.51 -13.27 -13.44
N HIS C 390 -47.72 -13.99 -14.55
CA HIS C 390 -47.47 -15.42 -14.58
C HIS C 390 -46.41 -15.58 -15.63
N ALA C 391 -45.21 -15.97 -15.22
CA ALA C 391 -44.09 -15.96 -16.17
C ALA C 391 -42.87 -16.73 -15.71
N VAL C 392 -41.94 -16.91 -16.63
CA VAL C 392 -40.63 -17.48 -16.29
C VAL C 392 -39.62 -16.35 -16.39
N LEU C 393 -38.91 -16.08 -15.31
CA LEU C 393 -37.95 -15.00 -15.28
C LEU C 393 -36.54 -15.54 -15.31
N LEU C 394 -35.81 -15.21 -16.36
CA LEU C 394 -34.47 -15.72 -16.56
C LEU C 394 -33.41 -14.67 -16.47
N LEU C 395 -32.46 -14.86 -15.56
CA LEU C 395 -31.39 -13.90 -15.44
C LEU C 395 -30.11 -14.59 -15.88
N ASP C 396 -29.66 -14.33 -17.09
CA ASP C 396 -28.48 -15.05 -17.56
C ASP C 396 -27.19 -14.57 -16.98
N GLU C 397 -26.29 -15.49 -16.71
CA GLU C 397 -24.94 -15.14 -16.32
C GLU C 397 -24.89 -14.19 -15.17
N ILE C 398 -25.63 -14.56 -14.12
CA ILE C 398 -25.75 -13.75 -12.87
C ILE C 398 -24.38 -13.65 -12.19
N GLU C 399 -23.33 -14.18 -12.84
CA GLU C 399 -21.95 -14.11 -12.31
C GLU C 399 -21.20 -12.98 -13.00
N LYS C 400 -21.95 -12.09 -13.67
CA LYS C 400 -21.34 -10.94 -14.40
C LYS C 400 -21.98 -9.63 -13.93
N ALA C 401 -23.01 -9.71 -13.09
CA ALA C 401 -23.72 -8.51 -12.58
C ALA C 401 -22.93 -7.91 -11.41
N HIS C 402 -23.27 -6.67 -11.02
CA HIS C 402 -22.58 -5.98 -9.90
C HIS C 402 -22.72 -6.80 -8.61
N PRO C 403 -21.64 -7.02 -7.84
CA PRO C 403 -21.70 -7.81 -6.60
C PRO C 403 -22.76 -7.27 -5.63
N ASP C 404 -23.46 -6.18 -6.01
CA ASP C 404 -24.46 -5.59 -5.16
C ASP C 404 -25.82 -5.67 -5.78
N VAL C 405 -25.92 -6.10 -7.01
CA VAL C 405 -27.20 -6.20 -7.64
C VAL C 405 -27.90 -7.43 -7.14
N PHE C 406 -27.17 -8.31 -6.49
CA PHE C 406 -27.75 -9.53 -5.99
C PHE C 406 -28.64 -9.20 -4.81
N ASN C 407 -28.47 -8.03 -4.24
CA ASN C 407 -29.20 -7.69 -3.07
C ASN C 407 -30.63 -7.35 -3.37
N ILE C 408 -30.97 -7.17 -4.64
CA ILE C 408 -32.34 -6.90 -4.98
C ILE C 408 -33.09 -8.22 -4.95
N LEU C 409 -32.48 -9.24 -5.48
CA LEU C 409 -33.15 -10.51 -5.53
C LEU C 409 -33.34 -11.04 -4.16
N LEU C 410 -32.46 -10.72 -3.27
CA LEU C 410 -32.54 -11.25 -1.94
C LEU C 410 -33.94 -11.09 -1.33
N GLN C 411 -34.49 -9.88 -1.47
CA GLN C 411 -35.83 -9.54 -0.90
C GLN C 411 -36.95 -10.18 -1.74
N VAL C 412 -36.69 -10.45 -3.02
CA VAL C 412 -37.71 -11.01 -3.88
C VAL C 412 -37.87 -12.47 -3.56
N MET C 413 -36.77 -13.16 -3.46
CA MET C 413 -36.80 -14.57 -3.20
C MET C 413 -37.47 -14.90 -1.91
N ASP C 414 -37.28 -14.08 -0.90
CA ASP C 414 -37.92 -14.39 0.37
C ASP C 414 -39.33 -13.89 0.56
N ASN C 415 -39.65 -12.70 0.05
CA ASN C 415 -40.95 -12.14 0.31
C ASN C 415 -41.89 -12.10 -0.89
N GLY C 416 -41.39 -12.27 -2.09
CA GLY C 416 -42.25 -12.18 -3.24
C GLY C 416 -42.46 -10.77 -3.77
N THR C 417 -41.83 -9.75 -3.20
CA THR C 417 -42.09 -8.42 -3.71
C THR C 417 -40.88 -7.56 -3.93
N LEU C 418 -41.07 -6.56 -4.77
CA LEU C 418 -40.08 -5.53 -5.06
C LEU C 418 -40.78 -4.21 -5.25
N THR C 419 -40.32 -3.12 -4.61
CA THR C 419 -41.06 -1.87 -4.73
C THR C 419 -40.38 -0.89 -5.68
N ASP C 420 -41.11 -0.31 -6.61
CA ASP C 420 -40.48 0.62 -7.57
C ASP C 420 -40.42 2.04 -7.04
N ASN C 421 -40.03 3.00 -7.87
CA ASN C 421 -39.83 4.34 -7.38
C ASN C 421 -41.08 5.15 -7.12
N ASN C 422 -42.25 4.59 -7.39
CA ASN C 422 -43.48 5.28 -7.13
C ASN C 422 -44.23 4.57 -6.03
N GLY C 423 -43.59 3.59 -5.42
CA GLY C 423 -44.24 2.85 -4.36
C GLY C 423 -45.13 1.70 -4.84
N ARG C 424 -45.02 1.24 -6.09
CA ARG C 424 -45.86 0.14 -6.53
C ARG C 424 -45.15 -1.14 -6.26
N LYS C 425 -45.87 -2.18 -5.93
CA LYS C 425 -45.20 -3.42 -5.65
C LYS C 425 -45.36 -4.46 -6.71
N ALA C 426 -44.25 -4.96 -7.22
CA ALA C 426 -44.30 -6.04 -8.17
C ALA C 426 -44.52 -7.26 -7.34
N ASP C 427 -45.33 -8.18 -7.82
CA ASP C 427 -45.65 -9.41 -7.12
C ASP C 427 -45.17 -10.64 -7.85
N PHE C 428 -44.19 -11.32 -7.29
CA PHE C 428 -43.50 -12.42 -7.91
C PHE C 428 -43.99 -13.76 -7.46
N ARG C 429 -45.11 -13.81 -6.78
CA ARG C 429 -45.56 -15.11 -6.29
C ARG C 429 -45.92 -16.09 -7.39
N ASN C 430 -46.11 -15.64 -8.61
CA ASN C 430 -46.44 -16.51 -9.71
C ASN C 430 -45.36 -16.61 -10.76
N VAL C 431 -44.11 -16.33 -10.42
CA VAL C 431 -43.12 -16.49 -11.46
C VAL C 431 -42.10 -17.50 -11.04
N VAL C 432 -41.40 -18.05 -12.03
CA VAL C 432 -40.33 -19.00 -11.78
C VAL C 432 -39.01 -18.31 -11.97
N LEU C 433 -38.16 -18.27 -10.97
CA LEU C 433 -36.90 -17.56 -11.12
C LEU C 433 -35.75 -18.47 -11.39
N VAL C 434 -35.08 -18.29 -12.52
CA VAL C 434 -33.94 -19.11 -12.86
C VAL C 434 -32.74 -18.24 -13.13
N MET C 435 -31.66 -18.53 -12.46
CA MET C 435 -30.43 -17.80 -12.65
C MET C 435 -29.40 -18.75 -13.18
N THR C 436 -28.59 -18.36 -14.14
CA THR C 436 -27.57 -19.31 -14.61
C THR C 436 -26.17 -18.81 -14.34
N THR C 437 -25.20 -19.73 -14.27
CA THR C 437 -23.82 -19.35 -14.01
C THR C 437 -22.71 -20.34 -14.42
N ASN C 438 -21.51 -19.83 -14.67
CA ASN C 438 -20.32 -20.67 -14.89
C ASN C 438 -19.38 -20.60 -13.73
N ALA C 439 -19.87 -20.16 -12.60
CA ALA C 439 -19.06 -19.90 -11.43
C ALA C 439 -18.20 -21.03 -10.92
N GLY C 440 -18.64 -22.26 -10.95
CA GLY C 440 -17.81 -23.30 -10.36
C GLY C 440 -16.97 -24.07 -11.35
N VAL C 441 -16.93 -23.64 -12.59
CA VAL C 441 -16.29 -24.46 -13.59
C VAL C 441 -14.78 -24.37 -13.67
N ARG C 442 -14.25 -23.16 -13.67
CA ARG C 442 -12.83 -22.99 -13.87
C ARG C 442 -11.99 -23.75 -12.88
N GLU C 443 -12.49 -23.85 -11.66
CA GLU C 443 -11.80 -24.50 -10.58
C GLU C 443 -11.75 -26.00 -10.64
N THR C 444 -12.67 -26.68 -11.32
CA THR C 444 -12.55 -28.12 -11.30
C THR C 444 -11.66 -28.53 -12.46
N GLU C 445 -11.54 -27.66 -13.46
CA GLU C 445 -10.72 -27.97 -14.60
C GLU C 445 -9.24 -27.62 -14.37
N ARG C 446 -8.61 -28.37 -13.47
CA ARG C 446 -7.22 -28.15 -13.10
C ARG C 446 -6.39 -29.41 -13.12
N LYS C 447 -5.12 -29.25 -13.43
CA LYS C 447 -4.16 -30.34 -13.41
C LYS C 447 -3.40 -30.26 -12.10
N SER C 448 -3.45 -31.31 -11.31
CA SER C 448 -2.75 -31.30 -10.03
C SER C 448 -1.28 -31.63 -10.20
N ILE C 449 -0.48 -31.32 -9.19
CA ILE C 449 0.94 -31.62 -9.25
C ILE C 449 1.30 -32.62 -8.18
N GLY C 450 1.90 -33.72 -8.56
CA GLY C 450 2.30 -34.70 -7.56
C GLY C 450 2.27 -36.09 -8.13
N LEU C 451 2.57 -37.08 -7.30
CA LEU C 451 2.57 -38.46 -7.78
C LEU C 451 1.19 -39.07 -7.75
N ILE C 452 0.34 -38.61 -6.85
CA ILE C 452 -0.98 -39.17 -6.72
C ILE C 452 -2.01 -38.16 -7.14
N HIS C 453 -2.90 -38.54 -8.06
CA HIS C 453 -3.90 -37.59 -8.50
C HIS C 453 -4.97 -37.35 -7.49
N GLN C 454 -5.44 -36.13 -7.47
CA GLN C 454 -6.44 -35.68 -6.54
C GLN C 454 -7.80 -35.56 -7.17
N ASP C 455 -8.80 -35.66 -6.32
CA ASP C 455 -10.20 -35.48 -6.65
C ASP C 455 -10.64 -34.02 -6.50
N ASN C 456 -11.00 -33.38 -7.60
CA ASN C 456 -11.36 -31.96 -7.62
C ASN C 456 -12.88 -31.76 -7.66
N SER C 457 -13.63 -32.80 -7.39
CA SER C 457 -15.08 -32.72 -7.51
C SER C 457 -15.79 -31.79 -6.54
N THR C 458 -15.17 -31.41 -5.43
CA THR C 458 -15.87 -30.56 -4.49
C THR C 458 -15.55 -29.11 -4.70
N ASP C 459 -14.70 -28.80 -5.67
CA ASP C 459 -14.29 -27.43 -5.84
C ASP C 459 -15.37 -26.57 -6.44
N ALA C 460 -16.28 -27.14 -7.22
CA ALA C 460 -17.30 -26.30 -7.78
C ALA C 460 -18.13 -25.67 -6.71
N MET C 461 -18.40 -26.43 -5.65
CA MET C 461 -19.26 -25.88 -4.65
C MET C 461 -18.51 -24.91 -3.81
N GLU C 462 -17.21 -25.15 -3.65
CA GLU C 462 -16.32 -24.27 -2.85
C GLU C 462 -16.25 -22.88 -3.51
N GLU C 463 -16.33 -22.82 -4.85
CA GLU C 463 -16.27 -21.54 -5.51
C GLU C 463 -17.62 -20.85 -5.47
N ILE C 464 -18.71 -21.57 -5.61
CA ILE C 464 -20.00 -20.91 -5.55
C ILE C 464 -20.20 -20.29 -4.19
N LYS C 465 -19.85 -21.00 -3.14
CA LYS C 465 -20.01 -20.48 -1.80
C LYS C 465 -19.23 -19.20 -1.56
N LYS C 466 -18.13 -19.01 -2.24
CA LYS C 466 -17.34 -17.80 -2.06
C LYS C 466 -17.86 -16.62 -2.86
N ILE C 467 -18.83 -16.83 -3.73
CA ILE C 467 -19.38 -15.77 -4.57
C ILE C 467 -20.70 -15.27 -4.06
N PHE C 468 -21.58 -16.18 -3.70
CA PHE C 468 -22.91 -15.81 -3.26
C PHE C 468 -23.00 -15.80 -1.75
N THR C 469 -23.25 -14.64 -1.19
CA THR C 469 -23.32 -14.43 0.25
C THR C 469 -24.26 -15.44 0.89
N PRO C 470 -24.00 -15.98 2.09
CA PRO C 470 -24.83 -16.94 2.77
C PRO C 470 -26.28 -16.58 2.87
N GLU C 471 -26.59 -15.28 3.09
CA GLU C 471 -28.00 -14.82 3.25
C GLU C 471 -28.78 -14.98 1.93
N PHE C 472 -28.07 -15.14 0.81
CA PHE C 472 -28.63 -15.28 -0.52
C PHE C 472 -28.79 -16.74 -0.77
N ARG C 473 -27.74 -17.48 -0.52
CA ARG C 473 -27.80 -18.89 -0.83
C ARG C 473 -28.81 -19.60 0.01
N ASN C 474 -28.98 -19.18 1.24
CA ASN C 474 -29.84 -19.85 2.13
C ASN C 474 -31.29 -19.68 1.79
N ARG C 475 -31.61 -18.93 0.75
CA ARG C 475 -33.01 -18.81 0.39
C ARG C 475 -33.32 -19.34 -1.00
N LEU C 476 -32.37 -20.06 -1.62
CA LEU C 476 -32.60 -20.69 -2.92
C LEU C 476 -33.31 -22.00 -2.72
N ASP C 477 -34.06 -22.48 -3.72
CA ASP C 477 -34.62 -23.81 -3.56
C ASP C 477 -33.58 -24.81 -3.91
N ASN C 478 -32.83 -24.57 -4.95
CA ASN C 478 -31.72 -25.47 -5.15
C ASN C 478 -30.63 -24.90 -5.99
N ILE C 479 -29.58 -25.68 -6.13
CA ILE C 479 -28.47 -25.42 -7.02
C ILE C 479 -28.34 -26.66 -7.84
N ILE C 480 -28.48 -26.53 -9.12
CA ILE C 480 -28.42 -27.70 -9.93
C ILE C 480 -27.12 -27.70 -10.68
N TRP C 481 -26.25 -28.63 -10.38
CA TRP C 481 -24.99 -28.64 -11.09
C TRP C 481 -25.19 -29.49 -12.34
N PHE C 482 -24.93 -28.91 -13.50
CA PHE C 482 -25.08 -29.57 -14.79
C PHE C 482 -23.82 -30.30 -15.16
N ASP C 483 -23.96 -31.41 -15.87
CA ASP C 483 -22.80 -32.18 -16.28
C ASP C 483 -22.29 -31.83 -17.65
N HIS C 484 -21.21 -32.49 -18.04
CA HIS C 484 -20.65 -32.37 -19.37
C HIS C 484 -21.43 -33.29 -20.24
N LEU C 485 -21.49 -33.05 -21.52
CA LEU C 485 -22.26 -34.00 -22.30
C LEU C 485 -21.40 -35.19 -22.63
N SER C 486 -22.02 -36.36 -22.57
CA SER C 486 -21.41 -37.63 -22.93
C SER C 486 -21.51 -37.86 -24.41
N THR C 487 -20.83 -38.88 -24.90
CA THR C 487 -20.89 -39.17 -26.31
C THR C 487 -22.22 -39.75 -26.74
N ASP C 488 -22.96 -40.33 -25.79
CA ASP C 488 -24.26 -40.88 -26.11
C ASP C 488 -25.17 -39.72 -26.43
N VAL C 489 -25.03 -38.70 -25.61
CA VAL C 489 -25.76 -37.48 -25.83
C VAL C 489 -25.38 -36.86 -27.14
N ILE C 490 -24.11 -36.85 -27.48
CA ILE C 490 -23.78 -36.23 -28.74
C ILE C 490 -24.54 -36.90 -29.84
N HIS C 491 -24.66 -38.21 -29.83
CA HIS C 491 -25.40 -38.76 -30.94
C HIS C 491 -26.82 -38.20 -30.96
N GLN C 492 -27.45 -38.05 -29.80
CA GLN C 492 -28.80 -37.49 -29.79
C GLN C 492 -28.82 -36.03 -30.25
N VAL C 493 -27.79 -35.27 -29.89
CA VAL C 493 -27.66 -33.87 -30.27
C VAL C 493 -27.47 -33.74 -31.77
N VAL C 494 -26.66 -34.59 -32.35
CA VAL C 494 -26.45 -34.54 -33.77
C VAL C 494 -27.75 -34.80 -34.48
N ASP C 495 -28.52 -35.78 -34.02
CA ASP C 495 -29.79 -36.01 -34.68
C ASP C 495 -30.68 -34.79 -34.58
N LYS C 496 -30.67 -34.13 -33.43
CA LYS C 496 -31.47 -32.94 -33.24
C LYS C 496 -31.12 -31.85 -34.22
N PHE C 497 -29.82 -31.60 -34.39
CA PHE C 497 -29.40 -30.53 -35.28
C PHE C 497 -29.68 -30.89 -36.72
N ILE C 498 -29.58 -32.16 -37.09
CA ILE C 498 -29.89 -32.52 -38.46
C ILE C 498 -31.34 -32.25 -38.72
N VAL C 499 -32.21 -32.57 -37.77
CA VAL C 499 -33.61 -32.27 -38.00
C VAL C 499 -33.80 -30.79 -38.21
N GLU C 500 -33.14 -29.94 -37.43
CA GLU C 500 -33.35 -28.52 -37.66
C GLU C 500 -32.97 -28.16 -39.09
N LEU C 501 -31.88 -28.75 -39.61
CA LEU C 501 -31.47 -28.50 -40.98
C LEU C 501 -32.51 -29.00 -41.95
N GLN C 502 -33.08 -30.17 -41.69
CA GLN C 502 -34.08 -30.68 -42.60
C GLN C 502 -35.24 -29.73 -42.67
N VAL C 503 -35.61 -29.12 -41.55
CA VAL C 503 -36.72 -28.19 -41.57
C VAL C 503 -36.36 -26.95 -42.40
N GLN C 504 -35.15 -26.44 -42.25
CA GLN C 504 -34.76 -25.27 -43.03
C GLN C 504 -34.81 -25.57 -44.51
N LEU C 505 -34.46 -26.79 -44.88
CA LEU C 505 -34.49 -27.21 -46.28
C LEU C 505 -35.91 -27.45 -46.79
N ASP C 506 -36.78 -28.02 -45.95
CA ASP C 506 -38.15 -28.29 -46.37
C ASP C 506 -38.80 -27.00 -46.78
N GLN C 507 -38.44 -25.93 -46.11
CA GLN C 507 -38.97 -24.62 -46.41
C GLN C 507 -38.63 -24.18 -47.82
N LYS C 508 -37.49 -24.62 -48.37
CA LYS C 508 -37.09 -24.23 -49.71
C LYS C 508 -37.60 -25.24 -50.70
N GLY C 509 -38.12 -26.36 -50.20
CA GLY C 509 -38.68 -27.38 -51.05
C GLY C 509 -37.73 -28.50 -51.43
N VAL C 510 -36.65 -28.69 -50.69
CA VAL C 510 -35.74 -29.76 -51.06
C VAL C 510 -35.66 -30.67 -49.87
N SER C 511 -35.14 -31.88 -50.02
CA SER C 511 -35.11 -32.80 -48.89
C SER C 511 -33.79 -33.53 -48.71
N LEU C 512 -33.31 -33.47 -47.49
CA LEU C 512 -32.04 -34.09 -47.12
C LEU C 512 -32.19 -35.35 -46.31
N GLU C 513 -31.40 -36.35 -46.67
CA GLU C 513 -31.24 -37.52 -45.83
C GLU C 513 -29.78 -37.83 -45.64
N VAL C 514 -29.47 -38.34 -44.47
CA VAL C 514 -28.13 -38.68 -44.08
C VAL C 514 -28.09 -40.15 -43.68
N SER C 515 -27.16 -40.91 -44.21
CA SER C 515 -27.10 -42.31 -43.85
C SER C 515 -26.70 -42.41 -42.40
N GLN C 516 -26.92 -43.56 -41.78
CA GLN C 516 -26.54 -43.65 -40.39
C GLN C 516 -25.06 -43.53 -40.21
N GLU C 517 -24.28 -44.06 -41.13
CA GLU C 517 -22.86 -43.92 -40.91
C GLU C 517 -22.44 -42.49 -41.08
N ALA C 518 -23.02 -41.78 -42.03
CA ALA C 518 -22.62 -40.41 -42.17
C ALA C 518 -22.89 -39.68 -40.85
N ARG C 519 -24.01 -40.01 -40.18
CA ARG C 519 -24.29 -39.37 -38.90
C ARG C 519 -23.30 -39.78 -37.85
N ASN C 520 -22.91 -41.05 -37.81
CA ASN C 520 -21.98 -41.50 -36.80
C ASN C 520 -20.67 -40.81 -36.99
N TRP C 521 -20.29 -40.62 -38.23
CA TRP C 521 -19.06 -39.96 -38.53
C TRP C 521 -19.06 -38.53 -38.08
N LEU C 522 -20.13 -37.78 -38.36
CA LEU C 522 -20.15 -36.39 -37.94
C LEU C 522 -20.06 -36.33 -36.43
N ALA C 523 -20.77 -37.22 -35.76
CA ALA C 523 -20.79 -37.20 -34.31
C ALA C 523 -19.43 -37.43 -33.72
N GLU C 524 -18.68 -38.33 -34.30
CA GLU C 524 -17.37 -38.58 -33.76
C GLU C 524 -16.43 -37.44 -34.08
N LYS C 525 -16.51 -36.93 -35.30
CA LYS C 525 -15.60 -35.90 -35.74
C LYS C 525 -15.65 -34.66 -34.89
N GLY C 526 -16.84 -34.26 -34.50
CA GLY C 526 -17.00 -33.04 -33.72
C GLY C 526 -16.97 -33.19 -32.20
N TYR C 527 -16.72 -34.36 -31.66
CA TYR C 527 -16.81 -34.40 -30.21
C TYR C 527 -15.67 -33.72 -29.49
N ASP C 528 -16.04 -32.88 -28.54
CA ASP C 528 -15.11 -32.22 -27.66
C ASP C 528 -15.74 -32.04 -26.30
N ARG C 529 -15.26 -32.79 -25.35
CA ARG C 529 -15.82 -32.76 -24.02
C ARG C 529 -15.81 -31.36 -23.43
N ALA C 530 -14.78 -30.59 -23.73
CA ALA C 530 -14.62 -29.27 -23.17
C ALA C 530 -15.70 -28.26 -23.53
N MET C 531 -16.39 -28.41 -24.67
CA MET C 531 -17.34 -27.36 -25.04
C MET C 531 -18.75 -27.78 -25.37
N GLY C 532 -19.15 -28.91 -24.84
CA GLY C 532 -20.51 -29.36 -24.98
C GLY C 532 -20.97 -29.51 -26.40
N ALA C 533 -22.15 -28.98 -26.67
CA ALA C 533 -22.77 -29.08 -27.97
C ALA C 533 -22.44 -27.98 -28.95
N ARG C 534 -21.79 -26.93 -28.55
CA ARG C 534 -21.66 -25.87 -29.52
C ARG C 534 -20.84 -26.28 -30.75
N PRO C 535 -19.73 -27.02 -30.63
CA PRO C 535 -19.00 -27.54 -31.74
C PRO C 535 -19.78 -28.45 -32.65
N MET C 536 -20.88 -29.05 -32.20
CA MET C 536 -21.54 -29.94 -33.11
C MET C 536 -22.29 -29.12 -34.09
N ALA C 537 -22.76 -27.97 -33.65
CA ALA C 537 -23.46 -27.11 -34.57
C ALA C 537 -22.50 -26.65 -35.61
N ARG C 538 -21.25 -26.38 -35.20
CA ARG C 538 -20.22 -25.93 -36.14
C ARG C 538 -19.82 -27.01 -37.13
N VAL C 539 -19.72 -28.25 -36.70
CA VAL C 539 -19.37 -29.30 -37.65
C VAL C 539 -20.44 -29.51 -38.68
N ILE C 540 -21.69 -29.53 -38.27
CA ILE C 540 -22.74 -29.69 -39.24
C ILE C 540 -22.75 -28.52 -40.19
N GLN C 541 -22.60 -27.32 -39.69
CA GLN C 541 -22.56 -26.20 -40.59
C GLN C 541 -21.47 -26.35 -41.63
N ASP C 542 -20.31 -26.77 -41.22
CA ASP C 542 -19.24 -26.88 -42.16
C ASP C 542 -19.43 -28.03 -43.17
N ASN C 543 -19.92 -29.19 -42.72
CA ASN C 543 -20.05 -30.33 -43.60
C ASN C 543 -21.34 -30.44 -44.39
N LEU C 544 -22.47 -30.01 -43.87
CA LEU C 544 -23.66 -30.18 -44.66
C LEU C 544 -24.15 -28.85 -45.19
N LYS C 545 -24.15 -27.80 -44.37
CA LYS C 545 -24.71 -26.56 -44.85
C LYS C 545 -23.91 -25.88 -45.93
N LYS C 546 -22.59 -25.87 -45.83
CA LYS C 546 -21.86 -25.18 -46.87
C LYS C 546 -22.10 -25.78 -48.27
N PRO C 547 -21.90 -27.08 -48.54
CA PRO C 547 -22.19 -27.67 -49.81
C PRO C 547 -23.59 -27.37 -50.31
N LEU C 548 -24.57 -27.43 -49.41
CA LEU C 548 -25.93 -27.17 -49.83
C LEU C 548 -26.11 -25.75 -50.23
N ALA C 549 -25.52 -24.82 -49.51
CA ALA C 549 -25.73 -23.43 -49.88
C ALA C 549 -25.24 -23.20 -51.29
N ASN C 550 -24.15 -23.82 -51.69
CA ASN C 550 -23.71 -23.55 -53.04
C ASN C 550 -24.59 -24.23 -54.07
N GLU C 551 -25.09 -25.43 -53.78
CA GLU C 551 -25.96 -26.09 -54.75
C GLU C 551 -27.28 -25.32 -54.90
N LEU C 552 -27.79 -24.76 -53.79
CA LEU C 552 -29.02 -23.99 -53.73
C LEU C 552 -28.89 -22.62 -54.37
N LEU C 553 -27.70 -22.04 -54.31
CA LEU C 553 -27.53 -20.74 -54.89
C LEU C 553 -27.06 -20.73 -56.31
N PHE C 554 -26.16 -21.65 -56.66
CA PHE C 554 -25.61 -21.76 -58.03
C PHE C 554 -26.28 -22.95 -58.74
N GLY C 555 -27.62 -22.96 -58.76
CA GLY C 555 -28.38 -24.05 -59.40
C GLY C 555 -28.25 -25.35 -58.63
N SER C 556 -28.21 -26.48 -59.34
CA SER C 556 -28.06 -27.83 -58.74
C SER C 556 -29.21 -28.13 -57.76
N LEU C 557 -29.10 -27.65 -56.51
CA LEU C 557 -30.14 -27.90 -55.48
C LEU C 557 -31.31 -26.92 -55.67
N VAL C 558 -31.09 -25.84 -56.43
CA VAL C 558 -32.14 -24.83 -56.70
C VAL C 558 -33.41 -25.54 -57.18
N ASP C 559 -34.49 -25.47 -56.39
CA ASP C 559 -35.78 -26.14 -56.75
C ASP C 559 -35.49 -27.61 -57.08
N GLY C 560 -34.77 -28.30 -56.18
CA GLY C 560 -34.42 -29.69 -56.37
C GLY C 560 -35.11 -30.67 -55.48
N GLY C 561 -34.57 -31.89 -55.41
CA GLY C 561 -35.20 -32.95 -54.69
C GLY C 561 -34.37 -33.57 -53.58
N GLN C 562 -33.95 -34.78 -53.86
CA GLN C 562 -33.36 -35.66 -52.87
C GLN C 562 -31.85 -35.62 -52.78
N VAL C 563 -31.37 -35.15 -51.65
CA VAL C 563 -29.95 -35.06 -51.45
C VAL C 563 -29.58 -36.14 -50.49
N THR C 564 -28.76 -37.08 -50.93
CA THR C 564 -28.41 -38.14 -50.02
C THR C 564 -26.96 -38.11 -49.67
N VAL C 565 -26.75 -38.01 -48.39
CA VAL C 565 -25.44 -37.96 -47.84
C VAL C 565 -25.09 -39.29 -47.23
N ALA C 566 -23.97 -39.81 -47.66
CA ALA C 566 -23.49 -41.08 -47.19
C ALA C 566 -22.00 -40.96 -47.11
N LEU C 567 -21.38 -41.81 -46.32
CA LEU C 567 -19.94 -41.71 -46.14
C LEU C 567 -19.23 -42.76 -46.97
N ASP C 568 -18.14 -42.40 -47.64
CA ASP C 568 -17.37 -43.44 -48.33
C ASP C 568 -16.44 -44.01 -47.27
N LYS C 569 -15.57 -44.97 -47.59
CA LYS C 569 -14.75 -45.51 -46.52
C LYS C 569 -13.31 -45.14 -46.74
N GLU C 570 -12.98 -44.94 -47.99
CA GLU C 570 -11.65 -44.68 -48.45
C GLU C 570 -11.10 -43.33 -48.03
N LYS C 571 -11.95 -42.30 -48.04
CA LYS C 571 -11.52 -40.97 -47.72
C LYS C 571 -12.32 -40.41 -46.54
N ASN C 572 -13.43 -41.08 -46.23
CA ASN C 572 -14.42 -40.66 -45.26
C ASN C 572 -15.02 -39.36 -45.70
N GLU C 573 -15.28 -39.29 -46.97
CA GLU C 573 -15.91 -38.12 -47.54
C GLU C 573 -17.37 -38.36 -47.70
N LEU C 574 -18.12 -37.29 -47.80
CA LEU C 574 -19.54 -37.40 -47.98
C LEU C 574 -20.01 -37.33 -49.43
N THR C 575 -21.11 -38.01 -49.71
CA THR C 575 -21.80 -38.01 -51.00
C THR C 575 -22.87 -36.95 -51.03
N TYR C 576 -23.41 -36.63 -52.21
CA TYR C 576 -24.50 -35.67 -52.33
C TYR C 576 -25.43 -36.08 -53.48
N GLY C 577 -26.52 -35.33 -53.73
CA GLY C 577 -27.52 -35.75 -54.74
C GLY C 577 -28.29 -34.64 -55.49
N PHE C 578 -29.60 -34.87 -55.61
CA PHE C 578 -30.62 -34.10 -56.34
C PHE C 578 -31.92 -34.85 -56.40
N MET D 1 -73.02 51.21 3.69
CA MET D 1 -72.61 50.47 4.87
C MET D 1 -73.83 49.82 5.49
N GLU D 2 -74.93 49.85 4.77
CA GLU D 2 -76.19 49.32 5.28
C GLU D 2 -76.16 47.78 5.46
N ASN D 3 -75.58 47.08 4.48
CA ASN D 3 -75.46 45.63 4.53
C ASN D 3 -74.11 45.16 4.04
N PHE D 4 -73.12 46.04 4.11
CA PHE D 4 -71.79 45.72 3.65
C PHE D 4 -70.78 45.64 4.75
N THR D 5 -71.10 46.19 5.91
CA THR D 5 -70.16 46.19 7.01
C THR D 5 -70.89 45.83 8.29
N THR D 6 -70.15 45.41 9.28
CA THR D 6 -70.73 45.17 10.60
C THR D 6 -70.24 46.15 11.63
N ASN D 7 -71.16 46.73 12.37
CA ASN D 7 -70.76 47.65 13.41
C ASN D 7 -70.36 46.79 14.60
N LEU D 8 -69.09 46.79 14.93
CA LEU D 8 -68.62 45.88 15.94
C LEU D 8 -68.95 46.37 17.32
N ASN D 9 -69.35 47.64 17.45
CA ASN D 9 -69.68 48.12 18.77
C ASN D 9 -71.04 47.54 19.09
N GLN D 10 -71.87 47.38 18.07
CA GLN D 10 -73.18 46.86 18.32
C GLN D 10 -73.07 45.43 18.74
N LEU D 11 -72.14 44.69 18.13
CA LEU D 11 -72.00 43.32 18.58
C LEU D 11 -71.46 43.25 19.98
N ALA D 12 -70.49 44.10 20.32
CA ALA D 12 -69.95 44.00 21.66
C ALA D 12 -71.04 44.23 22.68
N ARG D 13 -71.95 45.15 22.39
CA ARG D 13 -73.03 45.54 23.28
C ARG D 13 -74.09 44.47 23.49
N VAL D 14 -74.12 43.44 22.65
CA VAL D 14 -75.11 42.40 22.79
C VAL D 14 -74.45 41.07 23.09
N GLY D 15 -73.15 41.08 23.38
CA GLY D 15 -72.43 39.84 23.66
C GLY D 15 -72.02 39.03 22.43
N GLY D 16 -71.86 39.67 21.27
CA GLY D 16 -71.50 38.94 20.05
C GLY D 16 -70.00 38.69 19.94
N ILE D 17 -69.23 39.29 20.84
CA ILE D 17 -67.79 39.18 20.87
C ILE D 17 -67.30 38.64 22.22
N ASP D 18 -66.51 37.57 22.17
CA ASP D 18 -65.93 36.99 23.38
C ASP D 18 -64.93 38.00 23.93
N PRO D 19 -64.70 38.09 25.24
CA PRO D 19 -63.78 39.04 25.85
C PRO D 19 -62.35 38.77 25.48
N LEU D 20 -61.55 39.81 25.39
CA LEU D 20 -60.12 39.67 25.14
C LEU D 20 -59.38 39.70 26.44
N ILE D 21 -58.63 38.66 26.73
CA ILE D 21 -57.87 38.60 27.97
C ILE D 21 -56.40 38.85 27.72
N GLY D 22 -55.82 39.82 28.40
CA GLY D 22 -54.40 40.09 28.18
C GLY D 22 -54.16 40.80 26.85
N ARG D 23 -52.97 40.56 26.27
CA ARG D 23 -52.52 41.23 25.05
C ARG D 23 -52.46 42.74 25.17
N GLU D 24 -52.04 43.24 26.31
CA GLU D 24 -51.98 44.67 26.48
C GLU D 24 -50.96 45.32 25.59
N LYS D 25 -49.80 44.68 25.43
CA LYS D 25 -48.70 45.22 24.59
C LYS D 25 -49.05 45.05 23.10
N GLU D 26 -49.95 44.12 22.78
CA GLU D 26 -50.35 43.86 21.37
C GLU D 26 -51.45 44.84 20.96
N LEU D 27 -52.14 45.44 21.94
CA LEU D 27 -53.20 46.36 21.69
C LEU D 27 -52.70 47.79 21.78
N GLU D 28 -51.83 48.08 22.73
CA GLU D 28 -51.29 49.42 22.82
C GLU D 28 -50.54 49.79 21.58
N ARG D 29 -49.82 48.85 20.99
CA ARG D 29 -49.08 49.19 19.80
C ARG D 29 -50.07 49.55 18.70
N ALA D 30 -51.18 48.81 18.58
CA ALA D 30 -52.16 49.16 17.55
C ALA D 30 -52.74 50.55 17.78
N ILE D 31 -53.00 50.88 19.04
CA ILE D 31 -53.55 52.19 19.36
C ILE D 31 -52.59 53.29 18.96
N GLN D 32 -51.31 53.12 19.26
CA GLN D 32 -50.37 54.15 18.88
C GLN D 32 -50.31 54.29 17.37
N VAL D 33 -50.33 53.20 16.63
CA VAL D 33 -50.27 53.32 15.18
C VAL D 33 -51.44 54.12 14.63
N LEU D 34 -52.63 53.88 15.16
CA LEU D 34 -53.84 54.58 14.73
C LEU D 34 -53.84 56.07 15.04
N CYS D 35 -52.89 56.52 15.85
CA CYS D 35 -52.82 57.89 16.25
C CYS D 35 -51.67 58.68 15.65
N ARG D 36 -50.96 58.08 14.71
CA ARG D 36 -49.84 58.73 14.01
C ARG D 36 -50.43 59.60 12.90
N ARG D 37 -49.63 60.39 12.19
CA ARG D 37 -50.24 61.25 11.17
C ARG D 37 -50.42 60.56 9.83
N ARG D 38 -49.46 59.74 9.47
CA ARG D 38 -49.49 59.04 8.20
C ARG D 38 -49.00 57.63 8.35
N LYS D 39 -49.55 56.74 7.53
CA LYS D 39 -49.20 55.33 7.57
C LYS D 39 -49.57 54.87 8.97
N ASN D 40 -50.74 55.34 9.39
CA ASN D 40 -51.36 55.13 10.68
C ASN D 40 -52.44 54.06 10.63
N ASN D 41 -52.14 53.00 9.88
CA ASN D 41 -53.01 51.85 9.71
C ASN D 41 -52.27 50.59 10.15
N PRO D 42 -52.57 50.00 11.30
CA PRO D 42 -51.88 48.83 11.77
C PRO D 42 -52.31 47.68 10.92
N LEU D 43 -51.44 46.72 10.78
CA LEU D 43 -51.67 45.46 10.10
C LEU D 43 -51.23 44.35 11.03
N LEU D 44 -52.12 43.45 11.39
CA LEU D 44 -51.70 42.42 12.33
C LEU D 44 -51.28 41.17 11.55
N VAL D 45 -50.04 40.74 11.75
CA VAL D 45 -49.52 39.60 11.00
C VAL D 45 -49.12 38.48 11.95
N GLY D 46 -49.55 37.27 11.63
CA GLY D 46 -49.23 36.15 12.51
C GLY D 46 -49.52 34.75 11.97
N GLU D 47 -49.63 33.80 12.87
CA GLU D 47 -49.89 32.41 12.53
C GLU D 47 -51.36 32.12 12.70
N SER D 48 -51.85 31.12 12.03
CA SER D 48 -53.24 30.85 12.20
C SER D 48 -53.55 30.44 13.61
N GLY D 49 -54.64 30.96 14.11
CA GLY D 49 -55.19 30.66 15.43
C GLY D 49 -54.49 31.42 16.56
N VAL D 50 -53.55 32.28 16.23
CA VAL D 50 -52.82 32.96 17.28
C VAL D 50 -53.68 33.97 18.08
N GLY D 51 -54.74 34.50 17.47
CA GLY D 51 -55.57 35.48 18.16
C GLY D 51 -55.56 36.85 17.50
N LYS D 52 -55.33 36.88 16.20
CA LYS D 52 -55.28 38.15 15.47
C LYS D 52 -56.65 38.79 15.41
N THR D 53 -57.67 37.96 15.24
CA THR D 53 -59.01 38.47 15.08
C THR D 53 -59.47 38.78 16.46
N ALA D 54 -59.06 37.95 17.40
CA ALA D 54 -59.50 38.16 18.76
C ALA D 54 -59.09 39.56 19.20
N ILE D 55 -57.91 40.02 18.83
CA ILE D 55 -57.52 41.37 19.21
C ILE D 55 -58.34 42.42 18.48
N ALA D 56 -58.52 42.31 17.18
CA ALA D 56 -59.30 43.35 16.51
C ALA D 56 -60.72 43.46 17.03
N GLU D 57 -61.36 42.33 17.31
CA GLU D 57 -62.71 42.36 17.83
C GLU D 57 -62.68 42.84 19.26
N GLY D 58 -61.63 42.46 19.96
CA GLY D 58 -61.39 42.82 21.34
C GLY D 58 -61.30 44.33 21.51
N LEU D 59 -60.75 45.04 20.52
CA LEU D 59 -60.69 46.48 20.66
C LEU D 59 -62.08 47.06 20.59
N ALA D 60 -62.92 46.60 19.66
CA ALA D 60 -64.27 47.16 19.64
C ALA D 60 -64.95 46.85 20.97
N TRP D 61 -64.67 45.68 21.52
CA TRP D 61 -65.24 45.30 22.78
C TRP D 61 -64.78 46.22 23.89
N ARG D 62 -63.50 46.53 23.96
CA ARG D 62 -63.00 47.42 25.00
C ARG D 62 -63.57 48.84 24.87
N ILE D 63 -63.81 49.29 23.64
CA ILE D 63 -64.36 50.64 23.48
C ILE D 63 -65.71 50.68 24.14
N VAL D 64 -66.51 49.66 23.91
CA VAL D 64 -67.82 49.53 24.53
C VAL D 64 -67.73 49.38 26.04
N GLN D 65 -66.77 48.57 26.52
CA GLN D 65 -66.59 48.40 27.96
C GLN D 65 -66.17 49.72 28.59
N GLY D 66 -65.44 50.53 27.84
CA GLY D 66 -65.00 51.83 28.29
C GLY D 66 -63.62 51.88 28.93
N ASP D 67 -62.77 50.87 28.73
CA ASP D 67 -61.44 50.91 29.31
C ASP D 67 -60.36 51.32 28.32
N VAL D 68 -60.80 51.79 27.14
CA VAL D 68 -59.87 52.21 26.06
C VAL D 68 -59.35 53.62 26.39
N PRO D 69 -58.20 54.04 25.81
CA PRO D 69 -57.67 55.38 26.08
C PRO D 69 -58.65 56.47 25.65
N GLU D 70 -58.68 57.59 26.38
CA GLU D 70 -59.60 58.73 26.07
C GLU D 70 -59.47 59.14 24.60
N VAL D 71 -58.23 59.28 24.11
CA VAL D 71 -57.92 59.66 22.70
C VAL D 71 -58.83 58.91 21.72
N MET D 72 -59.28 57.69 22.05
CA MET D 72 -60.14 57.00 21.11
C MET D 72 -61.54 56.80 21.67
N ALA D 73 -61.95 57.68 22.59
CA ALA D 73 -63.25 57.47 23.19
C ALA D 73 -64.34 57.42 22.16
N ASP D 74 -65.19 56.43 22.34
CA ASP D 74 -66.34 56.23 21.52
C ASP D 74 -66.08 56.20 20.02
N CYS D 75 -64.93 55.67 19.60
CA CYS D 75 -64.65 55.44 18.19
C CYS D 75 -65.44 54.23 17.70
N THR D 76 -65.95 54.30 16.48
CA THR D 76 -66.66 53.16 15.94
C THR D 76 -65.79 52.34 15.03
N ILE D 77 -65.79 51.03 15.24
CA ILE D 77 -65.03 50.16 14.38
C ILE D 77 -66.00 49.29 13.61
N TYR D 78 -65.83 49.26 12.31
CA TYR D 78 -66.68 48.45 11.45
C TYR D 78 -65.89 47.34 10.80
N SER D 79 -66.52 46.21 10.52
CA SER D 79 -65.85 45.12 9.81
C SER D 79 -66.39 44.96 8.40
N LEU D 80 -65.49 44.98 7.43
CA LEU D 80 -65.89 44.93 6.01
C LEU D 80 -66.19 43.55 5.47
N ASP D 81 -67.36 43.39 4.83
CA ASP D 81 -67.68 42.12 4.20
C ASP D 81 -67.55 42.13 2.69
N ILE D 82 -66.50 41.52 2.21
CA ILE D 82 -66.24 41.48 0.79
C ILE D 82 -67.34 40.68 0.09
N GLY D 83 -67.84 39.64 0.73
CA GLY D 83 -68.83 38.79 0.13
C GLY D 83 -70.08 39.55 -0.28
N SER D 84 -70.75 40.26 0.63
CA SER D 84 -71.93 40.99 0.19
C SER D 84 -71.54 42.13 -0.73
N LEU D 85 -70.34 42.69 -0.58
CA LEU D 85 -69.94 43.80 -1.44
C LEU D 85 -69.85 43.41 -2.88
N LEU D 86 -69.28 42.25 -3.15
CA LEU D 86 -69.14 41.78 -4.52
C LEU D 86 -70.35 41.10 -5.08
N ALA D 87 -71.43 41.02 -4.32
CA ALA D 87 -72.63 40.39 -4.82
C ALA D 87 -73.30 41.45 -5.64
N GLY D 88 -72.70 41.73 -6.77
CA GLY D 88 -72.97 42.84 -7.64
C GLY D 88 -73.94 42.57 -8.74
N THR D 89 -73.81 43.34 -9.77
CA THR D 89 -74.73 43.30 -10.87
C THR D 89 -74.01 42.95 -12.13
N LYS D 90 -74.77 42.90 -13.18
CA LYS D 90 -74.28 42.58 -14.49
C LYS D 90 -73.85 43.85 -15.22
N TYR D 91 -73.79 45.00 -14.54
CA TYR D 91 -73.44 46.19 -15.28
C TYR D 91 -72.23 46.90 -14.74
N ARG D 92 -71.47 47.46 -15.65
CA ARG D 92 -70.28 48.18 -15.28
C ARG D 92 -70.59 49.33 -14.37
N GLY D 93 -69.73 49.50 -13.38
CA GLY D 93 -69.85 50.56 -12.40
C GLY D 93 -70.52 50.14 -11.11
N ASP D 94 -71.07 48.92 -11.02
CA ASP D 94 -71.72 48.62 -9.75
C ASP D 94 -70.73 48.54 -8.61
N PHE D 95 -69.58 47.97 -8.88
CA PHE D 95 -68.57 47.78 -7.87
C PHE D 95 -67.97 49.10 -7.45
N GLU D 96 -67.59 49.91 -8.42
CA GLU D 96 -66.96 51.17 -8.09
C GLU D 96 -67.94 52.04 -7.33
N LYS D 97 -69.22 52.06 -7.74
CA LYS D 97 -70.18 52.88 -7.03
C LYS D 97 -70.39 52.42 -5.61
N ARG D 98 -70.48 51.10 -5.39
CA ARG D 98 -70.69 50.67 -4.01
C ARG D 98 -69.47 50.93 -3.18
N PHE D 99 -68.30 50.71 -3.74
CA PHE D 99 -67.11 50.86 -2.98
C PHE D 99 -66.93 52.33 -2.62
N LYS D 100 -67.13 53.24 -3.58
CA LYS D 100 -66.97 54.63 -3.23
C LYS D 100 -68.04 55.08 -2.25
N ALA D 101 -69.26 54.56 -2.36
CA ALA D 101 -70.29 54.94 -1.41
C ALA D 101 -69.90 54.52 -0.01
N LEU D 102 -69.31 53.34 0.14
CA LEU D 102 -68.94 52.94 1.49
C LEU D 102 -67.87 53.85 2.01
N LEU D 103 -66.96 54.24 1.14
CA LEU D 103 -65.90 55.09 1.57
C LEU D 103 -66.39 56.48 1.94
N LYS D 104 -67.34 57.07 1.21
CA LYS D 104 -67.73 58.42 1.63
C LYS D 104 -68.46 58.35 2.95
N GLN D 105 -69.20 57.29 3.22
CA GLN D 105 -69.89 57.21 4.48
C GLN D 105 -68.88 57.08 5.62
N LEU D 106 -67.80 56.34 5.38
CA LEU D 106 -66.74 56.17 6.35
C LEU D 106 -66.04 57.52 6.62
N GLU D 107 -65.75 58.24 5.53
CA GLU D 107 -65.08 59.57 5.62
C GLU D 107 -65.93 60.52 6.47
N GLN D 108 -67.25 60.49 6.29
CA GLN D 108 -68.15 61.36 7.03
C GLN D 108 -68.22 61.01 8.51
N ASP D 109 -68.24 59.71 8.87
CA ASP D 109 -68.29 59.38 10.30
C ASP D 109 -67.11 59.98 11.01
N THR D 110 -65.98 60.03 10.31
CA THR D 110 -64.74 60.64 10.75
C THR D 110 -64.07 59.88 11.88
N ASN D 111 -64.74 59.74 13.01
CA ASN D 111 -64.19 58.99 14.13
C ASN D 111 -64.52 57.53 13.92
N SER D 112 -63.91 56.97 12.88
CA SER D 112 -64.24 55.63 12.46
C SER D 112 -63.09 54.89 11.82
N ILE D 113 -63.01 53.62 12.16
CA ILE D 113 -62.01 52.71 11.66
C ILE D 113 -62.62 51.52 10.92
N LEU D 114 -62.11 51.20 9.74
CA LEU D 114 -62.63 50.04 9.04
C LEU D 114 -61.63 48.88 9.13
N PHE D 115 -62.08 47.79 9.73
CA PHE D 115 -61.31 46.59 9.92
C PHE D 115 -61.52 45.56 8.83
N ILE D 116 -60.43 45.10 8.23
CA ILE D 116 -60.53 44.11 7.18
C ILE D 116 -59.75 42.83 7.46
N ASP D 117 -60.44 41.71 7.64
CA ASP D 117 -59.72 40.46 7.78
C ASP D 117 -59.32 39.95 6.45
N GLU D 118 -58.22 39.21 6.40
CA GLU D 118 -57.82 38.58 5.17
C GLU D 118 -57.72 39.66 4.15
N ILE D 119 -57.03 40.70 4.54
CA ILE D 119 -56.85 41.88 3.72
C ILE D 119 -56.17 41.59 2.42
N HIS D 120 -55.42 40.52 2.27
CA HIS D 120 -54.81 40.29 0.99
C HIS D 120 -55.87 39.97 -0.06
N THR D 121 -57.10 39.71 0.37
CA THR D 121 -58.16 39.35 -0.55
C THR D 121 -58.81 40.58 -1.13
N ILE D 122 -58.41 41.77 -0.68
CA ILE D 122 -59.04 42.93 -1.28
C ILE D 122 -58.42 43.22 -2.64
N ILE D 123 -57.29 42.60 -2.95
CA ILE D 123 -56.59 42.85 -4.20
C ILE D 123 -57.26 42.04 -5.31
N GLY D 124 -57.64 42.67 -6.43
CA GLY D 124 -58.30 41.93 -7.50
C GLY D 124 -59.80 41.73 -7.31
N ALA D 125 -60.41 42.44 -6.37
CA ALA D 125 -61.85 42.28 -6.13
C ALA D 125 -62.70 42.66 -7.35
N GLY D 126 -62.34 43.76 -8.02
CA GLY D 126 -63.04 44.17 -9.24
C GLY D 126 -62.28 43.46 -10.32
N ALA D 127 -62.86 43.14 -11.45
CA ALA D 127 -62.05 42.40 -12.41
C ALA D 127 -62.61 42.33 -13.81
N ALA D 128 -61.74 41.88 -14.70
CA ALA D 128 -61.97 41.49 -16.09
C ALA D 128 -62.50 42.53 -17.07
N SER D 129 -62.28 43.82 -16.80
CA SER D 129 -62.75 44.88 -17.68
C SER D 129 -64.18 45.28 -17.32
N GLY D 130 -64.75 46.39 -17.87
CA GLY D 130 -64.56 47.16 -19.13
C GLY D 130 -63.72 48.37 -18.78
N GLY D 131 -62.58 48.04 -18.20
CA GLY D 131 -61.70 48.97 -17.47
C GLY D 131 -62.14 48.92 -16.00
N GLN D 132 -63.07 48.04 -15.66
CA GLN D 132 -63.61 47.96 -14.28
C GLN D 132 -62.45 47.91 -13.30
N VAL D 133 -62.07 49.04 -12.73
CA VAL D 133 -60.92 48.99 -11.77
C VAL D 133 -61.42 48.32 -10.50
N ASP D 134 -60.59 47.50 -9.88
CA ASP D 134 -60.97 46.74 -8.66
C ASP D 134 -60.74 47.58 -7.42
N ALA D 135 -60.84 46.94 -6.26
CA ALA D 135 -60.58 47.61 -4.98
C ALA D 135 -59.09 47.61 -4.68
N ALA D 136 -58.70 48.13 -3.52
CA ALA D 136 -57.27 48.23 -3.12
C ALA D 136 -56.48 48.82 -4.28
N ASN D 137 -56.92 50.00 -4.66
CA ASN D 137 -56.50 50.89 -5.76
C ASN D 137 -57.53 51.98 -5.60
N LEU D 138 -58.80 51.58 -5.66
CA LEU D 138 -59.83 52.59 -5.46
C LEU D 138 -59.73 53.28 -4.08
N ILE D 139 -58.93 52.68 -3.20
CA ILE D 139 -58.74 53.11 -1.82
C ILE D 139 -57.38 53.77 -1.57
N LYS D 140 -56.44 53.69 -2.52
CA LYS D 140 -55.12 54.23 -2.24
C LYS D 140 -55.13 55.69 -1.79
N PRO D 141 -55.89 56.61 -2.43
CA PRO D 141 -55.96 58.00 -2.07
C PRO D 141 -56.51 58.27 -0.67
N LEU D 142 -57.25 57.33 -0.09
CA LEU D 142 -57.81 57.65 1.21
C LEU D 142 -56.88 57.23 2.29
N LEU D 143 -56.03 56.26 2.00
CA LEU D 143 -55.09 55.90 3.01
C LEU D 143 -53.95 56.89 2.92
N SER D 144 -53.62 57.30 1.70
CA SER D 144 -52.49 58.18 1.46
C SER D 144 -52.70 59.57 2.05
N SER D 145 -53.92 60.07 1.97
CA SER D 145 -54.28 61.37 2.47
C SER D 145 -54.53 61.45 3.96
N GLY D 146 -54.63 60.30 4.62
CA GLY D 146 -54.96 60.28 6.03
C GLY D 146 -56.47 60.39 6.29
N LYS D 147 -57.29 60.44 5.23
CA LYS D 147 -58.73 60.58 5.40
C LYS D 147 -59.42 59.45 6.15
N ILE D 148 -58.98 58.22 5.96
CA ILE D 148 -59.64 57.11 6.65
C ILE D 148 -58.61 56.28 7.39
N ARG D 149 -59.05 55.50 8.36
CA ARG D 149 -58.14 54.60 9.03
C ARG D 149 -58.68 53.21 8.93
N VAL D 150 -57.78 52.26 8.71
CA VAL D 150 -58.19 50.88 8.62
C VAL D 150 -57.31 50.01 9.48
N ILE D 151 -57.79 48.82 9.79
CA ILE D 151 -56.97 47.82 10.47
C ILE D 151 -56.82 46.61 9.59
N GLY D 152 -55.59 46.20 9.30
CA GLY D 152 -55.41 45.03 8.45
C GLY D 152 -55.21 43.75 9.28
N SER D 153 -55.22 42.62 8.59
CA SER D 153 -55.02 41.29 9.18
C SER D 153 -54.67 40.21 8.16
N THR D 154 -53.50 39.58 8.31
CA THR D 154 -52.99 38.52 7.40
C THR D 154 -52.18 37.48 8.14
N THR D 155 -52.00 36.31 7.55
CA THR D 155 -51.06 35.39 8.14
C THR D 155 -49.71 35.69 7.55
N TYR D 156 -48.64 35.16 8.12
CA TYR D 156 -47.32 35.42 7.58
C TYR D 156 -47.17 34.99 6.14
N GLN D 157 -47.74 33.86 5.78
CA GLN D 157 -47.58 33.37 4.43
C GLN D 157 -48.40 34.16 3.45
N GLU D 158 -49.61 34.52 3.82
CA GLU D 158 -50.46 35.27 2.92
C GLU D 158 -49.84 36.63 2.68
N PHE D 159 -49.21 37.16 3.73
CA PHE D 159 -48.56 38.51 3.66
C PHE D 159 -47.14 38.37 3.08
N SER D 160 -46.69 37.14 2.82
CA SER D 160 -45.33 36.91 2.27
C SER D 160 -45.42 36.50 0.80
N ASN D 161 -46.64 36.22 0.31
CA ASN D 161 -46.88 35.82 -1.05
C ASN D 161 -47.82 36.71 -1.83
N ILE D 162 -48.81 37.31 -1.18
CA ILE D 162 -49.75 38.16 -1.89
C ILE D 162 -49.72 39.61 -1.46
N PHE D 163 -49.90 39.85 -0.17
CA PHE D 163 -50.21 41.21 0.26
C PHE D 163 -49.10 42.16 -0.10
N GLU D 164 -47.87 41.77 0.24
CA GLU D 164 -46.70 42.61 0.02
C GLU D 164 -46.37 42.88 -1.41
N LYS D 165 -46.92 42.15 -2.34
CA LYS D 165 -46.52 42.44 -3.70
C LYS D 165 -46.97 43.82 -4.12
N ASP D 166 -48.11 44.31 -3.61
CA ASP D 166 -48.46 45.65 -4.06
C ASP D 166 -47.82 46.60 -3.09
N ARG D 167 -46.63 47.03 -3.46
CA ARG D 167 -45.82 47.83 -2.57
C ARG D 167 -46.51 49.11 -2.16
N ALA D 168 -47.41 49.61 -2.99
CA ALA D 168 -48.03 50.86 -2.63
C ALA D 168 -48.84 50.75 -1.37
N LEU D 169 -49.49 49.61 -1.16
CA LEU D 169 -50.29 49.49 0.02
C LEU D 169 -49.45 49.02 1.14
N ALA D 170 -48.44 48.25 0.84
CA ALA D 170 -47.61 47.75 1.92
C ALA D 170 -47.02 48.92 2.69
N ARG D 171 -46.70 50.00 1.98
CA ARG D 171 -46.11 51.18 2.61
C ARG D 171 -47.07 51.99 3.45
N ARG D 172 -48.37 51.73 3.40
CA ARG D 172 -49.32 52.51 4.17
C ARG D 172 -49.67 51.86 5.49
N PHE D 173 -49.10 50.69 5.76
CA PHE D 173 -49.44 49.99 6.98
C PHE D 173 -48.28 49.70 7.91
N GLN D 174 -48.58 49.65 9.19
CA GLN D 174 -47.57 49.27 10.17
C GLN D 174 -47.75 47.84 10.57
N LYS D 175 -46.72 47.06 10.37
CA LYS D 175 -46.80 45.66 10.70
C LYS D 175 -46.58 45.42 12.19
N ILE D 176 -47.53 44.72 12.80
CA ILE D 176 -47.46 44.35 14.20
C ILE D 176 -47.45 42.83 14.30
N ASP D 177 -46.45 42.28 14.95
CA ASP D 177 -46.32 40.85 15.05
C ASP D 177 -47.07 40.26 16.22
N ILE D 178 -48.01 39.38 15.95
CA ILE D 178 -48.79 38.78 17.02
C ILE D 178 -48.20 37.41 17.29
N THR D 179 -47.57 37.24 18.44
CA THR D 179 -46.90 36.00 18.75
C THR D 179 -47.79 35.07 19.52
N GLU D 180 -47.36 33.82 19.61
CA GLU D 180 -48.05 32.78 20.37
C GLU D 180 -47.96 33.10 21.86
N PRO D 181 -49.02 32.91 22.67
CA PRO D 181 -49.00 33.06 24.11
C PRO D 181 -48.19 31.98 24.79
N SER D 182 -47.72 32.28 25.98
CA SER D 182 -47.00 31.36 26.82
C SER D 182 -47.98 30.42 27.48
N ILE D 183 -47.46 29.43 28.21
CA ILE D 183 -48.33 28.49 28.86
C ILE D 183 -49.19 29.17 29.89
N GLU D 184 -48.61 30.06 30.69
CA GLU D 184 -49.44 30.70 31.70
C GLU D 184 -50.43 31.64 31.08
N GLU D 185 -50.05 32.30 30.00
CA GLU D 185 -50.99 33.20 29.37
C GLU D 185 -52.16 32.40 28.84
N THR D 186 -51.89 31.23 28.31
CA THR D 186 -52.93 30.39 27.78
C THR D 186 -53.88 29.96 28.87
N VAL D 187 -53.34 29.57 30.03
CA VAL D 187 -54.21 29.15 31.11
C VAL D 187 -55.09 30.30 31.52
N GLN D 188 -54.54 31.51 31.61
CA GLN D 188 -55.33 32.67 32.00
C GLN D 188 -56.41 32.99 30.98
N ILE D 189 -56.12 32.84 29.69
CA ILE D 189 -57.11 33.10 28.67
C ILE D 189 -58.23 32.13 28.83
N ILE D 190 -57.89 30.87 29.05
CA ILE D 190 -58.94 29.91 29.23
C ILE D 190 -59.75 30.23 30.45
N ASN D 191 -59.12 30.57 31.58
CA ASN D 191 -59.95 30.87 32.72
C ASN D 191 -60.92 32.00 32.43
N GLY D 192 -60.46 32.99 31.68
CA GLY D 192 -61.33 34.09 31.30
C GLY D 192 -62.49 33.66 30.41
N LEU D 193 -62.24 32.70 29.53
CA LEU D 193 -63.26 32.24 28.60
C LEU D 193 -64.14 31.12 29.08
N LYS D 194 -63.66 30.30 30.01
CA LYS D 194 -64.43 29.13 30.39
C LYS D 194 -65.90 29.37 30.73
N PRO D 195 -66.36 30.48 31.34
CA PRO D 195 -67.77 30.64 31.66
C PRO D 195 -68.65 30.57 30.41
N LYS D 196 -68.07 30.79 29.23
CA LYS D 196 -68.83 30.74 28.00
C LYS D 196 -69.12 29.30 27.63
N TYR D 197 -68.18 28.44 27.95
CA TYR D 197 -68.27 27.06 27.59
C TYR D 197 -69.08 26.37 28.64
N GLU D 198 -68.93 26.80 29.89
CA GLU D 198 -69.68 26.16 30.94
C GLU D 198 -71.14 26.47 30.72
N ALA D 199 -71.44 27.71 30.35
CA ALA D 199 -72.80 28.09 30.09
C ALA D 199 -73.36 27.39 28.88
N HIS D 200 -72.57 27.23 27.84
CA HIS D 200 -73.05 26.60 26.64
C HIS D 200 -73.34 25.13 26.85
N HIS D 201 -72.42 24.43 27.51
CA HIS D 201 -72.56 23.00 27.66
C HIS D 201 -73.18 22.51 28.96
N ASP D 202 -73.45 23.39 29.92
CA ASP D 202 -73.98 22.95 31.22
C ASP D 202 -73.01 22.01 31.89
N VAL D 203 -71.76 22.40 31.90
CA VAL D 203 -70.68 21.63 32.50
C VAL D 203 -69.92 22.54 33.41
N ARG D 204 -69.06 21.99 34.25
CA ARG D 204 -68.17 22.80 35.07
C ARG D 204 -66.79 22.21 34.95
N TYR D 205 -65.78 23.03 34.74
CA TYR D 205 -64.43 22.51 34.61
C TYR D 205 -63.67 22.67 35.90
N THR D 206 -62.89 21.68 36.27
CA THR D 206 -62.09 21.84 37.48
C THR D 206 -60.86 22.65 37.16
N ALA D 207 -60.19 23.15 38.20
CA ALA D 207 -58.97 23.92 38.00
C ALA D 207 -57.88 23.08 37.38
N LYS D 208 -57.83 21.82 37.77
CA LYS D 208 -56.83 20.94 37.26
C LYS D 208 -57.13 20.60 35.83
N ALA D 209 -58.40 20.47 35.47
CA ALA D 209 -58.75 20.13 34.10
C ALA D 209 -58.23 21.19 33.16
N VAL D 210 -58.33 22.46 33.55
CA VAL D 210 -57.82 23.47 32.65
C VAL D 210 -56.34 23.43 32.53
N ARG D 211 -55.62 23.33 33.62
CA ARG D 211 -54.18 23.29 33.46
C ARG D 211 -53.75 22.05 32.69
N ALA D 212 -54.38 20.90 32.94
CA ALA D 212 -54.00 19.71 32.21
C ALA D 212 -54.25 19.89 30.74
N ALA D 213 -55.37 20.53 30.36
CA ALA D 213 -55.62 20.69 28.96
C ALA D 213 -54.52 21.45 28.31
N VAL D 214 -54.03 22.49 28.96
CA VAL D 214 -52.99 23.23 28.30
C VAL D 214 -51.71 22.42 28.20
N GLU D 215 -51.29 21.76 29.27
CA GLU D 215 -50.02 21.05 29.18
C GLU D 215 -50.06 19.86 28.23
N LEU D 216 -51.17 19.14 28.21
CA LEU D 216 -51.26 17.99 27.36
C LEU D 216 -51.40 18.41 25.94
N ALA D 217 -52.18 19.44 25.68
CA ALA D 217 -52.35 19.86 24.32
C ALA D 217 -51.03 20.27 23.75
N VAL D 218 -50.20 20.91 24.56
CA VAL D 218 -48.90 21.30 24.05
C VAL D 218 -48.00 20.10 23.79
N LYS D 219 -47.95 19.16 24.71
CA LYS D 219 -47.13 17.98 24.54
C LYS D 219 -47.53 17.07 23.38
N TYR D 220 -48.84 16.92 23.13
CA TYR D 220 -49.25 15.89 22.14
C TYR D 220 -49.75 16.43 20.78
N ILE D 221 -50.25 17.66 20.71
CA ILE D 221 -50.78 18.10 19.44
C ILE D 221 -49.80 19.06 18.81
N ASN D 222 -49.20 18.70 17.70
CA ASN D 222 -48.19 19.57 17.09
C ASN D 222 -48.67 20.28 15.85
N ASP D 223 -49.96 20.27 15.64
CA ASP D 223 -50.56 20.83 14.44
C ASP D 223 -50.92 22.29 14.52
N ARG D 224 -51.19 22.77 15.74
CA ARG D 224 -51.56 24.20 15.97
C ARG D 224 -50.78 24.73 17.17
N HIS D 225 -50.88 26.04 17.44
CA HIS D 225 -50.17 26.67 18.58
C HIS D 225 -51.17 26.93 19.72
N LEU D 226 -50.80 27.82 20.66
CA LEU D 226 -51.68 28.15 21.80
C LEU D 226 -52.41 29.47 21.52
N PRO D 227 -53.55 29.76 22.18
CA PRO D 227 -54.20 28.81 23.08
C PRO D 227 -55.27 27.96 22.39
N ASP D 228 -55.16 27.80 21.06
CA ASP D 228 -56.13 27.01 20.27
C ASP D 228 -56.01 25.53 20.65
N LYS D 229 -54.80 24.99 20.63
CA LYS D 229 -54.55 23.57 20.98
C LYS D 229 -55.22 23.25 22.32
N ALA D 230 -55.29 24.24 23.22
CA ALA D 230 -55.90 24.06 24.51
C ALA D 230 -57.39 24.33 24.51
N ILE D 231 -57.85 25.32 23.76
CA ILE D 231 -59.28 25.63 23.73
C ILE D 231 -60.05 24.48 23.15
N ASP D 232 -59.53 23.90 22.09
CA ASP D 232 -60.22 22.80 21.46
C ASP D 232 -60.40 21.64 22.40
N VAL D 233 -59.41 21.35 23.22
CA VAL D 233 -59.57 20.25 24.15
C VAL D 233 -60.66 20.55 25.15
N ILE D 234 -60.68 21.78 25.65
CA ILE D 234 -61.70 22.17 26.61
C ILE D 234 -63.08 22.09 26.02
N ASP D 235 -63.26 22.56 24.80
CA ASP D 235 -64.57 22.52 24.23
C ASP D 235 -65.01 21.11 23.88
N GLU D 236 -64.12 20.27 23.38
CA GLU D 236 -64.57 18.93 23.08
C GLU D 236 -64.94 18.22 24.36
N ALA D 237 -64.16 18.39 25.42
CA ALA D 237 -64.49 17.72 26.67
C ALA D 237 -65.86 18.16 27.13
N GLY D 238 -66.17 19.43 26.92
CA GLY D 238 -67.46 19.96 27.27
C GLY D 238 -68.54 19.26 26.47
N ALA D 239 -68.37 19.19 25.14
CA ALA D 239 -69.38 18.56 24.30
C ALA D 239 -69.57 17.11 24.69
N ARG D 240 -68.48 16.45 25.03
CA ARG D 240 -68.56 15.07 25.41
C ARG D 240 -69.38 14.93 26.66
N ALA D 241 -69.13 15.78 27.66
CA ALA D 241 -69.91 15.73 28.90
C ALA D 241 -71.37 16.07 28.60
N ARG D 242 -71.63 17.03 27.72
CA ARG D 242 -73.01 17.37 27.36
C ARG D 242 -73.77 16.17 26.85
N LEU D 243 -73.09 15.29 26.15
CA LEU D 243 -73.71 14.11 25.60
C LEU D 243 -73.72 12.94 26.56
N MET D 244 -73.26 13.13 27.79
CA MET D 244 -73.37 12.07 28.79
C MET D 244 -74.79 11.84 29.27
N PRO D 245 -75.59 12.85 29.73
CA PRO D 245 -76.93 12.66 30.25
C PRO D 245 -77.97 12.50 29.16
N VAL D 246 -77.70 11.50 28.33
CA VAL D 246 -78.52 10.99 27.27
C VAL D 246 -78.70 9.57 27.76
N SER D 247 -77.80 9.24 28.71
CA SER D 247 -77.69 7.97 29.43
C SER D 247 -78.01 8.29 30.88
N LYS D 248 -78.64 9.46 31.06
CA LYS D 248 -79.07 10.07 32.33
C LYS D 248 -77.93 10.69 33.13
N ARG D 249 -76.81 10.00 33.17
CA ARG D 249 -75.64 10.43 33.94
C ARG D 249 -75.15 11.82 33.55
N LYS D 250 -75.00 12.69 34.54
CA LYS D 250 -74.51 14.06 34.32
C LYS D 250 -73.10 14.13 34.84
N LYS D 251 -72.27 14.95 34.20
CA LYS D 251 -70.88 15.08 34.59
C LYS D 251 -70.35 16.50 34.62
N THR D 252 -69.27 16.66 35.36
CA THR D 252 -68.43 17.85 35.37
C THR D 252 -67.20 17.41 34.59
N VAL D 253 -66.26 18.30 34.27
CA VAL D 253 -65.11 17.86 33.50
C VAL D 253 -63.85 17.78 34.34
N ASN D 254 -63.38 16.55 34.56
CA ASN D 254 -62.21 16.33 35.37
C ASN D 254 -60.96 16.14 34.51
N VAL D 255 -59.83 15.96 35.15
CA VAL D 255 -58.60 15.73 34.41
C VAL D 255 -58.72 14.48 33.58
N ALA D 256 -59.34 13.46 34.13
CA ALA D 256 -59.49 12.22 33.41
C ALA D 256 -60.23 12.39 32.09
N ASP D 257 -61.16 13.34 32.03
CA ASP D 257 -61.92 13.52 30.81
C ASP D 257 -61.08 14.28 29.83
N ILE D 258 -60.27 15.19 30.34
CA ILE D 258 -59.34 15.88 29.49
C ILE D 258 -58.35 14.91 28.91
N GLU D 259 -57.82 14.00 29.70
CA GLU D 259 -56.88 13.05 29.15
C GLU D 259 -57.50 12.16 28.10
N SER D 260 -58.74 11.73 28.28
CA SER D 260 -59.36 10.93 27.25
C SER D 260 -59.48 11.70 25.95
N VAL D 261 -59.90 12.95 26.04
CA VAL D 261 -60.06 13.77 24.86
C VAL D 261 -58.76 14.03 24.14
N VAL D 262 -57.69 14.35 24.87
CA VAL D 262 -56.45 14.60 24.17
C VAL D 262 -55.98 13.35 23.51
N ALA D 263 -56.05 12.21 24.17
CA ALA D 263 -55.58 11.01 23.54
C ALA D 263 -56.34 10.72 22.27
N ARG D 264 -57.65 10.98 22.26
CA ARG D 264 -58.38 10.74 21.04
C ARG D 264 -57.96 11.69 19.92
N ILE D 265 -57.78 12.97 20.24
CA ILE D 265 -57.40 13.96 19.22
C ILE D 265 -56.06 13.64 18.62
N ALA D 266 -55.12 13.27 19.47
CA ALA D 266 -53.77 12.98 19.08
C ALA D 266 -53.58 11.58 18.52
N ARG D 267 -54.64 10.78 18.47
CA ARG D 267 -54.58 9.41 18.01
C ARG D 267 -53.59 8.53 18.77
N ILE D 268 -53.59 8.60 20.08
CA ILE D 268 -52.70 7.76 20.88
C ILE D 268 -53.54 6.99 21.90
N PRO D 269 -52.93 5.86 22.60
CA PRO D 269 -53.33 4.73 23.80
C PRO D 269 -53.75 5.44 25.10
N GLU D 270 -54.96 5.18 25.60
CA GLU D 270 -55.46 5.83 26.83
C GLU D 270 -55.21 4.93 28.04
N LYS D 271 -55.93 5.15 29.13
CA LYS D 271 -55.77 4.33 30.37
C LYS D 271 -55.99 2.85 30.01
N SER D 272 -54.89 2.11 29.80
CA SER D 272 -54.97 0.67 29.45
C SER D 272 -54.76 -0.20 30.70
N VAL D 273 -55.07 0.35 31.87
CA VAL D 273 -54.91 -0.40 33.16
C VAL D 273 -56.25 -1.06 33.52
N SER D 274 -57.31 -0.72 32.79
CA SER D 274 -58.67 -1.28 33.06
C SER D 274 -59.28 -1.79 31.75
N GLN D 275 -58.52 -1.70 30.65
CA GLN D 275 -59.01 -2.16 29.32
C GLN D 275 -58.50 -3.58 29.06
N SER D 276 -59.24 -4.35 28.24
CA SER D 276 -58.85 -5.75 27.92
C SER D 276 -57.38 -5.79 27.46
N ASP D 277 -56.82 -4.63 27.09
CA ASP D 277 -55.46 -4.54 26.65
C ASP D 277 -54.55 -4.95 27.78
N ARG D 278 -54.98 -4.82 29.02
CA ARG D 278 -54.12 -5.19 30.11
C ARG D 278 -53.85 -6.68 30.06
N ASP D 279 -54.78 -7.48 29.56
CA ASP D 279 -54.56 -8.90 29.53
C ASP D 279 -53.79 -9.23 28.30
N THR D 280 -54.01 -8.44 27.26
CA THR D 280 -53.26 -8.64 26.05
C THR D 280 -51.80 -8.44 26.34
N LEU D 281 -51.46 -7.41 27.10
CA LEU D 281 -50.06 -7.23 27.43
C LEU D 281 -49.56 -8.26 28.42
N LYS D 282 -50.39 -8.65 29.38
CA LYS D 282 -49.94 -9.56 30.42
C LYS D 282 -49.33 -10.82 29.87
N ASN D 283 -49.93 -11.39 28.84
CA ASN D 283 -49.40 -12.62 28.29
C ASN D 283 -48.84 -12.48 26.87
N LEU D 284 -48.39 -11.28 26.51
CA LEU D 284 -47.83 -11.06 25.17
C LEU D 284 -46.64 -11.94 24.97
N GLY D 285 -45.85 -12.11 26.00
CA GLY D 285 -44.66 -12.91 25.91
C GLY D 285 -44.99 -14.35 25.58
N ASP D 286 -46.16 -14.87 25.96
CA ASP D 286 -46.39 -16.26 25.69
C ASP D 286 -46.88 -16.43 24.30
N ARG D 287 -47.66 -15.51 23.81
CA ARG D 287 -48.12 -15.70 22.45
C ARG D 287 -46.95 -15.73 21.52
N LEU D 288 -45.93 -14.91 21.79
CA LEU D 288 -44.78 -14.91 20.93
C LEU D 288 -43.89 -16.12 21.17
N LYS D 289 -43.72 -16.55 22.41
CA LYS D 289 -42.92 -17.75 22.64
C LYS D 289 -43.48 -19.01 22.01
N MET D 290 -44.76 -19.03 21.70
CA MET D 290 -45.30 -20.20 21.03
C MET D 290 -45.09 -20.17 19.51
N LEU D 291 -44.61 -19.05 18.98
CA LEU D 291 -44.38 -18.91 17.54
C LEU D 291 -42.91 -18.89 17.17
N VAL D 292 -42.09 -18.31 18.02
CA VAL D 292 -40.67 -18.25 17.79
C VAL D 292 -40.01 -19.04 18.88
N PHE D 293 -39.30 -20.08 18.55
CA PHE D 293 -38.80 -20.93 19.58
C PHE D 293 -37.40 -20.56 19.92
N GLY D 294 -37.15 -20.38 21.20
CA GLY D 294 -35.83 -19.99 21.62
C GLY D 294 -35.75 -18.49 21.45
N GLN D 295 -34.57 -17.93 21.60
CA GLN D 295 -34.40 -16.49 21.49
C GLN D 295 -35.32 -15.77 22.48
N ASP D 296 -35.49 -16.31 23.70
CA ASP D 296 -36.38 -15.70 24.67
C ASP D 296 -35.99 -14.30 24.98
N LYS D 297 -34.71 -14.05 25.00
CA LYS D 297 -34.23 -12.74 25.31
C LYS D 297 -34.69 -11.68 24.32
N ALA D 298 -34.94 -12.05 23.06
CA ALA D 298 -35.38 -11.04 22.13
C ALA D 298 -36.81 -10.73 22.43
N ILE D 299 -37.58 -11.77 22.70
CA ILE D 299 -38.97 -11.56 23.01
C ILE D 299 -39.10 -10.72 24.25
N GLU D 300 -38.32 -11.00 25.26
CA GLU D 300 -38.41 -10.20 26.47
C GLU D 300 -38.03 -8.75 26.21
N ALA D 301 -36.99 -8.49 25.41
CA ALA D 301 -36.67 -7.09 25.20
C ALA D 301 -37.81 -6.35 24.54
N LEU D 302 -38.48 -6.99 23.60
CA LEU D 302 -39.57 -6.33 22.93
C LEU D 302 -40.76 -6.14 23.82
N THR D 303 -41.12 -7.12 24.63
CA THR D 303 -42.33 -6.90 25.38
C THR D 303 -42.14 -6.00 26.55
N GLU D 304 -40.95 -5.91 27.10
CA GLU D 304 -40.83 -5.00 28.21
C GLU D 304 -40.89 -3.58 27.68
N ALA D 305 -40.29 -3.29 26.52
CA ALA D 305 -40.34 -1.93 26.01
C ALA D 305 -41.76 -1.48 25.79
N ILE D 306 -42.60 -2.38 25.31
CA ILE D 306 -43.98 -2.04 25.06
C ILE D 306 -44.74 -1.80 26.33
N LYS D 307 -44.61 -2.69 27.31
CA LYS D 307 -45.33 -2.48 28.55
C LYS D 307 -44.88 -1.24 29.24
N MET D 308 -43.59 -1.01 29.25
CA MET D 308 -43.07 0.14 29.93
C MET D 308 -43.62 1.40 29.37
N ALA D 309 -43.59 1.53 28.07
CA ALA D 309 -44.12 2.75 27.50
C ALA D 309 -45.59 2.85 27.73
N ARG D 310 -46.30 1.75 27.63
CA ARG D 310 -47.74 1.81 27.74
C ARG D 310 -48.16 2.15 29.17
N ALA D 311 -47.35 1.72 30.12
CA ALA D 311 -47.56 1.94 31.54
C ALA D 311 -47.43 3.40 31.91
N GLY D 312 -46.87 4.22 31.03
CA GLY D 312 -46.66 5.63 31.27
C GLY D 312 -45.23 6.00 31.54
N LEU D 313 -44.39 5.03 31.84
CA LEU D 313 -43.00 5.33 32.08
C LEU D 313 -42.22 5.26 30.78
N GLY D 314 -42.52 6.15 29.88
CA GLY D 314 -41.88 6.12 28.58
C GLY D 314 -40.76 7.14 28.47
N HIS D 315 -40.39 7.44 27.23
CA HIS D 315 -39.37 8.42 26.95
C HIS D 315 -40.10 9.69 26.69
N GLU D 316 -39.46 10.82 26.89
CA GLU D 316 -40.15 12.06 26.60
C GLU D 316 -40.27 12.36 25.11
N HIS D 317 -39.28 11.93 24.34
CA HIS D 317 -39.28 12.19 22.91
C HIS D 317 -38.45 11.21 22.13
N LYS D 318 -38.82 9.96 22.16
CA LYS D 318 -38.09 8.94 21.46
C LYS D 318 -39.09 7.90 21.02
N PRO D 319 -38.77 7.02 20.11
CA PRO D 319 -39.58 5.91 19.71
C PRO D 319 -39.80 5.03 20.92
N VAL D 320 -40.74 4.10 20.84
CA VAL D 320 -41.05 3.22 21.95
C VAL D 320 -39.80 2.47 22.33
N GLY D 321 -39.06 2.08 21.33
CA GLY D 321 -37.80 1.42 21.53
C GLY D 321 -37.14 1.36 20.18
N SER D 322 -35.84 1.21 20.20
CA SER D 322 -35.02 1.13 19.00
C SER D 322 -34.04 -0.03 19.09
N PHE D 323 -34.29 -1.06 18.31
CA PHE D 323 -33.49 -2.25 18.48
C PHE D 323 -32.81 -2.67 17.24
N LEU D 324 -31.62 -3.18 17.40
CA LEU D 324 -30.93 -3.78 16.29
C LEU D 324 -30.82 -5.26 16.53
N PHE D 325 -31.28 -6.08 15.61
CA PHE D 325 -31.19 -7.52 15.80
C PHE D 325 -30.11 -8.05 14.91
N ALA D 326 -29.28 -8.92 15.42
CA ALA D 326 -28.19 -9.45 14.62
C ALA D 326 -27.98 -10.89 14.95
N GLY D 327 -27.40 -11.67 14.06
CA GLY D 327 -27.21 -13.07 14.40
C GLY D 327 -26.92 -13.87 13.14
N PRO D 328 -26.85 -15.18 13.23
CA PRO D 328 -26.62 -16.10 12.15
C PRO D 328 -27.86 -16.07 11.30
N THR D 329 -27.80 -16.61 10.10
CA THR D 329 -28.94 -16.58 9.21
C THR D 329 -29.95 -17.63 9.50
N GLY D 330 -31.14 -17.49 8.91
CA GLY D 330 -32.15 -18.51 8.98
C GLY D 330 -32.90 -18.57 10.29
N VAL D 331 -32.78 -17.52 11.09
CA VAL D 331 -33.44 -17.46 12.39
C VAL D 331 -34.79 -16.75 12.30
N GLY D 332 -35.27 -16.22 13.42
CA GLY D 332 -36.54 -15.54 13.46
C GLY D 332 -36.44 -14.04 13.61
N LYS D 333 -35.28 -13.48 13.29
CA LYS D 333 -35.08 -12.04 13.39
C LYS D 333 -36.24 -11.33 12.69
N THR D 334 -36.44 -11.68 11.43
CA THR D 334 -37.54 -11.08 10.62
C THR D 334 -38.86 -11.78 10.96
N GLU D 335 -38.80 -12.85 11.75
CA GLU D 335 -40.00 -13.61 12.16
C GLU D 335 -40.42 -13.19 13.58
N VAL D 336 -39.49 -12.56 14.31
CA VAL D 336 -39.78 -12.09 15.71
C VAL D 336 -40.45 -10.71 15.63
N THR D 337 -40.30 -10.01 14.50
CA THR D 337 -40.89 -8.70 14.34
C THR D 337 -42.25 -8.82 13.69
N VAL D 338 -42.38 -9.67 12.70
CA VAL D 338 -43.65 -9.77 12.05
C VAL D 338 -44.71 -10.26 12.99
N GLN D 339 -44.39 -11.26 13.79
CA GLN D 339 -45.38 -11.76 14.70
C GLN D 339 -45.73 -10.77 15.78
N LEU D 340 -44.81 -9.89 16.15
CA LEU D 340 -45.14 -8.91 17.15
C LEU D 340 -46.25 -8.02 16.68
N SER D 341 -46.19 -7.54 15.45
CA SER D 341 -47.25 -6.65 15.03
C SER D 341 -48.56 -7.39 14.97
N LYS D 342 -48.52 -8.68 14.65
CA LYS D 342 -49.78 -9.40 14.63
C LYS D 342 -50.34 -9.60 16.02
N ALA D 343 -49.48 -9.95 16.96
CA ALA D 343 -49.92 -10.22 18.31
C ALA D 343 -50.58 -9.01 18.94
N LEU D 344 -50.07 -7.84 18.61
CA LEU D 344 -50.59 -6.59 19.13
C LEU D 344 -51.73 -6.00 18.36
N GLY D 345 -52.06 -6.54 17.20
CA GLY D 345 -53.10 -5.95 16.39
C GLY D 345 -52.73 -4.60 15.74
N ILE D 346 -51.47 -4.36 15.40
CA ILE D 346 -51.11 -3.05 14.83
C ILE D 346 -50.41 -3.19 13.49
N GLU D 347 -50.32 -2.08 12.76
CA GLU D 347 -49.80 -2.11 11.36
C GLU D 347 -48.28 -2.27 11.29
N LEU D 348 -47.82 -3.19 10.43
CA LEU D 348 -46.41 -3.37 10.16
C LEU D 348 -46.02 -2.62 8.92
N LEU D 349 -45.06 -1.75 9.05
CA LEU D 349 -44.59 -0.99 7.93
C LEU D 349 -43.28 -1.58 7.55
N ARG D 350 -43.12 -2.07 6.33
CA ARG D 350 -41.85 -2.68 6.02
C ARG D 350 -41.13 -2.01 4.93
N PHE D 351 -39.85 -1.83 5.13
CA PHE D 351 -39.02 -1.27 4.13
C PHE D 351 -37.86 -2.20 3.93
N ASP D 352 -37.42 -2.34 2.70
CA ASP D 352 -36.29 -3.19 2.38
C ASP D 352 -35.09 -2.35 2.10
N MET D 353 -34.12 -2.37 2.95
CA MET D 353 -33.03 -1.45 2.81
C MET D 353 -32.13 -1.72 1.66
N SER D 354 -32.23 -2.88 1.08
CA SER D 354 -31.41 -3.23 -0.03
C SER D 354 -31.77 -2.41 -1.25
N GLU D 355 -32.93 -1.73 -1.18
CA GLU D 355 -33.43 -0.90 -2.31
C GLU D 355 -32.97 0.55 -2.16
N TYR D 356 -32.09 0.81 -1.18
CA TYR D 356 -31.58 2.19 -0.92
C TYR D 356 -30.05 2.20 -0.98
N MET D 357 -29.49 1.48 -1.97
CA MET D 357 -28.02 1.38 -2.14
C MET D 357 -27.42 2.77 -2.42
N GLU D 358 -27.78 3.37 -3.56
CA GLU D 358 -27.26 4.70 -3.95
C GLU D 358 -27.64 5.77 -2.91
N ARG D 359 -26.74 6.71 -2.65
CA ARG D 359 -26.98 7.77 -1.69
C ARG D 359 -28.08 8.73 -2.07
N HIS D 360 -28.40 8.88 -3.34
CA HIS D 360 -29.41 9.84 -3.65
C HIS D 360 -30.80 9.32 -3.42
N THR D 361 -30.92 8.04 -3.08
CA THR D 361 -32.21 7.44 -2.86
C THR D 361 -32.84 7.93 -1.60
N VAL D 362 -32.13 8.73 -0.83
CA VAL D 362 -32.73 9.28 0.36
C VAL D 362 -33.99 10.02 0.01
N SER D 363 -34.02 10.72 -1.12
CA SER D 363 -35.23 11.47 -1.42
C SER D 363 -36.41 10.57 -1.61
N ARG D 364 -36.20 9.31 -1.84
CA ARG D 364 -37.29 8.40 -1.99
C ARG D 364 -38.07 8.29 -0.69
N LEU D 365 -37.38 8.43 0.44
CA LEU D 365 -37.96 8.28 1.75
C LEU D 365 -38.60 9.54 2.26
N ILE D 366 -37.98 10.69 1.98
CA ILE D 366 -38.48 11.96 2.51
C ILE D 366 -39.03 12.97 1.50
N GLY D 367 -38.86 12.74 0.21
CA GLY D 367 -39.39 13.60 -0.84
C GLY D 367 -38.38 14.50 -1.51
N ALA D 368 -38.70 14.89 -2.73
CA ALA D 368 -37.87 15.76 -3.55
C ALA D 368 -37.97 17.20 -3.04
N PRO D 369 -36.93 18.04 -3.11
CA PRO D 369 -37.00 19.43 -2.75
C PRO D 369 -37.95 20.16 -3.66
N PRO D 370 -38.47 21.32 -3.29
CA PRO D 370 -39.27 22.14 -4.14
C PRO D 370 -38.49 22.42 -5.38
N GLY D 371 -39.14 22.34 -6.51
CA GLY D 371 -38.51 22.60 -7.78
C GLY D 371 -38.20 21.32 -8.54
N TYR D 372 -38.43 20.17 -7.93
CA TYR D 372 -38.12 18.94 -8.59
C TYR D 372 -39.35 18.07 -8.96
N VAL D 373 -39.16 17.12 -9.90
CA VAL D 373 -40.24 16.32 -10.50
C VAL D 373 -41.10 15.50 -9.59
N GLY D 374 -40.55 14.99 -8.53
CA GLY D 374 -41.31 14.15 -7.64
C GLY D 374 -41.81 14.92 -6.45
N PHE D 375 -41.75 16.23 -6.49
CA PHE D 375 -42.13 17.04 -5.35
C PHE D 375 -43.49 16.67 -4.82
N ASP D 376 -44.43 16.44 -5.71
CA ASP D 376 -45.80 16.18 -5.32
C ASP D 376 -46.12 14.74 -5.00
N GLN D 377 -45.13 13.87 -5.02
CA GLN D 377 -45.36 12.46 -4.69
C GLN D 377 -45.37 12.17 -3.22
N GLY D 378 -44.62 12.96 -2.45
CA GLY D 378 -44.55 12.79 -1.02
C GLY D 378 -43.41 11.87 -0.60
N GLY D 379 -43.52 11.31 0.60
CA GLY D 379 -42.50 10.41 1.12
C GLY D 379 -43.06 9.05 1.49
N LEU D 380 -42.34 8.00 1.13
CA LEU D 380 -42.76 6.63 1.43
C LEU D 380 -42.72 6.37 2.93
N LEU D 381 -41.61 6.75 3.55
CA LEU D 381 -41.44 6.55 5.00
C LEU D 381 -42.16 7.65 5.77
N THR D 382 -41.82 8.90 5.48
CA THR D 382 -42.42 10.03 6.15
C THR D 382 -43.95 9.99 6.04
N ASP D 383 -44.42 9.52 4.87
CA ASP D 383 -45.87 9.43 4.58
C ASP D 383 -46.50 8.22 5.29
N ALA D 384 -45.77 7.10 5.39
CA ALA D 384 -46.34 5.93 6.01
C ALA D 384 -46.53 6.12 7.50
N VAL D 385 -45.57 6.80 8.13
CA VAL D 385 -45.60 7.04 9.60
C VAL D 385 -46.71 8.04 9.98
N ILE D 386 -47.31 8.74 9.01
CA ILE D 386 -48.34 9.69 9.32
C ILE D 386 -49.66 9.02 9.23
N LYS D 387 -49.86 8.22 8.23
CA LYS D 387 -51.11 7.53 8.13
C LYS D 387 -51.29 6.59 9.31
N HIS D 388 -50.18 5.98 9.76
CA HIS D 388 -50.20 5.03 10.90
C HIS D 388 -49.25 5.54 12.00
N PRO D 389 -49.75 6.28 13.02
CA PRO D 389 -48.89 6.80 14.07
C PRO D 389 -48.54 5.77 15.14
N HIS D 390 -49.26 4.63 15.16
CA HIS D 390 -49.00 3.59 16.15
C HIS D 390 -48.72 2.36 15.34
N ALA D 391 -47.48 1.92 15.35
CA ALA D 391 -47.06 0.88 14.41
C ALA D 391 -45.75 0.25 14.75
N VAL D 392 -45.41 -0.80 14.03
CA VAL D 392 -44.09 -1.39 14.09
C VAL D 392 -43.41 -1.11 12.80
N LEU D 393 -42.26 -0.49 12.86
CA LEU D 393 -41.51 -0.17 11.68
C LEU D 393 -40.33 -1.07 11.55
N LEU D 394 -40.28 -1.83 10.47
CA LEU D 394 -39.21 -2.78 10.25
C LEU D 394 -38.34 -2.42 9.09
N LEU D 395 -37.07 -2.27 9.36
CA LEU D 395 -36.17 -1.95 8.26
C LEU D 395 -35.28 -3.17 8.04
N ASP D 396 -35.51 -3.89 6.98
CA ASP D 396 -34.75 -5.11 6.76
C ASP D 396 -33.41 -4.87 6.16
N GLU D 397 -32.46 -5.73 6.55
CA GLU D 397 -31.06 -5.73 6.04
C GLU D 397 -30.52 -4.30 5.99
N ILE D 398 -30.61 -3.59 7.12
CA ILE D 398 -30.16 -2.17 7.21
C ILE D 398 -28.66 -2.07 6.96
N GLU D 399 -28.00 -3.22 6.79
CA GLU D 399 -26.53 -3.24 6.53
C GLU D 399 -26.28 -3.22 5.02
N LYS D 400 -27.30 -2.87 4.23
CA LYS D 400 -27.15 -2.83 2.80
C LYS D 400 -27.56 -1.49 2.22
N ALA D 401 -28.07 -0.58 3.03
CA ALA D 401 -28.42 0.73 2.55
C ALA D 401 -27.16 1.52 2.40
N HIS D 402 -27.14 2.50 1.55
CA HIS D 402 -25.96 3.32 1.48
C HIS D 402 -25.79 3.91 2.87
N PRO D 403 -24.60 3.97 3.46
CA PRO D 403 -24.34 4.52 4.77
C PRO D 403 -24.90 5.90 5.00
N ASP D 404 -25.06 6.73 4.01
CA ASP D 404 -25.59 8.04 4.32
C ASP D 404 -27.05 7.96 4.75
N VAL D 405 -27.72 6.89 4.45
CA VAL D 405 -29.12 6.71 4.81
C VAL D 405 -29.27 6.59 6.31
N PHE D 406 -28.23 6.18 6.99
CA PHE D 406 -28.26 5.98 8.41
C PHE D 406 -28.32 7.31 9.11
N ASN D 407 -27.96 8.36 8.42
CA ASN D 407 -27.89 9.63 9.08
C ASN D 407 -29.26 10.24 9.20
N ILE D 408 -30.26 9.60 8.63
CA ILE D 408 -31.60 10.08 8.80
C ILE D 408 -32.09 9.54 10.12
N LEU D 409 -31.80 8.28 10.38
CA LEU D 409 -32.22 7.62 11.58
C LEU D 409 -31.61 8.27 12.79
N LEU D 410 -30.44 8.86 12.66
CA LEU D 410 -29.89 9.53 13.84
C LEU D 410 -30.83 10.58 14.37
N GLN D 411 -31.61 11.22 13.51
CA GLN D 411 -32.49 12.24 13.99
C GLN D 411 -33.67 11.63 14.66
N VAL D 412 -34.18 10.58 14.05
CA VAL D 412 -35.36 9.94 14.57
C VAL D 412 -35.14 9.26 15.88
N MET D 413 -34.07 8.52 16.02
CA MET D 413 -33.85 7.78 17.23
C MET D 413 -33.72 8.66 18.45
N ASP D 414 -33.12 9.83 18.30
CA ASP D 414 -32.93 10.72 19.43
C ASP D 414 -34.06 11.73 19.65
N ASN D 415 -34.68 12.22 18.58
CA ASN D 415 -35.67 13.25 18.76
C ASN D 415 -37.10 12.81 18.53
N GLY D 416 -37.32 11.69 17.87
CA GLY D 416 -38.67 11.26 17.59
C GLY D 416 -39.26 11.93 16.35
N THR D 417 -38.48 12.71 15.63
CA THR D 417 -39.04 13.37 14.45
C THR D 417 -38.19 13.28 13.22
N LEU D 418 -38.82 13.60 12.11
CA LEU D 418 -38.18 13.69 10.79
C LEU D 418 -38.95 14.69 9.93
N THR D 419 -38.29 15.63 9.27
CA THR D 419 -39.06 16.61 8.52
C THR D 419 -39.08 16.29 7.03
N ASP D 420 -40.26 16.27 6.41
CA ASP D 420 -40.32 15.93 4.99
C ASP D 420 -40.12 17.13 4.07
N ASN D 421 -40.29 16.94 2.76
CA ASN D 421 -40.04 18.03 1.82
C ASN D 421 -41.10 19.13 1.80
N ASN D 422 -42.17 19.01 2.57
CA ASN D 422 -43.14 20.08 2.71
C ASN D 422 -43.02 20.73 4.06
N GLY D 423 -42.01 20.35 4.81
CA GLY D 423 -41.83 20.90 6.13
C GLY D 423 -42.75 20.25 7.16
N ARG D 424 -43.34 19.10 6.87
CA ARG D 424 -44.23 18.48 7.83
C ARG D 424 -43.41 17.55 8.66
N LYS D 425 -43.83 17.31 9.88
CA LYS D 425 -43.02 16.41 10.67
C LYS D 425 -43.64 15.07 10.97
N ALA D 426 -42.83 14.06 10.76
CA ALA D 426 -43.15 12.72 11.12
C ALA D 426 -42.99 12.69 12.60
N ASP D 427 -43.76 11.88 13.28
CA ASP D 427 -43.66 11.75 14.72
C ASP D 427 -43.62 10.30 15.11
N PHE D 428 -42.49 9.84 15.57
CA PHE D 428 -42.24 8.45 15.81
C PHE D 428 -42.37 8.06 17.26
N ARG D 429 -42.95 8.90 18.07
CA ARG D 429 -43.01 8.53 19.48
C ARG D 429 -43.87 7.30 19.80
N ASN D 430 -44.73 6.85 18.90
CA ASN D 430 -45.52 5.65 19.16
C ASN D 430 -45.16 4.52 18.21
N VAL D 431 -43.98 4.60 17.64
CA VAL D 431 -43.51 3.57 16.74
C VAL D 431 -42.43 2.74 17.34
N VAL D 432 -42.53 1.43 17.17
CA VAL D 432 -41.47 0.55 17.64
C VAL D 432 -40.51 0.41 16.47
N LEU D 433 -39.23 0.67 16.65
CA LEU D 433 -38.33 0.57 15.51
C LEU D 433 -37.40 -0.60 15.60
N VAL D 434 -37.49 -1.50 14.63
CA VAL D 434 -36.65 -2.66 14.64
C VAL D 434 -35.86 -2.72 13.36
N MET D 435 -34.58 -2.85 13.48
CA MET D 435 -33.73 -2.95 12.33
C MET D 435 -33.08 -4.28 12.38
N THR D 436 -32.95 -4.95 11.26
CA THR D 436 -32.27 -6.23 11.35
C THR D 436 -31.06 -6.19 10.46
N THR D 437 -30.04 -6.93 10.85
CA THR D 437 -28.80 -6.97 10.10
C THR D 437 -28.12 -8.30 10.03
N ASN D 438 -27.33 -8.49 8.99
CA ASN D 438 -26.49 -9.66 8.83
C ASN D 438 -25.02 -9.31 8.91
N ALA D 439 -24.71 -8.17 9.48
CA ALA D 439 -23.32 -7.84 9.59
C ALA D 439 -22.63 -8.93 10.37
N GLY D 440 -21.50 -9.37 9.90
CA GLY D 440 -20.76 -10.37 10.63
C GLY D 440 -21.13 -11.82 10.32
N VAL D 441 -22.12 -12.08 9.47
CA VAL D 441 -22.46 -13.47 9.22
C VAL D 441 -21.34 -14.26 8.59
N ARG D 442 -20.66 -13.70 7.63
CA ARG D 442 -19.64 -14.49 6.98
C ARG D 442 -18.60 -14.91 7.99
N GLU D 443 -18.26 -14.03 8.92
CA GLU D 443 -17.27 -14.32 9.93
C GLU D 443 -17.74 -15.35 10.92
N THR D 444 -18.99 -15.30 11.36
CA THR D 444 -19.35 -16.26 12.39
C THR D 444 -19.44 -17.66 11.88
N GLU D 445 -19.61 -17.85 10.59
CA GLU D 445 -19.70 -19.21 10.08
C GLU D 445 -18.37 -19.75 9.54
N ARG D 446 -17.28 -19.04 9.84
CA ARG D 446 -15.93 -19.42 9.46
C ARG D 446 -15.23 -20.34 10.45
N LYS D 447 -14.43 -21.27 9.93
CA LYS D 447 -13.61 -22.11 10.78
C LYS D 447 -12.23 -21.50 10.88
N SER D 448 -11.70 -21.40 12.09
CA SER D 448 -10.38 -20.85 12.32
C SER D 448 -9.29 -21.87 12.09
N ILE D 449 -8.04 -21.41 12.07
CA ILE D 449 -6.94 -22.35 11.86
C ILE D 449 -6.30 -22.69 13.19
N GLY D 450 -6.31 -23.94 13.57
CA GLY D 450 -5.72 -24.30 14.84
C GLY D 450 -6.34 -25.56 15.35
N LEU D 451 -5.93 -26.00 16.54
CA LEU D 451 -6.48 -27.22 17.07
C LEU D 451 -7.82 -26.97 17.76
N ILE D 452 -7.99 -25.77 18.29
CA ILE D 452 -9.19 -25.40 19.00
C ILE D 452 -9.91 -24.28 18.31
N HIS D 453 -11.22 -24.46 18.08
CA HIS D 453 -12.05 -23.46 17.42
C HIS D 453 -12.57 -22.42 18.39
N GLN D 454 -12.89 -21.23 17.88
CA GLN D 454 -13.37 -20.12 18.70
C GLN D 454 -14.80 -19.75 18.46
N ASP D 455 -15.38 -19.10 19.46
CA ASP D 455 -16.68 -18.51 19.35
C ASP D 455 -16.51 -17.19 18.65
N ASN D 456 -17.05 -17.10 17.46
CA ASN D 456 -16.86 -15.94 16.62
C ASN D 456 -17.94 -14.90 16.77
N SER D 457 -18.83 -15.04 17.76
CA SER D 457 -19.88 -14.03 17.92
C SER D 457 -19.25 -12.69 18.19
N THR D 458 -18.09 -12.70 18.79
CA THR D 458 -17.34 -11.51 19.08
C THR D 458 -16.93 -10.82 17.80
N ASP D 459 -16.62 -11.59 16.75
CA ASP D 459 -16.18 -10.98 15.51
C ASP D 459 -17.32 -10.20 14.93
N ALA D 460 -18.53 -10.72 15.09
CA ALA D 460 -19.65 -10.00 14.55
C ALA D 460 -19.81 -8.69 15.27
N MET D 461 -19.57 -8.68 16.57
CA MET D 461 -19.71 -7.41 17.25
C MET D 461 -18.69 -6.43 16.72
N GLU D 462 -17.49 -6.95 16.45
CA GLU D 462 -16.38 -6.12 15.90
C GLU D 462 -16.79 -5.56 14.53
N GLU D 463 -17.53 -6.33 13.73
CA GLU D 463 -17.96 -5.88 12.42
C GLU D 463 -19.05 -4.83 12.53
N ILE D 464 -19.97 -5.00 13.46
CA ILE D 464 -21.05 -4.03 13.61
C ILE D 464 -20.46 -2.68 13.94
N LYS D 465 -19.48 -2.68 14.81
CA LYS D 465 -18.82 -1.47 15.23
C LYS D 465 -18.13 -0.72 14.10
N LYS D 466 -17.85 -1.36 12.98
CA LYS D 466 -17.18 -0.71 11.90
C LYS D 466 -18.14 -0.17 10.88
N ILE D 467 -19.41 -0.53 10.99
CA ILE D 467 -20.39 -0.13 10.02
C ILE D 467 -21.15 1.01 10.56
N PHE D 468 -21.56 0.90 11.80
CA PHE D 468 -22.37 1.91 12.39
C PHE D 468 -21.53 2.86 13.21
N THR D 469 -21.56 4.11 12.84
CA THR D 469 -20.82 5.14 13.50
C THR D 469 -21.21 5.19 14.98
N PRO D 470 -20.31 5.48 15.94
CA PRO D 470 -20.59 5.57 17.36
C PRO D 470 -21.79 6.41 17.74
N GLU D 471 -22.03 7.50 17.00
CA GLU D 471 -23.18 8.40 17.31
C GLU D 471 -24.51 7.68 17.02
N PHE D 472 -24.47 6.58 16.26
CA PHE D 472 -25.64 5.80 15.91
C PHE D 472 -25.76 4.74 16.94
N ARG D 473 -24.66 4.06 17.19
CA ARG D 473 -24.72 2.94 18.10
C ARG D 473 -25.08 3.35 19.49
N ASN D 474 -24.68 4.53 19.87
CA ASN D 474 -24.91 4.99 21.21
C ASN D 474 -26.32 5.49 21.42
N ARG D 475 -27.17 5.43 20.40
CA ARG D 475 -28.54 5.82 20.50
C ARG D 475 -29.50 4.65 20.50
N LEU D 476 -28.99 3.44 20.38
CA LEU D 476 -29.85 2.27 20.33
C LEU D 476 -30.24 1.85 21.73
N ASP D 477 -31.38 1.20 21.90
CA ASP D 477 -31.68 0.72 23.22
C ASP D 477 -30.99 -0.58 23.40
N ASN D 478 -30.90 -1.34 22.35
CA ASN D 478 -30.21 -2.59 22.51
C ASN D 478 -29.72 -3.15 21.21
N ILE D 479 -28.78 -4.06 21.30
CA ILE D 479 -28.33 -4.83 20.18
C ILE D 479 -28.49 -6.23 20.64
N ILE D 480 -29.30 -6.99 19.97
CA ILE D 480 -29.55 -8.33 20.44
C ILE D 480 -28.97 -9.35 19.54
N TRP D 481 -28.04 -10.12 20.06
CA TRP D 481 -27.43 -11.14 19.24
C TRP D 481 -28.24 -12.42 19.39
N PHE D 482 -28.79 -12.91 18.29
CA PHE D 482 -29.62 -14.09 18.25
C PHE D 482 -28.77 -15.32 18.21
N ASP D 483 -29.24 -16.38 18.83
CA ASP D 483 -28.47 -17.62 18.88
C ASP D 483 -28.74 -18.54 17.72
N HIS D 484 -28.02 -19.66 17.70
CA HIS D 484 -28.22 -20.71 16.73
C HIS D 484 -29.27 -21.62 17.26
N LEU D 485 -29.90 -22.39 16.41
CA LEU D 485 -30.91 -23.28 16.94
C LEU D 485 -30.35 -24.63 17.28
N SER D 486 -30.70 -25.09 18.47
CA SER D 486 -30.37 -26.38 19.01
C SER D 486 -31.33 -27.40 18.48
N THR D 487 -31.05 -28.67 18.71
CA THR D 487 -31.90 -29.73 18.20
C THR D 487 -33.24 -29.83 18.90
N ASP D 488 -33.33 -29.33 20.11
CA ASP D 488 -34.59 -29.39 20.81
C ASP D 488 -35.57 -28.46 20.11
N VAL D 489 -35.03 -27.36 19.65
CA VAL D 489 -35.80 -26.37 18.97
C VAL D 489 -36.20 -26.91 17.64
N ILE D 490 -35.31 -27.61 16.97
CA ILE D 490 -35.69 -28.12 15.69
C ILE D 490 -36.90 -29.00 15.84
N HIS D 491 -36.95 -29.82 16.86
CA HIS D 491 -38.15 -30.63 16.93
C HIS D 491 -39.39 -29.72 16.99
N GLN D 492 -39.32 -28.62 17.72
CA GLN D 492 -40.47 -27.73 17.76
C GLN D 492 -40.73 -27.08 16.39
N VAL D 493 -39.67 -26.74 15.67
CA VAL D 493 -39.79 -26.12 14.35
C VAL D 493 -40.43 -27.08 13.38
N VAL D 494 -40.04 -28.33 13.42
CA VAL D 494 -40.61 -29.29 12.50
C VAL D 494 -42.09 -29.44 12.78
N ASP D 495 -42.48 -29.51 14.05
CA ASP D 495 -43.88 -29.64 14.34
C ASP D 495 -44.65 -28.44 13.80
N LYS D 496 -44.05 -27.25 13.92
CA LYS D 496 -44.67 -26.04 13.39
C LYS D 496 -44.90 -26.14 11.90
N PHE D 497 -43.88 -26.57 11.16
CA PHE D 497 -44.05 -26.64 9.73
C PHE D 497 -45.04 -27.68 9.31
N ILE D 498 -45.11 -28.80 10.02
CA ILE D 498 -46.07 -29.81 9.65
C ILE D 498 -47.46 -29.26 9.81
N VAL D 499 -47.71 -28.52 10.88
CA VAL D 499 -49.04 -27.97 11.03
C VAL D 499 -49.37 -27.07 9.87
N GLU D 500 -48.43 -26.25 9.41
CA GLU D 500 -48.76 -25.39 8.28
C GLU D 500 -49.16 -26.24 7.08
N LEU D 501 -48.49 -27.37 6.86
CA LEU D 501 -48.86 -28.28 5.78
C LEU D 501 -50.23 -28.83 6.00
N GLN D 502 -50.54 -29.20 7.23
CA GLN D 502 -51.85 -29.77 7.49
C GLN D 502 -52.93 -28.78 7.15
N VAL D 503 -52.70 -27.50 7.43
CA VAL D 503 -53.72 -26.53 7.11
C VAL D 503 -53.93 -26.43 5.62
N GLN D 504 -52.88 -26.41 4.82
CA GLN D 504 -53.06 -26.33 3.40
C GLN D 504 -53.83 -27.55 2.88
N LEU D 505 -53.50 -28.71 3.41
CA LEU D 505 -54.21 -29.90 2.96
C LEU D 505 -55.66 -29.89 3.39
N ASP D 506 -55.98 -29.37 4.58
CA ASP D 506 -57.37 -29.33 5.01
C ASP D 506 -58.16 -28.51 4.02
N GLN D 507 -57.56 -27.47 3.47
CA GLN D 507 -58.23 -26.64 2.49
C GLN D 507 -58.64 -27.47 1.27
N LYS D 508 -57.83 -28.47 0.96
CA LYS D 508 -58.08 -29.38 -0.16
C LYS D 508 -58.97 -30.58 0.21
N GLY D 509 -59.36 -30.68 1.49
CA GLY D 509 -60.19 -31.77 1.97
C GLY D 509 -59.42 -33.02 2.39
N VAL D 510 -58.11 -32.93 2.47
CA VAL D 510 -57.30 -34.08 2.82
C VAL D 510 -56.64 -33.93 4.15
N SER D 511 -56.94 -34.79 5.11
CA SER D 511 -56.21 -34.68 6.35
C SER D 511 -54.88 -35.39 6.22
N LEU D 512 -53.97 -35.12 7.14
CA LEU D 512 -52.65 -35.75 7.16
C LEU D 512 -52.20 -36.12 8.55
N GLU D 513 -51.75 -37.36 8.72
CA GLU D 513 -51.22 -37.76 10.00
C GLU D 513 -49.82 -38.27 9.87
N VAL D 514 -48.93 -37.74 10.70
CA VAL D 514 -47.54 -38.16 10.62
C VAL D 514 -47.08 -38.74 11.94
N SER D 515 -46.51 -39.93 11.86
CA SER D 515 -45.97 -40.63 13.01
C SER D 515 -44.84 -39.92 13.68
N GLN D 516 -44.75 -40.08 14.98
CA GLN D 516 -43.66 -39.45 15.71
C GLN D 516 -42.33 -39.94 15.22
N GLU D 517 -42.24 -41.18 14.83
CA GLU D 517 -40.97 -41.68 14.39
C GLU D 517 -40.56 -40.99 13.11
N ALA D 518 -41.53 -40.75 12.24
CA ALA D 518 -41.27 -40.09 10.98
C ALA D 518 -40.81 -38.69 11.26
N ARG D 519 -41.39 -38.07 12.26
CA ARG D 519 -41.01 -36.72 12.60
C ARG D 519 -39.61 -36.67 13.14
N ASN D 520 -39.22 -37.64 13.94
CA ASN D 520 -37.90 -37.60 14.50
C ASN D 520 -36.91 -37.77 13.38
N TRP D 521 -37.26 -38.61 12.41
CA TRP D 521 -36.43 -38.83 11.26
C TRP D 521 -36.26 -37.57 10.45
N LEU D 522 -37.36 -36.84 10.18
CA LEU D 522 -37.23 -35.64 9.39
C LEU D 522 -36.36 -34.64 10.11
N ALA D 523 -36.51 -34.54 11.42
CA ALA D 523 -35.72 -33.58 12.17
C ALA D 523 -34.24 -33.88 12.08
N GLU D 524 -33.87 -35.14 12.17
CA GLU D 524 -32.46 -35.47 12.09
C GLU D 524 -31.94 -35.34 10.69
N LYS D 525 -32.76 -35.66 9.71
CA LYS D 525 -32.29 -35.56 8.35
C LYS D 525 -31.97 -34.13 7.97
N GLY D 526 -32.84 -33.20 8.35
CA GLY D 526 -32.66 -31.80 8.01
C GLY D 526 -31.73 -30.96 8.88
N TYR D 527 -31.55 -31.27 10.15
CA TYR D 527 -30.79 -30.34 10.95
C TYR D 527 -29.38 -30.05 10.53
N ASP D 528 -29.12 -28.76 10.47
CA ASP D 528 -27.85 -28.16 10.19
C ASP D 528 -27.72 -26.91 11.01
N ARG D 529 -26.88 -26.95 12.00
CA ARG D 529 -26.75 -25.85 12.91
C ARG D 529 -26.37 -24.57 12.19
N ALA D 530 -25.58 -24.66 11.15
CA ALA D 530 -25.11 -23.48 10.47
C ALA D 530 -26.13 -22.76 9.58
N MET D 531 -27.23 -23.39 9.17
CA MET D 531 -28.08 -22.68 8.23
C MET D 531 -29.43 -22.25 8.81
N GLY D 532 -29.57 -22.38 10.10
CA GLY D 532 -30.82 -21.97 10.72
C GLY D 532 -31.94 -22.91 10.36
N ALA D 533 -33.17 -22.40 10.39
CA ALA D 533 -34.35 -23.20 10.18
C ALA D 533 -34.77 -23.33 8.74
N ARG D 534 -34.31 -22.49 7.85
CA ARG D 534 -34.80 -22.57 6.48
C ARG D 534 -34.71 -23.98 5.85
N PRO D 535 -33.63 -24.76 5.99
CA PRO D 535 -33.52 -26.09 5.46
C PRO D 535 -34.58 -27.05 5.92
N MET D 536 -35.24 -26.79 7.04
CA MET D 536 -36.20 -27.76 7.46
C MET D 536 -37.38 -27.68 6.54
N ALA D 537 -37.64 -26.51 5.99
CA ALA D 537 -38.75 -26.36 5.10
C ALA D 537 -38.44 -27.10 3.84
N ARG D 538 -37.18 -27.10 3.45
CA ARG D 538 -36.82 -27.81 2.24
C ARG D 538 -37.03 -29.31 2.42
N VAL D 539 -36.71 -29.82 3.60
CA VAL D 539 -36.88 -31.24 3.83
C VAL D 539 -38.32 -31.64 3.76
N ILE D 540 -39.19 -30.88 4.37
CA ILE D 540 -40.59 -31.18 4.31
C ILE D 540 -41.08 -31.09 2.87
N GLN D 541 -40.64 -30.11 2.15
CA GLN D 541 -41.07 -30.03 0.77
C GLN D 541 -40.70 -31.28 -0.03
N ASP D 542 -39.52 -31.85 0.18
CA ASP D 542 -39.20 -33.04 -0.58
C ASP D 542 -39.80 -34.32 -0.04
N ASN D 543 -39.97 -34.44 1.27
CA ASN D 543 -40.49 -35.68 1.79
C ASN D 543 -42.01 -35.74 1.86
N LEU D 544 -42.69 -34.64 2.10
CA LEU D 544 -44.12 -34.76 2.20
C LEU D 544 -44.85 -34.06 1.06
N LYS D 545 -44.43 -32.85 0.69
CA LYS D 545 -45.21 -32.14 -0.32
C LYS D 545 -45.10 -32.71 -1.71
N LYS D 546 -43.91 -33.12 -2.14
CA LYS D 546 -43.84 -33.65 -3.49
C LYS D 546 -44.72 -34.89 -3.68
N PRO D 547 -44.60 -35.98 -2.87
CA PRO D 547 -45.45 -37.14 -3.00
C PRO D 547 -46.93 -36.79 -3.03
N LEU D 548 -47.34 -35.84 -2.20
CA LEU D 548 -48.72 -35.47 -2.18
C LEU D 548 -49.13 -34.77 -3.45
N ALA D 549 -48.26 -33.97 -4.04
CA ALA D 549 -48.68 -33.27 -5.23
C ALA D 549 -49.09 -34.26 -6.29
N ASN D 550 -48.40 -35.39 -6.40
CA ASN D 550 -48.84 -36.33 -7.41
C ASN D 550 -50.16 -36.99 -6.99
N GLU D 551 -50.28 -37.26 -5.70
CA GLU D 551 -51.53 -37.89 -5.15
C GLU D 551 -52.74 -36.98 -5.39
N LEU D 552 -52.51 -35.66 -5.47
CA LEU D 552 -53.58 -34.68 -5.67
C LEU D 552 -53.87 -34.37 -7.15
N LEU D 553 -52.82 -34.31 -7.98
CA LEU D 553 -52.99 -33.97 -9.39
C LEU D 553 -53.30 -35.13 -10.34
N PHE D 554 -52.66 -36.26 -10.14
CA PHE D 554 -52.85 -37.42 -11.00
C PHE D 554 -53.17 -38.41 -9.97
N GLY D 555 -54.24 -38.10 -9.21
CA GLY D 555 -54.70 -38.99 -8.13
C GLY D 555 -56.20 -38.87 -7.90
N SER D 556 -56.80 -39.90 -7.28
CA SER D 556 -58.26 -39.91 -7.00
C SER D 556 -58.50 -39.51 -5.54
N LEU D 557 -57.67 -38.58 -5.02
CA LEU D 557 -57.80 -38.10 -3.62
C LEU D 557 -58.58 -36.78 -3.60
N VAL D 558 -59.23 -36.44 -4.72
CA VAL D 558 -60.03 -35.18 -4.82
C VAL D 558 -61.21 -35.28 -3.84
N ASP D 559 -61.36 -34.26 -2.98
CA ASP D 559 -62.46 -34.23 -1.98
C ASP D 559 -62.44 -35.55 -1.18
N GLY D 560 -61.29 -35.90 -0.61
CA GLY D 560 -61.14 -37.13 0.19
C GLY D 560 -59.77 -37.76 0.01
N GLY D 561 -58.90 -37.62 1.02
CA GLY D 561 -57.53 -38.17 0.96
C GLY D 561 -57.22 -39.04 2.16
N GLN D 562 -57.15 -38.43 3.35
CA GLN D 562 -56.85 -39.17 4.61
C GLN D 562 -55.60 -40.03 4.41
N VAL D 563 -54.45 -39.39 4.13
CA VAL D 563 -53.17 -40.12 3.91
C VAL D 563 -52.49 -40.35 5.26
N THR D 564 -51.64 -41.38 5.34
CA THR D 564 -50.93 -41.72 6.61
C THR D 564 -49.42 -41.85 6.32
N VAL D 565 -48.59 -41.25 7.17
CA VAL D 565 -47.17 -41.30 7.00
C VAL D 565 -46.51 -41.91 8.22
N ALA D 566 -45.76 -42.95 7.99
CA ALA D 566 -45.06 -43.64 9.03
C ALA D 566 -43.73 -44.06 8.52
N LEU D 567 -42.80 -44.30 9.42
CA LEU D 567 -41.44 -44.63 9.04
C LEU D 567 -41.15 -46.10 9.22
N ASP D 568 -40.51 -46.75 8.23
CA ASP D 568 -40.15 -48.15 8.43
C ASP D 568 -38.78 -48.17 9.09
N LYS D 569 -38.22 -49.34 9.35
CA LYS D 569 -36.91 -49.34 9.98
C LYS D 569 -35.85 -49.82 9.03
N GLU D 570 -36.29 -50.57 8.05
CA GLU D 570 -35.44 -51.21 7.09
C GLU D 570 -34.73 -50.25 6.13
N LYS D 571 -35.43 -49.22 5.67
CA LYS D 571 -34.87 -48.29 4.72
C LYS D 571 -34.97 -46.88 5.27
N ASN D 572 -35.77 -46.75 6.32
CA ASN D 572 -36.14 -45.49 6.93
C ASN D 572 -36.89 -44.68 5.92
N GLU D 573 -37.77 -45.34 5.23
CA GLU D 573 -38.61 -44.69 4.25
C GLU D 573 -39.97 -44.45 4.80
N LEU D 574 -40.65 -43.51 4.19
CA LEU D 574 -41.98 -43.18 4.63
C LEU D 574 -43.09 -43.88 3.86
N THR D 575 -44.19 -44.14 4.56
CA THR D 575 -45.41 -44.69 3.97
C THR D 575 -46.26 -43.58 3.45
N TYR D 576 -47.27 -43.91 2.63
CA TYR D 576 -48.18 -42.91 2.09
C TYR D 576 -49.49 -43.58 1.67
N GLY D 577 -50.41 -42.77 1.16
CA GLY D 577 -51.69 -43.24 0.63
C GLY D 577 -52.81 -43.14 1.63
N PHE D 578 -54.07 -43.22 1.15
CA PHE D 578 -55.23 -43.11 2.05
C PHE D 578 -54.96 -43.75 3.41
N MET E 1 -56.30 71.13 -18.55
CA MET E 1 -57.50 70.67 -17.90
C MET E 1 -57.31 70.45 -16.42
N GLU E 2 -57.94 71.32 -15.64
CA GLU E 2 -57.88 71.39 -14.18
C GLU E 2 -58.47 70.18 -13.51
N ASN E 3 -59.23 69.41 -14.25
CA ASN E 3 -59.81 68.20 -13.72
C ASN E 3 -58.75 67.14 -13.53
N PHE E 4 -57.65 67.19 -14.33
CA PHE E 4 -56.68 66.13 -14.23
C PHE E 4 -55.36 66.62 -13.69
N THR E 5 -55.09 67.92 -13.79
CA THR E 5 -53.82 68.39 -13.30
C THR E 5 -53.90 69.49 -12.27
N THR E 6 -52.97 69.39 -11.33
CA THR E 6 -52.80 70.38 -10.28
C THR E 6 -51.71 71.34 -10.65
N ASN E 7 -51.99 72.63 -10.58
CA ASN E 7 -50.97 73.59 -10.90
C ASN E 7 -50.08 73.74 -9.67
N LEU E 8 -48.86 73.18 -9.74
CA LEU E 8 -47.98 73.15 -8.57
C LEU E 8 -47.45 74.53 -8.32
N ASN E 9 -47.31 75.33 -9.37
CA ASN E 9 -46.85 76.69 -9.10
C ASN E 9 -47.95 77.38 -8.33
N GLN E 10 -49.21 77.07 -8.64
CA GLN E 10 -50.29 77.73 -7.93
C GLN E 10 -50.28 77.32 -6.48
N LEU E 11 -49.96 76.07 -6.21
CA LEU E 11 -49.90 75.65 -4.84
C LEU E 11 -48.82 76.39 -4.10
N ALA E 12 -47.65 76.51 -4.73
CA ALA E 12 -46.53 77.21 -4.11
C ALA E 12 -46.86 78.69 -3.87
N ARG E 13 -47.63 79.29 -4.76
CA ARG E 13 -48.04 80.68 -4.63
C ARG E 13 -48.97 80.94 -3.45
N VAL E 14 -49.85 79.98 -3.18
CA VAL E 14 -50.77 80.08 -2.06
C VAL E 14 -50.28 79.11 -1.00
N GLY E 15 -48.97 78.91 -0.97
CA GLY E 15 -48.34 78.00 -0.04
C GLY E 15 -48.35 76.61 -0.63
N GLY E 16 -48.78 75.63 0.15
CA GLY E 16 -48.86 74.27 -0.32
C GLY E 16 -47.55 73.52 -0.46
N ILE E 17 -46.51 74.19 -0.95
CA ILE E 17 -45.26 73.50 -1.10
C ILE E 17 -44.15 74.07 -0.22
N ASP E 18 -43.57 73.19 0.59
CA ASP E 18 -42.46 73.52 1.47
C ASP E 18 -41.18 73.72 0.66
N PRO E 19 -40.21 74.48 1.15
CA PRO E 19 -38.90 74.61 0.54
C PRO E 19 -38.20 73.27 0.59
N LEU E 20 -37.38 72.99 -0.40
CA LEU E 20 -36.62 71.75 -0.49
C LEU E 20 -35.28 71.90 0.23
N ILE E 21 -34.90 70.92 1.04
CA ILE E 21 -33.65 71.01 1.78
C ILE E 21 -32.55 70.02 1.32
N GLY E 22 -31.40 70.52 0.84
CA GLY E 22 -30.29 69.63 0.48
C GLY E 22 -30.32 68.99 -0.90
N ARG E 23 -31.25 69.39 -1.74
CA ARG E 23 -31.38 68.83 -3.08
C ARG E 23 -31.36 69.89 -4.15
N GLU E 24 -30.55 70.91 -3.90
CA GLU E 24 -30.37 72.03 -4.79
C GLU E 24 -29.70 71.59 -6.08
N LYS E 25 -28.72 70.68 -5.98
CA LYS E 25 -28.02 70.19 -7.16
C LYS E 25 -28.95 69.41 -8.05
N GLU E 26 -29.82 68.64 -7.40
CA GLU E 26 -30.85 67.80 -8.07
C GLU E 26 -31.77 68.71 -8.88
N LEU E 27 -32.19 69.84 -8.31
CA LEU E 27 -33.04 70.72 -9.08
C LEU E 27 -32.28 71.35 -10.22
N GLU E 28 -31.01 71.70 -10.00
CA GLU E 28 -30.26 72.30 -11.07
C GLU E 28 -30.04 71.31 -12.18
N ARG E 29 -29.84 70.05 -11.83
CA ARG E 29 -29.65 69.05 -12.84
C ARG E 29 -30.95 68.87 -13.62
N ALA E 30 -32.09 68.84 -12.94
CA ALA E 30 -33.35 68.74 -13.66
C ALA E 30 -33.57 69.92 -14.60
N ILE E 31 -33.18 71.12 -14.16
CA ILE E 31 -33.36 72.29 -15.02
C ILE E 31 -32.42 72.16 -16.20
N GLN E 32 -31.17 71.76 -15.94
CA GLN E 32 -30.21 71.59 -17.00
C GLN E 32 -30.79 70.65 -18.03
N VAL E 33 -31.44 69.57 -17.59
CA VAL E 33 -32.04 68.63 -18.53
C VAL E 33 -33.20 69.27 -19.28
N LEU E 34 -34.07 69.98 -18.61
CA LEU E 34 -35.21 70.57 -19.28
C LEU E 34 -34.80 71.53 -20.39
N CYS E 35 -33.68 72.23 -20.21
CA CYS E 35 -33.21 73.19 -21.21
C CYS E 35 -32.37 72.56 -22.35
N ARG E 36 -32.13 71.25 -22.30
CA ARG E 36 -31.38 70.52 -23.33
C ARG E 36 -32.12 70.45 -24.63
N ARG E 37 -31.41 70.09 -25.69
CA ARG E 37 -32.08 69.99 -26.98
C ARG E 37 -32.75 68.65 -27.14
N ARG E 38 -32.13 67.62 -26.57
CA ARG E 38 -32.61 66.26 -26.68
C ARG E 38 -32.68 65.64 -25.30
N LYS E 39 -33.62 64.72 -25.13
CA LYS E 39 -33.82 63.99 -23.88
C LYS E 39 -34.05 64.99 -22.76
N ASN E 40 -34.79 66.05 -23.07
CA ASN E 40 -35.08 67.11 -22.13
C ASN E 40 -36.34 66.83 -21.33
N ASN E 41 -36.35 65.66 -20.73
CA ASN E 41 -37.40 65.11 -19.91
C ASN E 41 -36.74 64.42 -18.72
N PRO E 42 -36.40 65.09 -17.64
CA PRO E 42 -35.67 64.49 -16.56
C PRO E 42 -36.57 63.48 -15.91
N LEU E 43 -36.00 62.38 -15.50
CA LEU E 43 -36.70 61.35 -14.75
C LEU E 43 -36.04 61.18 -13.40
N LEU E 44 -36.80 61.39 -12.33
CA LEU E 44 -36.17 61.28 -11.03
C LEU E 44 -36.31 59.86 -10.55
N VAL E 45 -35.20 59.20 -10.31
CA VAL E 45 -35.29 57.81 -9.90
C VAL E 45 -34.67 57.65 -8.55
N GLY E 46 -35.37 57.00 -7.64
CA GLY E 46 -34.80 56.85 -6.30
C GLY E 46 -35.52 55.82 -5.44
N GLU E 47 -35.01 55.66 -4.23
CA GLU E 47 -35.54 54.71 -3.27
C GLU E 47 -36.76 55.26 -2.59
N SER E 48 -37.62 54.37 -2.12
CA SER E 48 -38.76 54.86 -1.41
C SER E 48 -38.28 55.53 -0.13
N GLY E 49 -38.91 56.64 0.23
CA GLY E 49 -38.61 57.37 1.44
C GLY E 49 -37.51 58.43 1.31
N VAL E 50 -37.03 58.72 0.08
CA VAL E 50 -35.95 59.72 -0.03
C VAL E 50 -36.37 61.10 -0.59
N GLY E 51 -37.66 61.38 -0.76
CA GLY E 51 -38.02 62.72 -1.24
C GLY E 51 -38.13 62.96 -2.75
N LYS E 52 -38.32 61.94 -3.54
CA LYS E 52 -38.43 62.19 -4.98
C LYS E 52 -39.50 63.24 -5.32
N THR E 53 -40.68 63.12 -4.72
CA THR E 53 -41.79 64.04 -4.98
C THR E 53 -41.43 65.37 -4.41
N ALA E 54 -40.80 65.35 -3.25
CA ALA E 54 -40.44 66.59 -2.62
C ALA E 54 -39.59 67.42 -3.57
N ILE E 55 -38.73 66.77 -4.36
CA ILE E 55 -37.91 67.51 -5.29
C ILE E 55 -38.77 68.09 -6.39
N ALA E 56 -39.67 67.30 -6.97
CA ALA E 56 -40.48 67.85 -8.04
C ALA E 56 -41.30 69.05 -7.58
N GLU E 57 -41.83 68.98 -6.36
CA GLU E 57 -42.60 70.09 -5.83
C GLU E 57 -41.67 71.25 -5.56
N GLY E 58 -40.45 70.93 -5.10
CA GLY E 58 -39.42 71.90 -4.81
C GLY E 58 -39.11 72.74 -6.03
N LEU E 59 -39.19 72.15 -7.24
CA LEU E 59 -38.93 72.96 -8.42
C LEU E 59 -40.02 73.99 -8.59
N ALA E 60 -41.28 73.56 -8.45
CA ALA E 60 -42.38 74.52 -8.61
C ALA E 60 -42.24 75.63 -7.57
N TRP E 61 -41.80 75.25 -6.38
CA TRP E 61 -41.61 76.21 -5.32
C TRP E 61 -40.56 77.23 -5.70
N ARG E 62 -39.41 76.79 -6.21
CA ARG E 62 -38.36 77.73 -6.60
C ARG E 62 -38.81 78.64 -7.72
N ILE E 63 -39.65 78.15 -8.64
CA ILE E 63 -40.09 79.02 -9.72
C ILE E 63 -40.87 80.17 -9.13
N VAL E 64 -41.77 79.85 -8.22
CA VAL E 64 -42.59 80.82 -7.52
C VAL E 64 -41.78 81.73 -6.59
N GLN E 65 -40.78 81.16 -5.93
CA GLN E 65 -39.87 81.87 -5.08
C GLN E 65 -39.02 82.85 -5.87
N GLY E 66 -38.72 82.53 -7.13
CA GLY E 66 -37.89 83.39 -7.96
C GLY E 66 -36.43 82.98 -7.98
N ASP E 67 -36.13 81.73 -7.65
CA ASP E 67 -34.76 81.22 -7.62
C ASP E 67 -34.36 80.52 -8.92
N VAL E 68 -35.23 80.56 -9.90
CA VAL E 68 -35.04 79.90 -11.18
C VAL E 68 -34.72 80.91 -12.28
N PRO E 69 -33.70 80.65 -13.14
CA PRO E 69 -33.34 81.46 -14.30
C PRO E 69 -34.50 81.54 -15.26
N GLU E 70 -34.53 82.61 -16.05
CA GLU E 70 -35.58 82.96 -17.02
C GLU E 70 -35.83 81.93 -18.09
N VAL E 71 -34.91 81.00 -18.23
CA VAL E 71 -35.03 79.92 -19.19
C VAL E 71 -36.24 79.05 -18.82
N MET E 72 -36.44 78.80 -17.51
CA MET E 72 -37.57 77.99 -17.05
C MET E 72 -38.47 78.74 -16.07
N ALA E 73 -38.03 79.88 -15.58
CA ALA E 73 -38.84 80.62 -14.65
C ALA E 73 -40.10 81.04 -15.36
N ASP E 74 -41.19 81.09 -14.61
CA ASP E 74 -42.52 81.46 -15.04
C ASP E 74 -43.17 80.40 -15.95
N CYS E 75 -42.54 79.23 -16.06
CA CYS E 75 -43.11 78.10 -16.75
C CYS E 75 -44.09 77.50 -15.78
N THR E 76 -45.25 77.06 -16.26
CA THR E 76 -46.19 76.43 -15.34
C THR E 76 -45.87 74.98 -15.13
N ILE E 77 -45.82 74.59 -13.87
CA ILE E 77 -45.56 73.21 -13.53
C ILE E 77 -46.83 72.58 -13.01
N TYR E 78 -47.26 71.50 -13.66
CA TYR E 78 -48.53 70.82 -13.27
C TYR E 78 -48.26 69.35 -12.89
N SER E 79 -49.03 68.86 -11.91
CA SER E 79 -48.95 67.48 -11.42
C SER E 79 -50.16 66.66 -11.87
N LEU E 80 -49.89 65.54 -12.53
CA LEU E 80 -50.97 64.72 -13.08
C LEU E 80 -51.59 63.71 -12.16
N ASP E 81 -52.91 63.75 -12.05
CA ASP E 81 -53.64 62.78 -11.25
C ASP E 81 -54.30 61.72 -12.13
N ILE E 82 -53.68 60.56 -12.17
CA ILE E 82 -54.13 59.45 -12.97
C ILE E 82 -55.48 58.98 -12.48
N GLY E 83 -55.66 59.01 -11.16
CA GLY E 83 -56.88 58.55 -10.56
C GLY E 83 -58.05 59.39 -11.02
N SER E 84 -57.82 60.66 -11.36
CA SER E 84 -58.88 61.51 -11.84
C SER E 84 -59.23 61.09 -13.26
N LEU E 85 -58.20 60.88 -14.10
CA LEU E 85 -58.48 60.50 -15.48
C LEU E 85 -59.25 59.20 -15.58
N LEU E 86 -58.89 58.27 -14.73
CA LEU E 86 -59.49 56.96 -14.79
C LEU E 86 -60.73 56.87 -13.92
N ALA E 87 -61.15 57.98 -13.31
CA ALA E 87 -62.32 58.00 -12.48
C ALA E 87 -63.56 58.04 -13.33
N GLY E 88 -63.42 58.38 -14.62
CA GLY E 88 -64.61 58.49 -15.44
C GLY E 88 -65.37 57.16 -15.42
N THR E 89 -64.62 56.07 -15.32
CA THR E 89 -65.10 54.70 -15.20
C THR E 89 -65.86 54.14 -16.41
N LYS E 90 -66.95 54.80 -16.75
CA LYS E 90 -67.86 54.42 -17.80
C LYS E 90 -67.45 54.92 -19.17
N TYR E 91 -67.93 54.20 -20.19
CA TYR E 91 -67.85 54.53 -21.61
C TYR E 91 -66.50 54.33 -22.30
N ARG E 92 -66.38 53.22 -23.02
CA ARG E 92 -65.14 52.96 -23.72
C ARG E 92 -64.94 54.04 -24.78
N GLY E 93 -63.74 54.55 -24.83
CA GLY E 93 -63.35 55.59 -25.76
C GLY E 93 -63.39 56.98 -25.11
N ASP E 94 -64.08 57.10 -23.96
CA ASP E 94 -64.12 58.40 -23.33
C ASP E 94 -62.85 58.61 -22.55
N PHE E 95 -62.23 57.51 -22.15
CA PHE E 95 -61.00 57.53 -21.41
C PHE E 95 -59.89 58.12 -22.26
N GLU E 96 -59.85 57.70 -23.50
CA GLU E 96 -58.87 58.14 -24.45
C GLU E 96 -59.11 59.60 -24.79
N LYS E 97 -60.37 60.01 -24.93
CA LYS E 97 -60.64 61.41 -25.19
C LYS E 97 -60.19 62.28 -24.02
N ARG E 98 -60.42 61.84 -22.78
CA ARG E 98 -59.98 62.63 -21.64
C ARG E 98 -58.47 62.77 -21.62
N PHE E 99 -57.76 61.69 -21.94
CA PHE E 99 -56.31 61.70 -21.93
C PHE E 99 -55.81 62.68 -22.99
N LYS E 100 -56.36 62.56 -24.19
CA LYS E 100 -55.97 63.43 -25.27
C LYS E 100 -56.34 64.87 -25.00
N ALA E 101 -57.52 65.14 -24.44
CA ALA E 101 -57.89 66.53 -24.21
C ALA E 101 -56.90 67.19 -23.30
N LEU E 102 -56.43 66.47 -22.29
CA LEU E 102 -55.44 67.05 -21.43
C LEU E 102 -54.17 67.34 -22.18
N LEU E 103 -53.69 66.36 -22.95
CA LEU E 103 -52.43 66.59 -23.62
C LEU E 103 -52.51 67.69 -24.65
N LYS E 104 -53.63 67.81 -25.37
CA LYS E 104 -53.74 68.85 -26.35
C LYS E 104 -53.69 70.20 -25.68
N GLN E 105 -54.35 70.34 -24.54
CA GLN E 105 -54.33 71.61 -23.86
C GLN E 105 -52.94 71.94 -23.34
N LEU E 106 -52.22 70.93 -22.85
CA LEU E 106 -50.87 71.21 -22.36
C LEU E 106 -49.97 71.61 -23.52
N GLU E 107 -50.14 70.97 -24.68
CA GLU E 107 -49.36 71.30 -25.87
C GLU E 107 -49.61 72.75 -26.25
N GLN E 108 -50.87 73.17 -26.18
CA GLN E 108 -51.24 74.53 -26.50
C GLN E 108 -50.69 75.55 -25.50
N ASP E 109 -50.70 75.21 -24.19
CA ASP E 109 -50.18 76.14 -23.18
C ASP E 109 -48.74 76.46 -23.50
N THR E 110 -48.03 75.45 -24.01
CA THR E 110 -46.67 75.52 -24.51
C THR E 110 -45.65 75.73 -23.41
N ASN E 111 -45.74 76.82 -22.66
CA ASN E 111 -44.77 77.03 -21.59
C ASN E 111 -45.28 76.32 -20.35
N SER E 112 -45.27 75.00 -20.46
CA SER E 112 -45.80 74.10 -19.45
C SER E 112 -45.08 72.77 -19.40
N ILE E 113 -44.79 72.34 -18.18
CA ILE E 113 -44.12 71.09 -17.89
C ILE E 113 -45.02 70.22 -17.03
N LEU E 114 -45.13 68.96 -17.41
CA LEU E 114 -46.00 68.08 -16.66
C LEU E 114 -45.20 67.12 -15.80
N PHE E 115 -45.54 67.05 -14.54
CA PHE E 115 -44.92 66.14 -13.58
C PHE E 115 -45.77 64.93 -13.31
N ILE E 116 -45.19 63.77 -13.55
CA ILE E 116 -45.94 62.56 -13.32
C ILE E 116 -45.32 61.72 -12.24
N ASP E 117 -46.01 61.62 -11.11
CA ASP E 117 -45.50 60.78 -10.06
C ASP E 117 -45.87 59.38 -10.46
N GLU E 118 -45.17 58.39 -9.94
CA GLU E 118 -45.50 57.01 -10.25
C GLU E 118 -45.65 56.84 -11.75
N ILE E 119 -44.68 57.35 -12.50
CA ILE E 119 -44.73 57.33 -13.95
C ILE E 119 -44.80 55.92 -14.52
N HIS E 120 -44.35 54.94 -13.76
CA HIS E 120 -44.37 53.57 -14.21
C HIS E 120 -45.79 53.01 -14.25
N THR E 121 -46.75 53.75 -13.73
CA THR E 121 -48.12 53.27 -13.78
C THR E 121 -48.77 53.75 -15.06
N ILE E 122 -48.08 54.63 -15.80
CA ILE E 122 -48.59 55.18 -17.04
C ILE E 122 -48.11 54.24 -18.09
N ILE E 123 -46.88 53.79 -17.93
CA ILE E 123 -46.32 52.93 -18.92
C ILE E 123 -46.87 51.56 -18.67
N GLY E 124 -47.71 51.12 -19.60
CA GLY E 124 -48.47 49.90 -19.44
C GLY E 124 -49.89 50.25 -18.97
N ALA E 125 -50.08 51.51 -18.55
CA ALA E 125 -51.36 52.05 -18.10
C ALA E 125 -52.08 51.14 -17.15
N GLY E 126 -51.46 50.77 -16.05
CA GLY E 126 -52.07 49.77 -15.17
C GLY E 126 -53.25 50.27 -14.34
N ALA E 127 -54.24 49.39 -14.19
CA ALA E 127 -55.43 49.59 -13.36
C ALA E 127 -56.26 48.31 -13.40
N ALA E 128 -55.59 47.18 -13.15
CA ALA E 128 -56.17 45.84 -13.27
C ALA E 128 -56.46 45.53 -14.75
N SER E 129 -57.46 46.21 -15.36
CA SER E 129 -57.72 46.05 -16.79
C SER E 129 -56.85 47.04 -17.54
N GLY E 130 -56.59 48.18 -16.89
CA GLY E 130 -55.76 49.25 -17.46
C GLY E 130 -56.50 50.56 -17.69
N GLY E 131 -55.88 51.44 -18.48
CA GLY E 131 -56.38 52.79 -18.76
C GLY E 131 -57.45 52.86 -19.90
N GLN E 132 -57.26 53.63 -21.02
CA GLN E 132 -56.12 54.43 -21.46
C GLN E 132 -54.95 53.46 -21.46
N VAL E 133 -55.21 52.25 -21.94
CA VAL E 133 -54.26 51.15 -21.97
C VAL E 133 -53.01 51.48 -22.78
N ASP E 134 -53.15 52.45 -23.65
CA ASP E 134 -52.14 52.97 -24.49
C ASP E 134 -51.73 54.37 -24.07
N ALA E 135 -51.93 54.73 -22.80
CA ALA E 135 -51.60 56.09 -22.35
C ALA E 135 -50.17 56.44 -22.68
N ALA E 136 -49.27 55.47 -22.58
CA ALA E 136 -47.90 55.75 -22.92
C ALA E 136 -47.76 56.09 -24.39
N ASN E 137 -48.53 55.43 -25.24
CA ASN E 137 -48.41 55.62 -26.67
C ASN E 137 -49.07 56.91 -27.07
N LEU E 138 -50.08 57.30 -26.32
CA LEU E 138 -50.78 58.53 -26.59
C LEU E 138 -49.88 59.74 -26.29
N ILE E 139 -49.07 59.65 -25.21
CA ILE E 139 -48.15 60.74 -24.88
C ILE E 139 -46.85 60.73 -25.71
N LYS E 140 -46.31 59.55 -26.05
CA LYS E 140 -45.06 59.47 -26.78
C LYS E 140 -44.92 60.45 -27.94
N PRO E 141 -45.88 60.66 -28.86
CA PRO E 141 -45.77 61.64 -29.92
C PRO E 141 -45.37 63.04 -29.48
N LEU E 142 -45.76 63.50 -28.29
CA LEU E 142 -45.37 64.84 -27.90
C LEU E 142 -43.97 64.81 -27.34
N LEU E 143 -43.58 63.65 -26.80
CA LEU E 143 -42.21 63.57 -26.30
C LEU E 143 -41.26 63.51 -27.50
N SER E 144 -41.65 62.75 -28.53
CA SER E 144 -40.84 62.57 -29.73
C SER E 144 -40.79 63.78 -30.61
N SER E 145 -41.85 64.59 -30.57
CA SER E 145 -41.93 65.79 -31.35
C SER E 145 -41.24 66.96 -30.66
N GLY E 146 -40.81 66.78 -29.40
CA GLY E 146 -40.20 67.86 -28.65
C GLY E 146 -41.23 68.90 -28.24
N LYS E 147 -42.49 68.49 -28.07
CA LYS E 147 -43.56 69.43 -27.75
C LYS E 147 -43.91 69.52 -26.29
N ILE E 148 -43.71 68.45 -25.56
CA ILE E 148 -44.07 68.49 -24.15
C ILE E 148 -42.86 68.09 -23.37
N ARG E 149 -42.68 68.69 -22.22
CA ARG E 149 -41.59 68.27 -21.38
C ARG E 149 -42.25 67.66 -20.18
N VAL E 150 -41.80 66.47 -19.85
CA VAL E 150 -42.33 65.75 -18.73
C VAL E 150 -41.29 65.43 -17.71
N ILE E 151 -41.59 65.71 -16.48
CA ILE E 151 -40.69 65.38 -15.40
C ILE E 151 -41.24 64.10 -14.83
N GLY E 152 -40.46 63.05 -14.86
CA GLY E 152 -41.00 61.82 -14.34
C GLY E 152 -40.49 61.55 -12.94
N SER E 153 -40.99 60.50 -12.35
CA SER E 153 -40.56 60.03 -11.05
C SER E 153 -40.91 58.58 -10.85
N THR E 154 -39.91 57.78 -10.53
CA THR E 154 -40.10 56.36 -10.29
C THR E 154 -39.00 55.80 -9.41
N THR E 155 -38.95 54.50 -9.30
CA THR E 155 -37.93 53.87 -8.50
C THR E 155 -37.03 52.99 -9.34
N TYR E 156 -36.08 52.36 -8.71
CA TYR E 156 -35.09 51.63 -9.46
C TYR E 156 -35.60 50.37 -10.11
N GLN E 157 -36.55 49.70 -9.48
CA GLN E 157 -36.99 48.45 -10.06
C GLN E 157 -37.82 48.72 -11.26
N GLU E 158 -38.63 49.76 -11.18
CA GLU E 158 -39.52 50.09 -12.26
C GLU E 158 -38.74 50.70 -13.40
N PHE E 159 -37.72 51.46 -13.05
CA PHE E 159 -36.90 51.97 -14.11
C PHE E 159 -36.44 50.77 -14.94
N SER E 160 -35.90 49.75 -14.28
CA SER E 160 -35.46 48.58 -15.00
C SER E 160 -36.62 47.82 -15.69
N ASN E 161 -37.77 47.72 -15.04
CA ASN E 161 -38.89 46.97 -15.61
C ASN E 161 -39.43 47.57 -16.90
N ILE E 162 -39.42 48.89 -17.00
CA ILE E 162 -39.92 49.56 -18.19
C ILE E 162 -38.97 50.52 -18.91
N PHE E 163 -38.26 51.39 -18.20
CA PHE E 163 -37.56 52.49 -18.87
C PHE E 163 -36.36 51.98 -19.62
N GLU E 164 -35.79 50.90 -19.11
CA GLU E 164 -34.63 50.28 -19.74
C GLU E 164 -35.02 49.37 -20.91
N LYS E 165 -36.32 49.11 -21.11
CA LYS E 165 -36.71 48.19 -22.15
C LYS E 165 -37.43 48.88 -23.30
N ASP E 166 -38.26 49.86 -22.98
CA ASP E 166 -39.00 50.54 -23.99
C ASP E 166 -38.14 51.68 -24.51
N ARG E 167 -37.58 51.52 -25.71
CA ARG E 167 -36.62 52.50 -26.20
C ARG E 167 -37.24 53.85 -26.45
N ALA E 168 -38.56 53.92 -26.49
CA ALA E 168 -39.20 55.19 -26.71
C ALA E 168 -39.14 56.02 -25.43
N LEU E 169 -38.76 55.39 -24.33
CA LEU E 169 -38.61 56.11 -23.08
C LEU E 169 -37.12 56.28 -22.86
N ALA E 170 -36.36 55.24 -23.20
CA ALA E 170 -34.92 55.25 -23.01
C ALA E 170 -34.25 56.40 -23.77
N ARG E 171 -34.84 56.75 -24.92
CA ARG E 171 -34.30 57.82 -25.74
C ARG E 171 -35.01 59.17 -25.53
N ARG E 172 -35.91 59.25 -24.54
CA ARG E 172 -36.63 60.49 -24.30
C ARG E 172 -36.40 61.03 -22.91
N PHE E 173 -36.22 60.14 -21.94
CA PHE E 173 -36.05 60.55 -20.57
C PHE E 173 -34.62 60.45 -20.12
N GLN E 174 -34.22 61.39 -19.29
CA GLN E 174 -32.89 61.39 -18.72
C GLN E 174 -32.91 61.09 -17.25
N LYS E 175 -32.40 59.94 -16.88
CA LYS E 175 -32.41 59.58 -15.48
C LYS E 175 -31.47 60.42 -14.65
N ILE E 176 -31.98 60.84 -13.51
CA ILE E 176 -31.25 61.55 -12.47
C ILE E 176 -31.32 60.68 -11.22
N ASP E 177 -30.18 60.37 -10.63
CA ASP E 177 -30.18 59.51 -9.45
C ASP E 177 -30.41 60.30 -8.17
N ILE E 178 -31.51 60.02 -7.51
CA ILE E 178 -31.86 60.71 -6.28
C ILE E 178 -31.52 59.80 -5.14
N THR E 179 -30.63 60.27 -4.29
CA THR E 179 -30.12 59.47 -3.20
C THR E 179 -30.68 59.89 -1.86
N GLU E 180 -30.42 59.03 -0.87
CA GLU E 180 -30.89 59.24 0.53
C GLU E 180 -30.03 60.35 1.14
N PRO E 181 -30.59 61.21 2.02
CA PRO E 181 -29.83 62.30 2.61
C PRO E 181 -28.91 61.83 3.76
N SER E 182 -28.07 62.75 4.23
CA SER E 182 -27.14 62.57 5.34
C SER E 182 -27.85 62.70 6.66
N ILE E 183 -27.11 62.42 7.74
CA ILE E 183 -27.67 62.50 9.09
C ILE E 183 -28.05 63.95 9.39
N GLU E 184 -27.17 64.88 9.02
CA GLU E 184 -27.43 66.28 9.25
C GLU E 184 -28.57 66.78 8.38
N GLU E 185 -28.62 66.32 7.13
CA GLU E 185 -29.69 66.77 6.28
C GLU E 185 -31.01 66.30 6.83
N THR E 186 -31.03 65.06 7.36
CA THR E 186 -32.25 64.52 7.93
C THR E 186 -32.68 65.34 9.11
N VAL E 187 -31.75 65.74 9.98
CA VAL E 187 -32.12 66.54 11.12
C VAL E 187 -32.72 67.86 10.67
N GLN E 188 -32.14 68.49 9.66
CA GLN E 188 -32.65 69.75 9.15
C GLN E 188 -34.04 69.58 8.56
N ILE E 189 -34.28 68.45 7.88
CA ILE E 189 -35.57 68.15 7.30
C ILE E 189 -36.57 67.96 8.40
N ILE E 190 -36.20 67.23 9.45
CA ILE E 190 -37.10 67.03 10.56
C ILE E 190 -37.42 68.35 11.19
N ASN E 191 -36.43 69.18 11.41
CA ASN E 191 -36.69 70.46 12.05
C ASN E 191 -37.52 71.37 11.16
N GLY E 192 -37.41 71.22 9.85
CA GLY E 192 -38.24 71.98 8.93
C GLY E 192 -39.70 71.52 9.05
N LEU E 193 -39.90 70.21 9.13
CA LEU E 193 -41.23 69.61 9.25
C LEU E 193 -41.77 69.64 10.66
N LYS E 194 -40.89 69.57 11.64
CA LYS E 194 -41.16 69.48 13.05
C LYS E 194 -42.42 70.12 13.59
N PRO E 195 -42.70 71.41 13.40
CA PRO E 195 -43.86 72.04 13.98
C PRO E 195 -45.17 71.40 13.54
N LYS E 196 -45.16 70.70 12.41
CA LYS E 196 -46.35 70.05 11.91
C LYS E 196 -46.71 68.89 12.83
N TYR E 197 -45.68 68.21 13.32
CA TYR E 197 -45.86 67.04 14.16
C TYR E 197 -46.14 67.54 15.55
N GLU E 198 -45.49 68.62 15.94
CA GLU E 198 -45.72 69.14 17.27
C GLU E 198 -47.15 69.63 17.38
N ALA E 199 -47.64 70.28 16.32
CA ALA E 199 -49.00 70.79 16.30
C ALA E 199 -50.02 69.68 16.31
N HIS E 200 -49.76 68.61 15.56
CA HIS E 200 -50.69 67.51 15.51
C HIS E 200 -50.80 66.83 16.86
N HIS E 201 -49.65 66.56 17.47
CA HIS E 201 -49.65 65.82 18.71
C HIS E 201 -49.64 66.65 19.99
N ASP E 202 -49.52 67.97 19.91
CA ASP E 202 -49.46 68.79 21.11
C ASP E 202 -48.31 68.34 22.02
N VAL E 203 -47.17 68.15 21.37
CA VAL E 203 -45.90 67.74 21.97
C VAL E 203 -44.81 68.68 21.51
N ARG E 204 -43.67 68.61 22.14
CA ARG E 204 -42.50 69.35 21.71
C ARG E 204 -41.30 68.43 21.66
N TYR E 205 -40.38 68.63 20.73
CA TYR E 205 -39.23 67.71 20.76
C TYR E 205 -37.95 68.44 21.11
N THR E 206 -37.08 67.75 21.84
CA THR E 206 -35.78 68.33 22.13
C THR E 206 -34.87 68.15 20.93
N ALA E 207 -33.77 68.87 20.91
CA ALA E 207 -32.80 68.73 19.82
C ALA E 207 -32.21 67.33 19.83
N LYS E 208 -32.03 66.79 21.03
CA LYS E 208 -31.48 65.47 21.18
C LYS E 208 -32.44 64.42 20.65
N ALA E 209 -33.74 64.61 20.88
CA ALA E 209 -34.72 63.64 20.38
C ALA E 209 -34.66 63.61 18.86
N VAL E 210 -34.48 64.77 18.25
CA VAL E 210 -34.43 64.78 16.80
C VAL E 210 -33.19 64.08 16.30
N ARG E 211 -32.04 64.39 16.90
CA ARG E 211 -30.82 63.76 16.47
C ARG E 211 -30.89 62.25 16.69
N ALA E 212 -31.43 61.84 17.84
CA ALA E 212 -31.52 60.44 18.18
C ALA E 212 -32.43 59.69 17.23
N ALA E 213 -33.53 60.30 16.80
CA ALA E 213 -34.41 59.58 15.88
C ALA E 213 -33.64 59.22 14.64
N VAL E 214 -32.78 60.12 14.21
CA VAL E 214 -32.05 59.84 13.01
C VAL E 214 -31.00 58.77 13.26
N GLU E 215 -30.22 58.92 14.33
CA GLU E 215 -29.14 57.98 14.58
C GLU E 215 -29.59 56.56 14.92
N LEU E 216 -30.65 56.43 15.72
CA LEU E 216 -31.15 55.12 16.10
C LEU E 216 -31.85 54.42 14.95
N ALA E 217 -32.61 55.16 14.14
CA ALA E 217 -33.26 54.51 13.00
C ALA E 217 -32.18 54.02 12.05
N VAL E 218 -31.11 54.78 11.88
CA VAL E 218 -30.06 54.33 11.00
C VAL E 218 -29.40 53.07 11.53
N LYS E 219 -29.12 53.04 12.83
CA LYS E 219 -28.50 51.89 13.44
C LYS E 219 -29.35 50.60 13.39
N TYR E 220 -30.67 50.71 13.65
CA TYR E 220 -31.50 49.52 13.72
C TYR E 220 -32.61 49.24 12.70
N ILE E 221 -33.06 50.20 11.91
CA ILE E 221 -34.16 49.96 11.01
C ILE E 221 -33.59 49.84 9.59
N ASN E 222 -33.67 48.64 9.00
CA ASN E 222 -33.01 48.38 7.73
C ASN E 222 -33.93 48.17 6.52
N ASP E 223 -35.20 48.54 6.63
CA ASP E 223 -36.18 48.42 5.57
C ASP E 223 -36.73 49.78 5.11
N ARG E 224 -35.98 50.82 5.40
CA ARG E 224 -36.35 52.19 5.12
C ARG E 224 -35.16 53.03 4.74
N HIS E 225 -35.44 54.20 4.21
CA HIS E 225 -34.41 55.18 3.88
C HIS E 225 -34.73 56.52 4.53
N LEU E 226 -33.69 57.30 4.76
CA LEU E 226 -33.81 58.64 5.27
C LEU E 226 -34.40 59.54 4.18
N PRO E 227 -35.08 60.62 4.57
CA PRO E 227 -35.39 61.02 5.91
C PRO E 227 -36.53 60.25 6.52
N ASP E 228 -37.33 59.51 5.72
CA ASP E 228 -38.52 58.94 6.31
C ASP E 228 -38.23 58.04 7.46
N LYS E 229 -37.17 57.27 7.45
CA LYS E 229 -37.05 56.38 8.60
C LYS E 229 -36.96 57.18 9.91
N ALA E 230 -36.39 58.37 9.88
CA ALA E 230 -36.25 59.13 11.10
C ALA E 230 -37.54 59.86 11.40
N ILE E 231 -38.21 60.28 10.33
CA ILE E 231 -39.46 61.02 10.45
C ILE E 231 -40.48 60.10 11.09
N ASP E 232 -40.48 58.85 10.66
CA ASP E 232 -41.40 57.86 11.17
C ASP E 232 -41.21 57.69 12.66
N VAL E 233 -39.95 57.69 13.12
CA VAL E 233 -39.66 57.58 14.55
C VAL E 233 -40.17 58.81 15.27
N ILE E 234 -39.98 59.99 14.70
CA ILE E 234 -40.48 61.21 15.32
C ILE E 234 -41.99 61.19 15.46
N ASP E 235 -42.68 60.75 14.42
CA ASP E 235 -44.12 60.74 14.50
C ASP E 235 -44.59 59.72 15.53
N GLU E 236 -43.98 58.53 15.54
CA GLU E 236 -44.42 57.55 16.52
C GLU E 236 -44.11 58.02 17.92
N ALA E 237 -42.94 58.64 18.14
CA ALA E 237 -42.60 59.13 19.46
C ALA E 237 -43.60 60.16 19.90
N GLY E 238 -44.06 60.97 18.96
CA GLY E 238 -45.03 61.99 19.22
C GLY E 238 -46.29 61.33 19.73
N ALA E 239 -46.81 60.36 18.96
CA ALA E 239 -48.03 59.67 19.36
C ALA E 239 -47.84 58.97 20.67
N ARG E 240 -46.69 58.35 20.88
CA ARG E 240 -46.52 57.66 22.12
C ARG E 240 -46.62 58.63 23.27
N ALA E 241 -45.93 59.76 23.19
CA ALA E 241 -45.99 60.71 24.30
C ALA E 241 -47.41 61.24 24.49
N ARG E 242 -48.14 61.46 23.40
CA ARG E 242 -49.49 61.98 23.48
C ARG E 242 -50.50 61.05 24.09
N LEU E 243 -50.38 59.78 23.79
CA LEU E 243 -51.36 58.80 24.21
C LEU E 243 -51.06 58.19 25.55
N MET E 244 -49.78 58.12 25.88
CA MET E 244 -49.30 57.55 27.11
C MET E 244 -49.96 58.06 28.41
N PRO E 245 -49.90 59.34 28.77
CA PRO E 245 -50.43 59.89 29.99
C PRO E 245 -51.92 60.12 29.93
N VAL E 246 -52.55 60.25 31.09
CA VAL E 246 -53.94 60.72 31.12
C VAL E 246 -53.96 62.25 31.11
N SER E 247 -53.14 62.85 31.97
CA SER E 247 -53.06 64.30 32.07
C SER E 247 -52.01 64.84 31.12
N LYS E 248 -52.19 66.10 30.70
CA LYS E 248 -51.26 66.74 29.78
C LYS E 248 -49.87 66.82 30.39
N ARG E 249 -49.17 65.68 30.41
CA ARG E 249 -47.83 65.62 30.98
C ARG E 249 -46.83 65.07 29.95
N LYS E 250 -45.55 65.28 30.22
CA LYS E 250 -44.50 64.80 29.33
C LYS E 250 -44.70 65.18 27.84
N LYS E 251 -45.11 66.41 27.66
CA LYS E 251 -45.34 67.00 26.37
C LYS E 251 -44.05 67.08 25.59
N THR E 252 -42.93 67.20 26.27
CA THR E 252 -41.65 67.24 25.58
C THR E 252 -41.12 65.81 25.44
N VAL E 253 -40.75 65.46 24.21
CA VAL E 253 -40.20 64.17 23.83
C VAL E 253 -38.70 64.19 23.95
N ASN E 254 -38.15 63.19 24.62
CA ASN E 254 -36.71 63.12 24.83
C ASN E 254 -36.08 61.91 24.13
N VAL E 255 -34.79 61.74 24.30
CA VAL E 255 -34.09 60.62 23.67
C VAL E 255 -34.59 59.28 24.16
N ALA E 256 -34.85 59.13 25.45
CA ALA E 256 -35.32 57.85 25.94
C ALA E 256 -36.63 57.44 25.26
N ASP E 257 -37.48 58.40 24.95
CA ASP E 257 -38.74 58.07 24.29
C ASP E 257 -38.42 57.60 22.88
N ILE E 258 -37.42 58.24 22.25
CA ILE E 258 -36.99 57.80 20.93
C ILE E 258 -36.43 56.38 20.99
N GLU E 259 -35.64 56.06 22.01
CA GLU E 259 -35.06 54.73 22.14
C GLU E 259 -36.14 53.67 22.26
N SER E 260 -37.19 53.96 23.02
CA SER E 260 -38.27 53.01 23.15
C SER E 260 -38.92 52.76 21.79
N VAL E 261 -39.17 53.82 21.04
CA VAL E 261 -39.79 53.67 19.75
C VAL E 261 -38.95 52.87 18.78
N VAL E 262 -37.66 53.15 18.70
CA VAL E 262 -36.86 52.38 17.77
C VAL E 262 -36.79 50.93 18.19
N ALA E 263 -36.64 50.69 19.49
CA ALA E 263 -36.58 49.34 19.98
C ALA E 263 -37.85 48.55 19.69
N ARG E 264 -39.01 49.19 19.73
CA ARG E 264 -40.27 48.51 19.46
C ARG E 264 -40.49 48.26 17.97
N ILE E 265 -39.93 49.14 17.13
CA ILE E 265 -40.00 48.94 15.70
C ILE E 265 -39.07 47.81 15.30
N ALA E 266 -37.88 47.70 15.85
CA ALA E 266 -37.11 46.59 15.34
C ALA E 266 -37.28 45.25 16.03
N ARG E 267 -38.11 45.16 17.05
CA ARG E 267 -38.36 43.87 17.71
C ARG E 267 -37.09 43.27 18.27
N ILE E 268 -36.27 44.19 18.77
CA ILE E 268 -34.96 44.00 19.31
C ILE E 268 -35.19 44.28 20.74
N PRO E 269 -34.12 44.40 21.56
CA PRO E 269 -34.21 44.67 23.01
C PRO E 269 -33.99 46.06 23.70
N GLU E 270 -33.27 47.04 23.22
CA GLU E 270 -33.31 48.23 24.02
C GLU E 270 -31.95 48.54 24.57
N LYS E 271 -31.88 49.25 25.68
CA LYS E 271 -30.58 49.51 26.16
C LYS E 271 -30.55 49.89 27.57
N SER E 272 -30.62 48.92 28.47
CA SER E 272 -30.54 49.26 29.89
C SER E 272 -29.11 49.36 30.42
N VAL E 273 -28.25 48.40 30.09
CA VAL E 273 -28.60 47.26 29.23
C VAL E 273 -29.52 46.27 29.94
N SER E 274 -29.05 45.72 31.06
CA SER E 274 -29.85 44.77 31.82
C SER E 274 -31.23 45.36 32.08
N GLN E 275 -31.92 45.73 31.00
CA GLN E 275 -33.21 46.37 31.09
C GLN E 275 -33.71 46.21 32.52
N SER E 276 -34.52 45.19 32.73
CA SER E 276 -35.05 44.87 34.04
C SER E 276 -34.75 43.39 34.15
N ASP E 277 -33.74 42.96 33.41
CA ASP E 277 -33.41 41.54 33.44
C ASP E 277 -31.91 41.30 33.42
N ARG E 278 -31.10 42.34 33.70
CA ARG E 278 -29.65 42.14 33.85
C ARG E 278 -29.45 41.24 35.07
N ASP E 279 -30.46 41.17 35.90
CA ASP E 279 -30.44 40.39 37.10
C ASP E 279 -30.86 38.95 36.88
N THR E 280 -31.16 38.59 35.64
CA THR E 280 -31.47 37.21 35.36
C THR E 280 -30.32 36.80 34.51
N LEU E 281 -29.77 37.80 33.82
CA LEU E 281 -28.65 37.61 32.91
C LEU E 281 -27.44 37.17 33.67
N LYS E 282 -27.23 37.77 34.81
CA LYS E 282 -26.09 37.48 35.65
C LYS E 282 -26.12 36.06 36.20
N ASN E 283 -27.29 35.41 36.17
CA ASN E 283 -27.44 34.08 36.70
C ASN E 283 -27.47 33.00 35.63
N LEU E 284 -27.18 33.31 34.36
CA LEU E 284 -27.23 32.24 33.38
C LEU E 284 -26.26 31.18 33.71
N GLY E 285 -25.09 31.55 34.20
CA GLY E 285 -24.10 30.55 34.45
C GLY E 285 -24.59 29.53 35.44
N ASP E 286 -25.37 29.95 36.42
CA ASP E 286 -25.83 29.00 37.41
C ASP E 286 -27.05 28.25 36.97
N ARG E 287 -27.94 28.88 36.24
CA ARG E 287 -29.10 28.10 35.87
C ARG E 287 -28.64 26.97 34.98
N LEU E 288 -27.66 27.23 34.14
CA LEU E 288 -27.17 26.21 33.26
C LEU E 288 -26.28 25.22 33.98
N LYS E 289 -25.49 25.66 34.96
CA LYS E 289 -24.64 24.72 35.68
C LYS E 289 -25.44 23.74 36.50
N MET E 290 -26.69 24.04 36.81
CA MET E 290 -27.50 23.08 37.54
C MET E 290 -28.13 22.02 36.64
N LEU E 291 -28.02 22.20 35.32
CA LEU E 291 -28.61 21.27 34.38
C LEU E 291 -27.53 20.47 33.68
N VAL E 292 -26.41 21.12 33.41
CA VAL E 292 -25.31 20.45 32.75
C VAL E 292 -24.16 20.42 33.70
N PHE E 293 -23.73 19.24 34.04
CA PHE E 293 -22.73 19.08 35.05
C PHE E 293 -21.39 18.83 34.42
N GLY E 294 -20.44 19.70 34.66
CA GLY E 294 -19.16 19.59 33.99
C GLY E 294 -19.26 20.46 32.77
N GLN E 295 -18.23 20.51 31.95
CA GLN E 295 -18.31 21.40 30.79
C GLN E 295 -18.60 22.85 31.14
N ASP E 296 -18.03 23.33 32.25
CA ASP E 296 -18.23 24.71 32.67
C ASP E 296 -17.71 25.68 31.67
N LYS E 297 -16.62 25.30 31.03
CA LYS E 297 -16.04 26.17 30.05
C LYS E 297 -16.96 26.44 28.88
N ALA E 298 -17.85 25.50 28.53
CA ALA E 298 -18.73 25.76 27.42
C ALA E 298 -19.81 26.68 27.87
N ILE E 299 -20.23 26.50 29.10
CA ILE E 299 -21.30 27.32 29.62
C ILE E 299 -20.80 28.73 29.67
N GLU E 300 -19.59 28.92 30.16
CA GLU E 300 -19.06 30.26 30.24
C GLU E 300 -18.85 30.87 28.87
N ALA E 301 -18.35 30.13 27.89
CA ALA E 301 -18.15 30.78 26.61
C ALA E 301 -19.44 31.35 26.05
N LEU E 302 -20.53 30.63 26.21
CA LEU E 302 -21.79 31.12 25.71
C LEU E 302 -22.27 32.30 26.52
N THR E 303 -22.11 32.19 27.82
CA THR E 303 -22.60 33.20 28.72
C THR E 303 -21.90 34.52 28.49
N GLU E 304 -20.59 34.48 28.30
CA GLU E 304 -19.87 35.72 28.12
C GLU E 304 -20.23 36.39 26.81
N ALA E 305 -20.42 35.62 25.74
CA ALA E 305 -20.78 36.25 24.48
C ALA E 305 -22.09 37.00 24.57
N ILE E 306 -23.04 36.44 25.30
CA ILE E 306 -24.32 37.08 25.44
C ILE E 306 -24.18 38.38 26.18
N LYS E 307 -23.45 38.36 27.30
CA LYS E 307 -23.26 39.58 28.05
C LYS E 307 -22.57 40.65 27.23
N MET E 308 -21.59 40.28 26.44
CA MET E 308 -20.93 41.33 25.68
C MET E 308 -21.87 42.01 24.75
N ALA E 309 -22.73 41.24 24.10
CA ALA E 309 -23.69 41.91 23.25
C ALA E 309 -24.56 42.86 24.05
N ARG E 310 -24.97 42.45 25.25
CA ARG E 310 -25.82 43.31 26.06
C ARG E 310 -25.08 44.54 26.54
N ALA E 311 -23.79 44.40 26.77
CA ALA E 311 -22.95 45.46 27.25
C ALA E 311 -22.63 46.45 26.14
N GLY E 312 -23.00 46.13 24.90
CA GLY E 312 -22.69 46.97 23.76
C GLY E 312 -21.34 46.66 23.14
N LEU E 313 -20.63 45.70 23.67
CA LEU E 313 -19.31 45.38 23.14
C LEU E 313 -19.42 44.27 22.12
N GLY E 314 -20.19 44.55 21.08
CA GLY E 314 -20.45 43.58 20.01
C GLY E 314 -20.08 44.15 18.66
N HIS E 315 -20.68 43.60 17.62
CA HIS E 315 -20.45 44.03 16.25
C HIS E 315 -21.76 43.86 15.50
N GLU E 316 -22.25 44.96 14.98
CA GLU E 316 -23.52 45.09 14.31
C GLU E 316 -23.65 44.43 12.93
N HIS E 317 -22.51 43.96 12.45
CA HIS E 317 -22.64 42.99 11.39
C HIS E 317 -22.39 41.52 11.68
N LYS E 318 -22.32 41.11 12.93
CA LYS E 318 -22.07 39.72 13.20
C LYS E 318 -23.20 39.07 13.97
N PRO E 319 -23.34 37.73 13.93
CA PRO E 319 -24.20 36.95 14.77
C PRO E 319 -23.75 37.21 16.17
N VAL E 320 -24.57 36.92 17.17
CA VAL E 320 -24.19 37.19 18.55
C VAL E 320 -22.90 36.46 18.86
N GLY E 321 -22.77 35.27 18.34
CA GLY E 321 -21.57 34.49 18.49
C GLY E 321 -21.68 33.28 17.60
N SER E 322 -20.57 32.64 17.36
CA SER E 322 -20.54 31.45 16.53
C SER E 322 -19.66 30.38 17.14
N PHE E 323 -20.30 29.30 17.53
CA PHE E 323 -19.61 28.30 18.27
C PHE E 323 -19.68 26.97 17.59
N LEU E 324 -18.62 26.21 17.72
CA LEU E 324 -18.61 24.85 17.24
C LEU E 324 -18.34 23.96 18.44
N PHE E 325 -19.23 23.04 18.74
CA PHE E 325 -19.01 22.19 19.88
C PHE E 325 -18.57 20.84 19.40
N ALA E 326 -17.58 20.27 20.04
CA ALA E 326 -17.07 18.97 19.65
C ALA E 326 -16.64 18.21 20.86
N GLY E 327 -16.59 16.90 20.78
CA GLY E 327 -16.13 16.14 21.92
C GLY E 327 -16.63 14.73 21.82
N PRO E 328 -16.45 13.92 22.85
CA PRO E 328 -16.85 12.54 22.95
C PRO E 328 -18.36 12.55 22.90
N THR E 329 -18.97 11.42 22.59
CA THR E 329 -20.41 11.38 22.54
C THR E 329 -21.02 11.35 23.90
N GLY E 330 -22.29 11.70 23.97
CA GLY E 330 -23.04 11.64 25.22
C GLY E 330 -22.55 12.63 26.29
N VAL E 331 -21.98 13.78 25.91
CA VAL E 331 -21.43 14.69 26.89
C VAL E 331 -22.17 16.02 27.05
N GLY E 332 -23.32 16.18 26.45
CA GLY E 332 -24.10 17.40 26.59
C GLY E 332 -23.91 18.47 25.53
N LYS E 333 -23.38 18.16 24.37
CA LYS E 333 -23.19 19.20 23.35
C LYS E 333 -24.54 19.84 22.96
N THR E 334 -25.51 19.00 22.62
CA THR E 334 -26.79 19.53 22.22
C THR E 334 -27.61 19.85 23.44
N GLU E 335 -27.25 19.22 24.56
CA GLU E 335 -27.95 19.45 25.86
C GLU E 335 -27.77 20.91 26.28
N VAL E 336 -26.55 21.44 26.17
CA VAL E 336 -26.29 22.82 26.53
C VAL E 336 -27.04 23.76 25.64
N THR E 337 -27.04 23.54 24.34
CA THR E 337 -27.73 24.49 23.51
C THR E 337 -29.21 24.52 23.80
N VAL E 338 -29.81 23.37 23.98
CA VAL E 338 -31.23 23.39 24.23
C VAL E 338 -31.56 24.12 25.51
N GLN E 339 -30.79 23.88 26.55
CA GLN E 339 -31.09 24.53 27.80
C GLN E 339 -30.84 26.03 27.74
N LEU E 340 -29.91 26.48 26.91
CA LEU E 340 -29.68 27.90 26.82
C LEU E 340 -30.89 28.62 26.30
N SER E 341 -31.52 28.09 25.25
CA SER E 341 -32.66 28.84 24.75
C SER E 341 -33.74 28.89 25.80
N LYS E 342 -33.83 27.86 26.63
CA LYS E 342 -34.84 27.92 27.66
C LYS E 342 -34.47 28.95 28.71
N ALA E 343 -33.20 28.98 29.11
CA ALA E 343 -32.72 29.88 30.15
C ALA E 343 -32.92 31.33 29.76
N LEU E 344 -32.81 31.63 28.49
CA LEU E 344 -32.99 32.98 28.00
C LEU E 344 -34.43 33.33 27.67
N GLY E 345 -35.36 32.38 27.75
CA GLY E 345 -36.74 32.64 27.40
C GLY E 345 -36.99 32.85 25.92
N ILE E 346 -36.22 32.22 25.04
CA ILE E 346 -36.35 32.41 23.60
C ILE E 346 -36.53 31.14 22.79
N GLU E 347 -36.98 31.30 21.56
CA GLU E 347 -37.20 30.20 20.65
C GLU E 347 -35.93 29.51 20.20
N LEU E 348 -36.01 28.21 20.05
CA LEU E 348 -34.90 27.45 19.52
C LEU E 348 -35.23 27.03 18.12
N LEU E 349 -34.37 27.33 17.17
CA LEU E 349 -34.59 26.91 15.81
C LEU E 349 -33.69 25.75 15.55
N ARG E 350 -34.24 24.60 15.20
CA ARG E 350 -33.34 23.49 14.98
C ARG E 350 -33.41 22.99 13.60
N PHE E 351 -32.27 22.75 13.05
CA PHE E 351 -32.18 22.16 11.76
C PHE E 351 -31.30 20.96 11.92
N ASP E 352 -31.59 19.92 11.19
CA ASP E 352 -30.76 18.75 11.26
C ASP E 352 -30.02 18.59 9.98
N MET E 353 -28.73 18.79 10.02
CA MET E 353 -27.90 18.83 8.84
C MET E 353 -27.87 17.54 8.08
N SER E 354 -28.22 16.44 8.68
CA SER E 354 -28.18 15.21 7.95
C SER E 354 -29.26 15.15 6.91
N GLU E 355 -30.23 16.06 6.96
CA GLU E 355 -31.25 16.03 5.95
C GLU E 355 -30.87 16.86 4.74
N TYR E 356 -29.73 17.54 4.78
CA TYR E 356 -29.35 18.42 3.68
C TYR E 356 -28.06 17.97 3.11
N MET E 357 -28.07 16.78 2.53
CA MET E 357 -26.90 16.11 2.01
C MET E 357 -26.73 16.20 0.51
N GLU E 358 -27.53 17.02 -0.14
CA GLU E 358 -27.47 17.12 -1.58
C GLU E 358 -27.46 18.56 -1.99
N ARG E 359 -26.90 18.90 -3.15
CA ARG E 359 -26.97 20.31 -3.49
C ARG E 359 -28.40 20.72 -3.73
N HIS E 360 -29.27 19.81 -4.07
CA HIS E 360 -30.64 20.20 -4.34
C HIS E 360 -31.31 20.74 -3.09
N THR E 361 -30.85 20.29 -1.93
CA THR E 361 -31.49 20.61 -0.68
C THR E 361 -31.19 22.00 -0.18
N VAL E 362 -30.23 22.71 -0.80
CA VAL E 362 -30.01 24.06 -0.31
C VAL E 362 -31.21 24.91 -0.71
N SER E 363 -32.01 24.44 -1.67
CA SER E 363 -33.21 25.15 -2.03
C SER E 363 -34.23 25.06 -0.91
N ARG E 364 -34.09 24.03 -0.07
CA ARG E 364 -35.02 23.83 1.07
C ARG E 364 -34.63 24.77 2.22
N LEU E 365 -33.47 25.42 2.09
CA LEU E 365 -32.98 26.37 3.13
C LEU E 365 -33.21 27.81 2.65
N ILE E 366 -32.79 28.10 1.41
CA ILE E 366 -32.96 29.47 0.83
C ILE E 366 -34.43 29.68 0.47
N GLY E 367 -34.97 28.80 -0.39
CA GLY E 367 -36.38 28.89 -0.82
C GLY E 367 -36.56 28.49 -2.27
N ALA E 368 -37.52 27.60 -2.54
CA ALA E 368 -37.79 27.13 -3.92
C ALA E 368 -38.00 28.33 -4.84
N PRO E 369 -37.20 28.46 -6.10
CA PRO E 369 -37.06 29.38 -7.22
C PRO E 369 -38.40 29.61 -7.93
N PRO E 370 -38.68 30.83 -8.46
CA PRO E 370 -39.85 31.26 -9.23
C PRO E 370 -39.81 30.84 -10.69
N GLY E 371 -40.56 29.81 -11.11
CA GLY E 371 -41.45 28.97 -10.32
C GLY E 371 -41.35 27.63 -10.98
N TYR E 372 -41.08 26.59 -10.20
CA TYR E 372 -40.82 25.29 -10.77
C TYR E 372 -41.83 24.20 -10.38
N VAL E 373 -42.25 24.21 -9.12
CA VAL E 373 -43.29 23.28 -8.64
C VAL E 373 -44.24 24.15 -7.88
N GLY E 374 -43.75 25.35 -7.70
CA GLY E 374 -44.25 26.38 -6.87
C GLY E 374 -43.01 27.15 -6.54
N PHE E 375 -43.16 28.16 -5.71
CA PHE E 375 -42.09 29.04 -5.30
C PHE E 375 -42.57 29.75 -4.09
N ASP E 376 -43.82 29.51 -3.78
CA ASP E 376 -44.51 30.07 -2.66
C ASP E 376 -44.25 29.27 -1.41
N GLN E 377 -42.97 29.21 -1.09
CA GLN E 377 -42.36 28.60 0.05
C GLN E 377 -40.99 29.24 0.15
N GLY E 378 -40.81 30.05 1.17
CA GLY E 378 -39.56 30.79 1.30
C GLY E 378 -38.57 29.84 1.86
N GLY E 379 -37.36 30.29 2.10
CA GLY E 379 -36.42 29.35 2.63
C GLY E 379 -36.81 28.97 4.02
N LEU E 380 -36.50 27.74 4.41
CA LEU E 380 -36.82 27.35 5.75
C LEU E 380 -36.01 28.19 6.71
N LEU E 381 -34.77 28.52 6.35
CA LEU E 381 -33.95 29.27 7.23
C LEU E 381 -34.36 30.72 7.21
N THR E 382 -34.68 31.26 6.03
CA THR E 382 -35.05 32.65 5.95
C THR E 382 -36.29 32.94 6.76
N ASP E 383 -37.30 32.10 6.60
CA ASP E 383 -38.52 32.37 7.28
C ASP E 383 -38.39 32.16 8.76
N ALA E 384 -37.61 31.18 9.18
CA ALA E 384 -37.46 30.96 10.60
C ALA E 384 -36.83 32.15 11.28
N VAL E 385 -35.84 32.75 10.64
CA VAL E 385 -35.15 33.88 11.22
C VAL E 385 -36.00 35.13 11.21
N ILE E 386 -36.75 35.36 10.15
CA ILE E 386 -37.59 36.54 10.16
C ILE E 386 -38.67 36.46 11.20
N LYS E 387 -39.31 35.32 11.34
CA LYS E 387 -40.35 35.25 12.34
C LYS E 387 -39.79 35.40 13.76
N HIS E 388 -38.61 34.82 14.02
CA HIS E 388 -38.03 34.82 15.36
C HIS E 388 -36.58 35.30 15.41
N PRO E 389 -36.30 36.60 15.28
CA PRO E 389 -34.99 37.21 15.16
C PRO E 389 -34.07 37.03 16.35
N HIS E 390 -34.62 36.64 17.50
CA HIS E 390 -33.82 36.46 18.71
C HIS E 390 -33.57 35.02 19.08
N ALA E 391 -33.87 34.12 18.20
CA ALA E 391 -33.74 32.71 18.49
C ALA E 391 -32.32 32.21 18.59
N VAL E 392 -32.17 31.08 19.26
CA VAL E 392 -30.91 30.37 19.25
C VAL E 392 -30.98 29.47 18.04
N LEU E 393 -29.99 29.50 17.19
CA LEU E 393 -30.00 28.66 16.01
C LEU E 393 -29.06 27.50 16.17
N LEU E 394 -29.60 26.30 16.14
CA LEU E 394 -28.81 25.10 16.33
C LEU E 394 -28.74 24.25 15.10
N LEU E 395 -27.55 24.01 14.61
CA LEU E 395 -27.42 23.17 13.45
C LEU E 395 -26.72 21.89 13.87
N ASP E 396 -27.46 20.80 13.94
CA ASP E 396 -26.88 19.55 14.41
C ASP E 396 -26.10 18.85 13.36
N GLU E 397 -25.07 18.15 13.79
CA GLU E 397 -24.29 17.30 12.90
C GLU E 397 -23.82 18.03 11.65
N ILE E 398 -23.21 19.17 11.83
CA ILE E 398 -22.82 19.99 10.70
C ILE E 398 -21.88 19.33 9.72
N GLU E 399 -21.03 18.41 10.14
CA GLU E 399 -20.11 17.81 9.20
C GLU E 399 -20.82 16.91 8.20
N LYS E 400 -22.10 16.60 8.44
CA LYS E 400 -22.83 15.74 7.56
C LYS E 400 -23.54 16.49 6.46
N ALA E 401 -23.54 17.80 6.53
CA ALA E 401 -24.22 18.59 5.53
C ALA E 401 -23.45 18.58 4.23
N HIS E 402 -24.15 18.76 3.13
CA HIS E 402 -23.47 18.93 1.86
C HIS E 402 -22.63 20.18 1.96
N PRO E 403 -21.39 20.23 1.41
CA PRO E 403 -20.50 21.36 1.42
C PRO E 403 -21.11 22.69 1.00
N ASP E 404 -22.14 22.71 0.16
CA ASP E 404 -22.69 24.02 -0.19
C ASP E 404 -23.29 24.75 1.00
N VAL E 405 -23.60 24.06 2.09
CA VAL E 405 -24.16 24.74 3.24
C VAL E 405 -23.12 25.65 3.84
N PHE E 406 -21.85 25.32 3.64
CA PHE E 406 -20.82 26.13 4.22
C PHE E 406 -20.73 27.43 3.49
N ASN E 407 -21.07 27.47 2.22
CA ASN E 407 -21.00 28.74 1.55
C ASN E 407 -22.05 29.64 2.16
N ILE E 408 -23.17 29.04 2.54
CA ILE E 408 -24.25 29.78 3.16
C ILE E 408 -23.82 30.25 4.54
N LEU E 409 -23.22 29.35 5.33
CA LEU E 409 -22.77 29.74 6.66
C LEU E 409 -21.70 30.78 6.66
N LEU E 410 -20.76 30.72 5.72
CA LEU E 410 -19.74 31.72 5.72
C LEU E 410 -20.37 33.06 5.42
N GLN E 411 -21.32 33.11 4.50
CA GLN E 411 -21.93 34.40 4.25
C GLN E 411 -22.57 34.96 5.50
N VAL E 412 -23.29 34.13 6.23
CA VAL E 412 -23.94 34.64 7.41
C VAL E 412 -22.92 35.08 8.43
N MET E 413 -21.90 34.28 8.66
CA MET E 413 -20.94 34.68 9.66
C MET E 413 -20.19 35.93 9.27
N ASP E 414 -19.97 36.16 7.98
CA ASP E 414 -19.25 37.36 7.61
C ASP E 414 -20.02 38.65 7.71
N ASN E 415 -21.29 38.66 7.28
CA ASN E 415 -21.99 39.93 7.33
C ASN E 415 -23.30 39.99 8.07
N GLY E 416 -23.73 38.91 8.73
CA GLY E 416 -24.92 38.98 9.52
C GLY E 416 -26.20 38.86 8.75
N THR E 417 -26.15 38.65 7.45
CA THR E 417 -27.40 38.57 6.75
C THR E 417 -27.41 37.66 5.54
N LEU E 418 -28.58 37.09 5.30
CA LEU E 418 -28.78 36.16 4.20
C LEU E 418 -29.94 36.63 3.35
N THR E 419 -29.77 36.64 2.03
CA THR E 419 -30.87 37.10 1.17
C THR E 419 -31.58 35.91 0.55
N ASP E 420 -32.89 35.93 0.71
CA ASP E 420 -33.86 34.95 0.24
C ASP E 420 -33.96 35.01 -1.26
N ASN E 421 -34.43 33.95 -1.90
CA ASN E 421 -34.50 34.01 -3.35
C ASN E 421 -35.59 34.97 -3.84
N ASN E 422 -36.44 35.43 -2.94
CA ASN E 422 -37.47 36.38 -3.30
C ASN E 422 -37.05 37.82 -2.96
N GLY E 423 -35.78 38.00 -2.58
CA GLY E 423 -35.21 39.31 -2.28
C GLY E 423 -35.30 39.78 -0.84
N ARG E 424 -36.00 39.03 -0.01
CA ARG E 424 -36.15 39.41 1.39
C ARG E 424 -34.90 39.07 2.17
N LYS E 425 -34.64 39.78 3.27
CA LYS E 425 -33.45 39.44 4.02
C LYS E 425 -33.69 39.00 5.44
N ALA E 426 -32.92 37.99 5.83
CA ALA E 426 -32.89 37.55 7.20
C ALA E 426 -31.77 38.24 7.95
N ASP E 427 -32.09 38.74 9.13
CA ASP E 427 -31.17 39.42 10.02
C ASP E 427 -30.70 38.51 11.11
N PHE E 428 -29.43 38.15 11.12
CA PHE E 428 -28.93 37.20 12.10
C PHE E 428 -28.17 37.86 13.21
N ARG E 429 -28.21 39.16 13.31
CA ARG E 429 -27.37 39.79 14.31
C ARG E 429 -27.83 39.55 15.74
N ASN E 430 -29.07 39.17 15.94
CA ASN E 430 -29.52 38.87 17.29
C ASN E 430 -29.62 37.37 17.54
N VAL E 431 -29.14 36.59 16.60
CA VAL E 431 -29.20 35.14 16.64
C VAL E 431 -27.92 34.53 17.13
N VAL E 432 -28.03 33.53 18.01
CA VAL E 432 -26.83 32.85 18.49
C VAL E 432 -26.61 31.62 17.65
N LEU E 433 -25.45 31.44 17.02
CA LEU E 433 -25.28 30.26 16.19
C LEU E 433 -24.41 29.19 16.81
N VAL E 434 -24.98 28.02 17.04
CA VAL E 434 -24.22 26.93 17.59
C VAL E 434 -24.32 25.75 16.67
N MET E 435 -23.19 25.20 16.32
CA MET E 435 -23.16 24.06 15.46
C MET E 435 -22.52 22.95 16.24
N THR E 436 -22.98 21.73 16.07
CA THR E 436 -22.30 20.67 16.79
C THR E 436 -21.72 19.68 15.83
N THR E 437 -20.68 19.01 16.27
CA THR E 437 -20.03 18.00 15.47
C THR E 437 -19.51 16.81 16.21
N ASN E 438 -19.43 15.69 15.52
CA ASN E 438 -18.82 14.47 16.03
C ASN E 438 -17.64 14.12 15.17
N ALA E 439 -17.05 15.13 14.55
CA ALA E 439 -15.95 14.93 13.63
C ALA E 439 -14.78 14.15 14.19
N GLY E 440 -14.42 14.32 15.43
CA GLY E 440 -13.25 13.61 15.94
C GLY E 440 -13.59 12.34 16.73
N VAL E 441 -14.85 11.96 16.78
CA VAL E 441 -15.27 10.87 17.66
C VAL E 441 -14.64 9.53 17.43
N ARG E 442 -14.38 9.13 16.20
CA ARG E 442 -13.87 7.77 16.00
C ARG E 442 -12.51 7.56 16.65
N GLU E 443 -11.82 8.63 17.00
CA GLU E 443 -10.52 8.55 17.59
C GLU E 443 -10.58 8.25 19.05
N THR E 444 -11.65 8.61 19.73
CA THR E 444 -11.62 8.48 21.16
C THR E 444 -11.99 7.08 21.59
N GLU E 445 -12.41 6.25 20.65
CA GLU E 445 -12.71 4.86 20.95
C GLU E 445 -11.50 3.98 20.65
N ARG E 446 -10.43 4.56 20.15
CA ARG E 446 -9.29 3.76 19.77
C ARG E 446 -8.46 3.40 20.98
N LYS E 447 -7.90 2.20 20.99
CA LYS E 447 -7.02 1.80 22.08
C LYS E 447 -5.61 1.70 21.57
N SER E 448 -4.66 2.04 22.42
CA SER E 448 -3.25 1.92 22.10
C SER E 448 -2.78 0.51 22.27
N ILE E 449 -1.65 0.19 21.66
CA ILE E 449 -1.06 -1.12 21.86
C ILE E 449 0.04 -0.92 22.89
N GLY E 450 -0.08 -1.55 24.03
CA GLY E 450 0.93 -1.36 25.05
C GLY E 450 0.35 -1.60 26.40
N LEU E 451 1.17 -1.43 27.42
CA LEU E 451 0.72 -1.67 28.78
C LEU E 451 -0.04 -0.45 29.32
N ILE E 452 0.31 0.73 28.85
CA ILE E 452 -0.29 1.95 29.32
C ILE E 452 -1.10 2.61 28.23
N HIS E 453 -2.37 2.91 28.48
CA HIS E 453 -3.16 3.54 27.43
C HIS E 453 -2.80 5.00 27.30
N GLN E 454 -2.93 5.51 26.09
CA GLN E 454 -2.60 6.87 25.76
C GLN E 454 -3.82 7.74 25.54
N ASP E 455 -3.63 9.04 25.69
CA ASP E 455 -4.61 10.07 25.43
C ASP E 455 -4.65 10.45 23.96
N ASN E 456 -5.75 10.15 23.28
CA ASN E 456 -5.88 10.38 21.85
C ASN E 456 -6.61 11.67 21.51
N SER E 457 -6.83 12.53 22.48
CA SER E 457 -7.57 13.76 22.20
C SER E 457 -6.88 14.70 21.22
N THR E 458 -5.57 14.60 21.05
CA THR E 458 -4.96 15.51 20.10
C THR E 458 -5.20 14.99 18.69
N ASP E 459 -5.55 13.72 18.55
CA ASP E 459 -5.78 13.19 17.23
C ASP E 459 -7.14 13.66 16.81
N ALA E 460 -8.03 13.76 17.78
CA ALA E 460 -9.36 14.22 17.48
C ALA E 460 -9.30 15.64 16.95
N MET E 461 -8.42 16.47 17.53
CA MET E 461 -8.34 17.82 17.01
C MET E 461 -7.81 17.86 15.61
N GLU E 462 -6.92 16.97 15.26
CA GLU E 462 -6.43 17.00 13.90
C GLU E 462 -7.54 16.65 12.95
N GLU E 463 -8.43 15.74 13.33
CA GLU E 463 -9.51 15.41 12.42
C GLU E 463 -10.44 16.59 12.23
N ILE E 464 -10.67 17.35 13.28
CA ILE E 464 -11.53 18.51 13.13
C ILE E 464 -10.90 19.49 12.18
N LYS E 465 -9.61 19.74 12.33
CA LYS E 465 -8.89 20.68 11.50
C LYS E 465 -8.92 20.34 10.01
N LYS E 466 -9.01 19.06 9.68
CA LYS E 466 -9.04 18.65 8.29
C LYS E 466 -10.43 18.66 7.67
N ILE E 467 -11.46 18.88 8.46
CA ILE E 467 -12.83 18.90 7.96
C ILE E 467 -13.29 20.31 7.84
N PHE E 468 -13.06 21.07 8.88
CA PHE E 468 -13.45 22.44 8.89
C PHE E 468 -12.19 23.17 8.57
N THR E 469 -12.09 23.65 7.35
CA THR E 469 -10.88 24.28 6.84
C THR E 469 -10.64 25.63 7.51
N PRO E 470 -9.41 26.18 7.49
CA PRO E 470 -9.05 27.44 8.09
C PRO E 470 -9.94 28.61 7.78
N GLU E 471 -10.48 28.72 6.58
CA GLU E 471 -11.32 29.88 6.37
C GLU E 471 -12.58 29.82 7.21
N PHE E 472 -13.02 28.63 7.58
CA PHE E 472 -14.20 28.49 8.38
C PHE E 472 -13.80 28.67 9.81
N ARG E 473 -12.71 28.01 10.20
CA ARG E 473 -12.32 28.02 11.58
C ARG E 473 -11.97 29.42 12.03
N ASN E 474 -11.41 30.20 11.14
CA ASN E 474 -10.94 31.52 11.45
C ASN E 474 -12.05 32.53 11.62
N ARG E 475 -13.29 32.11 11.40
CA ARG E 475 -14.44 32.97 11.59
C ARG E 475 -15.26 32.62 12.82
N LEU E 476 -14.83 31.63 13.58
CA LEU E 476 -15.58 31.20 14.74
C LEU E 476 -15.10 31.88 15.98
N ASP E 477 -15.95 31.96 16.99
CA ASP E 477 -15.47 32.50 18.22
C ASP E 477 -14.81 31.43 19.01
N ASN E 478 -15.45 30.26 19.07
CA ASN E 478 -14.83 29.19 19.82
C ASN E 478 -15.07 27.82 19.26
N ILE E 479 -14.03 27.01 19.30
CA ILE E 479 -14.16 25.59 19.02
C ILE E 479 -13.95 24.99 20.37
N ILE E 480 -14.96 24.38 20.92
CA ILE E 480 -14.85 23.91 22.27
C ILE E 480 -14.86 22.43 22.37
N TRP E 481 -13.79 21.87 22.91
CA TRP E 481 -13.73 20.44 23.08
C TRP E 481 -14.26 20.07 24.46
N PHE E 482 -15.37 19.36 24.48
CA PHE E 482 -16.07 18.96 25.69
C PHE E 482 -15.36 17.78 26.28
N ASP E 483 -15.34 17.67 27.59
CA ASP E 483 -14.63 16.56 28.21
C ASP E 483 -15.45 15.33 28.40
N HIS E 484 -14.80 14.30 28.94
CA HIS E 484 -15.45 13.06 29.28
C HIS E 484 -16.06 13.27 30.62
N LEU E 485 -17.09 12.53 30.96
CA LEU E 485 -17.68 12.77 32.26
C LEU E 485 -16.92 12.05 33.36
N SER E 486 -16.59 12.81 34.40
CA SER E 486 -15.90 12.28 35.57
C SER E 486 -16.89 11.56 36.44
N THR E 487 -16.38 10.80 37.37
CA THR E 487 -17.22 10.06 38.29
C THR E 487 -18.14 10.99 39.07
N ASP E 488 -17.63 12.14 39.48
CA ASP E 488 -18.42 13.07 40.25
C ASP E 488 -19.60 13.56 39.45
N VAL E 489 -19.37 13.76 38.15
CA VAL E 489 -20.43 14.19 37.29
C VAL E 489 -21.45 13.09 37.21
N ILE E 490 -21.00 11.86 37.11
CA ILE E 490 -21.92 10.76 37.00
C ILE E 490 -22.85 10.76 38.17
N HIS E 491 -22.35 10.99 39.37
CA HIS E 491 -23.28 11.00 40.48
C HIS E 491 -24.34 12.09 40.30
N GLN E 492 -23.96 13.26 39.81
CA GLN E 492 -24.96 14.31 39.61
C GLN E 492 -25.97 13.92 38.52
N VAL E 493 -25.49 13.24 37.49
CA VAL E 493 -26.34 12.79 36.39
C VAL E 493 -27.35 11.77 36.89
N VAL E 494 -26.93 10.85 37.73
CA VAL E 494 -27.87 9.88 38.24
C VAL E 494 -28.98 10.58 38.98
N ASP E 495 -28.67 11.55 39.82
CA ASP E 495 -29.76 12.20 40.51
C ASP E 495 -30.69 12.92 39.57
N LYS E 496 -30.15 13.53 38.51
CA LYS E 496 -30.99 14.21 37.55
C LYS E 496 -31.99 13.26 36.93
N PHE E 497 -31.53 12.09 36.52
CA PHE E 497 -32.41 11.14 35.87
C PHE E 497 -33.42 10.58 36.83
N ILE E 498 -33.05 10.38 38.09
CA ILE E 498 -34.02 9.87 39.05
C ILE E 498 -35.12 10.88 39.20
N VAL E 499 -34.79 12.16 39.26
CA VAL E 499 -35.85 13.14 39.38
C VAL E 499 -36.80 13.07 38.20
N GLU E 500 -36.31 12.92 36.98
CA GLU E 500 -37.25 12.85 35.87
C GLU E 500 -38.21 11.67 36.08
N LEU E 501 -37.70 10.53 36.53
CA LEU E 501 -38.59 9.41 36.86
C LEU E 501 -39.58 9.76 37.94
N GLN E 502 -39.15 10.45 38.97
CA GLN E 502 -40.09 10.79 40.03
C GLN E 502 -41.21 11.64 39.49
N VAL E 503 -40.89 12.55 38.58
CA VAL E 503 -41.93 13.39 38.04
C VAL E 503 -42.94 12.57 37.26
N GLN E 504 -42.49 11.62 36.45
CA GLN E 504 -43.45 10.83 35.71
C GLN E 504 -44.33 10.01 36.65
N LEU E 505 -43.75 9.45 37.70
CA LEU E 505 -44.54 8.65 38.64
C LEU E 505 -45.57 9.46 39.37
N ASP E 506 -45.26 10.71 39.65
CA ASP E 506 -46.22 11.52 40.34
C ASP E 506 -47.54 11.63 39.61
N GLN E 507 -47.57 11.48 38.29
CA GLN E 507 -48.83 11.64 37.58
C GLN E 507 -49.70 10.42 37.68
N LYS E 508 -49.16 9.36 38.26
CA LYS E 508 -49.85 8.11 38.47
C LYS E 508 -50.20 7.98 39.95
N GLY E 509 -49.86 8.99 40.74
CA GLY E 509 -50.12 8.93 42.15
C GLY E 509 -49.12 8.06 42.89
N VAL E 510 -47.94 7.85 42.33
CA VAL E 510 -46.99 7.00 43.01
C VAL E 510 -45.75 7.77 43.37
N SER E 511 -45.41 7.78 44.64
CA SER E 511 -44.19 8.49 45.03
C SER E 511 -43.05 7.52 45.00
N LEU E 512 -41.82 8.02 44.92
CA LEU E 512 -40.64 7.14 44.94
C LEU E 512 -39.48 7.61 45.78
N GLU E 513 -39.06 6.77 46.72
CA GLU E 513 -37.88 7.06 47.49
C GLU E 513 -36.72 6.13 47.24
N VAL E 514 -35.60 6.67 46.83
CA VAL E 514 -34.43 5.86 46.56
C VAL E 514 -33.36 6.21 47.57
N SER E 515 -32.77 5.20 48.19
CA SER E 515 -31.72 5.41 49.18
C SER E 515 -30.41 5.85 48.55
N GLN E 516 -29.50 6.36 49.37
CA GLN E 516 -28.21 6.76 48.86
C GLN E 516 -27.38 5.57 48.41
N GLU E 517 -27.51 4.45 49.08
CA GLU E 517 -26.72 3.31 48.69
C GLU E 517 -27.16 2.82 47.34
N ALA E 518 -28.47 2.83 47.10
CA ALA E 518 -28.98 2.40 45.82
C ALA E 518 -28.45 3.32 44.74
N ARG E 519 -28.35 4.61 45.03
CA ARG E 519 -27.82 5.51 44.03
C ARG E 519 -26.38 5.28 43.78
N ASN E 520 -25.63 5.01 44.81
CA ASN E 520 -24.22 4.85 44.60
C ASN E 520 -23.98 3.62 43.75
N TRP E 521 -24.78 2.60 43.98
CA TRP E 521 -24.69 1.38 43.22
C TRP E 521 -25.02 1.60 41.76
N LEU E 522 -26.10 2.32 41.48
CA LEU E 522 -26.43 2.57 40.09
C LEU E 522 -25.34 3.39 39.44
N ALA E 523 -24.79 4.36 40.16
CA ALA E 523 -23.76 5.17 39.56
C ALA E 523 -22.56 4.33 39.19
N GLU E 524 -22.18 3.38 40.04
CA GLU E 524 -21.04 2.54 39.72
C GLU E 524 -21.31 1.59 38.57
N LYS E 525 -22.52 1.09 38.51
CA LYS E 525 -22.93 0.13 37.51
C LYS E 525 -23.17 0.74 36.15
N GLY E 526 -23.65 1.96 36.11
CA GLY E 526 -24.08 2.59 34.88
C GLY E 526 -23.12 3.44 34.04
N TYR E 527 -21.80 3.47 34.24
CA TYR E 527 -21.12 4.38 33.31
C TYR E 527 -19.77 3.93 32.84
N ASP E 528 -19.42 4.54 31.74
CA ASP E 528 -18.15 4.47 31.06
C ASP E 528 -17.88 5.84 30.50
N ARG E 529 -16.77 6.43 30.91
CA ARG E 529 -16.45 7.78 30.53
C ARG E 529 -16.34 7.91 29.02
N ALA E 530 -16.06 6.81 28.35
CA ALA E 530 -15.93 6.78 26.91
C ALA E 530 -17.29 6.80 26.20
N MET E 531 -18.37 6.49 26.90
CA MET E 531 -19.70 6.40 26.33
C MET E 531 -20.55 7.63 26.62
N GLY E 532 -20.27 8.27 27.75
CA GLY E 532 -21.02 9.45 28.15
C GLY E 532 -22.23 9.10 28.99
N ALA E 533 -23.22 9.98 29.03
CA ALA E 533 -24.37 9.80 29.90
C ALA E 533 -25.46 8.90 29.35
N ARG E 534 -25.50 8.67 28.05
CA ARG E 534 -26.60 7.88 27.53
C ARG E 534 -26.77 6.52 28.24
N PRO E 535 -25.72 5.70 28.54
CA PRO E 535 -25.83 4.44 29.25
C PRO E 535 -26.37 4.56 30.65
N MET E 536 -26.31 5.75 31.22
CA MET E 536 -26.82 5.88 32.56
C MET E 536 -28.30 5.91 32.47
N ALA E 537 -28.81 6.53 31.44
CA ALA E 537 -30.24 6.49 31.28
C ALA E 537 -30.70 5.06 31.12
N ARG E 538 -29.89 4.26 30.43
CA ARG E 538 -30.27 2.87 30.24
C ARG E 538 -30.25 2.07 31.54
N VAL E 539 -29.28 2.29 32.43
CA VAL E 539 -29.29 1.46 33.63
C VAL E 539 -30.50 1.81 34.49
N ILE E 540 -30.89 3.07 34.50
CA ILE E 540 -32.06 3.43 35.26
C ILE E 540 -33.27 2.78 34.67
N GLN E 541 -33.37 2.77 33.36
CA GLN E 541 -34.50 2.12 32.77
C GLN E 541 -34.61 0.64 33.13
N ASP E 542 -33.49 -0.08 33.18
CA ASP E 542 -33.61 -1.47 33.55
C ASP E 542 -33.78 -1.73 35.02
N ASN E 543 -33.18 -0.92 35.87
CA ASN E 543 -33.31 -1.20 37.28
C ASN E 543 -34.52 -0.56 37.96
N LEU E 544 -34.96 0.61 37.55
CA LEU E 544 -36.08 1.18 38.25
C LEU E 544 -37.35 1.14 37.42
N LYS E 545 -37.26 1.46 36.14
CA LYS E 545 -38.51 1.51 35.39
C LYS E 545 -39.14 0.16 35.13
N LYS E 546 -38.38 -0.86 34.76
CA LYS E 546 -39.03 -2.13 34.50
C LYS E 546 -39.91 -2.64 35.65
N PRO E 547 -39.42 -2.85 36.88
CA PRO E 547 -40.23 -3.31 37.98
C PRO E 547 -41.46 -2.47 38.19
N LEU E 548 -41.33 -1.16 38.04
CA LEU E 548 -42.47 -0.32 38.27
C LEU E 548 -43.51 -0.48 37.21
N ALA E 549 -43.08 -0.67 35.96
CA ALA E 549 -44.05 -0.81 34.89
C ALA E 549 -44.92 -2.01 35.10
N ASN E 550 -44.33 -3.09 35.59
CA ASN E 550 -45.14 -4.26 35.79
C ASN E 550 -46.14 -4.05 36.91
N GLU E 551 -45.76 -3.32 37.94
CA GLU E 551 -46.74 -3.08 38.98
C GLU E 551 -47.82 -2.11 38.56
N LEU E 552 -47.46 -1.09 37.82
CA LEU E 552 -48.44 -0.09 37.42
C LEU E 552 -49.51 -0.73 36.58
N LEU E 553 -49.17 -1.71 35.78
CA LEU E 553 -50.15 -2.37 34.97
C LEU E 553 -50.87 -3.53 35.63
N PHE E 554 -50.11 -4.33 36.39
CA PHE E 554 -50.67 -5.50 37.12
C PHE E 554 -50.18 -5.48 38.57
N GLY E 555 -49.25 -4.58 38.88
CA GLY E 555 -48.69 -4.46 40.24
C GLY E 555 -49.63 -3.73 41.18
N SER E 556 -49.38 -3.81 42.49
CA SER E 556 -50.23 -3.15 43.51
C SER E 556 -50.30 -1.64 43.23
N LEU E 557 -49.39 -1.13 42.40
CA LEU E 557 -49.37 0.28 42.07
C LEU E 557 -50.50 0.76 41.22
N VAL E 558 -51.42 -0.11 40.84
CA VAL E 558 -52.46 0.34 39.92
C VAL E 558 -53.29 1.51 40.44
N ASP E 559 -53.46 1.64 41.75
CA ASP E 559 -54.25 2.73 42.29
C ASP E 559 -53.48 3.89 42.93
N GLY E 560 -52.15 3.91 42.85
CA GLY E 560 -51.39 4.98 43.51
C GLY E 560 -50.94 4.54 44.90
N GLY E 561 -49.90 5.18 45.45
CA GLY E 561 -49.33 4.78 46.75
C GLY E 561 -47.82 5.04 46.79
N GLN E 562 -47.07 4.32 47.63
CA GLN E 562 -45.64 4.69 47.70
C GLN E 562 -44.68 3.53 47.52
N VAL E 563 -43.58 3.78 46.84
CA VAL E 563 -42.54 2.77 46.73
C VAL E 563 -41.20 3.28 47.18
N THR E 564 -40.39 2.39 47.69
CA THR E 564 -39.05 2.72 48.09
C THR E 564 -38.07 1.75 47.50
N VAL E 565 -36.84 2.17 47.34
CA VAL E 565 -35.77 1.33 46.86
C VAL E 565 -34.57 1.36 47.80
N ALA E 566 -34.11 0.19 48.19
CA ALA E 566 -32.97 0.07 49.09
C ALA E 566 -31.96 -0.87 48.50
N LEU E 567 -30.70 -0.75 48.88
CA LEU E 567 -29.72 -1.69 48.35
C LEU E 567 -29.45 -2.71 49.43
N ASP E 568 -29.36 -4.00 49.11
CA ASP E 568 -29.05 -4.97 50.16
C ASP E 568 -27.56 -5.31 50.21
N LYS E 569 -27.22 -6.29 51.06
CA LYS E 569 -25.86 -6.75 51.29
C LYS E 569 -25.19 -7.43 50.08
N GLU E 570 -25.99 -7.85 49.10
CA GLU E 570 -25.50 -8.56 47.94
C GLU E 570 -25.36 -7.60 46.78
N LYS E 571 -25.63 -6.33 47.06
CA LYS E 571 -25.67 -5.27 46.10
C LYS E 571 -26.77 -5.48 45.10
N ASN E 572 -27.89 -6.04 45.56
CA ASN E 572 -29.02 -6.19 44.70
C ASN E 572 -30.01 -5.16 45.09
N GLU E 573 -30.89 -4.80 44.19
CA GLU E 573 -31.89 -3.86 44.60
C GLU E 573 -32.92 -4.57 45.43
N LEU E 574 -33.30 -3.95 46.52
CA LEU E 574 -34.32 -4.42 47.40
C LEU E 574 -35.57 -3.61 47.13
N THR E 575 -36.60 -4.28 46.69
CA THR E 575 -37.80 -3.63 46.29
C THR E 575 -38.77 -3.27 47.38
N TYR E 576 -39.71 -2.49 46.95
CA TYR E 576 -40.81 -1.84 47.63
C TYR E 576 -41.98 -2.65 48.12
N GLY E 577 -42.66 -2.07 49.10
CA GLY E 577 -43.95 -2.50 49.61
C GLY E 577 -44.89 -1.51 48.95
N PHE E 578 -46.03 -1.15 49.56
CA PHE E 578 -46.84 -0.16 48.87
C PHE E 578 -48.02 0.39 49.64
N MET F 1 -51.08 54.90 -46.13
CA MET F 1 -49.71 54.91 -45.64
C MET F 1 -49.27 56.31 -45.29
N GLU F 2 -50.12 57.29 -45.57
CA GLU F 2 -49.76 58.70 -45.34
C GLU F 2 -49.53 59.00 -43.87
N ASN F 3 -50.02 58.13 -43.03
CA ASN F 3 -49.92 58.21 -41.61
C ASN F 3 -49.18 57.04 -40.97
N PHE F 4 -48.57 56.16 -41.77
CA PHE F 4 -47.87 55.03 -41.17
C PHE F 4 -46.42 55.01 -41.57
N THR F 5 -46.10 55.56 -42.73
CA THR F 5 -44.73 55.50 -43.16
C THR F 5 -44.10 56.83 -43.36
N THR F 6 -42.88 56.95 -42.87
CA THR F 6 -42.12 58.17 -43.07
C THR F 6 -41.20 57.89 -44.23
N ASN F 7 -41.26 58.73 -45.23
CA ASN F 7 -40.44 58.53 -46.40
C ASN F 7 -39.05 59.07 -46.12
N LEU F 8 -38.07 58.18 -46.02
CA LEU F 8 -36.75 58.62 -45.64
C LEU F 8 -36.05 59.26 -46.81
N ASN F 9 -36.55 59.00 -48.02
CA ASN F 9 -35.87 59.61 -49.14
C ASN F 9 -36.32 61.05 -49.13
N GLN F 10 -37.58 61.24 -48.76
CA GLN F 10 -38.12 62.57 -48.70
C GLN F 10 -37.46 63.35 -47.60
N LEU F 11 -37.12 62.69 -46.48
CA LEU F 11 -36.43 63.44 -45.48
C LEU F 11 -35.05 63.81 -45.98
N ALA F 12 -34.34 62.91 -46.66
CA ALA F 12 -33.02 63.27 -47.14
C ALA F 12 -33.10 64.46 -48.09
N ARG F 13 -34.14 64.51 -48.90
CA ARG F 13 -34.39 65.57 -49.85
C ARG F 13 -34.64 66.95 -49.25
N VAL F 14 -35.01 67.01 -47.98
CA VAL F 14 -35.32 68.28 -47.34
C VAL F 14 -34.35 68.56 -46.19
N GLY F 15 -33.29 67.75 -46.07
CA GLY F 15 -32.36 67.94 -44.97
C GLY F 15 -32.77 67.30 -43.63
N GLY F 16 -33.69 66.33 -43.65
CA GLY F 16 -34.14 65.67 -42.41
C GLY F 16 -33.19 64.53 -42.02
N ILE F 17 -32.25 64.22 -42.91
CA ILE F 17 -31.25 63.19 -42.74
C ILE F 17 -29.87 63.76 -42.98
N ASP F 18 -28.97 63.52 -42.05
CA ASP F 18 -27.60 63.95 -42.21
C ASP F 18 -26.88 62.88 -43.02
N PRO F 19 -25.82 63.21 -43.75
CA PRO F 19 -25.00 62.21 -44.37
C PRO F 19 -24.39 61.47 -43.20
N LEU F 20 -24.24 60.16 -43.31
CA LEU F 20 -23.62 59.37 -42.25
C LEU F 20 -22.13 59.29 -42.48
N ILE F 21 -21.38 59.55 -41.42
CA ILE F 21 -19.94 59.52 -41.44
C ILE F 21 -19.49 58.18 -40.96
N GLY F 22 -18.76 57.47 -41.80
CA GLY F 22 -18.30 56.16 -41.43
C GLY F 22 -19.37 55.13 -41.72
N ARG F 23 -19.13 53.93 -41.21
CA ARG F 23 -20.00 52.79 -41.42
C ARG F 23 -20.28 52.47 -42.88
N GLU F 24 -19.27 52.58 -43.72
CA GLU F 24 -19.41 52.30 -45.12
C GLU F 24 -19.74 50.85 -45.40
N LYS F 25 -19.18 49.94 -44.60
CA LYS F 25 -19.43 48.53 -44.84
C LYS F 25 -20.80 48.13 -44.38
N GLU F 26 -21.31 48.78 -43.36
CA GLU F 26 -22.62 48.46 -42.87
C GLU F 26 -23.62 48.85 -43.93
N LEU F 27 -23.42 50.00 -44.57
CA LEU F 27 -24.34 50.42 -45.61
C LEU F 27 -24.20 49.56 -46.84
N GLU F 28 -22.97 49.21 -47.20
CA GLU F 28 -22.79 48.41 -48.38
C GLU F 28 -23.32 47.01 -48.17
N ARG F 29 -23.15 46.48 -46.97
CA ARG F 29 -23.62 45.14 -46.74
C ARG F 29 -25.13 45.13 -46.78
N ALA F 30 -25.79 46.16 -46.25
CA ALA F 30 -27.24 46.17 -46.33
C ALA F 30 -27.68 46.11 -47.78
N ILE F 31 -26.97 46.80 -48.67
CA ILE F 31 -27.34 46.77 -50.08
C ILE F 31 -27.16 45.37 -50.64
N GLN F 32 -26.03 44.75 -50.32
CA GLN F 32 -25.75 43.42 -50.82
C GLN F 32 -26.81 42.43 -50.40
N VAL F 33 -27.31 42.56 -49.19
CA VAL F 33 -28.35 41.66 -48.75
C VAL F 33 -29.66 41.95 -49.47
N LEU F 34 -30.02 43.21 -49.58
CA LEU F 34 -31.29 43.58 -50.19
C LEU F 34 -31.39 43.13 -51.63
N CYS F 35 -30.26 43.13 -52.33
CA CYS F 35 -30.26 42.71 -53.73
C CYS F 35 -30.33 41.18 -53.96
N ARG F 36 -30.26 40.36 -52.90
CA ARG F 36 -30.33 38.89 -53.02
C ARG F 36 -31.73 38.41 -53.47
N ARG F 37 -31.79 37.19 -54.00
CA ARG F 37 -33.08 36.61 -54.43
C ARG F 37 -33.91 36.08 -53.26
N ARG F 38 -33.23 35.53 -52.26
CA ARG F 38 -33.85 34.95 -51.07
C ARG F 38 -33.10 35.36 -49.82
N LYS F 39 -33.79 35.38 -48.68
CA LYS F 39 -33.16 35.72 -47.41
C LYS F 39 -32.48 37.05 -47.56
N ASN F 40 -33.24 37.97 -48.14
CA ASN F 40 -32.77 39.27 -48.50
C ASN F 40 -33.24 40.43 -47.64
N ASN F 41 -33.52 40.18 -46.37
CA ASN F 41 -33.90 41.24 -45.47
C ASN F 41 -32.78 41.40 -44.42
N PRO F 42 -31.95 42.43 -44.44
CA PRO F 42 -30.88 42.56 -43.48
C PRO F 42 -31.49 42.96 -42.17
N LEU F 43 -30.88 42.53 -41.09
CA LEU F 43 -31.21 42.95 -39.75
C LEU F 43 -30.02 43.66 -39.13
N LEU F 44 -30.22 44.85 -38.58
CA LEU F 44 -29.12 45.53 -37.94
C LEU F 44 -29.15 45.18 -36.48
N VAL F 45 -28.10 44.55 -35.98
CA VAL F 45 -28.11 44.12 -34.59
C VAL F 45 -27.06 44.88 -33.79
N GLY F 46 -27.50 45.57 -32.74
CA GLY F 46 -26.60 46.38 -31.93
C GLY F 46 -26.80 46.11 -30.45
N GLU F 47 -24.87 46.47 -28.10
CA GLU F 47 -25.05 47.61 -27.23
C GLU F 47 -25.61 48.79 -28.00
N SER F 48 -26.57 49.50 -27.40
CA SER F 48 -27.16 50.68 -28.04
C SER F 48 -26.30 51.94 -27.89
N GLY F 49 -26.61 52.96 -28.71
CA GLY F 49 -25.91 54.25 -28.72
C GLY F 49 -24.93 54.30 -29.89
N VAL F 50 -24.93 53.21 -30.67
CA VAL F 50 -24.11 52.98 -31.85
C VAL F 50 -24.57 53.64 -33.15
N GLY F 51 -25.87 53.82 -33.36
CA GLY F 51 -26.28 54.41 -34.63
C GLY F 51 -27.04 53.50 -35.61
N LYS F 52 -27.83 52.55 -35.15
CA LYS F 52 -28.52 51.68 -36.09
C LYS F 52 -29.53 52.44 -36.92
N THR F 53 -30.20 53.40 -36.29
CA THR F 53 -31.21 54.16 -36.99
C THR F 53 -30.48 54.97 -38.01
N ALA F 54 -29.35 55.50 -37.59
CA ALA F 54 -28.56 56.35 -38.47
C ALA F 54 -28.15 55.58 -39.73
N ILE F 55 -27.88 54.28 -39.60
CA ILE F 55 -27.52 53.47 -40.77
C ILE F 55 -28.70 53.39 -41.70
N ALA F 56 -29.89 53.10 -41.16
CA ALA F 56 -31.04 53.02 -42.05
C ALA F 56 -31.28 54.34 -42.78
N GLU F 57 -31.15 55.45 -42.05
CA GLU F 57 -31.29 56.77 -42.64
C GLU F 57 -30.20 56.99 -43.68
N GLY F 58 -29.00 56.53 -43.38
CA GLY F 58 -27.83 56.63 -44.24
C GLY F 58 -28.06 55.93 -45.56
N LEU F 59 -28.78 54.82 -45.57
CA LEU F 59 -29.00 54.17 -46.84
C LEU F 59 -29.97 55.00 -47.66
N ALA F 60 -31.02 55.54 -47.04
CA ALA F 60 -31.95 56.36 -47.80
C ALA F 60 -31.21 57.55 -48.39
N TRP F 61 -30.26 58.07 -47.61
CA TRP F 61 -29.43 59.17 -48.04
C TRP F 61 -28.69 58.79 -49.30
N ARG F 62 -28.00 57.64 -49.29
CA ARG F 62 -27.25 57.22 -50.47
C ARG F 62 -28.15 57.02 -51.68
N ILE F 63 -29.37 56.55 -51.49
CA ILE F 63 -30.21 56.38 -52.65
C ILE F 63 -30.51 57.74 -53.26
N VAL F 64 -30.88 58.68 -52.41
CA VAL F 64 -31.25 60.03 -52.81
C VAL F 64 -30.13 60.75 -53.50
N GLN F 65 -28.92 60.57 -53.00
CA GLN F 65 -27.77 61.24 -53.55
C GLN F 65 -27.17 60.53 -54.75
N GLY F 66 -27.71 59.38 -55.16
CA GLY F 66 -27.12 58.66 -56.29
C GLY F 66 -25.86 57.88 -55.94
N ASP F 67 -25.71 57.45 -54.69
CA ASP F 67 -24.55 56.73 -54.21
C ASP F 67 -24.78 55.23 -54.10
N VAL F 68 -25.74 54.72 -54.84
CA VAL F 68 -26.05 53.31 -54.83
C VAL F 68 -25.99 52.75 -56.26
N PRO F 69 -25.80 51.44 -56.44
CA PRO F 69 -25.93 50.71 -57.69
C PRO F 69 -27.35 50.94 -58.12
N GLU F 70 -27.59 50.94 -59.43
CA GLU F 70 -28.88 51.23 -60.04
C GLU F 70 -30.01 50.35 -59.56
N VAL F 71 -29.67 49.26 -58.91
CA VAL F 71 -30.63 48.32 -58.38
C VAL F 71 -31.59 49.06 -57.47
N MET F 72 -31.08 49.97 -56.66
CA MET F 72 -31.90 50.70 -55.73
C MET F 72 -32.06 52.18 -56.06
N ALA F 73 -31.74 52.61 -57.27
CA ALA F 73 -31.72 54.04 -57.54
C ALA F 73 -33.04 54.75 -57.30
N ASP F 74 -34.15 54.10 -57.57
CA ASP F 74 -35.46 54.66 -57.38
C ASP F 74 -36.22 53.99 -56.27
N CYS F 75 -35.50 53.26 -55.41
CA CYS F 75 -36.14 52.55 -54.32
C CYS F 75 -36.45 53.48 -53.20
N THR F 76 -37.59 53.29 -52.56
CA THR F 76 -37.89 54.13 -51.41
C THR F 76 -37.92 53.36 -50.13
N ILE F 77 -37.16 53.87 -49.17
CA ILE F 77 -37.11 53.30 -47.85
C ILE F 77 -37.99 54.12 -46.95
N TYR F 78 -38.86 53.44 -46.26
CA TYR F 78 -39.76 54.07 -45.34
C TYR F 78 -39.51 53.61 -43.94
N SER F 79 -39.71 54.49 -42.98
CA SER F 79 -39.62 54.10 -41.57
C SER F 79 -41.02 53.80 -41.11
N LEU F 80 -41.24 52.61 -40.53
CA LEU F 80 -42.61 52.28 -40.14
C LEU F 80 -43.02 52.74 -38.75
N ASP F 81 -44.06 53.55 -38.72
CA ASP F 81 -44.50 54.08 -37.47
C ASP F 81 -45.47 53.11 -36.83
N ILE F 82 -44.89 52.27 -35.98
CA ILE F 82 -45.63 51.23 -35.30
C ILE F 82 -46.67 51.84 -34.40
N GLY F 83 -46.28 52.92 -33.75
CA GLY F 83 -47.16 53.63 -32.84
C GLY F 83 -48.41 54.03 -33.59
N SER F 84 -48.26 54.64 -34.76
CA SER F 84 -49.42 55.07 -35.54
C SER F 84 -50.32 53.90 -35.95
N LEU F 85 -49.73 52.78 -36.37
CA LEU F 85 -50.60 51.65 -36.71
C LEU F 85 -51.43 51.14 -35.56
N LEU F 86 -50.84 51.05 -34.37
CA LEU F 86 -51.64 50.55 -33.26
C LEU F 86 -52.45 51.63 -32.53
N ALA F 87 -52.03 52.88 -32.61
CA ALA F 87 -52.76 53.94 -31.95
C ALA F 87 -54.09 54.14 -32.65
N GLY F 88 -55.14 54.42 -31.87
CA GLY F 88 -56.43 54.68 -32.47
C GLY F 88 -57.22 53.43 -32.84
N THR F 89 -56.85 52.27 -32.26
CA THR F 89 -57.53 51.01 -32.55
C THR F 89 -58.05 50.41 -31.26
N LYS F 90 -57.26 49.50 -30.66
CA LYS F 90 -57.58 48.66 -29.49
C LYS F 90 -58.60 47.58 -29.83
N TYR F 91 -58.81 47.40 -31.13
CA TYR F 91 -59.62 46.36 -31.71
C TYR F 91 -58.76 45.77 -32.82
N ARG F 92 -58.77 44.46 -32.97
CA ARG F 92 -57.97 43.86 -34.03
C ARG F 92 -58.43 44.35 -35.39
N GLY F 93 -59.76 44.47 -35.56
CA GLY F 93 -60.32 44.87 -36.84
C GLY F 93 -59.92 46.28 -37.26
N ASP F 94 -59.83 47.23 -36.32
CA ASP F 94 -59.51 48.57 -36.77
C ASP F 94 -58.07 48.61 -37.23
N PHE F 95 -57.24 47.87 -36.52
CA PHE F 95 -55.88 47.74 -36.94
C PHE F 95 -55.77 47.05 -38.27
N GLU F 96 -56.41 45.90 -38.41
CA GLU F 96 -56.27 45.11 -39.60
C GLU F 96 -56.68 45.89 -40.83
N LYS F 97 -57.76 46.66 -40.75
CA LYS F 97 -58.19 47.42 -41.91
C LYS F 97 -57.16 48.47 -42.36
N ARG F 98 -56.61 49.24 -41.40
CA ARG F 98 -55.65 50.27 -41.80
C ARG F 98 -54.30 49.66 -42.16
N PHE F 99 -53.98 48.56 -41.50
CA PHE F 99 -52.75 47.83 -41.71
C PHE F 99 -52.72 47.20 -43.07
N LYS F 100 -53.79 46.51 -43.45
CA LYS F 100 -53.82 45.98 -44.79
C LYS F 100 -53.78 47.10 -45.79
N ALA F 101 -54.46 48.25 -45.57
CA ALA F 101 -54.36 49.30 -46.56
C ALA F 101 -52.90 49.68 -46.76
N LEU F 102 -52.13 49.74 -45.66
CA LEU F 102 -50.71 50.03 -45.77
C LEU F 102 -49.97 48.99 -46.57
N LEU F 103 -50.20 47.72 -46.25
CA LEU F 103 -49.44 46.71 -46.96
C LEU F 103 -49.79 46.70 -48.41
N LYS F 104 -51.05 46.86 -48.75
CA LYS F 104 -51.43 46.78 -50.14
C LYS F 104 -50.80 47.92 -50.91
N GLN F 105 -50.77 49.10 -50.34
CA GLN F 105 -50.20 50.23 -51.04
C GLN F 105 -48.72 50.03 -51.28
N LEU F 106 -48.00 49.53 -50.29
CA LEU F 106 -46.58 49.30 -50.48
C LEU F 106 -46.31 48.18 -51.47
N GLU F 107 -47.12 47.12 -51.42
CA GLU F 107 -46.94 45.99 -52.33
C GLU F 107 -47.18 46.42 -53.76
N GLN F 108 -48.19 47.26 -53.97
CA GLN F 108 -48.54 47.79 -55.27
C GLN F 108 -47.48 48.71 -55.82
N ASP F 109 -46.87 49.54 -54.96
CA ASP F 109 -45.85 50.42 -55.49
C ASP F 109 -44.61 49.63 -55.91
N THR F 110 -44.28 48.60 -55.11
CA THR F 110 -43.12 47.72 -55.28
C THR F 110 -41.86 48.56 -55.12
N ASN F 111 -40.71 47.91 -55.14
CA ASN F 111 -39.45 48.63 -55.04
C ASN F 111 -39.40 49.52 -53.81
N SER F 112 -39.84 48.97 -52.69
CA SER F 112 -39.84 49.69 -51.45
C SER F 112 -39.38 48.80 -50.34
N ILE F 113 -38.80 49.45 -49.37
CA ILE F 113 -38.30 48.85 -48.16
C ILE F 113 -38.98 49.42 -46.97
N LEU F 114 -39.43 48.58 -46.09
CA LEU F 114 -40.06 49.11 -44.91
C LEU F 114 -39.18 48.80 -43.70
N PHE F 115 -38.60 49.84 -43.11
CA PHE F 115 -37.69 49.71 -42.00
C PHE F 115 -38.42 49.63 -40.68
N ILE F 116 -38.15 48.57 -39.97
CA ILE F 116 -38.85 48.39 -38.73
C ILE F 116 -37.92 48.46 -37.56
N ASP F 117 -38.07 49.47 -36.74
CA ASP F 117 -37.21 49.54 -35.60
C ASP F 117 -37.78 48.60 -34.56
N GLU F 118 -36.98 48.17 -33.60
CA GLU F 118 -37.47 47.28 -32.54
C GLU F 118 -38.30 46.16 -33.15
N ILE F 119 -37.75 45.52 -34.16
CA ILE F 119 -38.47 44.53 -34.93
C ILE F 119 -38.94 43.34 -34.12
N HIS F 120 -38.28 43.02 -33.02
CA HIS F 120 -38.68 41.90 -32.20
C HIS F 120 -40.03 42.14 -31.53
N THR F 121 -40.49 43.39 -31.49
CA THR F 121 -41.75 43.68 -30.84
C THR F 121 -42.90 43.47 -31.80
N ILE F 122 -42.56 43.29 -33.07
CA ILE F 122 -43.51 43.07 -34.14
C ILE F 122 -43.58 41.58 -34.39
N ILE F 123 -42.42 40.94 -34.26
CA ILE F 123 -42.29 39.51 -34.36
C ILE F 123 -43.01 38.76 -33.24
N GLY F 124 -42.91 39.25 -32.00
CA GLY F 124 -43.64 38.57 -30.94
C GLY F 124 -45.13 38.82 -31.14
N ALA F 125 -45.97 37.85 -30.80
CA ALA F 125 -47.42 38.05 -30.89
C ALA F 125 -47.86 38.81 -29.66
N GLY F 126 -49.00 39.50 -29.72
CA GLY F 126 -49.45 40.21 -28.53
C GLY F 126 -48.70 41.51 -28.31
N ALA F 127 -48.27 42.15 -29.39
CA ALA F 127 -47.50 43.40 -29.31
C ALA F 127 -48.22 44.48 -28.50
N ALA F 128 -49.54 44.53 -28.60
CA ALA F 128 -50.36 45.48 -27.89
C ALA F 128 -51.79 44.99 -27.94
N SER F 129 -52.64 45.47 -27.01
CA SER F 129 -54.05 45.14 -27.15
C SER F 129 -54.43 45.77 -28.48
N GLY F 130 -55.10 45.02 -29.33
CA GLY F 130 -55.44 45.52 -30.66
C GLY F 130 -54.18 45.39 -31.52
N GLY F 131 -53.17 46.20 -31.17
CA GLY F 131 -51.88 46.23 -31.83
C GLY F 131 -52.16 46.49 -33.26
N GLN F 132 -51.57 45.75 -34.22
CA GLN F 132 -50.49 44.76 -34.18
C GLN F 132 -50.57 43.53 -33.26
N VAL F 133 -51.75 43.10 -32.81
CA VAL F 133 -51.82 41.96 -31.90
C VAL F 133 -51.33 40.69 -32.60
N ASP F 134 -51.59 40.61 -33.90
CA ASP F 134 -51.22 39.52 -34.76
C ASP F 134 -50.07 39.88 -35.71
N ALA F 135 -49.26 40.88 -35.32
CA ALA F 135 -48.15 41.36 -36.14
C ALA F 135 -47.18 40.26 -36.49
N ALA F 136 -47.03 39.37 -35.56
CA ALA F 136 -46.14 38.25 -35.64
C ALA F 136 -46.39 37.40 -36.86
N ASN F 137 -47.64 37.33 -37.30
CA ASN F 137 -47.98 36.51 -38.43
C ASN F 137 -48.25 37.36 -39.65
N LEU F 138 -48.71 38.58 -39.45
CA LEU F 138 -49.05 39.46 -40.55
C LEU F 138 -47.86 39.82 -41.40
N ILE F 139 -46.69 39.91 -40.80
CA ILE F 139 -45.48 40.18 -41.54
C ILE F 139 -44.99 38.98 -42.37
N LYS F 140 -45.40 37.76 -42.02
CA LYS F 140 -44.86 36.57 -42.66
C LYS F 140 -45.07 36.51 -44.17
N PRO F 141 -46.26 36.78 -44.73
CA PRO F 141 -46.48 36.80 -46.16
C PRO F 141 -45.61 37.80 -46.89
N LEU F 142 -45.12 38.83 -46.22
CA LEU F 142 -44.32 39.78 -46.95
C LEU F 142 -42.93 39.24 -46.99
N LEU F 143 -42.52 38.63 -45.90
CA LEU F 143 -41.19 38.08 -45.87
C LEU F 143 -41.13 36.92 -46.86
N SER F 144 -42.22 36.15 -46.94
CA SER F 144 -42.34 35.02 -47.84
C SER F 144 -42.59 35.37 -49.31
N SER F 145 -43.41 36.38 -49.60
CA SER F 145 -43.68 36.72 -50.99
C SER F 145 -42.62 37.61 -51.60
N GLY F 146 -41.93 38.39 -50.77
CA GLY F 146 -40.88 39.27 -51.25
C GLY F 146 -41.42 40.56 -51.84
N LYS F 147 -42.72 40.82 -51.68
CA LYS F 147 -43.29 42.03 -52.26
C LYS F 147 -42.71 43.30 -51.68
N ILE F 148 -42.43 43.29 -50.38
CA ILE F 148 -41.87 44.42 -49.66
C ILE F 148 -40.61 43.92 -48.98
N ARG F 149 -39.51 44.63 -49.09
CA ARG F 149 -38.30 44.22 -48.39
C ARG F 149 -38.28 44.82 -47.00
N VAL F 150 -37.66 44.13 -46.06
CA VAL F 150 -37.51 44.65 -44.72
C VAL F 150 -36.05 44.82 -44.40
N ILE F 151 -35.82 45.99 -43.83
CA ILE F 151 -34.63 46.12 -43.01
C ILE F 151 -35.07 46.13 -41.57
N GLY F 152 -34.52 45.23 -40.78
CA GLY F 152 -34.92 45.19 -39.39
C GLY F 152 -33.90 45.88 -38.50
N SER F 153 -34.19 45.91 -37.22
CA SER F 153 -33.33 46.48 -36.18
C SER F 153 -33.60 45.86 -34.83
N THR F 154 -32.56 45.35 -34.19
CA THR F 154 -32.74 44.78 -32.86
C THR F 154 -31.42 44.77 -32.09
N THR F 155 -31.41 44.07 -30.97
CA THR F 155 -30.21 43.98 -30.16
C THR F 155 -29.76 42.53 -30.07
N TYR F 156 -28.68 42.28 -29.36
CA TYR F 156 -28.11 40.93 -29.37
C TYR F 156 -28.88 39.90 -28.60
N GLN F 157 -29.55 40.31 -27.54
CA GLN F 157 -30.28 39.36 -26.72
C GLN F 157 -31.56 39.00 -27.41
N GLU F 158 -32.15 39.99 -28.05
CA GLU F 158 -33.39 39.76 -28.76
C GLU F 158 -33.11 38.93 -29.98
N PHE F 159 -31.98 39.17 -30.62
CA PHE F 159 -31.66 38.40 -31.78
C PHE F 159 -31.59 36.91 -31.46
N SER F 160 -30.82 36.53 -30.43
CA SER F 160 -30.72 35.10 -30.18
C SER F 160 -32.02 34.49 -29.64
N ASN F 161 -32.84 35.29 -28.97
CA ASN F 161 -34.10 34.78 -28.44
C ASN F 161 -35.18 34.64 -29.51
N ILE F 162 -35.15 35.54 -30.48
CA ILE F 162 -36.17 35.59 -31.51
C ILE F 162 -35.79 35.01 -32.85
N PHE F 163 -34.65 35.41 -33.42
CA PHE F 163 -34.28 35.03 -34.77
C PHE F 163 -33.59 33.70 -34.86
N GLU F 164 -32.65 33.44 -33.95
CA GLU F 164 -31.88 32.21 -34.06
C GLU F 164 -32.74 30.97 -33.90
N LYS F 165 -33.80 31.09 -33.12
CA LYS F 165 -34.66 29.96 -32.80
C LYS F 165 -35.95 29.88 -33.62
N ASP F 166 -36.10 30.67 -34.69
CA ASP F 166 -37.33 30.62 -35.48
C ASP F 166 -37.11 30.55 -36.99
N ARG F 167 -37.54 29.46 -37.60
CA ARG F 167 -37.36 29.24 -39.04
C ARG F 167 -37.92 30.38 -39.88
N ALA F 168 -38.94 31.05 -39.35
CA ALA F 168 -39.59 32.16 -40.03
C ALA F 168 -38.63 33.30 -40.28
N LEU F 169 -37.60 33.39 -39.46
CA LEU F 169 -36.64 34.44 -39.52
C LEU F 169 -35.31 33.92 -40.03
N ALA F 170 -34.93 32.75 -39.54
CA ALA F 170 -33.68 32.11 -39.94
C ALA F 170 -33.67 31.80 -41.43
N ARG F 171 -34.83 31.92 -42.06
CA ARG F 171 -34.97 31.66 -43.49
C ARG F 171 -35.38 32.92 -44.25
N ARG F 172 -35.27 34.07 -43.58
CA ARG F 172 -35.63 35.34 -44.18
C ARG F 172 -34.62 36.49 -43.98
N PHE F 173 -33.96 36.52 -42.82
CA PHE F 173 -33.07 37.62 -42.49
C PHE F 173 -31.59 37.31 -42.40
N GLN F 174 -30.79 38.34 -42.70
CA GLN F 174 -29.35 38.27 -42.53
C GLN F 174 -28.96 39.15 -41.37
N LYS F 175 -27.88 38.83 -40.68
CA LYS F 175 -27.42 39.71 -39.62
C LYS F 175 -26.20 40.54 -39.96
N ILE F 176 -26.29 41.82 -39.65
CA ILE F 176 -25.16 42.73 -39.77
C ILE F 176 -24.80 43.18 -38.35
N ASP F 177 -23.56 42.95 -37.95
CA ASP F 177 -23.14 43.32 -36.60
C ASP F 177 -22.76 44.78 -36.53
N ILE F 178 -23.50 45.55 -35.73
CA ILE F 178 -23.23 46.97 -35.64
C ILE F 178 -22.50 47.27 -34.35
N THR F 179 -21.28 47.75 -34.48
CA THR F 179 -20.45 48.02 -33.32
C THR F 179 -20.21 49.49 -33.21
N GLU F 180 -19.68 49.91 -32.09
CA GLU F 180 -19.33 51.28 -31.87
C GLU F 180 -18.21 51.71 -32.80
N PRO F 181 -18.11 53.02 -33.13
CA PRO F 181 -17.06 53.66 -33.89
C PRO F 181 -15.81 53.81 -33.05
N SER F 182 -14.70 54.16 -33.70
CA SER F 182 -13.43 54.42 -33.00
C SER F 182 -13.51 55.73 -32.25
N ILE F 183 -12.49 55.99 -31.42
CA ILE F 183 -12.49 57.21 -30.66
C ILE F 183 -12.31 58.42 -31.60
N GLU F 184 -11.54 58.26 -32.67
CA GLU F 184 -11.33 59.32 -33.64
C GLU F 184 -12.63 59.57 -34.39
N GLU F 185 -13.34 58.48 -34.72
CA GLU F 185 -14.59 58.62 -35.41
C GLU F 185 -15.59 59.31 -34.50
N THR F 186 -15.60 58.99 -33.21
CA THR F 186 -16.56 59.63 -32.32
C THR F 186 -16.37 61.13 -32.41
N VAL F 187 -15.12 61.58 -32.40
CA VAL F 187 -14.84 62.99 -32.50
C VAL F 187 -15.31 63.52 -33.85
N GLN F 188 -15.07 62.81 -34.95
CA GLN F 188 -15.53 63.29 -36.24
C GLN F 188 -17.05 63.35 -36.35
N ILE F 189 -17.73 62.40 -35.73
CA ILE F 189 -19.18 62.35 -35.75
C ILE F 189 -19.69 63.57 -35.04
N ILE F 190 -19.07 63.90 -33.91
CA ILE F 190 -19.48 65.09 -33.21
C ILE F 190 -19.18 66.27 -34.10
N ASN F 191 -18.01 66.35 -34.72
CA ASN F 191 -17.71 67.50 -35.56
C ASN F 191 -18.68 67.64 -36.73
N GLY F 192 -19.18 66.54 -37.26
CA GLY F 192 -20.16 66.60 -38.32
C GLY F 192 -21.47 67.21 -37.81
N LEU F 193 -21.91 66.77 -36.63
CA LEU F 193 -23.16 67.20 -36.02
C LEU F 193 -23.03 68.50 -35.24
N LYS F 194 -21.83 68.78 -34.76
CA LYS F 194 -21.44 69.89 -33.91
C LYS F 194 -22.15 71.20 -34.15
N PRO F 195 -22.23 71.76 -35.38
CA PRO F 195 -22.80 73.06 -35.65
C PRO F 195 -24.23 73.17 -35.18
N LYS F 196 -24.91 72.04 -35.06
CA LYS F 196 -26.28 72.05 -34.62
C LYS F 196 -26.36 72.42 -33.16
N TYR F 197 -25.39 71.97 -32.38
CA TYR F 197 -25.40 72.21 -30.95
C TYR F 197 -24.93 73.60 -30.70
N GLU F 198 -24.02 74.05 -31.56
CA GLU F 198 -23.54 75.41 -31.39
C GLU F 198 -24.68 76.37 -31.65
N ALA F 199 -25.48 76.06 -32.66
CA ALA F 199 -26.62 76.91 -32.95
C ALA F 199 -27.70 76.77 -31.90
N HIS F 200 -27.99 75.55 -31.47
CA HIS F 200 -29.10 75.33 -30.56
C HIS F 200 -28.93 75.98 -29.23
N HIS F 201 -27.71 75.98 -28.71
CA HIS F 201 -27.51 76.56 -27.40
C HIS F 201 -26.79 77.89 -27.41
N ASP F 202 -26.62 78.50 -28.58
CA ASP F 202 -25.88 79.77 -28.65
C ASP F 202 -24.48 79.66 -27.98
N VAL F 203 -23.76 78.59 -28.32
CA VAL F 203 -22.41 78.31 -27.79
C VAL F 203 -21.45 77.96 -28.89
N ARG F 204 -20.17 77.95 -28.59
CA ARG F 204 -19.18 77.48 -29.55
C ARG F 204 -18.25 76.50 -28.85
N TYR F 205 -17.82 75.44 -29.51
CA TYR F 205 -16.94 74.53 -28.77
C TYR F 205 -15.53 74.52 -29.29
N THR F 206 -14.63 74.55 -28.32
CA THR F 206 -13.20 74.42 -28.52
C THR F 206 -12.94 73.05 -29.09
N ALA F 207 -12.09 72.93 -30.10
CA ALA F 207 -11.85 71.59 -30.67
C ALA F 207 -11.38 70.62 -29.61
N LYS F 208 -10.62 71.13 -28.66
CA LYS F 208 -10.13 70.34 -27.56
C LYS F 208 -11.28 69.87 -26.68
N ALA F 209 -12.36 70.67 -26.56
CA ALA F 209 -13.52 70.33 -25.75
C ALA F 209 -14.21 69.15 -26.36
N VAL F 210 -14.24 69.10 -27.68
CA VAL F 210 -14.90 68.00 -28.34
C VAL F 210 -14.12 66.74 -28.07
N ARG F 211 -12.81 66.83 -28.20
CA ARG F 211 -12.00 65.68 -27.94
C ARG F 211 -12.12 65.29 -26.48
N ALA F 212 -12.16 66.27 -25.55
CA ALA F 212 -12.28 65.97 -24.14
C ALA F 212 -13.58 65.26 -23.84
N ALA F 213 -14.67 65.63 -24.51
CA ALA F 213 -15.91 64.93 -24.20
C ALA F 213 -15.77 63.45 -24.48
N VAL F 214 -15.09 63.13 -25.57
CA VAL F 214 -14.91 61.76 -25.96
C VAL F 214 -13.86 61.03 -25.10
N GLU F 215 -12.72 61.69 -24.89
CA GLU F 215 -11.60 61.17 -24.13
C GLU F 215 -11.96 60.97 -22.67
N LEU F 216 -12.83 61.82 -22.15
CA LEU F 216 -13.27 61.63 -20.78
C LEU F 216 -14.38 60.60 -20.77
N ALA F 217 -15.21 60.51 -21.81
CA ALA F 217 -16.31 59.55 -21.82
C ALA F 217 -15.82 58.14 -21.64
N VAL F 218 -14.69 57.84 -22.22
CA VAL F 218 -14.16 56.49 -22.09
C VAL F 218 -13.71 56.12 -20.66
N LYS F 219 -13.67 57.11 -19.76
CA LYS F 219 -13.32 56.90 -18.37
C LYS F 219 -14.53 56.73 -17.44
N TYR F 220 -15.77 56.91 -17.95
CA TYR F 220 -16.94 56.74 -17.07
C TYR F 220 -18.26 56.32 -17.76
N ILE F 221 -18.33 56.36 -19.10
CA ILE F 221 -19.53 55.98 -19.86
C ILE F 221 -19.55 54.57 -20.39
N ASN F 222 -20.60 53.83 -20.02
CA ASN F 222 -20.80 52.45 -20.43
C ASN F 222 -22.22 52.05 -20.16
N ASP F 223 -22.97 53.04 -19.72
CA ASP F 223 -24.38 52.94 -19.43
C ASP F 223 -25.20 52.99 -20.72
N ARG F 224 -24.53 53.46 -21.75
CA ARG F 224 -24.98 53.64 -23.12
C ARG F 224 -23.65 53.88 -23.81
N HIS F 225 -23.50 53.58 -25.09
CA HIS F 225 -22.19 53.86 -25.64
C HIS F 225 -22.17 55.15 -26.47
N LEU F 226 -20.99 55.43 -26.96
CA LEU F 226 -20.67 56.55 -27.79
C LEU F 226 -20.98 56.11 -29.21
N PRO F 227 -21.29 57.05 -30.10
CA PRO F 227 -21.35 58.47 -29.95
C PRO F 227 -22.54 59.03 -29.23
N ASP F 228 -23.62 58.27 -29.00
CA ASP F 228 -24.80 58.91 -28.41
C ASP F 228 -24.46 59.61 -27.11
N LYS F 229 -23.64 58.99 -26.28
CA LYS F 229 -23.34 59.66 -25.04
C LYS F 229 -22.31 60.77 -25.12
N ALA F 230 -21.42 60.77 -26.12
CA ALA F 230 -20.45 61.86 -26.19
C ALA F 230 -21.22 63.07 -26.70
N ILE F 231 -22.24 62.81 -27.52
CA ILE F 231 -23.08 63.84 -28.06
C ILE F 231 -23.81 64.48 -26.90
N ASP F 232 -24.32 63.67 -25.98
CA ASP F 232 -24.97 64.24 -24.81
C ASP F 232 -24.00 65.07 -23.99
N VAL F 233 -22.75 64.65 -23.85
CA VAL F 233 -21.85 65.50 -23.07
C VAL F 233 -21.75 66.87 -23.72
N ILE F 234 -21.64 66.91 -25.03
CA ILE F 234 -21.61 68.15 -25.76
C ILE F 234 -22.91 68.94 -25.60
N ASP F 235 -24.07 68.28 -25.73
CA ASP F 235 -25.34 69.01 -25.59
C ASP F 235 -25.50 69.55 -24.18
N GLU F 236 -25.08 68.78 -23.18
CA GLU F 236 -25.20 69.20 -21.81
C GLU F 236 -24.29 70.37 -21.52
N ALA F 237 -23.06 70.34 -22.04
CA ALA F 237 -22.14 71.43 -21.82
C ALA F 237 -22.68 72.69 -22.48
N GLY F 238 -23.29 72.53 -23.65
CA GLY F 238 -23.86 73.64 -24.39
C GLY F 238 -24.99 74.27 -23.62
N ALA F 239 -25.94 73.45 -23.22
CA ALA F 239 -27.09 73.91 -22.48
C ALA F 239 -26.67 74.54 -21.16
N ARG F 240 -25.65 73.97 -20.51
CA ARG F 240 -25.18 74.46 -19.25
C ARG F 240 -24.50 75.81 -19.43
N ALA F 241 -23.67 75.94 -20.47
CA ALA F 241 -22.97 77.19 -20.67
C ALA F 241 -23.93 78.35 -20.90
N ARG F 242 -25.07 78.11 -21.57
CA ARG F 242 -25.98 79.22 -21.78
C ARG F 242 -26.89 79.48 -20.58
N LEU F 243 -27.15 78.45 -19.78
CA LEU F 243 -28.06 78.56 -18.65
C LEU F 243 -27.46 78.80 -17.26
N MET F 244 -26.42 78.07 -16.93
CA MET F 244 -25.88 78.07 -15.58
C MET F 244 -25.50 79.45 -15.01
N PRO F 245 -24.68 80.29 -15.65
CA PRO F 245 -24.23 81.55 -15.13
C PRO F 245 -25.39 82.52 -15.15
N VAL F 246 -25.36 83.55 -14.33
CA VAL F 246 -26.45 84.51 -14.37
C VAL F 246 -26.20 85.67 -15.35
N SER F 247 -25.04 86.30 -15.26
CA SER F 247 -24.74 87.47 -16.09
C SER F 247 -23.68 87.22 -17.18
N LYS F 248 -23.12 86.03 -17.21
CA LYS F 248 -22.07 85.74 -18.16
C LYS F 248 -22.60 85.06 -19.40
N ARG F 249 -21.89 85.21 -20.49
CA ARG F 249 -22.21 84.54 -21.74
C ARG F 249 -20.94 83.99 -22.33
N LYS F 250 -20.31 83.07 -21.62
CA LYS F 250 -19.06 82.57 -22.10
C LYS F 250 -19.39 81.50 -23.10
N LYS F 251 -19.60 81.95 -24.33
CA LYS F 251 -20.06 81.05 -25.36
C LYS F 251 -19.11 79.93 -25.65
N THR F 252 -17.81 80.19 -25.60
CA THR F 252 -16.90 79.13 -25.94
C THR F 252 -16.78 78.14 -24.78
N VAL F 253 -16.95 76.87 -25.13
CA VAL F 253 -16.83 75.77 -24.22
C VAL F 253 -15.41 75.25 -24.34
N ASN F 254 -14.70 75.26 -23.23
CA ASN F 254 -13.32 74.81 -23.18
C ASN F 254 -13.25 73.40 -22.59
N VAL F 255 -12.06 72.86 -22.50
CA VAL F 255 -11.89 71.54 -21.92
C VAL F 255 -12.36 71.52 -20.50
N ALA F 256 -12.07 72.58 -19.77
CA ALA F 256 -12.45 72.75 -18.38
C ALA F 256 -13.96 72.74 -18.19
N ASP F 257 -14.70 73.17 -19.21
CA ASP F 257 -16.13 73.24 -19.11
C ASP F 257 -16.68 71.86 -19.35
N ILE F 258 -15.97 71.08 -20.16
CA ILE F 258 -16.33 69.70 -20.33
C ILE F 258 -16.02 68.96 -19.05
N GLU F 259 -14.85 69.19 -18.47
CA GLU F 259 -14.58 68.50 -17.21
C GLU F 259 -15.64 68.87 -16.18
N SER F 260 -16.07 70.12 -16.16
CA SER F 260 -17.09 70.50 -15.21
C SER F 260 -18.45 69.83 -15.52
N VAL F 261 -18.86 69.75 -16.80
CA VAL F 261 -20.15 69.13 -17.07
C VAL F 261 -20.08 67.65 -16.79
N VAL F 262 -18.93 67.05 -17.05
CA VAL F 262 -18.75 65.66 -16.78
C VAL F 262 -18.79 65.40 -15.29
N ALA F 263 -18.15 66.24 -14.49
CA ALA F 263 -18.18 66.00 -13.05
C ALA F 263 -19.60 65.96 -12.51
N ARG F 264 -20.49 66.80 -13.08
CA ARG F 264 -21.89 66.88 -12.69
C ARG F 264 -22.69 65.60 -12.95
N ILE F 265 -22.20 64.75 -13.84
CA ILE F 265 -22.91 63.54 -14.21
C ILE F 265 -22.18 62.29 -13.75
N ALA F 266 -20.86 62.27 -13.97
CA ALA F 266 -19.99 61.18 -13.60
C ALA F 266 -19.91 61.04 -12.10
N ARG F 267 -19.95 62.18 -11.40
CA ARG F 267 -19.85 62.28 -9.96
C ARG F 267 -18.61 61.64 -9.42
N ILE F 268 -17.51 61.81 -10.13
CA ILE F 268 -16.26 61.27 -9.69
C ILE F 268 -15.69 62.04 -8.50
N PRO F 269 -15.58 63.39 -8.56
CA PRO F 269 -15.73 64.41 -9.62
C PRO F 269 -14.51 64.43 -10.53
N GLU F 270 -14.60 65.08 -11.68
CA GLU F 270 -13.47 65.17 -12.62
C GLU F 270 -12.25 65.87 -12.05
N LYS F 271 -12.41 66.59 -10.96
CA LYS F 271 -11.26 67.26 -10.35
C LYS F 271 -10.22 66.22 -9.91
N SER F 272 -10.66 64.96 -9.74
CA SER F 272 -9.81 63.85 -9.35
C SER F 272 -9.26 63.11 -10.58
N VAL F 273 -9.66 63.55 -11.77
CA VAL F 273 -9.28 62.95 -13.05
C VAL F 273 -8.31 63.87 -13.78
N SER F 274 -8.67 65.16 -13.86
CA SER F 274 -7.92 66.20 -14.54
C SER F 274 -6.61 66.47 -13.82
N GLN F 275 -6.56 65.97 -12.61
CA GLN F 275 -5.45 66.06 -11.70
C GLN F 275 -4.22 65.32 -12.19
N SER F 276 -4.39 64.23 -12.93
CA SER F 276 -3.21 63.47 -13.20
C SER F 276 -3.18 62.68 -14.49
N ASP F 277 -2.22 62.99 -15.34
CA ASP F 277 -2.05 62.20 -16.56
C ASP F 277 -0.99 61.14 -16.29
N ARG F 278 -0.02 61.53 -15.46
CA ARG F 278 1.12 60.71 -15.07
C ARG F 278 1.39 60.70 -13.56
N ASP F 279 1.05 61.80 -12.89
CA ASP F 279 1.43 62.00 -11.49
C ASP F 279 0.91 60.92 -10.59
N THR F 280 -0.27 60.41 -10.90
CA THR F 280 -0.86 59.35 -10.11
C THR F 280 0.15 58.25 -9.92
N LEU F 281 0.87 57.90 -10.97
CA LEU F 281 1.78 56.78 -10.86
C LEU F 281 3.02 57.21 -10.13
N LYS F 282 3.46 58.43 -10.39
CA LYS F 282 4.67 58.93 -9.74
C LYS F 282 4.49 58.96 -8.23
N ASN F 283 3.28 59.24 -7.80
CA ASN F 283 2.93 59.35 -6.41
C ASN F 283 2.38 58.08 -5.76
N LEU F 284 2.37 56.93 -6.43
CA LEU F 284 1.80 55.76 -5.75
C LEU F 284 2.60 55.29 -4.56
N GLY F 285 3.92 55.24 -4.68
CA GLY F 285 4.71 54.69 -3.59
C GLY F 285 4.55 55.50 -2.31
N ASP F 286 4.43 56.80 -2.48
CA ASP F 286 4.34 57.72 -1.36
C ASP F 286 2.96 57.82 -0.76
N ARG F 287 2.01 57.11 -1.33
CA ARG F 287 0.69 57.07 -0.77
C ARG F 287 0.45 55.69 -0.20
N LEU F 288 0.87 54.66 -0.91
CA LEU F 288 0.62 53.31 -0.44
C LEU F 288 1.39 53.04 0.84
N LYS F 289 2.59 53.58 0.95
CA LYS F 289 3.41 53.38 2.14
C LYS F 289 2.88 54.12 3.36
N MET F 290 1.90 55.01 3.17
CA MET F 290 1.37 55.77 4.27
C MET F 290 0.13 55.09 4.81
N LEU F 291 -0.30 54.05 4.11
CA LEU F 291 -1.54 53.36 4.40
C LEU F 291 -1.27 51.94 4.86
N VAL F 292 -0.30 51.32 4.21
CA VAL F 292 0.14 49.96 4.49
C VAL F 292 1.45 50.13 5.18
N PHE F 293 1.60 49.53 6.34
CA PHE F 293 2.84 49.79 7.04
C PHE F 293 3.82 48.66 6.87
N GLY F 294 4.93 48.96 6.25
CA GLY F 294 5.87 47.92 5.95
C GLY F 294 5.48 47.34 4.61
N GLN F 295 6.10 46.21 4.26
CA GLN F 295 5.95 45.59 2.94
C GLN F 295 6.43 46.58 1.90
N ASP F 296 7.38 47.41 2.26
CA ASP F 296 7.86 48.45 1.38
C ASP F 296 8.38 47.90 0.08
N LYS F 297 9.03 46.75 0.13
CA LYS F 297 9.57 46.20 -1.09
C LYS F 297 8.48 45.72 -2.03
N ALA F 298 7.33 45.30 -1.48
CA ALA F 298 6.24 44.81 -2.29
C ALA F 298 5.55 45.97 -2.94
N ILE F 299 5.46 47.06 -2.19
CA ILE F 299 4.80 48.25 -2.68
C ILE F 299 5.61 48.76 -3.84
N GLU F 300 6.92 48.80 -3.67
CA GLU F 300 7.76 49.27 -4.74
C GLU F 300 7.76 48.35 -5.96
N ALA F 301 7.77 47.03 -5.76
CA ALA F 301 7.79 46.13 -6.90
C ALA F 301 6.55 46.28 -7.75
N LEU F 302 5.41 46.45 -7.09
CA LEU F 302 4.15 46.60 -7.77
C LEU F 302 4.08 47.92 -8.47
N THR F 303 4.55 48.96 -7.78
CA THR F 303 4.48 50.29 -8.34
C THR F 303 5.31 50.37 -9.61
N GLU F 304 6.52 49.82 -9.57
CA GLU F 304 7.34 49.88 -10.76
C GLU F 304 6.74 49.11 -11.90
N ALA F 305 6.18 47.94 -11.62
CA ALA F 305 5.60 47.16 -12.70
C ALA F 305 4.47 47.91 -13.39
N ILE F 306 3.67 48.65 -12.61
CA ILE F 306 2.57 49.42 -13.18
C ILE F 306 3.14 50.49 -14.08
N LYS F 307 4.17 51.17 -13.61
CA LYS F 307 4.80 52.21 -14.40
C LYS F 307 5.35 51.67 -15.71
N MET F 308 6.00 50.52 -15.69
CA MET F 308 6.49 50.03 -16.96
C MET F 308 5.36 49.75 -17.91
N ALA F 309 4.27 49.19 -17.40
CA ALA F 309 3.15 48.91 -18.29
C ALA F 309 2.56 50.18 -18.86
N ARG F 310 2.46 51.22 -18.04
CA ARG F 310 1.87 52.47 -18.48
C ARG F 310 2.73 53.15 -19.52
N ALA F 311 4.04 52.96 -19.43
CA ALA F 311 4.99 53.55 -20.35
C ALA F 311 4.70 53.16 -21.80
N GLY F 312 4.11 51.98 -22.04
CA GLY F 312 3.84 51.58 -23.41
C GLY F 312 4.84 50.70 -24.15
N LEU F 313 5.85 50.13 -23.49
CA LEU F 313 6.78 49.25 -24.20
C LEU F 313 6.49 47.77 -23.88
N GLY F 314 5.21 47.63 -23.52
CA GLY F 314 4.57 46.32 -23.62
C GLY F 314 3.76 46.16 -24.90
N HIS F 315 2.51 45.68 -24.77
CA HIS F 315 1.72 45.40 -25.96
C HIS F 315 0.30 45.93 -25.88
N GLU F 316 -0.22 46.33 -27.04
CA GLU F 316 -1.56 46.86 -27.23
C GLU F 316 -2.66 45.89 -26.93
N HIS F 317 -2.42 44.60 -27.06
CA HIS F 317 -3.41 43.61 -26.76
C HIS F 317 -3.44 43.11 -25.30
N LYS F 318 -2.50 43.50 -24.45
CA LYS F 318 -2.46 42.88 -23.12
C LYS F 318 -3.06 43.69 -21.95
N PRO F 319 -3.37 43.04 -20.80
CA PRO F 319 -3.79 43.62 -19.53
C PRO F 319 -2.74 44.55 -18.99
N VAL F 320 -3.13 45.47 -18.12
CA VAL F 320 -2.18 46.42 -17.56
C VAL F 320 -1.13 45.63 -16.84
N GLY F 321 -1.57 44.62 -16.11
CA GLY F 321 -0.59 43.77 -15.45
C GLY F 321 -1.18 42.53 -14.84
N SER F 322 -0.27 41.63 -14.41
CA SER F 322 -0.57 40.33 -13.81
C SER F 322 0.37 39.96 -12.66
N PHE F 323 -0.18 39.91 -11.45
CA PHE F 323 0.69 39.65 -10.32
C PHE F 323 0.22 38.58 -9.41
N LEU F 324 1.15 37.82 -8.88
CA LEU F 324 0.81 36.86 -7.85
C LEU F 324 1.35 37.37 -6.53
N PHE F 325 0.51 37.45 -5.51
CA PHE F 325 0.96 37.91 -4.20
C PHE F 325 1.21 36.72 -3.31
N ALA F 326 2.47 36.50 -2.98
CA ALA F 326 2.94 35.34 -2.25
C ALA F 326 3.35 35.70 -0.83
N GLY F 327 3.39 34.71 0.05
CA GLY F 327 3.78 34.97 1.44
C GLY F 327 2.59 34.71 2.34
N PRO F 328 2.72 34.92 3.65
CA PRO F 328 1.72 34.66 4.69
C PRO F 328 0.55 35.58 4.58
N THR F 329 -0.62 35.16 5.03
CA THR F 329 -1.77 36.02 5.07
C THR F 329 -1.77 36.80 6.36
N GLY F 330 -2.57 37.85 6.45
CA GLY F 330 -2.65 38.64 7.66
C GLY F 330 -1.51 39.64 7.74
N VAL F 331 -0.87 39.95 6.61
CA VAL F 331 0.24 40.88 6.60
C VAL F 331 -0.03 42.06 5.65
N GLY F 332 -1.29 42.28 5.31
CA GLY F 332 -1.65 43.39 4.44
C GLY F 332 -1.75 43.11 2.93
N LYS F 333 -1.73 41.87 2.46
CA LYS F 333 -1.82 41.68 1.01
C LYS F 333 -3.08 42.29 0.43
N THR F 334 -4.18 42.21 1.18
CA THR F 334 -5.43 42.70 0.66
C THR F 334 -5.50 44.17 0.91
N GLU F 335 -4.70 44.67 1.84
CA GLU F 335 -4.74 46.08 2.14
C GLU F 335 -4.08 46.77 0.97
N VAL F 336 -3.02 46.18 0.45
CA VAL F 336 -2.34 46.78 -0.68
C VAL F 336 -3.27 46.83 -1.87
N THR F 337 -4.00 45.76 -2.12
CA THR F 337 -4.90 45.75 -3.27
C THR F 337 -5.99 46.81 -3.12
N VAL F 338 -6.57 46.93 -1.93
CA VAL F 338 -7.60 47.92 -1.74
C VAL F 338 -7.07 49.32 -1.90
N GLN F 339 -5.91 49.60 -1.33
CA GLN F 339 -5.43 50.94 -1.43
C GLN F 339 -4.99 51.23 -2.85
N LEU F 340 -4.50 50.24 -3.58
CA LEU F 340 -4.09 50.49 -4.95
C LEU F 340 -5.24 50.90 -5.81
N SER F 341 -6.37 50.21 -5.74
CA SER F 341 -7.43 50.59 -6.64
C SER F 341 -7.92 51.98 -6.28
N LYS F 342 -7.88 52.34 -5.00
CA LYS F 342 -8.30 53.67 -4.64
C LYS F 342 -7.32 54.70 -5.14
N ALA F 343 -6.03 54.41 -4.99
CA ALA F 343 -4.98 55.32 -5.39
C ALA F 343 -5.05 55.65 -6.87
N LEU F 344 -5.43 54.66 -7.66
CA LEU F 344 -5.54 54.79 -9.09
C LEU F 344 -6.90 55.33 -9.56
N GLY F 345 -7.84 55.54 -8.63
CA GLY F 345 -9.17 56.04 -8.97
C GLY F 345 -10.10 55.03 -9.66
N ILE F 346 -9.92 53.75 -9.39
CA ILE F 346 -10.70 52.70 -10.03
C ILE F 346 -11.38 51.71 -9.07
N GLU F 347 -12.35 50.97 -9.60
CA GLU F 347 -13.12 49.97 -8.85
C GLU F 347 -12.33 48.72 -8.55
N LEU F 348 -12.66 48.07 -7.45
CA LEU F 348 -12.10 46.76 -7.16
C LEU F 348 -13.14 45.68 -7.36
N LEU F 349 -12.81 44.71 -8.19
CA LEU F 349 -13.70 43.58 -8.45
C LEU F 349 -13.15 42.38 -7.72
N ARG F 350 -14.01 41.59 -7.11
CA ARG F 350 -13.49 40.43 -6.41
C ARG F 350 -14.22 39.15 -6.68
N PHE F 351 -13.43 38.10 -6.81
CA PHE F 351 -13.98 36.77 -6.92
C PHE F 351 -13.23 35.86 -5.97
N ASP F 352 -13.93 34.91 -5.37
CA ASP F 352 -13.30 33.97 -4.45
C ASP F 352 -13.15 32.61 -5.10
N MET F 353 -11.92 32.21 -5.38
CA MET F 353 -11.68 31.00 -6.15
C MET F 353 -12.12 29.74 -5.46
N SER F 354 -12.34 29.79 -4.16
CA SER F 354 -12.78 28.60 -3.43
C SER F 354 -14.19 28.21 -3.85
N GLU F 355 -14.90 29.11 -4.54
CA GLU F 355 -16.23 28.80 -5.03
C GLU F 355 -16.19 28.21 -6.43
N TYR F 356 -15.00 28.13 -7.01
CA TYR F 356 -14.84 27.64 -8.37
C TYR F 356 -13.83 26.53 -8.41
N MET F 357 -14.13 25.46 -7.67
CA MET F 357 -13.24 24.33 -7.55
C MET F 357 -13.67 23.16 -8.42
N GLU F 358 -14.69 23.36 -9.22
CA GLU F 358 -15.24 22.34 -10.09
C GLU F 358 -15.87 22.93 -11.34
N ARG F 359 -15.94 22.13 -12.41
CA ARG F 359 -16.54 22.62 -13.65
C ARG F 359 -17.97 23.08 -13.47
N HIS F 360 -18.67 22.44 -12.57
CA HIS F 360 -20.03 22.79 -12.26
C HIS F 360 -20.23 24.28 -12.01
N THR F 361 -19.30 24.97 -11.32
CA THR F 361 -19.51 26.39 -11.07
C THR F 361 -18.60 27.26 -11.91
N VAL F 362 -17.52 26.69 -12.40
CA VAL F 362 -16.58 27.45 -13.21
C VAL F 362 -17.26 28.07 -14.41
N SER F 363 -18.17 27.35 -15.06
CA SER F 363 -18.80 27.94 -16.26
C SER F 363 -19.52 29.25 -15.98
N ARG F 364 -20.05 29.43 -14.76
CA ARG F 364 -20.78 30.64 -14.41
C ARG F 364 -19.83 31.79 -14.27
N LEU F 365 -18.67 31.53 -13.73
CA LEU F 365 -17.70 32.59 -13.58
C LEU F 365 -17.25 33.06 -14.93
N ILE F 366 -16.92 32.09 -15.76
CA ILE F 366 -16.34 32.37 -17.06
C ILE F 366 -17.30 33.05 -17.98
N GLY F 367 -18.54 32.61 -17.99
CA GLY F 367 -19.44 33.17 -18.96
C GLY F 367 -19.33 32.39 -20.22
N ALA F 368 -18.99 31.13 -20.06
CA ALA F 368 -18.85 30.30 -21.23
C ALA F 368 -20.23 30.31 -21.87
N PRO F 369 -20.37 30.34 -23.20
CA PRO F 369 -21.67 30.29 -23.81
C PRO F 369 -22.53 29.13 -23.16
N PRO F 370 -22.09 27.85 -23.12
CA PRO F 370 -22.78 26.75 -22.47
C PRO F 370 -22.54 26.71 -20.96
N GLY F 371 -23.39 25.99 -20.23
CA GLY F 371 -23.04 25.62 -18.87
C GLY F 371 -23.68 26.33 -17.66
N TYR F 372 -24.60 27.26 -17.83
CA TYR F 372 -25.22 27.86 -16.63
C TYR F 372 -26.59 28.46 -16.86
N VAL F 373 -27.30 28.67 -15.75
CA VAL F 373 -28.60 29.30 -15.71
C VAL F 373 -28.37 30.79 -15.65
N GLY F 374 -29.12 31.56 -16.44
CA GLY F 374 -28.90 33.00 -16.47
C GLY F 374 -27.90 33.34 -17.55
N PHE F 375 -27.82 32.49 -18.57
CA PHE F 375 -26.91 32.62 -19.71
C PHE F 375 -27.11 33.91 -20.46
N ASP F 376 -28.30 34.48 -20.40
CA ASP F 376 -28.61 35.68 -21.13
C ASP F 376 -27.93 36.89 -20.49
N GLN F 377 -27.46 36.72 -19.26
CA GLN F 377 -26.80 37.79 -18.55
C GLN F 377 -25.29 37.68 -18.69
N GLY F 378 -24.84 36.60 -19.34
CA GLY F 378 -23.43 36.31 -19.51
C GLY F 378 -22.80 35.83 -18.23
N GLY F 379 -21.48 35.88 -18.22
CA GLY F 379 -20.70 35.43 -17.07
C GLY F 379 -20.60 36.45 -15.98
N LEU F 380 -20.19 36.00 -14.81
CA LEU F 380 -20.02 36.95 -13.74
C LEU F 380 -18.80 37.81 -14.04
N LEU F 381 -17.76 37.17 -14.57
CA LEU F 381 -16.52 37.84 -14.86
C LEU F 381 -16.63 38.78 -16.02
N THR F 382 -17.26 38.33 -17.10
CA THR F 382 -17.31 39.15 -18.28
C THR F 382 -18.23 40.31 -18.09
N ASP F 383 -19.25 40.20 -17.26
CA ASP F 383 -20.07 41.35 -17.05
C ASP F 383 -19.31 42.39 -16.22
N ALA F 384 -18.59 41.93 -15.19
CA ALA F 384 -17.89 42.84 -14.32
C ALA F 384 -16.87 43.69 -15.07
N VAL F 385 -16.23 43.11 -16.06
CA VAL F 385 -15.19 43.78 -16.85
C VAL F 385 -15.75 44.74 -17.87
N ILE F 386 -17.05 44.72 -18.07
CA ILE F 386 -17.69 45.64 -19.00
C ILE F 386 -18.20 46.81 -18.24
N LYS F 387 -18.82 46.55 -17.09
CA LYS F 387 -19.32 47.61 -16.25
C LYS F 387 -18.18 48.42 -15.66
N HIS F 388 -17.07 47.76 -15.33
CA HIS F 388 -15.96 48.45 -14.71
C HIS F 388 -14.63 48.11 -15.40
N PRO F 389 -14.42 48.55 -16.64
CA PRO F 389 -13.32 48.16 -17.52
C PRO F 389 -11.94 48.62 -17.06
N HIS F 390 -11.87 49.56 -16.13
CA HIS F 390 -10.58 50.06 -15.68
C HIS F 390 -10.18 49.54 -14.30
N ALA F 391 -10.97 48.63 -13.78
CA ALA F 391 -10.86 48.07 -12.43
C ALA F 391 -9.65 47.21 -12.12
N VAL F 392 -9.39 47.06 -10.83
CA VAL F 392 -8.40 46.11 -10.36
C VAL F 392 -9.19 44.85 -10.09
N LEU F 393 -8.75 43.74 -10.63
CA LEU F 393 -9.43 42.48 -10.46
C LEU F 393 -8.67 41.57 -9.52
N LEU F 394 -9.30 41.21 -8.40
CA LEU F 394 -8.67 40.37 -7.40
C LEU F 394 -9.25 38.99 -7.29
N LEU F 395 -8.40 37.99 -7.43
CA LEU F 395 -8.85 36.62 -7.31
C LEU F 395 -8.28 36.04 -6.03
N ASP F 396 -9.14 35.79 -5.07
CA ASP F 396 -8.70 35.31 -3.77
C ASP F 396 -8.45 33.82 -3.77
N GLU F 397 -7.41 33.41 -3.06
CA GLU F 397 -7.09 32.01 -2.87
C GLU F 397 -7.02 31.24 -4.20
N ILE F 398 -6.19 31.75 -5.09
CA ILE F 398 -6.05 31.22 -6.43
C ILE F 398 -5.63 29.77 -6.52
N GLU F 399 -4.87 29.24 -5.57
CA GLU F 399 -4.44 27.85 -5.64
C GLU F 399 -5.60 26.88 -5.56
N LYS F 400 -6.78 27.34 -5.15
CA LYS F 400 -7.94 26.48 -5.05
C LYS F 400 -8.70 26.42 -6.35
N ALA F 401 -8.39 27.30 -7.28
CA ALA F 401 -9.17 27.36 -8.50
C ALA F 401 -9.01 26.11 -9.33
N HIS F 402 -10.08 25.70 -9.94
CA HIS F 402 -10.08 24.60 -10.86
C HIS F 402 -9.21 24.96 -12.09
N PRO F 403 -8.47 24.01 -12.69
CA PRO F 403 -7.67 24.21 -13.90
C PRO F 403 -8.40 24.92 -15.04
N ASP F 404 -9.72 24.80 -15.14
CA ASP F 404 -10.37 25.51 -16.23
C ASP F 404 -10.37 27.02 -15.99
N VAL F 405 -10.31 27.44 -14.73
CA VAL F 405 -10.25 28.85 -14.42
C VAL F 405 -8.94 29.31 -14.96
N PHE F 406 -7.92 28.48 -14.73
CA PHE F 406 -6.60 28.83 -15.20
C PHE F 406 -6.57 28.91 -16.71
N ASN F 407 -7.27 28.02 -17.43
CA ASN F 407 -7.24 28.17 -18.89
C ASN F 407 -7.77 29.52 -19.33
N ILE F 408 -8.80 30.00 -18.65
CA ILE F 408 -9.31 31.33 -18.96
C ILE F 408 -8.36 32.42 -18.57
N LEU F 409 -7.72 32.31 -17.42
CA LEU F 409 -6.79 33.36 -17.06
C LEU F 409 -5.68 33.39 -18.07
N LEU F 410 -5.26 32.24 -18.59
CA LEU F 410 -4.20 32.25 -19.58
C LEU F 410 -4.70 32.95 -20.83
N GLN F 411 -5.95 32.71 -21.23
CA GLN F 411 -6.46 33.41 -22.41
C GLN F 411 -6.42 34.91 -22.24
N VAL F 412 -6.79 35.39 -21.06
CA VAL F 412 -6.75 36.83 -20.86
C VAL F 412 -5.33 37.31 -20.91
N MET F 413 -4.42 36.62 -20.25
CA MET F 413 -3.05 37.04 -20.25
C MET F 413 -2.48 37.11 -21.65
N ASP F 414 -2.86 36.17 -22.53
CA ASP F 414 -2.35 36.20 -23.88
C ASP F 414 -2.94 37.26 -24.78
N ASN F 415 -4.25 37.54 -24.72
CA ASN F 415 -4.73 38.57 -25.65
C ASN F 415 -5.70 39.62 -25.14
N GLY F 416 -5.98 39.66 -23.84
CA GLY F 416 -6.81 40.69 -23.27
C GLY F 416 -8.30 40.50 -23.48
N THR F 417 -8.74 39.46 -24.20
CA THR F 417 -10.18 39.36 -24.41
C THR F 417 -10.84 38.01 -24.18
N LEU F 418 -11.97 38.06 -23.47
CA LEU F 418 -12.84 36.91 -23.33
C LEU F 418 -14.12 37.27 -24.05
N THR F 419 -14.74 36.30 -24.69
CA THR F 419 -15.96 36.63 -25.40
C THR F 419 -17.15 35.96 -24.79
N ASP F 420 -18.20 36.74 -24.65
CA ASP F 420 -19.48 36.31 -24.09
C ASP F 420 -20.39 36.01 -25.28
N ASN F 421 -21.43 35.21 -25.13
CA ASN F 421 -22.28 34.95 -26.27
C ASN F 421 -23.47 35.89 -26.42
N ASN F 422 -23.50 36.94 -25.64
CA ASN F 422 -24.61 37.88 -25.75
C ASN F 422 -24.20 39.14 -26.52
N GLY F 423 -23.25 38.99 -27.45
CA GLY F 423 -22.78 40.09 -28.29
C GLY F 423 -21.87 41.04 -27.55
N ARG F 424 -21.16 40.52 -26.56
CA ARG F 424 -20.30 41.36 -25.75
C ARG F 424 -18.92 40.78 -25.58
N LYS F 425 -17.96 41.63 -25.28
CA LYS F 425 -16.62 41.16 -25.01
C LYS F 425 -16.06 41.80 -23.77
N ALA F 426 -15.34 41.01 -23.00
CA ALA F 426 -14.67 41.49 -21.82
C ALA F 426 -13.26 41.86 -22.19
N ASP F 427 -13.04 43.16 -22.26
CA ASP F 427 -11.78 43.74 -22.66
C ASP F 427 -10.97 44.05 -21.42
N PHE F 428 -9.91 43.30 -21.20
CA PHE F 428 -9.11 43.38 -20.00
C PHE F 428 -7.89 44.24 -20.16
N ARG F 429 -7.79 44.96 -21.26
CA ARG F 429 -6.58 45.73 -21.47
C ARG F 429 -6.45 46.91 -20.54
N ASN F 430 -7.53 47.30 -19.91
CA ASN F 430 -7.49 48.39 -18.98
C ASN F 430 -7.48 47.93 -17.53
N VAL F 431 -7.30 46.63 -17.26
CA VAL F 431 -7.35 46.21 -15.86
C VAL F 431 -6.07 45.61 -15.34
N VAL F 432 -5.99 45.58 -14.03
CA VAL F 432 -4.86 45.00 -13.34
C VAL F 432 -5.31 43.72 -12.67
N LEU F 433 -4.69 42.61 -13.00
CA LEU F 433 -5.06 41.33 -12.44
C LEU F 433 -4.16 40.87 -11.30
N VAL F 434 -4.74 40.67 -10.13
CA VAL F 434 -3.99 40.22 -8.98
C VAL F 434 -4.51 38.92 -8.41
N MET F 435 -3.62 37.95 -8.28
CA MET F 435 -3.96 36.67 -7.70
C MET F 435 -3.35 36.58 -6.32
N THR F 436 -4.10 36.11 -5.36
CA THR F 436 -3.53 35.97 -4.03
C THR F 436 -3.40 34.53 -3.62
N THR F 437 -2.23 34.14 -3.12
CA THR F 437 -2.02 32.77 -2.66
C THR F 437 -1.43 32.64 -1.29
N ASN F 438 -1.50 31.44 -0.74
CA ASN F 438 -0.86 31.11 0.53
C ASN F 438 0.05 29.92 0.32
N ALA F 439 0.41 29.66 -0.92
CA ALA F 439 1.23 28.51 -1.23
C ALA F 439 2.58 28.57 -0.56
N GLY F 440 2.96 27.46 0.05
CA GLY F 440 4.26 27.30 0.65
C GLY F 440 4.40 27.92 2.02
N VAL F 441 3.38 28.61 2.50
CA VAL F 441 3.54 29.29 3.78
C VAL F 441 3.73 28.31 4.92
N ARG F 442 2.99 27.23 4.87
CA ARG F 442 3.04 26.23 5.90
C ARG F 442 4.40 25.56 6.00
N GLU F 443 5.18 25.59 4.92
CA GLU F 443 6.42 24.86 4.90
C GLU F 443 7.52 25.62 5.56
N THR F 444 7.29 26.86 5.93
CA THR F 444 8.34 27.59 6.58
C THR F 444 8.16 27.47 8.08
N GLU F 445 7.08 26.81 8.51
CA GLU F 445 6.81 26.65 9.94
C GLU F 445 6.99 25.20 10.40
N ARG F 446 7.55 24.38 9.52
CA ARG F 446 7.77 22.97 9.77
C ARG F 446 8.91 22.78 10.76
N LYS F 447 8.76 21.84 11.69
CA LYS F 447 9.82 21.59 12.65
C LYS F 447 10.81 20.58 12.10
N SER F 448 12.05 20.77 12.48
CA SER F 448 13.17 19.95 12.10
C SER F 448 13.26 18.71 12.97
N ILE F 449 14.11 17.77 12.58
CA ILE F 449 14.30 16.49 13.33
C ILE F 449 15.72 16.47 13.92
N GLY F 450 16.09 17.52 14.66
CA GLY F 450 17.43 17.61 15.27
C GLY F 450 17.35 18.06 16.73
N LEU F 451 18.48 18.00 17.45
CA LEU F 451 18.53 18.42 18.87
C LEU F 451 18.78 19.92 18.95
N ILE F 452 19.13 20.55 17.81
CA ILE F 452 19.40 22.02 17.76
C ILE F 452 18.08 22.79 17.70
N HIS F 453 17.06 22.26 17.00
CA HIS F 453 17.15 21.82 15.58
C HIS F 453 17.33 23.03 14.66
N GLN F 454 16.27 23.84 14.53
CA GLN F 454 16.23 25.08 13.68
C GLN F 454 16.46 24.72 12.21
N ASP F 455 17.62 24.15 11.88
CA ASP F 455 17.96 23.77 10.53
C ASP F 455 17.78 24.86 9.49
N ASN F 456 16.55 25.34 9.31
CA ASN F 456 16.33 26.23 8.18
C ASN F 456 15.17 27.20 8.25
N SER F 457 15.08 27.90 7.14
CA SER F 457 14.01 28.79 6.75
C SER F 457 13.83 28.33 5.30
N THR F 458 12.74 27.63 5.03
CA THR F 458 12.54 26.98 3.74
C THR F 458 12.07 27.95 2.67
N ASP F 459 12.11 27.51 1.41
CA ASP F 459 11.64 28.38 0.37
C ASP F 459 10.22 28.05 -0.07
N ALA F 460 9.27 28.90 0.27
CA ALA F 460 7.86 28.71 -0.02
C ALA F 460 7.63 28.67 -1.55
N MET F 461 8.59 29.19 -2.31
CA MET F 461 8.50 29.22 -3.76
C MET F 461 8.44 27.81 -4.32
N GLU F 462 8.89 26.82 -3.56
CA GLU F 462 8.86 25.48 -4.09
C GLU F 462 7.43 25.02 -4.31
N GLU F 463 6.52 25.42 -3.43
CA GLU F 463 5.15 24.97 -3.60
C GLU F 463 4.57 25.76 -4.74
N ILE F 464 4.97 27.00 -4.89
CA ILE F 464 4.43 27.78 -5.97
C ILE F 464 4.83 27.12 -7.28
N LYS F 465 6.09 26.71 -7.39
CA LYS F 465 6.52 26.07 -8.63
C LYS F 465 5.72 24.81 -8.96
N LYS F 466 5.43 24.00 -7.94
CA LYS F 466 4.67 22.78 -8.12
C LYS F 466 3.18 22.99 -8.40
N ILE F 467 2.57 23.93 -7.70
CA ILE F 467 1.15 24.23 -7.82
C ILE F 467 0.78 24.95 -9.09
N PHE F 468 1.54 25.97 -9.44
CA PHE F 468 1.20 26.76 -10.60
C PHE F 468 2.01 26.33 -11.80
N THR F 469 1.31 25.80 -12.79
CA THR F 469 1.97 25.31 -13.98
C THR F 469 2.80 26.44 -14.59
N PRO F 470 3.98 26.18 -15.21
CA PRO F 470 4.84 27.14 -15.89
C PRO F 470 4.08 27.97 -16.90
N GLU F 471 3.02 27.43 -17.50
CA GLU F 471 2.30 28.25 -18.47
C GLU F 471 1.73 29.49 -17.81
N PHE F 472 1.34 29.36 -16.56
CA PHE F 472 0.78 30.45 -15.81
C PHE F 472 1.91 31.31 -15.30
N ARG F 473 2.89 30.67 -14.70
CA ARG F 473 3.96 31.46 -14.09
C ARG F 473 4.76 32.28 -15.08
N ASN F 474 4.93 31.76 -16.27
CA ASN F 474 5.74 32.41 -17.27
C ASN F 474 5.04 33.61 -17.90
N ARG F 475 3.78 33.80 -17.58
CA ARG F 475 3.05 34.92 -18.11
C ARG F 475 2.79 35.98 -17.06
N LEU F 476 3.33 35.80 -15.86
CA LEU F 476 3.09 36.78 -14.81
C LEU F 476 4.06 37.89 -14.95
N ASP F 477 3.68 39.09 -14.55
CA ASP F 477 4.62 40.18 -14.56
C ASP F 477 5.54 39.96 -13.40
N ASN F 478 4.96 39.50 -12.30
CA ASN F 478 5.81 39.20 -11.17
C ASN F 478 5.17 38.29 -10.16
N ILE F 479 5.97 37.93 -9.16
CA ILE F 479 5.55 37.26 -7.96
C ILE F 479 6.08 38.16 -6.87
N ILE F 480 5.19 38.69 -6.10
CA ILE F 480 5.59 39.64 -5.09
C ILE F 480 5.49 39.03 -3.74
N TRP F 481 6.58 39.00 -3.05
CA TRP F 481 6.62 38.40 -1.73
C TRP F 481 6.35 39.39 -0.65
N PHE F 482 5.56 38.98 0.31
CA PHE F 482 5.25 39.79 1.46
C PHE F 482 5.97 39.24 2.68
N ASP F 483 6.37 40.15 3.55
CA ASP F 483 7.11 39.88 4.76
C ASP F 483 6.24 39.66 5.96
N HIS F 484 6.82 39.00 6.96
CA HIS F 484 6.20 38.89 8.26
C HIS F 484 6.29 40.28 8.83
N LEU F 485 5.40 40.64 9.74
CA LEU F 485 5.38 42.03 10.16
C LEU F 485 6.43 42.29 11.21
N SER F 486 6.97 43.50 11.21
CA SER F 486 7.91 43.95 12.22
C SER F 486 7.16 44.27 13.49
N THR F 487 7.89 44.37 14.59
CA THR F 487 7.28 44.71 15.87
C THR F 487 6.59 46.05 15.82
N ASP F 488 7.20 47.02 15.18
CA ASP F 488 6.64 48.35 15.15
C ASP F 488 5.30 48.38 14.45
N VAL F 489 5.20 47.63 13.36
CA VAL F 489 3.94 47.58 12.64
C VAL F 489 2.92 46.86 13.47
N ILE F 490 3.32 45.80 14.14
CA ILE F 490 2.40 45.06 14.94
C ILE F 490 1.86 45.99 16.01
N HIS F 491 2.72 46.80 16.62
CA HIS F 491 2.23 47.71 17.64
C HIS F 491 1.24 48.71 17.06
N GLN F 492 1.45 49.16 15.82
CA GLN F 492 0.49 50.08 15.21
C GLN F 492 -0.87 49.39 15.07
N VAL F 493 -0.85 48.10 14.73
CA VAL F 493 -2.06 47.31 14.61
C VAL F 493 -2.72 47.17 15.99
N VAL F 494 -1.94 46.92 17.04
CA VAL F 494 -2.52 46.80 18.36
C VAL F 494 -3.24 48.09 18.69
N ASP F 495 -2.62 49.23 18.40
CA ASP F 495 -3.26 50.48 18.70
C ASP F 495 -4.53 50.74 17.94
N LYS F 496 -4.62 50.40 16.65
CA LYS F 496 -5.91 50.75 16.06
C LYS F 496 -7.04 49.98 16.71
N PHE F 497 -6.77 48.76 17.19
CA PHE F 497 -7.84 48.03 17.85
C PHE F 497 -8.18 48.66 19.19
N ILE F 498 -7.15 49.09 19.93
CA ILE F 498 -7.41 49.70 21.21
C ILE F 498 -8.20 50.96 21.02
N VAL F 499 -7.86 51.76 20.02
CA VAL F 499 -8.59 52.97 19.80
C VAL F 499 -10.04 52.70 19.52
N GLU F 500 -10.36 51.71 18.69
CA GLU F 500 -11.77 51.46 18.43
C GLU F 500 -12.51 51.14 19.74
N LEU F 501 -11.86 50.37 20.62
CA LEU F 501 -12.46 50.07 21.91
C LEU F 501 -12.63 51.31 22.74
N GLN F 502 -11.62 52.18 22.77
CA GLN F 502 -11.73 53.38 23.58
C GLN F 502 -12.89 54.19 23.08
N VAL F 503 -13.08 54.26 21.77
CA VAL F 503 -14.18 55.02 21.25
C VAL F 503 -15.50 54.45 21.69
N GLN F 504 -15.70 53.13 21.62
CA GLN F 504 -17.00 52.65 22.03
C GLN F 504 -17.26 52.91 23.50
N LEU F 505 -16.24 52.76 24.32
CA LEU F 505 -16.45 52.98 25.72
C LEU F 505 -16.75 54.43 26.03
N ASP F 506 -16.09 55.35 25.31
CA ASP F 506 -16.28 56.78 25.51
C ASP F 506 -17.66 57.19 25.05
N GLN F 507 -18.16 56.52 24.01
CA GLN F 507 -19.51 56.79 23.45
C GLN F 507 -20.57 56.42 24.49
N LYS F 508 -20.20 55.60 25.48
CA LYS F 508 -21.13 55.17 26.55
C LYS F 508 -20.94 56.07 27.77
N GLY F 509 -19.71 56.49 28.04
CA GLY F 509 -19.40 57.37 29.18
C GLY F 509 -18.31 56.79 30.06
N VAL F 510 -17.62 55.76 29.57
CA VAL F 510 -16.51 55.10 30.33
C VAL F 510 -15.20 55.29 29.57
N SER F 511 -14.20 55.89 30.21
CA SER F 511 -12.87 56.13 29.56
C SER F 511 -11.97 54.90 29.78
N LEU F 512 -10.96 54.74 28.92
CA LEU F 512 -10.03 53.61 29.03
C LEU F 512 -8.61 53.95 28.69
N GLU F 513 -7.68 53.55 29.54
CA GLU F 513 -6.27 53.67 29.18
C GLU F 513 -5.53 52.37 29.32
N VAL F 514 -4.57 52.17 28.44
CA VAL F 514 -3.77 50.97 28.41
C VAL F 514 -2.28 51.33 28.46
N SER F 515 -1.51 50.62 29.27
CA SER F 515 -0.08 50.85 29.42
C SER F 515 0.70 50.33 28.22
N GLN F 516 1.96 50.77 28.11
CA GLN F 516 2.80 50.29 27.02
C GLN F 516 3.15 48.83 27.13
N GLU F 517 3.39 48.32 28.33
CA GLU F 517 3.78 46.92 28.36
C GLU F 517 2.59 46.05 28.02
N ALA F 518 1.37 46.54 28.28
CA ALA F 518 0.19 45.78 27.93
C ALA F 518 0.12 45.68 26.43
N ARG F 519 0.50 46.75 25.73
CA ARG F 519 0.48 46.72 24.28
C ARG F 519 1.52 45.79 23.73
N ASN F 520 2.67 45.74 24.37
CA ASN F 520 3.71 44.89 23.86
C ASN F 520 3.25 43.44 23.96
N TRP F 521 2.56 43.14 25.05
CA TRP F 521 2.00 41.83 25.31
C TRP F 521 0.94 41.44 24.30
N LEU F 522 0.04 42.37 23.98
CA LEU F 522 -1.01 42.08 23.03
C LEU F 522 -0.37 41.76 21.70
N ALA F 523 0.70 42.48 21.34
CA ALA F 523 1.39 42.21 20.09
C ALA F 523 1.94 40.80 20.06
N GLU F 524 2.50 40.36 21.18
CA GLU F 524 3.04 39.01 21.23
C GLU F 524 1.97 37.95 21.11
N LYS F 525 0.82 38.19 21.72
CA LYS F 525 -0.26 37.23 21.68
C LYS F 525 -1.04 37.21 20.38
N GLY F 526 -1.26 38.38 19.79
CA GLY F 526 -2.05 38.48 18.57
C GLY F 526 -1.30 38.16 17.31
N TYR F 527 0.02 38.30 17.28
CA TYR F 527 0.70 38.01 16.03
C TYR F 527 1.07 36.54 15.88
N ASP F 528 0.75 35.99 14.73
CA ASP F 528 1.04 34.62 14.34
C ASP F 528 1.74 34.60 13.01
N ARG F 529 2.93 34.06 12.95
CA ARG F 529 3.64 34.10 11.70
C ARG F 529 2.81 33.54 10.54
N ALA F 530 2.02 32.51 10.80
CA ALA F 530 1.24 31.90 9.73
C ALA F 530 -0.12 32.57 9.47
N MET F 531 -0.51 33.58 10.24
CA MET F 531 -1.80 34.23 10.09
C MET F 531 -1.67 35.70 10.30
N GLY F 532 -0.46 36.08 10.51
CA GLY F 532 -0.13 37.48 10.67
C GLY F 532 -0.88 38.11 11.82
N ALA F 533 -1.54 39.21 11.51
CA ALA F 533 -2.28 39.96 12.49
C ALA F 533 -3.71 39.46 12.66
N ARG F 534 -4.14 38.48 11.89
CA ARG F 534 -5.53 38.06 12.00
C ARG F 534 -6.02 37.75 13.42
N PRO F 535 -5.28 36.96 14.24
CA PRO F 535 -5.66 36.53 15.58
C PRO F 535 -5.80 37.67 16.56
N MET F 536 -5.32 38.85 16.18
CA MET F 536 -5.38 39.96 17.07
C MET F 536 -6.79 40.32 17.45
N ALA F 537 -7.73 40.16 16.53
CA ALA F 537 -9.07 40.60 16.88
C ALA F 537 -9.61 39.86 18.10
N ARG F 538 -9.29 38.58 18.22
CA ARG F 538 -9.77 37.81 19.36
C ARG F 538 -8.99 38.19 20.56
N VAL F 539 -7.68 38.43 20.42
CA VAL F 539 -6.90 38.76 21.59
C VAL F 539 -7.43 40.02 22.26
N ILE F 540 -7.76 41.02 21.46
CA ILE F 540 -8.29 42.25 22.03
C ILE F 540 -9.63 41.99 22.69
N GLN F 541 -10.51 41.25 22.03
CA GLN F 541 -11.80 40.98 22.62
C GLN F 541 -11.74 40.17 23.90
N ASP F 542 -10.90 39.15 23.92
CA ASP F 542 -10.77 38.28 25.07
C ASP F 542 -10.12 38.94 26.25
N ASN F 543 -9.17 39.82 26.01
CA ASN F 543 -8.50 40.42 27.13
C ASN F 543 -9.04 41.76 27.58
N LEU F 544 -9.61 42.58 26.68
CA LEU F 544 -10.08 43.86 27.15
C LEU F 544 -11.60 43.90 27.19
N LYS F 545 -12.23 43.48 26.11
CA LYS F 545 -13.68 43.64 26.06
C LYS F 545 -14.42 42.74 27.05
N LYS F 546 -14.00 41.51 27.23
CA LYS F 546 -14.78 40.69 28.15
C LYS F 546 -14.84 41.26 29.57
N PRO F 547 -13.72 41.55 30.27
CA PRO F 547 -13.74 42.11 31.60
C PRO F 547 -14.62 43.34 31.68
N LEU F 548 -14.59 44.16 30.64
CA LEU F 548 -15.41 45.34 30.64
C LEU F 548 -16.87 45.00 30.57
N ALA F 549 -17.25 43.99 29.83
CA ALA F 549 -18.67 43.70 29.73
C ALA F 549 -19.26 43.44 31.09
N ASN F 550 -18.51 42.77 31.95
CA ASN F 550 -19.06 42.48 33.27
C ASN F 550 -19.11 43.72 34.15
N GLU F 551 -18.10 44.58 34.04
CA GLU F 551 -18.07 45.78 34.87
C GLU F 551 -19.20 46.74 34.45
N LEU F 552 -19.41 46.82 33.14
CA LEU F 552 -20.42 47.67 32.53
C LEU F 552 -21.85 47.25 32.83
N LEU F 553 -22.12 45.95 32.84
CA LEU F 553 -23.46 45.48 33.11
C LEU F 553 -23.87 45.41 34.55
N PHE F 554 -22.94 45.13 35.46
CA PHE F 554 -23.40 44.90 36.81
C PHE F 554 -23.09 46.00 37.81
N GLY F 555 -22.84 47.21 37.32
CA GLY F 555 -22.67 48.38 38.16
C GLY F 555 -21.30 48.85 38.63
N SER F 556 -20.18 48.32 38.12
CA SER F 556 -18.91 48.88 38.60
C SER F 556 -18.78 50.21 37.93
N LEU F 557 -19.25 50.21 36.71
CA LEU F 557 -19.32 51.32 35.83
C LEU F 557 -20.81 51.53 35.72
N VAL F 558 -21.24 52.75 35.53
CA VAL F 558 -22.68 52.94 35.44
C VAL F 558 -23.10 53.40 34.08
N ASP F 559 -22.29 54.28 33.55
CA ASP F 559 -22.48 55.02 32.34
C ASP F 559 -21.19 55.78 32.25
N GLY F 560 -20.91 56.56 33.27
CA GLY F 560 -19.64 57.18 33.37
C GLY F 560 -18.74 56.15 34.06
N GLY F 561 -17.45 56.47 34.16
CA GLY F 561 -16.48 55.61 34.80
C GLY F 561 -15.13 55.68 34.09
N GLN F 562 -14.15 54.99 34.65
CA GLN F 562 -12.79 54.91 34.14
C GLN F 562 -12.13 53.59 34.44
N VAL F 563 -11.52 52.98 33.43
CA VAL F 563 -10.80 51.73 33.58
C VAL F 563 -9.41 51.81 32.99
N THR F 564 -8.44 51.18 33.63
CA THR F 564 -7.16 51.10 32.97
C THR F 564 -6.63 49.69 32.95
N VAL F 565 -5.67 49.46 32.05
CA VAL F 565 -5.01 48.17 31.94
C VAL F 565 -3.48 48.24 31.98
N ALA F 566 -2.89 47.34 32.76
CA ALA F 566 -1.43 47.27 32.89
C ALA F 566 -1.03 45.84 33.19
N LEU F 567 0.24 45.47 32.99
CA LEU F 567 0.62 44.08 33.28
C LEU F 567 1.18 43.83 34.66
N ASP F 568 0.98 42.61 35.15
CA ASP F 568 1.58 42.18 36.40
C ASP F 568 2.94 41.54 36.14
N LYS F 569 3.55 41.01 37.19
CA LYS F 569 4.86 40.38 37.13
C LYS F 569 4.92 39.08 36.32
N GLU F 570 3.76 38.48 36.03
CA GLU F 570 3.66 37.23 35.30
C GLU F 570 3.28 37.52 33.86
N LYS F 571 3.24 38.81 33.52
CA LYS F 571 2.85 39.35 32.24
C LYS F 571 1.38 39.09 31.92
N ASN F 572 0.51 39.08 32.93
CA ASN F 572 -0.91 38.96 32.64
C ASN F 572 -1.47 40.36 32.68
N GLU F 573 -2.54 40.62 31.95
CA GLU F 573 -3.12 41.94 32.08
C GLU F 573 -4.01 42.03 33.29
N LEU F 574 -3.88 43.13 34.01
CA LEU F 574 -4.75 43.41 35.13
C LEU F 574 -5.68 44.52 34.75
N THR F 575 -6.93 44.38 35.18
CA THR F 575 -7.91 45.42 34.93
C THR F 575 -8.11 46.20 36.19
N TYR F 576 -7.95 47.49 36.08
CA TYR F 576 -8.10 48.38 37.17
C TYR F 576 -9.42 49.10 37.03
N GLY F 577 -10.32 48.85 37.96
CA GLY F 577 -11.66 49.39 37.84
C GLY F 577 -11.75 50.83 38.30
N PHE F 578 -12.99 51.31 38.37
CA PHE F 578 -13.31 52.68 38.67
C PHE F 578 -13.49 52.89 40.16
N ALA G 1 13.09 -20.95 0.35
CA ALA G 1 11.77 -21.15 0.89
C ALA G 1 11.84 -21.76 2.26
N LEU G 2 12.53 -21.12 3.17
CA LEU G 2 12.54 -21.69 4.48
C LEU G 2 11.17 -21.63 5.06
N VAL G 3 10.45 -20.56 4.76
CA VAL G 3 9.09 -20.38 5.21
C VAL G 3 8.24 -20.09 3.99
N PRO G 4 7.21 -20.87 3.67
CA PRO G 4 6.35 -20.74 2.52
C PRO G 4 5.39 -19.59 2.64
N MET G 5 4.87 -19.15 1.51
CA MET G 5 3.85 -18.12 1.43
C MET G 5 2.48 -18.71 1.24
N VAL G 6 1.47 -18.06 1.78
CA VAL G 6 0.10 -18.44 1.57
C VAL G 6 -0.70 -17.21 1.17
N ILE G 7 -1.84 -17.39 0.53
CA ILE G 7 -2.68 -16.26 0.14
C ILE G 7 -4.11 -16.45 0.64
N GLU G 8 -4.85 -15.37 0.71
CA GLU G 8 -6.25 -15.47 1.17
C GLU G 8 -7.10 -14.40 0.51
N GLN G 9 -8.41 -14.59 0.45
CA GLN G 9 -9.19 -13.50 -0.12
C GLN G 9 -10.20 -12.97 0.86
N THR G 10 -10.32 -11.66 0.86
CA THR G 10 -11.27 -10.97 1.71
C THR G 10 -12.15 -10.07 0.87
N SER G 11 -11.69 -8.85 0.70
CA SER G 11 -12.36 -7.80 -0.06
C SER G 11 -11.66 -7.71 -1.38
N ARG G 12 -10.56 -6.97 -1.43
CA ARG G 12 -9.77 -6.86 -2.65
C ARG G 12 -9.11 -8.20 -2.98
N GLY G 13 -8.72 -8.96 -1.97
CA GLY G 13 -8.06 -10.23 -2.21
C GLY G 13 -6.55 -10.17 -2.10
N GLU G 14 -5.89 -11.09 -2.75
CA GLU G 14 -4.45 -11.23 -2.64
C GLU G 14 -3.98 -11.52 -1.23
N ARG G 15 -3.51 -10.51 -0.54
CA ARG G 15 -3.03 -10.72 0.79
C ARG G 15 -2.03 -11.87 0.89
N SER G 16 -0.87 -11.66 0.32
CA SER G 16 0.13 -12.71 0.37
C SER G 16 0.92 -12.63 1.64
N PHE G 17 0.84 -13.69 2.43
CA PHE G 17 1.47 -13.77 3.72
C PHE G 17 2.46 -14.85 3.93
N ASP G 18 3.46 -14.53 4.76
CA ASP G 18 4.41 -15.57 5.22
C ASP G 18 3.56 -16.44 6.15
N ILE G 19 3.63 -17.77 6.03
CA ILE G 19 2.74 -18.64 6.80
C ILE G 19 2.72 -18.32 8.29
N TYR G 20 3.76 -17.76 8.88
CA TYR G 20 3.64 -17.48 10.30
C TYR G 20 2.84 -16.25 10.58
N SER G 21 2.77 -15.31 9.65
CA SER G 21 1.99 -14.12 9.89
C SER G 21 0.56 -14.48 9.64
N ARG G 22 0.35 -15.42 8.75
CA ARG G 22 -0.98 -15.85 8.47
C ARG G 22 -1.58 -16.42 9.73
N LEU G 23 -0.78 -17.11 10.55
CA LEU G 23 -1.30 -17.64 11.79
C LEU G 23 -1.34 -16.60 12.90
N LEU G 24 -0.46 -15.60 12.91
CA LEU G 24 -0.58 -14.58 13.95
C LEU G 24 -1.95 -13.93 13.83
N LYS G 25 -2.42 -13.78 12.62
CA LYS G 25 -3.74 -13.23 12.33
C LYS G 25 -4.89 -14.03 12.97
N GLU G 26 -4.61 -15.32 13.21
CA GLU G 26 -5.58 -16.28 13.80
C GLU G 26 -5.31 -16.39 15.30
N ARG G 27 -4.67 -15.37 15.86
CA ARG G 27 -4.37 -15.26 17.27
C ARG G 27 -3.63 -16.46 17.77
N VAL G 28 -2.72 -16.99 16.95
CA VAL G 28 -1.86 -18.10 17.31
C VAL G 28 -0.39 -17.73 17.38
N ILE G 29 0.22 -17.94 18.53
CA ILE G 29 1.62 -17.63 18.77
C ILE G 29 2.43 -18.88 19.08
N PHE G 30 3.59 -19.03 18.46
CA PHE G 30 4.42 -20.20 18.77
C PHE G 30 5.62 -19.87 19.62
N LEU G 31 5.91 -20.73 20.58
CA LEU G 31 7.08 -20.65 21.43
C LEU G 31 7.93 -21.88 21.27
N THR G 32 9.04 -21.76 20.58
CA THR G 32 9.91 -22.91 20.37
C THR G 32 11.36 -22.55 20.59
N GLY G 33 12.19 -23.54 20.86
CA GLY G 33 13.63 -23.30 21.03
C GLY G 33 13.92 -22.84 22.43
N GLN G 34 15.11 -22.34 22.68
CA GLN G 34 15.46 -21.94 24.03
C GLN G 34 14.77 -20.67 24.35
N VAL G 35 14.33 -20.53 25.60
CA VAL G 35 13.68 -19.27 26.06
C VAL G 35 14.79 -18.27 26.36
N GLU G 36 15.23 -17.52 25.35
CA GLU G 36 16.35 -16.55 25.51
C GLU G 36 15.81 -15.15 25.85
N ASP G 37 16.43 -14.10 25.31
CA ASP G 37 16.02 -12.70 25.59
C ASP G 37 15.40 -12.07 24.35
N HIS G 38 15.96 -12.34 23.16
CA HIS G 38 15.43 -11.75 21.95
C HIS G 38 14.16 -12.40 21.53
N MET G 39 14.11 -13.70 21.65
CA MET G 39 12.91 -14.39 21.29
C MET G 39 11.76 -14.06 22.25
N ALA G 40 12.03 -13.96 23.55
CA ALA G 40 10.95 -13.65 24.45
C ALA G 40 10.40 -12.29 24.16
N ASN G 41 11.30 -11.35 23.85
CA ASN G 41 10.92 -9.96 23.54
C ASN G 41 9.93 -9.94 22.37
N LEU G 42 10.14 -10.80 21.37
CA LEU G 42 9.26 -10.83 20.23
C LEU G 42 7.90 -11.39 20.61
N ILE G 43 7.86 -12.41 21.45
CA ILE G 43 6.56 -12.94 21.87
C ILE G 43 5.77 -11.91 22.63
N VAL G 44 6.41 -11.17 23.51
CA VAL G 44 5.66 -10.18 24.22
C VAL G 44 5.06 -9.18 23.26
N ALA G 45 5.81 -8.73 22.27
CA ALA G 45 5.25 -7.78 21.33
C ALA G 45 4.04 -8.35 20.62
N GLN G 46 4.06 -9.63 20.28
CA GLN G 46 2.91 -10.21 19.61
C GLN G 46 1.69 -10.26 20.51
N MET G 47 1.87 -10.57 21.78
CA MET G 47 0.70 -10.61 22.63
C MET G 47 0.10 -9.25 22.83
N LEU G 48 0.92 -8.20 22.94
CA LEU G 48 0.34 -6.88 23.14
C LEU G 48 -0.46 -6.48 21.93
N PHE G 49 0.03 -6.81 20.76
CA PHE G 49 -0.68 -6.52 19.54
C PHE G 49 -2.02 -7.21 19.51
N LEU G 50 -2.06 -8.49 19.80
CA LEU G 50 -3.34 -9.17 19.69
C LEU G 50 -4.35 -8.67 20.69
N GLU G 51 -3.88 -8.31 21.89
CA GLU G 51 -4.78 -7.80 22.97
C GLU G 51 -5.30 -6.41 22.60
N ALA G 52 -4.66 -5.75 21.64
CA ALA G 52 -5.06 -4.39 21.21
C ALA G 52 -5.96 -4.48 19.97
N GLU G 53 -6.01 -5.66 19.34
CA GLU G 53 -6.84 -5.87 18.12
C GLU G 53 -8.25 -6.30 18.54
N ASN G 54 -8.36 -7.09 19.61
CA ASN G 54 -9.63 -7.57 20.10
C ASN G 54 -9.51 -8.07 21.52
N PRO G 55 -9.71 -7.24 22.52
CA PRO G 55 -9.55 -7.53 23.91
C PRO G 55 -10.45 -8.63 24.44
N GLU G 56 -11.46 -9.01 23.68
CA GLU G 56 -12.38 -10.02 24.16
C GLU G 56 -12.09 -11.44 23.68
N LYS G 57 -11.06 -11.67 22.87
CA LYS G 57 -10.85 -13.03 22.39
C LYS G 57 -9.57 -13.68 22.88
N ASP G 58 -9.65 -14.97 23.07
CA ASP G 58 -8.53 -15.76 23.52
C ASP G 58 -7.36 -15.77 22.57
N ILE G 59 -6.17 -15.91 23.13
CA ILE G 59 -4.90 -15.96 22.35
C ILE G 59 -4.22 -17.30 22.64
N TYR G 60 -4.14 -18.19 21.65
CA TYR G 60 -3.54 -19.53 21.82
C TYR G 60 -2.01 -19.43 21.76
N LEU G 61 -1.33 -20.13 22.68
CA LEU G 61 0.15 -20.16 22.75
C LEU G 61 0.61 -21.62 22.61
N TYR G 62 1.25 -21.97 21.49
CA TYR G 62 1.70 -23.33 21.25
C TYR G 62 3.11 -23.46 21.73
N ILE G 63 3.32 -24.39 22.66
CA ILE G 63 4.61 -24.56 23.30
C ILE G 63 5.29 -25.86 22.99
N ASN G 64 6.52 -25.75 22.53
CA ASN G 64 7.39 -26.89 22.26
C ASN G 64 8.82 -26.50 22.53
N SER G 65 9.29 -26.60 23.77
CA SER G 65 10.61 -26.09 24.04
C SER G 65 11.28 -26.77 25.22
N PRO G 66 12.62 -26.94 25.18
CA PRO G 66 13.48 -27.52 26.17
C PRO G 66 13.79 -26.72 27.41
N GLY G 67 13.46 -25.46 27.45
CA GLY G 67 13.85 -24.69 28.62
C GLY G 67 14.45 -23.39 28.22
N GLY G 68 15.19 -22.77 29.11
CA GLY G 68 15.78 -21.48 28.79
C GLY G 68 16.07 -20.66 30.02
N VAL G 69 16.25 -19.37 29.81
CA VAL G 69 16.61 -18.38 30.80
C VAL G 69 15.40 -17.95 31.58
N ILE G 70 15.46 -17.98 32.91
CA ILE G 70 14.30 -17.61 33.71
C ILE G 70 13.94 -16.16 33.54
N THR G 71 14.91 -15.28 33.59
CA THR G 71 14.57 -13.89 33.45
C THR G 71 13.78 -13.62 32.19
N ALA G 72 14.18 -14.15 31.06
CA ALA G 72 13.42 -13.91 29.86
C ALA G 72 12.04 -14.54 29.95
N GLY G 73 11.96 -15.74 30.50
CA GLY G 73 10.69 -16.42 30.60
C GLY G 73 9.72 -15.68 31.47
N MET G 74 10.20 -14.96 32.47
CA MET G 74 9.30 -14.23 33.32
C MET G 74 8.65 -13.07 32.65
N SER G 75 9.24 -12.46 31.61
CA SER G 75 8.52 -11.33 31.09
C SER G 75 7.36 -11.87 30.30
N ILE G 76 7.48 -13.08 29.78
CA ILE G 76 6.36 -13.65 29.05
C ILE G 76 5.26 -13.91 30.06
N TYR G 77 5.61 -14.49 31.19
CA TYR G 77 4.64 -14.77 32.23
C TYR G 77 3.92 -13.53 32.67
N ASP G 78 4.66 -12.47 33.00
CA ASP G 78 3.96 -11.32 33.49
C ASP G 78 3.04 -10.73 32.47
N THR G 79 3.41 -10.73 31.20
CA THR G 79 2.51 -10.18 30.20
C THR G 79 1.25 -11.00 30.11
N MET G 80 1.35 -12.33 30.15
CA MET G 80 0.12 -13.11 30.06
C MET G 80 -0.83 -12.80 31.19
N GLN G 81 -0.31 -12.51 32.36
CA GLN G 81 -1.18 -12.23 33.48
C GLN G 81 -1.78 -10.83 33.38
N PHE G 82 -1.02 -9.89 32.88
CA PHE G 82 -1.47 -8.53 32.75
C PHE G 82 -2.58 -8.31 31.73
N ILE G 83 -2.43 -8.84 30.53
CA ILE G 83 -3.38 -8.56 29.45
C ILE G 83 -4.74 -9.18 29.69
N LYS G 84 -5.77 -8.49 29.24
CA LYS G 84 -7.15 -8.92 29.45
C LYS G 84 -7.64 -10.28 28.94
N PRO G 85 -7.49 -10.70 27.67
CA PRO G 85 -8.04 -11.93 27.18
C PRO G 85 -7.35 -13.12 27.77
N ASP G 86 -8.03 -14.23 27.89
CA ASP G 86 -7.39 -15.45 28.34
C ASP G 86 -6.35 -15.93 27.40
N VAL G 87 -5.27 -16.45 27.95
CA VAL G 87 -4.26 -17.06 27.11
C VAL G 87 -4.31 -18.54 27.34
N SER G 88 -4.58 -19.29 26.30
CA SER G 88 -4.69 -20.74 26.38
C SER G 88 -3.43 -21.35 25.88
N THR G 89 -2.79 -22.16 26.69
CA THR G 89 -1.53 -22.74 26.32
C THR G 89 -1.69 -24.19 25.95
N ILE G 90 -1.19 -24.58 24.80
CA ILE G 90 -1.25 -26.00 24.37
C ILE G 90 0.16 -26.49 24.28
N CYS G 91 0.49 -27.72 24.60
CA CYS G 91 1.91 -28.08 24.54
C CYS G 91 2.08 -29.36 23.77
N MET G 92 2.71 -29.33 22.63
CA MET G 92 2.95 -30.51 21.76
C MET G 92 4.44 -30.69 21.63
N GLY G 93 5.02 -31.87 21.59
CA GLY G 93 6.46 -32.04 21.66
C GLY G 93 6.82 -32.03 23.15
N GLN G 94 7.62 -31.08 23.60
CA GLN G 94 7.94 -31.08 25.02
C GLN G 94 7.79 -29.75 25.66
N ALA G 95 7.58 -29.76 26.95
CA ALA G 95 7.59 -28.54 27.72
C ALA G 95 8.47 -28.79 28.90
N ALA G 96 9.73 -28.42 28.81
CA ALA G 96 10.61 -28.73 29.91
C ALA G 96 11.08 -27.50 30.60
N SER G 97 11.29 -27.61 31.88
CA SER G 97 11.88 -26.56 32.67
C SER G 97 11.08 -25.30 32.60
N MET G 98 11.68 -24.22 32.14
CA MET G 98 10.94 -22.98 32.04
C MET G 98 9.77 -23.14 31.08
N GLY G 99 9.91 -24.07 30.14
CA GLY G 99 8.85 -24.35 29.15
C GLY G 99 7.63 -25.00 29.77
N ALA G 100 7.78 -25.55 30.97
CA ALA G 100 6.67 -26.23 31.67
C ALA G 100 5.99 -25.25 32.64
N PHE G 101 6.77 -24.35 33.24
CA PHE G 101 6.24 -23.35 34.20
C PHE G 101 5.26 -22.42 33.47
N LEU G 102 5.61 -22.04 32.23
CA LEU G 102 4.74 -21.13 31.42
C LEU G 102 3.55 -21.92 30.88
N LEU G 103 3.72 -23.24 30.71
CA LEU G 103 2.62 -24.11 30.19
C LEU G 103 1.47 -24.16 31.19
N THR G 104 1.78 -24.08 32.49
CA THR G 104 0.76 -24.13 33.53
C THR G 104 0.21 -22.77 33.85
N ALA G 105 0.79 -21.72 33.29
CA ALA G 105 0.46 -20.37 33.62
C ALA G 105 -0.70 -19.88 32.78
N GLY G 106 -1.21 -20.73 31.91
CA GLY G 106 -2.30 -20.32 31.05
C GLY G 106 -3.61 -20.25 31.83
N ALA G 107 -4.65 -19.80 31.16
CA ALA G 107 -5.96 -19.62 31.78
C ALA G 107 -6.48 -20.92 32.30
N LYS G 108 -6.99 -20.90 33.51
CA LYS G 108 -7.48 -22.12 34.08
C LYS G 108 -8.63 -22.68 33.30
N GLY G 109 -8.56 -23.97 32.98
CA GLY G 109 -9.61 -24.64 32.24
C GLY G 109 -9.24 -24.74 30.78
N LYS G 110 -8.20 -24.01 30.39
CA LYS G 110 -7.73 -24.00 28.98
C LYS G 110 -6.23 -24.32 28.95
N ARG G 111 -5.83 -25.40 29.61
CA ARG G 111 -4.39 -25.82 29.63
C ARG G 111 -4.28 -27.21 28.99
N PHE G 112 -4.77 -27.36 27.77
CA PHE G 112 -4.73 -28.66 27.05
C PHE G 112 -3.29 -28.96 26.61
N CYS G 113 -2.99 -30.26 26.44
CA CYS G 113 -1.63 -30.72 26.02
C CYS G 113 -1.77 -31.77 24.92
N LEU G 114 -0.64 -32.37 24.52
CA LEU G 114 -0.64 -33.41 23.45
C LEU G 114 -0.76 -34.80 24.08
N PRO G 115 -1.10 -35.86 23.32
CA PRO G 115 -1.24 -37.21 23.87
C PRO G 115 0.11 -37.92 24.04
N ASN G 116 1.09 -37.57 23.20
CA ASN G 116 2.40 -38.18 23.26
C ASN G 116 3.45 -37.21 23.71
N SER G 117 3.04 -36.12 24.30
CA SER G 117 3.96 -35.12 24.78
C SER G 117 4.60 -35.48 26.11
N ARG G 118 5.61 -34.70 26.47
CA ARG G 118 6.30 -34.85 27.75
C ARG G 118 6.56 -33.57 28.43
N VAL G 119 6.31 -33.56 29.73
CA VAL G 119 6.54 -32.38 30.52
C VAL G 119 7.56 -32.67 31.59
N MET G 120 8.54 -31.81 31.75
CA MET G 120 9.53 -32.08 32.77
C MET G 120 9.77 -30.89 33.64
N ILE G 121 9.86 -31.09 34.94
CA ILE G 121 10.07 -29.97 35.85
C ILE G 121 11.29 -30.14 36.74
N HIS G 122 11.96 -29.05 37.08
CA HIS G 122 13.12 -29.17 37.94
C HIS G 122 13.50 -27.86 38.61
N GLN G 123 14.29 -27.98 39.66
CA GLN G 123 14.94 -26.90 40.38
C GLN G 123 15.87 -26.07 39.49
N PRO G 124 15.89 -24.73 39.56
CA PRO G 124 16.70 -23.84 38.75
C PRO G 124 18.19 -23.99 38.97
N LEU G 125 18.95 -23.74 37.89
CA LEU G 125 20.40 -23.82 37.84
C LEU G 125 21.08 -22.48 37.84
N GLY G 126 22.35 -22.45 38.23
CA GLY G 126 23.12 -21.21 38.20
C GLY G 126 24.54 -21.46 38.62
N GLY G 127 25.30 -20.41 38.92
CA GLY G 127 26.69 -20.57 39.33
C GLY G 127 27.38 -19.23 39.48
N TYR G 128 28.63 -19.24 39.94
CA TYR G 128 29.41 -18.01 40.15
C TYR G 128 30.86 -18.25 40.53
N GLN G 129 31.75 -17.32 40.18
CA GLN G 129 33.16 -17.34 40.56
C GLN G 129 33.55 -16.01 41.15
N GLY G 130 34.32 -15.97 42.23
CA GLY G 130 34.68 -14.67 42.81
C GLY G 130 35.12 -14.76 44.25
N GLN G 131 35.02 -13.66 45.00
CA GLN G 131 35.50 -13.69 46.38
C GLN G 131 34.45 -14.36 47.23
N ALA G 132 34.81 -14.91 48.39
CA ALA G 132 33.78 -15.53 49.23
C ALA G 132 32.61 -14.59 49.49
N THR G 133 32.87 -13.31 49.66
CA THR G 133 31.82 -12.33 49.85
C THR G 133 30.87 -12.24 48.67
N ASP G 134 31.37 -12.39 47.46
CA ASP G 134 30.51 -12.22 46.31
C ASP G 134 29.73 -13.48 46.13
N ILE G 135 30.32 -14.58 46.49
CA ILE G 135 29.66 -15.84 46.34
C ILE G 135 28.43 -15.82 47.19
N GLU G 136 28.53 -15.35 48.42
CA GLU G 136 27.36 -15.28 49.26
C GLU G 136 26.26 -14.47 48.65
N ILE G 137 26.58 -13.33 48.05
CA ILE G 137 25.52 -12.51 47.50
C ILE G 137 24.79 -13.23 46.40
N HIS G 138 25.52 -13.86 45.52
CA HIS G 138 24.86 -14.54 44.44
C HIS G 138 24.14 -15.80 44.89
N ALA G 139 24.65 -16.49 45.89
CA ALA G 139 23.95 -17.66 46.36
C ALA G 139 22.60 -17.27 46.92
N ARG G 140 22.53 -16.15 47.61
CA ARG G 140 21.25 -15.74 48.16
C ARG G 140 20.27 -15.44 47.09
N GLU G 141 20.71 -14.80 46.02
CA GLU G 141 19.74 -14.47 45.00
C GLU G 141 19.19 -15.70 44.31
N ILE G 142 20.00 -16.71 44.04
CA ILE G 142 19.38 -17.84 43.37
C ILE G 142 18.41 -18.55 44.28
N LEU G 143 18.68 -18.60 45.57
CA LEU G 143 17.75 -19.25 46.45
C LEU G 143 16.43 -18.50 46.50
N LYS G 144 16.47 -17.17 46.46
CA LYS G 144 15.23 -16.43 46.46
C LYS G 144 14.41 -16.75 45.24
N VAL G 145 15.07 -16.91 44.10
CA VAL G 145 14.35 -17.26 42.89
C VAL G 145 13.73 -18.61 43.00
N LYS G 146 14.46 -19.58 43.52
CA LYS G 146 13.87 -20.90 43.65
C LYS G 146 12.60 -20.80 44.45
N GLY G 147 12.63 -20.09 45.56
CA GLY G 147 11.45 -20.00 46.38
C GLY G 147 10.29 -19.39 45.64
N ARG G 148 10.53 -18.35 44.87
CA ARG G 148 9.44 -17.73 44.16
C ARG G 148 8.83 -18.62 43.12
N MET G 149 9.65 -19.37 42.42
CA MET G 149 9.10 -20.24 41.40
C MET G 149 8.24 -21.33 42.04
N ASN G 150 8.61 -21.78 43.24
CA ASN G 150 7.82 -22.82 43.86
C ASN G 150 6.47 -22.30 44.24
N GLU G 151 6.40 -21.05 44.67
CA GLU G 151 5.12 -20.48 45.03
C GLU G 151 4.21 -20.40 43.85
N LEU G 152 4.75 -20.01 42.70
CA LEU G 152 3.89 -19.90 41.55
C LEU G 152 3.45 -21.26 41.06
N MET G 153 4.30 -22.28 41.14
CA MET G 153 3.84 -23.59 40.74
C MET G 153 2.71 -24.04 41.62
N ALA G 154 2.85 -23.88 42.93
CA ALA G 154 1.79 -24.31 43.79
C ALA G 154 0.52 -23.53 43.52
N LEU G 155 0.64 -22.24 43.26
CA LEU G 155 -0.54 -21.46 42.99
C LEU G 155 -1.29 -21.92 41.77
N HIS G 156 -0.58 -22.18 40.69
CA HIS G 156 -1.25 -22.56 39.47
C HIS G 156 -1.67 -24.02 39.42
N THR G 157 -0.98 -24.92 40.10
CA THR G 157 -1.36 -26.33 40.01
C THR G 157 -2.29 -26.82 41.09
N GLY G 158 -2.33 -26.18 42.25
CA GLY G 158 -3.21 -26.65 43.31
C GLY G 158 -2.51 -27.60 44.26
N GLN G 159 -1.24 -27.84 44.04
CA GLN G 159 -0.47 -28.69 44.90
C GLN G 159 -0.08 -27.88 46.10
N SER G 160 0.20 -28.51 47.21
CA SER G 160 0.66 -27.76 48.36
C SER G 160 2.05 -27.29 48.10
N LEU G 161 2.53 -26.33 48.86
CA LEU G 161 3.88 -25.89 48.61
C LEU G 161 4.89 -26.95 48.93
N GLU G 162 4.68 -27.71 49.99
CA GLU G 162 5.64 -28.73 50.36
C GLU G 162 5.71 -29.80 49.30
N GLN G 163 4.58 -30.13 48.70
CA GLN G 163 4.61 -31.12 47.67
C GLN G 163 5.38 -30.60 46.48
N ILE G 164 5.23 -29.33 46.15
CA ILE G 164 6.01 -28.80 45.05
C ILE G 164 7.46 -28.82 45.38
N GLU G 165 7.88 -28.46 46.57
CA GLU G 165 9.30 -28.51 46.78
C GLU G 165 9.86 -29.91 46.66
N ARG G 166 9.17 -30.91 47.18
CA ARG G 166 9.76 -32.24 47.08
C ARG G 166 9.89 -32.70 45.65
N ASP G 167 8.92 -32.39 44.84
CA ASP G 167 8.91 -32.86 43.49
C ASP G 167 9.85 -32.17 42.55
N THR G 168 10.56 -31.13 42.95
CA THR G 168 11.43 -30.50 42.01
C THR G 168 12.88 -30.70 42.39
N GLU G 169 13.11 -31.51 43.44
CA GLU G 169 14.49 -31.78 43.91
C GLU G 169 15.37 -32.27 42.76
N ARG G 170 14.83 -33.17 41.90
CA ARG G 170 15.52 -33.76 40.79
C ARG G 170 14.54 -33.79 39.64
N ASP G 171 15.04 -33.84 38.44
CA ASP G 171 14.14 -33.80 37.31
C ASP G 171 13.03 -34.80 37.39
N ARG G 172 11.83 -34.33 37.15
CA ARG G 172 10.69 -35.20 37.18
C ARG G 172 10.00 -35.19 35.85
N PHE G 173 9.81 -36.34 35.27
CA PHE G 173 9.16 -36.42 33.97
C PHE G 173 7.74 -36.90 34.10
N LEU G 174 6.82 -36.22 33.45
CA LEU G 174 5.42 -36.60 33.48
C LEU G 174 4.88 -36.87 32.09
N SER G 175 4.09 -37.91 31.94
CA SER G 175 3.47 -38.20 30.65
C SER G 175 2.22 -37.37 30.53
N ALA G 176 1.62 -37.26 29.35
CA ALA G 176 0.46 -36.38 29.31
C ALA G 176 -0.59 -36.75 30.37
N PRO G 177 -1.04 -38.00 30.57
CA PRO G 177 -2.01 -38.32 31.59
C PRO G 177 -1.57 -37.98 33.00
N GLU G 178 -0.27 -37.90 33.24
CA GLU G 178 0.18 -37.62 34.57
C GLU G 178 0.16 -36.13 34.77
N ALA G 179 0.37 -35.39 33.71
CA ALA G 179 0.33 -33.95 33.80
C ALA G 179 -1.09 -33.57 34.16
N VAL G 180 -2.05 -34.31 33.62
CA VAL G 180 -3.43 -34.02 33.92
C VAL G 180 -3.72 -34.34 35.37
N GLU G 181 -3.30 -35.48 35.86
CA GLU G 181 -3.57 -35.83 37.25
C GLU G 181 -2.86 -34.94 38.23
N TYR G 182 -1.65 -34.54 37.91
CA TYR G 182 -0.86 -33.69 38.77
C TYR G 182 -1.46 -32.32 38.83
N GLY G 183 -2.07 -31.88 37.74
CA GLY G 183 -2.66 -30.56 37.71
C GLY G 183 -1.90 -29.58 36.86
N LEU G 184 -0.97 -30.05 36.04
CA LEU G 184 -0.25 -29.11 35.22
C LEU G 184 -1.14 -28.71 34.06
N VAL G 185 -1.96 -29.62 33.58
CA VAL G 185 -2.85 -29.28 32.48
C VAL G 185 -4.27 -29.70 32.80
N ASP G 186 -5.24 -29.18 32.08
CA ASP G 186 -6.59 -29.57 32.33
C ASP G 186 -7.04 -30.77 31.52
N SER G 187 -6.57 -30.90 30.30
CA SER G 187 -7.01 -32.04 29.51
C SER G 187 -6.13 -32.38 28.32
N ILE G 188 -6.40 -33.53 27.72
CA ILE G 188 -5.67 -34.01 26.57
C ILE G 188 -6.51 -33.98 25.32
N LEU G 189 -6.00 -33.37 24.27
CA LEU G 189 -6.73 -33.30 23.02
C LEU G 189 -6.49 -34.61 22.33
N THR G 190 -7.43 -35.14 21.59
CA THR G 190 -7.20 -36.44 20.93
C THR G 190 -7.40 -36.36 19.44
N HIS G 191 -8.64 -36.32 19.03
CA HIS G 191 -9.00 -36.18 17.64
C HIS G 191 -9.98 -35.06 17.54
N ARG G 192 -10.00 -34.37 16.43
CA ARG G 192 -10.97 -33.33 16.28
C ARG G 192 -12.36 -33.93 16.29
N ALA H 1 10.29 -15.85 8.64
CA ALA H 1 9.49 -15.08 9.58
C ALA H 1 10.19 -14.92 10.88
N LEU H 2 11.36 -14.35 10.88
CA LEU H 2 11.95 -14.14 12.18
C LEU H 2 11.08 -13.12 12.91
N VAL H 3 10.61 -12.12 12.18
CA VAL H 3 9.75 -11.09 12.71
C VAL H 3 8.49 -11.09 11.83
N PRO H 4 7.28 -11.27 12.38
CA PRO H 4 6.01 -11.34 11.68
C PRO H 4 5.54 -10.00 11.19
N MET H 5 4.62 -10.02 10.22
CA MET H 5 3.99 -8.83 9.68
C MET H 5 2.56 -8.62 10.18
N VAL H 6 2.16 -7.37 10.34
CA VAL H 6 0.80 -7.04 10.72
C VAL H 6 0.17 -6.02 9.76
N ILE H 7 -1.17 -6.03 9.71
CA ILE H 7 -1.94 -5.11 8.81
C ILE H 7 -2.93 -4.30 9.67
N GLU H 8 -3.22 -3.08 9.23
CA GLU H 8 -4.18 -2.18 9.94
C GLU H 8 -4.89 -1.30 8.91
N GLN H 9 -6.13 -0.87 9.21
CA GLN H 9 -6.87 -0.05 8.26
C GLN H 9 -6.75 1.42 8.61
N THR H 10 -6.46 2.23 7.60
CA THR H 10 -6.30 3.67 7.78
C THR H 10 -7.26 4.43 6.88
N SER H 11 -6.81 4.66 5.65
CA SER H 11 -7.57 5.39 4.64
C SER H 11 -7.83 4.45 3.49
N ARG H 12 -6.94 4.34 2.50
CA ARG H 12 -7.23 3.50 1.30
C ARG H 12 -6.28 2.30 1.26
N GLY H 13 -6.14 1.61 2.39
CA GLY H 13 -5.28 0.42 2.45
C GLY H 13 -6.04 -0.81 2.92
N GLU H 14 -5.50 -1.53 3.89
CA GLU H 14 -4.16 -2.18 3.84
C GLU H 14 -3.09 -1.25 4.43
N ARG H 15 -1.82 -1.62 4.16
CA ARG H 15 -0.46 -1.14 4.52
C ARG H 15 0.13 -2.01 5.66
N SER H 16 0.99 -2.97 5.30
CA SER H 16 1.61 -3.88 6.30
C SER H 16 2.77 -3.17 6.99
N PHE H 17 3.07 -3.56 8.23
CA PHE H 17 4.17 -2.95 9.02
C PHE H 17 4.93 -4.04 9.79
N ASP H 18 6.20 -3.79 10.11
CA ASP H 18 7.03 -4.78 10.86
C ASP H 18 6.47 -4.93 12.28
N ILE H 19 6.57 -6.14 12.84
CA ILE H 19 6.06 -6.43 14.22
C ILE H 19 6.67 -5.42 15.19
N TYR H 20 7.69 -4.67 14.74
CA TYR H 20 8.35 -3.69 15.58
C TYR H 20 8.12 -2.28 15.08
N SER H 21 7.85 -2.12 13.80
CA SER H 21 7.60 -0.80 13.26
C SER H 21 6.19 -0.42 13.62
N ARG H 22 5.33 -1.43 13.68
CA ARG H 22 3.97 -1.18 14.05
C ARG H 22 3.94 -0.59 15.43
N LEU H 23 4.83 -1.02 16.31
CA LEU H 23 4.87 -0.48 17.65
C LEU H 23 5.64 0.84 17.72
N LEU H 24 6.63 1.08 16.87
CA LEU H 24 7.28 2.40 16.91
C LEU H 24 6.23 3.45 16.62
N LYS H 25 5.29 3.11 15.75
CA LYS H 25 4.18 4.02 15.38
C LYS H 25 3.32 4.30 16.63
N GLU H 26 3.40 3.40 17.62
CA GLU H 26 2.62 3.56 18.89
C GLU H 26 3.52 4.17 19.96
N ARG H 27 4.54 4.93 19.52
CA ARG H 27 5.48 5.57 20.39
C ARG H 27 6.01 4.64 21.45
N VAL H 28 6.24 3.36 21.11
CA VAL H 28 6.83 2.39 22.01
C VAL H 28 8.17 1.94 21.47
N ILE H 29 9.21 2.11 22.25
CA ILE H 29 10.56 1.73 21.89
C ILE H 29 11.06 0.64 22.79
N PHE H 30 11.63 -0.42 22.23
CA PHE H 30 12.16 -1.46 23.09
C PHE H 30 13.65 -1.36 23.19
N LEU H 31 14.17 -1.52 24.39
CA LEU H 31 15.58 -1.57 24.64
C LEU H 31 15.91 -2.89 25.23
N THR H 32 16.41 -3.82 24.44
CA THR H 32 16.68 -5.12 25.00
C THR H 32 18.05 -5.56 24.67
N GLY H 33 18.59 -6.41 25.50
CA GLY H 33 19.89 -6.97 25.23
C GLY H 33 20.93 -6.04 25.76
N GLN H 34 22.18 -6.39 25.62
CA GLN H 34 23.26 -5.60 26.18
C GLN H 34 23.45 -4.29 25.48
N VAL H 35 23.65 -3.21 26.25
CA VAL H 35 23.86 -1.85 25.68
C VAL H 35 25.23 -1.81 24.99
N GLU H 36 25.25 -1.54 23.69
CA GLU H 36 26.52 -1.47 22.92
C GLU H 36 26.72 -0.04 22.39
N ASP H 37 27.19 0.09 21.15
CA ASP H 37 27.44 1.43 20.54
C ASP H 37 26.53 1.60 19.31
N HIS H 38 26.23 0.50 18.62
CA HIS H 38 25.38 0.55 17.45
C HIS H 38 23.93 0.51 17.84
N MET H 39 23.61 -0.29 18.81
CA MET H 39 22.26 -0.32 19.28
C MET H 39 21.90 0.99 19.96
N ALA H 40 22.82 1.61 20.68
CA ALA H 40 22.45 2.86 21.31
C ALA H 40 22.11 3.91 20.29
N ASN H 41 22.85 4.01 19.19
CA ASN H 41 22.44 5.02 18.23
C ASN H 41 21.10 4.77 17.65
N LEU H 42 20.71 3.52 17.49
CA LEU H 42 19.40 3.31 16.94
C LEU H 42 18.33 3.77 17.90
N ILE H 43 18.52 3.56 19.18
CA ILE H 43 17.51 4.02 20.14
C ILE H 43 17.43 5.53 20.07
N VAL H 44 18.56 6.21 19.99
CA VAL H 44 18.54 7.66 19.90
C VAL H 44 17.82 8.12 18.66
N ALA H 45 18.07 7.50 17.52
CA ALA H 45 17.38 7.91 16.32
C ALA H 45 15.88 7.77 16.48
N GLN H 46 15.43 6.72 17.15
CA GLN H 46 14.00 6.56 17.30
C GLN H 46 13.42 7.63 18.20
N MET H 47 14.12 8.01 19.25
CA MET H 47 13.56 9.04 20.10
C MET H 47 13.46 10.38 19.40
N LEU H 48 14.46 10.75 18.59
CA LEU H 48 14.40 12.03 17.91
C LEU H 48 13.29 12.02 16.91
N PHE H 49 13.13 10.90 16.22
CA PHE H 49 12.08 10.74 15.19
C PHE H 49 10.69 10.84 15.84
N LEU H 50 10.61 10.42 17.11
CA LEU H 50 9.32 10.46 17.87
C LEU H 50 9.11 11.88 18.41
N GLU H 51 10.19 12.66 18.54
CA GLU H 51 10.11 14.05 19.07
C GLU H 51 9.89 15.01 17.89
N ALA H 52 9.99 14.51 16.66
CA ALA H 52 9.80 15.33 15.45
C ALA H 52 8.32 15.30 15.03
N GLU H 53 7.70 14.12 15.11
CA GLU H 53 6.27 13.97 14.73
C GLU H 53 5.40 14.75 15.71
N ASN H 54 5.36 14.32 16.97
CA ASN H 54 4.54 15.01 18.02
C ASN H 54 5.39 15.20 19.28
N PRO H 55 5.77 16.44 19.65
CA PRO H 55 6.58 16.69 20.84
C PRO H 55 5.72 16.76 22.12
N GLU H 56 4.40 16.78 21.96
CA GLU H 56 3.46 16.85 23.11
C GLU H 56 2.78 15.49 23.30
N LYS H 57 3.57 14.42 23.34
CA LYS H 57 3.02 13.05 23.52
C LYS H 57 4.10 12.15 24.15
N ASP H 58 3.75 11.40 25.19
CA ASP H 58 4.70 10.53 25.87
C ASP H 58 5.26 9.43 25.01
N ILE H 59 6.52 9.06 25.29
CA ILE H 59 7.22 7.97 24.56
C ILE H 59 7.56 6.87 25.58
N TYR H 60 7.04 5.66 25.36
CA TYR H 60 7.26 4.52 26.29
C TYR H 60 8.53 3.75 25.90
N LEU H 61 9.41 3.48 26.87
CA LEU H 61 10.67 2.76 26.59
C LEU H 61 10.78 1.49 27.44
N TYR H 62 10.20 0.38 26.97
CA TYR H 62 10.28 -0.91 27.71
C TYR H 62 11.77 -1.29 27.81
N ILE H 63 12.24 -1.82 28.93
CA ILE H 63 13.70 -2.05 29.14
C ILE H 63 13.97 -3.44 29.71
N ASN H 64 14.57 -4.36 29.01
CA ASN H 64 14.85 -5.69 29.58
C ASN H 64 16.31 -6.02 29.31
N SER H 65 17.30 -5.56 30.07
CA SER H 65 18.66 -5.85 29.57
C SER H 65 19.74 -5.88 30.62
N PRO H 66 20.74 -6.77 30.58
CA PRO H 66 21.74 -6.85 31.58
C PRO H 66 22.91 -5.87 31.60
N GLY H 67 22.83 -4.69 31.04
CA GLY H 67 23.95 -3.77 31.24
C GLY H 67 24.74 -3.54 30.01
N GLY H 68 25.87 -2.86 30.07
CA GLY H 68 26.59 -2.66 28.81
C GLY H 68 27.68 -1.65 28.93
N VAL H 69 28.07 -1.01 27.86
CA VAL H 69 29.17 -0.02 27.86
C VAL H 69 28.69 1.20 28.60
N ILE H 70 29.42 1.76 29.52
CA ILE H 70 28.83 2.91 30.25
C ILE H 70 28.74 4.05 29.30
N THR H 71 29.79 4.32 28.57
CA THR H 71 29.85 5.54 27.75
C THR H 71 29.25 5.33 26.40
N ALA H 72 28.03 4.88 26.28
CA ALA H 72 27.40 4.58 25.00
C ALA H 72 25.94 4.25 25.20
N GLY H 73 25.53 4.29 26.44
CA GLY H 73 24.16 4.24 26.94
C GLY H 73 24.05 5.36 27.92
N MET H 74 24.96 6.32 27.86
CA MET H 74 25.16 7.59 28.58
C MET H 74 25.17 8.61 27.48
N SER H 75 24.27 8.43 26.56
CA SER H 75 24.05 9.16 25.31
C SER H 75 22.65 8.82 24.90
N ILE H 76 22.02 7.83 25.52
CA ILE H 76 20.58 7.57 25.48
C ILE H 76 20.10 8.28 26.72
N TYR H 77 20.93 8.57 27.70
CA TYR H 77 20.49 9.27 28.90
C TYR H 77 20.35 10.68 28.46
N ASP H 78 21.41 11.33 28.04
CA ASP H 78 21.29 12.71 27.53
C ASP H 78 20.28 12.96 26.42
N THR H 79 19.80 12.03 25.63
CA THR H 79 18.76 12.37 24.65
C THR H 79 17.43 12.34 25.35
N MET H 80 17.29 11.68 26.48
CA MET H 80 15.96 11.61 27.09
C MET H 80 15.82 12.89 27.83
N GLN H 81 16.86 13.34 28.48
CA GLN H 81 16.76 14.55 29.31
C GLN H 81 16.32 15.68 28.43
N PHE H 82 17.04 15.86 27.35
CA PHE H 82 16.92 16.95 26.37
C PHE H 82 15.63 16.96 25.58
N ILE H 83 15.09 15.90 25.04
CA ILE H 83 13.85 16.07 24.21
C ILE H 83 12.63 16.67 24.92
N LYS H 84 11.67 17.07 24.13
CA LYS H 84 10.48 17.70 24.71
C LYS H 84 9.59 16.70 25.42
N PRO H 85 9.11 15.55 24.90
CA PRO H 85 8.22 14.71 25.63
C PRO H 85 8.71 14.05 26.91
N ASP H 86 7.81 13.24 27.43
CA ASP H 86 8.10 12.50 28.66
C ASP H 86 8.33 11.08 28.24
N VAL H 87 9.37 10.44 28.74
CA VAL H 87 9.71 9.03 28.43
C VAL H 87 9.44 8.28 29.69
N SER H 88 8.42 7.48 29.64
CA SER H 88 7.93 6.74 30.80
C SER H 88 8.49 5.34 30.67
N THR H 89 9.47 4.97 31.46
CA THR H 89 10.21 3.73 31.26
C THR H 89 9.65 2.54 32.00
N ILE H 90 8.85 1.68 31.37
CA ILE H 90 8.27 0.47 32.04
C ILE H 90 9.37 -0.59 32.20
N CYS H 91 9.21 -1.50 33.16
CA CYS H 91 10.23 -2.54 33.41
C CYS H 91 9.65 -3.95 33.21
N MET H 92 10.51 -4.91 32.88
CA MET H 92 10.15 -6.34 32.64
C MET H 92 11.45 -7.13 32.47
N GLY H 93 11.48 -8.40 32.89
CA GLY H 93 12.70 -9.17 32.77
C GLY H 93 13.67 -8.56 33.76
N GLN H 94 14.79 -8.04 33.31
CA GLN H 94 15.71 -7.45 34.25
C GLN H 94 16.25 -6.13 33.82
N ALA H 95 16.64 -5.34 34.79
CA ALA H 95 17.33 -4.12 34.52
C ALA H 95 18.54 -4.09 35.37
N ALA H 96 19.67 -4.46 34.81
CA ALA H 96 20.85 -4.54 35.64
C ALA H 96 21.87 -3.53 35.24
N SER H 97 22.60 -3.03 36.21
CA SER H 97 23.73 -2.18 35.95
C SER H 97 23.33 -0.97 35.16
N MET H 98 23.88 -0.80 33.98
CA MET H 98 23.53 0.36 33.19
C MET H 98 22.07 0.34 32.82
N GLY H 99 21.46 -0.82 32.72
CA GLY H 99 20.05 -0.88 32.39
C GLY H 99 19.24 -0.30 33.53
N ALA H 100 19.65 -0.62 34.76
CA ALA H 100 18.98 -0.09 35.97
C ALA H 100 19.29 1.41 36.08
N PHE H 101 20.35 1.84 35.40
CA PHE H 101 20.76 3.27 35.40
C PHE H 101 19.79 4.07 34.52
N LEU H 102 19.40 3.50 33.37
CA LEU H 102 18.48 4.18 32.50
C LEU H 102 17.05 4.05 33.01
N LEU H 103 16.68 2.96 33.63
CA LEU H 103 15.32 2.84 34.12
C LEU H 103 14.90 3.96 35.03
N THR H 104 15.79 4.35 35.95
CA THR H 104 15.42 5.38 36.92
C THR H 104 15.43 6.75 36.32
N ALA H 105 15.89 6.89 35.08
CA ALA H 105 16.06 8.18 34.46
C ALA H 105 14.79 8.64 33.79
N GLY H 106 13.74 7.82 33.83
CA GLY H 106 12.52 8.19 33.16
C GLY H 106 11.78 9.30 33.88
N ALA H 107 10.67 9.73 33.30
CA ALA H 107 9.90 10.83 33.85
C ALA H 107 9.40 10.50 35.23
N LYS H 108 9.56 11.42 36.15
CA LYS H 108 9.14 11.14 37.51
C LYS H 108 7.67 10.93 37.57
N GLY H 109 7.24 9.86 38.21
CA GLY H 109 5.84 9.55 38.36
C GLY H 109 5.42 8.54 37.32
N LYS H 110 6.28 8.30 36.35
CA LYS H 110 5.98 7.36 35.31
C LYS H 110 6.94 6.18 35.20
N ARG H 111 7.73 5.90 36.25
CA ARG H 111 8.63 4.74 36.22
C ARG H 111 7.90 3.51 36.74
N PHE H 112 7.68 2.53 35.88
CA PHE H 112 6.93 1.31 36.27
C PHE H 112 7.75 0.05 36.00
N CYS H 113 7.49 -0.99 36.79
CA CYS H 113 8.17 -2.30 36.66
C CYS H 113 7.14 -3.41 36.94
N LEU H 114 7.25 -4.54 36.24
CA LEU H 114 6.33 -5.64 36.41
C LEU H 114 6.72 -6.37 37.69
N PRO H 115 5.80 -7.05 38.39
CA PRO H 115 6.00 -7.68 39.67
C PRO H 115 7.01 -8.77 39.78
N ASN H 116 7.38 -9.47 38.71
CA ASN H 116 8.37 -10.49 38.92
C ASN H 116 9.72 -10.10 38.37
N SER H 117 9.90 -8.83 38.10
CA SER H 117 11.15 -8.35 37.57
C SER H 117 12.22 -8.23 38.64
N ARG H 118 13.44 -8.01 38.18
CA ARG H 118 14.58 -7.80 39.06
C ARG H 118 15.43 -6.66 38.62
N VAL H 119 15.85 -5.88 39.58
CA VAL H 119 16.71 -4.76 39.31
C VAL H 119 17.99 -4.93 40.08
N MET H 120 19.11 -4.74 39.43
CA MET H 120 20.36 -4.90 40.16
C MET H 120 21.28 -3.73 39.90
N ILE H 121 21.92 -3.23 40.94
CA ILE H 121 22.79 -2.08 40.75
C ILE H 121 24.18 -2.34 41.28
N HIS H 122 25.19 -1.73 40.66
CA HIS H 122 26.56 -1.93 41.13
C HIS H 122 27.54 -0.89 40.62
N GLN H 123 28.68 -0.85 41.27
CA GLN H 123 29.89 -0.10 40.90
C GLN H 123 30.42 -0.46 39.51
N PRO H 124 30.82 0.50 38.65
CA PRO H 124 31.33 0.28 37.30
C PRO H 124 32.67 -0.42 37.26
N LEU H 125 32.89 -1.20 36.20
CA LEU H 125 34.11 -1.98 35.95
C LEU H 125 35.02 -1.38 34.90
N GLY H 126 36.29 -1.75 34.91
CA GLY H 126 37.22 -1.30 33.88
C GLY H 126 38.58 -1.95 34.05
N GLY H 127 39.61 -1.42 33.40
CA GLY H 127 40.95 -2.00 33.51
C GLY H 127 41.93 -1.35 32.55
N TYR H 128 43.20 -1.74 32.65
CA TYR H 128 44.27 -1.20 31.81
C TYR H 128 45.62 -1.88 31.97
N GLN H 129 46.43 -1.90 30.90
CA GLN H 129 47.81 -2.43 30.89
C GLN H 129 48.76 -1.41 30.29
N GLY H 130 49.93 -1.20 30.87
CA GLY H 130 50.85 -0.20 30.31
C GLY H 130 51.89 0.29 31.32
N GLN H 131 52.43 1.48 31.12
CA GLN H 131 53.46 1.94 32.04
C GLN H 131 52.81 2.43 33.29
N ALA H 132 53.52 2.47 34.42
CA ALA H 132 52.89 2.96 35.65
C ALA H 132 52.25 4.33 35.44
N THR H 133 52.85 5.15 34.63
CA THR H 133 52.36 6.48 34.29
C THR H 133 51.03 6.43 33.57
N ASP H 134 50.81 5.44 32.72
CA ASP H 134 49.58 5.41 31.96
C ASP H 134 48.51 4.83 32.85
N ILE H 135 48.90 3.95 33.75
CA ILE H 135 47.95 3.34 34.64
C ILE H 135 47.33 4.40 35.48
N GLU H 136 48.14 5.30 36.01
CA GLU H 136 47.60 6.36 36.81
C GLU H 136 46.57 7.16 36.06
N ILE H 137 46.85 7.49 34.82
CA ILE H 137 45.90 8.29 34.08
C ILE H 137 44.58 7.59 33.91
N HIS H 138 44.62 6.33 33.55
CA HIS H 138 43.37 5.63 33.36
C HIS H 138 42.64 5.36 34.67
N ALA H 139 43.37 5.12 35.76
CA ALA H 139 42.68 4.92 37.02
C ALA H 139 41.92 6.15 37.42
N ARG H 140 42.49 7.33 37.19
CA ARG H 140 41.79 8.52 37.56
C ARG H 140 40.53 8.68 36.79
N GLU H 141 40.54 8.37 35.51
CA GLU H 141 39.32 8.56 34.78
C GLU H 141 38.23 7.62 35.24
N ILE H 142 38.53 6.37 35.55
CA ILE H 142 37.40 5.54 35.97
C ILE H 142 36.82 6.01 37.28
N LEU H 143 37.66 6.50 38.18
CA LEU H 143 37.11 6.98 39.43
C LEU H 143 36.22 8.18 39.22
N LYS H 144 36.58 9.06 38.30
CA LYS H 144 35.73 10.19 38.03
C LYS H 144 34.38 9.73 37.54
N VAL H 145 34.36 8.70 36.69
CA VAL H 145 33.10 8.20 36.20
C VAL H 145 32.28 7.61 37.31
N LYS H 146 32.90 6.85 38.19
CA LYS H 146 32.16 6.28 39.29
C LYS H 146 31.46 7.38 40.07
N GLY H 147 32.20 8.45 40.38
CA GLY H 147 31.61 9.51 41.15
C GLY H 147 30.43 10.12 40.44
N ARG H 148 30.54 10.33 39.15
CA ARG H 148 29.44 10.95 38.45
C ARG H 148 28.22 10.07 38.41
N MET H 149 28.39 8.78 38.23
CA MET H 149 27.22 7.92 38.17
C MET H 149 26.50 7.92 39.51
N ASN H 150 27.24 8.03 40.62
CA ASN H 150 26.58 8.04 41.91
C ASN H 150 25.77 9.28 42.11
N GLU H 151 26.26 10.41 41.61
CA GLU H 151 25.50 11.61 41.76
C GLU H 151 24.21 11.54 41.03
N LEU H 152 24.23 10.96 39.84
CA LEU H 152 22.99 10.87 39.10
C LEU H 152 22.02 9.90 39.77
N MET H 153 22.51 8.80 40.36
CA MET H 153 21.58 7.94 41.08
C MET H 153 20.95 8.68 42.24
N ALA H 154 21.74 9.43 42.99
CA ALA H 154 21.16 10.12 44.12
C ALA H 154 20.13 11.11 43.64
N LEU H 155 20.41 11.79 42.54
CA LEU H 155 19.49 12.75 42.03
C LEU H 155 18.17 12.14 41.64
N HIS H 156 18.21 11.05 40.90
CA HIS H 156 16.97 10.46 40.43
C HIS H 156 16.23 9.61 41.45
N THR H 157 16.91 9.04 42.43
CA THR H 157 16.21 8.20 43.40
C THR H 157 15.79 8.88 44.68
N GLY H 158 16.44 9.96 45.08
CA GLY H 158 16.06 10.62 46.32
C GLY H 158 16.85 10.11 47.51
N GLN H 159 17.80 9.24 47.27
CA GLN H 159 18.63 8.71 48.32
C GLN H 159 19.73 9.72 48.57
N SER H 160 20.33 9.70 49.74
CA SER H 160 21.44 10.59 49.98
C SER H 160 22.60 10.08 49.19
N LEU H 161 23.61 10.89 48.97
CA LEU H 161 24.72 10.39 48.19
C LEU H 161 25.48 9.29 48.90
N GLU H 162 25.68 9.41 50.20
CA GLU H 162 26.41 8.41 50.93
C GLU H 162 25.68 7.10 50.92
N GLN H 163 24.36 7.14 50.95
CA GLN H 163 23.62 5.91 50.90
C GLN H 163 23.84 5.25 49.56
N ILE H 164 23.88 6.05 48.50
CA ILE H 164 24.16 5.46 47.21
C ILE H 164 25.53 4.90 47.17
N GLU H 165 26.52 5.57 47.71
CA GLU H 165 27.83 4.96 47.63
C GLU H 165 27.90 3.64 48.37
N ARG H 166 27.32 3.54 49.54
CA ARG H 166 27.42 2.28 50.25
C ARG H 166 26.74 1.16 49.53
N ASP H 167 25.59 1.44 48.95
CA ASP H 167 24.80 0.43 48.31
C ASP H 167 25.30 -0.08 47.00
N THR H 168 26.33 0.52 46.43
CA THR H 168 26.79 0.03 45.16
C THR H 168 28.16 -0.58 45.27
N GLU H 169 28.74 -0.66 46.46
CA GLU H 169 30.08 -1.21 46.47
C GLU H 169 30.11 -2.61 45.88
N ARG H 170 29.12 -3.43 46.21
CA ARG H 170 29.00 -4.76 45.68
C ARG H 170 27.59 -4.90 45.18
N ASP H 171 27.35 -5.79 44.25
CA ASP H 171 26.04 -5.93 43.66
C ASP H 171 24.90 -6.04 44.64
N ARG H 172 23.87 -5.28 44.38
CA ARG H 172 22.69 -5.32 45.19
C ARG H 172 21.51 -5.67 44.36
N PHE H 173 20.75 -6.67 44.77
CA PHE H 173 19.57 -7.06 44.00
C PHE H 173 18.32 -6.60 44.69
N LEU H 174 17.38 -6.05 43.93
CA LEU H 174 16.12 -5.60 44.47
C LEU H 174 14.93 -6.26 43.78
N SER H 175 13.93 -6.67 44.53
CA SER H 175 12.72 -7.24 43.93
C SER H 175 11.83 -6.10 43.51
N ALA H 176 10.79 -6.36 42.73
CA ALA H 176 9.97 -5.22 42.30
C ALA H 176 9.49 -4.38 43.49
N PRO H 177 8.94 -4.91 44.61
CA PRO H 177 8.56 -4.11 45.75
C PRO H 177 9.70 -3.35 46.42
N GLU H 178 10.93 -3.79 46.25
CA GLU H 178 12.01 -3.10 46.91
C GLU H 178 12.44 -1.97 46.02
N ALA H 179 12.29 -2.15 44.72
CA ALA H 179 12.64 -1.10 43.81
C ALA H 179 11.74 0.07 44.10
N VAL H 180 10.49 -0.22 44.44
CA VAL H 180 9.56 0.85 44.75
C VAL H 180 9.95 1.53 46.05
N GLU H 181 10.26 0.78 47.10
CA GLU H 181 10.63 1.43 48.34
C GLU H 181 11.92 2.20 48.25
N TYR H 182 12.88 1.67 47.52
CA TYR H 182 14.18 2.29 47.38
C TYR H 182 14.04 3.56 46.57
N GLY H 183 13.09 3.58 45.64
CA GLY H 183 12.88 4.74 44.82
C GLY H 183 13.37 4.58 43.40
N LEU H 184 13.63 3.38 42.95
CA LEU H 184 14.09 3.26 41.60
C LEU H 184 12.90 3.41 40.69
N VAL H 185 11.74 2.95 41.12
CA VAL H 185 10.53 3.09 40.30
C VAL H 185 9.43 3.69 41.14
N ASP H 186 8.35 4.11 40.52
CA ASP H 186 7.26 4.68 41.26
C ASP H 186 6.21 3.64 41.60
N SER H 187 5.96 2.68 40.70
CA SER H 187 4.90 1.70 40.98
C SER H 187 5.00 0.39 40.20
N ILE H 188 4.18 -0.57 40.59
CA ILE H 188 4.14 -1.87 39.96
C ILE H 188 2.85 -2.13 39.24
N LEU H 189 2.94 -2.51 37.98
CA LEU H 189 1.72 -2.79 37.21
C LEU H 189 1.27 -4.17 37.57
N THR H 190 -0.02 -4.46 37.57
CA THR H 190 -0.47 -5.82 37.90
C THR H 190 -1.34 -6.40 36.83
N HIS H 191 -2.57 -5.94 36.78
CA HIS H 191 -3.52 -6.40 35.79
C HIS H 191 -4.16 -5.23 35.13
N ARG H 192 -4.59 -5.40 33.89
CA ARG H 192 -5.30 -4.33 33.25
C ARG H 192 -6.67 -4.18 33.88
N ALA I 1 13.17 -6.52 11.96
CA ALA I 1 13.52 -5.14 12.22
C ALA I 1 14.81 -4.90 12.94
N LEU I 2 15.94 -5.06 12.30
CA LEU I 2 17.12 -4.59 13.00
C LEU I 2 16.97 -3.08 13.07
N VAL I 3 16.49 -2.50 11.97
CA VAL I 3 16.26 -1.08 11.83
C VAL I 3 14.77 -0.89 11.45
N PRO I 4 13.96 -0.15 12.19
CA PRO I 4 12.54 0.07 11.98
C PRO I 4 12.28 0.99 10.82
N MET I 5 11.08 0.89 10.26
CA MET I 5 10.61 1.76 9.19
C MET I 5 9.76 2.89 9.72
N VAL I 6 9.74 4.00 9.03
CA VAL I 6 8.87 5.10 9.36
C VAL I 6 8.07 5.53 8.13
N ILE I 7 6.92 6.17 8.34
CA ILE I 7 6.04 6.62 7.26
C ILE I 7 5.91 8.13 7.24
N GLU I 8 5.91 8.75 6.04
CA GLU I 8 5.69 10.20 6.07
C GLU I 8 4.74 10.71 4.97
N GLN I 9 3.88 11.64 5.37
CA GLN I 9 2.96 12.24 4.42
C GLN I 9 3.55 13.46 3.75
N THR I 10 3.43 13.51 2.41
CA THR I 10 3.94 14.63 1.64
C THR I 10 2.83 15.18 0.74
N SER I 11 2.78 14.63 -0.47
CA SER I 11 1.82 14.99 -1.51
C SER I 11 0.96 13.76 -1.74
N ARG I 12 1.51 12.80 -2.48
CA ARG I 12 0.83 11.51 -2.67
C ARG I 12 0.70 10.80 -1.31
N GLY I 13 1.71 10.96 -0.46
CA GLY I 13 1.71 10.38 0.87
C GLY I 13 2.28 8.98 0.95
N GLU I 14 1.99 8.32 2.07
CA GLU I 14 2.57 7.03 2.39
C GLU I 14 4.06 7.19 2.55
N ARG I 15 4.74 6.88 1.44
CA ARG I 15 6.21 6.93 1.22
C ARG I 15 6.96 6.50 2.47
N SER I 16 7.12 5.20 2.67
CA SER I 16 7.81 4.66 3.87
C SER I 16 9.30 4.41 3.66
N PHE I 17 10.15 5.18 4.35
CA PHE I 17 11.62 5.03 4.22
C PHE I 17 12.19 4.31 5.45
N ASP I 18 13.51 4.23 5.55
CA ASP I 18 14.19 3.56 6.70
C ASP I 18 14.32 4.55 7.85
N ILE I 19 14.75 4.06 9.03
CA ILE I 19 14.92 4.93 10.23
C ILE I 19 16.16 5.81 10.05
N TYR I 20 17.04 5.44 9.10
CA TYR I 20 18.25 6.20 8.84
C TYR I 20 18.15 7.00 7.56
N SER I 21 17.32 6.58 6.63
CA SER I 21 17.19 7.30 5.39
C SER I 21 16.28 8.47 5.65
N ARG I 22 15.37 8.31 6.59
CA ARG I 22 14.49 9.37 6.98
C ARG I 22 15.31 10.50 7.56
N LEU I 23 16.34 10.17 8.32
CA LEU I 23 17.21 11.19 8.88
C LEU I 23 18.19 11.74 7.85
N LEU I 24 18.65 10.97 6.89
CA LEU I 24 19.56 11.56 5.90
C LEU I 24 18.83 12.67 5.18
N LYS I 25 17.54 12.45 4.94
CA LYS I 25 16.68 13.46 4.27
C LYS I 25 16.63 14.74 5.11
N GLU I 26 16.87 14.60 6.43
CA GLU I 26 16.86 15.75 7.37
C GLU I 26 18.29 16.25 7.58
N ARG I 27 19.15 16.04 6.57
CA ARG I 27 20.52 16.45 6.59
C ARG I 27 21.23 16.05 7.88
N VAL I 28 20.94 14.84 8.37
CA VAL I 28 21.58 14.27 9.53
C VAL I 28 22.42 13.04 9.21
N ILE I 29 23.70 13.09 9.56
CA ILE I 29 24.66 12.02 9.37
C ILE I 29 25.25 11.53 10.68
N PHE I 30 25.27 10.23 10.91
CA PHE I 30 25.89 9.73 12.14
C PHE I 30 27.23 9.10 11.86
N LEU I 31 28.20 9.35 12.70
CA LEU I 31 29.50 8.74 12.62
C LEU I 31 29.77 7.88 13.82
N THR I 32 29.79 6.57 13.66
CA THR I 32 30.07 5.75 14.84
C THR I 32 30.90 4.54 14.55
N GLY I 33 31.36 3.88 15.61
CA GLY I 33 32.20 2.71 15.47
C GLY I 33 33.62 3.18 15.27
N GLN I 34 34.49 2.35 14.72
CA GLN I 34 35.88 2.72 14.53
C GLN I 34 35.95 3.48 13.26
N VAL I 35 36.86 4.41 13.12
CA VAL I 35 36.95 5.04 11.82
C VAL I 35 37.93 4.27 10.97
N GLU I 36 37.39 3.63 9.91
CA GLU I 36 38.23 2.77 9.03
C GLU I 36 38.28 3.34 7.61
N ASP I 37 38.22 2.45 6.62
CA ASP I 37 38.29 2.86 5.18
C ASP I 37 36.94 2.61 4.48
N HIS I 38 36.19 1.58 4.89
CA HIS I 38 34.93 1.32 4.19
C HIS I 38 33.83 2.16 4.73
N MET I 39 33.84 2.37 6.02
CA MET I 39 32.86 3.22 6.62
C MET I 39 33.13 4.68 6.32
N ALA I 40 34.37 5.14 6.41
CA ALA I 40 34.63 6.55 6.16
C ALA I 40 34.21 6.91 4.78
N ASN I 41 34.40 6.03 3.84
CA ASN I 41 33.98 6.28 2.49
C ASN I 41 32.50 6.55 2.35
N LEU I 42 31.69 5.98 3.22
CA LEU I 42 30.28 6.19 3.11
C LEU I 42 29.94 7.55 3.66
N ILE I 43 30.68 7.98 4.67
CA ILE I 43 30.38 9.27 5.26
C ILE I 43 30.63 10.29 4.19
N VAL I 44 31.69 10.13 3.43
CA VAL I 44 31.97 11.06 2.38
C VAL I 44 30.90 11.01 1.31
N ALA I 45 30.47 9.83 0.89
CA ALA I 45 29.43 9.83 -0.12
C ALA I 45 28.19 10.58 0.36
N GLN I 46 27.85 10.45 1.63
CA GLN I 46 26.69 11.17 2.13
C GLN I 46 26.92 12.66 2.12
N MET I 47 28.10 13.13 2.47
CA MET I 47 28.29 14.56 2.45
C MET I 47 28.25 15.12 1.05
N LEU I 48 28.79 14.41 0.07
CA LEU I 48 28.76 14.96 -1.28
C LEU I 48 27.34 15.03 -1.76
N PHE I 49 26.55 14.03 -1.44
CA PHE I 49 25.16 14.04 -1.82
C PHE I 49 24.44 15.22 -1.26
N LEU I 50 24.59 15.46 0.03
CA LEU I 50 23.85 16.55 0.61
C LEU I 50 24.29 17.90 0.06
N GLU I 51 25.58 18.04 -0.23
CA GLU I 51 26.14 19.31 -0.78
C GLU I 51 25.47 19.60 -2.12
N ALA I 52 25.26 18.56 -2.94
CA ALA I 52 24.66 18.73 -4.29
C ALA I 52 23.15 18.95 -4.19
N GLU I 53 22.53 18.53 -3.08
CA GLU I 53 21.06 18.68 -2.89
C GLU I 53 20.73 20.15 -2.61
N ASN I 54 21.56 20.83 -1.82
CA ASN I 54 21.35 22.21 -1.46
C ASN I 54 22.58 22.81 -0.87
N PRO I 55 23.43 23.46 -1.64
CA PRO I 55 24.68 24.01 -1.23
C PRO I 55 24.58 25.06 -0.16
N GLU I 56 23.39 25.58 0.11
CA GLU I 56 23.26 26.63 1.11
C GLU I 56 22.83 26.16 2.50
N LYS I 57 22.57 24.88 2.71
CA LYS I 57 22.12 24.47 4.03
C LYS I 57 23.10 23.61 4.79
N ASP I 58 23.09 23.75 6.09
CA ASP I 58 23.98 23.01 6.96
C ASP I 58 23.71 21.53 7.01
N ILE I 59 24.76 20.79 7.32
CA ILE I 59 24.73 19.36 7.52
C ILE I 59 25.07 19.08 8.96
N TYR I 60 24.30 18.24 9.63
CA TYR I 60 24.60 17.95 11.02
C TYR I 60 25.27 16.60 11.14
N LEU I 61 26.42 16.55 11.79
CA LEU I 61 27.17 15.33 11.96
C LEU I 61 27.24 14.93 13.42
N TYR I 62 26.70 13.78 13.74
CA TYR I 62 26.64 13.29 15.12
C TYR I 62 27.78 12.34 15.35
N ILE I 63 28.62 12.65 16.30
CA ILE I 63 29.81 11.87 16.54
C ILE I 63 29.80 11.10 17.82
N ASN I 64 30.02 9.80 17.71
CA ASN I 64 30.13 8.92 18.86
C ASN I 64 31.11 7.79 18.56
N SER I 65 32.41 8.00 18.80
CA SER I 65 33.36 6.96 18.41
C SER I 65 34.67 7.02 19.19
N PRO I 66 35.29 5.85 19.46
CA PRO I 66 36.56 5.64 20.13
C PRO I 66 37.85 5.95 19.40
N GLY I 67 37.83 6.12 18.08
CA GLY I 67 39.10 6.35 17.41
C GLY I 67 39.12 5.71 16.05
N GLY I 68 40.29 5.56 15.46
CA GLY I 68 40.36 4.97 14.13
C GLY I 68 41.70 5.18 13.45
N VAL I 69 41.68 4.90 12.16
CA VAL I 69 42.80 4.96 11.25
C VAL I 69 43.01 6.41 10.85
N ILE I 70 44.22 6.93 10.94
CA ILE I 70 44.37 8.34 10.61
C ILE I 70 44.03 8.58 9.17
N THR I 71 44.50 7.77 8.28
CA THR I 71 44.19 8.01 6.89
C THR I 71 42.71 8.04 6.62
N ALA I 72 41.94 7.11 7.15
CA ALA I 72 40.53 7.14 6.86
C ALA I 72 39.92 8.41 7.39
N GLY I 73 40.33 8.80 8.59
CA GLY I 73 39.82 9.99 9.20
C GLY I 73 40.16 11.23 8.41
N MET I 74 41.32 11.27 7.76
CA MET I 74 41.65 12.46 7.00
C MET I 74 40.81 12.60 5.77
N SER I 75 40.31 11.51 5.19
CA SER I 75 39.48 11.75 4.02
C SER I 75 38.19 12.41 4.47
N ILE I 76 37.76 12.15 5.70
CA ILE I 76 36.56 12.80 6.19
C ILE I 76 36.89 14.25 6.45
N TYR I 77 38.01 14.49 7.08
CA TYR I 77 38.38 15.86 7.38
C TYR I 77 38.44 16.70 6.13
N ASP I 78 39.12 16.23 5.10
CA ASP I 78 39.21 17.08 3.93
C ASP I 78 37.89 17.28 3.24
N THR I 79 37.01 16.30 3.19
CA THR I 79 35.74 16.58 2.53
C THR I 79 35.02 17.66 3.26
N MET I 80 35.00 17.54 4.59
CA MET I 80 34.29 18.51 5.47
C MET I 80 34.77 19.95 5.23
N GLN I 81 36.00 20.12 4.72
CA GLN I 81 36.56 21.48 4.48
C GLN I 81 36.27 21.93 3.05
N PHE I 82 36.31 20.98 2.09
CA PHE I 82 36.07 21.27 0.69
C PHE I 82 34.65 21.70 0.36
N ILE I 83 33.68 20.98 0.88
CA ILE I 83 32.29 21.24 0.50
C ILE I 83 31.84 22.59 0.95
N LYS I 84 30.98 23.24 0.16
CA LYS I 84 30.51 24.56 0.50
C LYS I 84 29.75 24.79 1.83
N PRO I 85 28.67 24.08 2.18
CA PRO I 85 27.88 24.33 3.37
C PRO I 85 28.61 23.97 4.62
N ASP I 86 28.29 24.62 5.71
CA ASP I 86 28.87 24.29 7.00
C ASP I 86 28.45 22.95 7.54
N VAL I 87 29.38 22.30 8.20
CA VAL I 87 29.05 21.08 8.88
C VAL I 87 29.13 21.35 10.34
N SER I 88 28.05 21.10 11.02
CA SER I 88 27.96 21.31 12.44
C SER I 88 28.11 19.99 13.11
N THR I 89 29.09 19.87 13.98
CA THR I 89 29.36 18.62 14.64
C THR I 89 28.86 18.59 16.07
N ILE I 90 28.24 17.48 16.43
CA ILE I 90 27.71 17.30 17.77
C ILE I 90 28.29 16.05 18.41
N CYS I 91 28.88 16.22 19.59
CA CYS I 91 29.52 15.09 20.33
C CYS I 91 28.60 14.54 21.42
N MET I 92 28.19 13.27 21.26
CA MET I 92 27.35 12.53 22.24
C MET I 92 28.09 11.23 22.56
N GLY I 93 27.95 10.67 23.77
CA GLY I 93 28.72 9.48 24.03
C GLY I 93 30.18 9.92 24.12
N GLN I 94 31.04 9.46 23.22
CA GLN I 94 32.44 9.88 23.30
C GLN I 94 33.02 10.27 21.99
N ALA I 95 34.07 11.08 22.06
CA ALA I 95 34.85 11.42 20.91
C ALA I 95 36.30 11.27 21.28
N ALA I 96 36.90 10.14 20.93
CA ALA I 96 38.26 9.93 21.34
C ALA I 96 39.19 9.83 20.17
N SER I 97 40.40 10.31 20.37
CA SER I 97 41.45 10.18 19.40
C SER I 97 41.07 10.79 18.09
N MET I 98 41.00 9.99 17.04
CA MET I 98 40.62 10.57 15.76
C MET I 98 39.20 11.11 15.81
N GLY I 99 38.35 10.56 16.67
CA GLY I 99 37.00 11.06 16.76
C GLY I 99 37.03 12.48 17.29
N ALA I 100 37.90 12.77 18.25
CA ALA I 100 38.00 14.09 18.82
C ALA I 100 38.50 15.06 17.79
N PHE I 101 39.41 14.59 16.97
CA PHE I 101 39.95 15.43 15.93
C PHE I 101 38.88 15.87 14.97
N LEU I 102 38.06 14.95 14.50
CA LEU I 102 37.02 15.36 13.58
C LEU I 102 36.01 16.27 14.26
N LEU I 103 35.71 16.06 15.53
CA LEU I 103 34.75 16.92 16.22
C LEU I 103 35.14 18.38 16.18
N THR I 104 36.42 18.69 16.38
CA THR I 104 36.82 20.09 16.43
C THR I 104 36.92 20.70 15.07
N ALA I 105 36.73 19.90 14.03
CA ALA I 105 36.89 20.36 12.67
C ALA I 105 35.60 20.93 12.14
N GLY I 106 34.56 20.94 12.96
CA GLY I 106 33.28 21.45 12.50
C GLY I 106 33.34 22.96 12.37
N ALA I 107 32.30 23.53 11.79
CA ALA I 107 32.25 24.96 11.55
C ALA I 107 32.37 25.71 12.85
N LYS I 108 33.14 26.78 12.86
CA LYS I 108 33.33 27.52 14.09
C LYS I 108 32.05 28.12 14.58
N GLY I 109 31.74 27.92 15.87
CA GLY I 109 30.56 28.48 16.46
C GLY I 109 29.45 27.46 16.46
N LYS I 110 29.65 26.37 15.74
CA LYS I 110 28.65 25.34 15.64
C LYS I 110 29.11 24.00 16.19
N ARG I 111 30.11 24.02 17.06
CA ARG I 111 30.65 22.77 17.69
C ARG I 111 29.98 22.58 19.05
N PHE I 112 29.02 21.64 19.12
CA PHE I 112 28.28 21.38 20.39
C PHE I 112 28.72 20.03 20.97
N CYS I 113 28.21 19.72 22.18
CA CYS I 113 28.52 18.45 22.89
C CYS I 113 27.54 18.29 24.05
N LEU I 114 27.00 17.09 24.25
CA LEU I 114 26.04 16.85 25.31
C LEU I 114 26.78 16.83 26.64
N PRO I 115 26.15 17.18 27.77
CA PRO I 115 26.76 17.33 29.07
C PRO I 115 27.41 16.15 29.73
N ASN I 116 27.06 14.91 29.41
CA ASN I 116 27.75 13.83 30.09
C ASN I 116 28.74 13.13 29.20
N SER I 117 29.08 13.75 28.08
CA SER I 117 30.00 13.17 27.14
C SER I 117 31.44 13.30 27.58
N ARG I 118 32.31 12.61 26.86
CA ARG I 118 33.76 12.66 27.10
C ARG I 118 34.57 12.77 25.86
N VAL I 119 35.62 13.57 25.96
CA VAL I 119 36.53 13.76 24.87
C VAL I 119 37.94 13.39 25.28
N MET I 120 38.63 12.62 24.47
CA MET I 120 40.00 12.25 24.83
C MET I 120 40.96 12.44 23.68
N ILE I 121 42.13 13.02 23.97
CA ILE I 121 43.18 13.27 22.93
C ILE I 121 44.47 12.55 23.35
N HIS I 122 45.30 12.20 22.37
CA HIS I 122 46.59 11.49 22.64
C HIS I 122 47.50 11.62 21.41
N GLN I 123 48.64 10.92 21.44
CA GLN I 123 49.62 10.96 20.31
C GLN I 123 49.26 9.88 19.29
N PRO I 124 49.72 9.98 18.03
CA PRO I 124 49.41 8.96 17.01
C PRO I 124 50.23 7.69 17.22
N LEU I 125 49.60 6.53 17.00
CA LEU I 125 50.27 5.24 17.18
C LEU I 125 50.66 4.62 15.85
N GLY I 126 51.66 3.75 15.86
CA GLY I 126 52.06 3.04 14.64
C GLY I 126 53.17 2.04 14.92
N GLY I 127 53.82 1.54 13.88
CA GLY I 127 54.88 0.55 14.06
C GLY I 127 55.40 0.02 12.74
N TYR I 128 56.41 -0.86 12.81
CA TYR I 128 57.04 -1.44 11.62
C TYR I 128 58.10 -2.50 11.91
N GLN I 129 58.32 -3.40 10.95
CA GLN I 129 59.37 -4.44 11.00
C GLN I 129 60.15 -4.44 9.70
N GLY I 130 61.47 -4.59 9.74
CA GLY I 130 62.22 -4.59 8.48
C GLY I 130 63.70 -4.30 8.65
N GLN I 131 64.37 -3.86 7.60
CA GLN I 131 65.80 -3.62 7.72
C GLN I 131 66.03 -2.31 8.40
N ALA I 132 67.17 -2.08 9.01
CA ALA I 132 67.37 -0.79 9.68
C ALA I 132 67.08 0.38 8.73
N THR I 133 67.40 0.23 7.46
CA THR I 133 67.09 1.26 6.47
C THR I 133 65.61 1.52 6.31
N ASP I 134 64.77 0.51 6.41
CA ASP I 134 63.37 0.72 6.18
C ASP I 134 62.77 1.27 7.43
N ILE I 135 63.36 0.88 8.58
CA ILE I 135 62.87 1.34 9.91
C ILE I 135 63.01 2.86 10.01
N GLU I 136 64.11 3.41 9.47
CA GLU I 136 64.35 4.87 9.51
C GLU I 136 63.41 5.59 8.55
N ILE I 137 63.06 4.93 7.43
CA ILE I 137 62.16 5.53 6.41
C ILE I 137 60.75 5.65 7.00
N HIS I 138 60.27 4.60 7.66
CA HIS I 138 58.96 4.59 8.25
C HIS I 138 58.91 5.43 9.51
N ALA I 139 59.97 5.47 10.29
CA ALA I 139 59.95 6.29 11.47
C ALA I 139 59.81 7.75 11.09
N ARG I 140 60.48 8.21 10.05
CA ARG I 140 60.33 9.61 9.74
C ARG I 140 58.94 9.95 9.29
N GLU I 141 58.29 9.06 8.56
CA GLU I 141 56.94 9.38 8.14
C GLU I 141 56.00 9.48 9.31
N ILE I 142 56.11 8.63 10.32
CA ILE I 142 55.14 8.81 11.39
C ILE I 142 55.39 10.09 12.11
N LEU I 143 56.63 10.52 12.25
CA LEU I 143 56.85 11.76 12.93
C LEU I 143 56.31 12.93 12.13
N LYS I 144 56.40 12.91 10.80
CA LYS I 144 55.82 14.01 10.07
C LYS I 144 54.33 14.07 10.27
N VAL I 145 53.68 12.91 10.33
CA VAL I 145 52.25 12.93 10.54
C VAL I 145 51.93 13.50 11.89
N LYS I 146 52.65 13.12 12.91
CA LYS I 146 52.39 13.69 14.20
C LYS I 146 52.46 15.19 14.18
N GLY I 147 53.49 15.73 13.54
CA GLY I 147 53.63 17.18 13.49
C GLY I 147 52.45 17.83 12.78
N ARG I 148 51.99 17.22 11.70
CA ARG I 148 50.88 17.81 10.98
C ARG I 148 49.61 17.79 11.79
N MET I 149 49.38 16.73 12.53
CA MET I 149 48.17 16.67 13.31
C MET I 149 48.20 17.74 14.39
N ASN I 150 49.37 18.03 14.95
CA ASN I 150 49.40 19.03 16.00
C ASN I 150 49.10 20.41 15.45
N GLU I 151 49.55 20.70 14.24
CA GLU I 151 49.27 22.01 13.68
C GLU I 151 47.81 22.20 13.45
N LEU I 152 47.11 21.17 12.99
CA LEU I 152 45.69 21.32 12.76
C LEU I 152 44.96 21.47 14.09
N MET I 153 45.40 20.81 15.15
CA MET I 153 44.78 21.04 16.44
C MET I 153 44.95 22.49 16.87
N ALA I 154 46.14 23.04 16.73
CA ALA I 154 46.32 24.41 17.15
C ALA I 154 45.44 25.34 16.32
N LEU I 155 45.31 25.07 15.04
CA LEU I 155 44.49 25.90 14.19
C LEU I 155 43.06 25.93 14.61
N HIS I 156 42.49 24.77 14.88
CA HIS I 156 41.10 24.69 15.24
C HIS I 156 40.78 25.01 16.69
N THR I 157 41.75 24.91 17.60
CA THR I 157 41.42 25.17 18.99
C THR I 157 41.88 26.52 19.51
N GLY I 158 42.87 27.15 18.90
CA GLY I 158 43.31 28.44 19.40
C GLY I 158 44.41 28.33 20.41
N GLN I 159 44.83 27.12 20.70
CA GLN I 159 45.90 26.89 21.63
C GLN I 159 47.19 27.11 20.88
N SER I 160 48.26 27.43 21.56
CA SER I 160 49.52 27.58 20.86
C SER I 160 49.98 26.21 20.44
N LEU I 161 50.93 26.13 19.52
CA LEU I 161 51.35 24.81 19.11
C LEU I 161 52.03 24.05 20.23
N GLU I 162 52.86 24.71 21.01
CA GLU I 162 53.55 24.06 22.11
C GLU I 162 52.58 23.56 23.15
N GLN I 163 51.50 24.28 23.36
CA GLN I 163 50.55 23.79 24.32
C GLN I 163 49.94 22.52 23.79
N ILE I 164 49.66 22.47 22.49
CA ILE I 164 49.12 21.25 21.94
C ILE I 164 50.10 20.15 22.07
N GLU I 165 51.38 20.45 21.84
CA GLU I 165 52.48 19.44 21.91
C GLU I 165 52.52 18.78 23.28
N ARG I 166 52.32 19.54 24.36
CA ARG I 166 52.39 18.99 25.69
C ARG I 166 51.16 18.18 26.04
N ASP I 167 50.00 18.64 25.61
CA ASP I 167 48.77 18.00 25.96
C ASP I 167 48.45 16.71 25.23
N THR I 168 49.33 16.31 24.30
CA THR I 168 49.12 15.08 23.51
C THR I 168 50.16 14.02 23.87
N GLU I 169 51.08 14.37 24.81
CA GLU I 169 52.13 13.41 25.25
C GLU I 169 51.46 12.09 25.66
N ARG I 170 50.59 12.14 26.67
CA ARG I 170 49.87 10.94 27.17
C ARG I 170 48.36 11.17 26.98
N ASP I 171 47.56 10.12 27.13
CA ASP I 171 46.12 10.25 26.98
C ASP I 171 45.59 11.32 27.89
N ARG I 172 44.84 12.24 27.35
CA ARG I 172 44.29 13.30 28.17
C ARG I 172 42.80 13.32 28.09
N PHE I 173 42.13 13.22 29.22
CA PHE I 173 40.66 13.17 29.23
C PHE I 173 40.05 14.49 29.66
N LEU I 174 39.04 14.93 28.91
CA LEU I 174 38.34 16.17 29.16
C LEU I 174 36.83 15.97 29.29
N SER I 175 36.22 16.55 30.32
CA SER I 175 34.78 16.45 30.52
C SER I 175 34.10 17.47 29.62
N ALA I 176 32.80 17.41 29.44
CA ALA I 176 32.20 18.37 28.51
C ALA I 176 32.55 19.83 28.86
N PRO I 177 32.50 20.32 30.11
CA PRO I 177 32.89 21.66 30.46
C PRO I 177 34.34 21.96 30.18
N GLU I 178 35.20 20.96 30.09
CA GLU I 178 36.60 21.20 29.84
C GLU I 178 36.80 21.32 28.36
N ALA I 179 35.97 20.63 27.60
CA ALA I 179 36.06 20.73 26.16
C ALA I 179 35.73 22.16 25.79
N VAL I 180 34.78 22.77 26.51
CA VAL I 180 34.44 24.15 26.21
C VAL I 180 35.57 25.09 26.64
N GLU I 181 36.10 24.91 27.83
CA GLU I 181 37.19 25.76 28.27
C GLU I 181 38.43 25.66 27.41
N TYR I 182 38.78 24.45 27.03
CA TYR I 182 39.97 24.17 26.26
C TYR I 182 39.83 24.73 24.87
N GLY I 183 38.65 24.62 24.29
CA GLY I 183 38.45 25.11 22.96
C GLY I 183 38.15 24.01 21.97
N LEU I 184 37.66 22.87 22.41
CA LEU I 184 37.35 21.84 21.44
C LEU I 184 35.94 22.04 20.96
N VAL I 185 35.05 22.52 21.82
CA VAL I 185 33.69 22.76 21.38
C VAL I 185 33.33 24.15 21.79
N ASP I 186 32.29 24.71 21.20
CA ASP I 186 31.89 26.02 21.53
C ASP I 186 30.87 26.03 22.66
N SER I 187 30.01 25.03 22.72
CA SER I 187 28.98 25.03 23.76
C SER I 187 28.39 23.66 24.09
N ILE I 188 27.63 23.62 25.18
CA ILE I 188 26.96 22.42 25.64
C ILE I 188 25.47 22.53 25.48
N LEU I 189 24.85 21.55 24.85
CA LEU I 189 23.40 21.59 24.67
C LEU I 189 22.81 21.09 25.96
N THR I 190 21.63 21.56 26.35
CA THR I 190 21.05 21.10 27.61
C THR I 190 19.65 20.56 27.43
N HIS I 191 18.70 21.46 27.24
CA HIS I 191 17.32 21.07 27.04
C HIS I 191 16.71 21.75 25.85
N ARG I 192 15.79 21.06 25.21
CA ARG I 192 15.05 21.60 24.12
C ARG I 192 14.42 22.92 24.50
N ALA J 1 20.56 -0.76 7.49
CA ALA J 1 20.83 0.49 6.80
C ALA J 1 22.29 0.75 6.71
N LEU J 2 23.06 -0.22 6.27
CA LEU J 2 24.47 0.08 6.15
C LEU J 2 24.67 1.15 5.12
N VAL J 3 23.86 1.09 4.07
CA VAL J 3 23.91 2.08 3.02
C VAL J 3 22.50 2.67 2.91
N PRO J 4 22.31 3.98 3.08
CA PRO J 4 21.04 4.67 3.06
C PRO J 4 20.49 4.85 1.68
N MET J 5 19.19 5.10 1.62
CA MET J 5 18.49 5.39 0.37
C MET J 5 18.27 6.87 0.19
N VAL J 6 18.27 7.32 -1.05
CA VAL J 6 17.95 8.70 -1.37
C VAL J 6 16.83 8.76 -2.40
N ILE J 7 16.12 9.89 -2.46
CA ILE J 7 14.99 10.09 -3.36
C ILE J 7 15.26 11.21 -4.36
N GLU J 8 14.86 11.05 -5.61
CA GLU J 8 15.04 12.15 -6.56
C GLU J 8 13.79 12.32 -7.39
N GLN J 9 13.50 13.53 -7.85
CA GLN J 9 12.32 13.70 -8.69
C GLN J 9 12.70 14.07 -10.10
N THR J 10 12.05 13.44 -11.06
CA THR J 10 12.25 13.70 -12.48
C THR J 10 10.92 14.07 -13.16
N SER J 11 10.20 13.06 -13.62
CA SER J 11 8.94 13.22 -14.36
C SER J 11 7.77 12.90 -13.44
N ARG J 12 7.55 11.61 -13.20
CA ARG J 12 6.45 11.16 -12.36
C ARG J 12 6.85 10.92 -10.92
N GLY J 13 8.15 10.85 -10.67
CA GLY J 13 8.67 10.66 -9.29
C GLY J 13 9.05 9.23 -8.99
N GLU J 14 8.99 8.86 -7.70
CA GLU J 14 9.33 7.50 -7.21
C GLU J 14 10.77 7.14 -7.64
N ARG J 15 10.97 5.91 -8.09
CA ARG J 15 12.31 5.44 -8.54
C ARG J 15 13.37 5.77 -7.48
N SER J 16 13.21 5.23 -6.26
CA SER J 16 14.18 5.46 -5.17
C SER J 16 15.42 4.58 -5.42
N PHE J 17 16.61 5.04 -5.02
CA PHE J 17 17.83 4.23 -5.25
C PHE J 17 18.76 4.38 -4.04
N ASP J 18 19.84 3.58 -4.03
CA ASP J 18 20.85 3.59 -2.93
C ASP J 18 21.79 4.80 -3.08
N ILE J 19 22.60 5.06 -2.04
CA ILE J 19 23.53 6.23 -2.01
C ILE J 19 24.65 6.07 -3.05
N TYR J 20 24.97 4.85 -3.47
CA TYR J 20 26.05 4.67 -4.41
C TYR J 20 25.55 4.65 -5.83
N SER J 21 24.31 4.25 -6.04
CA SER J 21 23.77 4.20 -7.38
C SER J 21 23.47 5.63 -7.77
N ARG J 22 23.07 6.42 -6.78
CA ARG J 22 22.76 7.81 -7.00
C ARG J 22 23.98 8.55 -7.46
N LEU J 23 25.15 8.21 -6.93
CA LEU J 23 26.36 8.88 -7.38
C LEU J 23 26.87 8.29 -8.68
N LEU J 24 26.63 7.02 -8.96
CA LEU J 24 27.07 6.50 -10.25
C LEU J 24 26.38 7.28 -11.33
N LYS J 25 25.14 7.65 -11.09
CA LYS J 25 24.34 8.43 -12.01
C LYS J 25 25.00 9.77 -12.38
N GLU J 26 25.84 10.27 -11.46
CA GLU J 26 26.56 11.56 -11.59
C GLU J 26 27.98 11.29 -12.09
N ARG J 27 28.15 10.11 -12.70
CA ARG J 27 29.39 9.63 -13.28
C ARG J 27 30.53 9.65 -12.30
N VAL J 28 30.23 9.28 -11.04
CA VAL J 28 31.22 9.17 -9.99
C VAL J 28 31.44 7.74 -9.54
N ILE J 29 32.69 7.30 -9.61
CA ILE J 29 33.09 5.97 -9.20
C ILE J 29 34.04 6.00 -8.03
N PHE J 30 33.83 5.19 -7.01
CA PHE J 30 34.76 5.16 -5.89
C PHE J 30 35.59 3.90 -5.92
N LEU J 31 36.87 4.02 -5.64
CA LEU J 31 37.79 2.89 -5.51
C LEU J 31 38.45 2.84 -4.16
N THR J 32 38.03 1.90 -3.32
CA THR J 32 38.59 1.80 -1.98
C THR J 32 38.94 0.38 -1.63
N GLY J 33 39.71 0.20 -0.57
CA GLY J 33 40.07 -1.15 -0.13
C GLY J 33 41.26 -1.64 -0.92
N GLN J 34 41.54 -2.92 -0.89
CA GLN J 34 42.70 -3.47 -1.59
C GLN J 34 42.33 -3.66 -3.02
N VAL J 35 43.27 -3.55 -3.93
CA VAL J 35 42.93 -3.87 -5.30
C VAL J 35 43.07 -5.35 -5.53
N GLU J 36 41.94 -5.98 -5.86
CA GLU J 36 41.89 -7.43 -6.13
C GLU J 36 41.04 -7.67 -7.37
N ASP J 37 40.91 -8.93 -7.79
CA ASP J 37 40.11 -9.23 -8.96
C ASP J 37 38.62 -9.00 -8.92
N HIS J 38 37.95 -9.34 -7.83
CA HIS J 38 36.51 -9.19 -7.92
C HIS J 38 36.11 -7.75 -7.86
N MET J 39 36.81 -6.99 -7.07
CA MET J 39 36.54 -5.60 -7.03
C MET J 39 36.97 -4.90 -8.29
N ALA J 40 38.14 -5.22 -8.84
CA ALA J 40 38.58 -4.52 -10.03
C ALA J 40 37.62 -4.73 -11.15
N ASN J 41 37.06 -5.92 -11.24
CA ASN J 41 36.10 -6.19 -12.27
C ASN J 41 34.87 -5.31 -12.21
N LEU J 42 34.50 -4.86 -11.02
CA LEU J 42 33.33 -4.05 -10.90
C LEU J 42 33.66 -2.64 -11.31
N ILE J 43 34.86 -2.20 -11.02
CA ILE J 43 35.23 -0.85 -11.39
C ILE J 43 35.20 -0.80 -12.90
N VAL J 44 35.70 -1.84 -13.55
CA VAL J 44 35.65 -1.87 -15.00
C VAL J 44 34.22 -1.92 -15.51
N ALA J 45 33.36 -2.75 -14.94
CA ALA J 45 32.01 -2.76 -15.47
C ALA J 45 31.40 -1.38 -15.39
N GLN J 46 31.66 -0.64 -14.33
CA GLN J 46 31.10 0.68 -14.24
C GLN J 46 31.66 1.60 -15.27
N MET J 47 32.94 1.53 -15.56
CA MET J 47 33.45 2.43 -16.58
C MET J 47 32.90 2.09 -17.95
N LEU J 48 32.72 0.82 -18.27
CA LEU J 48 32.20 0.51 -19.60
C LEU J 48 30.78 1.03 -19.72
N PHE J 49 30.01 0.90 -18.66
CA PHE J 49 28.67 1.41 -18.64
C PHE J 49 28.61 2.90 -18.86
N LEU J 50 29.41 3.64 -18.12
CA LEU J 50 29.32 5.06 -18.28
C LEU J 50 29.74 5.50 -19.66
N GLU J 51 30.72 4.83 -20.26
CA GLU J 51 31.11 5.21 -21.60
C GLU J 51 29.94 5.10 -22.54
N ALA J 52 29.22 3.99 -22.45
CA ALA J 52 28.09 3.76 -23.32
C ALA J 52 27.01 4.81 -23.13
N GLU J 53 26.80 5.23 -21.88
CA GLU J 53 25.76 6.25 -21.55
C GLU J 53 26.06 7.57 -22.26
N ASN J 54 27.32 8.01 -22.27
CA ASN J 54 27.68 9.28 -22.86
C ASN J 54 29.17 9.38 -23.09
N PRO J 55 29.65 9.04 -24.28
CA PRO J 55 31.03 9.03 -24.64
C PRO J 55 31.75 10.36 -24.54
N GLU J 56 31.04 11.46 -24.41
CA GLU J 56 31.73 12.73 -24.36
C GLU J 56 31.92 13.31 -22.97
N LYS J 57 31.43 12.67 -21.93
CA LYS J 57 31.56 13.33 -20.63
C LYS J 57 32.51 12.66 -19.67
N ASP J 58 33.18 13.48 -18.89
CA ASP J 58 34.15 12.99 -17.92
C ASP J 58 33.58 12.09 -16.88
N ILE J 59 34.40 11.14 -16.47
CA ILE J 59 34.13 10.18 -15.41
C ILE J 59 35.05 10.51 -14.26
N TYR J 60 34.48 10.64 -13.06
CA TYR J 60 35.30 11.01 -11.87
C TYR J 60 35.61 9.76 -11.04
N LEU J 61 36.90 9.50 -10.78
CA LEU J 61 37.26 8.34 -9.99
C LEU J 61 37.89 8.78 -8.70
N TYR J 62 37.26 8.40 -7.58
CA TYR J 62 37.80 8.70 -6.23
C TYR J 62 38.75 7.56 -5.85
N ILE J 63 39.98 7.89 -5.44
CA ILE J 63 40.97 6.82 -5.12
C ILE J 63 41.46 6.93 -3.66
N ASN J 64 41.08 5.95 -2.84
CA ASN J 64 41.53 5.87 -1.47
C ASN J 64 41.92 4.46 -1.13
N SER J 65 43.13 4.04 -1.40
CA SER J 65 43.48 2.64 -1.20
C SER J 65 44.96 2.43 -0.90
N PRO J 66 45.30 1.43 -0.07
CA PRO J 66 46.62 1.00 0.31
C PRO J 66 47.44 0.24 -0.70
N GLY J 67 46.86 -0.22 -1.80
CA GLY J 67 47.65 -1.00 -2.73
C GLY J 67 46.89 -2.20 -3.19
N GLY J 68 47.58 -3.22 -3.68
CA GLY J 68 46.89 -4.41 -4.15
C GLY J 68 47.67 -5.20 -5.17
N VAL J 69 46.97 -6.10 -5.84
CA VAL J 69 47.49 -7.01 -6.83
C VAL J 69 47.75 -6.30 -8.12
N ILE J 70 48.93 -6.42 -8.69
CA ILE J 70 49.18 -5.69 -9.92
C ILE J 70 48.32 -6.15 -11.05
N THR J 71 48.17 -7.43 -11.26
CA THR J 71 47.33 -7.85 -12.35
C THR J 71 45.95 -7.23 -12.27
N ALA J 72 45.31 -7.26 -11.12
CA ALA J 72 43.99 -6.70 -11.06
C ALA J 72 44.03 -5.22 -11.36
N GLY J 73 45.03 -4.54 -10.83
CA GLY J 73 45.16 -3.13 -11.07
C GLY J 73 45.41 -2.80 -12.51
N MET J 74 46.09 -3.67 -13.25
CA MET J 74 46.33 -3.34 -14.64
C MET J 74 45.06 -3.43 -15.44
N SER J 75 44.12 -4.27 -15.07
CA SER J 75 42.92 -4.27 -15.88
C SER J 75 42.21 -2.94 -15.74
N ILE J 76 42.33 -2.31 -14.58
CA ILE J 76 41.72 -1.00 -14.42
C ILE J 76 42.49 -0.01 -15.25
N TYR J 77 43.81 -0.06 -15.17
CA TYR J 77 44.63 0.86 -15.94
C TYR J 77 44.34 0.80 -17.42
N ASP J 78 44.31 -0.38 -18.00
CA ASP J 78 44.06 -0.44 -19.42
C ASP J 78 42.69 0.00 -19.80
N THR J 79 41.67 -0.26 -18.99
CA THR J 79 40.36 0.22 -19.37
C THR J 79 40.35 1.72 -19.39
N MET J 80 40.97 2.36 -18.41
CA MET J 80 40.94 3.79 -18.40
C MET J 80 41.55 4.36 -19.65
N GLN J 81 42.58 3.73 -20.19
CA GLN J 81 43.20 4.27 -21.38
C GLN J 81 42.42 3.98 -22.66
N PHE J 82 41.77 2.84 -22.71
CA PHE J 82 40.98 2.38 -23.84
C PHE J 82 39.70 3.15 -24.12
N ILE J 83 38.89 3.41 -23.10
CA ILE J 83 37.59 4.03 -23.33
C ILE J 83 37.69 5.46 -23.84
N LYS J 84 36.60 5.95 -24.45
CA LYS J 84 36.64 7.30 -25.00
C LYS J 84 36.68 8.54 -24.07
N PRO J 85 35.85 8.71 -23.04
CA PRO J 85 35.83 9.90 -22.21
C PRO J 85 37.03 9.97 -21.31
N ASP J 86 37.42 11.16 -20.92
CA ASP J 86 38.47 11.29 -19.93
C ASP J 86 38.10 10.79 -18.57
N VAL J 87 39.07 10.23 -17.87
CA VAL J 87 38.86 9.86 -16.50
C VAL J 87 39.69 10.76 -15.64
N SER J 88 39.04 11.48 -14.75
CA SER J 88 39.72 12.37 -13.85
C SER J 88 39.82 11.72 -12.52
N THR J 89 41.03 11.53 -12.04
CA THR J 89 41.24 10.84 -10.80
C THR J 89 41.51 11.79 -9.66
N ILE J 90 40.84 11.56 -8.53
CA ILE J 90 41.00 12.38 -7.35
C ILE J 90 41.42 11.57 -6.16
N CYS J 91 42.54 11.98 -5.54
CA CYS J 91 43.12 11.25 -4.38
C CYS J 91 42.71 11.92 -3.05
N MET J 92 42.17 11.10 -2.14
CA MET J 92 41.76 11.51 -0.77
C MET J 92 42.19 10.37 0.15
N GLY J 93 42.61 10.65 1.39
CA GLY J 93 43.08 9.53 2.18
C GLY J 93 44.43 9.17 1.61
N GLN J 94 44.57 7.98 1.07
CA GLN J 94 45.87 7.60 0.53
C GLN J 94 45.81 6.94 -0.81
N ALA J 95 46.89 7.03 -1.53
CA ALA J 95 47.06 6.29 -2.75
C ALA J 95 48.40 5.64 -2.68
N ALA J 96 48.46 4.41 -2.23
CA ALA J 96 49.76 3.79 -2.06
C ALA J 96 49.98 2.68 -3.03
N SER J 97 51.21 2.52 -3.45
CA SER J 97 51.60 1.41 -4.28
C SER J 97 50.80 1.37 -5.54
N MET J 98 50.02 0.34 -5.76
CA MET J 98 49.22 0.30 -6.97
C MET J 98 48.22 1.43 -7.00
N GLY J 99 47.79 1.92 -5.85
CA GLY J 99 46.85 3.01 -5.85
C GLY J 99 47.50 4.24 -6.46
N ALA J 100 48.76 4.50 -6.14
CA ALA J 100 49.44 5.65 -6.68
C ALA J 100 49.60 5.51 -8.16
N PHE J 101 49.84 4.30 -8.60
CA PHE J 101 50.01 4.07 -10.02
C PHE J 101 48.76 4.41 -10.77
N LEU J 102 47.62 3.96 -10.29
CA LEU J 102 46.41 4.30 -11.01
C LEU J 102 46.14 5.79 -10.91
N LEU J 103 46.45 6.43 -9.81
CA LEU J 103 46.20 7.86 -9.71
C LEU J 103 46.85 8.65 -10.82
N THR J 104 48.09 8.33 -11.15
CA THR J 104 48.79 9.13 -12.15
C THR J 104 48.37 8.77 -13.53
N ALA J 105 47.51 7.79 -13.68
CA ALA J 105 47.08 7.32 -14.98
C ALA J 105 45.86 8.07 -15.48
N GLY J 106 45.38 9.02 -14.70
CA GLY J 106 44.20 9.75 -15.13
C GLY J 106 44.56 10.73 -16.24
N ALA J 107 43.55 11.42 -16.76
CA ALA J 107 43.72 12.33 -17.87
C ALA J 107 44.64 13.46 -17.51
N LYS J 108 45.54 13.83 -18.39
CA LYS J 108 46.47 14.89 -18.07
C LYS J 108 45.79 16.19 -17.82
N GLY J 109 46.13 16.86 -16.72
CA GLY J 109 45.56 18.14 -16.40
C GLY J 109 44.39 17.98 -15.45
N LYS J 110 43.95 16.74 -15.27
CA LYS J 110 42.84 16.45 -14.42
C LYS J 110 43.18 15.55 -13.23
N ARG J 111 44.46 15.40 -12.87
CA ARG J 111 44.81 14.57 -11.71
C ARG J 111 44.88 15.43 -10.48
N PHE J 112 43.91 15.28 -9.58
CA PHE J 112 43.85 16.16 -8.39
C PHE J 112 43.81 15.34 -7.10
N CYS J 113 44.39 15.90 -6.05
CA CYS J 113 44.44 15.27 -4.71
C CYS J 113 44.10 16.33 -3.66
N LEU J 114 43.46 15.92 -2.57
CA LEU J 114 43.09 16.81 -1.49
C LEU J 114 44.36 17.11 -0.69
N PRO J 115 44.47 18.25 -0.01
CA PRO J 115 45.64 18.72 0.68
C PRO J 115 46.22 17.91 1.80
N ASN J 116 45.47 17.04 2.47
CA ASN J 116 46.12 16.29 3.53
C ASN J 116 46.34 14.84 3.17
N SER J 117 46.25 14.53 1.90
CA SER J 117 46.45 13.18 1.43
C SER J 117 47.91 12.76 1.39
N ARG J 118 48.13 11.47 1.18
CA ARG J 118 49.47 10.91 1.02
C ARG J 118 49.58 9.93 -0.11
N VAL J 119 50.68 10.01 -0.81
CA VAL J 119 50.95 9.12 -1.91
C VAL J 119 52.24 8.39 -1.65
N MET J 120 52.25 7.09 -1.82
CA MET J 120 53.49 6.36 -1.58
C MET J 120 53.80 5.41 -2.71
N ILE J 121 55.06 5.36 -3.15
CA ILE J 121 55.42 4.49 -4.27
C ILE J 121 56.57 3.53 -3.98
N HIS J 122 56.57 2.35 -4.59
CA HIS J 122 57.68 1.41 -4.40
C HIS J 122 57.73 0.37 -5.50
N GLN J 123 58.88 -0.28 -5.67
CA GLN J 123 59.04 -1.41 -6.61
C GLN J 123 58.12 -2.56 -6.24
N PRO J 124 57.66 -3.42 -7.16
CA PRO J 124 56.75 -4.51 -6.92
C PRO J 124 57.32 -5.59 -6.08
N LEU J 125 56.44 -6.26 -5.34
CA LEU J 125 56.78 -7.39 -4.47
C LEU J 125 56.33 -8.69 -5.09
N GLY J 126 56.93 -9.79 -4.69
CA GLY J 126 56.49 -11.09 -5.16
C GLY J 126 57.29 -12.20 -4.50
N GLY J 127 57.19 -13.42 -5.02
CA GLY J 127 57.91 -14.54 -4.42
C GLY J 127 57.58 -15.85 -5.10
N TYR J 128 58.23 -16.93 -4.67
CA TYR J 128 58.04 -18.26 -5.26
C TYR J 128 58.80 -19.37 -4.54
N GLN J 129 58.30 -20.61 -4.67
CA GLN J 129 58.95 -21.83 -4.16
C GLN J 129 59.00 -22.89 -5.24
N GLY J 130 60.08 -23.64 -5.36
CA GLY J 130 60.10 -24.65 -6.41
C GLY J 130 61.50 -25.10 -6.78
N GLN J 131 61.68 -25.66 -7.98
CA GLN J 131 63.00 -26.14 -8.34
C GLN J 131 63.85 -24.98 -8.77
N ALA J 132 65.17 -25.09 -8.73
CA ALA J 132 65.97 -23.96 -9.18
C ALA J 132 65.57 -23.51 -10.58
N THR J 133 65.20 -24.43 -11.46
CA THR J 133 64.74 -24.07 -12.80
C THR J 133 63.48 -23.21 -12.79
N ASP J 134 62.56 -23.45 -11.87
CA ASP J 134 61.32 -22.70 -11.86
C ASP J 134 61.56 -21.38 -11.22
N ILE J 135 62.49 -21.35 -10.30
CA ILE J 135 62.79 -20.11 -9.65
C ILE J 135 63.31 -19.16 -10.68
N GLU J 136 64.18 -19.61 -11.55
CA GLU J 136 64.68 -18.72 -12.57
C GLU J 136 63.56 -18.16 -13.44
N ILE J 137 62.61 -19.00 -13.84
CA ILE J 137 61.54 -18.49 -14.69
C ILE J 137 60.73 -17.45 -14.00
N HIS J 138 60.36 -17.69 -12.76
CA HIS J 138 59.56 -16.73 -12.07
C HIS J 138 60.32 -15.48 -11.71
N ALA J 139 61.60 -15.58 -11.41
CA ALA J 139 62.35 -14.37 -11.13
C ALA J 139 62.41 -13.50 -12.36
N ARG J 140 62.54 -14.09 -13.54
CA ARG J 140 62.61 -13.26 -14.73
C ARG J 140 61.33 -12.52 -14.97
N GLU J 141 60.20 -13.16 -14.72
CA GLU J 141 58.95 -12.48 -14.96
C GLU J 141 58.76 -11.32 -14.02
N ILE J 142 59.12 -11.43 -12.76
CA ILE J 142 58.89 -10.27 -11.92
C ILE J 142 59.80 -9.13 -12.32
N LEU J 143 61.00 -9.41 -12.75
CA LEU J 143 61.84 -8.33 -13.15
C LEU J 143 61.31 -7.64 -14.40
N LYS J 144 60.72 -8.37 -15.33
CA LYS J 144 60.14 -7.70 -16.48
C LYS J 144 59.02 -6.79 -16.07
N VAL J 145 58.22 -7.19 -15.10
CA VAL J 145 57.16 -6.33 -14.65
C VAL J 145 57.73 -5.10 -14.01
N LYS J 146 58.73 -5.24 -13.17
CA LYS J 146 59.30 -4.04 -12.59
C LYS J 146 59.69 -3.07 -13.66
N GLY J 147 60.35 -3.56 -14.71
CA GLY J 147 60.77 -2.68 -15.77
C GLY J 147 59.61 -1.98 -16.44
N ARG J 148 58.53 -2.70 -16.71
CA ARG J 148 57.42 -2.08 -17.37
C ARG J 148 56.73 -1.06 -16.49
N MET J 149 56.62 -1.32 -15.21
CA MET J 149 55.96 -0.36 -14.34
C MET J 149 56.76 0.93 -14.32
N ASN J 150 58.08 0.84 -14.34
CA ASN J 150 58.87 2.05 -14.32
C ASN J 150 58.73 2.84 -15.59
N GLU J 151 58.58 2.18 -16.73
CA GLU J 151 58.41 2.94 -17.95
C GLU J 151 57.14 3.72 -17.93
N LEU J 152 56.08 3.13 -17.43
CA LEU J 152 54.83 3.83 -17.39
C LEU J 152 54.90 4.99 -16.41
N MET J 153 55.57 4.83 -15.28
CA MET J 153 55.70 5.98 -14.39
C MET J 153 56.43 7.11 -15.06
N ALA J 154 57.51 6.82 -15.76
CA ALA J 154 58.22 7.90 -16.40
C ALA J 154 57.36 8.57 -17.47
N LEU J 155 56.59 7.78 -18.19
CA LEU J 155 55.75 8.34 -19.22
C LEU J 155 54.72 9.28 -18.68
N HIS J 156 54.04 8.88 -17.62
CA HIS J 156 52.98 9.68 -17.07
C HIS J 156 53.44 10.84 -16.21
N THR J 157 54.59 10.73 -15.57
CA THR J 157 55.01 11.81 -14.70
C THR J 157 55.98 12.81 -15.31
N GLY J 158 56.70 12.45 -16.35
CA GLY J 158 57.63 13.41 -16.92
C GLY J 158 59.03 13.30 -16.36
N GLN J 159 59.23 12.36 -15.45
CA GLN J 159 60.53 12.14 -14.86
C GLN J 159 61.32 11.29 -15.82
N SER J 160 62.63 11.33 -15.74
CA SER J 160 63.42 10.46 -16.59
C SER J 160 63.28 9.06 -16.10
N LEU J 161 63.63 8.08 -16.91
CA LEU J 161 63.49 6.73 -16.42
C LEU J 161 64.45 6.43 -15.31
N GLU J 162 65.66 6.92 -15.39
CA GLU J 162 66.63 6.67 -14.35
C GLU J 162 66.20 7.28 -13.05
N GLN J 163 65.59 8.45 -13.08
CA GLN J 163 65.14 9.01 -11.83
C GLN J 163 64.04 8.16 -11.24
N ILE J 164 63.15 7.64 -12.08
CA ILE J 164 62.12 6.79 -11.53
C ILE J 164 62.72 5.57 -10.92
N GLU J 165 63.70 4.96 -11.56
CA GLU J 165 64.23 3.77 -10.94
C GLU J 165 64.85 4.05 -9.60
N ARG J 166 65.58 5.13 -9.44
CA ARG J 166 66.15 5.34 -8.13
C ARG J 166 65.10 5.56 -7.07
N ASP J 167 64.06 6.26 -7.42
CA ASP J 167 63.04 6.59 -6.46
C ASP J 167 62.12 5.48 -6.03
N THR J 168 62.18 4.31 -6.62
CA THR J 168 61.27 3.28 -6.18
C THR J 168 61.99 2.16 -5.46
N GLU J 169 63.30 2.29 -5.24
CA GLU J 169 64.09 1.21 -4.58
C GLU J 169 63.57 0.93 -3.17
N ARG J 170 63.17 1.97 -2.44
CA ARG J 170 62.71 1.92 -1.07
C ARG J 170 61.43 2.70 -1.01
N ASP J 171 60.56 2.39 -0.09
CA ASP J 171 59.32 3.11 0.00
C ASP J 171 59.55 4.59 0.02
N ARG J 172 58.91 5.30 -0.90
CA ARG J 172 59.04 6.73 -0.96
C ARG J 172 57.72 7.40 -0.66
N PHE J 173 57.70 8.28 0.32
CA PHE J 173 56.46 8.96 0.67
C PHE J 173 56.44 10.40 0.20
N LEU J 174 55.32 10.81 -0.38
CA LEU J 174 55.13 12.17 -0.87
C LEU J 174 53.90 12.84 -0.29
N SER J 175 54.04 14.06 0.18
CA SER J 175 52.91 14.83 0.71
C SER J 175 52.15 15.41 -0.45
N ALA J 176 50.96 15.95 -0.25
CA ALA J 176 50.24 16.45 -1.43
C ALA J 176 51.04 17.49 -2.24
N PRO J 177 51.71 18.51 -1.68
CA PRO J 177 52.49 19.44 -2.44
C PRO J 177 53.67 18.82 -3.16
N GLU J 178 54.17 17.70 -2.62
CA GLU J 178 55.33 16.98 -3.19
C GLU J 178 54.85 16.19 -4.41
N ALA J 179 53.62 15.68 -4.34
CA ALA J 179 53.06 14.93 -5.44
C ALA J 179 52.89 15.88 -6.62
N VAL J 180 52.51 17.13 -6.32
CA VAL J 180 52.34 18.10 -7.40
C VAL J 180 53.69 18.46 -8.01
N GLU J 181 54.69 18.74 -7.20
CA GLU J 181 56.00 19.08 -7.74
C GLU J 181 56.65 17.95 -8.50
N TYR J 182 56.54 16.74 -7.98
CA TYR J 182 57.15 15.56 -8.55
C TYR J 182 56.53 15.29 -9.90
N GLY J 183 55.22 15.46 -9.99
CA GLY J 183 54.53 15.22 -11.22
C GLY J 183 53.57 14.09 -11.14
N LEU J 184 53.13 13.70 -9.95
CA LEU J 184 52.18 12.61 -9.92
C LEU J 184 50.79 13.19 -10.13
N VAL J 185 50.56 14.39 -9.64
CA VAL J 185 49.24 15.01 -9.81
C VAL J 185 49.43 16.39 -10.37
N ASP J 186 48.38 16.97 -10.92
CA ASP J 186 48.50 18.30 -11.46
C ASP J 186 48.25 19.37 -10.42
N SER J 187 47.33 19.12 -9.50
CA SER J 187 47.05 20.16 -8.52
C SER J 187 46.36 19.69 -7.26
N ILE J 188 46.27 20.59 -6.30
CA ILE J 188 45.60 20.36 -5.04
C ILE J 188 44.29 21.10 -5.02
N LEU J 189 43.23 20.41 -4.71
CA LEU J 189 41.93 21.04 -4.63
C LEU J 189 41.86 21.68 -3.28
N THR J 190 41.16 22.78 -3.14
CA THR J 190 41.09 23.42 -1.84
C THR J 190 39.67 23.53 -1.37
N HIS J 191 38.94 24.43 -1.97
CA HIS J 191 37.54 24.62 -1.64
C HIS J 191 36.75 24.67 -2.91
N ARG J 192 35.50 24.25 -2.81
CA ARG J 192 34.59 24.33 -3.93
C ARG J 192 34.63 25.68 -4.59
N ALA K 1 25.43 -2.16 -1.34
CA ALA K 1 25.67 -1.66 -2.68
C ALA K 1 26.89 -2.33 -3.27
N LEU K 2 26.98 -3.62 -3.09
CA LEU K 2 28.11 -4.29 -3.69
C LEU K 2 27.99 -4.22 -5.18
N VAL K 3 26.77 -4.25 -5.70
CA VAL K 3 26.58 -4.11 -7.11
C VAL K 3 25.62 -2.93 -7.25
N PRO K 4 26.00 -1.83 -7.91
CA PRO K 4 25.18 -0.65 -8.16
C PRO K 4 24.04 -0.94 -9.07
N MET K 5 23.01 -0.11 -8.97
CA MET K 5 21.84 -0.18 -9.84
C MET K 5 21.94 0.87 -10.91
N VAL K 6 21.40 0.56 -12.07
CA VAL K 6 21.31 1.50 -13.17
C VAL K 6 19.88 1.55 -13.69
N ILE K 7 19.45 2.73 -14.13
CA ILE K 7 18.08 2.91 -14.63
C ILE K 7 18.07 3.25 -16.10
N GLU K 8 17.19 2.58 -16.85
CA GLU K 8 17.09 2.81 -18.32
C GLU K 8 15.65 3.16 -18.69
N GLN K 9 15.46 3.81 -19.84
CA GLN K 9 14.10 4.21 -20.32
C GLN K 9 13.63 3.20 -21.38
N THR K 10 12.48 2.57 -21.15
CA THR K 10 11.93 1.60 -22.06
C THR K 10 10.51 1.94 -22.40
N SER K 11 9.73 0.99 -22.90
CA SER K 11 8.37 1.24 -23.38
C SER K 11 7.43 1.83 -22.34
N ARG K 12 7.65 1.53 -21.07
CA ARG K 12 6.84 2.10 -20.02
C ARG K 12 7.61 3.16 -19.26
N GLY K 13 8.78 3.49 -19.77
CA GLY K 13 9.66 4.53 -19.24
C GLY K 13 10.68 4.09 -18.21
N GLU K 14 10.58 2.89 -17.66
CA GLU K 14 11.54 2.51 -16.65
C GLU K 14 11.78 1.04 -16.39
N ARG K 15 13.04 0.70 -16.30
CA ARG K 15 13.52 -0.59 -15.83
C ARG K 15 14.65 -0.32 -14.87
N SER K 16 14.74 -1.16 -13.83
CA SER K 16 15.78 -0.99 -12.78
C SER K 16 16.53 -2.30 -12.58
N PHE K 17 17.77 -2.38 -13.09
CA PHE K 17 18.60 -3.61 -12.96
C PHE K 17 19.84 -3.30 -12.12
N ASP K 18 20.81 -4.22 -12.13
CA ASP K 18 22.07 -4.04 -11.36
C ASP K 18 23.16 -3.47 -12.28
N ILE K 19 24.42 -3.81 -12.00
CA ILE K 19 25.57 -3.31 -12.83
C ILE K 19 26.04 -4.45 -13.74
N TYR K 20 25.43 -5.63 -13.62
CA TYR K 20 25.80 -6.77 -14.44
C TYR K 20 24.66 -7.23 -15.33
N SER K 21 23.42 -7.16 -14.87
CA SER K 21 22.32 -7.54 -15.75
C SER K 21 22.23 -6.53 -16.88
N ARG K 22 22.53 -5.27 -16.58
CA ARG K 22 22.48 -4.24 -17.59
C ARG K 22 23.44 -4.51 -18.72
N LEU K 23 24.61 -5.05 -18.41
CA LEU K 23 25.57 -5.35 -19.45
C LEU K 23 25.26 -6.65 -20.14
N LEU K 24 24.61 -7.59 -19.48
CA LEU K 24 24.25 -8.82 -20.18
C LEU K 24 23.37 -8.46 -21.34
N LYS K 25 22.51 -7.49 -21.13
CA LYS K 25 21.60 -7.00 -22.15
C LYS K 25 22.33 -6.54 -23.42
N GLU K 26 23.58 -6.09 -23.22
CA GLU K 26 24.45 -5.54 -24.29
C GLU K 26 25.42 -6.63 -24.75
N ARG K 27 25.04 -7.88 -24.50
CA ARG K 27 25.73 -9.08 -24.89
C ARG K 27 27.16 -9.16 -24.38
N VAL K 28 27.38 -8.70 -23.15
CA VAL K 28 28.68 -8.81 -22.51
C VAL K 28 28.67 -9.75 -21.31
N ILE K 29 29.53 -10.74 -21.35
CA ILE K 29 29.69 -11.72 -20.28
C ILE K 29 31.07 -11.63 -19.66
N PHE K 30 31.19 -11.61 -18.35
CA PHE K 30 32.52 -11.58 -17.76
C PHE K 30 32.89 -12.89 -17.12
N LEU K 31 34.13 -13.30 -17.29
CA LEU K 31 34.69 -14.47 -16.66
C LEU K 31 35.85 -14.12 -15.78
N THR K 32 35.67 -14.18 -14.47
CA THR K 32 36.77 -13.83 -13.59
C THR K 32 36.91 -14.79 -12.46
N GLY K 33 38.11 -14.82 -11.88
CA GLY K 33 38.37 -15.64 -10.70
C GLY K 33 38.62 -17.08 -11.08
N GLN K 34 38.60 -17.99 -10.14
CA GLN K 34 38.91 -19.37 -10.45
C GLN K 34 37.84 -19.99 -11.27
N VAL K 35 38.23 -20.81 -12.26
CA VAL K 35 37.24 -21.53 -13.11
C VAL K 35 36.76 -22.75 -12.34
N GLU K 36 35.70 -22.60 -11.53
CA GLU K 36 35.16 -23.70 -10.68
C GLU K 36 34.05 -24.45 -11.43
N ASP K 37 32.99 -24.82 -10.71
CA ASP K 37 31.86 -25.58 -11.32
C ASP K 37 30.59 -24.71 -11.32
N HIS K 38 30.35 -23.98 -10.22
CA HIS K 38 29.15 -23.15 -10.15
C HIS K 38 29.26 -21.96 -11.04
N MET K 39 30.42 -21.35 -11.06
CA MET K 39 30.59 -20.24 -11.94
C MET K 39 30.56 -20.65 -13.40
N ALA K 40 31.16 -21.79 -13.75
CA ALA K 40 31.13 -22.18 -15.14
C ALA K 40 29.72 -22.43 -15.59
N ASN K 41 28.95 -23.06 -14.69
CA ASN K 41 27.53 -23.41 -14.96
C ASN K 41 26.72 -22.15 -15.27
N LEU K 42 27.04 -21.03 -14.61
CA LEU K 42 26.32 -19.82 -14.85
C LEU K 42 26.71 -19.23 -16.18
N ILE K 43 27.97 -19.27 -16.54
CA ILE K 43 28.33 -18.73 -17.85
C ILE K 43 27.69 -19.48 -18.96
N VAL K 44 27.62 -20.79 -18.89
CA VAL K 44 26.95 -21.48 -19.96
C VAL K 44 25.50 -21.05 -20.06
N ALA K 45 24.80 -20.92 -18.94
CA ALA K 45 23.42 -20.49 -19.04
C ALA K 45 23.32 -19.13 -19.72
N GLN K 46 24.24 -18.22 -19.43
CA GLN K 46 24.16 -16.92 -20.07
C GLN K 46 24.42 -17.00 -21.55
N MET K 47 25.35 -17.82 -21.98
CA MET K 47 25.56 -17.88 -23.42
C MET K 47 24.38 -18.48 -24.14
N LEU K 48 23.72 -19.48 -23.57
CA LEU K 48 22.59 -20.07 -24.28
C LEU K 48 21.48 -19.05 -24.38
N PHE K 49 21.33 -18.27 -23.30
CA PHE K 49 20.29 -17.22 -23.22
C PHE K 49 20.50 -16.17 -24.33
N LEU K 50 21.75 -15.76 -24.58
CA LEU K 50 22.00 -14.77 -25.60
C LEU K 50 21.84 -15.34 -26.99
N GLU K 51 22.21 -16.60 -27.21
CA GLU K 51 22.05 -17.14 -28.55
C GLU K 51 20.60 -17.09 -28.96
N ALA K 52 19.72 -17.49 -28.06
CA ALA K 52 18.33 -17.47 -28.42
C ALA K 52 17.84 -16.08 -28.70
N GLU K 53 18.31 -15.08 -27.97
CA GLU K 53 17.79 -13.74 -28.23
C GLU K 53 18.15 -13.25 -29.61
N ASN K 54 19.33 -13.56 -30.10
CA ASN K 54 19.69 -13.13 -31.43
C ASN K 54 20.83 -13.95 -31.98
N PRO K 55 20.57 -15.01 -32.71
CA PRO K 55 21.53 -15.93 -33.25
C PRO K 55 22.51 -15.33 -34.22
N GLU K 56 22.26 -14.11 -34.68
CA GLU K 56 23.15 -13.52 -35.64
C GLU K 56 24.18 -12.57 -35.07
N LYS K 57 24.15 -12.31 -33.78
CA LYS K 57 25.08 -11.30 -33.26
C LYS K 57 26.11 -11.84 -32.29
N ASP K 58 27.27 -11.21 -32.31
CA ASP K 58 28.38 -11.59 -31.45
C ASP K 58 28.15 -11.38 -29.99
N ILE K 59 28.81 -12.24 -29.21
CA ILE K 59 28.82 -12.20 -27.76
C ILE K 59 30.22 -11.87 -27.32
N TYR K 60 30.36 -10.91 -26.41
CA TYR K 60 31.70 -10.49 -25.95
C TYR K 60 32.03 -11.12 -24.59
N LEU K 61 33.13 -11.86 -24.51
CA LEU K 61 33.52 -12.47 -23.25
C LEU K 61 34.80 -11.88 -22.74
N TYR K 62 34.72 -11.22 -21.57
CA TYR K 62 35.91 -10.58 -20.95
C TYR K 62 36.56 -11.60 -20.02
N ILE K 63 37.86 -11.88 -20.23
CA ILE K 63 38.55 -12.84 -19.40
C ILE K 63 39.61 -12.25 -18.54
N ASN K 64 39.52 -12.53 -17.25
CA ASN K 64 40.52 -12.12 -16.28
C ASN K 64 40.61 -13.15 -15.20
N SER K 65 41.42 -14.18 -15.38
CA SER K 65 41.42 -15.24 -14.40
C SER K 65 42.73 -15.99 -14.30
N PRO K 66 43.11 -16.45 -13.09
CA PRO K 66 44.28 -17.22 -12.75
C PRO K 66 44.29 -18.66 -13.17
N GLY K 67 43.17 -19.21 -13.58
CA GLY K 67 43.17 -20.62 -13.91
C GLY K 67 41.98 -21.29 -13.30
N GLY K 68 42.03 -22.60 -13.15
CA GLY K 68 40.91 -23.31 -12.60
C GLY K 68 40.89 -24.77 -12.95
N VAL K 69 39.75 -25.39 -12.73
CA VAL K 69 39.51 -26.80 -12.93
C VAL K 69 39.26 -27.11 -14.38
N ILE K 70 39.97 -28.07 -14.95
CA ILE K 70 39.76 -28.36 -16.36
C ILE K 70 38.38 -28.86 -16.65
N THR K 71 37.91 -29.79 -15.88
CA THR K 71 36.60 -30.29 -16.17
C THR K 71 35.59 -29.18 -16.22
N ALA K 72 35.60 -28.28 -15.25
CA ALA K 72 34.64 -27.21 -15.28
C ALA K 72 34.81 -26.36 -16.50
N GLY K 73 36.07 -26.10 -16.87
CA GLY K 73 36.37 -25.28 -18.03
C GLY K 73 36.07 -25.91 -19.38
N MET K 74 35.90 -27.24 -19.45
CA MET K 74 35.55 -27.83 -20.73
C MET K 74 34.08 -27.58 -21.04
N SER K 75 33.28 -27.28 -20.03
CA SER K 75 31.92 -26.88 -20.32
C SER K 75 32.32 -25.50 -20.74
N ILE K 76 31.52 -24.66 -21.28
CA ILE K 76 32.01 -23.37 -21.78
C ILE K 76 32.83 -23.65 -23.02
N TYR K 77 33.97 -24.31 -22.97
CA TYR K 77 34.66 -24.54 -24.23
C TYR K 77 33.74 -25.20 -25.22
N ASP K 78 33.09 -26.29 -24.83
CA ASP K 78 32.19 -26.92 -25.78
C ASP K 78 30.98 -26.07 -26.11
N THR K 79 30.49 -25.26 -25.22
CA THR K 79 29.35 -24.43 -25.55
C THR K 79 29.76 -23.38 -26.55
N MET K 80 30.91 -22.76 -26.37
CA MET K 80 31.35 -21.74 -27.30
C MET K 80 31.43 -22.30 -28.69
N GLN K 81 31.87 -23.54 -28.82
CA GLN K 81 31.98 -24.16 -30.12
C GLN K 81 30.64 -24.62 -30.69
N PHE K 82 29.73 -25.05 -29.82
CA PHE K 82 28.43 -25.52 -30.26
C PHE K 82 27.50 -24.43 -30.78
N ILE K 83 27.39 -23.33 -30.04
CA ILE K 83 26.40 -22.32 -30.38
C ILE K 83 26.71 -21.61 -31.68
N LYS K 84 25.68 -21.03 -32.28
CA LYS K 84 25.82 -20.37 -33.57
C LYS K 84 26.61 -19.05 -33.66
N PRO K 85 26.35 -17.98 -32.91
CA PRO K 85 27.02 -16.71 -33.06
C PRO K 85 28.44 -16.80 -32.58
N ASP K 86 29.31 -15.98 -33.12
CA ASP K 86 30.68 -15.94 -32.65
C ASP K 86 30.83 -15.42 -31.26
N VAL K 87 31.74 -16.01 -30.52
CA VAL K 87 32.07 -15.49 -29.23
C VAL K 87 33.44 -14.90 -29.36
N SER K 88 33.55 -13.62 -29.08
CA SER K 88 34.81 -12.93 -29.17
C SER K 88 35.38 -12.81 -27.79
N THR K 89 36.59 -13.27 -27.60
CA THR K 89 37.20 -13.25 -26.29
C THR K 89 38.21 -12.14 -26.16
N ILE K 90 38.12 -11.41 -25.06
CA ILE K 90 39.01 -10.30 -24.80
C ILE K 90 39.76 -10.48 -23.50
N CYS K 91 41.09 -10.45 -23.55
CA CYS K 91 41.90 -10.67 -22.33
C CYS K 91 42.29 -9.35 -21.65
N MET K 92 41.97 -9.21 -20.36
CA MET K 92 42.34 -8.04 -19.58
C MET K 92 42.95 -8.53 -18.30
N GLY K 93 43.91 -7.84 -17.72
CA GLY K 93 44.45 -8.44 -16.52
C GLY K 93 45.25 -9.67 -16.97
N GLN K 94 44.83 -10.86 -16.58
CA GLN K 94 45.57 -12.04 -16.98
C GLN K 94 44.72 -13.15 -17.51
N ALA K 95 45.32 -13.99 -18.31
CA ALA K 95 44.69 -15.20 -18.73
C ALA K 95 45.66 -16.32 -18.50
N ALA K 96 45.57 -16.97 -17.36
CA ALA K 96 46.56 -17.99 -17.07
C ALA K 96 45.97 -19.36 -17.08
N SER K 97 46.75 -20.32 -17.52
CA SER K 97 46.38 -21.71 -17.45
C SER K 97 45.09 -21.97 -18.18
N MET K 98 44.06 -22.41 -17.49
CA MET K 98 42.80 -22.66 -18.17
C MET K 98 42.23 -21.37 -18.71
N GLY K 99 42.58 -20.25 -18.13
CA GLY K 99 42.09 -19.00 -18.64
C GLY K 99 42.64 -18.76 -20.03
N ALA K 100 43.91 -19.06 -20.24
CA ALA K 100 44.53 -18.88 -21.54
C ALA K 100 43.91 -19.82 -22.53
N PHE K 101 43.59 -21.01 -22.09
CA PHE K 101 42.98 -21.97 -22.99
C PHE K 101 41.67 -21.45 -23.50
N LEU K 102 40.82 -20.95 -22.63
CA LEU K 102 39.58 -20.42 -23.15
C LEU K 102 39.82 -19.18 -23.98
N LEU K 103 40.79 -18.34 -23.66
CA LEU K 103 41.00 -17.16 -24.48
C LEU K 103 41.23 -17.47 -25.93
N THR K 104 42.01 -18.50 -26.23
CA THR K 104 42.32 -18.80 -27.62
C THR K 104 41.18 -19.49 -28.32
N ALA K 105 40.15 -19.86 -27.59
CA ALA K 105 39.06 -20.65 -28.13
C ALA K 105 38.02 -19.77 -28.75
N GLY K 106 38.23 -18.46 -28.70
CA GLY K 106 37.26 -17.54 -29.26
C GLY K 106 37.27 -17.63 -30.77
N ALA K 107 36.31 -16.95 -31.40
CA ALA K 107 36.19 -17.01 -32.85
C ALA K 107 37.43 -16.50 -33.51
N LYS K 108 37.86 -17.18 -34.56
CA LYS K 108 39.09 -16.77 -35.24
C LYS K 108 38.99 -15.40 -35.81
N GLY K 109 39.99 -14.57 -35.54
CA GLY K 109 40.03 -13.23 -36.05
C GLY K 109 39.48 -12.26 -35.02
N LYS K 110 38.86 -12.80 -33.99
CA LYS K 110 38.27 -12.01 -32.95
C LYS K 110 38.87 -12.22 -31.58
N ARG K 111 40.10 -12.75 -31.52
CA ARG K 111 40.80 -12.98 -30.23
C ARG K 111 41.67 -11.75 -29.92
N PHE K 112 41.11 -10.79 -29.16
CA PHE K 112 41.86 -9.54 -28.82
C PHE K 112 42.48 -9.66 -27.43
N CYS K 113 43.27 -8.66 -27.04
CA CYS K 113 43.95 -8.62 -25.72
C CYS K 113 44.48 -7.19 -25.49
N LEU K 114 44.30 -6.67 -24.27
CA LEU K 114 44.74 -5.33 -23.96
C LEU K 114 46.26 -5.30 -23.86
N PRO K 115 46.91 -4.19 -24.13
CA PRO K 115 48.33 -4.03 -24.18
C PRO K 115 49.17 -4.32 -22.95
N ASN K 116 48.63 -4.27 -21.73
CA ASN K 116 49.50 -4.57 -20.61
C ASN K 116 49.14 -5.87 -19.94
N SER K 117 48.39 -6.69 -20.62
CA SER K 117 47.97 -7.96 -20.08
C SER K 117 49.07 -9.02 -20.15
N ARG K 118 48.81 -10.14 -19.49
CA ARG K 118 49.72 -11.29 -19.52
C ARG K 118 49.02 -12.59 -19.73
N VAL K 119 49.63 -13.44 -20.52
CA VAL K 119 49.08 -14.74 -20.77
C VAL K 119 50.09 -15.79 -20.35
N MET K 120 49.66 -16.78 -19.61
CA MET K 120 50.63 -17.80 -19.19
C MET K 120 50.11 -19.20 -19.42
N ILE K 121 50.96 -20.07 -19.94
CA ILE K 121 50.50 -21.44 -20.21
C ILE K 121 51.38 -22.52 -19.57
N HIS K 122 50.79 -23.66 -19.25
CA HIS K 122 51.54 -24.78 -18.69
C HIS K 122 50.78 -26.09 -18.80
N GLN K 123 51.48 -27.23 -18.72
CA GLN K 123 50.85 -28.55 -18.67
C GLN K 123 49.97 -28.69 -17.43
N PRO K 124 48.93 -29.53 -17.41
CA PRO K 124 48.00 -29.69 -16.30
C PRO K 124 48.59 -30.32 -15.08
N LEU K 125 48.04 -29.95 -13.93
CA LEU K 125 48.43 -30.45 -12.62
C LEU K 125 47.41 -31.42 -12.09
N GLY K 126 47.81 -32.26 -11.17
CA GLY K 126 46.88 -33.19 -10.53
C GLY K 126 47.59 -34.06 -9.52
N GLY K 127 46.95 -35.12 -9.05
CA GLY K 127 47.58 -35.99 -8.07
C GLY K 127 46.64 -37.05 -7.56
N TYR K 128 47.18 -38.04 -6.84
CA TYR K 128 46.36 -39.16 -6.30
C TYR K 128 47.12 -39.91 -5.21
N GLN K 129 46.35 -40.50 -4.27
CA GLN K 129 46.89 -41.32 -3.16
C GLN K 129 46.11 -42.64 -3.17
N GLY K 130 46.80 -43.79 -3.08
CA GLY K 130 46.07 -45.07 -3.17
C GLY K 130 46.96 -46.28 -3.39
N GLN K 131 46.39 -47.38 -3.89
CA GLN K 131 47.19 -48.58 -4.08
C GLN K 131 47.96 -48.46 -5.36
N ALA K 132 49.06 -49.16 -5.54
CA ALA K 132 49.77 -49.03 -6.80
C ALA K 132 48.86 -49.26 -8.00
N THR K 133 47.92 -50.18 -7.92
CA THR K 133 47.00 -50.40 -9.03
C THR K 133 46.14 -49.17 -9.33
N ASP K 134 45.74 -48.40 -8.31
CA ASP K 134 44.86 -47.27 -8.55
C ASP K 134 45.68 -46.12 -9.02
N ILE K 135 46.91 -46.07 -8.58
CA ILE K 135 47.75 -44.99 -8.98
C ILE K 135 47.95 -45.08 -10.45
N GLU K 136 48.18 -46.27 -10.98
CA GLU K 136 48.31 -46.37 -12.41
C GLU K 136 47.08 -45.90 -13.16
N ILE K 137 45.89 -46.22 -12.70
CA ILE K 137 44.71 -45.78 -13.43
C ILE K 137 44.63 -44.28 -13.45
N HIS K 138 44.86 -43.65 -12.34
CA HIS K 138 44.77 -42.22 -12.30
C HIS K 138 45.92 -41.55 -13.03
N ALA K 139 47.10 -42.14 -13.04
CA ALA K 139 48.18 -41.53 -13.79
C ALA K 139 47.87 -41.56 -15.27
N ARG K 140 47.28 -42.64 -15.77
CA ARG K 140 46.98 -42.68 -17.18
C ARG K 140 45.97 -41.66 -17.59
N GLU K 141 44.98 -41.42 -16.76
CA GLU K 141 43.99 -40.45 -17.15
C GLU K 141 44.57 -39.06 -17.19
N ILE K 142 45.44 -38.68 -16.27
CA ILE K 142 45.93 -37.33 -16.42
C ILE K 142 46.78 -37.20 -17.66
N LEU K 143 47.51 -38.23 -18.02
CA LEU K 143 48.30 -38.11 -19.23
C LEU K 143 47.43 -38.00 -20.45
N LYS K 144 46.29 -38.68 -20.52
CA LYS K 144 45.45 -38.50 -21.69
C LYS K 144 44.95 -37.09 -21.76
N VAL K 145 44.63 -36.50 -20.63
CA VAL K 145 44.17 -35.13 -20.67
C VAL K 145 45.27 -34.24 -21.15
N LYS K 146 46.48 -34.41 -20.66
CA LYS K 146 47.52 -33.57 -21.16
C LYS K 146 47.59 -33.63 -22.67
N GLY K 147 47.52 -34.83 -23.23
CA GLY K 147 47.59 -34.99 -24.66
C GLY K 147 46.46 -34.28 -25.39
N ARG K 148 45.25 -34.38 -24.88
CA ARG K 148 44.13 -33.73 -25.52
C ARG K 148 44.24 -32.24 -25.47
N MET K 149 44.70 -31.70 -24.34
CA MET K 149 44.79 -30.27 -24.26
C MET K 149 45.82 -29.76 -25.24
N ASN K 150 46.88 -30.52 -25.45
CA ASN K 150 47.89 -30.05 -26.39
C ASN K 150 47.38 -30.03 -27.81
N GLU K 151 46.56 -31.00 -28.19
CA GLU K 151 46.05 -30.96 -29.54
C GLU K 151 45.15 -29.78 -29.76
N LEU K 152 44.34 -29.45 -28.79
CA LEU K 152 43.46 -28.33 -28.97
C LEU K 152 44.26 -27.04 -29.05
N MET K 153 45.33 -26.90 -28.27
CA MET K 153 46.16 -25.72 -28.40
C MET K 153 46.74 -25.63 -29.79
N ALA K 154 47.25 -26.73 -30.32
CA ALA K 154 47.84 -26.65 -31.64
C ALA K 154 46.79 -26.31 -32.67
N LEU K 155 45.59 -26.84 -32.53
CA LEU K 155 44.57 -26.55 -33.49
C LEU K 155 44.20 -25.10 -33.54
N HIS K 156 44.02 -24.50 -32.40
CA HIS K 156 43.61 -23.12 -32.37
C HIS K 156 44.74 -22.14 -32.64
N THR K 157 45.97 -22.49 -32.29
CA THR K 157 47.03 -21.51 -32.48
C THR K 157 47.78 -21.62 -33.79
N GLY K 158 47.78 -22.78 -34.43
CA GLY K 158 48.50 -22.90 -35.68
C GLY K 158 49.92 -23.36 -35.50
N GLN K 159 50.31 -23.63 -34.27
CA GLN K 159 51.63 -24.11 -33.98
C GLN K 159 51.63 -25.57 -34.26
N SER K 160 52.79 -26.15 -34.50
CA SER K 160 52.81 -27.58 -34.68
C SER K 160 52.56 -28.20 -33.35
N LEU K 161 52.19 -29.46 -33.32
CA LEU K 161 51.95 -30.08 -32.03
C LEU K 161 53.21 -30.20 -31.22
N GLU K 162 54.31 -30.53 -31.85
CA GLU K 162 55.55 -30.69 -31.15
C GLU K 162 55.99 -29.39 -30.54
N GLN K 163 55.75 -28.29 -31.22
CA GLN K 163 56.13 -27.03 -30.63
C GLN K 163 55.28 -26.75 -29.41
N ILE K 164 53.99 -27.10 -29.47
CA ILE K 164 53.17 -26.91 -28.30
C ILE K 164 53.65 -27.75 -27.18
N GLU K 165 54.02 -28.99 -27.42
CA GLU K 165 54.46 -29.78 -26.31
C GLU K 165 55.70 -29.21 -25.67
N ARG K 166 56.66 -28.75 -26.43
CA ARG K 166 57.84 -28.23 -25.78
C ARG K 166 57.56 -27.00 -24.94
N ASP K 167 56.69 -26.16 -25.42
CA ASP K 167 56.40 -24.91 -24.74
C ASP K 167 55.55 -25.01 -23.49
N THR K 168 55.00 -26.16 -23.16
CA THR K 168 54.18 -26.20 -21.97
C THR K 168 54.85 -27.00 -20.88
N GLU K 169 56.09 -27.41 -21.12
CA GLU K 169 56.84 -28.21 -20.12
C GLU K 169 56.89 -27.45 -18.78
N ARG K 170 57.18 -26.15 -18.84
CA ARG K 170 57.30 -25.31 -17.67
C ARG K 170 56.58 -24.02 -17.93
N ASP K 171 56.19 -23.32 -16.89
CA ASP K 171 55.42 -22.12 -17.08
C ASP K 171 56.02 -21.18 -18.08
N ARG K 172 55.25 -20.86 -19.09
CA ARG K 172 55.70 -19.96 -20.12
C ARG K 172 54.92 -18.69 -20.06
N PHE K 173 55.58 -17.57 -19.93
CA PHE K 173 54.86 -16.31 -19.87
C PHE K 173 55.00 -15.55 -21.15
N LEU K 174 53.90 -15.01 -21.63
CA LEU K 174 53.88 -14.23 -22.85
C LEU K 174 53.29 -12.84 -22.65
N SER K 175 53.97 -11.82 -23.14
CA SER K 175 53.46 -10.46 -23.02
C SER K 175 52.42 -10.27 -24.11
N ALA K 176 51.65 -9.20 -24.08
CA ALA K 176 50.63 -9.09 -25.12
C ALA K 176 51.20 -9.21 -26.55
N PRO K 177 52.30 -8.54 -26.95
CA PRO K 177 52.86 -8.69 -28.27
C PRO K 177 53.33 -10.08 -28.59
N GLU K 178 53.70 -10.84 -27.56
CA GLU K 178 54.21 -12.22 -27.73
C GLU K 178 53.03 -13.16 -27.99
N ALA K 179 51.88 -12.86 -27.40
CA ALA K 179 50.70 -13.66 -27.58
C ALA K 179 50.26 -13.52 -29.01
N VAL K 180 50.42 -12.31 -29.57
CA VAL K 180 50.03 -12.09 -30.95
C VAL K 180 50.93 -12.84 -31.90
N GLU K 181 52.23 -12.78 -31.69
CA GLU K 181 53.16 -13.49 -32.58
C GLU K 181 53.04 -14.98 -32.48
N TYR K 182 52.78 -15.46 -31.28
CA TYR K 182 52.68 -16.87 -31.00
C TYR K 182 51.42 -17.43 -31.65
N GLY K 183 50.35 -16.66 -31.58
CA GLY K 183 49.11 -17.12 -32.15
C GLY K 183 48.04 -17.37 -31.12
N LEU K 184 48.18 -16.84 -29.92
CA LEU K 184 47.14 -17.06 -28.96
C LEU K 184 46.07 -16.03 -29.18
N VAL K 185 46.45 -14.86 -29.64
CA VAL K 185 45.45 -13.84 -29.91
C VAL K 185 45.70 -13.32 -31.28
N ASP K 186 44.74 -12.67 -31.89
CA ASP K 186 44.94 -12.14 -33.21
C ASP K 186 45.49 -10.73 -33.16
N SER K 187 45.11 -9.95 -32.17
CA SER K 187 45.60 -8.58 -32.13
C SER K 187 45.49 -7.91 -30.77
N ILE K 188 46.10 -6.74 -30.68
CA ILE K 188 46.05 -5.92 -29.48
C ILE K 188 45.11 -4.76 -29.66
N LEU K 189 44.22 -4.56 -28.72
CA LEU K 189 43.30 -3.44 -28.80
C LEU K 189 44.08 -2.26 -28.34
N THR K 190 43.77 -1.10 -28.83
CA THR K 190 44.49 0.08 -28.41
C THR K 190 43.57 1.04 -27.75
N HIS K 191 42.79 1.71 -28.57
CA HIS K 191 41.79 2.64 -28.09
C HIS K 191 40.51 2.34 -28.81
N ARG K 192 39.41 2.65 -28.15
CA ARG K 192 38.11 2.49 -28.76
C ARG K 192 38.08 3.26 -30.07
N ALA L 1 24.30 -9.48 -7.39
CA ALA L 1 24.03 -9.89 -8.76
C ALA L 1 24.78 -11.15 -9.09
N LEU L 2 24.73 -12.11 -8.19
CA LEU L 2 25.39 -13.36 -8.50
C LEU L 2 24.73 -14.02 -9.67
N VAL L 3 23.42 -13.89 -9.75
CA VAL L 3 22.65 -14.45 -10.82
C VAL L 3 21.95 -13.29 -11.51
N PRO L 4 22.10 -13.08 -12.81
CA PRO L 4 21.54 -12.00 -13.58
C PRO L 4 20.06 -12.16 -13.83
N MET L 5 19.41 -11.04 -14.10
CA MET L 5 18.00 -10.99 -14.48
C MET L 5 17.83 -10.83 -15.96
N VAL L 6 16.78 -11.40 -16.51
CA VAL L 6 16.47 -11.21 -17.91
C VAL L 6 15.02 -10.76 -18.08
N ILE L 7 14.76 -10.04 -19.17
CA ILE L 7 13.39 -9.53 -19.48
C ILE L 7 12.79 -10.38 -20.61
N GLU L 8 11.56 -10.88 -20.40
CA GLU L 8 10.87 -11.71 -21.42
C GLU L 8 9.67 -10.94 -21.99
N GLN L 9 9.37 -11.13 -23.28
CA GLN L 9 8.24 -10.43 -23.94
C GLN L 9 7.18 -11.45 -24.35
N THR L 10 5.92 -11.20 -23.98
CA THR L 10 4.78 -12.11 -24.31
C THR L 10 3.52 -11.27 -24.56
N SER L 11 2.35 -11.81 -24.20
CA SER L 11 1.08 -11.08 -24.39
C SER L 11 1.19 -9.68 -23.78
N ARG L 12 1.63 -9.59 -22.52
CA ARG L 12 1.80 -8.29 -21.82
C ARG L 12 3.30 -7.98 -21.71
N GLY L 13 4.13 -9.02 -21.63
CA GLY L 13 5.60 -8.86 -21.52
C GLY L 13 6.00 -8.26 -20.19
N GLU L 14 7.15 -7.57 -20.16
CA GLU L 14 7.66 -6.93 -18.91
C GLU L 14 7.66 -7.96 -17.78
N ARG L 15 8.25 -9.14 -18.02
CA ARG L 15 8.33 -10.17 -17.03
C ARG L 15 9.79 -10.34 -16.70
N SER L 16 10.14 -9.82 -15.51
CA SER L 16 11.53 -9.83 -15.01
C SER L 16 11.78 -11.16 -14.27
N PHE L 17 12.66 -11.99 -14.82
CA PHE L 17 12.91 -13.30 -14.17
C PHE L 17 14.41 -13.60 -14.08
N ASP L 18 14.77 -14.42 -13.08
CA ASP L 18 16.17 -14.84 -12.82
C ASP L 18 16.65 -15.74 -13.97
N ILE L 19 17.97 -15.76 -14.20
CA ILE L 19 18.59 -16.56 -15.31
C ILE L 19 18.28 -18.06 -15.16
N TYR L 20 17.74 -18.48 -14.01
CA TYR L 20 17.45 -19.90 -13.84
C TYR L 20 15.98 -20.19 -13.94
N SER L 21 15.12 -19.24 -13.63
CA SER L 21 13.71 -19.47 -13.72
C SER L 21 13.35 -19.31 -15.17
N ARG L 22 14.08 -18.45 -15.86
CA ARG L 22 13.82 -18.24 -17.25
C ARG L 22 14.05 -19.55 -17.99
N LEU L 23 15.06 -20.30 -17.59
CA LEU L 23 15.31 -21.58 -18.22
C LEU L 23 14.36 -22.66 -17.71
N LEU L 24 13.93 -22.63 -16.46
CA LEU L 24 12.97 -23.65 -16.04
C LEU L 24 11.74 -23.59 -16.90
N LYS L 25 11.37 -22.35 -17.28
CA LYS L 25 10.19 -22.13 -18.16
C LYS L 25 10.46 -22.81 -19.51
N GLU L 26 11.73 -23.04 -19.84
CA GLU L 26 12.12 -23.70 -21.12
C GLU L 26 12.36 -25.20 -20.86
N ARG L 27 11.69 -25.74 -19.85
CA ARG L 27 11.80 -27.12 -19.46
C ARG L 27 13.23 -27.59 -19.38
N VAL L 28 14.09 -26.71 -18.87
CA VAL L 28 15.48 -27.00 -18.62
C VAL L 28 15.86 -27.02 -17.15
N ILE L 29 16.35 -28.15 -16.68
CA ILE L 29 16.77 -28.32 -15.28
C ILE L 29 18.25 -28.63 -15.19
N PHE L 30 18.96 -27.97 -14.28
CA PHE L 30 20.40 -28.25 -14.13
C PHE L 30 20.73 -29.02 -12.87
N LEU L 31 21.61 -30.00 -13.01
CA LEU L 31 22.15 -30.77 -11.92
C LEU L 31 23.63 -30.55 -11.76
N THR L 32 24.05 -29.78 -10.76
CA THR L 32 25.46 -29.50 -10.58
C THR L 32 25.87 -29.67 -9.14
N GLY L 33 27.15 -29.82 -8.87
CA GLY L 33 27.63 -29.92 -7.50
C GLY L 33 27.46 -31.36 -7.04
N GLN L 34 27.53 -31.61 -5.76
CA GLN L 34 27.42 -32.97 -5.22
C GLN L 34 25.97 -33.35 -5.17
N VAL L 35 25.69 -34.63 -5.39
CA VAL L 35 24.29 -35.14 -5.30
C VAL L 35 23.96 -35.36 -3.82
N GLU L 36 23.50 -34.30 -3.14
CA GLU L 36 23.19 -34.36 -1.68
C GLU L 36 21.72 -34.73 -1.45
N ASP L 37 21.11 -34.15 -0.42
CA ASP L 37 19.69 -34.44 -0.07
C ASP L 37 18.80 -33.23 -0.40
N HIS L 38 19.26 -32.02 -0.05
CA HIS L 38 18.47 -30.84 -0.32
C HIS L 38 18.41 -30.51 -1.77
N MET L 39 19.52 -30.65 -2.44
CA MET L 39 19.51 -30.39 -3.84
C MET L 39 18.68 -31.41 -4.60
N ALA L 40 18.74 -32.68 -4.23
CA ALA L 40 17.95 -33.64 -4.96
C ALA L 40 16.49 -33.34 -4.80
N ASN L 41 16.12 -32.95 -3.58
CA ASN L 41 14.71 -32.63 -3.23
C ASN L 41 14.20 -31.50 -4.14
N LEU L 42 15.06 -30.54 -4.48
CA LEU L 42 14.63 -29.45 -5.33
C LEU L 42 14.46 -29.91 -6.76
N ILE L 43 15.34 -30.76 -7.27
CA ILE L 43 15.16 -31.25 -8.62
C ILE L 43 13.87 -32.00 -8.75
N VAL L 44 13.54 -32.83 -7.78
CA VAL L 44 12.29 -33.52 -7.91
C VAL L 44 11.14 -32.54 -7.94
N ALA L 45 11.14 -31.52 -7.11
CA ALA L 45 10.03 -30.59 -7.18
C ALA L 45 9.91 -29.98 -8.56
N GLN L 46 11.01 -29.65 -9.21
CA GLN L 46 10.91 -29.10 -10.55
C GLN L 46 10.41 -30.10 -11.57
N MET L 47 10.81 -31.35 -11.49
CA MET L 47 10.30 -32.28 -12.48
C MET L 47 8.82 -32.52 -12.31
N LEU L 48 8.32 -32.57 -11.08
CA LEU L 48 6.89 -32.81 -10.91
C LEU L 48 6.10 -31.63 -11.44
N PHE L 49 6.66 -30.44 -11.21
CA PHE L 49 6.04 -29.16 -11.66
C PHE L 49 5.94 -29.12 -13.19
N LEU L 50 6.97 -29.59 -13.89
CA LEU L 50 6.99 -29.58 -15.37
C LEU L 50 6.01 -30.63 -15.92
N GLU L 51 5.94 -31.80 -15.26
CA GLU L 51 5.05 -32.90 -15.70
C GLU L 51 3.59 -32.41 -15.73
N ALA L 52 3.19 -31.60 -14.74
CA ALA L 52 1.84 -31.10 -14.65
C ALA L 52 1.58 -30.03 -15.69
N GLU L 53 2.58 -29.19 -15.94
CA GLU L 53 2.43 -28.07 -16.92
C GLU L 53 2.07 -28.60 -18.31
N ASN L 54 2.70 -29.69 -18.74
CA ASN L 54 2.46 -30.25 -20.05
C ASN L 54 2.99 -31.66 -20.13
N PRO L 55 2.20 -32.67 -19.86
CA PRO L 55 2.58 -34.05 -19.83
C PRO L 55 3.10 -34.61 -21.11
N GLU L 56 2.90 -33.86 -22.20
CA GLU L 56 3.27 -34.36 -23.56
C GLU L 56 4.61 -33.79 -24.03
N LYS L 57 5.36 -33.07 -23.20
CA LYS L 57 6.63 -32.56 -23.70
C LYS L 57 7.84 -32.98 -22.89
N ASP L 58 8.94 -33.16 -23.59
CA ASP L 58 10.18 -33.57 -22.96
C ASP L 58 10.72 -32.57 -21.99
N ILE L 59 11.47 -33.10 -21.03
CA ILE L 59 12.17 -32.34 -20.02
C ILE L 59 13.65 -32.55 -20.22
N TYR L 60 14.43 -31.47 -20.24
CA TYR L 60 15.89 -31.60 -20.48
C TYR L 60 16.67 -31.44 -19.17
N LEU L 61 17.52 -32.44 -18.86
CA LEU L 61 18.32 -32.35 -17.65
C LEU L 61 19.78 -32.24 -18.02
N TYR L 62 20.40 -31.17 -17.58
CA TYR L 62 21.79 -30.88 -17.87
C TYR L 62 22.64 -31.34 -16.72
N ILE L 63 23.57 -32.24 -16.96
CA ILE L 63 24.34 -32.86 -15.89
C ILE L 63 25.80 -32.51 -15.90
N ASN L 64 26.28 -32.00 -14.77
CA ASN L 64 27.69 -31.70 -14.57
C ASN L 64 28.06 -31.90 -13.14
N SER L 65 28.41 -33.10 -12.72
CA SER L 65 28.65 -33.32 -11.31
C SER L 65 29.58 -34.48 -11.03
N PRO L 66 30.41 -34.38 -9.97
CA PRO L 66 31.36 -35.35 -9.49
C PRO L 66 30.81 -36.57 -8.80
N GLY L 67 29.56 -36.57 -8.37
CA GLY L 67 29.09 -37.73 -7.65
C GLY L 67 28.24 -37.29 -6.49
N GLY L 68 28.08 -38.13 -5.51
CA GLY L 68 27.25 -37.79 -4.37
C GLY L 68 26.67 -38.99 -3.68
N VAL L 69 25.68 -38.75 -2.87
CA VAL L 69 25.01 -39.73 -2.04
C VAL L 69 24.07 -40.58 -2.85
N ILE L 70 24.16 -41.90 -2.75
CA ILE L 70 23.28 -42.74 -3.54
C ILE L 70 21.85 -42.56 -3.17
N THR L 71 21.53 -42.55 -1.90
CA THR L 71 20.14 -42.38 -1.56
C THR L 71 19.53 -41.15 -2.17
N ALA L 72 20.18 -40.01 -2.10
CA ALA L 72 19.59 -38.83 -2.66
C ALA L 72 19.42 -38.98 -4.15
N GLY L 73 20.41 -39.56 -4.80
CA GLY L 73 20.36 -39.76 -6.22
C GLY L 73 19.25 -40.69 -6.63
N MET L 74 18.92 -41.67 -5.81
CA MET L 74 17.87 -42.58 -6.20
C MET L 74 16.54 -41.91 -6.18
N SER L 75 16.32 -40.89 -5.36
CA SER L 75 15.00 -40.29 -5.43
C SER L 75 14.83 -39.57 -6.76
N ILE L 76 15.92 -39.04 -7.32
CA ILE L 76 15.80 -38.40 -8.61
C ILE L 76 15.52 -39.45 -9.64
N TYR L 77 16.25 -40.55 -9.58
CA TYR L 77 16.07 -41.64 -10.53
C TYR L 77 14.65 -42.15 -10.53
N ASP L 78 14.08 -42.45 -9.37
CA ASP L 78 12.75 -42.99 -9.39
C ASP L 78 11.76 -42.01 -9.94
N THR L 79 11.91 -40.74 -9.67
CA THR L 79 10.97 -39.80 -10.22
C THR L 79 11.07 -39.79 -11.72
N MET L 80 12.27 -39.82 -12.27
CA MET L 80 12.37 -39.79 -13.72
C MET L 80 11.66 -40.95 -14.35
N GLN L 81 11.68 -42.11 -13.71
CA GLN L 81 11.03 -43.26 -14.31
C GLN L 81 9.51 -43.21 -14.13
N PHE L 82 9.04 -42.68 -13.02
CA PHE L 82 7.62 -42.60 -12.75
C PHE L 82 6.85 -41.65 -13.66
N ILE L 83 7.36 -40.44 -13.84
CA ILE L 83 6.57 -39.43 -14.56
C ILE L 83 6.38 -39.78 -16.02
N LYS L 84 5.36 -39.19 -16.62
CA LYS L 84 5.04 -39.46 -18.02
C LYS L 84 5.98 -39.00 -19.15
N PRO L 85 6.38 -37.73 -19.28
CA PRO L 85 7.18 -37.26 -20.38
C PRO L 85 8.59 -37.80 -20.34
N ASP L 86 9.23 -37.95 -21.47
CA ASP L 86 10.62 -38.37 -21.48
C ASP L 86 11.55 -37.36 -20.88
N VAL L 87 12.56 -37.86 -20.17
CA VAL L 87 13.58 -36.99 -19.67
C VAL L 87 14.83 -37.25 -20.47
N SER L 88 15.35 -36.21 -21.10
CA SER L 88 16.54 -36.32 -21.92
C SER L 88 17.69 -35.72 -21.19
N THR L 89 18.72 -36.50 -20.94
CA THR L 89 19.85 -36.05 -20.17
C THR L 89 21.04 -35.68 -21.04
N ILE L 90 21.67 -34.55 -20.75
CA ILE L 90 22.85 -34.11 -21.49
C ILE L 90 24.05 -33.95 -20.59
N CYS L 91 25.13 -34.69 -20.87
CA CYS L 91 26.33 -34.65 -20.01
C CYS L 91 27.39 -33.66 -20.54
N MET L 92 27.85 -32.75 -19.69
CA MET L 92 28.89 -31.80 -20.01
C MET L 92 29.82 -31.64 -18.86
N GLY L 93 31.07 -31.27 -19.08
CA GLY L 93 31.90 -31.25 -17.89
C GLY L 93 32.05 -32.71 -17.52
N GLN L 94 31.53 -33.11 -16.38
CA GLN L 94 31.66 -34.51 -16.01
C GLN L 94 30.42 -35.12 -15.48
N ALA L 95 30.35 -36.41 -15.61
CA ALA L 95 29.31 -37.19 -15.00
C ALA L 95 29.98 -38.33 -14.29
N ALA L 96 30.31 -38.15 -13.04
CA ALA L 96 31.04 -39.19 -12.36
C ALA L 96 30.23 -39.86 -11.30
N SER L 97 30.44 -41.14 -11.13
CA SER L 97 29.83 -41.89 -10.06
C SER L 97 28.33 -41.85 -10.16
N MET L 98 27.67 -41.33 -9.14
CA MET L 98 26.21 -41.25 -9.21
C MET L 98 25.80 -40.34 -10.35
N GLY L 99 26.63 -39.42 -10.75
CA GLY L 99 26.28 -38.55 -11.85
C GLY L 99 26.16 -39.37 -13.13
N ALA L 100 27.01 -40.40 -13.25
CA ALA L 100 27.02 -41.29 -14.45
C ALA L 100 25.76 -42.16 -14.44
N PHE L 101 25.32 -42.59 -13.27
CA PHE L 101 24.10 -43.44 -13.15
C PHE L 101 22.87 -42.59 -13.49
N LEU L 102 22.91 -41.30 -13.15
CA LEU L 102 21.80 -40.36 -13.42
C LEU L 102 21.77 -40.04 -14.93
N LEU L 103 22.92 -40.16 -15.59
CA LEU L 103 22.98 -39.87 -17.02
C LEU L 103 22.40 -40.96 -17.89
N THR L 104 22.71 -42.21 -17.58
CA THR L 104 22.24 -43.31 -18.43
C THR L 104 20.80 -43.64 -18.23
N ALA L 105 20.16 -43.02 -17.25
CA ALA L 105 18.82 -43.33 -16.87
C ALA L 105 17.83 -42.53 -17.67
N GLY L 106 18.32 -41.69 -18.56
CA GLY L 106 17.44 -40.86 -19.36
C GLY L 106 16.73 -41.70 -20.40
N ALA L 107 15.81 -41.10 -21.11
CA ALA L 107 15.01 -41.80 -22.11
C ALA L 107 15.86 -42.37 -23.18
N LYS L 108 15.59 -43.58 -23.59
CA LYS L 108 16.39 -44.22 -24.61
C LYS L 108 16.36 -43.48 -25.91
N GLY L 109 17.51 -43.20 -26.48
CA GLY L 109 17.59 -42.51 -27.75
C GLY L 109 17.83 -41.05 -27.52
N LYS L 110 17.69 -40.62 -26.29
CA LYS L 110 17.86 -39.25 -25.94
C LYS L 110 18.98 -38.96 -24.95
N ARG L 111 19.91 -39.91 -24.73
CA ARG L 111 21.04 -39.63 -23.82
C ARG L 111 22.18 -39.03 -24.62
N PHE L 112 22.51 -37.76 -24.41
CA PHE L 112 23.58 -37.16 -25.25
C PHE L 112 24.65 -36.46 -24.41
N CYS L 113 25.90 -36.48 -24.88
CA CYS L 113 27.03 -35.85 -24.15
C CYS L 113 27.88 -35.04 -25.13
N LEU L 114 28.49 -33.95 -24.64
CA LEU L 114 29.33 -33.10 -25.46
C LEU L 114 30.66 -33.80 -25.65
N PRO L 115 31.39 -33.56 -26.75
CA PRO L 115 32.60 -34.24 -27.13
C PRO L 115 33.80 -34.17 -26.22
N ASN L 116 33.95 -33.17 -25.36
CA ASN L 116 35.12 -33.18 -24.51
C ASN L 116 34.82 -33.56 -23.08
N SER L 117 33.66 -34.11 -22.85
CA SER L 117 33.25 -34.51 -21.53
C SER L 117 33.89 -35.81 -21.06
N ARG L 118 33.73 -36.10 -19.78
CA ARG L 118 34.20 -37.36 -19.19
C ARG L 118 33.21 -38.00 -18.31
N VAL L 119 33.11 -39.30 -18.42
CA VAL L 119 32.21 -40.08 -17.62
C VAL L 119 33.01 -41.08 -16.82
N MET L 120 32.74 -41.20 -15.53
CA MET L 120 33.51 -42.17 -14.76
C MET L 120 32.61 -43.01 -13.90
N ILE L 121 32.86 -44.31 -13.87
CA ILE L 121 32.00 -45.19 -13.07
C ILE L 121 32.78 -46.05 -12.07
N HIS L 122 32.17 -46.38 -10.94
CA HIS L 122 32.82 -47.24 -9.94
C HIS L 122 31.82 -47.85 -8.97
N GLN L 123 32.20 -48.93 -8.29
CA GLN L 123 31.39 -49.54 -7.23
C GLN L 123 31.19 -48.59 -6.02
N PRO L 124 30.10 -48.71 -5.21
CA PRO L 124 29.78 -47.88 -4.06
C PRO L 124 30.79 -47.87 -2.97
N LEU L 125 30.89 -46.73 -2.29
CA LEU L 125 31.77 -46.55 -1.15
C LEU L 125 30.95 -46.48 0.12
N GLY L 126 31.56 -46.81 1.24
CA GLY L 126 30.87 -46.69 2.52
C GLY L 126 31.76 -47.10 3.67
N GLY L 127 31.21 -47.29 4.85
CA GLY L 127 32.02 -47.66 6.00
C GLY L 127 31.19 -47.74 7.26
N TYR L 128 31.82 -48.11 8.37
CA TYR L 128 31.13 -48.26 9.65
C TYR L 128 32.05 -48.58 10.82
N GLN L 129 31.64 -48.22 12.04
CA GLN L 129 32.34 -48.55 13.28
C GLN L 129 31.37 -49.13 14.27
N GLY L 130 31.75 -50.15 15.03
CA GLY L 130 30.80 -50.72 15.98
C GLY L 130 31.14 -52.13 16.42
N GLN L 131 30.15 -52.87 16.90
CA GLN L 131 30.44 -54.21 17.38
C GLN L 131 30.50 -55.15 16.22
N ALA L 132 31.14 -56.30 16.34
CA ALA L 132 31.19 -57.20 15.19
C ALA L 132 29.80 -57.50 14.65
N THR L 133 28.81 -57.62 15.51
CA THR L 133 27.45 -57.86 15.06
C THR L 133 26.90 -56.73 14.20
N ASP L 134 27.23 -55.49 14.50
CA ASP L 134 26.66 -54.40 13.75
C ASP L 134 27.41 -54.28 12.47
N ILE L 135 28.67 -54.59 12.51
CA ILE L 135 29.44 -54.49 11.33
C ILE L 135 28.86 -55.41 10.30
N GLU L 136 28.52 -56.61 10.68
CA GLU L 136 27.91 -57.50 9.71
C GLU L 136 26.64 -56.95 9.10
N ILE L 137 25.77 -56.35 9.90
CA ILE L 137 24.54 -55.84 9.33
C ILE L 137 24.82 -54.76 8.32
N HIS L 138 25.69 -53.86 8.65
CA HIS L 138 26.00 -52.79 7.73
C HIS L 138 26.76 -53.27 6.51
N ALA L 139 27.62 -54.27 6.65
CA ALA L 139 28.31 -54.76 5.48
C ALA L 139 27.33 -55.41 4.53
N ARG L 140 26.35 -56.14 5.04
CA ARG L 140 25.41 -56.76 4.15
C ARG L 140 24.61 -55.76 3.38
N GLU L 141 24.22 -54.68 4.01
CA GLU L 141 23.44 -53.72 3.28
C GLU L 141 24.23 -53.06 2.18
N ILE L 142 25.49 -52.74 2.38
CA ILE L 142 26.16 -52.10 1.26
C ILE L 142 26.33 -53.06 0.11
N LEU L 143 26.53 -54.34 0.39
CA LEU L 143 26.65 -55.28 -0.69
C LEU L 143 25.35 -55.42 -1.46
N LYS L 144 24.20 -55.36 -0.79
CA LYS L 144 22.94 -55.42 -1.53
C LYS L 144 22.82 -54.24 -2.44
N VAL L 145 23.26 -53.07 -2.01
CA VAL L 145 23.20 -51.92 -2.88
C VAL L 145 24.11 -52.12 -4.06
N LYS L 146 25.33 -52.60 -3.85
CA LYS L 146 26.17 -52.80 -5.01
C LYS L 146 25.48 -53.66 -6.02
N GLY L 147 24.87 -54.74 -5.57
CA GLY L 147 24.20 -55.64 -6.50
C GLY L 147 23.09 -54.95 -7.27
N ARG L 148 22.30 -54.15 -6.58
CA ARG L 148 21.20 -53.48 -7.25
C ARG L 148 21.67 -52.44 -8.24
N MET L 149 22.72 -51.72 -7.92
CA MET L 149 23.19 -50.71 -8.85
C MET L 149 23.69 -51.38 -10.12
N ASN L 150 24.32 -52.54 -9.99
CA ASN L 150 24.80 -53.20 -11.17
C ASN L 150 23.68 -53.70 -12.04
N GLU L 151 22.58 -54.14 -11.44
CA GLU L 151 21.48 -54.59 -12.27
C GLU L 151 20.93 -53.45 -13.08
N LEU L 152 20.83 -52.29 -12.48
CA LEU L 152 20.28 -51.18 -13.21
C LEU L 152 21.24 -50.73 -14.30
N MET L 153 22.54 -50.75 -14.06
CA MET L 153 23.42 -50.37 -15.15
C MET L 153 23.26 -51.32 -16.32
N ALA L 154 23.19 -52.61 -16.06
CA ALA L 154 23.05 -53.54 -17.16
C ALA L 154 21.73 -53.33 -17.88
N LEU L 155 20.69 -53.06 -17.13
CA LEU L 155 19.40 -52.85 -17.75
C LEU L 155 19.39 -51.69 -18.70
N HIS L 156 19.96 -50.57 -18.28
CA HIS L 156 19.93 -49.40 -19.11
C HIS L 156 20.97 -49.38 -20.20
N THR L 157 22.09 -50.07 -20.06
CA THR L 157 23.10 -49.99 -21.10
C THR L 157 23.13 -51.14 -22.09
N GLY L 158 22.60 -52.29 -21.74
CA GLY L 158 22.65 -53.40 -22.67
C GLY L 158 23.84 -54.30 -22.47
N GLN L 159 24.71 -53.94 -21.55
CA GLN L 159 25.85 -54.76 -21.27
C GLN L 159 25.35 -55.90 -20.44
N SER L 160 26.04 -57.02 -20.46
CA SER L 160 25.60 -58.12 -19.62
C SER L 160 25.89 -57.77 -18.19
N LEU L 161 25.27 -58.47 -17.26
CA LEU L 161 25.54 -58.14 -15.89
C LEU L 161 26.96 -58.47 -15.51
N GLU L 162 27.49 -59.56 -16.02
CA GLU L 162 28.85 -59.93 -15.68
C GLU L 162 29.81 -58.90 -16.19
N GLN L 163 29.54 -58.36 -17.36
CA GLN L 163 30.45 -57.36 -17.87
C GLN L 163 30.39 -56.12 -17.01
N ILE L 164 29.21 -55.73 -16.55
CA ILE L 164 29.14 -54.57 -15.71
C ILE L 164 29.89 -54.81 -14.43
N GLU L 165 29.77 -55.97 -13.84
CA GLU L 165 30.50 -56.14 -12.61
C GLU L 165 31.98 -56.05 -12.81
N ARG L 166 32.53 -56.61 -13.87
CA ARG L 166 33.97 -56.50 -14.02
C ARG L 166 34.43 -55.07 -14.22
N ASP L 167 33.68 -54.30 -14.96
CA ASP L 167 34.07 -52.95 -15.26
C ASP L 167 33.95 -51.95 -14.14
N THR L 168 33.32 -52.35 -13.03
CA THR L 168 33.08 -51.41 -11.89
C THR L 168 33.90 -51.82 -10.67
N GLU L 169 34.95 -52.61 -10.86
CA GLU L 169 35.81 -53.05 -9.73
C GLU L 169 36.68 -51.86 -9.29
N ARG L 170 37.19 -51.09 -10.26
CA ARG L 170 38.05 -49.95 -10.01
C ARG L 170 37.62 -48.81 -10.88
N ASP L 171 37.99 -47.60 -10.53
CA ASP L 171 37.56 -46.45 -11.28
C ASP L 171 37.80 -46.62 -12.75
N ARG L 172 36.80 -46.38 -13.55
CA ARG L 172 36.94 -46.51 -14.97
C ARG L 172 36.55 -45.24 -15.68
N PHE L 173 37.44 -44.70 -16.48
CA PHE L 173 37.15 -43.46 -17.16
C PHE L 173 36.84 -43.68 -18.62
N LEU L 174 35.79 -43.04 -19.10
CA LEU L 174 35.38 -43.13 -20.50
C LEU L 174 35.31 -41.77 -21.17
N SER L 175 35.87 -41.65 -22.36
CA SER L 175 35.80 -40.39 -23.11
C SER L 175 34.46 -40.33 -23.79
N ALA L 176 34.07 -39.20 -24.35
CA ALA L 176 32.73 -39.17 -24.95
C ALA L 176 32.52 -40.26 -26.00
N PRO L 177 33.42 -40.56 -26.95
CA PRO L 177 33.24 -41.62 -27.89
C PRO L 177 33.16 -43.00 -27.28
N GLU L 178 33.69 -43.18 -26.08
CA GLU L 178 33.65 -44.49 -25.48
C GLU L 178 32.34 -44.64 -24.79
N ALA L 179 31.82 -43.56 -24.26
CA ALA L 179 30.54 -43.64 -23.61
C ALA L 179 29.51 -44.05 -24.64
N VAL L 180 29.68 -43.57 -25.87
CA VAL L 180 28.74 -43.92 -26.91
C VAL L 180 28.89 -45.38 -27.28
N GLU L 181 30.11 -45.84 -27.48
CA GLU L 181 30.30 -47.23 -27.83
C GLU L 181 29.87 -48.19 -26.74
N TYR L 182 30.16 -47.85 -25.50
CA TYR L 182 29.87 -48.67 -24.35
C TYR L 182 28.38 -48.80 -24.20
N GLY L 183 27.67 -47.71 -24.42
CA GLY L 183 26.23 -47.72 -24.28
C GLY L 183 25.74 -46.84 -23.16
N LEU L 184 26.54 -45.90 -22.68
CA LEU L 184 26.05 -45.05 -21.62
C LEU L 184 25.25 -43.93 -22.24
N VAL L 185 25.63 -43.51 -23.42
CA VAL L 185 24.89 -42.44 -24.08
C VAL L 185 24.57 -42.89 -25.48
N ASP L 186 23.62 -42.25 -26.11
CA ASP L 186 23.31 -42.62 -27.46
C ASP L 186 24.11 -41.85 -28.48
N SER L 187 24.42 -40.59 -28.20
CA SER L 187 25.15 -39.83 -29.19
C SER L 187 25.87 -38.61 -28.66
N ILE L 188 26.68 -38.02 -29.54
CA ILE L 188 27.45 -36.82 -29.24
C ILE L 188 26.92 -35.63 -30.00
N LEU L 189 26.66 -34.56 -29.29
CA LEU L 189 26.21 -33.35 -29.95
C LEU L 189 27.46 -32.69 -30.42
N THR L 190 27.46 -31.98 -31.54
CA THR L 190 28.69 -31.35 -32.01
C THR L 190 28.55 -29.87 -32.23
N HIS L 191 27.88 -29.51 -33.29
CA HIS L 191 27.63 -28.12 -33.61
C HIS L 191 26.18 -27.98 -33.93
N ARG L 192 25.61 -26.82 -33.65
CA ARG L 192 24.22 -26.63 -34.00
C ARG L 192 24.05 -26.69 -35.50
N ALA M 1 18.69 -17.60 -8.09
CA ALA M 1 17.63 -18.46 -7.64
C ALA M 1 18.13 -19.73 -7.04
N LEU M 2 18.26 -19.75 -5.72
CA LEU M 2 18.56 -21.03 -5.13
C LEU M 2 17.32 -21.87 -5.35
N VAL M 3 16.17 -21.22 -5.19
CA VAL M 3 14.88 -21.83 -5.38
C VAL M 3 14.21 -21.01 -6.49
N PRO M 4 13.78 -21.62 -7.60
CA PRO M 4 13.19 -21.01 -8.76
C PRO M 4 11.80 -20.53 -8.52
N MET M 5 11.35 -19.59 -9.35
CA MET M 5 10.00 -19.06 -9.34
C MET M 5 9.14 -19.67 -10.43
N VAL M 6 7.86 -19.82 -10.16
CA VAL M 6 6.91 -20.27 -11.16
C VAL M 6 5.70 -19.34 -11.24
N ILE M 7 4.99 -19.37 -12.37
CA ILE M 7 3.81 -18.53 -12.63
C ILE M 7 2.59 -19.38 -12.89
N GLU M 8 1.44 -18.99 -12.34
CA GLU M 8 0.18 -19.76 -12.52
C GLU M 8 -0.85 -18.89 -13.27
N GLN M 9 -2.09 -19.38 -13.36
CA GLN M 9 -3.18 -18.63 -14.06
C GLN M 9 -4.47 -18.74 -13.25
N THR M 10 -4.89 -17.64 -12.61
CA THR M 10 -6.13 -17.62 -11.79
C THR M 10 -7.13 -16.63 -12.41
N SER M 11 -8.01 -16.06 -11.58
CA SER M 11 -9.03 -15.10 -12.07
C SER M 11 -8.34 -13.77 -12.44
N ARG M 12 -7.36 -13.35 -11.64
CA ARG M 12 -6.62 -12.09 -11.90
C ARG M 12 -5.47 -12.37 -12.88
N GLY M 13 -4.25 -12.49 -12.36
CA GLY M 13 -3.06 -12.75 -13.21
C GLY M 13 -1.79 -12.79 -12.38
N GLU M 14 -0.63 -12.74 -13.04
CA GLU M 14 0.69 -12.75 -12.36
C GLU M 14 0.74 -13.93 -11.37
N ARG M 15 0.55 -13.63 -10.08
CA ARG M 15 0.57 -14.67 -9.00
C ARG M 15 1.86 -15.48 -9.08
N SER M 16 3.01 -14.85 -8.80
CA SER M 16 4.33 -15.54 -8.84
C SER M 16 4.57 -16.29 -7.53
N PHE M 17 5.14 -17.50 -7.58
CA PHE M 17 5.36 -18.26 -6.34
C PHE M 17 6.73 -18.93 -6.34
N ASP M 18 7.16 -19.39 -5.15
CA ASP M 18 8.47 -20.10 -4.98
C ASP M 18 8.29 -21.55 -5.41
N ILE M 19 9.41 -22.25 -5.66
CA ILE M 19 9.36 -23.68 -6.09
C ILE M 19 8.82 -24.53 -4.94
N TYR M 20 8.23 -23.91 -3.91
CA TYR M 20 7.72 -24.67 -2.80
C TYR M 20 6.36 -24.16 -2.34
N SER M 21 6.08 -22.88 -2.54
CA SER M 21 4.80 -22.35 -2.11
C SER M 21 3.79 -22.82 -3.12
N ARG M 22 4.23 -22.96 -4.35
CA ARG M 22 3.36 -23.40 -5.38
C ARG M 22 2.85 -24.78 -5.08
N LEU M 23 3.69 -25.64 -4.51
CA LEU M 23 3.27 -26.99 -4.17
C LEU M 23 2.49 -27.05 -2.87
N LEU M 24 2.73 -26.14 -1.94
CA LEU M 24 1.91 -26.16 -0.72
C LEU M 24 0.46 -25.97 -1.12
N LYS M 25 0.21 -25.16 -2.13
CA LYS M 25 -1.15 -24.94 -2.59
C LYS M 25 -1.83 -26.19 -3.11
N GLU M 26 -1.07 -27.20 -3.47
CA GLU M 26 -1.57 -28.43 -4.02
C GLU M 26 -1.69 -29.46 -2.95
N ARG M 27 -1.53 -29.02 -1.72
CA ARG M 27 -1.60 -29.83 -0.53
C ARG M 27 -0.45 -30.82 -0.47
N VAL M 28 0.74 -30.37 -0.89
CA VAL M 28 1.93 -31.17 -0.82
C VAL M 28 2.96 -30.60 0.12
N ILE M 29 3.35 -31.38 1.11
CA ILE M 29 4.35 -30.99 2.10
C ILE M 29 5.55 -31.89 2.03
N PHE M 30 6.75 -31.32 2.00
CA PHE M 30 7.95 -32.14 2.00
C PHE M 30 8.64 -32.15 3.32
N LEU M 31 9.06 -33.31 3.74
CA LEU M 31 9.86 -33.51 4.93
C LEU M 31 11.19 -34.06 4.57
N THR M 32 12.22 -33.23 4.56
CA THR M 32 13.51 -33.72 4.18
C THR M 32 14.53 -33.30 5.16
N GLY M 33 15.58 -34.07 5.24
CA GLY M 33 16.70 -33.73 6.08
C GLY M 33 16.42 -34.24 7.47
N GLN M 34 17.21 -33.86 8.43
CA GLN M 34 17.06 -34.38 9.78
C GLN M 34 15.96 -33.73 10.55
N VAL M 35 15.19 -34.51 11.31
CA VAL M 35 14.11 -33.97 12.11
C VAL M 35 14.60 -33.29 13.35
N GLU M 36 14.18 -32.06 13.54
CA GLU M 36 14.54 -31.28 14.69
C GLU M 36 13.45 -30.28 14.99
N ASP M 37 13.59 -29.48 16.02
CA ASP M 37 12.49 -28.61 16.42
C ASP M 37 12.07 -27.52 15.48
N HIS M 38 12.96 -26.84 14.81
CA HIS M 38 12.44 -25.75 14.00
C HIS M 38 11.77 -26.28 12.76
N MET M 39 12.36 -27.27 12.15
CA MET M 39 11.74 -27.83 11.00
C MET M 39 10.43 -28.52 11.33
N ALA M 40 10.42 -29.25 12.46
CA ALA M 40 9.22 -29.98 12.92
C ALA M 40 8.13 -28.99 13.33
N ASN M 41 8.51 -27.74 13.62
CA ASN M 41 7.54 -26.70 14.04
C ASN M 41 6.86 -26.10 12.80
N LEU M 42 7.58 -26.04 11.67
CA LEU M 42 7.06 -25.51 10.45
C LEU M 42 6.11 -26.48 9.78
N ILE M 43 6.42 -27.76 9.80
CA ILE M 43 5.51 -28.72 9.19
C ILE M 43 4.17 -28.71 9.88
N VAL M 44 4.15 -28.62 11.19
CA VAL M 44 2.87 -28.58 11.84
C VAL M 44 2.12 -27.35 11.37
N ALA M 45 2.75 -26.20 11.29
CA ALA M 45 2.01 -25.04 10.85
C ALA M 45 1.39 -25.28 9.48
N GLN M 46 2.09 -25.93 8.58
CA GLN M 46 1.50 -26.19 7.28
C GLN M 46 0.35 -27.14 7.33
N MET M 47 0.41 -28.18 8.14
CA MET M 47 -0.72 -29.09 8.17
C MET M 47 -1.96 -28.45 8.74
N LEU M 48 -1.82 -27.58 9.74
CA LEU M 48 -3.01 -26.97 10.30
C LEU M 48 -3.65 -26.04 9.28
N PHE M 49 -2.79 -25.34 8.53
CA PHE M 49 -3.22 -24.39 7.47
C PHE M 49 -4.02 -25.12 6.39
N LEU M 50 -3.57 -26.31 5.97
CA LEU M 50 -4.27 -27.02 4.93
C LEU M 50 -5.59 -27.60 5.41
N GLU M 51 -5.66 -28.07 6.65
CA GLU M 51 -6.93 -28.59 7.12
C GLU M 51 -7.97 -27.51 7.06
N ALA M 52 -7.63 -26.33 7.51
CA ALA M 52 -8.59 -25.26 7.51
C ALA M 52 -9.07 -24.90 6.13
N GLU M 53 -8.12 -24.91 5.17
CA GLU M 53 -8.44 -24.56 3.75
C GLU M 53 -9.58 -25.46 3.25
N ASN M 54 -9.52 -26.76 3.53
CA ASN M 54 -10.53 -27.67 3.04
C ASN M 54 -10.45 -28.98 3.80
N PRO M 55 -11.22 -29.16 4.86
CA PRO M 55 -11.20 -30.28 5.74
C PRO M 55 -11.51 -31.60 5.10
N GLU M 56 -12.04 -31.55 3.87
CA GLU M 56 -12.49 -32.79 3.18
C GLU M 56 -11.45 -33.26 2.15
N LYS M 57 -10.24 -32.70 2.15
CA LYS M 57 -9.27 -33.17 1.17
C LYS M 57 -7.95 -33.64 1.75
N ASP M 58 -7.41 -34.68 1.15
CA ASP M 58 -6.16 -35.27 1.60
C ASP M 58 -4.98 -34.35 1.52
N ILE M 59 -4.02 -34.61 2.40
CA ILE M 59 -2.74 -33.93 2.45
C ILE M 59 -1.65 -34.93 2.15
N TYR M 60 -0.72 -34.58 1.25
CA TYR M 60 0.35 -35.54 0.87
C TYR M 60 1.68 -35.15 1.53
N LEU M 61 2.31 -36.10 2.23
CA LEU M 61 3.59 -35.82 2.85
C LEU M 61 4.67 -36.66 2.21
N TYR M 62 5.67 -36.00 1.65
CA TYR M 62 6.77 -36.66 0.97
C TYR M 62 7.95 -36.75 1.88
N ILE M 63 8.39 -37.96 2.18
CA ILE M 63 9.42 -38.17 3.18
C ILE M 63 10.73 -38.67 2.63
N ASN M 64 11.79 -37.96 2.96
CA ASN M 64 13.15 -38.35 2.62
C ASN M 64 14.09 -37.90 3.71
N SER M 65 14.31 -38.72 4.72
CA SER M 65 15.09 -38.27 5.87
C SER M 65 15.77 -39.39 6.62
N PRO M 66 16.98 -39.15 7.17
CA PRO M 66 17.78 -40.03 7.96
C PRO M 66 17.36 -40.26 9.38
N GLY M 67 16.42 -39.49 9.89
CA GLY M 67 16.10 -39.66 11.29
C GLY M 67 16.06 -38.34 12.00
N GLY M 68 16.24 -38.33 13.30
CA GLY M 68 16.19 -37.08 14.03
C GLY M 68 15.73 -37.24 15.46
N VAL M 69 15.35 -36.12 16.03
CA VAL M 69 14.94 -36.01 17.42
C VAL M 69 13.54 -36.54 17.62
N ILE M 70 13.34 -37.42 18.60
CA ILE M 70 12.01 -37.97 18.81
C ILE M 70 11.02 -36.95 19.25
N THR M 71 11.36 -36.10 20.19
CA THR M 71 10.40 -35.13 20.60
C THR M 71 9.86 -34.33 19.44
N ALA M 72 10.72 -33.84 18.59
CA ALA M 72 10.25 -33.06 17.47
C ALA M 72 9.39 -33.91 16.56
N GLY M 73 9.79 -35.14 16.35
CA GLY M 73 8.99 -36.00 15.49
C GLY M 73 7.62 -36.29 16.09
N MET M 74 7.51 -36.36 17.40
CA MET M 74 6.21 -36.66 17.95
C MET M 74 5.24 -35.52 17.79
N SER M 75 5.67 -34.26 17.78
CA SER M 75 4.64 -33.26 17.59
C SER M 75 4.06 -33.38 16.20
N ILE M 76 4.86 -33.85 15.24
CA ILE M 76 4.30 -34.05 13.92
C ILE M 76 3.33 -35.19 13.97
N TYR M 77 3.70 -36.28 14.62
CA TYR M 77 2.82 -37.43 14.71
C TYR M 77 1.48 -37.07 15.29
N ASP M 78 1.46 -36.37 16.39
CA ASP M 78 0.18 -36.06 16.98
C ASP M 78 -0.65 -35.18 16.10
N THR M 79 -0.06 -34.23 15.41
CA THR M 79 -0.89 -33.40 14.55
C THR M 79 -1.48 -34.25 13.45
N MET M 80 -0.72 -35.15 12.86
CA MET M 80 -1.27 -35.97 11.80
C MET M 80 -2.49 -36.74 12.27
N GLN M 81 -2.49 -37.21 13.50
CA GLN M 81 -3.61 -37.99 13.97
C GLN M 81 -4.81 -37.12 14.36
N PHE M 82 -4.56 -35.95 14.89
CA PHE M 82 -5.60 -35.05 15.32
C PHE M 82 -6.47 -34.47 14.21
N ILE M 83 -5.83 -33.97 13.16
CA ILE M 83 -6.56 -33.26 12.12
C ILE M 83 -7.47 -34.19 11.32
N LYS M 84 -8.59 -33.63 10.85
CA LYS M 84 -9.59 -34.40 10.11
C LYS M 84 -9.21 -35.09 8.77
N PRO M 85 -8.62 -34.46 7.76
CA PRO M 85 -8.33 -35.09 6.49
C PRO M 85 -7.25 -36.13 6.59
N ASP M 86 -7.30 -37.13 5.76
CA ASP M 86 -6.24 -38.12 5.75
C ASP M 86 -4.92 -37.55 5.35
N VAL M 87 -3.86 -38.02 5.98
CA VAL M 87 -2.52 -37.66 5.55
C VAL M 87 -1.91 -38.87 4.94
N SER M 88 -1.56 -38.78 3.69
CA SER M 88 -0.97 -39.86 2.95
C SER M 88 0.51 -39.65 2.85
N THR M 89 1.28 -40.63 3.28
CA THR M 89 2.72 -40.50 3.28
C THR M 89 3.35 -41.28 2.16
N ILE M 90 4.32 -40.68 1.51
CA ILE M 90 5.06 -41.31 0.43
C ILE M 90 6.55 -41.31 0.73
N CYS M 91 7.17 -42.49 0.68
CA CYS M 91 8.62 -42.64 0.98
C CYS M 91 9.46 -42.71 -0.31
N MET M 92 10.34 -41.73 -0.49
CA MET M 92 11.29 -41.66 -1.63
C MET M 92 12.68 -41.47 -1.04
N GLY M 93 13.75 -41.98 -1.67
CA GLY M 93 15.04 -41.82 -1.02
C GLY M 93 15.03 -42.73 0.20
N GLN M 94 15.13 -42.19 1.40
CA GLN M 94 15.12 -43.06 2.55
C GLN M 94 14.20 -42.61 3.64
N ALA M 95 13.76 -43.54 4.45
CA ALA M 95 13.00 -43.23 5.63
C ALA M 95 13.61 -43.98 6.77
N ALA M 96 14.54 -43.37 7.48
CA ALA M 96 15.21 -44.11 8.52
C ALA M 96 14.83 -43.61 9.88
N SER M 97 14.79 -44.50 10.84
CA SER M 97 14.60 -44.16 12.22
C SER M 97 13.32 -43.44 12.43
N MET M 98 13.38 -42.20 12.90
CA MET M 98 12.16 -41.45 13.11
C MET M 98 11.46 -41.22 11.79
N GLY M 99 12.18 -41.20 10.70
CA GLY M 99 11.55 -40.99 9.43
C GLY M 99 10.60 -42.13 9.14
N ALA M 100 11.04 -43.36 9.40
CA ALA M 100 10.22 -44.54 9.15
C ALA M 100 9.03 -44.54 10.05
N PHE M 101 9.21 -44.07 11.27
CA PHE M 101 8.10 -44.02 12.18
C PHE M 101 7.02 -43.13 11.63
N LEU M 102 7.38 -41.95 11.18
CA LEU M 102 6.33 -41.10 10.63
C LEU M 102 5.77 -41.71 9.36
N LEU M 103 6.56 -42.37 8.55
CA LEU M 103 6.01 -42.95 7.34
C LEU M 103 4.83 -43.86 7.60
N THR M 104 4.93 -44.71 8.59
CA THR M 104 3.86 -45.68 8.83
C THR M 104 2.66 -45.07 9.48
N ALA M 105 2.75 -43.82 9.89
CA ALA M 105 1.75 -43.19 10.67
C ALA M 105 0.68 -42.59 9.80
N GLY M 106 0.83 -42.73 8.49
CA GLY M 106 -0.13 -42.15 7.58
C GLY M 106 -1.44 -42.93 7.55
N ALA M 107 -2.38 -42.42 6.79
CA ALA M 107 -3.70 -43.01 6.70
C ALA M 107 -3.63 -44.40 6.17
N LYS M 108 -4.34 -45.32 6.78
CA LYS M 108 -4.28 -46.70 6.33
C LYS M 108 -4.76 -46.84 4.91
N GLY M 109 -3.99 -47.53 4.08
CA GLY M 109 -4.36 -47.76 2.71
C GLY M 109 -3.70 -46.75 1.80
N LYS M 110 -3.14 -45.72 2.39
CA LYS M 110 -2.49 -44.67 1.66
C LYS M 110 -1.02 -44.52 1.92
N ARG M 111 -0.36 -45.57 2.42
CA ARG M 111 1.09 -45.54 2.71
C ARG M 111 1.83 -46.12 1.50
N PHE M 112 2.44 -45.25 0.68
CA PHE M 112 3.17 -45.71 -0.54
C PHE M 112 4.68 -45.47 -0.37
N CYS M 113 5.47 -46.09 -1.25
CA CYS M 113 6.95 -45.96 -1.27
C CYS M 113 7.46 -46.28 -2.68
N LEU M 114 8.46 -45.54 -3.16
CA LEU M 114 8.96 -45.77 -4.50
C LEU M 114 9.81 -47.03 -4.54
N PRO M 115 9.97 -47.70 -5.71
CA PRO M 115 10.65 -48.95 -5.91
C PRO M 115 12.07 -49.09 -5.45
N ASN M 116 12.87 -48.01 -5.40
CA ASN M 116 14.25 -48.21 -4.97
C ASN M 116 14.54 -47.60 -3.63
N SER M 117 13.52 -47.29 -2.88
CA SER M 117 13.70 -46.69 -1.59
C SER M 117 14.17 -47.66 -0.52
N ARG M 118 14.59 -47.11 0.60
CA ARG M 118 14.99 -47.91 1.76
C ARG M 118 14.43 -47.42 3.04
N VAL M 119 14.00 -48.35 3.86
CA VAL M 119 13.44 -48.04 5.14
C VAL M 119 14.25 -48.70 6.23
N MET M 120 14.60 -47.98 7.27
CA MET M 120 15.38 -48.62 8.33
C MET M 120 14.81 -48.30 9.68
N ILE M 121 14.69 -49.29 10.55
CA ILE M 121 14.12 -49.06 11.88
C ILE M 121 15.02 -49.52 13.02
N HIS M 122 15.00 -48.84 14.15
CA HIS M 122 15.81 -49.26 15.29
C HIS M 122 15.31 -48.67 16.62
N GLN M 123 15.69 -49.28 17.74
CA GLN M 123 15.40 -48.74 19.07
C GLN M 123 16.06 -47.37 19.27
N PRO M 124 15.53 -46.47 20.11
CA PRO M 124 16.04 -45.14 20.35
C PRO M 124 17.35 -45.08 21.05
N LEU M 125 18.09 -44.01 20.75
CA LEU M 125 19.40 -43.69 21.33
C LEU M 125 19.31 -42.58 22.32
N GLY M 126 20.27 -42.49 23.23
CA GLY M 126 20.32 -41.40 24.20
C GLY M 126 21.51 -41.53 25.10
N GLY M 127 21.56 -40.77 26.19
CA GLY M 127 22.70 -40.85 27.09
C GLY M 127 22.62 -39.81 28.20
N TYR M 128 23.48 -39.96 29.20
CA TYR M 128 23.50 -39.04 30.33
C TYR M 128 24.79 -39.06 31.14
N GLN M 129 25.15 -37.92 31.74
CA GLN M 129 26.29 -37.83 32.66
C GLN M 129 25.83 -37.24 33.97
N GLY M 130 26.25 -37.76 35.11
CA GLY M 130 25.79 -37.17 36.37
C GLY M 130 25.90 -38.08 37.58
N GLN M 131 25.14 -37.82 38.63
CA GLN M 131 25.28 -38.64 39.83
C GLN M 131 24.56 -39.94 39.61
N ALA M 132 24.90 -41.00 40.32
CA ALA M 132 24.17 -42.25 40.12
C ALA M 132 22.67 -42.07 40.23
N THR M 133 22.21 -41.21 41.12
CA THR M 133 20.79 -40.95 41.25
C THR M 133 20.18 -40.33 40.00
N ASP M 134 20.91 -39.49 39.29
CA ASP M 134 20.34 -38.82 38.15
C ASP M 134 20.36 -39.78 37.02
N ILE M 135 21.34 -40.64 36.99
CA ILE M 135 21.44 -41.59 35.93
C ILE M 135 20.23 -42.46 35.98
N GLU M 136 19.83 -42.91 37.15
CA GLU M 136 18.65 -43.74 37.21
C GLU M 136 17.42 -43.04 36.67
N ILE M 137 17.23 -41.78 36.98
CA ILE M 137 16.04 -41.12 36.50
C ILE M 137 16.01 -41.05 35.00
N HIS M 138 17.12 -40.69 34.40
CA HIS M 138 17.11 -40.58 32.97
C HIS M 138 17.04 -41.94 32.29
N ALA M 139 17.63 -42.96 32.88
CA ALA M 139 17.53 -44.27 32.26
C ALA M 139 16.09 -44.71 32.24
N ARG M 140 15.33 -44.44 33.29
CA ARG M 140 13.96 -44.87 33.27
C ARG M 140 13.17 -44.17 32.21
N GLU M 141 13.43 -42.90 32.00
CA GLU M 141 12.66 -42.21 30.99
C GLU M 141 12.95 -42.72 29.61
N ILE M 142 14.20 -43.02 29.27
CA ILE M 142 14.39 -43.50 27.92
C ILE M 142 13.74 -44.83 27.72
N LEU M 143 13.71 -45.66 28.74
CA LEU M 143 13.07 -46.95 28.59
C LEU M 143 11.58 -46.80 28.40
N LYS M 144 10.94 -45.84 29.06
CA LYS M 144 9.52 -45.64 28.84
C LYS M 144 9.26 -45.24 27.42
N VAL M 145 10.12 -44.41 26.85
CA VAL M 145 9.94 -44.01 25.46
C VAL M 145 10.10 -45.20 24.55
N LYS M 146 11.10 -46.02 24.76
CA LYS M 146 11.23 -47.17 23.91
C LYS M 146 9.96 -47.98 23.93
N GLY M 147 9.40 -48.21 25.10
CA GLY M 147 8.19 -49.00 25.17
C GLY M 147 7.06 -48.37 24.41
N ARG M 148 6.90 -47.07 24.50
CA ARG M 148 5.81 -46.42 23.81
C ARG M 148 5.98 -46.48 22.33
N MET M 149 7.19 -46.32 21.83
CA MET M 149 7.37 -46.35 20.41
C MET M 149 7.03 -47.72 19.88
N ASN M 150 7.33 -48.77 20.64
CA ASN M 150 7.03 -50.10 20.16
C ASN M 150 5.56 -50.35 20.09
N GLU M 151 4.79 -49.80 21.02
CA GLU M 151 3.37 -49.99 20.96
C GLU M 151 2.79 -49.34 19.74
N LEU M 152 3.28 -48.16 19.40
CA LEU M 152 2.76 -47.48 18.24
C LEU M 152 3.14 -48.21 16.97
N MET M 153 4.33 -48.77 16.89
CA MET M 153 4.67 -49.53 15.71
C MET M 153 3.74 -50.70 15.54
N ALA M 154 3.51 -51.44 16.61
CA ALA M 154 2.63 -52.58 16.48
C ALA M 154 1.24 -52.13 16.10
N LEU M 155 0.77 -51.02 16.64
CA LEU M 155 -0.55 -50.55 16.31
C LEU M 155 -0.73 -50.24 14.85
N HIS M 156 0.23 -49.53 14.27
CA HIS M 156 0.14 -49.15 12.88
C HIS M 156 0.50 -50.24 11.89
N THR M 157 1.36 -51.17 12.25
CA THR M 157 1.75 -52.17 11.27
C THR M 157 0.99 -53.48 11.33
N GLY M 158 0.42 -53.83 12.45
CA GLY M 158 -0.28 -55.10 12.52
C GLY M 158 0.59 -56.23 13.03
N GLN M 159 1.84 -55.94 13.30
CA GLN M 159 2.74 -56.93 13.83
C GLN M 159 2.44 -57.05 15.29
N SER M 160 2.74 -58.16 15.90
CA SER M 160 2.52 -58.27 17.33
C SER M 160 3.53 -57.43 18.05
N LEU M 161 3.30 -57.14 19.31
CA LEU M 161 4.27 -56.35 20.01
C LEU M 161 5.56 -57.09 20.19
N GLU M 162 5.50 -58.38 20.43
CA GLU M 162 6.71 -59.13 20.65
C GLU M 162 7.55 -59.14 19.41
N GLN M 163 6.90 -59.21 18.25
CA GLN M 163 7.67 -59.21 17.04
C GLN M 163 8.35 -57.88 16.82
N ILE M 164 7.69 -56.78 17.15
CA ILE M 164 8.35 -55.50 17.00
C ILE M 164 9.51 -55.40 17.94
N GLU M 165 9.36 -55.84 19.16
CA GLU M 165 10.48 -55.73 20.07
C GLU M 165 11.67 -56.52 19.61
N ARG M 166 11.48 -57.71 19.06
CA ARG M 166 12.65 -58.41 18.60
C ARG M 166 13.30 -57.73 17.40
N ASP M 167 12.51 -57.25 16.48
CA ASP M 167 13.07 -56.69 15.28
C ASP M 167 13.84 -55.40 15.42
N THR M 168 13.50 -54.56 16.38
CA THR M 168 14.20 -53.30 16.47
C THR M 168 15.42 -53.34 17.37
N GLU M 169 15.83 -54.49 17.87
CA GLU M 169 17.01 -54.48 18.72
C GLU M 169 18.28 -54.00 18.00
N ARG M 170 18.43 -54.33 16.74
CA ARG M 170 19.57 -53.95 15.92
C ARG M 170 19.04 -53.31 14.67
N ASP M 171 19.79 -52.46 14.03
CA ASP M 171 19.28 -51.81 12.84
C ASP M 171 18.71 -52.80 11.86
N ARG M 172 17.48 -52.59 11.45
CA ARG M 172 16.86 -53.46 10.50
C ARG M 172 16.62 -52.75 9.20
N PHE M 173 17.14 -53.26 8.10
CA PHE M 173 16.95 -52.60 6.82
C PHE M 173 15.97 -53.35 5.94
N LEU M 174 15.01 -52.64 5.39
CA LEU M 174 14.00 -53.23 4.52
C LEU M 174 13.95 -52.58 3.14
N SER M 175 13.85 -53.39 2.09
CA SER M 175 13.73 -52.86 0.74
C SER M 175 12.28 -52.52 0.49
N ALA M 176 11.96 -51.81 -0.59
CA ALA M 176 10.55 -51.45 -0.76
C ALA M 176 9.60 -52.64 -0.72
N PRO M 177 9.82 -53.79 -1.38
CA PRO M 177 8.95 -54.92 -1.29
C PRO M 177 8.84 -55.51 0.09
N GLU M 178 9.83 -55.29 0.95
CA GLU M 178 9.77 -55.87 2.26
C GLU M 178 9.00 -54.97 3.15
N ALA M 179 9.09 -53.67 2.89
CA ALA M 179 8.32 -52.76 3.70
C ALA M 179 6.85 -53.10 3.50
N VAL M 180 6.48 -53.49 2.28
CA VAL M 180 5.10 -53.85 2.01
C VAL M 180 4.73 -55.14 2.73
N GLU M 181 5.57 -56.17 2.68
CA GLU M 181 5.22 -57.40 3.37
C GLU M 181 5.19 -57.27 4.87
N TYR M 182 6.10 -56.47 5.40
CA TYR M 182 6.20 -56.25 6.82
C TYR M 182 4.97 -55.53 7.27
N GLY M 183 4.52 -54.57 6.46
CA GLY M 183 3.36 -53.80 6.80
C GLY M 183 3.66 -52.36 7.10
N LEU M 184 4.83 -51.87 6.74
CA LEU M 184 5.11 -50.49 7.01
C LEU M 184 4.40 -49.64 5.99
N VAL M 185 4.27 -50.14 4.78
CA VAL M 185 3.57 -49.39 3.75
C VAL M 185 2.53 -50.28 3.10
N ASP M 186 1.60 -49.73 2.36
CA ASP M 186 0.61 -50.53 1.73
C ASP M 186 0.99 -50.92 0.32
N SER M 187 1.69 -50.06 -0.41
CA SER M 187 2.04 -50.41 -1.78
C SER M 187 3.19 -49.63 -2.38
N ILE M 188 3.63 -50.08 -3.55
CA ILE M 188 4.72 -49.46 -4.29
C ILE M 188 4.24 -48.78 -5.53
N LEU M 189 4.64 -47.54 -5.71
CA LEU M 189 4.26 -46.80 -6.91
C LEU M 189 5.23 -47.20 -7.97
N THR M 190 4.84 -47.24 -9.23
CA THR M 190 5.78 -47.64 -10.28
C THR M 190 5.85 -46.61 -11.37
N HIS M 191 4.85 -46.61 -12.23
CA HIS M 191 4.76 -45.65 -13.31
C HIS M 191 3.41 -45.02 -13.27
N ARG M 192 3.32 -43.79 -13.73
CA ARG M 192 2.02 -43.15 -13.77
C ARG M 192 1.10 -43.91 -14.69
N ALA N 1 73.98 -28.11 33.35
CA ALA N 1 73.53 -27.90 34.71
C ALA N 1 72.36 -26.99 34.80
N LEU N 2 71.15 -27.54 34.83
CA LEU N 2 70.08 -26.62 35.15
C LEU N 2 70.27 -26.26 36.59
N VAL N 3 70.72 -27.24 37.37
CA VAL N 3 71.02 -27.06 38.76
C VAL N 3 72.45 -27.57 38.95
N PRO N 4 73.40 -26.76 39.42
CA PRO N 4 74.80 -27.08 39.58
C PRO N 4 75.05 -28.02 40.71
N MET N 5 76.17 -28.73 40.63
CA MET N 5 76.66 -29.62 41.68
C MET N 5 77.65 -28.90 42.54
N VAL N 6 77.70 -29.20 43.81
CA VAL N 6 78.67 -28.62 44.71
C VAL N 6 79.45 -29.70 45.44
N ILE N 7 80.69 -29.39 45.78
CA ILE N 7 81.57 -30.33 46.46
C ILE N 7 81.82 -29.95 47.90
N GLU N 8 81.70 -30.92 48.82
CA GLU N 8 81.92 -30.64 50.27
C GLU N 8 82.80 -31.74 50.86
N GLN N 9 83.63 -31.41 51.84
CA GLN N 9 84.50 -32.41 52.44
C GLN N 9 84.03 -32.87 53.79
N THR N 10 84.12 -34.17 53.99
CA THR N 10 83.74 -34.83 55.23
C THR N 10 84.95 -35.59 55.76
N SER N 11 85.05 -36.85 55.36
CA SER N 11 86.13 -37.76 55.73
C SER N 11 86.97 -37.94 54.49
N ARG N 12 86.51 -38.82 53.60
CA ARG N 12 87.13 -39.08 52.31
C ARG N 12 87.02 -37.88 51.37
N GLY N 13 85.93 -37.11 51.48
CA GLY N 13 85.73 -35.94 50.62
C GLY N 13 84.97 -36.27 49.36
N GLU N 14 84.47 -37.49 49.29
CA GLU N 14 83.73 -38.00 48.16
C GLU N 14 82.27 -37.58 48.21
N ARG N 15 82.05 -36.28 48.13
CA ARG N 15 80.70 -35.77 48.17
C ARG N 15 80.48 -34.71 47.13
N SER N 16 79.51 -35.00 46.27
CA SER N 16 79.06 -34.10 45.22
C SER N 16 77.56 -34.09 45.22
N PHE N 17 76.97 -32.94 45.56
CA PHE N 17 75.49 -32.86 45.65
C PHE N 17 74.93 -31.83 44.67
N ASP N 18 73.60 -31.74 44.63
CA ASP N 18 72.88 -30.77 43.76
C ASP N 18 72.80 -29.41 44.46
N ILE N 19 72.39 -28.37 43.75
CA ILE N 19 72.29 -26.99 44.33
C ILE N 19 71.11 -26.92 45.30
N TYR N 20 70.58 -28.07 45.76
CA TYR N 20 69.47 -28.02 46.67
C TYR N 20 69.58 -29.07 47.76
N SER N 21 70.27 -30.17 47.50
CA SER N 21 70.41 -31.18 48.52
C SER N 21 71.48 -30.71 49.47
N ARG N 22 72.42 -29.94 48.95
CA ARG N 22 73.45 -29.41 49.80
C ARG N 22 72.84 -28.49 50.82
N LEU N 23 71.82 -27.75 50.44
CA LEU N 23 71.17 -26.87 51.38
C LEU N 23 70.18 -27.61 52.26
N LEU N 24 69.57 -28.69 51.78
CA LEU N 24 68.67 -29.42 52.67
C LEU N 24 69.47 -29.90 53.86
N LYS N 25 70.70 -30.26 53.63
CA LYS N 25 71.60 -30.72 54.67
C LYS N 25 71.86 -29.66 55.76
N GLU N 26 71.67 -28.39 55.38
CA GLU N 26 71.88 -27.21 56.27
C GLU N 26 70.51 -26.77 56.82
N ARG N 27 69.55 -27.70 56.80
CA ARG N 27 68.22 -27.53 57.30
C ARG N 27 67.53 -26.33 56.70
N VAL N 28 67.74 -26.13 55.40
CA VAL N 28 67.10 -25.08 54.64
C VAL N 28 66.17 -25.61 53.58
N ILE N 29 64.93 -25.18 53.62
CA ILE N 29 63.89 -25.56 52.68
C ILE N 29 63.36 -24.36 51.92
N PHE N 30 63.21 -24.45 50.62
CA PHE N 30 62.65 -23.32 49.88
C PHE N 30 61.25 -23.59 49.39
N LEU N 31 60.38 -22.63 49.56
CA LEU N 31 59.02 -22.63 49.06
C LEU N 31 58.80 -21.59 48.02
N THR N 32 58.72 -21.95 46.76
CA THR N 32 58.51 -20.93 45.76
C THR N 32 57.47 -21.31 44.76
N GLY N 33 56.91 -20.32 44.10
CA GLY N 33 55.94 -20.56 43.03
C GLY N 33 54.56 -20.82 43.61
N GLN N 34 53.64 -21.33 42.82
CA GLN N 34 52.27 -21.52 43.32
C GLN N 34 52.20 -22.62 44.32
N VAL N 35 51.31 -22.50 45.29
CA VAL N 35 51.11 -23.62 46.20
C VAL N 35 50.06 -24.56 45.68
N GLU N 36 50.45 -25.80 45.50
CA GLU N 36 49.56 -26.83 45.01
C GLU N 36 49.95 -28.15 45.66
N ASP N 37 49.24 -29.22 45.34
CA ASP N 37 49.46 -30.47 46.04
C ASP N 37 50.77 -31.18 45.88
N HIS N 38 51.35 -31.23 44.70
CA HIS N 38 52.58 -32.02 44.63
C HIS N 38 53.73 -31.28 45.24
N MET N 39 53.77 -30.01 45.01
CA MET N 39 54.80 -29.22 45.58
C MET N 39 54.70 -29.28 47.09
N ALA N 40 53.48 -29.10 47.63
CA ALA N 40 53.31 -29.10 49.07
C ALA N 40 53.68 -30.42 49.66
N ASN N 41 53.32 -31.50 48.95
CA ASN N 41 53.62 -32.89 49.40
C ASN N 41 55.13 -33.06 49.60
N LEU N 42 55.94 -32.37 48.80
CA LEU N 42 57.37 -32.47 48.92
C LEU N 42 57.87 -31.68 50.10
N ILE N 43 57.31 -30.52 50.33
CA ILE N 43 57.78 -29.78 51.50
C ILE N 43 57.50 -30.53 52.75
N VAL N 44 56.35 -31.14 52.86
CA VAL N 44 56.07 -31.89 54.07
C VAL N 44 57.05 -33.02 54.24
N ALA N 45 57.39 -33.76 53.19
CA ALA N 45 58.35 -34.83 53.35
C ALA N 45 59.67 -34.30 53.83
N GLN N 46 60.09 -33.15 53.35
CA GLN N 46 61.35 -32.60 53.79
C GLN N 46 61.31 -32.20 55.24
N MET N 47 60.22 -31.63 55.71
CA MET N 47 60.20 -31.28 57.12
C MET N 47 60.20 -32.51 58.00
N LEU N 48 59.50 -33.57 57.61
CA LEU N 48 59.49 -34.75 58.47
C LEU N 48 60.87 -35.32 58.55
N PHE N 49 61.57 -35.32 57.45
CA PHE N 49 62.92 -35.81 57.42
C PHE N 49 63.79 -35.03 58.36
N LEU N 50 63.75 -33.73 58.27
CA LEU N 50 64.63 -32.98 59.11
C LEU N 50 64.30 -33.13 60.57
N GLU N 51 63.00 -33.27 60.89
CA GLU N 51 62.55 -33.44 62.30
C GLU N 51 63.19 -34.70 62.88
N ALA N 52 63.26 -35.77 62.09
CA ALA N 52 63.83 -37.02 62.50
C ALA N 52 65.32 -36.92 62.68
N GLU N 53 65.98 -36.16 61.79
CA GLU N 53 67.46 -35.98 61.83
C GLU N 53 67.89 -35.37 63.17
N ASN N 54 67.16 -34.36 63.67
CA ASN N 54 67.53 -33.69 64.89
C ASN N 54 66.37 -32.90 65.42
N PRO N 55 65.57 -33.44 66.31
CA PRO N 55 64.39 -32.83 66.87
C PRO N 55 64.64 -31.55 67.63
N GLU N 56 65.89 -31.27 67.97
CA GLU N 56 66.18 -30.09 68.74
C GLU N 56 66.62 -28.89 67.93
N LYS N 57 66.73 -28.99 66.61
CA LYS N 57 67.23 -27.83 65.87
C LYS N 57 66.25 -27.21 64.89
N ASP N 58 66.38 -25.91 64.73
CA ASP N 58 65.53 -25.16 63.82
C ASP N 58 65.69 -25.49 62.37
N ILE N 59 64.57 -25.35 61.67
CA ILE N 59 64.45 -25.53 60.24
C ILE N 59 64.16 -24.18 59.64
N TYR N 60 64.90 -23.82 58.59
CA TYR N 60 64.72 -22.49 57.95
C TYR N 60 63.91 -22.64 56.66
N LEU N 61 62.78 -21.93 56.58
CA LEU N 61 61.95 -22.00 55.40
C LEU N 61 61.94 -20.69 54.67
N TYR N 62 62.50 -20.69 53.46
CA TYR N 62 62.57 -19.47 52.60
C TYR N 62 61.28 -19.39 51.77
N ILE N 63 60.58 -18.27 51.86
CA ILE N 63 59.33 -18.11 51.12
C ILE N 63 59.36 -17.06 50.06
N ASN N 64 58.97 -17.44 48.86
CA ASN N 64 58.81 -16.52 47.76
C ASN N 64 57.70 -17.00 46.88
N SER N 65 56.47 -16.59 47.14
CA SER N 65 55.38 -17.15 46.35
C SER N 65 54.15 -16.25 46.26
N PRO N 66 53.44 -16.28 45.12
CA PRO N 66 52.23 -15.57 44.81
C PRO N 66 50.96 -16.08 45.43
N GLY N 67 50.96 -17.23 46.06
CA GLY N 67 49.70 -17.75 46.58
C GLY N 67 49.48 -19.17 46.15
N GLY N 68 48.24 -19.62 46.16
CA GLY N 68 47.96 -20.99 45.78
C GLY N 68 46.69 -21.54 46.39
N VAL N 69 46.57 -22.85 46.35
CA VAL N 69 45.41 -23.61 46.82
C VAL N 69 45.44 -23.71 48.32
N ILE N 70 44.32 -23.38 48.97
CA ILE N 70 44.31 -23.41 50.43
C ILE N 70 44.48 -24.79 50.98
N THR N 71 43.76 -25.76 50.47
CA THR N 71 43.92 -27.08 51.00
C THR N 71 45.35 -27.54 50.96
N ALA N 72 46.01 -27.35 49.84
CA ALA N 72 47.38 -27.80 49.77
C ALA N 72 48.22 -27.10 50.79
N GLY N 73 48.01 -25.80 50.93
CA GLY N 73 48.78 -25.04 51.87
C GLY N 73 48.54 -25.43 53.31
N MET N 74 47.31 -25.81 53.66
CA MET N 74 47.05 -26.19 55.04
C MET N 74 47.82 -27.43 55.43
N SER N 75 48.14 -28.30 54.51
CA SER N 75 48.93 -29.47 54.91
C SER N 75 50.34 -29.06 55.33
N ILE N 76 50.80 -27.88 54.92
CA ILE N 76 52.11 -27.42 55.29
C ILE N 76 51.91 -26.79 56.64
N TYR N 77 50.86 -26.01 56.78
CA TYR N 77 50.56 -25.34 58.03
C TYR N 77 50.46 -26.32 59.18
N ASP N 78 49.65 -27.35 59.02
CA ASP N 78 49.52 -28.28 60.11
C ASP N 78 50.81 -29.00 60.40
N THR N 79 51.59 -29.33 59.39
CA THR N 79 52.83 -30.00 59.69
C THR N 79 53.72 -29.09 60.49
N MET N 80 53.80 -27.82 60.13
CA MET N 80 54.68 -26.94 60.86
C MET N 80 54.31 -26.86 62.32
N GLN N 81 53.03 -26.95 62.63
CA GLN N 81 52.59 -26.86 64.01
C GLN N 81 52.77 -28.17 64.77
N PHE N 82 52.70 -29.29 64.07
CA PHE N 82 52.83 -30.60 64.69
C PHE N 82 54.25 -30.95 65.07
N ILE N 83 55.19 -30.72 64.17
CA ILE N 83 56.56 -31.18 64.39
C ILE N 83 57.21 -30.45 65.54
N LYS N 84 58.07 -31.14 66.26
CA LYS N 84 58.72 -30.54 67.42
C LYS N 84 59.59 -29.27 67.25
N PRO N 85 60.60 -29.21 66.37
CA PRO N 85 61.49 -28.07 66.26
C PRO N 85 60.82 -26.87 65.68
N ASP N 86 61.28 -25.68 66.01
CA ASP N 86 60.74 -24.48 65.42
C ASP N 86 61.02 -24.33 63.96
N VAL N 87 60.08 -23.79 63.24
CA VAL N 87 60.30 -23.46 61.86
C VAL N 87 60.36 -21.96 61.77
N SER N 88 61.46 -21.45 61.27
CA SER N 88 61.64 -20.03 61.12
C SER N 88 61.38 -19.68 59.69
N THR N 89 60.42 -18.80 59.44
CA THR N 89 60.05 -18.45 58.09
C THR N 89 60.62 -17.14 57.68
N ILE N 90 61.22 -17.10 56.49
CA ILE N 90 61.82 -15.91 55.95
C ILE N 90 61.22 -15.48 54.65
N CYS N 91 60.72 -14.24 54.59
CA CYS N 91 60.06 -13.74 53.35
C CYS N 91 61.02 -12.92 52.49
N MET N 92 61.20 -13.33 51.22
CA MET N 92 62.02 -12.63 50.26
C MET N 92 61.21 -12.48 49.01
N GLY N 93 61.43 -11.49 48.19
CA GLY N 93 60.52 -11.49 47.04
C GLY N 93 59.14 -11.19 47.60
N GLN N 94 58.20 -12.09 47.47
CA GLN N 94 56.87 -11.81 48.00
C GLN N 94 56.24 -12.94 48.77
N ALA N 95 55.31 -12.59 49.61
CA ALA N 95 54.48 -13.58 50.27
C ALA N 95 53.06 -13.16 50.11
N ALA N 96 52.39 -13.63 49.09
CA ALA N 96 51.04 -13.16 48.87
C ALA N 96 50.02 -14.22 49.16
N SER N 97 48.88 -13.81 49.66
CA SER N 97 47.75 -14.67 49.85
C SER N 97 48.09 -15.83 50.75
N MET N 98 47.97 -17.06 50.25
CA MET N 98 48.31 -18.18 51.09
C MET N 98 49.77 -18.13 51.50
N GLY N 99 50.60 -17.48 50.72
CA GLY N 99 51.99 -17.36 51.05
C GLY N 99 52.14 -16.55 52.33
N ALA N 100 51.30 -15.52 52.51
CA ALA N 100 51.40 -14.67 53.68
C ALA N 100 50.92 -15.45 54.87
N PHE N 101 49.92 -16.26 54.66
CA PHE N 101 49.39 -17.05 55.74
C PHE N 101 50.44 -17.96 56.29
N LEU N 102 51.14 -18.66 55.42
CA LEU N 102 52.16 -19.55 55.91
C LEU N 102 53.30 -18.75 56.54
N LEU N 103 53.63 -17.57 56.03
CA LEU N 103 54.71 -16.79 56.62
C LEU N 103 54.48 -16.46 58.08
N THR N 104 53.26 -16.06 58.44
CA THR N 104 52.97 -15.66 59.82
C THR N 104 52.89 -16.84 60.76
N ALA N 105 52.91 -18.04 60.23
CA ALA N 105 52.71 -19.23 61.01
C ALA N 105 54.02 -19.75 61.53
N GLY N 106 55.09 -19.05 61.24
CA GLY N 106 56.39 -19.50 61.69
C GLY N 106 56.50 -19.29 63.18
N ALA N 107 57.56 -19.80 63.77
CA ALA N 107 57.74 -19.70 65.21
C ALA N 107 57.78 -18.27 65.62
N LYS N 108 57.12 -17.96 66.72
CA LYS N 108 57.06 -16.59 67.20
C LYS N 108 58.42 -16.07 67.55
N GLY N 109 58.77 -14.90 67.06
CA GLY N 109 60.03 -14.27 67.36
C GLY N 109 61.03 -14.59 66.29
N LYS N 110 60.68 -15.51 65.41
CA LYS N 110 61.55 -15.93 64.33
C LYS N 110 60.98 -15.69 62.96
N ARG N 111 59.95 -14.84 62.83
CA ARG N 111 59.34 -14.54 61.54
C ARG N 111 60.00 -13.31 60.93
N PHE N 112 60.86 -13.50 59.93
CA PHE N 112 61.58 -12.30 59.42
C PHE N 112 61.45 -12.14 57.91
N CYS N 113 61.52 -10.89 57.44
CA CYS N 113 61.40 -10.56 56.00
C CYS N 113 62.49 -9.57 55.61
N LEU N 114 62.98 -9.65 54.36
CA LEU N 114 64.01 -8.77 53.88
C LEU N 114 63.41 -7.41 53.56
N PRO N 115 64.20 -6.31 53.60
CA PRO N 115 63.78 -4.94 53.45
C PRO N 115 62.97 -4.53 52.24
N ASN N 116 63.12 -5.17 51.08
CA ASN N 116 62.36 -4.71 49.95
C ASN N 116 61.26 -5.66 49.52
N SER N 117 60.89 -6.55 50.40
CA SER N 117 59.85 -7.51 50.13
C SER N 117 58.44 -6.95 50.24
N ARG N 118 57.47 -7.71 49.80
CA ARG N 118 56.05 -7.37 49.91
C ARG N 118 55.19 -8.48 50.40
N VAL N 119 54.24 -8.13 51.24
CA VAL N 119 53.30 -9.10 51.76
C VAL N 119 51.89 -8.65 51.42
N MET N 120 51.08 -9.55 50.92
CA MET N 120 49.72 -9.12 50.59
C MET N 120 48.68 -10.10 51.10
N ILE N 121 47.58 -9.61 51.65
CA ILE N 121 46.54 -10.51 52.17
C ILE N 121 45.14 -10.24 51.63
N HIS N 122 44.32 -11.28 51.52
CA HIS N 122 42.93 -11.10 51.08
C HIS N 122 42.06 -12.30 51.46
N GLN N 123 40.75 -12.12 51.52
CA GLN N 123 39.81 -13.21 51.76
C GLN N 123 39.91 -14.26 50.65
N PRO N 124 39.58 -15.54 50.88
CA PRO N 124 39.66 -16.63 49.92
C PRO N 124 38.70 -16.50 48.77
N LEU N 125 39.13 -17.03 47.64
CA LEU N 125 38.38 -17.06 46.39
C LEU N 125 37.86 -18.45 46.11
N GLY N 126 36.82 -18.55 45.29
CA GLY N 126 36.30 -19.86 44.90
C GLY N 126 35.13 -19.73 43.96
N GLY N 127 34.39 -20.80 43.75
CA GLY N 127 33.27 -20.73 42.83
C GLY N 127 32.62 -22.08 42.67
N TYR N 128 31.50 -22.12 41.92
CA TYR N 128 30.75 -23.39 41.70
C TYR N 128 29.64 -23.22 40.65
N GLN N 129 29.31 -24.32 39.96
CA GLN N 129 28.19 -24.37 39.01
C GLN N 129 27.29 -25.53 39.38
N GLY N 130 25.99 -25.39 39.29
CA GLY N 130 25.14 -26.54 39.65
C GLY N 130 23.71 -26.16 39.95
N GLN N 131 22.99 -27.02 40.67
CA GLN N 131 21.60 -26.74 40.95
C GLN N 131 21.55 -25.79 42.10
N ALA N 132 20.46 -25.09 42.31
CA ALA N 132 20.40 -24.17 43.43
C ALA N 132 20.76 -24.86 44.75
N THR N 133 20.39 -26.12 44.91
CA THR N 133 20.73 -26.85 46.13
C THR N 133 22.21 -27.02 46.33
N ASP N 134 22.93 -27.24 45.24
CA ASP N 134 24.33 -27.54 45.37
C ASP N 134 25.04 -26.26 45.56
N ILE N 135 24.51 -25.22 44.98
CA ILE N 135 25.14 -23.94 45.12
C ILE N 135 25.12 -23.58 46.57
N GLU N 136 24.00 -23.77 47.25
CA GLU N 136 23.98 -23.49 48.67
C GLU N 136 25.01 -24.28 49.47
N ILE N 137 25.17 -25.57 49.18
CA ILE N 137 26.12 -26.35 49.95
C ILE N 137 27.50 -25.84 49.77
N HIS N 138 27.87 -25.56 48.54
CA HIS N 138 29.20 -25.09 48.28
C HIS N 138 29.41 -23.69 48.78
N ALA N 139 28.38 -22.85 48.79
CA ALA N 139 28.55 -21.52 49.33
C ALA N 139 28.80 -21.59 50.82
N ARG N 140 28.12 -22.48 51.53
CA ARG N 140 28.34 -22.55 52.96
C ARG N 140 29.74 -22.98 53.30
N GLU N 141 30.28 -23.91 52.55
CA GLU N 141 31.62 -24.34 52.86
C GLU N 141 32.63 -23.26 52.63
N ILE N 142 32.50 -22.47 51.58
CA ILE N 142 33.53 -21.45 51.44
C ILE N 142 33.43 -20.44 52.55
N LEU N 143 32.24 -20.10 53.00
CA LEU N 143 32.15 -19.15 54.07
C LEU N 143 32.75 -19.69 55.35
N LYS N 144 32.58 -20.99 55.64
CA LYS N 144 33.21 -21.53 56.83
C LYS N 144 34.70 -21.41 56.74
N VAL N 145 35.26 -21.63 55.57
CA VAL N 145 36.69 -21.50 55.44
C VAL N 145 37.08 -20.08 55.67
N LYS N 146 36.37 -19.13 55.09
CA LYS N 146 36.77 -17.75 55.34
C LYS N 146 36.85 -17.50 56.81
N GLY N 147 35.87 -17.96 57.56
CA GLY N 147 35.85 -17.76 58.99
C GLY N 147 37.07 -18.37 59.66
N ARG N 148 37.38 -19.61 59.34
CA ARG N 148 38.50 -20.24 59.98
C ARG N 148 39.80 -19.56 59.63
N MET N 149 39.95 -19.10 58.41
CA MET N 149 41.21 -18.48 58.06
C MET N 149 41.38 -17.20 58.85
N ASN N 150 40.29 -16.47 59.09
CA ASN N 150 40.41 -15.25 59.84
C ASN N 150 40.79 -15.50 61.28
N GLU N 151 40.28 -16.57 61.87
CA GLU N 151 40.65 -16.84 63.25
C GLU N 151 42.11 -17.11 63.37
N LEU N 152 42.66 -17.86 62.43
CA LEU N 152 44.05 -18.19 62.51
C LEU N 152 44.89 -16.96 62.31
N MET N 153 44.48 -16.05 61.44
CA MET N 153 45.24 -14.82 61.30
C MET N 153 45.25 -14.05 62.61
N ALA N 154 44.09 -13.92 63.24
CA ALA N 154 44.08 -13.16 64.48
C ALA N 154 44.94 -13.82 65.54
N LEU N 155 44.92 -15.14 65.60
CA LEU N 155 45.72 -15.83 66.59
C LEU N 155 47.19 -15.59 66.43
N HIS N 156 47.68 -15.68 65.21
CA HIS N 156 49.10 -15.53 64.98
C HIS N 156 49.58 -14.10 64.94
N THR N 157 48.73 -13.15 64.61
CA THR N 157 49.20 -11.78 64.50
C THR N 157 48.94 -10.92 65.73
N GLY N 158 47.97 -11.23 66.54
CA GLY N 158 47.69 -10.41 67.72
C GLY N 158 46.65 -9.35 67.47
N GLN N 159 46.14 -9.31 66.26
CA GLN N 159 45.12 -8.35 65.92
C GLN N 159 43.82 -8.90 66.44
N SER N 160 42.85 -8.05 66.67
CA SER N 160 41.56 -8.57 67.07
C SER N 160 40.95 -9.24 65.88
N LEU N 161 39.95 -10.08 66.09
CA LEU N 161 39.36 -10.72 64.94
C LEU N 161 38.65 -9.75 64.05
N GLU N 162 37.97 -8.78 64.63
CA GLU N 162 37.25 -7.81 63.83
C GLU N 162 38.19 -6.99 63.00
N GLN N 163 39.37 -6.68 63.52
CA GLN N 163 40.30 -5.94 62.69
C GLN N 163 40.73 -6.79 61.54
N ILE N 164 40.95 -8.08 61.76
CA ILE N 164 41.33 -8.92 60.65
C ILE N 164 40.23 -8.99 59.65
N GLU N 165 38.99 -9.10 60.06
CA GLU N 165 37.98 -9.16 59.03
C GLU N 165 37.93 -7.91 58.19
N ARG N 166 38.06 -6.74 58.79
CA ARG N 166 37.98 -5.57 57.95
C ARG N 166 39.12 -5.48 56.95
N ASP N 167 40.31 -5.88 57.37
CA ASP N 167 41.47 -5.77 56.53
C ASP N 167 41.59 -6.78 55.42
N THR N 168 40.72 -7.76 55.32
CA THR N 168 40.88 -8.73 54.26
C THR N 168 39.78 -8.62 53.24
N GLU N 169 38.91 -7.62 53.39
CA GLU N 169 37.77 -7.46 52.44
C GLU N 169 38.30 -7.31 51.00
N ARG N 170 39.37 -6.54 50.83
CA ARG N 170 39.97 -6.26 49.54
C ARG N 170 41.46 -6.35 49.68
N ASP N 171 42.15 -6.57 48.60
CA ASP N 171 43.58 -6.78 48.64
C ASP N 171 44.29 -5.72 49.44
N ARG N 172 45.03 -6.14 50.42
CA ARG N 172 45.77 -5.21 51.24
C ARG N 172 47.25 -5.43 51.13
N PHE N 173 47.97 -4.41 50.69
CA PHE N 173 49.41 -4.55 50.50
C PHE N 173 50.16 -3.94 51.65
N LEU N 174 51.17 -4.65 52.16
CA LEU N 174 52.00 -4.18 53.24
C LEU N 174 53.47 -4.21 52.88
N SER N 175 54.18 -3.13 53.12
CA SER N 175 55.61 -3.08 52.85
C SER N 175 56.30 -3.78 54.00
N ALA N 176 57.58 -4.07 53.90
CA ALA N 176 58.20 -4.79 55.01
C ALA N 176 58.01 -4.08 56.36
N PRO N 177 58.20 -2.77 56.53
CA PRO N 177 57.98 -2.10 57.78
C PRO N 177 56.54 -2.14 58.27
N GLU N 178 55.60 -2.28 57.33
CA GLU N 178 54.15 -2.34 57.66
C GLU N 178 53.84 -3.74 58.21
N ALA N 179 54.54 -4.76 57.71
CA ALA N 179 54.35 -6.12 58.16
C ALA N 179 54.85 -6.22 59.59
N VAL N 180 55.94 -5.50 59.92
CA VAL N 180 56.44 -5.57 61.29
C VAL N 180 55.47 -4.87 62.23
N GLU N 181 55.00 -3.69 61.88
CA GLU N 181 54.06 -2.99 62.74
C GLU N 181 52.75 -3.71 62.93
N TYR N 182 52.23 -4.27 61.85
CA TYR N 182 50.97 -4.96 61.82
C TYR N 182 51.06 -6.20 62.68
N GLY N 183 52.19 -6.89 62.60
CA GLY N 183 52.36 -8.10 63.35
C GLY N 183 52.42 -9.33 62.49
N LEU N 184 52.69 -9.20 61.20
CA LEU N 184 52.79 -10.39 60.40
C LEU N 184 54.16 -10.96 60.56
N VAL N 185 55.14 -10.11 60.76
CA VAL N 185 56.51 -10.61 60.94
C VAL N 185 57.04 -9.96 62.17
N ASP N 186 58.10 -10.50 62.73
CA ASP N 186 58.67 -9.91 63.90
C ASP N 186 59.74 -8.89 63.58
N SER N 187 60.50 -9.10 62.52
CA SER N 187 61.57 -8.14 62.23
C SER N 187 62.08 -8.14 60.81
N ILE N 188 62.89 -7.14 60.50
CA ILE N 188 63.52 -6.98 59.20
C ILE N 188 65.01 -7.21 59.30
N LEU N 189 65.51 -8.08 58.45
CA LEU N 189 66.93 -8.39 58.42
C LEU N 189 67.60 -7.33 57.59
N THR N 190 68.85 -7.02 57.85
CA THR N 190 69.52 -5.98 57.08
C THR N 190 70.77 -6.50 56.42
N HIS N 191 71.80 -6.67 57.21
CA HIS N 191 73.07 -7.21 56.74
C HIS N 191 73.54 -8.30 57.64
N ARG N 192 74.29 -9.24 57.08
CA ARG N 192 74.87 -10.29 57.87
C ARG N 192 75.75 -9.69 58.94
N ALA O 1 75.17 -34.04 24.69
CA ALA O 1 75.95 -33.12 25.48
C ALA O 1 75.53 -31.70 25.24
N LEU O 2 74.41 -31.30 25.79
CA LEU O 2 74.08 -29.91 25.62
C LEU O 2 75.10 -29.10 26.36
N VAL O 3 75.55 -29.61 27.50
CA VAL O 3 76.54 -28.95 28.30
C VAL O 3 77.70 -29.95 28.47
N PRO O 4 78.93 -29.62 28.08
CA PRO O 4 80.08 -30.48 28.14
C PRO O 4 80.60 -30.67 29.54
N MET O 5 81.35 -31.76 29.73
CA MET O 5 82.01 -32.09 30.98
C MET O 5 83.47 -31.68 30.92
N VAL O 6 84.02 -31.28 32.05
CA VAL O 6 85.42 -30.96 32.13
C VAL O 6 86.10 -31.73 33.25
N ILE O 7 87.39 -32.00 33.08
CA ILE O 7 88.18 -32.76 34.04
C ILE O 7 89.21 -31.93 34.73
N GLU O 8 89.30 -32.03 36.06
CA GLU O 8 90.29 -31.23 36.82
C GLU O 8 90.97 -32.11 37.89
N GLN O 9 92.25 -31.85 38.17
CA GLN O 9 92.96 -32.63 39.18
C GLN O 9 93.14 -31.85 40.44
N THR O 10 92.96 -32.54 41.54
CA THR O 10 93.12 -32.00 42.88
C THR O 10 94.14 -32.85 43.63
N SER O 11 93.64 -33.90 44.28
CA SER O 11 94.43 -34.84 45.07
C SER O 11 94.63 -36.11 44.27
N ARG O 12 93.60 -36.95 44.23
CA ARG O 12 93.66 -38.22 43.49
C ARG O 12 93.46 -38.05 41.97
N GLY O 13 93.02 -36.87 41.56
CA GLY O 13 92.85 -36.56 40.13
C GLY O 13 91.51 -36.89 39.50
N GLU O 14 90.57 -37.45 40.24
CA GLU O 14 89.31 -37.78 39.63
C GLU O 14 88.16 -36.88 40.04
N ARG O 15 87.90 -35.94 39.16
CA ARG O 15 86.84 -34.98 39.28
C ARG O 15 86.33 -34.70 37.89
N SER O 16 85.03 -34.83 37.71
CA SER O 16 84.41 -34.58 36.42
C SER O 16 83.18 -33.75 36.61
N PHE O 17 83.25 -32.52 36.13
CA PHE O 17 82.07 -31.68 36.40
C PHE O 17 81.48 -31.16 35.10
N ASP O 18 80.22 -30.79 35.25
CA ASP O 18 79.47 -30.06 34.27
C ASP O 18 80.19 -28.75 34.18
N ILE O 19 80.45 -28.22 33.00
CA ILE O 19 81.19 -26.97 32.97
C ILE O 19 80.57 -25.86 33.82
N TYR O 20 79.27 -25.84 34.04
CA TYR O 20 78.79 -24.77 34.87
C TYR O 20 79.12 -24.97 36.33
N SER O 21 79.29 -26.22 36.75
CA SER O 21 79.61 -26.50 38.14
C SER O 21 81.08 -26.17 38.33
N ARG O 22 81.83 -26.37 37.26
CA ARG O 22 83.23 -26.06 37.30
C ARG O 22 83.46 -24.59 37.55
N LEU O 23 82.60 -23.75 36.98
CA LEU O 23 82.75 -22.32 37.17
C LEU O 23 82.12 -21.85 38.47
N LEU O 24 81.10 -22.52 38.97
CA LEU O 24 80.56 -22.12 40.26
C LEU O 24 81.66 -22.24 41.29
N LYS O 25 82.49 -23.25 41.13
CA LYS O 25 83.61 -23.50 42.01
C LYS O 25 84.61 -22.34 42.06
N GLU O 26 84.61 -21.54 40.98
CA GLU O 26 85.51 -20.38 40.80
C GLU O 26 84.74 -19.10 41.14
N ARG O 27 83.68 -19.25 41.94
CA ARG O 27 82.84 -18.20 42.42
C ARG O 27 82.30 -17.34 41.29
N VAL O 28 81.91 -18.00 40.20
CA VAL O 28 81.28 -17.37 39.06
C VAL O 28 79.84 -17.78 38.87
N ILE O 29 78.94 -16.82 38.89
CA ILE O 29 77.52 -17.06 38.72
C ILE O 29 77.01 -16.38 37.47
N PHE O 30 76.27 -17.08 36.64
CA PHE O 30 75.73 -16.43 35.46
C PHE O 30 74.26 -16.16 35.60
N LEU O 31 73.84 -14.99 35.17
CA LEU O 31 72.44 -14.60 35.10
C LEU O 31 72.03 -14.29 33.70
N THR O 32 71.23 -15.14 33.08
CA THR O 32 70.84 -14.85 31.72
C THR O 32 69.38 -15.06 31.49
N GLY O 33 68.85 -14.39 30.49
CA GLY O 33 67.46 -14.58 30.08
C GLY O 33 66.50 -13.82 30.98
N GLN O 34 65.22 -14.11 30.92
CA GLN O 34 64.25 -13.36 31.69
C GLN O 34 64.39 -13.60 33.16
N VAL O 35 64.15 -12.59 33.96
CA VAL O 35 64.17 -12.82 35.39
C VAL O 35 62.80 -13.23 35.86
N GLU O 36 62.74 -14.47 36.37
CA GLU O 36 61.49 -15.05 36.90
C GLU O 36 61.78 -15.68 38.27
N ASP O 37 60.76 -16.26 38.90
CA ASP O 37 60.94 -16.88 40.21
C ASP O 37 61.77 -18.14 40.31
N HIS O 38 61.68 -19.05 39.38
CA HIS O 38 62.45 -20.28 39.61
C HIS O 38 63.90 -20.03 39.33
N MET O 39 64.17 -19.27 38.30
CA MET O 39 65.52 -18.95 37.97
C MET O 39 66.13 -18.15 39.09
N ALA O 40 65.40 -17.13 39.59
CA ALA O 40 65.93 -16.28 40.61
C ALA O 40 66.21 -17.05 41.87
N ASN O 41 65.31 -17.99 42.18
CA ASN O 41 65.43 -18.84 43.40
C ASN O 41 66.74 -19.63 43.37
N LEU O 42 67.21 -20.00 42.17
CA LEU O 42 68.43 -20.75 42.07
C LEU O 42 69.62 -19.87 42.26
N ILE O 43 69.58 -18.65 41.74
CA ILE O 43 70.71 -17.78 41.93
C ILE O 43 70.91 -17.47 43.39
N VAL O 44 69.82 -17.23 44.12
CA VAL O 44 69.99 -16.96 45.53
C VAL O 44 70.62 -18.15 46.21
N ALA O 45 70.19 -19.37 45.90
CA ALA O 45 70.82 -20.50 46.53
C ALA O 45 72.30 -20.53 46.22
N GLN O 46 72.70 -20.19 45.01
CA GLN O 46 74.12 -20.21 44.71
C GLN O 46 74.87 -19.16 45.49
N MET O 47 74.30 -17.98 45.67
CA MET O 47 75.04 -16.99 46.43
C MET O 47 75.17 -17.38 47.88
N LEU O 48 74.14 -17.97 48.46
CA LEU O 48 74.25 -18.34 49.86
C LEU O 48 75.31 -19.41 50.03
N PHE O 49 75.36 -20.33 49.05
CA PHE O 49 76.33 -21.45 49.06
C PHE O 49 77.76 -20.91 49.01
N LEU O 50 78.02 -19.89 48.18
CA LEU O 50 79.35 -19.35 48.08
C LEU O 50 79.71 -18.54 49.30
N GLU O 51 78.73 -17.82 49.87
CA GLU O 51 78.96 -16.99 51.08
C GLU O 51 79.45 -17.90 52.22
N ALA O 52 78.86 -19.10 52.34
CA ALA O 52 79.24 -20.04 53.38
C ALA O 52 80.61 -20.63 53.16
N GLU O 53 80.98 -20.91 51.91
CA GLU O 53 82.28 -21.51 51.68
C GLU O 53 83.42 -20.59 52.04
N ASN O 54 83.29 -19.31 51.78
CA ASN O 54 84.36 -18.42 52.14
C ASN O 54 83.86 -17.00 52.18
N PRO O 55 83.44 -16.49 53.32
CA PRO O 55 82.87 -15.18 53.49
C PRO O 55 83.79 -14.04 53.13
N GLU O 56 85.08 -14.30 52.97
CA GLU O 56 86.00 -13.24 52.66
C GLU O 56 86.32 -13.05 51.18
N LYS O 57 85.78 -13.87 50.29
CA LYS O 57 86.15 -13.71 48.89
C LYS O 57 85.01 -13.28 48.00
N ASP O 58 85.34 -12.52 46.97
CA ASP O 58 84.36 -12.00 46.04
C ASP O 58 83.66 -13.03 45.20
N ILE O 59 82.45 -12.69 44.82
CA ILE O 59 81.62 -13.45 43.92
C ILE O 59 81.44 -12.66 42.66
N TYR O 60 81.65 -13.31 41.51
CA TYR O 60 81.54 -12.62 40.20
C TYR O 60 80.20 -12.97 39.55
N LEU O 61 79.39 -11.95 39.24
CA LEU O 61 78.11 -12.21 38.62
C LEU O 61 78.10 -11.69 37.21
N TYR O 62 77.91 -12.62 36.25
CA TYR O 62 77.86 -12.27 34.81
C TYR O 62 76.41 -12.01 34.42
N ILE O 63 76.13 -10.80 33.90
CA ILE O 63 74.77 -10.45 33.53
C ILE O 63 74.56 -10.26 32.06
N ASN O 64 73.58 -10.97 31.53
CA ASN O 64 73.15 -10.84 30.15
C ASN O 64 71.67 -11.08 30.07
N SER O 65 70.86 -10.06 30.24
CA SER O 65 69.43 -10.31 30.28
C SER O 65 68.57 -9.13 29.90
N PRO O 66 67.42 -9.37 29.25
CA PRO O 66 66.42 -8.41 28.82
C PRO O 66 65.52 -7.80 29.88
N GLY O 67 65.52 -8.30 31.09
CA GLY O 67 64.58 -7.75 32.06
C GLY O 67 63.83 -8.85 32.73
N GLY O 68 62.68 -8.57 33.31
CA GLY O 68 61.93 -9.60 34.00
C GLY O 68 60.99 -9.07 35.05
N VAL O 69 60.55 -9.96 35.93
CA VAL O 69 59.59 -9.68 36.98
C VAL O 69 60.27 -8.97 38.11
N ILE O 70 59.72 -7.84 38.56
CA ILE O 70 60.39 -7.11 39.61
C ILE O 70 60.45 -7.86 40.90
N THR O 71 59.35 -8.43 41.32
CA THR O 71 59.41 -9.14 42.56
C THR O 71 60.49 -10.17 42.56
N ALA O 72 60.60 -10.97 41.51
CA ALA O 72 61.62 -11.99 41.50
C ALA O 72 62.99 -11.38 41.58
N GLY O 73 63.20 -10.30 40.83
CA GLY O 73 64.48 -9.63 40.82
C GLY O 73 64.85 -9.03 42.16
N MET O 74 63.87 -8.61 42.94
CA MET O 74 64.19 -8.01 44.22
C MET O 74 64.77 -9.00 45.20
N SER O 75 64.52 -10.28 45.05
CA SER O 75 65.09 -11.24 45.97
C SER O 75 66.56 -11.43 45.68
N ILE O 76 66.99 -11.01 44.50
CA ILE O 76 68.39 -11.15 44.16
C ILE O 76 68.99 -9.92 44.73
N TYR O 77 68.34 -8.78 44.54
CA TYR O 77 68.87 -7.55 45.06
C TYR O 77 69.10 -7.62 46.55
N ASP O 78 68.10 -8.02 47.32
CA ASP O 78 68.33 -8.06 48.74
C ASP O 78 69.38 -9.06 49.16
N THR O 79 69.48 -10.21 48.51
CA THR O 79 70.53 -11.12 48.93
C THR O 79 71.88 -10.51 48.67
N MET O 80 72.07 -9.86 47.53
CA MET O 80 73.36 -9.27 47.26
C MET O 80 73.75 -8.26 48.32
N GLN O 81 72.78 -7.51 48.83
CA GLN O 81 73.11 -6.51 49.81
C GLN O 81 73.37 -7.12 51.19
N PHE O 82 72.63 -8.16 51.52
CA PHE O 82 72.72 -8.84 52.80
C PHE O 82 74.00 -9.63 53.04
N ILE O 83 74.41 -10.44 52.07
CA ILE O 83 75.53 -11.34 52.31
C ILE O 83 76.83 -10.60 52.53
N LYS O 84 77.71 -11.20 53.29
CA LYS O 84 78.97 -10.53 53.60
C LYS O 84 79.95 -10.16 52.47
N PRO O 85 80.41 -11.04 51.57
CA PRO O 85 81.41 -10.75 50.55
C PRO O 85 80.90 -9.85 49.46
N ASP O 86 81.78 -9.09 48.83
CA ASP O 86 81.37 -8.26 47.71
C ASP O 86 80.92 -9.04 46.52
N VAL O 87 79.90 -8.54 45.85
CA VAL O 87 79.52 -9.13 44.60
C VAL O 87 79.84 -8.15 43.53
N SER O 88 80.66 -8.56 42.60
CA SER O 88 81.09 -7.74 41.50
C SER O 88 80.31 -8.13 40.29
N THR O 89 79.63 -7.18 39.69
CA THR O 89 78.80 -7.46 38.55
C THR O 89 79.46 -7.06 37.26
N ILE O 90 79.36 -7.92 36.26
CA ILE O 90 79.90 -7.68 34.94
C ILE O 90 78.84 -7.79 33.88
N CYS O 91 78.67 -6.73 33.07
CA CYS O 91 77.62 -6.75 32.02
C CYS O 91 78.20 -7.15 30.65
N MET O 92 77.65 -8.19 30.03
CA MET O 92 78.07 -8.63 28.72
C MET O 92 76.83 -8.78 27.90
N GLY O 93 76.86 -8.54 26.61
CA GLY O 93 75.58 -8.64 25.94
C GLY O 93 74.74 -7.44 26.41
N GLN O 94 73.63 -7.68 27.07
CA GLN O 94 72.82 -6.54 27.50
C GLN O 94 72.38 -6.62 28.94
N ALA O 95 72.08 -5.47 29.50
CA ALA O 95 71.46 -5.41 30.81
C ALA O 95 70.30 -4.47 30.71
N ALA O 96 69.12 -4.98 30.47
CA ALA O 96 68.01 -4.07 30.28
C ALA O 96 67.03 -4.15 31.40
N SER O 97 66.43 -3.05 31.73
CA SER O 97 65.34 -3.00 32.68
C SER O 97 65.77 -3.55 34.00
N MET O 98 65.11 -4.60 34.46
CA MET O 98 65.50 -5.15 35.74
C MET O 98 66.93 -5.65 35.71
N GLY O 99 67.43 -6.05 34.55
CA GLY O 99 68.79 -6.50 34.48
C GLY O 99 69.72 -5.34 34.77
N ALA O 100 69.37 -4.15 34.29
CA ALA O 100 70.18 -2.97 34.50
C ALA O 100 70.19 -2.61 35.96
N PHE O 101 69.05 -2.79 36.59
CA PHE O 101 68.93 -2.49 38.00
C PHE O 101 69.86 -3.38 38.81
N LEU O 102 69.86 -4.66 38.54
CA LEU O 102 70.75 -5.53 39.29
C LEU O 102 72.19 -5.22 38.97
N LEU O 103 72.51 -4.83 37.75
CA LEU O 103 73.90 -4.51 37.42
C LEU O 103 74.49 -3.43 38.28
N THR O 104 73.72 -2.37 38.56
CA THR O 104 74.26 -1.27 39.33
C THR O 104 74.35 -1.59 40.79
N ALA O 105 73.81 -2.72 41.20
CA ALA O 105 73.72 -3.07 42.60
C ALA O 105 74.98 -3.72 43.08
N GLY O 106 75.93 -3.89 42.19
CA GLY O 106 77.16 -4.56 42.59
C GLY O 106 77.96 -3.67 43.50
N ALA O 107 79.01 -4.22 44.07
CA ALA O 107 79.84 -3.48 45.01
C ALA O 107 80.43 -2.27 44.36
N LYS O 108 80.42 -1.14 45.05
CA LYS O 108 80.94 0.08 44.46
C LYS O 108 82.39 -0.04 44.14
N GLY O 109 82.77 0.34 42.92
CA GLY O 109 84.15 0.29 42.49
C GLY O 109 84.40 -0.97 41.69
N LYS O 110 83.44 -1.90 41.75
CA LYS O 110 83.55 -3.16 41.06
C LYS O 110 82.48 -3.40 40.00
N ARG O 111 81.74 -2.37 39.57
CA ARG O 111 80.74 -2.60 38.52
C ARG O 111 81.39 -2.42 37.16
N PHE O 112 81.51 -3.48 36.36
CA PHE O 112 82.22 -3.31 35.06
C PHE O 112 81.42 -3.91 33.90
N CYS O 113 81.52 -3.29 32.72
CA CYS O 113 80.78 -3.77 31.51
C CYS O 113 81.76 -3.87 30.33
N LEU O 114 81.51 -4.84 29.43
CA LEU O 114 82.36 -5.03 28.28
C LEU O 114 82.07 -3.96 27.23
N PRO O 115 83.05 -3.58 26.38
CA PRO O 115 82.99 -2.54 25.39
C PRO O 115 81.83 -2.48 24.43
N ASN O 116 81.23 -3.59 24.03
CA ASN O 116 80.16 -3.46 23.06
C ASN O 116 78.80 -3.73 23.61
N SER O 117 78.69 -3.69 24.92
CA SER O 117 77.44 -3.94 25.60
C SER O 117 76.48 -2.78 25.56
N ARG O 118 75.25 -3.05 25.96
CA ARG O 118 74.21 -2.03 26.07
C ARG O 118 73.44 -2.11 27.33
N VAL O 119 73.14 -0.97 27.90
CA VAL O 119 72.37 -0.90 29.11
C VAL O 119 71.14 -0.07 28.88
N MET O 120 69.99 -0.57 29.34
CA MET O 120 68.70 0.15 29.17
C MET O 120 68.04 0.32 30.54
N ILE O 121 67.31 1.43 30.72
CA ILE O 121 66.61 1.72 32.02
C ILE O 121 65.28 2.43 31.73
N HIS O 122 64.19 1.92 32.32
CA HIS O 122 62.86 2.50 32.15
C HIS O 122 61.99 2.31 33.38
N GLN O 123 60.92 3.08 33.54
CA GLN O 123 59.94 2.90 34.61
C GLN O 123 59.22 1.55 34.49
N PRO O 124 58.72 0.93 35.57
CA PRO O 124 58.03 -0.33 35.60
C PRO O 124 56.68 -0.36 34.93
N LEU O 125 56.34 -1.53 34.39
CA LEU O 125 55.07 -1.82 33.72
C LEU O 125 54.14 -2.67 34.56
N GLY O 126 52.85 -2.63 34.27
CA GLY O 126 51.90 -3.48 34.98
C GLY O 126 50.49 -3.27 34.49
N GLY O 127 49.49 -3.75 35.22
CA GLY O 127 48.11 -3.60 34.80
C GLY O 127 47.14 -4.35 35.68
N TYR O 128 45.85 -4.10 35.49
CA TYR O 128 44.79 -4.72 36.27
C TYR O 128 43.41 -4.67 35.61
N GLN O 129 42.54 -5.61 35.95
CA GLN O 129 41.14 -5.61 35.52
C GLN O 129 40.21 -5.80 36.70
N GLY O 130 39.08 -5.11 36.76
CA GLY O 130 38.17 -5.33 37.89
C GLY O 130 37.27 -4.15 38.22
N GLN O 131 36.76 -4.10 39.44
CA GLN O 131 35.87 -3.02 39.84
C GLN O 131 36.66 -1.76 40.03
N ALA O 132 36.05 -0.60 39.87
CA ALA O 132 36.80 0.65 40.04
C ALA O 132 37.53 0.70 41.36
N THR O 133 36.97 0.15 42.43
CA THR O 133 37.62 0.11 43.73
C THR O 133 38.91 -0.67 43.70
N ASP O 134 38.98 -1.77 42.97
CA ASP O 134 40.16 -2.58 43.01
C ASP O 134 41.19 -1.96 42.12
N ILE O 135 40.73 -1.30 41.08
CA ILE O 135 41.67 -0.69 40.19
C ILE O 135 42.42 0.34 40.97
N GLU O 136 41.74 1.12 41.78
CA GLU O 136 42.42 2.07 42.61
C GLU O 136 43.45 1.45 43.53
N ILE O 137 43.13 0.33 44.16
CA ILE O 137 44.09 -0.27 45.06
C ILE O 137 45.32 -0.69 44.31
N HIS O 138 45.13 -1.32 43.18
CA HIS O 138 46.27 -1.79 42.42
C HIS O 138 47.06 -0.66 41.81
N ALA O 139 46.41 0.43 41.39
CA ALA O 139 47.15 1.53 40.84
C ALA O 139 48.04 2.15 41.90
N ARG O 140 47.56 2.24 43.12
CA ARG O 140 48.38 2.83 44.15
C ARG O 140 49.60 2.00 44.41
N GLU O 141 49.48 0.69 44.40
CA GLU O 141 50.65 -0.12 44.64
C GLU O 141 51.68 0.00 43.55
N ILE O 142 51.28 0.07 42.28
CA ILE O 142 52.34 0.17 41.29
C ILE O 142 53.08 1.49 41.41
N LEU O 143 52.37 2.55 41.75
CA LEU O 143 53.05 3.81 41.87
C LEU O 143 54.02 3.80 43.03
N LYS O 144 53.68 3.14 44.13
CA LYS O 144 54.63 3.06 45.23
C LYS O 144 55.87 2.33 44.81
N VAL O 145 55.71 1.27 44.02
CA VAL O 145 56.87 0.52 43.58
C VAL O 145 57.75 1.38 42.72
N LYS O 146 57.16 2.11 41.80
CA LYS O 146 57.95 2.97 40.96
C LYS O 146 58.78 3.92 41.79
N GLY O 147 58.18 4.52 42.80
CA GLY O 147 58.91 5.46 43.60
C GLY O 147 60.09 4.79 44.30
N ARG O 148 59.89 3.59 44.79
CA ARG O 148 60.98 2.93 45.47
C ARG O 148 62.10 2.59 44.52
N MET O 149 61.77 2.17 43.31
CA MET O 149 62.83 1.82 42.39
C MET O 149 63.66 3.06 42.06
N ASN O 150 63.01 4.22 41.95
CA ASN O 150 63.76 5.41 41.62
C ASN O 150 64.70 5.80 42.73
N GLU O 151 64.30 5.61 43.98
CA GLU O 151 65.21 5.96 45.06
C GLU O 151 66.42 5.09 45.04
N LEU O 152 66.25 3.81 44.75
CA LEU O 152 67.39 2.93 44.73
C LEU O 152 68.32 3.28 43.56
N MET O 153 67.78 3.67 42.42
CA MET O 153 68.66 4.09 41.34
C MET O 153 69.49 5.28 41.76
N ALA O 154 68.84 6.30 42.33
CA ALA O 154 69.58 7.47 42.71
C ALA O 154 70.63 7.12 43.76
N LEU O 155 70.30 6.22 44.68
CA LEU O 155 71.25 5.83 45.69
C LEU O 155 72.48 5.20 45.11
N HIS O 156 72.31 4.27 44.19
CA HIS O 156 73.45 3.56 43.64
C HIS O 156 74.22 4.33 42.58
N THR O 157 73.55 5.20 41.82
CA THR O 157 74.26 5.91 40.76
C THR O 157 74.84 7.25 41.15
N GLY O 158 74.30 7.92 42.16
CA GLY O 158 74.82 9.22 42.52
C GLY O 158 74.10 10.36 41.82
N GLN O 159 73.09 10.02 41.05
CA GLN O 159 72.31 11.00 40.35
C GLN O 159 71.32 11.56 41.33
N SER O 160 70.80 12.74 41.09
CA SER O 160 69.78 13.25 41.96
C SER O 160 68.52 12.48 41.71
N LEU O 161 67.58 12.52 42.62
CA LEU O 161 66.37 11.76 42.39
C LEU O 161 65.56 12.31 41.24
N GLU O 162 65.46 13.61 41.12
CA GLU O 162 64.70 14.20 40.04
C GLU O 162 65.30 13.85 38.71
N GLN O 163 66.62 13.77 38.65
CA GLN O 163 67.23 13.41 37.39
C GLN O 163 66.84 12.00 37.04
N ILE O 164 66.81 11.10 38.03
CA ILE O 164 66.40 9.76 37.76
C ILE O 164 64.99 9.73 37.30
N GLU O 165 64.10 10.48 37.92
CA GLU O 165 62.74 10.38 37.42
C GLU O 165 62.63 10.82 35.98
N ARG O 166 63.29 11.89 35.59
CA ARG O 166 63.14 12.31 34.22
C ARG O 166 63.68 11.31 33.24
N ASP O 167 64.80 10.69 33.57
CA ASP O 167 65.44 9.77 32.68
C ASP O 167 64.80 8.42 32.53
N THR O 168 63.77 8.11 33.29
CA THR O 168 63.19 6.80 33.14
C THR O 168 61.78 6.89 32.58
N GLU O 169 61.29 8.07 32.26
CA GLU O 169 59.92 8.06 31.77
C GLU O 169 59.77 7.25 30.48
N ARG O 170 60.73 7.37 29.59
CA ARG O 170 60.72 6.67 28.32
C ARG O 170 61.99 5.86 28.26
N ASP O 171 61.98 4.77 27.51
CA ASP O 171 63.16 3.92 27.43
C ASP O 171 64.41 4.69 27.13
N ARG O 172 65.44 4.51 27.90
CA ARG O 172 66.66 5.24 27.63
C ARG O 172 67.80 4.29 27.44
N PHE O 173 68.49 4.39 26.32
CA PHE O 173 69.59 3.48 26.03
C PHE O 173 70.93 4.12 26.24
N LEU O 174 71.85 3.38 26.83
CA LEU O 174 73.20 3.87 27.04
C LEU O 174 74.26 2.91 26.50
N SER O 175 75.28 3.42 25.84
CA SER O 175 76.37 2.59 25.37
C SER O 175 77.31 2.36 26.53
N ALA O 176 78.28 1.47 26.42
CA ALA O 176 79.11 1.23 27.58
C ALA O 176 79.77 2.52 28.12
N PRO O 177 80.37 3.43 27.32
CA PRO O 177 80.92 4.66 27.82
C PRO O 177 79.92 5.59 28.46
N GLU O 178 78.65 5.46 28.05
CA GLU O 178 77.56 6.32 28.58
C GLU O 178 77.17 5.81 29.97
N ALA O 179 77.28 4.49 30.18
CA ALA O 179 76.96 3.90 31.45
C ALA O 179 78.00 4.35 32.46
N VAL O 180 79.25 4.49 32.00
CA VAL O 180 80.30 4.95 32.89
C VAL O 180 80.09 6.40 33.28
N GLU O 181 79.76 7.25 32.30
CA GLU O 181 79.58 8.70 32.57
C GLU O 181 78.37 8.95 33.48
N TYR O 182 77.30 8.16 33.31
CA TYR O 182 76.07 8.27 34.05
C TYR O 182 76.29 7.79 35.48
N GLY O 183 77.10 6.75 35.65
CA GLY O 183 77.35 6.21 36.95
C GLY O 183 76.72 4.84 37.15
N LEU O 184 76.28 4.18 36.10
CA LEU O 184 75.69 2.88 36.27
C LEU O 184 76.80 1.89 36.53
N VAL O 185 77.94 2.08 35.87
CA VAL O 185 79.07 1.19 36.07
C VAL O 185 80.27 2.02 36.37
N ASP O 186 81.30 1.42 36.90
CA ASP O 186 82.48 2.17 37.19
C ASP O 186 83.46 2.19 36.05
N SER O 187 83.56 1.09 35.30
CA SER O 187 84.55 1.07 34.21
C SER O 187 84.31 0.03 33.14
N ILE O 188 85.08 0.12 32.07
CA ILE O 188 85.00 -0.80 30.95
C ILE O 188 86.21 -1.69 30.88
N LEU O 189 85.99 -2.97 30.75
CA LEU O 189 87.10 -3.91 30.63
C LEU O 189 87.56 -3.90 29.20
N THR O 190 88.83 -4.12 28.95
CA THR O 190 89.32 -4.11 27.59
C THR O 190 89.93 -5.43 27.21
N HIS O 191 91.13 -5.67 27.68
CA HIS O 191 91.83 -6.92 27.45
C HIS O 191 92.38 -7.45 28.73
N ARG O 192 92.51 -8.76 28.82
CA ARG O 192 93.14 -9.35 29.98
C ARG O 192 94.57 -8.85 30.01
N ALA P 1 71.72 -42.88 22.67
CA ALA P 1 72.99 -42.62 22.00
C ALA P 1 72.88 -41.50 20.99
N LEU P 2 72.24 -40.41 21.37
CA LEU P 2 72.21 -39.31 20.42
C LEU P 2 73.60 -38.82 20.17
N VAL P 3 74.40 -38.80 21.22
CA VAL P 3 75.77 -38.40 21.16
C VAL P 3 76.56 -39.58 21.74
N PRO P 4 77.47 -40.20 20.99
CA PRO P 4 78.23 -41.36 21.38
C PRO P 4 79.32 -41.04 22.37
N MET P 5 79.77 -42.09 23.05
CA MET P 5 80.90 -42.00 23.97
C MET P 5 82.17 -42.42 23.28
N VAL P 6 83.29 -41.84 23.69
CA VAL P 6 84.59 -42.23 23.20
C VAL P 6 85.54 -42.56 24.34
N ILE P 7 86.46 -43.48 24.09
CA ILE P 7 87.42 -43.93 25.11
C ILE P 7 88.84 -43.54 24.80
N GLU P 8 89.55 -43.01 25.81
CA GLU P 8 90.95 -42.65 25.63
C GLU P 8 91.76 -43.13 26.81
N GLN P 9 93.06 -43.34 26.65
CA GLN P 9 93.84 -43.74 27.79
C GLN P 9 94.89 -42.74 28.14
N THR P 10 95.05 -42.51 29.43
CA THR P 10 96.02 -41.60 29.98
C THR P 10 96.95 -42.34 30.94
N SER P 11 96.55 -42.41 32.20
CA SER P 11 97.30 -43.08 33.26
C SER P 11 96.67 -44.42 33.53
N ARG P 12 95.62 -44.44 34.35
CA ARG P 12 94.92 -45.68 34.66
C ARG P 12 94.04 -46.19 33.49
N GLY P 13 93.75 -45.30 32.53
CA GLY P 13 92.99 -45.61 31.32
C GLY P 13 91.46 -45.49 31.43
N GLU P 14 90.95 -45.11 32.58
CA GLU P 14 89.51 -45.05 32.77
C GLU P 14 88.89 -43.74 32.34
N ARG P 15 88.93 -43.48 31.06
CA ARG P 15 88.35 -42.25 30.57
C ARG P 15 87.32 -42.49 29.50
N SER P 16 86.08 -42.15 29.83
CA SER P 16 84.94 -42.32 28.88
C SER P 16 83.95 -41.17 29.04
N PHE P 17 83.99 -40.19 28.12
CA PHE P 17 83.07 -39.02 28.17
C PHE P 17 82.42 -38.84 26.78
N ASP P 18 81.40 -37.99 26.72
CA ASP P 18 80.68 -37.71 25.45
C ASP P 18 81.66 -37.10 24.44
N ILE P 19 81.56 -37.50 23.17
CA ILE P 19 82.43 -37.00 22.12
C ILE P 19 82.57 -35.48 22.12
N TYR P 20 81.58 -34.72 22.57
CA TYR P 20 81.80 -33.28 22.55
C TYR P 20 82.73 -32.84 23.66
N SER P 21 82.81 -33.59 24.75
CA SER P 21 83.69 -33.19 25.82
C SER P 21 85.08 -33.63 25.43
N ARG P 22 85.15 -34.70 24.65
CA ARG P 22 86.42 -35.17 24.19
C ARG P 22 87.05 -34.13 23.31
N LEU P 23 86.25 -33.42 22.52
CA LEU P 23 86.77 -32.37 21.67
C LEU P 23 87.00 -31.09 22.43
N LEU P 24 86.23 -30.79 23.46
CA LEU P 24 86.54 -29.58 24.22
C LEU P 24 87.93 -29.70 24.77
N LYS P 25 88.30 -30.87 25.17
CA LYS P 25 89.62 -31.17 25.71
C LYS P 25 90.76 -30.81 24.74
N GLU P 26 90.43 -30.86 23.44
CA GLU P 26 91.38 -30.57 22.34
C GLU P 26 91.21 -29.13 21.88
N ARG P 27 90.64 -28.30 22.76
CA ARG P 27 90.42 -26.90 22.56
C ARG P 27 89.65 -26.60 21.29
N VAL P 28 88.65 -27.42 20.98
CA VAL P 28 87.77 -27.17 19.85
C VAL P 28 86.35 -26.92 20.32
N ILE P 29 85.82 -25.77 19.96
CA ILE P 29 84.47 -25.35 20.32
C ILE P 29 83.59 -25.24 19.08
N PHE P 30 82.39 -25.79 19.11
CA PHE P 30 81.52 -25.68 17.95
C PHE P 30 80.42 -24.68 18.16
N LEU P 31 80.11 -23.91 17.13
CA LEU P 31 78.99 -22.98 17.11
C LEU P 31 78.03 -23.30 16.00
N THR P 32 76.86 -23.79 16.33
CA THR P 32 75.90 -24.14 15.30
C THR P 32 74.51 -23.65 15.66
N GLY P 33 73.64 -23.52 14.68
CA GLY P 33 72.26 -23.14 14.92
C GLY P 33 72.13 -21.64 15.06
N GLN P 34 71.01 -21.16 15.54
CA GLN P 34 70.80 -19.73 15.66
C GLN P 34 71.58 -19.20 16.80
N VAL P 35 72.11 -18.00 16.69
CA VAL P 35 72.76 -17.43 17.85
C VAL P 35 71.71 -16.84 18.74
N GLU P 36 71.70 -17.25 19.98
CA GLU P 36 70.74 -16.75 20.93
C GLU P 36 71.35 -16.73 22.31
N ASP P 37 70.62 -16.28 23.31
CA ASP P 37 71.23 -16.10 24.61
C ASP P 37 71.72 -17.33 25.33
N HIS P 38 71.00 -18.42 25.30
CA HIS P 38 71.49 -19.52 26.11
C HIS P 38 72.65 -20.20 25.45
N MET P 39 72.57 -20.38 24.16
CA MET P 39 73.67 -20.99 23.50
C MET P 39 74.90 -20.11 23.55
N ALA P 40 74.76 -18.80 23.40
CA ALA P 40 75.93 -17.97 23.44
C ALA P 40 76.58 -18.03 24.78
N ASN P 41 75.74 -18.03 25.82
CA ASN P 41 76.20 -18.06 27.24
C ASN P 41 77.08 -19.30 27.46
N LEU P 42 76.73 -20.43 26.82
CA LEU P 42 77.51 -21.63 26.99
C LEU P 42 78.85 -21.53 26.29
N ILE P 43 78.88 -20.94 25.10
CA ILE P 43 80.16 -20.78 24.43
C ILE P 43 81.08 -19.91 25.23
N VAL P 44 80.55 -18.84 25.81
CA VAL P 44 81.42 -18.01 26.61
C VAL P 44 82.00 -18.82 27.76
N ALA P 45 81.20 -19.63 28.43
CA ALA P 45 81.76 -20.41 29.51
C ALA P 45 82.87 -21.31 29.01
N GLN P 46 82.73 -21.89 27.84
CA GLN P 46 83.79 -22.74 27.34
C GLN P 46 85.04 -21.99 27.04
N MET P 47 84.94 -20.80 26.49
CA MET P 47 86.15 -20.06 26.21
C MET P 47 86.86 -19.64 27.48
N LEU P 48 86.10 -19.26 28.52
CA LEU P 48 86.76 -18.84 29.75
C LEU P 48 87.46 -20.03 30.37
N PHE P 49 86.85 -21.20 30.32
CA PHE P 49 87.46 -22.38 30.83
C PHE P 49 88.77 -22.67 30.14
N LEU P 50 88.77 -22.65 28.82
CA LEU P 50 89.99 -22.98 28.14
C LEU P 50 91.08 -21.97 28.39
N GLU P 51 90.73 -20.70 28.55
CA GLU P 51 91.77 -19.71 28.82
C GLU P 51 92.48 -20.09 30.09
N ALA P 52 91.71 -20.42 31.12
CA ALA P 52 92.29 -20.76 32.40
C ALA P 52 93.18 -21.98 32.34
N GLU P 53 92.79 -22.96 31.53
CA GLU P 53 93.57 -24.22 31.38
C GLU P 53 94.98 -23.93 30.86
N ASN P 54 95.12 -23.04 29.88
CA ASN P 54 96.40 -22.73 29.30
C ASN P 54 96.30 -21.47 28.48
N PRO P 55 96.60 -20.31 29.03
CA PRO P 55 96.51 -19.03 28.39
C PRO P 55 97.35 -18.88 27.15
N GLU P 56 98.32 -19.76 26.93
CA GLU P 56 99.19 -19.61 25.79
C GLU P 56 98.81 -20.41 24.54
N LYS P 57 97.77 -21.22 24.58
CA LYS P 57 97.48 -22.02 23.40
C LYS P 57 96.24 -21.59 22.64
N ASP P 58 96.25 -21.80 21.34
CA ASP P 58 95.12 -21.43 20.49
C ASP P 58 93.86 -22.19 20.76
N ILE P 59 92.73 -21.51 20.56
CA ILE P 59 91.41 -22.10 20.66
C ILE P 59 90.79 -22.11 19.30
N TYR P 60 90.22 -23.25 18.89
CA TYR P 60 89.61 -23.33 17.53
C TYR P 60 88.08 -23.28 17.62
N LEU P 61 87.47 -22.33 16.90
CA LEU P 61 86.01 -22.22 16.90
C LEU P 61 85.48 -22.61 15.55
N TYR P 62 84.66 -23.68 15.54
CA TYR P 62 84.05 -24.18 14.28
C TYR P 62 82.71 -23.48 14.09
N ILE P 63 82.54 -22.76 12.99
CA ILE P 63 81.30 -22.04 12.77
C ILE P 63 80.49 -22.55 11.62
N ASN P 64 79.25 -22.87 11.90
CA ASN P 64 78.28 -23.29 10.91
C ASN P 64 76.94 -22.78 11.31
N SER P 65 76.57 -21.57 10.95
CA SER P 65 75.31 -21.04 11.46
C SER P 65 74.70 -19.99 10.57
N PRO P 66 73.35 -19.93 10.50
CA PRO P 66 72.55 -19.01 9.73
C PRO P 66 72.43 -17.59 10.25
N GLY P 67 72.85 -17.29 11.46
CA GLY P 67 72.64 -15.95 11.95
C GLY P 67 72.07 -15.99 13.33
N GLY P 68 71.41 -14.92 13.76
CA GLY P 68 70.86 -14.89 15.11
C GLY P 68 70.77 -13.51 15.70
N VAL P 69 70.63 -13.46 17.02
CA VAL P 69 70.44 -12.26 17.79
C VAL P 69 71.75 -11.52 17.97
N ILE P 70 71.77 -10.25 17.64
CA ILE P 70 73.02 -9.50 17.76
C ILE P 70 73.49 -9.37 19.15
N THR P 71 72.62 -9.03 20.07
CA THR P 71 73.09 -8.88 21.42
C THR P 71 73.78 -10.13 21.91
N ALA P 72 73.23 -11.30 21.69
CA ALA P 72 73.90 -12.50 22.15
C ALA P 72 75.23 -12.69 21.44
N GLY P 73 75.26 -12.43 20.14
CA GLY P 73 76.47 -12.60 19.37
C GLY P 73 77.56 -11.67 19.84
N MET P 74 77.21 -10.49 20.34
CA MET P 74 78.24 -9.60 20.79
C MET P 74 78.92 -10.07 22.04
N SER P 75 78.28 -10.89 22.88
CA SER P 75 79.02 -11.30 24.06
C SER P 75 80.06 -12.29 23.65
N ILE P 76 79.81 -13.02 22.56
CA ILE P 76 80.82 -13.95 22.10
C ILE P 76 81.98 -13.14 21.57
N TYR P 77 81.66 -12.13 20.78
CA TYR P 77 82.70 -11.27 20.21
C TYR P 77 83.56 -10.65 21.28
N ASP P 78 82.97 -10.04 22.30
CA ASP P 78 83.80 -9.41 23.30
C ASP P 78 84.65 -10.40 24.06
N THR P 79 84.16 -11.59 24.35
CA THR P 79 85.00 -12.53 25.05
C THR P 79 86.19 -12.92 24.20
N MET P 80 85.98 -13.15 22.91
CA MET P 80 87.11 -13.54 22.08
C MET P 80 88.18 -12.48 22.10
N GLN P 81 87.80 -11.22 22.13
CA GLN P 81 88.79 -10.17 22.10
C GLN P 81 89.51 -9.99 23.44
N PHE P 82 88.79 -10.18 24.52
CA PHE P 82 89.30 -10.02 25.86
C PHE P 82 90.33 -11.05 26.31
N ILE P 83 90.05 -12.33 26.09
CA ILE P 83 90.93 -13.37 26.64
C ILE P 83 92.32 -13.43 26.02
N LYS P 84 93.27 -14.04 26.74
CA LYS P 84 94.64 -14.08 26.21
C LYS P 84 95.02 -14.91 24.98
N PRO P 85 94.63 -16.18 24.81
CA PRO P 85 95.04 -16.99 23.69
C PRO P 85 94.39 -16.53 22.43
N ASP P 86 95.03 -16.75 21.30
CA ASP P 86 94.37 -16.45 20.04
C ASP P 86 93.20 -17.35 19.79
N VAL P 87 92.15 -16.82 19.18
CA VAL P 87 91.05 -17.66 18.78
C VAL P 87 91.02 -17.72 17.28
N SER P 88 91.12 -18.90 16.74
CA SER P 88 91.13 -19.14 15.32
C SER P 88 89.81 -19.68 14.91
N THR P 89 89.18 -19.05 13.95
CA THR P 89 87.88 -19.46 13.53
C THR P 89 87.92 -20.18 12.21
N ILE P 90 87.13 -21.24 12.09
CA ILE P 90 87.00 -22.00 10.86
C ILE P 90 85.57 -22.12 10.42
N CYS P 91 85.28 -21.69 9.19
CA CYS P 91 83.88 -21.71 8.68
C CYS P 91 83.63 -22.92 7.77
N MET P 92 82.56 -23.68 8.06
CA MET P 92 82.15 -24.81 7.27
C MET P 92 80.66 -24.75 7.09
N GLY P 93 80.11 -25.28 6.02
CA GLY P 93 78.69 -25.07 5.92
C GLY P 93 78.51 -23.59 5.64
N GLN P 94 77.85 -22.85 6.51
CA GLN P 94 77.68 -21.44 6.24
C GLN P 94 77.97 -20.55 7.41
N ALA P 95 78.31 -19.32 7.12
CA ALA P 95 78.43 -18.30 8.13
C ALA P 95 77.64 -17.12 7.67
N ALA P 96 76.42 -17.01 8.09
CA ALA P 96 75.61 -15.93 7.56
C ALA P 96 75.29 -14.93 8.62
N SER P 97 75.22 -13.68 8.23
CA SER P 97 74.77 -12.63 9.11
C SER P 97 75.63 -12.53 10.33
N MET P 98 75.07 -12.75 11.51
CA MET P 98 75.89 -12.66 12.69
C MET P 98 76.97 -13.72 12.69
N GLY P 99 76.75 -14.84 12.04
CA GLY P 99 77.77 -15.86 11.99
C GLY P 99 78.97 -15.33 11.21
N ALA P 100 78.73 -14.59 10.14
CA ALA P 100 79.82 -14.04 9.34
C ALA P 100 80.59 -13.06 10.14
N PHE P 101 79.89 -12.29 10.95
CA PHE P 101 80.54 -11.31 11.78
C PHE P 101 81.49 -11.97 12.73
N LEU P 102 81.05 -13.01 13.42
CA LEU P 102 81.97 -13.63 14.34
C LEU P 102 83.11 -14.28 13.59
N LEU P 103 82.89 -14.81 12.41
CA LEU P 103 83.99 -15.45 11.69
C LEU P 103 85.15 -14.51 11.45
N THR P 104 84.89 -13.28 11.07
CA THR P 104 85.98 -12.38 10.75
C THR P 104 86.64 -11.83 11.97
N ALA P 105 86.12 -12.13 13.14
CA ALA P 105 86.61 -11.57 14.36
C ALA P 105 87.74 -12.38 14.94
N GLY P 106 88.10 -13.46 14.29
CA GLY P 106 89.15 -14.31 14.83
C GLY P 106 90.51 -13.66 14.67
N ALA P 107 91.54 -14.33 15.17
CA ALA P 107 92.91 -13.81 15.17
C ALA P 107 93.40 -13.61 13.77
N LYS P 108 94.03 -12.50 13.51
CA LYS P 108 94.50 -12.25 12.17
C LYS P 108 95.52 -13.25 11.74
N GLY P 109 95.34 -13.83 10.56
CA GLY P 109 96.26 -14.80 10.03
C GLY P 109 95.74 -16.18 10.26
N LYS P 110 94.74 -16.30 11.10
CA LYS P 110 94.17 -17.56 11.43
C LYS P 110 92.71 -17.74 11.07
N ARG P 111 92.12 -16.89 10.20
CA ARG P 111 90.72 -17.11 9.83
C ARG P 111 90.67 -18.01 8.61
N PHE P 112 90.10 -19.21 8.72
CA PHE P 112 90.11 -20.10 7.53
C PHE P 112 88.73 -20.71 7.27
N CYS P 113 88.39 -20.92 6.00
CA CYS P 113 87.06 -21.49 5.62
C CYS P 113 87.27 -22.65 4.64
N LEU P 114 86.38 -23.64 4.67
CA LEU P 114 86.50 -24.78 3.78
C LEU P 114 86.02 -24.41 2.38
N PRO P 115 86.49 -25.08 1.32
CA PRO P 115 86.23 -24.82 -0.08
C PRO P 115 84.82 -24.71 -0.58
N ASN P 116 83.83 -25.38 0.02
CA ASN P 116 82.50 -25.23 -0.54
C ASN P 116 81.58 -24.47 0.36
N SER P 117 82.13 -23.73 1.28
CA SER P 117 81.34 -22.96 2.21
C SER P 117 80.79 -21.68 1.60
N ARG P 118 79.89 -21.05 2.33
CA ARG P 118 79.30 -19.78 1.93
C ARG P 118 79.24 -18.80 3.05
N VAL P 119 79.54 -17.55 2.74
CA VAL P 119 79.47 -16.49 3.71
C VAL P 119 78.51 -15.43 3.24
N MET P 120 77.64 -14.97 4.15
CA MET P 120 76.64 -13.92 3.80
C MET P 120 76.79 -12.75 4.78
N ILE P 121 76.54 -11.52 4.29
CA ILE P 121 76.66 -10.30 5.15
C ILE P 121 75.55 -9.30 4.75
N HIS P 122 74.83 -8.79 5.75
CA HIS P 122 73.76 -7.82 5.53
C HIS P 122 73.57 -6.89 6.73
N GLN P 123 72.94 -5.73 6.53
CA GLN P 123 72.57 -4.80 7.61
C GLN P 123 71.58 -5.45 8.58
N PRO P 124 71.54 -5.06 9.86
CA PRO P 124 70.67 -5.60 10.90
C PRO P 124 69.22 -5.29 10.72
N LEU P 125 68.38 -6.21 11.20
CA LEU P 125 66.93 -6.13 11.17
C LEU P 125 66.35 -5.80 12.53
N GLY P 126 65.14 -5.29 12.56
CA GLY P 126 64.47 -5.03 13.84
C GLY P 126 63.08 -4.50 13.62
N GLY P 127 62.46 -3.95 14.67
CA GLY P 127 61.11 -3.42 14.54
C GLY P 127 60.53 -2.96 15.88
N TYR P 128 59.40 -2.26 15.82
CA TYR P 128 58.73 -1.74 17.02
C TYR P 128 57.26 -1.36 16.82
N GLN P 129 56.45 -1.42 17.88
CA GLN P 129 55.06 -0.96 17.87
C GLN P 129 54.83 -0.03 19.05
N GLY P 130 54.11 1.08 18.88
CA GLY P 130 53.90 1.99 20.02
C GLY P 130 53.54 3.41 19.62
N GLN P 131 53.79 4.38 20.49
CA GLN P 131 53.42 5.76 20.18
C GLN P 131 54.48 6.35 19.28
N ALA P 132 54.16 7.38 18.51
CA ALA P 132 55.19 7.97 17.65
C ALA P 132 56.43 8.35 18.45
N THR P 133 56.27 8.79 19.68
CA THR P 133 57.40 9.10 20.53
C THR P 133 58.28 7.90 20.80
N ASP P 134 57.71 6.72 20.96
CA ASP P 134 58.49 5.56 21.32
C ASP P 134 59.17 5.03 20.09
N ILE P 135 58.50 5.19 18.96
CA ILE P 135 59.06 4.72 17.72
C ILE P 135 60.33 5.45 17.46
N GLU P 136 60.34 6.74 17.66
CA GLU P 136 61.56 7.48 17.44
C GLU P 136 62.69 6.96 18.30
N ILE P 137 62.44 6.68 19.55
CA ILE P 137 63.52 6.23 20.40
C ILE P 137 64.10 4.93 19.92
N HIS P 138 63.25 4.01 19.57
CA HIS P 138 63.71 2.72 19.12
C HIS P 138 64.37 2.80 17.75
N ALA P 139 63.90 3.66 16.87
CA ALA P 139 64.55 3.77 15.57
C ALA P 139 65.96 4.30 15.73
N ARG P 140 66.18 5.25 16.62
CA ARG P 140 67.53 5.72 16.73
C ARG P 140 68.46 4.65 17.22
N GLU P 141 68.02 3.81 18.15
CA GLU P 141 68.94 2.82 18.63
C GLU P 141 69.32 1.80 17.57
N ILE P 142 68.40 1.39 16.70
CA ILE P 142 68.84 0.42 15.72
C ILE P 142 69.83 1.03 14.76
N LEU P 143 69.67 2.30 14.44
CA LEU P 143 70.61 2.91 13.53
C LEU P 143 71.98 3.01 14.16
N LYS P 144 72.07 3.25 15.46
CA LYS P 144 73.36 3.30 16.10
C LYS P 144 74.06 1.97 16.01
N VAL P 145 73.30 0.87 16.15
CA VAL P 145 73.91 -0.44 16.03
C VAL P 145 74.40 -0.66 14.62
N LYS P 146 73.62 -0.32 13.63
CA LYS P 146 74.10 -0.51 12.28
C LYS P 146 75.43 0.17 12.10
N GLY P 147 75.55 1.39 12.59
CA GLY P 147 76.80 2.09 12.45
C GLY P 147 77.93 1.36 13.12
N ARG P 148 77.70 0.85 14.30
CA ARG P 148 78.78 0.19 15.00
C ARG P 148 79.21 -1.09 14.31
N MET P 149 78.27 -1.84 13.78
CA MET P 149 78.65 -3.08 13.14
C MET P 149 79.51 -2.79 11.91
N ASN P 150 79.21 -1.72 11.20
CA ASN P 150 79.99 -1.41 10.02
C ASN P 150 81.39 -1.01 10.38
N GLU P 151 81.57 -0.33 11.49
CA GLU P 151 82.90 0.05 11.87
C GLU P 151 83.73 -1.17 12.17
N LEU P 152 83.14 -2.15 12.83
CA LEU P 152 83.90 -3.34 13.15
C LEU P 152 84.19 -4.17 11.89
N MET P 153 83.27 -4.25 10.94
CA MET P 153 83.61 -4.98 9.72
C MET P 153 84.79 -4.34 9.04
N ALA P 154 84.77 -3.02 8.91
CA ALA P 154 85.86 -2.37 8.24
C ALA P 154 87.15 -2.57 9.00
N LEU P 155 87.10 -2.54 10.32
CA LEU P 155 88.31 -2.74 11.08
C LEU P 155 88.93 -4.09 10.87
N HIS P 156 88.11 -5.13 10.88
CA HIS P 156 88.64 -6.47 10.76
C HIS P 156 88.95 -6.89 9.32
N THR P 157 88.27 -6.33 8.34
CA THR P 157 88.53 -6.76 6.97
C THR P 157 89.51 -5.91 6.20
N GLY P 158 89.70 -4.65 6.57
CA GLY P 158 90.63 -3.82 5.82
C GLY P 158 89.93 -3.04 4.72
N GLN P 159 88.64 -3.20 4.59
CA GLN P 159 87.88 -2.48 3.61
C GLN P 159 87.67 -1.10 4.15
N SER P 160 87.43 -0.13 3.30
CA SER P 160 87.14 1.19 3.80
C SER P 160 85.77 1.18 4.39
N LEU P 161 85.44 2.16 5.21
CA LEU P 161 84.11 2.14 5.79
C LEU P 161 83.04 2.35 4.77
N GLU P 162 83.29 3.20 3.80
CA GLU P 162 82.29 3.46 2.79
C GLU P 162 82.01 2.21 1.98
N GLN P 163 83.05 1.44 1.71
CA GLN P 163 82.84 0.22 0.97
C GLN P 163 82.00 -0.74 1.77
N ILE P 164 82.23 -0.84 3.06
CA ILE P 164 81.42 -1.72 3.86
C ILE P 164 80.00 -1.27 3.87
N GLU P 165 79.75 0.02 3.99
CA GLU P 165 78.36 0.41 4.01
C GLU P 165 77.66 0.06 2.73
N ARG P 166 78.29 0.25 1.58
CA ARG P 166 77.59 -0.08 0.35
C ARG P 166 77.28 -1.55 0.25
N ASP P 167 78.21 -2.37 0.67
CA ASP P 167 78.07 -3.80 0.54
C ASP P 167 77.11 -4.47 1.47
N THR P 168 76.54 -3.79 2.43
CA THR P 168 75.64 -4.48 3.31
C THR P 168 74.22 -3.99 3.13
N GLU P 169 74.02 -3.13 2.13
CA GLU P 169 72.66 -2.57 1.85
C GLU P 169 71.65 -3.72 1.65
N ARG P 170 72.06 -4.76 0.92
CA ARG P 170 71.24 -5.92 0.60
C ARG P 170 72.14 -7.12 0.72
N ASP P 171 71.59 -8.28 0.98
CA ASP P 171 72.41 -9.45 1.18
C ASP P 171 73.44 -9.69 0.14
N ARG P 172 74.66 -9.84 0.58
CA ARG P 172 75.76 -10.12 -0.30
C ARG P 172 76.27 -11.50 -0.06
N PHE P 173 76.34 -12.32 -1.09
CA PHE P 173 76.85 -13.69 -0.93
C PHE P 173 78.24 -13.82 -1.47
N LEU P 174 79.10 -14.46 -0.71
CA LEU P 174 80.49 -14.68 -1.08
C LEU P 174 80.89 -16.15 -1.04
N SER P 175 81.53 -16.63 -2.09
CA SER P 175 82.00 -18.01 -2.13
C SER P 175 83.29 -18.07 -1.38
N ALA P 176 83.82 -19.25 -1.06
CA ALA P 176 85.03 -19.25 -0.26
C ALA P 176 86.17 -18.43 -0.89
N PRO P 177 86.52 -18.50 -2.19
CA PRO P 177 87.56 -17.70 -2.77
C PRO P 177 87.29 -16.20 -2.72
N GLU P 178 86.01 -15.84 -2.67
CA GLU P 178 85.58 -14.43 -2.64
C GLU P 178 85.77 -13.89 -1.22
N ALA P 179 85.55 -14.74 -0.21
CA ALA P 179 85.71 -14.33 1.15
C ALA P 179 87.18 -14.03 1.38
N VAL P 180 88.05 -14.82 0.73
CA VAL P 180 89.47 -14.60 0.89
C VAL P 180 89.88 -13.29 0.24
N GLU P 181 89.43 -13.05 -0.99
CA GLU P 181 89.80 -11.82 -1.74
C GLU P 181 89.28 -10.57 -1.02
N TYR P 182 88.07 -10.64 -0.46
CA TYR P 182 87.40 -9.55 0.20
C TYR P 182 88.08 -9.24 1.50
N GLY P 183 88.62 -10.26 2.15
CA GLY P 183 89.29 -10.06 3.41
C GLY P 183 88.53 -10.59 4.60
N LEU P 184 87.50 -11.40 4.39
CA LEU P 184 86.79 -11.90 5.55
C LEU P 184 87.61 -13.03 6.15
N VAL P 185 88.30 -13.78 5.32
CA VAL P 185 89.12 -14.87 5.85
C VAL P 185 90.50 -14.76 5.27
N ASP P 186 91.47 -15.42 5.87
CA ASP P 186 92.81 -15.36 5.34
C ASP P 186 93.08 -16.43 4.32
N SER P 187 92.51 -17.62 4.48
CA SER P 187 92.77 -18.68 3.51
C SER P 187 91.78 -19.82 3.51
N ILE P 188 91.88 -20.66 2.50
CA ILE P 188 91.03 -21.83 2.34
C ILE P 188 91.81 -23.09 2.64
N LEU P 189 91.25 -23.93 3.48
CA LEU P 189 91.91 -25.19 3.81
C LEU P 189 91.58 -26.14 2.71
N THR P 190 92.48 -27.05 2.39
CA THR P 190 92.24 -27.98 1.30
C THR P 190 92.25 -29.41 1.76
N HIS P 191 93.44 -29.94 1.99
CA HIS P 191 93.60 -31.30 2.47
C HIS P 191 94.58 -31.33 3.60
N ARG P 192 94.42 -32.29 4.49
CA ARG P 192 95.37 -32.48 5.56
C ARG P 192 96.75 -32.67 4.98
N ALA Q 1 65.22 -48.69 27.17
CA ALA Q 1 66.24 -49.26 26.30
C ALA Q 1 66.00 -48.91 24.87
N LEU Q 2 65.99 -47.65 24.56
CA LEU Q 2 65.85 -47.35 23.16
C LEU Q 2 67.08 -47.84 22.43
N VAL Q 3 68.22 -47.75 23.08
CA VAL Q 3 69.45 -48.23 22.49
C VAL Q 3 70.05 -49.27 23.45
N PRO Q 4 70.09 -50.56 23.11
CA PRO Q 4 70.62 -51.64 23.91
C PRO Q 4 72.08 -51.47 24.18
N MET Q 5 72.53 -51.99 25.33
CA MET Q 5 73.93 -51.98 25.73
C MET Q 5 74.61 -53.26 25.32
N VAL Q 6 75.88 -53.19 25.02
CA VAL Q 6 76.63 -54.39 24.75
C VAL Q 6 77.87 -54.43 25.63
N ILE Q 7 78.31 -55.62 25.97
CA ILE Q 7 79.48 -55.84 26.81
C ILE Q 7 80.60 -56.46 26.03
N GLU Q 8 81.82 -55.93 26.17
CA GLU Q 8 82.96 -56.45 25.39
C GLU Q 8 84.16 -56.65 26.32
N GLN Q 9 84.96 -57.71 26.09
CA GLN Q 9 86.11 -57.94 26.94
C GLN Q 9 87.36 -57.36 26.35
N THR Q 10 88.21 -56.85 27.22
CA THR Q 10 89.49 -56.28 26.85
C THR Q 10 90.57 -56.85 27.75
N SER Q 11 90.87 -56.12 28.80
CA SER Q 11 91.84 -56.47 29.83
C SER Q 11 91.03 -56.85 31.05
N ARG Q 12 90.56 -55.84 31.77
CA ARG Q 12 89.71 -56.08 32.92
C ARG Q 12 88.28 -56.45 32.52
N GLY Q 13 87.82 -56.03 31.34
CA GLY Q 13 86.48 -56.39 30.89
C GLY Q 13 85.36 -55.46 31.32
N GLU Q 14 85.68 -54.40 32.03
CA GLU Q 14 84.64 -53.48 32.49
C GLU Q 14 84.30 -52.46 31.41
N ARG Q 15 83.67 -52.98 30.37
CA ARG Q 15 83.28 -52.17 29.24
C ARG Q 15 81.86 -52.46 28.81
N SER Q 16 81.05 -51.40 28.87
CA SER Q 16 79.63 -51.42 28.54
C SER Q 16 79.30 -50.22 27.69
N PHE Q 17 78.93 -50.46 26.43
CA PHE Q 17 78.63 -49.28 25.62
C PHE Q 17 77.23 -49.41 25.05
N ASP Q 18 76.76 -48.29 24.52
CA ASP Q 18 75.55 -48.24 23.75
C ASP Q 18 75.92 -48.95 22.50
N ILE Q 19 75.04 -49.69 21.88
CA ILE Q 19 75.47 -50.32 20.66
C ILE Q 19 76.04 -49.32 19.64
N TYR Q 20 75.59 -48.08 19.60
CA TYR Q 20 76.19 -47.17 18.63
C TYR Q 20 77.60 -46.75 19.00
N SER Q 21 77.96 -46.75 20.27
CA SER Q 21 79.32 -46.36 20.61
C SER Q 21 80.19 -47.55 20.34
N ARG Q 22 79.62 -48.73 20.48
CA ARG Q 22 80.38 -49.91 20.20
C ARG Q 22 80.79 -49.93 18.76
N LEU Q 23 79.88 -49.52 17.87
CA LEU Q 23 80.21 -49.48 16.47
C LEU Q 23 81.10 -48.32 16.12
N LEU Q 24 81.02 -47.20 16.82
CA LEU Q 24 81.95 -46.12 16.51
C LEU Q 24 83.36 -46.63 16.69
N LYS Q 25 83.59 -47.48 17.68
CA LYS Q 25 84.91 -48.01 17.90
C LYS Q 25 85.44 -48.86 16.74
N GLU Q 26 84.51 -49.35 15.91
CA GLU Q 26 84.81 -50.20 14.73
C GLU Q 26 84.82 -49.31 13.49
N ARG Q 27 85.02 -48.00 13.71
CA ARG Q 27 85.11 -47.00 12.70
C ARG Q 27 83.92 -47.00 11.77
N VAL Q 28 82.74 -47.21 12.35
CA VAL Q 28 81.49 -47.17 11.61
C VAL Q 28 80.60 -46.03 12.03
N ILE Q 29 80.21 -45.22 11.07
CA ILE Q 29 79.34 -44.07 11.28
C ILE Q 29 78.05 -44.22 10.51
N PHE Q 30 76.91 -43.96 11.14
CA PHE Q 30 75.65 -44.04 10.42
C PHE Q 30 75.06 -42.69 10.16
N LEU Q 31 74.58 -42.50 8.94
CA LEU Q 31 73.87 -41.30 8.51
C LEU Q 31 72.47 -41.62 8.14
N THR Q 32 71.50 -41.27 8.96
CA THR Q 32 70.14 -41.60 8.60
C THR Q 32 69.21 -40.44 8.80
N GLY Q 33 68.12 -40.45 8.06
CA GLY Q 33 67.09 -39.44 8.24
C GLY Q 33 67.45 -38.16 7.51
N GLN Q 34 66.77 -37.07 7.78
CA GLN Q 34 67.02 -35.84 7.05
C GLN Q 34 68.34 -35.27 7.39
N VAL Q 35 69.03 -34.69 6.43
CA VAL Q 35 70.29 -34.00 6.72
C VAL Q 35 69.98 -32.59 7.14
N GLU Q 36 70.37 -32.28 8.38
CA GLU Q 36 70.13 -30.94 8.96
C GLU Q 36 71.40 -30.51 9.71
N ASP Q 37 71.44 -29.26 10.18
CA ASP Q 37 72.61 -28.79 10.89
C ASP Q 37 73.06 -29.52 12.12
N HIS Q 38 72.16 -29.99 12.97
CA HIS Q 38 72.67 -30.61 14.18
C HIS Q 38 73.19 -31.99 13.93
N MET Q 39 72.48 -32.75 13.13
CA MET Q 39 72.95 -34.06 12.83
C MET Q 39 74.22 -34.02 12.01
N ALA Q 40 74.33 -33.10 11.05
CA ALA Q 40 75.54 -33.07 10.28
C ALA Q 40 76.71 -32.73 11.15
N ASN Q 41 76.46 -31.81 12.09
CA ASN Q 41 77.50 -31.34 13.05
C ASN Q 41 78.06 -32.52 13.85
N LEU Q 42 77.21 -33.49 14.19
CA LEU Q 42 77.68 -34.63 14.95
C LEU Q 42 78.50 -35.56 14.11
N ILE Q 43 78.11 -35.78 12.87
CA ILE Q 43 78.90 -36.66 12.01
C ILE Q 43 80.27 -36.09 11.81
N VAL Q 44 80.38 -34.80 11.61
CA VAL Q 44 81.69 -34.23 11.45
C VAL Q 44 82.53 -34.46 12.69
N ALA Q 45 81.98 -34.27 13.88
CA ALA Q 45 82.78 -34.50 15.07
C ALA Q 45 83.28 -35.94 15.13
N GLN Q 46 82.45 -36.90 14.72
CA GLN Q 46 82.89 -38.28 14.74
C GLN Q 46 83.99 -38.54 13.74
N MET Q 47 83.92 -37.96 12.56
CA MET Q 47 84.98 -38.22 11.61
C MET Q 47 86.28 -37.63 12.07
N LEU Q 48 86.27 -36.47 12.71
CA LEU Q 48 87.52 -35.87 13.16
C LEU Q 48 88.14 -36.73 14.24
N PHE Q 49 87.32 -37.27 15.12
CA PHE Q 49 87.80 -38.13 16.16
C PHE Q 49 88.48 -39.35 15.60
N LEU Q 50 87.84 -40.02 14.66
CA LEU Q 50 88.43 -41.23 14.15
C LEU Q 50 89.73 -40.96 13.42
N GLU Q 51 89.80 -39.82 12.72
CA GLU Q 51 91.02 -39.44 11.98
C GLU Q 51 92.20 -39.31 12.95
N ALA Q 52 91.94 -38.76 14.14
CA ALA Q 52 92.96 -38.59 15.14
C ALA Q 52 93.42 -39.90 15.75
N GLU Q 53 92.50 -40.85 15.95
CA GLU Q 53 92.89 -42.12 16.55
C GLU Q 53 93.81 -42.95 15.67
N ASN Q 54 93.57 -42.96 14.38
CA ASN Q 54 94.42 -43.73 13.51
C ASN Q 54 94.28 -43.26 12.08
N PRO Q 55 95.11 -42.34 11.63
CA PRO Q 55 95.08 -41.74 10.34
C PRO Q 55 95.24 -42.69 9.18
N GLU Q 56 95.66 -43.91 9.45
CA GLU Q 56 95.87 -44.85 8.37
C GLU Q 56 94.73 -45.79 8.10
N LYS Q 57 93.65 -45.73 8.86
CA LYS Q 57 92.59 -46.70 8.62
C LYS Q 57 91.31 -46.12 8.08
N ASP Q 58 90.65 -46.88 7.23
CA ASP Q 58 89.41 -46.46 6.63
C ASP Q 58 88.28 -46.26 7.60
N ILE Q 59 87.39 -45.34 7.25
CA ILE Q 59 86.18 -45.05 7.99
C ILE Q 59 84.99 -45.45 7.14
N TYR Q 60 84.05 -46.20 7.73
CA TYR Q 60 82.88 -46.68 6.95
C TYR Q 60 81.64 -45.84 7.27
N LEU Q 61 80.97 -45.33 6.23
CA LEU Q 61 79.78 -44.54 6.45
C LEU Q 61 78.57 -45.23 5.84
N TYR Q 62 77.59 -45.54 6.69
CA TYR Q 62 76.33 -46.20 6.25
C TYR Q 62 75.30 -45.11 5.95
N ILE Q 63 74.79 -45.08 4.72
CA ILE Q 63 73.84 -44.05 4.33
C ILE Q 63 72.46 -44.56 4.06
N ASN Q 64 71.49 -43.99 4.73
CA ASN Q 64 70.08 -44.31 4.53
C ASN Q 64 69.26 -43.06 4.75
N SER Q 65 69.07 -42.24 3.73
CA SER Q 65 68.42 -40.98 3.97
C SER Q 65 67.69 -40.42 2.77
N PRO Q 66 66.55 -39.75 2.97
CA PRO Q 66 65.72 -39.10 2.01
C PRO Q 66 66.21 -37.80 1.45
N GLY Q 67 67.24 -37.21 2.01
CA GLY Q 67 67.65 -35.91 1.51
C GLY Q 67 67.87 -34.97 2.65
N GLY Q 68 67.84 -33.67 2.38
CA GLY Q 68 68.07 -32.70 3.43
C GLY Q 68 68.59 -31.39 2.93
N VAL Q 69 69.13 -30.60 3.84
CA VAL Q 69 69.65 -29.28 3.61
C VAL Q 69 71.02 -29.31 2.98
N ILE Q 70 71.20 -28.60 1.87
CA ILE Q 70 72.50 -28.64 1.20
C ILE Q 70 73.59 -28.06 2.02
N THR Q 71 73.38 -26.91 2.61
CA THR Q 71 74.46 -26.35 3.38
C THR Q 71 74.97 -27.30 4.43
N ALA Q 72 74.08 -27.93 5.18
CA ALA Q 72 74.53 -28.83 6.21
C ALA Q 72 75.26 -29.99 5.62
N GLY Q 73 74.75 -30.53 4.52
CA GLY Q 73 75.39 -31.65 3.89
C GLY Q 73 76.77 -31.33 3.35
N MET Q 74 76.97 -30.13 2.85
CA MET Q 74 78.29 -29.80 2.34
C MET Q 74 79.31 -29.78 3.45
N SER Q 75 78.93 -29.50 4.67
CA SER Q 75 79.97 -29.52 5.69
C SER Q 75 80.50 -30.96 5.89
N ILE Q 76 79.69 -31.98 5.58
CA ILE Q 76 80.13 -33.36 5.68
C ILE Q 76 81.03 -33.62 4.52
N TYR Q 77 80.61 -33.18 3.35
CA TYR Q 77 81.39 -33.40 2.15
C TYR Q 77 82.76 -32.84 2.31
N ASP Q 78 82.89 -31.60 2.74
CA ASP Q 78 84.21 -31.05 2.88
C ASP Q 78 85.06 -31.76 3.90
N THR Q 79 84.49 -32.21 5.01
CA THR Q 79 85.32 -32.93 5.96
C THR Q 79 85.79 -34.24 5.36
N MET Q 80 84.94 -34.94 4.62
CA MET Q 80 85.38 -36.20 4.06
C MET Q 80 86.56 -36.01 3.13
N GLN Q 81 86.60 -34.91 2.41
CA GLN Q 81 87.70 -34.69 1.49
C GLN Q 81 88.95 -34.23 2.20
N PHE Q 82 88.79 -33.46 3.26
CA PHE Q 82 89.92 -32.93 4.00
C PHE Q 82 90.70 -33.98 4.79
N ILE Q 83 90.01 -34.86 5.52
CA ILE Q 83 90.70 -35.79 6.43
C ILE Q 83 91.53 -36.81 5.68
N LYS Q 84 92.66 -37.20 6.27
CA LYS Q 84 93.55 -38.14 5.63
C LYS Q 84 93.07 -39.56 5.23
N PRO Q 85 92.44 -40.39 6.08
CA PRO Q 85 92.02 -41.73 5.73
C PRO Q 85 90.87 -41.75 4.77
N ASP Q 86 90.77 -42.78 3.95
CA ASP Q 86 89.65 -42.91 3.06
C ASP Q 86 88.35 -43.12 3.75
N VAL Q 87 87.30 -42.55 3.20
CA VAL Q 87 85.97 -42.81 3.70
C VAL Q 87 85.26 -43.63 2.69
N SER Q 88 84.76 -44.77 3.10
CA SER Q 88 84.04 -45.66 2.23
C SER Q 88 82.58 -45.57 2.54
N THR Q 89 81.78 -45.29 1.54
CA THR Q 89 80.36 -45.12 1.76
C THR Q 89 79.57 -46.31 1.28
N ILE Q 90 78.60 -46.72 2.07
CA ILE Q 90 77.72 -47.84 1.74
C ILE Q 90 76.27 -47.42 1.76
N CYS Q 91 75.54 -47.67 0.67
CA CYS Q 91 74.11 -47.26 0.60
C CYS Q 91 73.17 -48.43 0.92
N MET Q 92 72.28 -48.24 1.90
CA MET Q 92 71.29 -49.25 2.27
C MET Q 92 69.96 -48.57 2.36
N GLY Q 93 68.87 -49.21 2.01
CA GLY Q 93 67.65 -48.41 2.08
C GLY Q 93 67.70 -47.43 0.92
N GLN Q 94 67.73 -46.13 1.19
CA GLN Q 94 67.79 -45.21 0.08
C GLN Q 94 68.83 -44.15 0.22
N ALA Q 95 69.25 -43.60 -0.89
CA ALA Q 95 70.12 -42.47 -0.90
C ALA Q 95 69.54 -41.47 -1.85
N ALA Q 96 68.71 -40.59 -1.36
CA ALA Q 96 68.06 -39.69 -2.28
C ALA Q 96 68.57 -38.28 -2.12
N SER Q 97 68.61 -37.56 -3.21
CA SER Q 97 68.93 -36.16 -3.18
C SER Q 97 70.27 -35.89 -2.58
N MET Q 98 70.33 -35.13 -1.50
CA MET Q 98 71.60 -34.87 -0.89
C MET Q 98 72.24 -36.16 -0.40
N GLY Q 99 71.44 -37.16 -0.10
CA GLY Q 99 72.00 -38.41 0.34
C GLY Q 99 72.79 -39.06 -0.78
N ALA Q 100 72.34 -38.92 -2.02
CA ALA Q 100 73.01 -39.55 -3.15
C ALA Q 100 74.28 -38.83 -3.40
N PHE Q 101 74.25 -37.54 -3.21
CA PHE Q 101 75.44 -36.76 -3.41
C PHE Q 101 76.52 -37.22 -2.49
N LEU Q 102 76.22 -37.36 -1.20
CA LEU Q 102 77.28 -37.79 -0.32
C LEU Q 102 77.69 -39.22 -0.65
N LEU Q 103 76.79 -40.08 -1.06
CA LEU Q 103 77.20 -41.44 -1.39
C LEU Q 103 78.32 -41.51 -2.40
N THR Q 104 78.25 -40.71 -3.46
CA THR Q 104 79.25 -40.81 -4.51
C THR Q 104 80.53 -40.15 -4.13
N ALA Q 105 80.55 -39.44 -3.04
CA ALA Q 105 81.70 -38.68 -2.64
C ALA Q 105 82.71 -39.51 -1.89
N GLY Q 106 82.42 -40.79 -1.69
CA GLY Q 106 83.33 -41.64 -0.96
C GLY Q 106 84.55 -41.93 -1.80
N ALA Q 107 85.53 -42.59 -1.21
CA ALA Q 107 86.79 -42.90 -1.87
C ALA Q 107 86.57 -43.75 -3.07
N LYS Q 108 87.27 -43.47 -4.15
CA LYS Q 108 87.07 -44.23 -5.37
C LYS Q 108 87.42 -45.66 -5.19
N GLY Q 109 86.54 -46.56 -5.61
CA GLY Q 109 86.78 -47.98 -5.53
C GLY Q 109 86.13 -48.55 -4.31
N LYS Q 110 85.69 -47.67 -3.42
CA LYS Q 110 85.07 -48.07 -2.20
C LYS Q 110 83.63 -47.64 -2.04
N ARG Q 111 82.95 -47.26 -3.13
CA ARG Q 111 81.55 -46.87 -3.02
C ARG Q 111 80.68 -48.09 -3.28
N PHE Q 112 80.00 -48.62 -2.25
CA PHE Q 112 79.22 -49.87 -2.51
C PHE Q 112 77.78 -49.74 -2.00
N CYS Q 113 76.83 -50.35 -2.72
CA CYS Q 113 75.40 -50.27 -2.32
C CYS Q 113 74.78 -51.67 -2.35
N LEU Q 114 73.81 -51.91 -1.46
CA LEU Q 114 73.14 -53.19 -1.38
C LEU Q 114 72.15 -53.35 -2.52
N PRO Q 115 71.85 -54.57 -2.99
CA PRO Q 115 71.05 -54.88 -4.12
C PRO Q 115 69.61 -54.42 -4.15
N ASN Q 116 68.95 -54.17 -3.03
CA ASN Q 116 67.59 -53.73 -3.17
C ASN Q 116 67.42 -52.27 -2.86
N SER Q 117 68.50 -51.54 -2.84
CA SER Q 117 68.47 -50.14 -2.54
C SER Q 117 68.02 -49.29 -3.71
N ARG Q 118 67.77 -48.02 -3.43
CA ARG Q 118 67.41 -47.05 -4.47
C ARG Q 118 68.14 -45.77 -4.32
N VAL Q 119 68.60 -45.25 -5.44
CA VAL Q 119 69.31 -43.99 -5.46
C VAL Q 119 68.55 -43.01 -6.31
N MET Q 120 68.30 -41.81 -5.81
CA MET Q 120 67.49 -40.85 -6.61
C MET Q 120 68.17 -39.48 -6.66
N ILE Q 121 68.31 -38.90 -7.86
CA ILE Q 121 68.96 -37.59 -7.97
C ILE Q 121 68.08 -36.52 -8.61
N HIS Q 122 68.26 -35.27 -8.19
CA HIS Q 122 67.51 -34.15 -8.77
C HIS Q 122 68.20 -32.82 -8.50
N GLN Q 123 67.88 -31.79 -9.29
CA GLN Q 123 68.37 -30.41 -9.06
C GLN Q 123 67.84 -29.86 -7.73
N PRO Q 124 68.52 -28.92 -7.06
CA PRO Q 124 68.15 -28.33 -5.79
C PRO Q 124 66.90 -27.51 -5.81
N LEU Q 125 66.20 -27.51 -4.67
CA LEU Q 125 64.98 -26.75 -4.43
C LEU Q 125 65.24 -25.55 -3.57
N GLY Q 126 64.37 -24.55 -3.63
CA GLY Q 126 64.50 -23.37 -2.78
C GLY Q 126 63.36 -22.41 -3.02
N GLY Q 127 63.47 -21.18 -2.52
CA GLY Q 127 62.41 -20.20 -2.70
C GLY Q 127 62.67 -18.90 -1.94
N TYR Q 128 61.86 -17.88 -2.21
CA TYR Q 128 62.00 -16.56 -1.58
C TYR Q 128 60.77 -15.66 -1.67
N GLN Q 129 60.59 -14.75 -0.72
CA GLN Q 129 59.54 -13.73 -0.75
C GLN Q 129 60.14 -12.36 -0.48
N GLY Q 130 59.78 -11.32 -1.23
CA GLY Q 130 60.36 -10.00 -0.97
C GLY Q 130 60.28 -9.03 -2.12
N GLN Q 131 61.14 -8.01 -2.14
CA GLN Q 131 61.04 -7.02 -3.20
C GLN Q 131 61.62 -7.60 -4.46
N ALA Q 132 61.23 -7.12 -5.64
CA ALA Q 132 61.80 -7.68 -6.85
C ALA Q 132 63.32 -7.66 -6.83
N THR Q 133 63.93 -6.65 -6.24
CA THR Q 133 65.37 -6.60 -6.12
C THR Q 133 65.95 -7.72 -5.27
N ASP Q 134 65.24 -8.16 -4.23
CA ASP Q 134 65.79 -9.18 -3.37
C ASP Q 134 65.60 -10.50 -4.05
N ILE Q 135 64.54 -10.62 -4.82
CA ILE Q 135 64.29 -11.85 -5.50
C ILE Q 135 65.41 -12.08 -6.45
N GLU Q 136 65.84 -11.08 -7.18
CA GLU Q 136 66.95 -11.31 -8.06
C GLU Q 136 68.17 -11.80 -7.35
N ILE Q 137 68.51 -11.25 -6.20
CA ILE Q 137 69.70 -11.69 -5.52
C ILE Q 137 69.62 -13.15 -5.12
N HIS Q 138 68.50 -13.55 -4.57
CA HIS Q 138 68.40 -14.93 -4.16
C HIS Q 138 68.30 -15.87 -5.34
N ALA Q 139 67.67 -15.47 -6.43
CA ALA Q 139 67.62 -16.37 -7.55
C ALA Q 139 69.02 -16.61 -8.07
N ARG Q 140 69.87 -15.60 -8.08
CA ARG Q 140 71.22 -15.83 -8.55
C ARG Q 140 71.96 -16.80 -7.68
N GLU Q 141 71.79 -16.71 -6.38
CA GLU Q 141 72.52 -17.61 -5.53
C GLU Q 141 72.06 -19.03 -5.69
N ILE Q 142 70.78 -19.30 -5.85
CA ILE Q 142 70.45 -20.71 -6.00
C ILE Q 142 70.97 -21.25 -7.29
N LEU Q 143 71.00 -20.46 -8.35
CA LEU Q 143 71.53 -20.98 -9.58
C LEU Q 143 73.01 -21.27 -9.49
N LYS Q 144 73.76 -20.46 -8.75
CA LYS Q 144 75.17 -20.76 -8.60
C LYS Q 144 75.37 -22.08 -7.90
N VAL Q 145 74.55 -22.37 -6.90
CA VAL Q 145 74.66 -23.63 -6.21
C VAL Q 145 74.36 -24.76 -7.15
N LYS Q 146 73.31 -24.64 -7.92
CA LYS Q 146 73.02 -25.70 -8.86
C LYS Q 146 74.19 -25.99 -9.74
N GLY Q 147 74.83 -24.96 -10.26
CA GLY Q 147 75.95 -25.19 -11.13
C GLY Q 147 77.07 -25.93 -10.42
N ARG Q 148 77.36 -25.55 -9.19
CA ARG Q 148 78.42 -26.21 -8.48
C ARG Q 148 78.13 -27.65 -8.17
N MET Q 149 76.90 -27.97 -7.83
CA MET Q 149 76.61 -29.35 -7.51
C MET Q 149 76.76 -30.20 -8.75
N ASN Q 150 76.41 -29.67 -9.91
CA ASN Q 150 76.55 -30.47 -11.12
C ASN Q 150 78.01 -30.72 -11.44
N GLU Q 151 78.88 -29.77 -11.16
CA GLU Q 151 80.28 -30.01 -11.42
C GLU Q 151 80.82 -31.10 -10.56
N LEU Q 152 80.40 -31.13 -9.29
CA LEU Q 152 80.92 -32.16 -8.44
C LEU Q 152 80.36 -33.52 -8.84
N MET Q 153 79.11 -33.61 -9.26
CA MET Q 153 78.63 -34.89 -9.73
C MET Q 153 79.46 -35.36 -10.90
N ALA Q 154 79.72 -34.48 -11.84
CA ALA Q 154 80.49 -34.89 -12.99
C ALA Q 154 81.88 -35.34 -12.59
N LEU Q 155 82.48 -34.64 -11.66
CA LEU Q 155 83.81 -35.02 -11.24
C LEU Q 155 83.86 -36.40 -10.63
N HIS Q 156 82.93 -36.70 -9.74
CA HIS Q 156 82.94 -37.97 -9.07
C HIS Q 156 82.39 -39.12 -9.88
N THR Q 157 81.42 -38.89 -10.75
CA THR Q 157 80.87 -40.00 -11.51
C THR Q 157 81.57 -40.27 -12.82
N GLY Q 158 82.24 -39.31 -13.42
CA GLY Q 158 82.90 -39.55 -14.68
C GLY Q 158 82.02 -39.22 -15.87
N GLN Q 159 80.83 -38.73 -15.60
CA GLN Q 159 79.91 -38.35 -16.64
C GLN Q 159 80.32 -37.00 -17.14
N SER Q 160 79.96 -36.65 -18.35
CA SER Q 160 80.26 -35.32 -18.82
C SER Q 160 79.39 -34.34 -18.09
N LEU Q 161 79.73 -33.07 -18.11
CA LEU Q 161 78.87 -32.15 -17.39
C LEU Q 161 77.52 -32.01 -18.04
N GLU Q 162 77.46 -32.01 -19.36
CA GLU Q 162 76.19 -31.87 -20.02
C GLU Q 162 75.29 -33.04 -19.70
N GLN Q 163 75.86 -34.23 -19.60
CA GLN Q 163 75.03 -35.36 -19.29
C GLN Q 163 74.46 -35.23 -17.90
N ILE Q 164 75.25 -34.73 -16.96
CA ILE Q 164 74.71 -34.56 -15.63
C ILE Q 164 73.61 -33.55 -15.63
N GLU Q 165 73.76 -32.46 -16.34
CA GLU Q 165 72.68 -31.50 -16.31
C GLU Q 165 71.40 -32.07 -16.87
N ARG Q 166 71.46 -32.81 -17.96
CA ARG Q 166 70.22 -33.33 -18.51
C ARG Q 166 69.54 -34.28 -17.56
N ASP Q 167 70.30 -35.10 -16.88
CA ASP Q 167 69.74 -36.10 -16.01
C ASP Q 167 69.19 -35.62 -14.70
N THR Q 168 69.37 -34.37 -14.33
CA THR Q 168 68.86 -33.98 -13.03
C THR Q 168 67.73 -33.00 -13.16
N GLU Q 169 67.25 -32.73 -14.37
CA GLU Q 169 66.19 -31.75 -14.41
C GLU Q 169 64.98 -32.21 -13.59
N ARG Q 170 64.62 -33.48 -13.69
CA ARG Q 170 63.52 -34.03 -12.93
C ARG Q 170 63.99 -35.26 -12.22
N ASP Q 171 63.35 -35.66 -11.16
CA ASP Q 171 63.80 -36.79 -10.40
C ASP Q 171 64.07 -38.01 -11.22
N ARG Q 172 65.24 -38.55 -11.04
CA ARG Q 172 65.65 -39.73 -11.74
C ARG Q 172 65.96 -40.82 -10.79
N PHE Q 173 65.31 -41.95 -10.93
CA PHE Q 173 65.54 -43.06 -10.02
C PHE Q 173 66.43 -44.12 -10.63
N LEU Q 174 67.35 -44.63 -9.85
CA LEU Q 174 68.23 -45.68 -10.31
C LEU Q 174 68.22 -46.87 -9.35
N SER Q 175 68.17 -48.08 -9.88
CA SER Q 175 68.24 -49.27 -9.04
C SER Q 175 69.68 -49.56 -8.75
N ALA Q 176 70.00 -50.46 -7.83
CA ALA Q 176 71.41 -50.64 -7.54
C ALA Q 176 72.25 -50.93 -8.79
N PRO Q 177 71.90 -51.82 -9.73
CA PRO Q 177 72.67 -52.06 -10.93
C PRO Q 177 72.81 -50.85 -11.83
N GLU Q 178 71.82 -49.95 -11.76
CA GLU Q 178 71.81 -48.72 -12.60
C GLU Q 178 72.80 -47.71 -12.02
N ALA Q 179 72.95 -47.71 -10.69
CA ALA Q 179 73.86 -46.81 -10.03
C ALA Q 179 75.26 -47.23 -10.40
N VAL Q 180 75.48 -48.53 -10.53
CA VAL Q 180 76.79 -49.03 -10.89
C VAL Q 180 77.14 -48.62 -12.31
N GLU Q 181 76.23 -48.79 -13.25
CA GLU Q 181 76.55 -48.40 -14.61
C GLU Q 181 76.73 -46.91 -14.80
N TYR Q 182 75.91 -46.13 -14.10
CA TYR Q 182 75.96 -44.69 -14.21
C TYR Q 182 77.25 -44.19 -13.64
N GLY Q 183 77.76 -44.87 -12.62
CA GLY Q 183 78.99 -44.46 -11.99
C GLY Q 183 78.81 -43.86 -10.63
N LEU Q 184 77.64 -44.00 -10.03
CA LEU Q 184 77.47 -43.44 -8.71
C LEU Q 184 78.16 -44.34 -7.71
N VAL Q 185 78.17 -45.64 -7.96
CA VAL Q 185 78.84 -46.56 -7.05
C VAL Q 185 79.77 -47.47 -7.81
N ASP Q 186 80.69 -48.12 -7.13
CA ASP Q 186 81.57 -49.01 -7.82
C ASP Q 186 81.02 -50.42 -7.91
N SER Q 187 80.33 -50.88 -6.87
CA SER Q 187 79.83 -52.24 -6.92
C SER Q 187 78.72 -52.55 -5.94
N ILE Q 188 78.12 -53.71 -6.11
CA ILE Q 188 77.04 -54.17 -5.28
C ILE Q 188 77.49 -55.27 -4.35
N LEU Q 189 77.21 -55.13 -3.07
CA LEU Q 189 77.60 -56.16 -2.12
C LEU Q 189 76.53 -57.21 -2.17
N THR Q 190 76.86 -58.45 -1.96
CA THR Q 190 75.86 -59.52 -2.03
C THR Q 190 75.78 -60.29 -0.75
N HIS Q 191 76.79 -61.12 -0.51
CA HIS Q 191 76.88 -61.91 0.71
C HIS Q 191 78.25 -61.79 1.31
N ARG Q 192 78.32 -61.93 2.61
CA ARG Q 192 79.60 -61.95 3.29
C ARG Q 192 80.48 -63.03 2.71
N ALA R 1 60.90 -46.98 35.84
CA ALA R 1 61.03 -48.38 35.46
C ALA R 1 60.22 -48.69 34.24
N LEU R 2 60.40 -47.95 33.19
CA LEU R 2 59.65 -48.33 32.02
C LEU R 2 60.12 -49.68 31.57
N VAL R 3 61.40 -49.94 31.72
CA VAL R 3 61.97 -51.21 31.38
C VAL R 3 62.70 -51.73 32.62
N PRO R 4 62.36 -52.89 33.18
CA PRO R 4 62.98 -53.52 34.33
C PRO R 4 64.41 -53.90 34.13
N MET R 5 65.16 -53.93 35.22
CA MET R 5 66.55 -54.37 35.24
C MET R 5 66.61 -55.82 35.68
N VAL R 6 67.56 -56.57 35.17
CA VAL R 6 67.77 -57.92 35.62
C VAL R 6 69.23 -58.13 36.02
N ILE R 7 69.45 -59.03 36.96
CA ILE R 7 70.78 -59.33 37.49
C ILE R 7 71.23 -60.73 37.11
N GLU R 8 72.47 -60.87 36.64
CA GLU R 8 72.95 -62.22 36.23
C GLU R 8 74.37 -62.45 36.75
N GLN R 9 74.72 -63.70 37.07
CA GLN R 9 76.06 -63.97 37.55
C GLN R 9 76.91 -64.65 36.52
N THR R 10 78.15 -64.20 36.47
CA THR R 10 79.17 -64.70 35.58
C THR R 10 80.36 -65.19 36.41
N SER R 11 81.26 -64.27 36.69
CA SER R 11 82.47 -64.48 37.46
C SER R 11 82.30 -63.71 38.75
N ARG R 12 82.47 -62.39 38.66
CA ARG R 12 82.30 -61.47 39.78
C ARG R 12 80.83 -61.28 40.20
N GLY R 13 79.91 -61.37 39.24
CA GLY R 13 78.48 -61.20 39.53
C GLY R 13 77.97 -59.76 39.38
N GLU R 14 78.87 -58.86 39.06
CA GLU R 14 78.49 -57.46 38.91
C GLU R 14 77.97 -57.15 37.53
N ARG R 15 76.82 -57.72 37.23
CA ARG R 15 76.16 -57.49 35.97
C ARG R 15 74.71 -57.20 36.16
N SER R 16 74.33 -56.02 35.69
CA SER R 16 72.99 -55.51 35.78
C SER R 16 72.60 -54.98 34.44
N PHE R 17 71.71 -55.69 33.78
CA PHE R 17 71.37 -55.19 32.44
C PHE R 17 69.90 -54.83 32.41
N ASP R 18 69.58 -53.91 31.50
CA ASP R 18 68.17 -53.57 31.20
C ASP R 18 67.66 -54.81 30.46
N ILE R 19 66.45 -55.28 30.77
CA ILE R 19 65.98 -56.54 30.23
C ILE R 19 66.14 -56.66 28.72
N TYR R 20 66.09 -55.58 27.95
CA TYR R 20 66.27 -55.79 26.52
C TYR R 20 67.71 -56.06 26.17
N SER R 21 68.65 -55.59 26.96
CA SER R 21 70.04 -55.82 26.67
C SER R 21 70.35 -57.23 27.10
N ARG R 22 69.64 -57.68 28.11
CA ARG R 22 69.82 -59.02 28.59
C ARG R 22 69.42 -60.00 27.53
N LEU R 23 68.38 -59.70 26.77
CA LEU R 23 67.96 -60.60 25.71
C LEU R 23 68.81 -60.43 24.47
N LEU R 24 69.34 -59.25 24.21
CA LEU R 24 70.22 -59.12 23.05
C LEU R 24 71.40 -60.04 23.23
N LYS R 25 71.86 -60.17 24.44
CA LYS R 25 72.96 -61.04 24.78
C LYS R 25 72.69 -62.51 24.41
N GLU R 26 71.40 -62.86 24.36
CA GLU R 26 70.91 -64.22 24.04
C GLU R 26 70.49 -64.28 22.57
N ARG R 27 71.03 -63.36 21.77
CA ARG R 27 70.84 -63.25 20.36
C ARG R 27 69.39 -63.15 19.97
N VAL R 28 68.61 -62.41 20.76
CA VAL R 28 67.22 -62.16 20.45
C VAL R 28 66.94 -60.70 20.16
N ILE R 29 66.38 -60.44 19.01
CA ILE R 29 66.05 -59.10 18.56
C ILE R 29 64.55 -58.95 18.38
N PHE R 30 63.96 -57.88 18.90
CA PHE R 30 62.53 -57.68 18.70
C PHE R 30 62.23 -56.57 17.73
N LEU R 31 61.25 -56.79 16.88
CA LEU R 31 60.73 -55.81 15.95
C LEU R 31 59.28 -55.54 16.19
N THR R 32 58.96 -54.36 16.69
CA THR R 32 57.58 -54.02 16.96
C THR R 32 57.26 -52.63 16.48
N GLY R 33 56.00 -52.32 16.29
CA GLY R 33 55.59 -50.99 15.89
C GLY R 33 55.73 -50.81 14.40
N GLN R 34 55.62 -49.60 13.91
CA GLN R 34 55.70 -49.35 12.47
C GLN R 34 57.10 -49.51 12.02
N VAL R 35 57.29 -49.98 10.77
CA VAL R 35 58.66 -50.13 10.20
C VAL R 35 59.07 -48.79 9.57
N GLU R 36 59.92 -48.01 10.25
CA GLU R 36 60.38 -46.69 9.74
C GLU R 36 61.91 -46.67 9.70
N ASP R 37 62.51 -45.49 9.47
CA ASP R 37 63.95 -45.36 9.42
C ASP R 37 64.73 -45.42 10.71
N HIS R 38 64.26 -44.80 11.76
CA HIS R 38 65.12 -44.79 12.92
C HIS R 38 65.13 -46.11 13.60
N MET R 39 64.01 -46.76 13.63
CA MET R 39 63.94 -48.07 14.21
C MET R 39 64.63 -49.11 13.35
N ALA R 40 64.43 -49.09 12.03
CA ALA R 40 65.04 -50.09 11.20
C ALA R 40 66.53 -50.04 11.31
N ASN R 41 67.05 -48.81 11.47
CA ASN R 41 68.50 -48.55 11.59
C ASN R 41 69.07 -49.17 12.87
N LEU R 42 68.24 -49.38 13.89
CA LEU R 42 68.74 -49.94 15.11
C LEU R 42 68.81 -51.44 14.97
N ILE R 43 67.84 -52.02 14.31
CA ILE R 43 67.86 -53.46 14.09
C ILE R 43 69.05 -53.82 13.27
N VAL R 44 69.37 -53.05 12.26
CA VAL R 44 70.53 -53.36 11.50
C VAL R 44 71.75 -53.30 12.37
N ALA R 45 71.89 -52.29 13.22
CA ALA R 45 73.07 -52.26 14.06
C ALA R 45 73.16 -53.50 14.93
N GLN R 46 72.04 -53.97 15.46
CA GLN R 46 72.08 -55.16 16.31
C GLN R 46 72.46 -56.40 15.56
N MET R 47 71.98 -56.56 14.34
CA MET R 47 72.36 -57.75 13.63
C MET R 47 73.83 -57.75 13.29
N LEU R 48 74.39 -56.60 12.94
CA LEU R 48 75.81 -56.57 12.60
C LEU R 48 76.64 -56.90 13.82
N PHE R 49 76.18 -56.40 14.97
CA PHE R 49 76.86 -56.62 16.28
C PHE R 49 76.89 -58.12 16.61
N LEU R 50 75.79 -58.84 16.39
CA LEU R 50 75.75 -60.24 16.72
C LEU R 50 76.57 -61.06 15.76
N GLU R 51 76.58 -60.66 14.48
CA GLU R 51 77.34 -61.39 13.43
C GLU R 51 78.83 -61.40 13.82
N ALA R 52 79.32 -60.28 14.34
CA ALA R 52 80.70 -60.18 14.76
C ALA R 52 81.02 -61.01 15.99
N GLU R 53 80.10 -61.09 16.94
CA GLU R 53 80.37 -61.85 18.15
C GLU R 53 80.49 -63.33 17.91
N ASN R 54 79.68 -63.88 17.04
CA ASN R 54 79.80 -65.29 16.75
C ASN R 54 79.15 -65.61 15.43
N PRO R 55 79.87 -65.61 14.34
CA PRO R 55 79.40 -65.81 13.01
C PRO R 55 78.72 -67.13 12.78
N GLU R 56 78.88 -68.08 13.67
CA GLU R 56 78.29 -69.37 13.46
C GLU R 56 76.97 -69.59 14.16
N LYS R 57 76.47 -68.63 14.92
CA LYS R 57 75.23 -68.90 15.64
C LYS R 57 74.03 -68.13 15.15
N ASP R 58 72.89 -68.77 15.20
CA ASP R 58 71.63 -68.18 14.76
C ASP R 58 71.22 -66.97 15.54
N ILE R 59 70.49 -66.09 14.86
CA ILE R 59 69.89 -64.90 15.42
C ILE R 59 68.40 -65.04 15.38
N TYR R 60 67.73 -64.77 16.50
CA TYR R 60 66.24 -64.93 16.55
C TYR R 60 65.58 -63.55 16.45
N LEU R 61 64.65 -63.38 15.49
CA LEU R 61 63.97 -62.11 15.36
C LEU R 61 62.48 -62.28 15.60
N TYR R 62 61.96 -61.57 16.56
CA TYR R 62 60.54 -61.65 16.89
C TYR R 62 59.78 -60.55 16.23
N ILE R 63 58.80 -60.89 15.45
CA ILE R 63 58.07 -59.91 14.69
C ILE R 63 56.67 -59.74 15.15
N ASN R 64 56.31 -58.53 15.47
CA ASN R 64 54.95 -58.17 15.83
C ASN R 64 54.66 -56.78 15.34
N SER R 65 54.24 -56.61 14.11
CA SER R 65 54.10 -55.26 13.59
C SER R 65 53.07 -55.14 12.49
N PRO R 66 52.36 -54.02 12.40
CA PRO R 66 51.35 -53.68 11.44
C PRO R 66 51.80 -53.31 10.05
N GLY R 67 53.08 -53.10 9.83
CA GLY R 67 53.48 -52.67 8.51
C GLY R 67 54.44 -51.53 8.60
N GLY R 68 54.58 -50.76 7.54
CA GLY R 68 55.52 -49.66 7.57
C GLY R 68 56.06 -49.29 6.22
N VAL R 69 57.14 -48.54 6.22
CA VAL R 69 57.80 -47.99 5.06
C VAL R 69 58.65 -49.03 4.36
N ILE R 70 58.45 -49.22 3.06
CA ILE R 70 59.21 -50.22 2.34
C ILE R 70 60.67 -49.90 2.30
N THR R 71 61.00 -48.67 1.98
CA THR R 71 62.40 -48.35 1.93
C THR R 71 63.12 -48.69 3.20
N ALA R 72 62.57 -48.37 4.36
CA ALA R 72 63.24 -48.70 5.59
C ALA R 72 63.31 -50.19 5.79
N GLY R 73 62.23 -50.89 5.51
CA GLY R 73 62.19 -52.32 5.72
C GLY R 73 63.18 -53.08 4.86
N MET R 74 63.41 -52.62 3.65
CA MET R 74 64.36 -53.30 2.78
C MET R 74 65.77 -53.24 3.31
N SER R 75 66.10 -52.36 4.23
CA SER R 75 67.46 -52.34 4.72
C SER R 75 67.65 -53.47 5.72
N ILE R 76 66.55 -53.99 6.26
CA ILE R 76 66.62 -55.06 7.21
C ILE R 76 66.75 -56.27 6.37
N TYR R 77 65.94 -56.34 5.32
CA TYR R 77 65.97 -57.48 4.44
C TYR R 77 67.36 -57.69 3.87
N ASP R 78 67.99 -56.66 3.35
CA ASP R 78 69.30 -56.91 2.80
C ASP R 78 70.30 -57.28 3.85
N THR R 79 70.23 -56.72 5.04
CA THR R 79 71.19 -57.10 6.05
C THR R 79 71.01 -58.57 6.39
N MET R 80 69.78 -59.04 6.52
CA MET R 80 69.59 -60.45 6.85
C MET R 80 70.19 -61.37 5.84
N GLN R 81 70.11 -61.01 4.56
CA GLN R 81 70.65 -61.88 3.54
C GLN R 81 72.17 -61.80 3.46
N PHE R 82 72.73 -60.63 3.72
CA PHE R 82 74.15 -60.44 3.66
C PHE R 82 74.94 -61.13 4.77
N ILE R 83 74.50 -60.99 6.02
CA ILE R 83 75.30 -61.52 7.14
C ILE R 83 75.35 -63.02 7.15
N LYS R 84 76.47 -63.56 7.61
CA LYS R 84 76.68 -65.00 7.63
C LYS R 84 75.71 -65.94 8.40
N PRO R 85 75.39 -65.76 9.70
CA PRO R 85 74.53 -66.67 10.45
C PRO R 85 73.10 -66.62 10.00
N ASP R 86 72.38 -67.71 10.14
CA ASP R 86 70.96 -67.72 9.82
C ASP R 86 70.14 -66.84 10.71
N VAL R 87 69.14 -66.20 10.13
CA VAL R 87 68.20 -65.44 10.92
C VAL R 87 66.88 -66.15 10.91
N SER R 88 66.39 -66.49 12.08
CA SER R 88 65.13 -67.20 12.23
C SER R 88 64.08 -66.25 12.72
N THR R 89 63.03 -66.09 11.96
CA THR R 89 61.99 -65.15 12.28
C THR R 89 60.79 -65.83 12.88
N ILE R 90 60.27 -65.27 13.95
CA ILE R 90 59.10 -65.77 14.65
C ILE R 90 57.99 -64.77 14.70
N CYS R 91 56.80 -65.17 14.23
CA CYS R 91 55.62 -64.27 14.18
C CYS R 91 54.68 -64.50 15.37
N MET R 92 54.47 -63.45 16.16
CA MET R 92 53.54 -63.44 17.33
C MET R 92 52.69 -62.17 17.18
N GLY R 93 51.43 -62.17 17.60
CA GLY R 93 50.67 -60.96 17.37
C GLY R 93 50.39 -60.91 15.88
N GLN R 94 50.90 -59.91 15.18
CA GLN R 94 50.65 -59.87 13.75
C GLN R 94 51.87 -59.56 12.94
N ALA R 95 51.83 -59.97 11.70
CA ALA R 95 52.84 -59.59 10.75
C ALA R 95 52.14 -59.11 9.53
N ALA R 96 51.90 -57.83 9.44
CA ALA R 96 51.13 -57.36 8.31
C ALA R 96 51.97 -56.56 7.36
N SER R 97 51.65 -56.66 6.09
CA SER R 97 52.26 -55.86 5.06
C SER R 97 53.75 -56.05 5.02
N MET R 98 54.50 -55.00 5.25
CA MET R 98 55.95 -55.15 5.23
C MET R 98 56.38 -56.11 6.32
N GLY R 99 55.60 -56.25 7.38
CA GLY R 99 55.96 -57.16 8.42
C GLY R 99 55.93 -58.59 7.90
N ALA R 100 54.98 -58.91 7.01
CA ALA R 100 54.86 -60.26 6.50
C ALA R 100 55.99 -60.52 5.58
N PHE R 101 56.39 -59.50 4.85
CA PHE R 101 57.48 -59.65 3.94
C PHE R 101 58.71 -60.02 4.68
N LEU R 102 59.01 -59.33 5.75
CA LEU R 102 60.20 -59.70 6.47
C LEU R 102 60.04 -61.06 7.10
N LEU R 103 58.85 -61.44 7.55
CA LEU R 103 58.72 -62.75 8.16
C LEU R 103 59.15 -63.89 7.27
N THR R 104 58.77 -63.85 6.01
CA THR R 104 59.06 -64.95 5.11
C THR R 104 60.49 -64.95 4.66
N ALA R 105 61.22 -63.89 4.96
CA ALA R 105 62.57 -63.72 4.49
C ALA R 105 63.58 -64.40 5.37
N GLY R 106 63.13 -65.03 6.42
CA GLY R 106 64.07 -65.68 7.33
C GLY R 106 64.63 -66.94 6.70
N ALA R 107 65.56 -67.58 7.38
CA ALA R 107 66.21 -68.75 6.87
C ALA R 107 65.23 -69.85 6.63
N LYS R 108 65.35 -70.53 5.51
CA LYS R 108 64.42 -71.59 5.19
C LYS R 108 64.47 -72.69 6.19
N GLY R 109 63.32 -73.10 6.69
CA GLY R 109 63.22 -74.18 7.64
C GLY R 109 63.11 -73.62 9.03
N LYS R 110 63.37 -72.34 9.18
CA LYS R 110 63.32 -71.69 10.43
C LYS R 110 62.30 -70.56 10.56
N ARG R 111 61.29 -70.56 9.67
CA ARG R 111 60.23 -69.52 9.68
C ARG R 111 59.01 -70.08 10.42
N PHE R 112 58.87 -69.79 11.71
CA PHE R 112 57.73 -70.30 12.52
C PHE R 112 56.77 -69.15 12.84
N CYS R 113 55.64 -69.49 13.47
CA CYS R 113 54.59 -68.52 13.87
C CYS R 113 53.71 -69.15 14.94
N LEU R 114 53.27 -68.36 15.93
CA LEU R 114 52.45 -68.89 17.00
C LEU R 114 51.05 -69.13 16.48
N PRO R 115 50.28 -70.07 17.04
CA PRO R 115 48.99 -70.48 16.59
C PRO R 115 47.87 -69.49 16.55
N ASN R 116 47.89 -68.39 17.31
CA ASN R 116 46.77 -67.48 17.18
C ASN R 116 47.14 -66.22 16.47
N SER R 117 48.26 -66.22 15.79
CA SER R 117 48.72 -65.05 15.08
C SER R 117 48.02 -64.82 13.76
N ARG R 118 48.25 -63.66 13.18
CA ARG R 118 47.72 -63.33 11.85
C ARG R 118 48.74 -62.70 10.98
N VAL R 119 48.71 -63.10 9.72
CA VAL R 119 49.60 -62.56 8.72
C VAL R 119 48.78 -61.92 7.62
N MET R 120 49.13 -60.73 7.19
CA MET R 120 48.33 -60.14 6.12
C MET R 120 49.19 -59.57 5.03
N ILE R 121 48.82 -59.80 3.78
CA ILE R 121 49.63 -59.30 2.66
C ILE R 121 48.84 -58.46 1.66
N HIS R 122 49.51 -57.47 1.05
CA HIS R 122 48.85 -56.64 0.05
C HIS R 122 49.87 -55.90 -0.81
N GLN R 123 49.47 -55.44 -2.00
CA GLN R 123 50.29 -54.60 -2.86
C GLN R 123 50.65 -53.28 -2.18
N PRO R 124 51.76 -52.60 -2.52
CA PRO R 124 52.21 -51.36 -1.92
C PRO R 124 51.34 -50.19 -2.21
N LEU R 125 51.33 -49.26 -1.26
CA LEU R 125 50.61 -48.00 -1.30
C LEU R 125 51.54 -46.84 -1.56
N GLY R 126 51.02 -45.74 -2.08
CA GLY R 126 51.83 -44.54 -2.28
C GLY R 126 50.99 -43.44 -2.87
N GLY R 127 51.63 -42.39 -3.41
CA GLY R 127 50.88 -41.26 -4.01
C GLY R 127 51.78 -40.08 -4.33
N TYR R 128 51.29 -39.13 -5.13
CA TYR R 128 52.09 -37.95 -5.52
C TYR R 128 51.21 -36.84 -6.12
N GLN R 129 51.56 -35.58 -5.82
CA GLN R 129 50.92 -34.35 -6.32
C GLN R 129 51.91 -33.57 -7.17
N GLY R 130 51.50 -33.04 -8.32
CA GLY R 130 52.45 -32.29 -9.14
C GLY R 130 52.04 -32.17 -10.59
N GLN R 131 52.99 -31.95 -11.49
CA GLN R 131 52.65 -31.76 -12.90
C GLN R 131 52.39 -33.09 -13.54
N ALA R 132 51.64 -33.15 -14.62
CA ALA R 132 51.42 -34.45 -15.25
C ALA R 132 52.74 -35.17 -15.54
N THR R 133 53.78 -34.46 -15.91
CA THR R 133 55.08 -35.07 -16.14
C THR R 133 55.65 -35.72 -14.89
N ASP R 134 55.43 -35.15 -13.72
CA ASP R 134 56.03 -35.68 -12.53
C ASP R 134 55.22 -36.84 -12.08
N ILE R 135 53.94 -36.80 -12.34
CA ILE R 135 53.09 -37.87 -11.94
C ILE R 135 53.53 -39.09 -12.67
N GLU R 136 53.80 -39.00 -13.95
CA GLU R 136 54.29 -40.16 -14.66
C GLU R 136 55.55 -40.74 -14.06
N ILE R 137 56.51 -39.91 -13.70
CA ILE R 137 57.74 -40.45 -13.17
C ILE R 137 57.51 -41.22 -11.88
N HIS R 138 56.73 -40.66 -10.99
CA HIS R 138 56.49 -41.34 -9.73
C HIS R 138 55.59 -42.53 -9.90
N ALA R 139 54.66 -42.51 -10.84
CA ALA R 139 53.83 -43.68 -11.03
C ALA R 139 54.67 -44.84 -11.53
N ARG R 140 55.63 -44.58 -12.40
CA ARG R 140 56.45 -45.67 -12.88
C ARG R 140 57.25 -46.27 -11.78
N GLU R 141 57.74 -45.40 -10.88
CA GLU R 141 58.58 -45.79 -9.72
C GLU R 141 57.82 -46.74 -8.79
N ILE R 142 56.52 -46.50 -8.55
CA ILE R 142 55.83 -47.39 -7.63
C ILE R 142 55.52 -48.70 -8.29
N LEU R 143 55.23 -48.70 -9.58
CA LEU R 143 54.95 -49.96 -10.23
C LEU R 143 56.19 -50.83 -10.28
N LYS R 144 57.37 -50.25 -10.46
CA LYS R 144 58.55 -51.09 -10.44
C LYS R 144 58.71 -51.74 -9.09
N VAL R 145 58.40 -51.03 -8.02
CA VAL R 145 58.51 -51.61 -6.70
C VAL R 145 57.52 -52.72 -6.54
N LYS R 146 56.28 -52.53 -6.97
CA LYS R 146 55.32 -53.61 -6.85
C LYS R 146 55.87 -54.84 -7.52
N GLY R 147 56.44 -54.67 -8.69
CA GLY R 147 56.99 -55.79 -9.42
C GLY R 147 58.06 -56.49 -8.61
N ARG R 148 59.01 -55.75 -8.08
CA ARG R 148 60.09 -56.36 -7.33
C ARG R 148 59.63 -57.06 -6.08
N MET R 149 58.67 -56.50 -5.38
CA MET R 149 58.22 -57.15 -4.17
C MET R 149 57.54 -58.46 -4.50
N ASN R 150 56.89 -58.56 -5.65
CA ASN R 150 56.22 -59.79 -5.99
C ASN R 150 57.23 -60.86 -6.35
N GLU R 151 58.34 -60.47 -6.96
CA GLU R 151 59.34 -61.45 -7.28
C GLU R 151 59.92 -62.04 -6.04
N LEU R 152 60.17 -61.22 -5.04
CA LEU R 152 60.76 -61.74 -3.83
C LEU R 152 59.77 -62.61 -3.08
N MET R 153 58.49 -62.27 -3.07
CA MET R 153 57.54 -63.15 -2.43
C MET R 153 57.55 -64.51 -3.08
N ALA R 154 57.54 -64.54 -4.41
CA ALA R 154 57.52 -65.81 -5.08
C ALA R 154 58.80 -66.58 -4.80
N LEU R 155 59.92 -65.90 -4.74
CA LEU R 155 61.15 -66.59 -4.48
C LEU R 155 61.17 -67.27 -3.14
N HIS R 156 60.73 -66.58 -2.11
CA HIS R 156 60.76 -67.14 -0.79
C HIS R 156 59.63 -68.10 -0.48
N THR R 157 58.45 -67.92 -1.07
CA THR R 157 57.35 -68.80 -0.71
C THR R 157 57.21 -70.03 -1.57
N GLY R 158 57.71 -70.02 -2.78
CA GLY R 158 57.56 -71.18 -3.63
C GLY R 158 56.33 -71.10 -4.51
N GLN R 159 55.59 -70.03 -4.40
CA GLN R 159 54.42 -69.82 -5.19
C GLN R 159 54.87 -69.33 -6.55
N SER R 160 54.07 -69.51 -7.57
CA SER R 160 54.44 -68.97 -8.86
C SER R 160 54.29 -67.48 -8.82
N LEU R 161 54.89 -66.78 -9.75
CA LEU R 161 54.75 -65.35 -9.71
C LEU R 161 53.33 -64.93 -10.00
N GLU R 162 52.67 -65.60 -10.90
CA GLU R 162 51.31 -65.24 -11.24
C GLU R 162 50.40 -65.43 -10.05
N GLN R 163 50.63 -66.47 -9.25
CA GLN R 163 49.79 -66.66 -8.10
C GLN R 163 50.01 -65.56 -7.10
N ILE R 164 51.25 -65.13 -6.92
CA ILE R 164 51.48 -64.06 -6.00
C ILE R 164 50.81 -62.82 -6.48
N GLU R 165 50.88 -62.51 -7.76
CA GLU R 165 50.23 -61.30 -8.16
C GLU R 165 48.73 -61.35 -7.96
N ARG R 166 48.07 -62.46 -8.24
CA ARG R 166 46.64 -62.45 -8.04
C ARG R 166 46.26 -62.25 -6.60
N ASP R 167 46.99 -62.84 -5.70
CA ASP R 167 46.65 -62.78 -4.31
C ASP R 167 46.94 -61.50 -3.59
N THR R 168 47.59 -60.53 -4.21
CA THR R 168 47.90 -59.34 -3.48
C THR R 168 47.15 -58.15 -4.00
N GLU R 169 46.22 -58.31 -4.92
CA GLU R 169 45.58 -57.09 -5.39
C GLU R 169 44.80 -56.42 -4.26
N ARG R 170 44.20 -57.21 -3.38
CA ARG R 170 43.46 -56.67 -2.24
C ARG R 170 43.92 -57.37 -0.98
N ASP R 171 43.72 -56.76 0.16
CA ASP R 171 44.19 -57.32 1.40
C ASP R 171 43.81 -58.76 1.59
N ARG R 172 44.78 -59.59 1.93
CA ARG R 172 44.50 -60.98 2.16
C ARG R 172 44.98 -61.39 3.52
N PHE R 173 44.10 -61.95 4.32
CA PHE R 173 44.49 -62.35 5.66
C PHE R 173 44.67 -63.83 5.74
N LEU R 174 45.68 -64.27 6.45
CA LEU R 174 45.92 -65.69 6.63
C LEU R 174 46.04 -66.06 8.11
N SER R 175 45.43 -67.16 8.51
CA SER R 175 45.55 -67.61 9.90
C SER R 175 46.84 -68.39 10.04
N ALA R 176 47.29 -68.71 11.24
CA ALA R 176 48.58 -69.39 11.30
C ALA R 176 48.62 -70.66 10.45
N PRO R 177 47.64 -71.59 10.46
CA PRO R 177 47.68 -72.77 9.64
C PRO R 177 47.67 -72.50 8.15
N GLU R 178 47.10 -71.36 7.77
CA GLU R 178 47.00 -70.95 6.34
C GLU R 178 48.36 -70.42 5.88
N ALA R 179 49.09 -69.75 6.77
CA ALA R 179 50.39 -69.24 6.44
C ALA R 179 51.32 -70.41 6.20
N VAL R 180 51.14 -71.48 6.97
CA VAL R 180 51.98 -72.64 6.79
C VAL R 180 51.67 -73.30 5.47
N GLU R 181 50.41 -73.50 5.16
CA GLU R 181 50.04 -74.13 3.90
C GLU R 181 50.45 -73.33 2.68
N TYR R 182 50.31 -72.02 2.75
CA TYR R 182 50.63 -71.11 1.66
C TYR R 182 52.12 -71.13 1.43
N GLY R 183 52.87 -71.26 2.51
CA GLY R 183 54.31 -71.28 2.41
C GLY R 183 54.97 -70.05 2.97
N LEU R 184 54.25 -69.22 3.71
CA LEU R 184 54.89 -68.04 4.25
C LEU R 184 55.78 -68.47 5.40
N VAL R 185 55.38 -69.49 6.14
CA VAL R 185 56.20 -69.96 7.26
C VAL R 185 56.38 -71.44 7.17
N ASP R 186 57.31 -72.00 7.90
CA ASP R 186 57.50 -73.42 7.86
C ASP R 186 56.66 -74.16 8.88
N SER R 187 56.48 -73.60 10.06
CA SER R 187 55.69 -74.34 11.04
C SER R 187 55.15 -73.50 12.18
N ILE R 188 54.29 -74.13 12.98
CA ILE R 188 53.66 -73.51 14.14
C ILE R 188 54.22 -74.04 15.42
N LEU R 189 54.64 -73.17 16.30
CA LEU R 189 55.18 -73.59 17.58
C LEU R 189 54.00 -73.83 18.48
N THR R 190 54.08 -74.75 19.41
CA THR R 190 52.95 -75.01 20.28
C THR R 190 53.31 -74.84 21.72
N HIS R 191 54.03 -75.81 22.26
CA HIS R 191 54.47 -75.77 23.65
C HIS R 191 55.94 -76.09 23.72
N ARG R 192 56.60 -75.55 24.72
CA ARG R 192 57.99 -75.85 24.96
C ARG R 192 58.18 -77.34 25.05
N ALA S 1 61.13 -38.88 41.81
CA ALA S 1 60.94 -40.21 42.38
C ALA S 1 59.62 -40.77 41.98
N LEU S 2 59.40 -40.91 40.69
CA LEU S 2 58.14 -41.50 40.32
C LEU S 2 58.09 -42.93 40.80
N VAL S 3 59.22 -43.61 40.78
CA VAL S 3 59.28 -44.96 41.25
C VAL S 3 60.41 -45.02 42.29
N PRO S 4 60.15 -45.40 43.54
CA PRO S 4 61.11 -45.47 44.64
C PRO S 4 62.07 -46.61 44.49
N MET S 5 63.21 -46.50 45.16
CA MET S 5 64.24 -47.52 45.21
C MET S 5 64.15 -48.35 46.47
N VAL S 6 64.54 -49.61 46.39
CA VAL S 6 64.58 -50.44 47.56
C VAL S 6 65.95 -51.10 47.70
N ILE S 7 66.36 -51.38 48.93
CA ILE S 7 67.67 -51.99 49.20
C ILE S 7 67.53 -53.40 49.74
N GLU S 8 68.33 -54.34 49.22
CA GLU S 8 68.23 -55.74 49.71
C GLU S 8 69.64 -56.28 50.03
N GLN S 9 69.77 -57.10 51.08
CA GLN S 9 71.06 -57.65 51.44
C GLN S 9 71.18 -59.06 50.93
N THR S 10 72.32 -59.35 50.35
CA THR S 10 72.62 -60.66 49.80
C THR S 10 73.89 -61.22 50.41
N SER S 11 75.00 -60.94 49.75
CA SER S 11 76.35 -61.36 50.13
C SER S 11 77.08 -60.07 50.44
N ARG S 12 77.50 -59.38 49.38
CA ARG S 12 78.10 -58.06 49.50
C ARG S 12 77.07 -57.03 50.00
N GLY S 13 75.81 -57.17 49.57
CA GLY S 13 74.74 -56.26 49.98
C GLY S 13 74.63 -54.99 49.18
N GLU S 14 75.43 -54.85 48.14
CA GLU S 14 75.43 -53.67 47.31
C GLU S 14 74.37 -53.79 46.24
N ARG S 15 73.10 -53.84 46.68
CA ARG S 15 71.96 -53.99 45.74
C ARG S 15 70.90 -52.93 46.02
N SER S 16 70.87 -51.88 45.20
CA SER S 16 69.87 -50.78 45.32
C SER S 16 69.13 -50.68 43.98
N PHE S 17 68.01 -51.42 43.82
CA PHE S 17 67.18 -51.51 42.57
C PHE S 17 65.84 -50.80 42.69
N ASP S 18 65.14 -50.64 41.58
CA ASP S 18 63.90 -49.97 41.36
C ASP S 18 62.84 -50.87 41.95
N ILE S 19 61.82 -50.35 42.62
CA ILE S 19 60.83 -51.28 43.17
C ILE S 19 60.24 -52.21 42.14
N TYR S 20 60.12 -51.83 40.87
CA TYR S 20 59.54 -52.80 39.96
C TYR S 20 60.51 -53.89 39.60
N SER S 21 61.80 -53.64 39.65
CA SER S 21 62.74 -54.66 39.29
C SER S 21 62.85 -55.56 40.49
N ARG S 22 62.65 -55.00 41.67
CA ARG S 22 62.70 -55.78 42.88
C ARG S 22 61.62 -56.83 42.85
N LEU S 23 60.46 -56.47 42.32
CA LEU S 23 59.38 -57.43 42.24
C LEU S 23 59.55 -58.38 41.07
N LEU S 24 60.15 -57.95 39.97
CA LEU S 24 60.35 -58.90 38.89
C LEU S 24 61.21 -60.05 39.39
N LYS S 25 62.16 -59.74 40.22
CA LYS S 25 63.04 -60.73 40.81
C LYS S 25 62.29 -61.80 41.61
N GLU S 26 61.09 -61.42 42.08
CA GLU S 26 60.20 -62.28 42.89
C GLU S 26 59.12 -62.88 41.99
N ARG S 27 59.41 -62.93 40.69
CA ARG S 27 58.59 -63.51 39.66
C ARG S 27 57.20 -62.91 39.60
N VAL S 28 57.12 -61.60 39.80
CA VAL S 28 55.87 -60.85 39.70
C VAL S 28 55.86 -59.85 38.56
N ILE S 29 54.90 -59.97 37.68
CA ILE S 29 54.73 -59.09 36.53
C ILE S 29 53.42 -58.34 36.61
N PHE S 30 53.41 -57.04 36.38
CA PHE S 30 52.15 -56.30 36.40
C PHE S 30 51.66 -55.91 35.03
N LEU S 31 50.38 -56.11 34.78
CA LEU S 31 49.71 -55.67 33.56
C LEU S 31 48.70 -54.62 33.84
N THR S 32 48.98 -53.37 33.50
CA THR S 32 48.01 -52.34 33.80
C THR S 32 47.78 -51.42 32.63
N GLY S 33 46.61 -50.85 32.58
CA GLY S 33 46.29 -49.86 31.56
C GLY S 33 45.88 -50.52 30.26
N GLN S 34 45.81 -49.78 29.19
CA GLN S 34 45.34 -50.33 27.92
C GLN S 34 46.31 -51.32 27.37
N VAL S 35 45.81 -52.40 26.76
CA VAL S 35 46.69 -53.34 26.10
C VAL S 35 47.00 -52.86 24.70
N GLU S 36 48.28 -52.58 24.48
CA GLU S 36 48.79 -52.08 23.17
C GLU S 36 50.06 -52.85 22.83
N ASP S 37 50.62 -52.58 21.66
CA ASP S 37 51.84 -53.28 21.26
C ASP S 37 53.08 -53.08 22.08
N HIS S 38 53.38 -51.88 22.53
CA HIS S 38 54.65 -51.75 23.21
C HIS S 38 54.60 -52.34 24.59
N MET S 39 53.51 -52.11 25.28
CA MET S 39 53.38 -52.68 26.57
C MET S 39 53.30 -54.19 26.51
N ALA S 40 52.57 -54.75 25.54
CA ALA S 40 52.48 -56.18 25.49
C ALA S 40 53.83 -56.78 25.25
N ASN S 41 54.60 -56.11 24.38
CA ASN S 41 55.96 -56.56 24.00
C ASN S 41 56.87 -56.64 25.24
N LEU S 42 56.67 -55.76 26.23
CA LEU S 42 57.51 -55.80 27.40
C LEU S 42 57.12 -56.95 28.30
N ILE S 43 55.83 -57.23 28.41
CA ILE S 43 55.40 -58.36 29.22
C ILE S 43 55.91 -59.65 28.65
N VAL S 44 55.87 -59.80 27.34
CA VAL S 44 56.41 -61.01 26.79
C VAL S 44 57.87 -61.14 27.12
N ALA S 45 58.66 -60.08 27.01
CA ALA S 45 60.06 -60.21 27.34
C ALA S 45 60.26 -60.65 28.78
N GLN S 46 59.45 -60.14 29.70
CA GLN S 46 59.61 -60.53 31.09
C GLN S 46 59.25 -61.98 31.31
N MET S 47 58.22 -62.48 30.65
CA MET S 47 57.91 -63.87 30.86
C MET S 47 58.98 -64.78 30.30
N LEU S 48 59.58 -64.42 29.17
CA LEU S 48 60.61 -65.28 28.61
C LEU S 48 61.80 -65.31 29.53
N PHE S 49 62.10 -64.15 30.12
CA PHE S 49 63.25 -63.97 31.05
C PHE S 49 63.07 -64.86 32.29
N LEU S 50 61.86 -64.86 32.85
CA LEU S 50 61.54 -65.65 34.08
C LEU S 50 61.63 -67.15 33.77
N GLU S 51 61.29 -67.54 32.53
CA GLU S 51 61.35 -68.96 32.12
C GLU S 51 62.81 -69.38 31.93
N ALA S 52 63.67 -68.41 31.59
CA ALA S 52 65.11 -68.67 31.37
C ALA S 52 65.84 -68.75 32.73
N GLU S 53 65.19 -68.29 33.80
CA GLU S 53 65.82 -68.27 35.14
C GLU S 53 65.52 -69.57 35.89
N ASN S 54 64.28 -70.07 35.82
CA ASN S 54 63.91 -71.26 36.53
C ASN S 54 62.64 -71.84 35.97
N PRO S 55 62.72 -72.76 35.04
CA PRO S 55 61.62 -73.36 34.34
C PRO S 55 60.62 -74.08 35.21
N GLU S 56 60.96 -74.36 36.45
CA GLU S 56 60.05 -75.09 37.30
C GLU S 56 59.18 -74.22 38.20
N LYS S 57 59.36 -72.91 38.20
CA LYS S 57 58.59 -72.12 39.15
C LYS S 57 57.57 -71.19 38.53
N ASP S 58 56.47 -71.02 39.24
CA ASP S 58 55.36 -70.19 38.80
C ASP S 58 55.69 -68.74 38.65
N ILE S 59 54.96 -68.11 37.74
CA ILE S 59 55.02 -66.70 37.46
C ILE S 59 53.71 -66.07 37.82
N TYR S 60 53.74 -64.95 38.56
CA TYR S 60 52.47 -64.31 38.99
C TYR S 60 52.18 -63.07 38.14
N LEU S 61 50.98 -63.00 37.55
CA LEU S 61 50.63 -61.85 36.74
C LEU S 61 49.48 -61.11 37.38
N TYR S 62 49.72 -59.83 37.70
CA TYR S 62 48.67 -58.95 38.27
C TYR S 62 47.92 -58.31 37.10
N ILE S 63 46.59 -58.36 37.10
CA ILE S 63 45.81 -57.83 35.94
C ILE S 63 44.82 -56.75 36.39
N ASN S 64 45.12 -55.48 36.04
CA ASN S 64 44.24 -54.37 36.32
C ASN S 64 44.11 -53.53 35.06
N SER S 65 43.18 -53.83 34.20
CA SER S 65 43.13 -53.12 32.94
C SER S 65 41.77 -53.09 32.31
N PRO S 66 41.40 -51.99 31.62
CA PRO S 66 40.18 -51.75 30.91
C PRO S 66 40.01 -52.46 29.60
N GLY S 67 41.03 -53.07 29.07
CA GLY S 67 40.86 -53.68 27.75
C GLY S 67 41.98 -53.28 26.84
N GLY S 68 41.77 -53.37 25.55
CA GLY S 68 42.83 -53.02 24.62
C GLY S 68 42.71 -53.75 23.29
N VAL S 69 43.80 -53.73 22.55
CA VAL S 69 43.92 -54.28 21.22
C VAL S 69 44.05 -55.78 21.25
N ILE S 70 43.23 -56.50 20.48
CA ILE S 70 43.29 -57.95 20.50
C ILE S 70 44.59 -58.46 19.96
N THR S 71 45.04 -57.95 18.86
CA THR S 71 46.27 -58.44 18.33
C THR S 71 47.38 -58.37 19.34
N ALA S 72 47.53 -57.26 20.03
CA ALA S 72 48.59 -57.17 20.99
C ALA S 72 48.39 -58.14 22.12
N GLY S 73 47.16 -58.27 22.58
CA GLY S 73 46.84 -59.17 23.67
C GLY S 73 47.10 -60.62 23.34
N MET S 74 46.95 -61.02 22.10
CA MET S 74 47.18 -62.40 21.76
C MET S 74 48.62 -62.79 21.84
N SER S 75 49.55 -61.86 21.87
CA SER S 75 50.93 -62.27 21.95
C SER S 75 51.27 -62.61 23.39
N ILE S 76 50.42 -62.18 24.33
CA ILE S 76 50.66 -62.47 25.72
C ILE S 76 50.02 -63.81 25.91
N TYR S 77 48.83 -63.99 25.35
CA TYR S 77 48.15 -65.25 25.48
C TYR S 77 48.99 -66.39 24.94
N ASP S 78 49.51 -66.26 23.73
CA ASP S 78 50.30 -67.37 23.23
C ASP S 78 51.56 -67.59 24.00
N THR S 79 52.21 -66.55 24.47
CA THR S 79 53.42 -66.79 25.23
C THR S 79 53.08 -67.54 26.49
N MET S 80 52.01 -67.17 27.17
CA MET S 80 51.66 -67.86 28.42
C MET S 80 51.43 -69.32 28.22
N GLN S 81 50.87 -69.69 27.08
CA GLN S 81 50.60 -71.09 26.85
C GLN S 81 51.84 -71.86 26.41
N PHE S 82 52.78 -71.19 25.77
CA PHE S 82 53.98 -71.82 25.28
C PHE S 82 54.99 -72.14 26.37
N ILE S 83 55.28 -71.18 27.23
CA ILE S 83 56.35 -71.35 28.21
C ILE S 83 56.01 -72.40 29.22
N LYS S 84 57.03 -73.12 29.69
CA LYS S 84 56.84 -74.21 30.63
C LYS S 84 56.18 -73.98 32.01
N PRO S 85 56.58 -73.02 32.87
CA PRO S 85 56.00 -72.83 34.18
C PRO S 85 54.60 -72.30 34.12
N ASP S 86 53.78 -72.62 35.10
CA ASP S 86 52.44 -72.08 35.17
C ASP S 86 52.40 -70.60 35.39
N VAL S 87 51.47 -69.95 34.74
CA VAL S 87 51.26 -68.54 34.99
C VAL S 87 49.99 -68.40 35.75
N SER S 88 50.07 -67.81 36.91
CA SER S 88 48.92 -67.60 37.75
C SER S 88 48.48 -66.18 37.66
N THR S 89 47.25 -65.96 37.24
CA THR S 89 46.76 -64.62 37.05
C THR S 89 45.88 -64.20 38.20
N ILE S 90 46.10 -62.98 38.68
CA ILE S 90 45.31 -62.42 39.77
C ILE S 90 44.64 -61.14 39.35
N CYS S 91 43.31 -61.06 39.51
CA CYS S 91 42.56 -59.85 39.07
C CYS S 91 42.29 -58.91 40.25
N MET S 92 42.69 -57.63 40.10
CA MET S 92 42.44 -56.63 41.11
C MET S 92 41.92 -55.41 40.41
N GLY S 93 41.11 -54.57 41.04
CA GLY S 93 40.64 -53.46 40.23
C GLY S 93 39.71 -54.06 39.19
N GLN S 94 40.03 -53.97 37.91
CA GLN S 94 39.16 -54.54 36.92
C GLN S 94 39.84 -55.37 35.89
N ALA S 95 39.11 -56.26 35.29
CA ALA S 95 39.61 -57.01 34.16
C ALA S 95 38.56 -56.95 33.11
N ALA S 96 38.63 -55.98 32.23
CA ALA S 96 37.56 -55.87 31.27
C ALA S 96 38.01 -56.20 29.89
N SER S 97 37.10 -56.76 29.12
CA SER S 97 37.32 -57.01 27.72
C SER S 97 38.51 -57.91 27.51
N MET S 98 39.52 -57.43 26.80
CA MET S 98 40.70 -58.26 26.60
C MET S 98 41.38 -58.56 27.91
N GLY S 99 41.19 -57.74 28.90
CA GLY S 99 41.77 -57.99 30.19
C GLY S 99 41.17 -59.24 30.79
N ALA S 100 39.87 -59.48 30.57
CA ALA S 100 39.20 -60.64 31.14
C ALA S 100 39.66 -61.87 30.41
N PHE S 101 39.88 -61.71 29.13
CA PHE S 101 40.32 -62.83 28.34
C PHE S 101 41.62 -63.32 28.86
N LEU S 102 42.56 -62.43 29.10
CA LEU S 102 43.82 -62.90 29.62
C LEU S 102 43.65 -63.44 31.01
N LEU S 103 42.79 -62.88 31.84
CA LEU S 103 42.64 -63.42 33.18
C LEU S 103 42.29 -64.89 33.23
N THR S 104 41.36 -65.33 32.38
CA THR S 104 40.92 -66.71 32.44
C THR S 104 41.91 -67.64 31.81
N ALA S 105 42.95 -67.12 31.20
CA ALA S 105 43.89 -67.89 30.43
C ALA S 105 45.00 -68.40 31.31
N GLY S 106 44.95 -68.10 32.58
CA GLY S 106 46.00 -68.54 33.47
C GLY S 106 45.87 -70.03 33.75
N ALA S 107 46.83 -70.59 34.46
CA ALA S 107 46.82 -72.01 34.73
C ALA S 107 45.62 -72.40 35.51
N LYS S 108 45.01 -73.52 35.15
CA LYS S 108 43.83 -73.97 35.84
C LYS S 108 44.07 -74.22 37.29
N GLY S 109 43.24 -73.66 38.17
CA GLY S 109 43.34 -73.87 39.58
C GLY S 109 44.06 -72.71 40.20
N LYS S 110 44.65 -71.88 39.37
CA LYS S 110 45.39 -70.74 39.82
C LYS S 110 44.85 -69.39 39.37
N ARG S 111 43.59 -69.32 38.91
CA ARG S 111 43.02 -68.03 38.52
C ARG S 111 42.31 -67.42 39.73
N PHE S 112 42.85 -66.35 40.31
CA PHE S 112 42.20 -65.82 41.53
C PHE S 112 41.94 -64.31 41.43
N CYS S 113 40.85 -63.85 42.01
CA CYS S 113 40.50 -62.39 41.95
C CYS S 113 40.11 -61.89 43.35
N LEU S 114 40.40 -60.62 43.63
CA LEU S 114 40.09 -60.02 44.91
C LEU S 114 38.59 -59.76 44.99
N PRO S 115 37.99 -59.75 46.18
CA PRO S 115 36.58 -59.64 46.40
C PRO S 115 35.84 -58.42 45.93
N ASN S 116 36.48 -57.26 45.73
CA ASN S 116 35.69 -56.15 45.27
C ASN S 116 35.98 -55.81 43.83
N SER S 117 36.59 -56.72 43.13
CA SER S 117 36.92 -56.52 41.74
C SER S 117 35.75 -56.69 40.82
N ARG S 118 35.94 -56.30 39.57
CA ARG S 118 34.93 -56.46 38.53
C ARG S 118 35.49 -57.00 37.26
N VAL S 119 34.75 -57.91 36.67
CA VAL S 119 35.14 -58.52 35.42
C VAL S 119 34.07 -58.24 34.39
N MET S 120 34.46 -57.79 33.20
CA MET S 120 33.42 -57.45 32.18
C MET S 120 33.78 -58.06 30.83
N ILE S 121 32.83 -58.76 30.20
CA ILE S 121 33.12 -59.37 28.90
C ILE S 121 32.19 -58.92 27.78
N HIS S 122 32.70 -58.83 26.55
CA HIS S 122 31.86 -58.45 25.42
C HIS S 122 32.49 -58.88 24.09
N GLN S 123 31.67 -58.98 23.03
CA GLN S 123 32.16 -59.27 21.67
C GLN S 123 33.11 -58.16 21.17
N PRO S 124 34.06 -58.43 20.25
CA PRO S 124 35.03 -57.48 19.74
C PRO S 124 34.48 -56.37 18.93
N LEU S 125 35.15 -55.24 18.99
CA LEU S 125 34.82 -54.03 18.25
C LEU S 125 35.76 -53.81 17.08
N GLY S 126 35.31 -53.08 16.08
CA GLY S 126 36.17 -52.75 14.96
C GLY S 126 35.46 -51.87 13.97
N GLY S 127 36.02 -51.68 12.79
CA GLY S 127 35.40 -50.82 11.80
C GLY S 127 36.26 -50.72 10.55
N TYR S 128 35.78 -49.99 9.55
CA TYR S 128 36.47 -49.82 8.28
C TYR S 128 35.78 -48.84 7.33
N GLN S 129 36.56 -48.26 6.41
CA GLN S 129 36.05 -47.37 5.35
C GLN S 129 36.64 -47.80 4.02
N GLY S 130 35.87 -47.78 2.94
CA GLY S 130 36.46 -48.18 1.66
C GLY S 130 35.44 -48.58 0.62
N GLN S 131 35.85 -49.38 -0.37
CA GLN S 131 34.94 -49.76 -1.42
C GLN S 131 34.10 -50.89 -0.94
N ALA S 132 32.93 -51.13 -1.50
CA ALA S 132 32.13 -52.25 -1.03
C ALA S 132 32.93 -53.55 -1.02
N THR S 133 33.80 -53.76 -2.00
CA THR S 133 34.64 -54.94 -2.01
C THR S 133 35.56 -55.05 -0.82
N ASP S 134 36.09 -53.95 -0.34
CA ASP S 134 37.05 -54.00 0.73
C ASP S 134 36.31 -54.16 2.01
N ILE S 135 35.13 -53.61 2.07
CA ILE S 135 34.37 -53.69 3.26
C ILE S 135 34.08 -55.14 3.51
N GLU S 136 33.70 -55.89 2.50
CA GLU S 136 33.48 -57.30 2.72
C GLU S 136 34.69 -58.04 3.24
N ILE S 137 35.87 -57.75 2.73
CA ILE S 137 37.04 -58.48 3.23
C ILE S 137 37.27 -58.21 4.69
N HIS S 138 37.17 -56.96 5.08
CA HIS S 138 37.40 -56.62 6.46
C HIS S 138 36.29 -57.11 7.36
N ALA S 139 35.04 -57.13 6.89
CA ALA S 139 33.96 -57.64 7.72
C ALA S 139 34.15 -59.11 7.98
N ARG S 140 34.62 -59.86 7.00
CA ARG S 140 34.79 -61.27 7.25
C ARG S 140 35.85 -61.56 8.27
N GLU S 141 36.93 -60.80 8.25
CA GLU S 141 37.97 -61.08 9.21
C GLU S 141 37.52 -60.77 10.61
N ILE S 142 36.75 -59.71 10.83
CA ILE S 142 36.37 -59.49 12.22
C ILE S 142 35.44 -60.57 12.70
N LEU S 143 34.58 -61.08 11.84
CA LEU S 143 33.73 -62.17 12.27
C LEU S 143 34.52 -63.42 12.58
N LYS S 144 35.58 -63.71 11.84
CA LYS S 144 36.37 -64.88 12.19
C LYS S 144 37.00 -64.71 13.54
N VAL S 145 37.44 -63.51 13.87
CA VAL S 145 38.02 -63.30 15.18
C VAL S 145 36.97 -63.50 16.23
N LYS S 146 35.78 -62.95 16.05
CA LYS S 146 34.78 -63.16 17.06
C LYS S 146 34.62 -64.64 17.31
N GLY S 147 34.56 -65.43 16.26
CA GLY S 147 34.39 -66.85 16.42
C GLY S 147 35.53 -67.48 17.20
N ARG S 148 36.75 -67.11 16.90
CA ARG S 148 37.87 -67.71 17.60
C ARG S 148 37.90 -67.31 19.06
N MET S 149 37.56 -66.07 19.38
CA MET S 149 37.59 -65.67 20.76
C MET S 149 36.56 -66.45 21.55
N ASN S 150 35.41 -66.71 20.90
CA ASN S 150 34.29 -67.47 21.53
C ASN S 150 34.74 -68.90 21.84
N GLU S 151 35.56 -69.50 20.97
CA GLU S 151 36.00 -70.86 21.19
C GLU S 151 36.94 -70.93 22.36
N LEU S 152 37.83 -69.97 22.48
CA LEU S 152 38.77 -70.00 23.57
C LEU S 152 38.08 -69.72 24.89
N MET S 153 37.09 -68.83 24.94
CA MET S 153 36.39 -68.63 26.19
C MET S 153 35.73 -69.91 26.64
N ALA S 154 35.09 -70.61 25.73
CA ALA S 154 34.43 -71.84 26.12
C ALA S 154 35.45 -72.85 26.58
N LEU S 155 36.59 -72.91 25.93
CA LEU S 155 37.58 -73.88 26.34
C LEU S 155 38.08 -73.67 27.74
N HIS S 156 38.38 -72.44 28.08
CA HIS S 156 38.92 -72.16 29.38
C HIS S 156 37.88 -72.12 30.48
N THR S 157 36.65 -71.74 30.19
CA THR S 157 35.67 -71.64 31.26
C THR S 157 34.81 -72.86 31.49
N GLY S 158 34.63 -73.71 30.50
CA GLY S 158 33.79 -74.87 30.71
C GLY S 158 32.36 -74.63 30.30
N GLN S 159 32.05 -73.44 29.87
CA GLN S 159 30.72 -73.12 29.42
C GLN S 159 30.58 -73.68 28.05
N SER S 160 29.37 -73.93 27.60
CA SER S 160 29.24 -74.40 26.25
C SER S 160 29.49 -73.27 25.31
N LEU S 161 29.76 -73.56 24.06
CA LEU S 161 29.99 -72.48 23.14
C LEU S 161 28.75 -71.67 22.91
N GLU S 162 27.60 -72.31 22.89
CA GLU S 162 26.38 -71.59 22.64
C GLU S 162 26.10 -70.61 23.76
N GLN S 163 26.42 -71.00 24.99
CA GLN S 163 26.21 -70.12 26.11
C GLN S 163 27.14 -68.93 26.01
N ILE S 164 28.38 -69.14 25.58
CA ILE S 164 29.27 -68.02 25.45
C ILE S 164 28.76 -67.08 24.39
N GLU S 165 28.30 -67.60 23.28
CA GLU S 165 27.84 -66.70 22.27
C GLU S 165 26.69 -65.85 22.73
N ARG S 166 25.76 -66.38 23.50
CA ARG S 166 24.70 -65.50 23.94
C ARG S 166 25.18 -64.47 24.96
N ASP S 167 26.03 -64.89 25.88
CA ASP S 167 26.45 -63.98 26.92
C ASP S 167 27.26 -62.79 26.50
N THR S 168 28.06 -62.89 25.46
CA THR S 168 28.89 -61.77 25.08
C THR S 168 28.24 -60.82 24.10
N GLU S 169 26.95 -61.00 23.82
CA GLU S 169 26.24 -60.13 22.83
C GLU S 169 26.25 -58.65 23.27
N ARG S 170 26.12 -58.39 24.58
CA ARG S 170 26.06 -57.09 25.18
C ARG S 170 26.98 -57.07 26.36
N ASP S 171 27.48 -55.93 26.75
CA ASP S 171 28.40 -55.90 27.86
C ASP S 171 27.83 -56.64 29.04
N ARG S 172 28.58 -57.61 29.54
CA ARG S 172 28.15 -58.38 30.68
C ARG S 172 29.05 -58.15 31.86
N PHE S 173 28.50 -57.71 32.97
CA PHE S 173 29.34 -57.45 34.14
C PHE S 173 29.17 -58.51 35.18
N LEU S 174 30.27 -58.95 35.76
CA LEU S 174 30.27 -59.98 36.79
C LEU S 174 31.02 -59.53 38.04
N SER S 175 30.45 -59.75 39.21
CA SER S 175 31.12 -59.41 40.46
C SER S 175 32.06 -60.53 40.81
N ALA S 176 32.93 -60.36 41.79
CA ALA S 176 33.87 -61.46 42.03
C ALA S 176 33.19 -62.81 42.28
N PRO S 177 32.14 -62.97 43.11
CA PRO S 177 31.47 -64.22 43.30
C PRO S 177 30.82 -64.78 42.07
N GLU S 178 30.46 -63.89 41.14
CA GLU S 178 29.80 -64.28 39.87
C GLU S 178 30.86 -64.85 38.92
N ALA S 179 32.08 -64.31 38.98
CA ALA S 179 33.13 -64.78 38.14
C ALA S 179 33.49 -66.19 38.57
N VAL S 180 33.42 -66.46 39.88
CA VAL S 180 33.72 -67.79 40.36
C VAL S 180 32.66 -68.77 39.94
N GLU S 181 31.41 -68.43 40.10
CA GLU S 181 30.35 -69.35 39.69
C GLU S 181 30.33 -69.61 38.20
N TYR S 182 30.56 -68.58 37.41
CA TYR S 182 30.55 -68.63 35.97
C TYR S 182 31.69 -69.51 35.50
N GLY S 183 32.84 -69.38 36.14
CA GLY S 183 33.99 -70.17 35.77
C GLY S 183 35.11 -69.35 35.20
N LEU S 184 35.09 -68.03 35.34
CA LEU S 184 36.18 -67.26 34.81
C LEU S 184 37.35 -67.37 35.76
N VAL S 185 37.09 -67.50 37.04
CA VAL S 185 38.20 -67.63 37.98
C VAL S 185 37.93 -68.82 38.84
N ASP S 186 38.92 -69.29 39.56
CA ASP S 186 38.70 -70.42 40.42
C ASP S 186 38.29 -70.01 41.81
N SER S 187 38.83 -68.92 42.31
CA SER S 187 38.47 -68.53 43.68
C SER S 187 38.74 -67.09 44.03
N ILE S 188 38.29 -66.70 45.21
CA ILE S 188 38.48 -65.37 45.73
C ILE S 188 39.48 -65.35 46.86
N LEU S 189 40.43 -64.46 46.80
CA LEU S 189 41.42 -64.35 47.85
C LEU S 189 40.79 -63.52 48.93
N THR S 190 41.09 -63.77 50.18
CA THR S 190 40.48 -63.02 51.27
C THR S 190 41.49 -62.30 52.10
N HIS S 191 42.16 -63.04 52.97
CA HIS S 191 43.20 -62.48 53.80
C HIS S 191 44.40 -63.38 53.74
N ARG S 192 45.57 -62.80 53.92
CA ARG S 192 46.80 -63.57 53.94
C ARG S 192 46.68 -64.70 54.93
N ALA T 1 67.59 -30.75 41.37
CA ALA T 1 66.84 -31.66 42.19
C ALA T 1 65.42 -31.24 42.34
N LEU T 2 64.54 -31.78 41.51
CA LEU T 2 63.15 -31.50 41.79
C LEU T 2 62.86 -32.12 43.14
N VAL T 3 63.42 -33.31 43.33
CA VAL T 3 63.32 -34.09 44.54
C VAL T 3 64.77 -34.25 45.06
N PRO T 4 65.11 -33.80 46.27
CA PRO T 4 66.43 -33.82 46.85
C PRO T 4 66.87 -35.18 47.30
N MET T 5 68.18 -35.34 47.44
CA MET T 5 68.80 -36.54 47.97
C MET T 5 69.15 -36.36 49.42
N VAL T 6 69.10 -37.44 50.19
CA VAL T 6 69.51 -37.42 51.58
C VAL T 6 70.53 -38.53 51.83
N ILE T 7 71.36 -38.34 52.86
CA ILE T 7 72.41 -39.29 53.21
C ILE T 7 72.20 -39.93 54.57
N GLU T 8 72.38 -41.25 54.66
CA GLU T 8 72.20 -41.99 55.94
C GLU T 8 73.48 -42.75 56.27
N GLN T 9 73.76 -42.94 57.57
CA GLN T 9 74.97 -43.68 58.03
C GLN T 9 74.53 -45.04 58.60
N THR T 10 75.16 -46.12 58.14
CA THR T 10 74.81 -47.45 58.59
C THR T 10 76.05 -48.20 59.07
N SER T 11 76.62 -48.97 58.16
CA SER T 11 77.84 -49.75 58.36
C SER T 11 78.92 -48.99 57.65
N ARG T 12 78.93 -49.09 56.33
CA ARG T 12 79.89 -48.34 55.53
C ARG T 12 79.44 -46.87 55.39
N GLY T 13 78.13 -46.63 55.38
CA GLY T 13 77.60 -45.26 55.24
C GLY T 13 77.50 -44.76 53.81
N GLU T 14 77.74 -45.65 52.86
CA GLU T 14 77.70 -45.31 51.46
C GLU T 14 76.28 -45.45 50.95
N ARG T 15 75.42 -44.57 51.45
CA ARG T 15 74.02 -44.59 51.11
C ARG T 15 73.48 -43.21 50.85
N SER T 16 72.87 -43.10 49.68
CA SER T 16 72.27 -41.88 49.19
C SER T 16 70.93 -42.17 48.58
N PHE T 17 69.90 -41.64 49.19
CA PHE T 17 68.59 -41.98 48.60
C PHE T 17 67.85 -40.70 48.27
N ASP T 18 66.94 -40.84 47.30
CA ASP T 18 65.99 -39.74 46.97
C ASP T 18 65.04 -39.71 48.17
N ILE T 19 64.69 -38.53 48.68
CA ILE T 19 63.93 -38.43 49.90
C ILE T 19 62.69 -39.33 49.94
N TYR T 20 62.06 -39.65 48.82
CA TYR T 20 60.90 -40.52 48.93
C TYR T 20 61.31 -41.95 49.18
N SER T 21 62.48 -42.35 48.72
CA SER T 21 62.94 -43.71 48.93
C SER T 21 63.34 -43.81 50.38
N ARG T 22 63.87 -42.72 50.90
CA ARG T 22 64.30 -42.71 52.27
C ARG T 22 63.13 -42.90 53.20
N LEU T 23 61.98 -42.30 52.88
CA LEU T 23 60.82 -42.47 53.73
C LEU T 23 60.17 -43.82 53.52
N LEU T 24 60.28 -44.41 52.33
CA LEU T 24 59.72 -45.74 52.18
C LEU T 24 60.40 -46.67 53.16
N LYS T 25 61.67 -46.46 53.43
CA LYS T 25 62.36 -47.29 54.41
C LYS T 25 61.80 -47.21 55.81
N GLU T 26 61.07 -46.12 56.08
CA GLU T 26 60.44 -45.83 57.39
C GLU T 26 58.96 -46.25 57.31
N ARG T 27 58.65 -47.14 56.36
CA ARG T 27 57.36 -47.69 56.12
C ARG T 27 56.30 -46.63 55.97
N VAL T 28 56.65 -45.55 55.27
CA VAL T 28 55.75 -44.46 54.97
C VAL T 28 55.43 -44.34 53.50
N ILE T 29 54.15 -44.38 53.17
CA ILE T 29 53.67 -44.26 51.81
C ILE T 29 52.82 -43.02 51.64
N PHE T 30 53.06 -42.22 50.62
CA PHE T 30 52.21 -41.06 50.40
C PHE T 30 51.27 -41.30 49.26
N LEU T 31 50.03 -40.89 49.41
CA LEU T 31 49.03 -40.96 48.36
C LEU T 31 48.50 -39.59 48.04
N THR T 32 48.88 -39.02 46.91
CA THR T 32 48.41 -37.69 46.61
C THR T 32 47.89 -37.54 45.22
N GLY T 33 47.04 -36.56 45.01
CA GLY T 33 46.55 -36.24 43.68
C GLY T 33 45.40 -37.15 43.30
N GLN T 34 45.01 -37.16 42.05
CA GLN T 34 43.85 -37.96 41.66
C GLN T 34 44.12 -39.42 41.78
N VAL T 35 43.12 -40.20 42.17
CA VAL T 35 43.27 -41.69 42.28
C VAL T 35 42.95 -42.32 40.92
N GLU T 36 43.99 -42.77 40.20
CA GLU T 36 43.81 -43.41 38.86
C GLU T 36 44.53 -44.77 38.85
N ASP T 37 44.67 -45.38 37.67
CA ASP T 37 45.33 -46.68 37.60
C ASP T 37 46.84 -46.73 37.71
N HIS T 38 47.56 -45.82 37.11
CA HIS T 38 49.01 -46.00 37.19
C HIS T 38 49.50 -45.68 38.55
N MET T 39 48.96 -44.68 39.16
CA MET T 39 49.36 -44.35 40.48
C MET T 39 48.90 -45.39 41.47
N ALA T 40 47.67 -45.87 41.38
CA ALA T 40 47.19 -46.83 42.34
C ALA T 40 48.04 -48.07 42.31
N ASN T 41 48.49 -48.42 41.11
CA ASN T 41 49.31 -49.63 40.87
C ASN T 41 50.66 -49.53 41.60
N LEU T 42 51.14 -48.31 41.88
CA LEU T 42 52.40 -48.17 42.53
C LEU T 42 52.20 -48.25 44.01
N ILE T 43 51.06 -47.75 44.49
CA ILE T 43 50.78 -47.79 45.92
C ILE T 43 50.69 -49.25 46.30
N VAL T 44 50.06 -50.07 45.48
CA VAL T 44 49.98 -51.47 45.78
C VAL T 44 51.34 -52.11 45.77
N ALA T 45 52.19 -51.81 44.80
CA ALA T 45 53.50 -52.42 44.83
C ALA T 45 54.25 -52.08 46.09
N GLN T 46 54.13 -50.85 46.56
CA GLN T 46 54.85 -50.49 47.76
C GLN T 46 54.32 -51.22 48.96
N MET T 47 53.01 -51.41 49.07
CA MET T 47 52.54 -52.14 50.23
C MET T 47 52.98 -53.59 50.21
N LEU T 48 53.01 -54.22 49.05
CA LEU T 48 53.42 -55.62 49.02
C LEU T 48 54.87 -55.74 49.44
N PHE T 49 55.70 -54.81 49.01
CA PHE T 49 57.08 -54.83 49.39
C PHE T 49 57.24 -54.71 50.89
N LEU T 50 56.55 -53.75 51.49
CA LEU T 50 56.73 -53.57 52.91
C LEU T 50 56.24 -54.74 53.72
N GLU T 51 55.14 -55.37 53.26
CA GLU T 51 54.57 -56.55 53.96
C GLU T 51 55.62 -57.67 54.02
N ALA T 52 56.36 -57.85 52.93
CA ALA T 52 57.40 -58.85 52.87
C ALA T 52 58.58 -58.53 53.76
N GLU T 53 58.92 -57.24 53.83
CA GLU T 53 60.07 -56.78 54.66
C GLU T 53 59.86 -57.15 56.14
N ASN T 54 58.64 -56.97 56.67
CA ASN T 54 58.37 -57.26 58.05
C ASN T 54 56.88 -57.35 58.29
N PRO T 55 56.29 -58.52 58.25
CA PRO T 55 54.89 -58.76 58.37
C PRO T 55 54.29 -58.34 59.68
N GLU T 56 55.15 -58.03 60.66
CA GLU T 56 54.67 -57.72 62.03
C GLU T 56 54.70 -56.22 62.33
N LYS T 57 54.91 -55.36 61.33
CA LYS T 57 54.92 -53.94 61.65
C LYS T 57 53.99 -53.08 60.80
N ASP T 58 53.49 -52.02 61.41
CA ASP T 58 52.57 -51.10 60.74
C ASP T 58 53.14 -50.33 59.59
N ILE T 59 52.26 -50.00 58.66
CA ILE T 59 52.54 -49.19 57.49
C ILE T 59 51.73 -47.92 57.59
N TYR T 60 52.37 -46.77 57.36
CA TYR T 60 51.65 -45.48 57.49
C TYR T 60 51.31 -44.91 56.11
N LEU T 61 50.03 -44.57 55.89
CA LEU T 61 49.64 -44.00 54.61
C LEU T 61 49.17 -42.59 54.79
N TYR T 62 49.88 -41.64 54.17
CA TYR T 62 49.52 -40.20 54.24
C TYR T 62 48.59 -39.89 53.06
N ILE T 63 47.37 -39.44 53.35
CA ILE T 63 46.41 -39.17 52.29
C ILE T 63 46.10 -37.74 52.10
N ASN T 64 46.25 -37.27 50.87
CA ASN T 64 45.90 -35.92 50.49
C ASN T 64 45.41 -35.90 49.07
N SER T 65 44.12 -36.06 48.85
CA SER T 65 43.67 -36.16 47.47
C SER T 65 42.21 -35.82 47.21
N PRO T 66 41.91 -35.19 46.06
CA PRO T 66 40.61 -34.86 45.56
C PRO T 66 39.92 -35.99 44.86
N GLY T 67 39.77 -37.11 45.51
CA GLY T 67 39.06 -38.23 44.91
C GLY T 67 39.75 -38.92 43.75
N GLY T 68 38.95 -39.46 42.84
CA GLY T 68 39.49 -40.21 41.72
C GLY T 68 38.56 -41.32 41.27
N VAL T 69 39.11 -42.25 40.49
CA VAL T 69 38.40 -43.37 39.88
C VAL T 69 38.16 -44.49 40.87
N ILE T 70 36.93 -44.96 40.98
CA ILE T 70 36.65 -46.00 41.95
C ILE T 70 37.36 -47.28 41.66
N THR T 71 37.32 -47.74 40.44
CA THR T 71 37.97 -48.98 40.15
C THR T 71 39.42 -48.95 40.56
N ALA T 72 40.13 -47.90 40.24
CA ALA T 72 41.51 -47.87 40.63
C ALA T 72 41.67 -47.89 42.12
N GLY T 73 40.83 -47.13 42.81
CA GLY T 73 40.89 -47.07 44.25
C GLY T 73 40.59 -48.38 44.94
N MET T 74 39.74 -49.20 44.35
CA MET T 74 39.40 -50.46 44.99
C MET T 74 40.55 -51.42 45.01
N SER T 75 41.58 -51.23 44.21
CA SER T 75 42.68 -52.17 44.26
C SER T 75 43.56 -51.83 45.45
N ILE T 76 43.41 -50.63 45.99
CA ILE T 76 44.20 -50.23 47.11
C ILE T 76 43.44 -50.75 48.28
N TYR T 77 42.12 -50.55 48.22
CA TYR T 77 41.17 -50.98 49.28
C TYR T 77 41.36 -52.46 49.58
N ASP T 78 41.34 -53.31 48.54
CA ASP T 78 41.51 -54.72 48.79
C ASP T 78 42.89 -55.09 49.23
N THR T 79 43.93 -54.44 48.71
CA THR T 79 45.25 -54.81 49.15
C THR T 79 45.39 -54.50 50.61
N MET T 80 44.90 -53.35 51.07
CA MET T 80 45.06 -53.03 52.47
C MET T 80 44.43 -54.06 53.37
N GLN T 81 43.33 -54.63 52.95
CA GLN T 81 42.64 -55.62 53.77
C GLN T 81 43.28 -56.99 53.71
N PHE T 82 43.90 -57.32 52.59
CA PHE T 82 44.53 -58.61 52.41
C PHE T 82 45.83 -58.79 53.18
N ILE T 83 46.71 -57.81 53.09
CA ILE T 83 48.05 -57.95 53.68
C ILE T 83 47.99 -58.02 55.18
N LYS T 84 48.91 -58.77 55.78
CA LYS T 84 48.92 -58.95 57.21
C LYS T 84 49.05 -57.74 58.18
N PRO T 85 50.03 -56.83 58.07
CA PRO T 85 50.21 -55.73 59.01
C PRO T 85 49.14 -54.69 58.89
N ASP T 86 48.85 -53.99 59.96
CA ASP T 86 47.90 -52.90 59.91
C ASP T 86 48.34 -51.74 59.08
N VAL T 87 47.39 -51.11 58.39
CA VAL T 87 47.67 -49.88 57.69
C VAL T 87 46.99 -48.76 58.41
N SER T 88 47.77 -47.80 58.84
CA SER T 88 47.26 -46.65 59.54
C SER T 88 47.19 -45.50 58.61
N THR T 89 46.03 -44.91 58.43
CA THR T 89 45.88 -43.83 57.49
C THR T 89 45.80 -42.50 58.19
N ILE T 90 46.48 -41.51 57.65
CA ILE T 90 46.49 -40.16 58.19
C ILE T 90 46.04 -39.14 57.17
N CYS T 91 45.00 -38.36 57.49
CA CYS T 91 44.46 -37.37 56.51
C CYS T 91 45.03 -35.97 56.76
N MET T 92 45.60 -35.36 55.72
CA MET T 92 46.12 -34.01 55.79
C MET T 92 45.66 -33.26 54.58
N GLY T 93 45.51 -31.97 54.60
CA GLY T 93 45.00 -31.43 53.35
C GLY T 93 43.57 -31.92 53.26
N GLN T 94 43.26 -32.75 52.27
CA GLN T 94 41.90 -33.23 52.15
C GLN T 94 41.79 -34.69 51.83
N ALA T 95 40.67 -35.26 52.18
CA ALA T 95 40.35 -36.60 51.76
C ALA T 95 38.99 -36.57 51.17
N ALA T 96 38.87 -36.38 49.87
CA ALA T 96 37.54 -36.24 49.33
C ALA T 96 37.14 -37.42 48.52
N SER T 97 35.88 -37.75 48.54
CA SER T 97 35.32 -38.77 47.69
C SER T 97 36.01 -40.07 47.88
N MET T 98 36.63 -40.63 46.84
CA MET T 98 37.31 -41.90 47.01
C MET T 98 38.44 -41.77 48.00
N GLY T 99 38.98 -40.58 48.18
CA GLY T 99 40.02 -40.38 49.13
C GLY T 99 39.48 -40.62 50.52
N ALA T 100 38.23 -40.24 50.79
CA ALA T 100 37.65 -40.41 52.10
C ALA T 100 37.37 -41.86 52.33
N PHE T 101 36.99 -42.54 51.28
CA PHE T 101 36.71 -43.95 51.40
C PHE T 101 37.96 -44.67 51.80
N LEU T 102 39.07 -44.39 51.15
CA LEU T 102 40.27 -45.07 51.55
C LEU T 102 40.67 -44.63 52.94
N LEU T 103 40.47 -43.39 53.33
CA LEU T 103 40.85 -42.97 54.67
C LEU T 103 40.21 -43.81 55.76
N THR T 104 38.92 -44.11 55.63
CA THR T 104 38.25 -44.82 56.70
C THR T 104 38.47 -46.28 56.61
N ALA T 105 39.21 -46.74 55.64
CA ALA T 105 39.43 -48.15 55.44
C ALA T 105 40.65 -48.61 56.18
N GLY T 106 41.31 -47.71 56.88
CA GLY T 106 42.51 -48.09 57.61
C GLY T 106 42.16 -48.89 58.85
N ALA T 107 43.17 -49.33 59.57
CA ALA T 107 42.96 -50.17 60.73
C ALA T 107 42.21 -49.47 61.80
N LYS T 108 41.29 -50.16 62.44
CA LYS T 108 40.49 -49.53 63.47
C LYS T 108 41.31 -49.05 64.62
N GLY T 109 41.11 -47.81 65.05
CA GLY T 109 41.85 -47.27 66.16
C GLY T 109 43.06 -46.50 65.70
N LYS T 110 43.38 -46.64 64.43
CA LYS T 110 44.53 -45.98 63.87
C LYS T 110 44.22 -45.00 62.77
N ARG T 111 42.97 -44.57 62.62
CA ARG T 111 42.64 -43.59 61.58
C ARG T 111 42.73 -42.19 62.15
N PHE T 112 43.71 -41.39 61.73
CA PHE T 112 43.85 -40.06 62.36
C PHE T 112 43.96 -38.95 61.32
N CYS T 113 43.39 -37.78 61.62
CA CYS T 113 43.43 -36.62 60.69
C CYS T 113 43.93 -35.38 61.44
N LEU T 114 44.62 -34.50 60.73
CA LEU T 114 45.15 -33.28 61.30
C LEU T 114 43.99 -32.31 61.49
N PRO T 115 44.05 -31.38 62.44
CA PRO T 115 43.00 -30.47 62.80
C PRO T 115 42.47 -29.52 61.76
N ASN T 116 43.19 -29.16 60.71
CA ASN T 116 42.59 -28.25 59.76
C ASN T 116 42.24 -28.92 58.48
N SER T 117 42.19 -30.22 58.49
CA SER T 117 41.85 -30.97 57.30
C SER T 117 40.37 -30.96 57.01
N ARG T 118 40.02 -31.43 55.83
CA ARG T 118 38.63 -31.60 55.43
C ARG T 118 38.37 -32.90 54.79
N VAL T 119 37.23 -33.48 55.10
CA VAL T 119 36.83 -34.73 54.52
C VAL T 119 35.51 -34.53 53.82
N MET T 120 35.37 -35.03 52.63
CA MET T 120 34.08 -34.85 51.96
C MET T 120 33.59 -36.13 51.34
N ILE T 121 32.31 -36.44 51.47
CA ILE T 121 31.81 -37.68 50.88
C ILE T 121 30.61 -37.47 49.96
N HIS T 122 30.45 -38.33 48.96
CA HIS T 122 29.30 -38.23 48.08
C HIS T 122 29.05 -39.53 47.31
N GLN T 123 27.84 -39.72 46.79
CA GLN T 123 27.54 -40.86 45.93
C GLN T 123 28.38 -40.83 44.64
N PRO T 124 28.68 -41.97 43.98
CA PRO T 124 29.49 -42.06 42.80
C PRO T 124 28.87 -41.44 41.58
N LEU T 125 29.74 -40.94 40.72
CA LEU T 125 29.38 -40.31 39.45
C LEU T 125 29.68 -41.22 38.30
N GLY T 126 29.03 -41.01 37.18
CA GLY T 126 29.32 -41.80 35.98
C GLY T 126 28.48 -41.33 34.82
N GLY T 127 28.42 -42.11 33.75
CA GLY T 127 27.64 -41.71 32.61
C GLY T 127 27.78 -42.69 31.46
N TYR T 128 27.04 -42.46 30.39
CA TYR T 128 27.06 -43.35 29.22
C TYR T 128 26.25 -42.83 28.04
N GLN T 129 26.63 -43.23 26.82
CA GLN T 129 25.89 -42.91 25.60
C GLN T 129 25.65 -44.19 24.83
N GLY T 130 24.51 -44.37 24.20
CA GLY T 130 24.30 -45.61 23.45
C GLY T 130 22.84 -45.93 23.19
N GLN T 131 22.53 -47.21 22.94
CA GLN T 131 21.15 -47.57 22.64
C GLN T 131 20.38 -47.70 23.92
N ALA T 132 19.07 -47.57 23.90
CA ALA T 132 18.35 -47.71 25.17
C ALA T 132 18.72 -49.00 25.88
N THR T 133 18.95 -50.08 25.16
CA THR T 133 19.37 -51.33 25.77
C THR T 133 20.69 -51.23 26.51
N ASP T 134 21.64 -50.47 25.98
CA ASP T 134 22.94 -50.43 26.59
C ASP T 134 22.88 -49.49 27.74
N ILE T 135 22.03 -48.51 27.64
CA ILE T 135 21.91 -47.56 28.71
C ILE T 135 21.43 -48.29 29.92
N GLU T 136 20.44 -49.15 29.77
CA GLU T 136 20.00 -49.91 30.93
C GLU T 136 21.09 -50.73 31.56
N ILE T 137 21.91 -51.40 30.77
CA ILE T 137 22.96 -52.21 31.37
C ILE T 137 23.92 -51.38 32.16
N HIS T 138 24.33 -50.28 31.61
CA HIS T 138 25.27 -49.44 32.30
C HIS T 138 24.64 -48.75 33.50
N ALA T 139 23.36 -48.41 33.44
CA ALA T 139 22.73 -47.81 34.60
C ALA T 139 22.67 -48.79 35.74
N ARG T 140 22.39 -50.06 35.46
CA ARG T 140 22.34 -51.01 36.53
C ARG T 140 23.66 -51.20 37.19
N GLU T 141 24.74 -51.21 36.44
CA GLU T 141 26.00 -51.39 37.08
C GLU T 141 26.37 -50.24 37.97
N ILE T 142 26.09 -49.00 37.57
CA ILE T 142 26.48 -47.96 38.50
C ILE T 142 25.66 -48.02 39.76
N LEU T 143 24.40 -48.41 39.67
CA LEU T 143 23.62 -48.51 40.88
C LEU T 143 24.13 -49.62 41.77
N LYS T 144 24.58 -50.73 41.23
CA LYS T 144 25.12 -51.76 42.10
C LYS T 144 26.33 -51.26 42.82
N VAL T 145 27.17 -50.48 42.15
CA VAL T 145 28.33 -49.96 42.82
C VAL T 145 27.90 -49.02 43.91
N LYS T 146 26.95 -48.14 43.65
CA LYS T 146 26.55 -47.26 44.73
C LYS T 146 26.16 -48.05 45.94
N GLY T 147 25.39 -49.10 45.75
CA GLY T 147 24.96 -49.91 46.87
C GLY T 147 26.13 -50.51 47.61
N ARG T 148 27.09 -51.05 46.90
CA ARG T 148 28.21 -51.66 47.57
C ARG T 148 29.05 -50.67 48.33
N MET T 149 29.23 -49.48 47.78
CA MET T 149 30.04 -48.51 48.49
C MET T 149 29.38 -48.12 49.78
N ASN T 150 28.05 -48.04 49.74
CA ASN T 150 27.23 -47.66 50.92
C ASN T 150 27.39 -48.71 52.03
N GLU T 151 27.49 -50.00 51.66
CA GLU T 151 27.62 -51.04 52.65
C GLU T 151 28.97 -50.97 53.31
N LEU T 152 30.00 -50.72 52.53
CA LEU T 152 31.32 -50.66 53.11
C LEU T 152 31.45 -49.45 54.00
N MET T 153 30.86 -48.31 53.64
CA MET T 153 30.93 -47.18 54.54
C MET T 153 30.28 -47.51 55.86
N ALA T 154 29.13 -48.15 55.84
CA ALA T 154 28.47 -48.45 57.09
C ALA T 154 29.31 -49.43 57.90
N LEU T 155 29.94 -50.39 57.25
CA LEU T 155 30.74 -51.34 57.99
C LEU T 155 31.90 -50.71 58.69
N HIS T 156 32.62 -49.84 58.01
CA HIS T 156 33.78 -49.23 58.59
C HIS T 156 33.49 -48.11 59.56
N THR T 157 32.39 -47.40 59.39
CA THR T 157 32.14 -46.27 60.28
C THR T 157 31.24 -46.59 61.44
N GLY T 158 30.39 -47.59 61.37
CA GLY T 158 29.51 -47.89 62.49
C GLY T 158 28.16 -47.22 62.37
N GLN T 159 27.94 -46.51 61.30
CA GLN T 159 26.66 -45.85 61.06
C GLN T 159 25.72 -46.87 60.50
N SER T 160 24.43 -46.66 60.63
CA SER T 160 23.51 -47.60 60.02
C SER T 160 23.57 -47.41 58.54
N LEU T 161 23.08 -48.36 57.79
CA LEU T 161 23.12 -48.19 56.36
C LEU T 161 22.22 -47.06 55.92
N GLU T 162 21.06 -46.92 56.54
CA GLU T 162 20.13 -45.90 56.14
C GLU T 162 20.72 -44.53 56.39
N GLN T 163 21.45 -44.38 57.47
CA GLN T 163 22.02 -43.07 57.70
C GLN T 163 23.07 -42.78 56.65
N ILE T 164 23.85 -43.77 56.26
CA ILE T 164 24.83 -43.52 55.22
C ILE T 164 24.16 -43.15 53.94
N GLU T 165 23.05 -43.85 53.64
CA GLU T 165 22.28 -43.62 52.39
C GLU T 165 21.81 -42.17 52.30
N ARG T 166 21.35 -41.57 53.41
CA ARG T 166 20.86 -40.21 53.38
C ARG T 166 21.99 -39.20 53.28
N ASP T 167 23.08 -39.47 53.95
CA ASP T 167 24.18 -38.55 53.97
C ASP T 167 25.01 -38.43 52.72
N THR T 168 24.82 -39.27 51.71
CA THR T 168 25.67 -39.16 50.56
C THR T 168 24.92 -38.65 49.34
N GLU T 169 23.65 -38.27 49.52
CA GLU T 169 22.82 -37.80 48.38
C GLU T 169 23.44 -36.56 47.71
N ARG T 170 24.00 -35.64 48.53
CA ARG T 170 24.58 -34.39 48.10
C ARG T 170 25.93 -34.28 48.76
N ASP T 171 26.83 -33.55 48.19
CA ASP T 171 28.14 -33.46 48.79
C ASP T 171 28.06 -33.08 50.25
N ARG T 172 28.66 -33.87 51.10
CA ARG T 172 28.66 -33.60 52.52
C ARG T 172 30.04 -33.28 53.02
N PHE T 173 30.24 -32.12 53.60
CA PHE T 173 31.56 -31.75 54.09
C PHE T 173 31.66 -31.88 55.58
N LEU T 174 32.75 -32.46 56.06
CA LEU T 174 32.98 -32.65 57.48
C LEU T 174 34.31 -32.05 57.92
N SER T 175 34.31 -31.30 59.00
CA SER T 175 35.54 -30.72 59.53
C SER T 175 36.26 -31.77 60.33
N ALA T 176 37.51 -31.57 60.71
CA ALA T 176 38.17 -32.66 61.42
C ALA T 176 37.38 -33.15 62.66
N PRO T 177 36.84 -32.31 63.55
CA PRO T 177 36.07 -32.77 64.68
C PRO T 177 34.81 -33.52 64.32
N GLU T 178 34.26 -33.20 63.14
CA GLU T 178 33.01 -33.83 62.65
C GLU T 178 33.33 -35.24 62.14
N ALA T 179 34.52 -35.41 61.56
CA ALA T 179 34.92 -36.69 61.06
C ALA T 179 35.11 -37.63 62.24
N VAL T 180 35.63 -37.10 63.35
CA VAL T 180 35.83 -37.94 64.52
C VAL T 180 34.51 -38.36 65.09
N GLU T 181 33.59 -37.44 65.26
CA GLU T 181 32.31 -37.80 65.81
C GLU T 181 31.51 -38.74 64.93
N TYR T 182 31.53 -38.50 63.64
CA TYR T 182 30.80 -39.27 62.66
C TYR T 182 31.30 -40.69 62.66
N GLY T 183 32.61 -40.84 62.80
CA GLY T 183 33.20 -42.15 62.78
C GLY T 183 34.06 -42.40 61.58
N LEU T 184 34.50 -41.36 60.89
CA LEU T 184 35.34 -41.62 59.76
C LEU T 184 36.76 -41.79 60.27
N VAL T 185 37.10 -41.09 61.33
CA VAL T 185 38.45 -41.24 61.88
C VAL T 185 38.34 -41.49 63.35
N ASP T 186 39.38 -41.99 63.97
CA ASP T 186 39.32 -42.20 65.39
C ASP T 186 39.76 -40.99 66.18
N SER T 187 40.70 -40.22 65.68
CA SER T 187 41.13 -39.07 66.47
C SER T 187 41.87 -38.00 65.69
N ILE T 188 42.12 -36.88 66.36
CA ILE T 188 42.86 -35.78 65.80
C ILE T 188 44.22 -35.64 66.42
N LEU T 189 45.24 -35.60 65.59
CA LEU T 189 46.59 -35.44 66.08
C LEU T 189 46.78 -33.98 66.32
N THR T 190 47.56 -33.58 67.29
CA THR T 190 47.76 -32.17 67.55
C THR T 190 49.20 -31.78 67.50
N HIS T 191 49.94 -32.17 68.51
CA HIS T 191 51.36 -31.88 68.56
C HIS T 191 52.14 -33.12 68.90
N ARG T 192 53.37 -33.18 68.40
CA ARG T 192 54.28 -34.24 68.75
C ARG T 192 54.43 -34.28 70.25
N UNK U 1 -55.20 28.38 -18.55
CA UNK U 1 -56.57 28.70 -18.93
C UNK U 1 -57.11 29.87 -18.11
N UNK U 2 -56.84 31.08 -18.59
CA UNK U 2 -57.29 32.29 -17.91
C UNK U 2 -58.70 32.67 -18.33
N UNK U 3 -59.68 32.19 -17.56
CA UNK U 3 -61.11 32.49 -17.83
C UNK U 3 -61.45 33.86 -17.23
N UNK U 4 -62.59 34.44 -17.62
CA UNK U 4 -63.00 35.77 -17.11
C UNK U 4 -64.53 35.82 -16.94
N UNK U 5 -65.00 36.71 -16.06
CA UNK U 5 -66.45 36.88 -15.81
C UNK U 5 -66.89 38.27 -16.27
N UNK U 6 -66.88 38.51 -17.57
CA UNK U 6 -67.27 39.80 -18.15
C UNK U 6 -68.71 40.13 -17.82
N UNK U 7 -68.96 41.39 -17.44
CA UNK U 7 -70.30 41.84 -17.10
C UNK U 7 -71.14 42.09 -18.35
N UNK U 8 -72.35 42.64 -18.24
CA UNK U 8 -73.22 42.78 -19.40
C UNK U 8 -72.57 44.01 -19.60
N UNK U 9 -73.27 45.06 -20.06
CA UNK U 9 -72.63 46.35 -20.28
C UNK U 9 -73.64 47.36 -20.82
N UNK U 10 -74.92 46.99 -20.81
CA UNK U 10 -75.98 47.86 -21.29
C UNK U 10 -76.39 48.88 -20.22
N UNK V 1 -13.63 9.62 -11.16
CA UNK V 1 -14.70 8.84 -11.84
C UNK V 1 -15.73 8.38 -10.81
N UNK V 2 -16.58 9.29 -10.35
CA UNK V 2 -17.62 8.97 -9.35
C UNK V 2 -18.93 8.60 -10.07
N UNK V 3 -19.99 9.39 -9.85
CA UNK V 3 -21.30 9.14 -10.48
C UNK V 3 -22.14 10.42 -10.48
N UNK V 4 -21.73 11.41 -11.30
CA UNK V 4 -22.46 12.69 -11.39
C UNK V 4 -23.96 12.43 -11.63
N UNK V 5 -24.82 13.06 -10.83
CA UNK V 5 -26.29 12.87 -10.96
C UNK V 5 -26.94 14.20 -11.40
N UNK V 6 -28.20 14.14 -11.83
CA UNK V 6 -28.93 15.31 -12.27
C UNK V 6 -30.44 15.07 -12.28
N UNK V 7 -31.18 16.01 -11.69
CA UNK V 7 -32.66 15.90 -11.62
C UNK V 7 -33.28 16.78 -12.70
N UNK V 8 -34.59 16.64 -12.92
CA UNK V 8 -35.31 17.43 -13.94
C UNK V 8 -36.34 18.36 -13.26
N UNK V 9 -36.15 19.67 -13.40
CA UNK V 9 -37.06 20.67 -12.79
C UNK V 9 -38.28 20.88 -13.69
N UNK V 10 -39.44 20.39 -13.26
CA UNK V 10 -40.70 20.52 -14.04
C UNK V 10 -41.50 21.72 -13.52
N UNK V 11 -41.38 22.88 -14.18
CA UNK V 11 -42.11 24.10 -13.76
C UNK V 11 -43.61 23.88 -13.90
#